data_5DKP
#
_entry.id   5DKP
#
_cell.length_a   117.640
_cell.length_b   198.850
_cell.length_c   144.040
_cell.angle_alpha   90.000
_cell.angle_beta   97.810
_cell.angle_gamma   90.000
#
_symmetry.space_group_name_H-M   'P 1 21 1'
#
loop_
_entity.id
_entity.type
_entity.pdbx_description
1 polymer 'ATP-dependent Clp protease proteolytic subunit'
2 polymer 'agonist ADEP A54556'
3 non-polymer 'POTASSIUM ION'
4 non-polymer 'SODIUM ION'
5 water water
#
loop_
_entity_poly.entity_id
_entity_poly.type
_entity_poly.pdbx_seq_one_letter_code
_entity_poly.pdbx_strand_id
1 'polypeptide(L)'
;GHMSFDNYLVPTVIEQSGRGERAFDIYSRLLKERIVFLVGPVTDESANLVVAQLLFLESENPDKDIFFYINSPGGSVTAG
MSIYDTMNFIKPDVSTLCLGQAASMGAFLLSAGEKGKRFALPNSRIMIHQPLISGGLGGQASDIEIHARELLKIKEKLNR
LMAKHCDRDLADLERDTDRDNFMSAEEAKEYGLIDQILENRASLRL
;
A,B,C,D,E,F,G,H,I,J,K,L,M,N,a,b,c,d,e,f,g,h,i,j,k,l,m,n
2 'polypeptide(L)' (OTT)FSP(MAA)A(MP8) O,P,Q,R,S,T,U,V,W,X,Y,Z,o,p,q,r,s,t,u,v,w,x,y,z,0,1,2,3
#
# COMPACT_ATOMS: atom_id res chain seq x y z
N LEU A 9 -53.37 26.70 16.39
CA LEU A 9 -54.18 25.62 16.96
C LEU A 9 -55.27 26.11 17.91
N VAL A 10 -56.51 25.85 17.53
CA VAL A 10 -57.69 26.29 18.28
C VAL A 10 -58.46 25.10 18.83
N PRO A 11 -58.71 25.11 20.15
CA PRO A 11 -59.45 24.02 20.80
C PRO A 11 -60.81 23.77 20.15
N THR A 12 -61.21 22.50 20.11
CA THR A 12 -62.55 22.10 19.72
C THR A 12 -63.41 21.86 20.96
N VAL A 13 -64.65 22.34 20.92
CA VAL A 13 -65.57 22.16 22.04
C VAL A 13 -66.93 21.63 21.55
N ILE A 14 -67.64 20.99 22.46
CA ILE A 14 -68.94 20.44 22.13
C ILE A 14 -70.06 21.33 22.62
N GLU A 15 -70.92 21.72 21.69
CA GLU A 15 -72.15 22.40 22.02
C GLU A 15 -73.24 21.34 22.11
N GLN A 16 -74.22 21.57 22.96
CA GLN A 16 -75.37 20.69 22.99
C GLN A 16 -76.67 21.43 22.79
N SER A 17 -77.11 21.49 21.54
CA SER A 17 -78.44 21.94 21.18
C SER A 17 -79.44 20.84 21.51
N GLY A 18 -80.54 20.80 20.77
CA GLY A 18 -81.54 19.76 20.96
C GLY A 18 -81.00 18.43 20.50
N ARG A 19 -81.51 17.94 19.37
CA ARG A 19 -80.90 16.78 18.74
C ARG A 19 -79.58 17.26 18.12
N GLY A 20 -78.60 17.52 19.01
CA GLY A 20 -77.36 18.17 18.62
C GLY A 20 -76.12 17.31 18.68
N GLU A 21 -75.23 17.65 19.60
CA GLU A 21 -73.82 17.21 19.58
C GLU A 21 -73.11 17.84 18.39
N ARG A 22 -72.79 19.13 18.51
CA ARG A 22 -72.03 19.83 17.49
C ARG A 22 -70.63 20.19 18.02
N ALA A 23 -69.62 19.78 17.28
CA ALA A 23 -68.27 20.24 17.53
C ALA A 23 -68.09 21.62 16.91
N PHE A 24 -67.42 22.51 17.64
CA PHE A 24 -67.12 23.85 17.16
C PHE A 24 -65.70 24.21 17.53
N ASP A 25 -65.03 24.97 16.67
CA ASP A 25 -63.84 25.64 17.13
C ASP A 25 -64.36 26.66 18.18
N ILE A 26 -63.54 26.99 19.16
CA ILE A 26 -64.05 27.74 20.31
C ILE A 26 -64.57 29.14 19.94
N TYR A 27 -64.03 29.74 18.88
CA TYR A 27 -64.47 31.07 18.47
C TYR A 27 -65.84 31.05 17.76
N SER A 28 -66.06 30.01 16.95
CA SER A 28 -67.36 29.79 16.33
C SER A 28 -68.38 29.51 17.44
N ARG A 29 -67.92 28.92 18.52
CA ARG A 29 -68.79 28.67 19.67
C ARG A 29 -69.23 29.97 20.33
N LEU A 30 -68.31 30.92 20.50
CA LEU A 30 -68.63 32.22 21.09
C LEU A 30 -69.47 33.07 20.16
N LEU A 31 -69.30 32.85 18.85
CA LEU A 31 -70.10 33.55 17.87
C LEU A 31 -71.60 33.23 18.00
N LYS A 32 -71.94 31.98 18.33
CA LYS A 32 -73.33 31.59 18.56
C LYS A 32 -74.01 32.36 19.68
N GLU A 33 -73.24 32.83 20.66
CA GLU A 33 -73.78 33.68 21.73
C GLU A 33 -73.66 35.14 21.36
N ARG A 34 -73.50 35.42 20.07
CA ARG A 34 -73.47 36.77 19.50
C ARG A 34 -72.24 37.56 19.96
N ILE A 35 -71.15 36.84 20.19
CA ILE A 35 -69.88 37.48 20.50
C ILE A 35 -68.99 37.50 19.27
N VAL A 36 -68.50 38.69 18.91
CA VAL A 36 -67.59 38.86 17.79
C VAL A 36 -66.28 39.52 18.28
N PHE A 37 -65.14 38.99 17.84
CA PHE A 37 -63.84 39.51 18.28
C PHE A 37 -63.17 40.39 17.25
N LEU A 38 -62.53 41.49 17.69
CA LEU A 38 -61.52 42.17 16.87
C LEU A 38 -60.18 42.14 17.59
N VAL A 39 -59.27 41.28 17.13
CA VAL A 39 -58.01 41.08 17.81
C VAL A 39 -56.82 41.33 16.89
N GLY A 40 -55.90 42.16 17.35
CA GLY A 40 -54.75 42.50 16.56
C GLY A 40 -55.09 43.61 15.58
N PRO A 41 -54.16 43.91 14.67
CA PRO A 41 -54.32 45.05 13.75
C PRO A 41 -55.54 44.94 12.83
N VAL A 42 -56.18 46.09 12.59
CA VAL A 42 -57.30 46.18 11.66
C VAL A 42 -56.82 46.23 10.20
N THR A 43 -57.15 45.20 9.44
CA THR A 43 -56.86 45.13 8.02
C THR A 43 -58.15 44.96 7.24
N ASP A 44 -58.08 45.07 5.91
CA ASP A 44 -59.21 44.78 5.04
C ASP A 44 -59.84 43.42 5.33
N GLU A 45 -58.99 42.41 5.53
CA GLU A 45 -59.46 41.05 5.79
C GLU A 45 -59.96 40.88 7.24
N SER A 46 -59.27 41.42 8.25
CA SER A 46 -59.77 41.29 9.62
C SER A 46 -61.04 42.15 9.81
N ALA A 47 -61.12 43.33 9.19
CA ALA A 47 -62.32 44.18 9.28
C ALA A 47 -63.50 43.54 8.55
N ASN A 48 -63.26 43.03 7.35
CA ASN A 48 -64.36 42.47 6.58
C ASN A 48 -64.98 41.22 7.23
N LEU A 49 -64.14 40.40 7.83
CA LEU A 49 -64.58 39.23 8.59
C LEU A 49 -65.50 39.60 9.76
N VAL A 50 -65.17 40.69 10.45
CA VAL A 50 -66.03 41.23 11.49
C VAL A 50 -67.37 41.67 10.88
N VAL A 51 -67.30 42.41 9.78
CA VAL A 51 -68.51 42.87 9.09
C VAL A 51 -69.44 41.70 8.74
N ALA A 52 -68.84 40.63 8.24
CA ALA A 52 -69.59 39.45 7.83
C ALA A 52 -70.29 38.84 9.05
N GLN A 53 -69.61 38.81 10.19
CA GLN A 53 -70.19 38.26 11.41
C GLN A 53 -71.32 39.14 11.97
N LEU A 54 -71.15 40.47 11.90
CA LEU A 54 -72.20 41.43 12.32
C LEU A 54 -73.47 41.25 11.48
N LEU A 55 -73.30 41.15 10.17
CA LEU A 55 -74.44 40.94 9.29
C LEU A 55 -75.13 39.62 9.58
N PHE A 56 -74.33 38.59 9.82
CA PHE A 56 -74.85 37.26 10.05
C PHE A 56 -75.66 37.24 11.34
N LEU A 57 -75.13 37.87 12.39
CA LEU A 57 -75.81 37.90 13.68
C LEU A 57 -77.14 38.65 13.57
N GLU A 58 -77.15 39.70 12.77
CA GLU A 58 -78.39 40.43 12.55
C GLU A 58 -79.42 39.52 11.89
N SER A 59 -78.98 38.74 10.91
CA SER A 59 -79.88 37.83 10.19
C SER A 59 -80.42 36.73 11.11
N GLU A 60 -79.61 36.30 12.08
CA GLU A 60 -80.07 35.29 13.06
C GLU A 60 -81.14 35.88 13.97
N ASN A 61 -80.96 37.13 14.35
CA ASN A 61 -81.93 37.83 15.19
C ASN A 61 -81.68 39.31 15.15
N PRO A 62 -82.59 40.05 14.51
CA PRO A 62 -82.38 41.49 14.31
C PRO A 62 -82.59 42.29 15.59
N ASP A 63 -83.00 41.65 16.68
CA ASP A 63 -83.30 42.42 17.89
C ASP A 63 -82.34 42.23 19.07
N LYS A 64 -81.66 41.10 19.12
CA LYS A 64 -80.78 40.85 20.27
C LYS A 64 -79.45 41.61 20.12
N ASP A 65 -78.98 42.15 21.23
CA ASP A 65 -77.68 42.82 21.26
C ASP A 65 -76.57 41.90 20.72
N ILE A 66 -75.56 42.53 20.13
CA ILE A 66 -74.34 41.87 19.68
C ILE A 66 -73.17 42.38 20.55
N PHE A 67 -72.23 41.49 20.86
CA PHE A 67 -71.12 41.86 21.73
C PHE A 67 -69.76 41.83 21.04
N PHE A 68 -69.25 43.04 20.80
CA PHE A 68 -68.05 43.24 20.03
C PHE A 68 -66.86 43.40 20.98
N TYR A 69 -66.03 42.36 21.06
CA TYR A 69 -64.85 42.35 21.92
C TYR A 69 -63.63 42.84 21.14
N ILE A 70 -63.01 43.90 21.64
CA ILE A 70 -61.91 44.54 20.95
C ILE A 70 -60.62 44.50 21.73
N ASN A 71 -59.62 43.85 21.15
CA ASN A 71 -58.24 43.90 21.66
C ASN A 71 -57.35 44.21 20.48
N SER A 72 -57.16 45.51 20.25
CA SER A 72 -56.56 45.97 19.01
C SER A 72 -55.74 47.25 19.14
N PRO A 73 -54.58 47.30 18.45
CA PRO A 73 -53.73 48.49 18.37
C PRO A 73 -54.18 49.44 17.27
N GLY A 74 -55.21 49.06 16.52
CA GLY A 74 -55.67 49.85 15.39
C GLY A 74 -55.22 49.27 14.07
N GLY A 75 -55.11 50.12 13.05
CA GLY A 75 -54.75 49.69 11.70
C GLY A 75 -55.36 50.61 10.65
N SER A 76 -55.85 50.04 9.55
CA SER A 76 -56.38 50.83 8.43
C SER A 76 -57.67 51.60 8.78
N VAL A 77 -57.69 52.89 8.47
CA VAL A 77 -58.85 53.73 8.72
C VAL A 77 -60.03 53.30 7.87
N THR A 78 -59.82 53.06 6.58
CA THR A 78 -60.91 52.70 5.70
C THR A 78 -61.46 51.33 6.10
N ALA A 79 -60.58 50.42 6.49
CA ALA A 79 -61.02 49.12 6.99
C ALA A 79 -61.84 49.28 8.26
N GLY A 80 -61.34 50.12 9.16
CA GLY A 80 -62.06 50.45 10.38
C GLY A 80 -63.43 51.05 10.08
N MET A 81 -63.52 51.90 9.05
CA MET A 81 -64.79 52.55 8.70
C MET A 81 -65.86 51.56 8.22
N SER A 82 -65.44 50.48 7.56
CA SER A 82 -66.38 49.47 7.10
C SER A 82 -67.04 48.79 8.33
N ILE A 83 -66.29 48.62 9.41
CA ILE A 83 -66.87 48.08 10.65
C ILE A 83 -67.82 49.08 11.29
N TYR A 84 -67.34 50.32 11.43
CA TYR A 84 -68.12 51.44 11.95
C TYR A 84 -69.47 51.58 11.27
N ASP A 85 -69.47 51.64 9.94
CA ASP A 85 -70.71 51.84 9.21
C ASP A 85 -71.66 50.63 9.36
N THR A 86 -71.09 49.44 9.48
CA THR A 86 -71.89 48.24 9.67
C THR A 86 -72.53 48.26 11.06
N MET A 87 -71.75 48.62 12.07
CA MET A 87 -72.27 48.81 13.43
C MET A 87 -73.44 49.80 13.44
N ASN A 88 -73.28 50.93 12.77
CA ASN A 88 -74.34 51.93 12.81
C ASN A 88 -75.58 51.51 12.02
N PHE A 89 -75.37 50.76 10.93
CA PHE A 89 -76.45 50.39 10.01
C PHE A 89 -77.39 49.34 10.59
N ILE A 90 -76.82 48.27 11.13
CA ILE A 90 -77.64 47.13 11.52
C ILE A 90 -78.56 47.49 12.70
N LYS A 91 -79.69 46.79 12.76
CA LYS A 91 -80.69 47.08 13.79
C LYS A 91 -80.21 46.72 15.22
N PRO A 92 -79.55 45.54 15.39
CA PRO A 92 -79.10 45.22 16.76
C PRO A 92 -78.19 46.29 17.37
N ASP A 93 -78.35 46.54 18.67
CA ASP A 93 -77.38 47.31 19.43
C ASP A 93 -76.07 46.56 19.41
N VAL A 94 -74.99 47.26 19.06
CA VAL A 94 -73.67 46.65 19.14
C VAL A 94 -72.98 47.18 20.38
N SER A 95 -72.99 46.36 21.42
CA SER A 95 -72.22 46.62 22.62
C SER A 95 -70.72 46.42 22.29
N THR A 96 -69.87 47.25 22.87
CA THR A 96 -68.41 47.07 22.73
C THR A 96 -67.72 46.86 24.07
N LEU A 97 -66.69 46.02 24.06
CA LEU A 97 -65.93 45.74 25.26
C LEU A 97 -64.45 45.73 24.94
N CYS A 98 -63.68 46.51 25.68
CA CYS A 98 -62.25 46.53 25.51
C CYS A 98 -61.57 45.57 26.49
N LEU A 99 -60.90 44.56 25.96
CA LEU A 99 -60.03 43.73 26.80
C LEU A 99 -58.61 43.94 26.31
N GLY A 100 -57.69 44.13 27.25
CA GLY A 100 -56.33 44.39 26.85
C GLY A 100 -56.15 45.83 26.39
N GLN A 101 -56.39 46.10 25.12
CA GLN A 101 -56.26 47.47 24.66
C GLN A 101 -57.14 47.84 23.49
N ALA A 102 -57.44 49.13 23.39
CA ALA A 102 -58.07 49.68 22.21
C ALA A 102 -57.36 50.98 21.87
N ALA A 103 -56.47 50.93 20.87
CA ALA A 103 -55.69 52.09 20.49
C ALA A 103 -56.07 52.49 19.07
N SER A 104 -56.05 53.80 18.81
CA SER A 104 -56.34 54.38 17.50
C SER A 104 -57.69 53.93 16.94
N MET A 105 -57.69 53.30 15.77
CA MET A 105 -58.94 52.86 15.17
C MET A 105 -59.66 51.89 16.10
N GLY A 106 -58.90 51.16 16.91
CA GLY A 106 -59.48 50.30 17.93
C GLY A 106 -60.29 51.09 18.98
N ALA A 107 -59.73 52.22 19.40
CA ALA A 107 -60.40 53.08 20.38
C ALA A 107 -61.62 53.72 19.72
N PHE A 108 -61.45 54.07 18.45
CA PHE A 108 -62.53 54.65 17.67
C PHE A 108 -63.74 53.71 17.62
N LEU A 109 -63.50 52.44 17.32
CA LEU A 109 -64.59 51.46 17.24
C LEU A 109 -65.20 51.19 18.64
N LEU A 110 -64.35 51.16 19.67
CA LEU A 110 -64.81 51.00 21.06
C LEU A 110 -65.79 52.12 21.42
N SER A 111 -65.42 53.36 21.09
CA SER A 111 -66.25 54.53 21.38
C SER A 111 -67.53 54.56 20.53
N ALA A 112 -67.53 53.78 19.46
CA ALA A 112 -68.64 53.77 18.53
C ALA A 112 -69.75 52.81 18.94
N GLY A 113 -69.51 52.04 20.01
CA GLY A 113 -70.53 51.12 20.48
C GLY A 113 -71.78 51.87 20.92
N GLU A 114 -72.90 51.14 20.96
CA GLU A 114 -74.18 51.69 21.41
C GLU A 114 -74.01 52.35 22.78
N LYS A 115 -74.36 53.64 22.86
CA LYS A 115 -74.17 54.41 24.08
C LYS A 115 -74.94 53.79 25.24
N GLY A 116 -74.26 53.60 26.36
CA GLY A 116 -74.79 52.87 27.50
C GLY A 116 -74.21 51.46 27.51
N LYS A 117 -73.70 51.00 26.35
CA LYS A 117 -73.21 49.63 26.25
C LYS A 117 -71.75 49.58 25.79
N ARG A 118 -70.98 50.60 26.15
CA ARG A 118 -69.55 50.62 25.90
C ARG A 118 -68.82 50.26 27.20
N PHE A 119 -68.06 49.17 27.16
CA PHE A 119 -67.46 48.63 28.36
C PHE A 119 -65.97 48.51 28.23
N ALA A 120 -65.29 48.52 29.37
CA ALA A 120 -63.88 48.16 29.41
C ALA A 120 -63.60 47.34 30.67
N LEU A 121 -62.65 46.42 30.57
CA LEU A 121 -62.17 45.70 31.74
C LEU A 121 -61.27 46.65 32.53
N PRO A 122 -61.14 46.43 33.84
CA PRO A 122 -60.52 47.44 34.72
C PRO A 122 -59.08 47.79 34.36
N ASN A 123 -58.33 46.87 33.76
CA ASN A 123 -56.94 47.14 33.42
C ASN A 123 -56.65 47.32 31.93
N SER A 124 -57.73 47.57 31.17
CA SER A 124 -57.63 47.89 29.76
C SER A 124 -56.89 49.21 29.56
N ARG A 125 -56.26 49.34 28.39
CA ARG A 125 -55.54 50.54 28.02
C ARG A 125 -56.22 51.18 26.80
N ILE A 126 -56.49 52.49 26.85
CA ILE A 126 -57.07 53.19 25.71
C ILE A 126 -56.08 54.25 25.19
N MET A 127 -55.95 54.37 23.88
CA MET A 127 -55.10 55.41 23.32
C MET A 127 -55.72 56.01 22.06
N ILE A 128 -55.75 57.33 22.01
CA ILE A 128 -56.23 58.07 20.84
C ILE A 128 -55.17 59.06 20.38
N HIS A 129 -55.11 59.28 19.07
CA HIS A 129 -54.20 60.27 18.50
C HIS A 129 -54.69 60.68 17.12
N GLN A 130 -53.98 61.61 16.51
CA GLN A 130 -54.31 62.03 15.17
C GLN A 130 -53.85 61.00 14.11
N PRO A 131 -54.37 61.11 12.88
CA PRO A 131 -53.94 60.16 11.84
C PRO A 131 -52.43 60.17 11.59
N LEU A 132 -51.87 59.01 11.27
CA LEU A 132 -50.46 58.90 10.92
C LEU A 132 -50.42 58.30 9.52
N ILE A 133 -49.35 58.54 8.79
CA ILE A 133 -49.11 57.69 7.66
C ILE A 133 -47.76 57.05 7.89
N SER A 134 -47.70 55.77 7.58
CA SER A 134 -46.46 55.04 7.67
C SER A 134 -46.06 54.78 6.23
N GLY A 135 -44.77 54.80 5.96
CA GLY A 135 -44.30 54.75 4.59
C GLY A 135 -44.06 56.21 4.30
N GLY A 136 -44.07 56.58 3.03
CA GLY A 136 -43.82 57.97 2.69
C GLY A 136 -44.74 58.55 1.64
N LEU A 137 -44.77 59.88 1.55
CA LEU A 137 -45.44 60.56 0.46
C LEU A 137 -44.45 61.04 -0.61
N GLY A 138 -44.54 60.44 -1.79
CA GLY A 138 -43.77 60.81 -2.97
C GLY A 138 -44.77 60.77 -4.12
N GLY A 139 -44.56 61.53 -5.19
CA GLY A 139 -43.31 62.24 -5.40
C GLY A 139 -43.52 63.69 -5.76
N GLN A 140 -44.43 64.01 -6.68
CA GLN A 140 -44.63 65.41 -7.13
C GLN A 140 -45.39 66.22 -6.09
N ALA A 141 -45.05 67.49 -5.99
CA ALA A 141 -45.73 68.39 -5.06
C ALA A 141 -47.26 68.36 -5.22
N SER A 142 -47.75 68.33 -6.45
CA SER A 142 -49.20 68.25 -6.69
C SER A 142 -49.82 67.03 -6.00
N ASP A 143 -49.15 65.89 -6.09
CA ASP A 143 -49.70 64.64 -5.54
C ASP A 143 -49.62 64.64 -4.02
N ILE A 144 -48.54 65.19 -3.50
CA ILE A 144 -48.34 65.31 -2.08
C ILE A 144 -49.35 66.24 -1.45
N GLU A 145 -49.64 67.32 -2.14
CA GLU A 145 -50.67 68.25 -1.72
C GLU A 145 -52.01 67.52 -1.63
N ILE A 146 -52.33 66.75 -2.67
CA ILE A 146 -53.58 66.00 -2.72
C ILE A 146 -53.73 65.03 -1.54
N HIS A 147 -52.68 64.28 -1.20
CA HIS A 147 -52.77 63.29 -0.13
C HIS A 147 -52.72 63.91 1.26
N ALA A 148 -51.94 65.00 1.38
CA ALA A 148 -51.90 65.79 2.60
C ALA A 148 -53.28 66.36 2.90
N ARG A 149 -53.95 66.89 1.88
CA ARG A 149 -55.31 67.41 2.03
C ARG A 149 -56.29 66.31 2.45
N GLU A 150 -56.12 65.12 1.86
CA GLU A 150 -56.98 64.00 2.19
C GLU A 150 -56.75 63.54 3.64
N LEU A 151 -55.49 63.56 4.09
CA LEU A 151 -55.17 63.17 5.45
C LEU A 151 -55.80 64.15 6.45
N LEU A 152 -55.80 65.44 6.09
CA LEU A 152 -56.39 66.44 6.95
C LEU A 152 -57.91 66.28 7.01
N LYS A 153 -58.54 65.85 5.91
CA LYS A 153 -59.97 65.59 5.95
C LYS A 153 -60.29 64.44 6.91
N ILE A 154 -59.47 63.40 6.89
CA ILE A 154 -59.62 62.27 7.79
C ILE A 154 -59.44 62.70 9.24
N LYS A 155 -58.41 63.51 9.51
CA LYS A 155 -58.16 64.02 10.85
C LYS A 155 -59.35 64.76 11.37
N GLU A 156 -59.89 65.66 10.52
CA GLU A 156 -61.05 66.42 10.95
C GLU A 156 -62.28 65.53 11.12
N LYS A 157 -62.52 64.62 10.18
CA LYS A 157 -63.69 63.74 10.29
C LYS A 157 -63.66 62.93 11.56
N LEU A 158 -62.49 62.35 11.84
CA LEU A 158 -62.34 61.47 12.98
C LEU A 158 -62.48 62.24 14.29
N ASN A 159 -61.91 63.44 14.35
CA ASN A 159 -62.10 64.30 15.54
C ASN A 159 -63.59 64.66 15.76
N ARG A 160 -64.29 65.02 14.69
CA ARG A 160 -65.73 65.37 14.81
C ARG A 160 -66.58 64.12 15.19
N LEU A 161 -66.32 62.98 14.58
CA LEU A 161 -67.09 61.78 14.90
C LEU A 161 -66.77 61.35 16.34
N MET A 162 -65.50 61.47 16.72
CA MET A 162 -65.09 61.12 18.06
C MET A 162 -65.73 62.05 19.10
N ALA A 163 -65.81 63.34 18.79
CA ALA A 163 -66.45 64.31 19.68
C ALA A 163 -67.92 63.94 19.89
N LYS A 164 -68.57 63.49 18.84
CA LYS A 164 -69.95 63.08 18.96
C LYS A 164 -70.06 61.78 19.79
N HIS A 165 -69.14 60.86 19.62
CA HIS A 165 -69.13 59.64 20.46
C HIS A 165 -68.95 59.98 21.93
N CYS A 166 -68.09 60.94 22.21
CA CYS A 166 -67.74 61.22 23.60
C CYS A 166 -68.64 62.27 24.24
N ASP A 167 -69.56 62.83 23.47
CA ASP A 167 -70.37 63.96 23.93
C ASP A 167 -69.51 65.10 24.46
N ARG A 168 -68.56 65.54 23.64
CA ARG A 168 -67.68 66.61 24.01
C ARG A 168 -67.52 67.63 22.92
N ASP A 169 -66.90 68.74 23.28
CA ASP A 169 -66.66 69.78 22.31
C ASP A 169 -65.49 69.37 21.42
N LEU A 170 -65.64 69.65 20.12
CA LEU A 170 -64.64 69.36 19.10
C LEU A 170 -63.20 69.79 19.45
N ALA A 171 -63.07 70.97 20.04
CA ALA A 171 -61.78 71.54 20.39
C ALA A 171 -61.06 70.67 21.40
N ASP A 172 -61.81 69.99 22.26
CA ASP A 172 -61.23 69.07 23.23
C ASP A 172 -60.56 67.90 22.52
N LEU A 173 -61.28 67.28 21.58
CA LEU A 173 -60.73 66.14 20.87
C LEU A 173 -59.52 66.57 20.07
N GLU A 174 -59.59 67.76 19.48
CA GLU A 174 -58.47 68.28 18.70
C GLU A 174 -57.23 68.45 19.60
N ARG A 175 -57.44 69.00 20.78
CA ARG A 175 -56.38 69.17 21.77
C ARG A 175 -55.81 67.83 22.27
N ASP A 176 -56.70 66.88 22.54
CA ASP A 176 -56.32 65.64 23.21
C ASP A 176 -55.85 64.52 22.26
N THR A 177 -55.91 64.77 20.96
CA THR A 177 -55.39 63.79 20.01
C THR A 177 -54.18 64.28 19.25
N ASP A 178 -53.69 65.47 19.59
CA ASP A 178 -52.51 66.04 18.92
C ASP A 178 -51.28 65.11 19.05
N ARG A 179 -51.11 64.52 20.22
CA ARG A 179 -50.09 63.50 20.42
C ARG A 179 -50.76 62.31 21.08
N ASP A 180 -50.05 61.19 21.17
CA ASP A 180 -50.58 59.97 21.77
C ASP A 180 -51.12 60.25 23.16
N ASN A 181 -52.38 59.89 23.40
CA ASN A 181 -53.05 60.13 24.66
C ASN A 181 -53.50 58.82 25.29
N PHE A 182 -52.74 58.34 26.26
CA PHE A 182 -53.06 57.10 26.95
C PHE A 182 -54.04 57.32 28.09
N MET A 183 -55.07 56.51 28.12
CA MET A 183 -56.07 56.59 29.16
C MET A 183 -56.26 55.24 29.82
N SER A 184 -56.34 55.25 31.14
CA SER A 184 -56.86 54.11 31.90
C SER A 184 -58.35 53.95 31.58
N ALA A 185 -58.92 52.83 31.99
CA ALA A 185 -60.35 52.62 31.80
C ALA A 185 -61.15 53.76 32.50
N GLU A 186 -60.72 54.14 33.70
CA GLU A 186 -61.42 55.20 34.42
C GLU A 186 -61.35 56.54 33.68
N GLU A 187 -60.17 56.87 33.15
CA GLU A 187 -60.02 58.11 32.42
C GLU A 187 -60.85 58.09 31.14
N ALA A 188 -60.94 56.93 30.50
CA ALA A 188 -61.74 56.81 29.28
C ALA A 188 -63.24 56.98 29.59
N LYS A 189 -63.69 56.45 30.74
CA LYS A 189 -65.07 56.60 31.19
C LYS A 189 -65.37 58.06 31.50
N GLU A 190 -64.44 58.67 32.23
CA GLU A 190 -64.49 60.05 32.64
C GLU A 190 -64.51 60.91 31.39
N TYR A 191 -63.77 60.49 30.37
CA TYR A 191 -63.68 61.21 29.10
C TYR A 191 -64.97 61.09 28.28
N GLY A 192 -65.71 59.99 28.44
CA GLY A 192 -66.93 59.81 27.67
C GLY A 192 -66.75 58.82 26.54
N LEU A 193 -65.61 58.14 26.53
CA LEU A 193 -65.27 57.17 25.49
C LEU A 193 -65.95 55.81 25.75
N ILE A 194 -66.10 55.43 27.02
CA ILE A 194 -66.85 54.23 27.40
C ILE A 194 -67.88 54.62 28.45
N ASP A 195 -68.79 53.70 28.75
CA ASP A 195 -69.85 54.00 29.72
C ASP A 195 -69.61 53.37 31.10
N GLN A 196 -69.16 52.12 31.13
CA GLN A 196 -68.95 51.40 32.39
C GLN A 196 -67.69 50.56 32.40
N ILE A 197 -67.15 50.40 33.60
CA ILE A 197 -66.03 49.50 33.87
C ILE A 197 -66.55 48.29 34.65
N LEU A 198 -66.16 47.08 34.25
CA LEU A 198 -66.72 45.86 34.84
C LEU A 198 -66.10 45.40 36.17
N LEU B 9 -58.21 32.23 9.82
CA LEU B 9 -59.30 31.50 10.48
C LEU B 9 -60.68 32.12 10.25
N VAL B 10 -61.54 31.38 9.55
CA VAL B 10 -62.89 31.82 9.26
C VAL B 10 -63.92 31.05 10.09
N PRO B 11 -64.81 31.77 10.79
CA PRO B 11 -65.78 31.09 11.65
C PRO B 11 -66.83 30.27 10.88
N THR B 12 -67.34 29.25 11.56
CA THR B 12 -68.32 28.34 11.01
C THR B 12 -69.70 28.64 11.57
N VAL B 13 -70.65 28.81 10.67
CA VAL B 13 -72.02 29.08 11.07
C VAL B 13 -72.92 27.93 10.61
N ILE B 14 -74.01 27.73 11.35
CA ILE B 14 -74.97 26.69 11.04
C ILE B 14 -76.19 27.30 10.34
N GLU B 15 -76.70 26.63 9.30
CA GLU B 15 -77.88 27.10 8.58
C GLU B 15 -79.15 26.37 9.03
N GLU B 21 -78.59 21.70 10.39
CA GLU B 21 -78.39 20.66 9.39
C GLU B 21 -77.08 20.84 8.59
N ARG B 22 -76.82 22.06 8.10
CA ARG B 22 -75.61 22.27 7.31
C ARG B 22 -74.66 23.31 7.92
N ALA B 23 -73.37 22.98 7.94
CA ALA B 23 -72.35 23.90 8.45
C ALA B 23 -71.56 24.58 7.31
N PHE B 24 -71.39 25.89 7.41
CA PHE B 24 -70.71 26.69 6.38
C PHE B 24 -69.64 27.61 6.94
N ASP B 25 -68.60 27.85 6.15
CA ASP B 25 -67.74 28.99 6.45
C ASP B 25 -68.64 30.22 6.23
N ILE B 26 -68.39 31.28 6.97
CA ILE B 26 -69.32 32.39 7.03
C ILE B 26 -69.48 33.10 5.67
N TYR B 27 -68.43 33.10 4.85
CA TYR B 27 -68.50 33.73 3.53
C TYR B 27 -69.30 32.89 2.54
N SER B 28 -69.16 31.56 2.60
CA SER B 28 -69.99 30.74 1.73
C SER B 28 -71.46 30.89 2.21
N ARG B 29 -71.65 31.11 3.52
CA ARG B 29 -72.98 31.39 4.05
C ARG B 29 -73.60 32.68 3.47
N LEU B 30 -72.81 33.75 3.32
CA LEU B 30 -73.32 34.97 2.70
C LEU B 30 -73.53 34.84 1.19
N LEU B 31 -72.75 33.98 0.52
CA LEU B 31 -72.92 33.74 -0.92
C LEU B 31 -74.28 33.14 -1.21
N LYS B 32 -74.78 32.29 -0.31
CA LYS B 32 -76.12 31.72 -0.44
C LYS B 32 -77.21 32.82 -0.45
N GLU B 33 -76.96 33.95 0.20
CA GLU B 33 -77.90 35.08 0.13
C GLU B 33 -77.54 36.02 -1.04
N ARG B 34 -76.71 35.52 -1.96
CA ARG B 34 -76.30 36.21 -3.20
C ARG B 34 -75.40 37.44 -2.95
N ILE B 35 -74.63 37.38 -1.86
CA ILE B 35 -73.63 38.39 -1.56
C ILE B 35 -72.24 37.92 -1.98
N VAL B 36 -71.59 38.72 -2.82
CA VAL B 36 -70.26 38.41 -3.30
C VAL B 36 -69.31 39.52 -2.90
N PHE B 37 -68.15 39.15 -2.37
CA PHE B 37 -67.16 40.12 -1.87
C PHE B 37 -65.99 40.32 -2.83
N LEU B 38 -65.58 41.58 -2.99
CA LEU B 38 -64.28 41.87 -3.55
C LEU B 38 -63.53 42.66 -2.50
N VAL B 39 -62.58 41.99 -1.84
CA VAL B 39 -61.82 42.60 -0.75
C VAL B 39 -60.32 42.54 -1.02
N GLY B 40 -59.66 43.68 -0.88
CA GLY B 40 -58.24 43.70 -1.12
C GLY B 40 -57.92 43.86 -2.58
N PRO B 41 -56.65 43.71 -2.94
CA PRO B 41 -56.16 43.99 -4.30
C PRO B 41 -56.81 43.12 -5.36
N VAL B 42 -57.11 43.72 -6.51
CA VAL B 42 -57.66 42.96 -7.63
C VAL B 42 -56.56 42.24 -8.40
N THR B 43 -56.56 40.90 -8.32
CA THR B 43 -55.62 40.04 -9.03
C THR B 43 -56.40 39.09 -9.94
N ASP B 44 -55.71 38.35 -10.80
CA ASP B 44 -56.33 37.34 -11.64
C ASP B 44 -57.14 36.36 -10.81
N GLU B 45 -56.59 35.95 -9.68
CA GLU B 45 -57.23 34.97 -8.80
C GLU B 45 -58.38 35.55 -7.98
N SER B 46 -58.21 36.75 -7.43
CA SER B 46 -59.30 37.34 -6.67
C SER B 46 -60.43 37.72 -7.62
N ALA B 47 -60.08 38.19 -8.81
CA ALA B 47 -61.10 38.56 -9.80
C ALA B 47 -61.80 37.33 -10.38
N ASN B 48 -61.06 36.26 -10.67
CA ASN B 48 -61.69 35.10 -11.28
C ASN B 48 -62.65 34.37 -10.34
N LEU B 49 -62.31 34.37 -9.05
CA LEU B 49 -63.18 33.86 -8.00
C LEU B 49 -64.48 34.62 -7.96
N VAL B 50 -64.39 35.93 -8.13
CA VAL B 50 -65.58 36.77 -8.22
C VAL B 50 -66.39 36.39 -9.46
N VAL B 51 -65.73 36.28 -10.62
CA VAL B 51 -66.42 35.88 -11.86
C VAL B 51 -67.17 34.54 -11.68
N ALA B 52 -66.51 33.58 -11.04
CA ALA B 52 -67.10 32.27 -10.83
C ALA B 52 -68.36 32.34 -9.98
N GLN B 53 -68.30 33.13 -8.91
CA GLN B 53 -69.44 33.28 -8.00
C GLN B 53 -70.61 33.99 -8.68
N LEU B 54 -70.29 34.99 -9.53
CA LEU B 54 -71.33 35.66 -10.31
C LEU B 54 -72.05 34.67 -11.24
N LEU B 55 -71.28 33.86 -11.97
CA LEU B 55 -71.85 32.86 -12.87
C LEU B 55 -72.67 31.85 -12.08
N PHE B 56 -72.16 31.42 -10.93
CA PHE B 56 -72.89 30.47 -10.10
C PHE B 56 -74.21 31.03 -9.57
N LEU B 57 -74.22 32.28 -9.10
CA LEU B 57 -75.44 32.86 -8.57
C LEU B 57 -76.51 32.97 -9.65
N GLU B 58 -76.08 33.28 -10.87
CA GLU B 58 -77.00 33.30 -12.01
C GLU B 58 -77.62 31.92 -12.31
N SER B 59 -76.82 30.85 -12.25
CA SER B 59 -77.35 29.53 -12.52
C SER B 59 -78.38 29.13 -11.45
N GLU B 60 -78.16 29.56 -10.22
CA GLU B 60 -79.09 29.32 -9.13
C GLU B 60 -80.41 30.05 -9.37
N ASN B 61 -80.31 31.27 -9.89
CA ASN B 61 -81.50 32.06 -10.20
C ASN B 61 -81.13 33.24 -11.07
N PRO B 62 -81.53 33.19 -12.34
CA PRO B 62 -81.12 34.20 -13.31
C PRO B 62 -81.85 35.53 -13.17
N ASP B 63 -82.82 35.61 -12.27
CA ASP B 63 -83.65 36.82 -12.18
C ASP B 63 -83.41 37.64 -10.91
N LYS B 64 -82.95 37.00 -9.85
CA LYS B 64 -82.73 37.72 -8.59
C LYS B 64 -81.45 38.55 -8.65
N ASP B 65 -81.52 39.75 -8.06
CA ASP B 65 -80.35 40.62 -7.94
C ASP B 65 -79.17 39.91 -7.27
N ILE B 66 -77.96 40.32 -7.65
CA ILE B 66 -76.73 39.87 -7.01
C ILE B 66 -76.12 41.05 -6.27
N PHE B 67 -75.56 40.81 -5.08
CA PHE B 67 -75.02 41.92 -4.29
C PHE B 67 -73.51 41.88 -4.11
N PHE B 68 -72.86 42.78 -4.83
CA PHE B 68 -71.41 42.82 -4.95
C PHE B 68 -70.86 43.88 -3.98
N TYR B 69 -70.26 43.41 -2.88
CA TYR B 69 -69.65 44.26 -1.85
C TYR B 69 -68.18 44.47 -2.13
N ILE B 70 -67.78 45.72 -2.27
CA ILE B 70 -66.44 46.07 -2.69
C ILE B 70 -65.76 46.83 -1.57
N ASN B 71 -64.64 46.28 -1.11
CA ASN B 71 -63.74 46.99 -0.22
C ASN B 71 -62.36 46.78 -0.81
N SER B 72 -61.94 47.63 -1.74
CA SER B 72 -60.76 47.35 -2.55
C SER B 72 -59.99 48.61 -2.98
N PRO B 73 -58.65 48.53 -2.95
CA PRO B 73 -57.76 49.60 -3.42
C PRO B 73 -57.50 49.54 -4.94
N GLY B 74 -58.07 48.54 -5.59
CA GLY B 74 -57.86 48.36 -7.01
C GLY B 74 -56.90 47.21 -7.28
N GLY B 75 -56.22 47.26 -8.42
CA GLY B 75 -55.32 46.20 -8.82
C GLY B 75 -55.22 46.05 -10.32
N SER B 76 -55.15 44.81 -10.80
CA SER B 76 -54.96 44.56 -12.24
C SER B 76 -56.15 45.02 -13.10
N VAL B 77 -55.85 45.78 -14.14
CA VAL B 77 -56.88 46.30 -15.05
C VAL B 77 -57.59 45.18 -15.82
N THR B 78 -56.82 44.25 -16.36
CA THR B 78 -57.40 43.15 -17.13
C THR B 78 -58.20 42.24 -16.20
N ALA B 79 -57.66 42.02 -15.00
CA ALA B 79 -58.34 41.22 -14.01
C ALA B 79 -59.66 41.93 -13.69
N GLY B 80 -59.64 43.25 -13.56
CA GLY B 80 -60.84 44.03 -13.35
C GLY B 80 -61.86 43.94 -14.47
N MET B 81 -61.39 44.00 -15.71
CA MET B 81 -62.31 43.93 -16.87
C MET B 81 -63.06 42.61 -16.96
N SER B 82 -62.44 41.51 -16.50
CA SER B 82 -63.10 40.21 -16.57
C SER B 82 -64.33 40.23 -15.67
N ILE B 83 -64.23 40.90 -14.52
CA ILE B 83 -65.37 41.05 -13.62
C ILE B 83 -66.43 41.92 -14.24
N TYR B 84 -65.97 43.08 -14.75
CA TYR B 84 -66.81 44.04 -15.45
C TYR B 84 -67.64 43.39 -16.55
N ASP B 85 -66.97 42.66 -17.45
CA ASP B 85 -67.63 42.04 -18.59
C ASP B 85 -68.61 40.95 -18.11
N THR B 86 -68.31 40.31 -16.99
CA THR B 86 -69.25 39.33 -16.44
C THR B 86 -70.50 40.01 -15.84
N MET B 87 -70.28 41.08 -15.08
CA MET B 87 -71.37 41.89 -14.52
C MET B 87 -72.33 42.33 -15.61
N ASN B 88 -71.78 42.73 -16.76
CA ASN B 88 -72.60 43.20 -17.87
C ASN B 88 -73.27 42.07 -18.64
N PHE B 89 -72.61 40.91 -18.70
CA PHE B 89 -73.11 39.81 -19.50
C PHE B 89 -74.31 39.14 -18.85
N ILE B 90 -74.21 38.83 -17.55
CA ILE B 90 -75.23 38.02 -16.89
C ILE B 90 -76.58 38.73 -16.75
N LYS B 91 -77.64 37.94 -16.66
CA LYS B 91 -79.00 38.48 -16.58
C LYS B 91 -79.30 39.18 -15.25
N PRO B 92 -78.90 38.59 -14.09
CA PRO B 92 -79.19 39.28 -12.83
C PRO B 92 -78.63 40.72 -12.78
N ASP B 93 -79.38 41.65 -12.19
CA ASP B 93 -78.82 42.94 -11.84
C ASP B 93 -77.70 42.73 -10.84
N VAL B 94 -76.53 43.34 -11.08
CA VAL B 94 -75.47 43.30 -10.08
C VAL B 94 -75.46 44.64 -9.36
N SER B 95 -76.05 44.65 -8.18
CA SER B 95 -75.98 45.79 -7.31
C SER B 95 -74.56 45.93 -6.79
N THR B 96 -74.06 47.13 -6.67
CA THR B 96 -72.76 47.31 -6.01
C THR B 96 -72.87 48.13 -4.75
N LEU B 97 -72.03 47.80 -3.78
CA LEU B 97 -71.95 48.53 -2.51
C LEU B 97 -70.49 48.74 -2.09
N CYS B 98 -70.13 49.99 -1.83
CA CYS B 98 -68.80 50.27 -1.33
C CYS B 98 -68.81 50.35 0.19
N LEU B 99 -68.06 49.43 0.82
CA LEU B 99 -67.81 49.52 2.25
C LEU B 99 -66.31 49.68 2.44
N GLY B 100 -65.90 50.57 3.32
CA GLY B 100 -64.49 50.88 3.48
C GLY B 100 -64.01 51.83 2.39
N GLN B 101 -63.58 51.28 1.26
CA GLN B 101 -63.10 52.09 0.16
C GLN B 101 -63.35 51.41 -1.17
N ALA B 102 -63.42 52.24 -2.21
CA ALA B 102 -63.41 51.74 -3.56
C ALA B 102 -62.49 52.65 -4.36
N ALA B 103 -61.26 52.20 -4.59
CA ALA B 103 -60.27 53.00 -5.28
C ALA B 103 -59.82 52.35 -6.58
N SER B 104 -59.55 53.19 -7.57
CA SER B 104 -59.06 52.76 -8.89
C SER B 104 -59.96 51.73 -9.55
N MET B 105 -59.45 50.55 -9.85
CA MET B 105 -60.29 49.54 -10.49
C MET B 105 -61.47 49.16 -9.59
N GLY B 106 -61.28 49.30 -8.29
CA GLY B 106 -62.39 49.12 -7.35
C GLY B 106 -63.49 50.14 -7.55
N ALA B 107 -63.10 51.39 -7.79
CA ALA B 107 -64.06 52.48 -8.03
C ALA B 107 -64.79 52.26 -9.34
N PHE B 108 -64.04 51.78 -10.32
CA PHE B 108 -64.57 51.45 -11.64
C PHE B 108 -65.67 50.39 -11.55
N LEU B 109 -65.42 49.32 -10.80
CA LEU B 109 -66.40 48.23 -10.67
C LEU B 109 -67.65 48.69 -9.90
N LEU B 110 -67.45 49.52 -8.87
CA LEU B 110 -68.55 50.13 -8.12
C LEU B 110 -69.48 50.96 -8.99
N SER B 111 -68.90 51.82 -9.80
CA SER B 111 -69.68 52.68 -10.66
C SER B 111 -70.35 51.87 -11.74
N ALA B 112 -69.90 50.64 -11.94
CA ALA B 112 -70.39 49.77 -13.00
C ALA B 112 -71.62 48.93 -12.61
N GLY B 113 -72.01 49.00 -11.35
CA GLY B 113 -73.18 48.29 -10.87
C GLY B 113 -74.42 48.78 -11.58
N GLU B 114 -75.48 47.99 -11.57
CA GLU B 114 -76.75 48.35 -12.20
C GLU B 114 -77.18 49.74 -11.74
N LYS B 115 -77.40 50.64 -12.70
CA LYS B 115 -77.73 52.03 -12.38
C LYS B 115 -79.02 52.03 -11.60
N GLY B 116 -79.00 52.78 -10.49
CA GLY B 116 -80.08 52.77 -9.52
C GLY B 116 -79.77 51.89 -8.32
N LYS B 117 -78.83 50.94 -8.49
CA LYS B 117 -78.50 49.96 -7.44
C LYS B 117 -77.02 49.94 -7.05
N ARG B 118 -76.36 51.09 -7.21
CA ARG B 118 -74.99 51.29 -6.76
C ARG B 118 -75.01 52.07 -5.45
N PHE B 119 -74.48 51.50 -4.38
CA PHE B 119 -74.57 52.09 -3.05
C PHE B 119 -73.22 52.28 -2.36
N ALA B 120 -73.19 53.16 -1.36
CA ALA B 120 -72.06 53.28 -0.43
C ALA B 120 -72.56 53.50 1.00
N LEU B 121 -71.79 53.00 1.96
CA LEU B 121 -72.00 53.25 3.38
C LEU B 121 -71.52 54.68 3.61
N PRO B 122 -72.02 55.37 4.65
CA PRO B 122 -71.76 56.83 4.72
C PRO B 122 -70.29 57.23 4.80
N ASN B 123 -69.42 56.41 5.39
CA ASN B 123 -68.04 56.86 5.57
C ASN B 123 -67.07 56.17 4.63
N SER B 124 -67.63 55.58 3.57
CA SER B 124 -66.86 54.98 2.50
C SER B 124 -66.07 56.05 1.77
N ARG B 125 -64.92 55.67 1.23
CA ARG B 125 -64.07 56.56 0.44
C ARG B 125 -63.98 56.03 -0.99
N ILE B 126 -64.15 56.90 -1.97
CA ILE B 126 -63.99 56.53 -3.37
C ILE B 126 -62.78 57.23 -3.94
N MET B 127 -61.98 56.55 -4.75
CA MET B 127 -60.91 57.27 -5.45
C MET B 127 -60.72 56.81 -6.89
N ILE B 128 -60.59 57.78 -7.78
CA ILE B 128 -60.36 57.55 -9.19
C ILE B 128 -59.12 58.33 -9.69
N HIS B 129 -58.39 57.71 -10.62
CA HIS B 129 -57.23 58.34 -11.28
C HIS B 129 -56.96 57.61 -12.57
N GLN B 130 -55.99 58.12 -13.32
CA GLN B 130 -55.57 57.54 -14.58
C GLN B 130 -54.74 56.28 -14.31
N PRO B 131 -54.57 55.42 -15.33
CA PRO B 131 -53.76 54.20 -15.16
C PRO B 131 -52.31 54.53 -14.80
N LEU B 132 -51.70 53.72 -13.93
CA LEU B 132 -50.30 53.90 -13.55
C LEU B 132 -49.51 52.62 -13.81
N ILE B 133 -48.19 52.69 -13.99
CA ILE B 133 -47.47 51.42 -13.93
C ILE B 133 -46.60 51.32 -12.70
N SER B 134 -46.71 50.18 -12.03
CA SER B 134 -45.93 49.97 -10.85
C SER B 134 -44.86 49.02 -11.26
N GLY B 135 -43.66 49.61 -11.21
CA GLY B 135 -42.46 49.04 -11.79
C GLY B 135 -42.06 49.74 -13.09
N GLY B 136 -41.36 49.05 -13.98
CA GLY B 136 -40.87 49.69 -15.18
C GLY B 136 -41.17 49.22 -16.60
N LEU B 137 -40.97 50.15 -17.53
CA LEU B 137 -40.95 49.90 -18.94
C LEU B 137 -39.47 49.84 -19.26
N GLY B 138 -38.99 48.68 -19.65
CA GLY B 138 -37.59 48.52 -19.95
C GLY B 138 -37.36 47.86 -21.27
N GLY B 139 -36.22 48.18 -21.86
CA GLY B 139 -35.84 47.58 -23.11
C GLY B 139 -35.70 48.62 -24.18
N GLN B 140 -35.92 48.17 -25.42
CA GLN B 140 -35.73 48.97 -26.60
C GLN B 140 -36.85 50.00 -26.73
N ALA B 141 -36.50 51.17 -27.27
CA ALA B 141 -37.46 52.24 -27.48
C ALA B 141 -38.70 51.73 -28.22
N SER B 142 -38.51 50.87 -29.22
CA SER B 142 -39.64 50.29 -29.97
C SER B 142 -40.64 49.59 -29.07
N ASP B 143 -40.12 48.84 -28.09
CA ASP B 143 -40.97 48.07 -27.20
C ASP B 143 -41.69 48.99 -26.21
N ILE B 144 -40.97 50.02 -25.76
CA ILE B 144 -41.52 50.98 -24.82
C ILE B 144 -42.67 51.75 -25.48
N GLU B 145 -42.50 52.11 -26.74
CA GLU B 145 -43.56 52.75 -27.51
C GLU B 145 -44.80 51.86 -27.60
N ILE B 146 -44.61 50.57 -27.87
CA ILE B 146 -45.75 49.67 -27.99
C ILE B 146 -46.54 49.65 -26.68
N HIS B 147 -45.83 49.54 -25.57
CA HIS B 147 -46.48 49.46 -24.26
C HIS B 147 -47.02 50.79 -23.79
N ALA B 148 -46.33 51.89 -24.10
CA ALA B 148 -46.84 53.21 -23.80
C ALA B 148 -48.15 53.43 -24.56
N ARG B 149 -48.16 53.01 -25.82
CA ARG B 149 -49.33 53.17 -26.67
C ARG B 149 -50.53 52.44 -26.07
N GLU B 150 -50.26 51.23 -25.57
CA GLU B 150 -51.29 50.39 -24.97
C GLU B 150 -51.79 50.98 -23.63
N LEU B 151 -50.88 51.56 -22.83
CA LEU B 151 -51.29 52.17 -21.57
C LEU B 151 -52.23 53.34 -21.82
N LEU B 152 -51.99 54.09 -22.90
CA LEU B 152 -52.84 55.21 -23.30
C LEU B 152 -54.20 54.75 -23.81
N LYS B 153 -54.24 53.61 -24.48
CA LYS B 153 -55.51 53.03 -24.89
C LYS B 153 -56.31 52.64 -23.66
N ILE B 154 -55.64 52.12 -22.64
CA ILE B 154 -56.32 51.76 -21.41
C ILE B 154 -56.91 53.03 -20.78
N LYS B 155 -56.09 54.08 -20.73
CA LYS B 155 -56.52 55.36 -20.17
C LYS B 155 -57.77 55.92 -20.87
N GLU B 156 -57.74 55.91 -22.20
CA GLU B 156 -58.83 56.43 -23.02
C GLU B 156 -60.12 55.61 -22.83
N LYS B 157 -60.01 54.28 -22.84
CA LYS B 157 -61.18 53.42 -22.64
C LYS B 157 -61.79 53.62 -21.25
N LEU B 158 -60.95 53.69 -20.23
CA LEU B 158 -61.44 53.80 -18.87
C LEU B 158 -62.18 55.11 -18.68
N ASN B 159 -61.62 56.18 -19.23
CA ASN B 159 -62.29 57.48 -19.20
C ASN B 159 -63.63 57.47 -19.93
N ARG B 160 -63.69 56.88 -21.12
CA ARG B 160 -64.95 56.88 -21.85
C ARG B 160 -65.98 56.04 -21.09
N LEU B 161 -65.55 54.88 -20.59
CA LEU B 161 -66.46 54.00 -19.88
C LEU B 161 -66.93 54.62 -18.57
N MET B 162 -66.02 55.31 -17.88
CA MET B 162 -66.39 55.94 -16.62
C MET B 162 -67.39 57.05 -16.84
N ALA B 163 -67.18 57.79 -17.93
CA ALA B 163 -68.08 58.87 -18.29
C ALA B 163 -69.48 58.31 -18.53
N LYS B 164 -69.54 57.19 -19.21
CA LYS B 164 -70.82 56.56 -19.49
C LYS B 164 -71.44 56.08 -18.15
N HIS B 165 -70.61 55.52 -17.26
CA HIS B 165 -71.08 55.12 -15.92
C HIS B 165 -71.61 56.31 -15.12
N CYS B 166 -70.92 57.44 -15.25
CA CYS B 166 -71.28 58.63 -14.48
C CYS B 166 -72.28 59.54 -15.19
N ASP B 167 -72.64 59.18 -16.43
CA ASP B 167 -73.49 60.03 -17.25
C ASP B 167 -72.92 61.44 -17.33
N ARG B 168 -71.66 61.53 -17.73
CA ARG B 168 -70.93 62.79 -17.89
C ARG B 168 -70.23 62.84 -19.22
N ASP B 169 -69.72 64.01 -19.57
CA ASP B 169 -68.98 64.12 -20.81
C ASP B 169 -67.60 63.56 -20.57
N LEU B 170 -67.06 62.91 -21.61
CA LEU B 170 -65.70 62.41 -21.57
C LEU B 170 -64.70 63.41 -20.98
N ALA B 171 -64.84 64.68 -21.36
CA ALA B 171 -63.90 65.71 -20.90
C ALA B 171 -63.89 65.85 -19.36
N ASP B 172 -65.01 65.55 -18.71
CA ASP B 172 -65.03 65.63 -17.26
C ASP B 172 -64.09 64.60 -16.60
N LEU B 173 -64.18 63.33 -17.01
CA LEU B 173 -63.34 62.26 -16.44
C LEU B 173 -61.86 62.45 -16.79
N GLU B 174 -61.56 62.92 -18.00
CA GLU B 174 -60.18 63.21 -18.40
C GLU B 174 -59.59 64.22 -17.44
N ARG B 175 -60.36 65.27 -17.17
CA ARG B 175 -59.94 66.28 -16.22
C ARG B 175 -59.87 65.69 -14.81
N ASP B 176 -60.84 64.87 -14.43
CA ASP B 176 -60.95 64.48 -13.03
C ASP B 176 -60.15 63.22 -12.61
N THR B 177 -59.50 62.57 -13.56
CA THR B 177 -58.67 61.42 -13.24
C THR B 177 -57.20 61.72 -13.48
N ASP B 178 -56.89 62.97 -13.84
CA ASP B 178 -55.52 63.31 -14.14
C ASP B 178 -54.62 63.04 -12.95
N ARG B 179 -55.10 63.36 -11.74
CA ARG B 179 -54.39 63.00 -10.52
C ARG B 179 -55.36 62.36 -9.56
N ASP B 180 -54.84 61.81 -8.46
CA ASP B 180 -55.66 61.12 -7.49
C ASP B 180 -56.84 62.00 -7.06
N ASN B 181 -58.03 61.46 -7.23
CA ASN B 181 -59.24 62.18 -6.98
C ASN B 181 -60.08 61.43 -5.93
N PHE B 182 -59.98 61.89 -4.69
CA PHE B 182 -60.71 61.34 -3.56
C PHE B 182 -62.12 61.96 -3.44
N MET B 183 -63.10 61.10 -3.20
CA MET B 183 -64.47 61.56 -2.96
C MET B 183 -65.05 60.94 -1.71
N SER B 184 -65.75 61.73 -0.93
CA SER B 184 -66.66 61.21 0.10
C SER B 184 -67.82 60.49 -0.59
N ALA B 185 -68.62 59.75 0.18
CA ALA B 185 -69.80 59.10 -0.39
C ALA B 185 -70.74 60.14 -1.03
N GLU B 186 -70.96 61.25 -0.35
CA GLU B 186 -71.82 62.29 -0.90
C GLU B 186 -71.26 62.83 -2.21
N GLU B 187 -69.94 63.07 -2.27
CA GLU B 187 -69.36 63.51 -3.51
C GLU B 187 -69.44 62.46 -4.64
N ALA B 188 -69.31 61.18 -4.28
CA ALA B 188 -69.39 60.14 -5.31
C ALA B 188 -70.79 60.12 -5.89
N LYS B 189 -71.76 60.32 -5.01
CA LYS B 189 -73.15 60.35 -5.45
C LYS B 189 -73.44 61.56 -6.32
N GLU B 190 -72.95 62.73 -5.91
CA GLU B 190 -73.13 63.96 -6.67
C GLU B 190 -72.49 63.87 -8.06
N TYR B 191 -71.38 63.15 -8.15
CA TYR B 191 -70.61 62.98 -9.38
C TYR B 191 -71.30 62.07 -10.42
N GLY B 192 -72.19 61.18 -9.97
CA GLY B 192 -72.91 60.25 -10.84
C GLY B 192 -72.33 58.85 -10.74
N LEU B 193 -71.40 58.69 -9.81
CA LEU B 193 -70.67 57.44 -9.64
C LEU B 193 -71.49 56.42 -8.84
N ILE B 194 -72.23 56.88 -7.84
CA ILE B 194 -73.15 55.99 -7.13
C ILE B 194 -74.53 56.62 -7.08
N ASP B 195 -75.53 55.85 -6.66
CA ASP B 195 -76.92 56.32 -6.65
C ASP B 195 -77.45 56.74 -5.27
N GLN B 196 -77.19 55.96 -4.22
CA GLN B 196 -77.69 56.29 -2.87
C GLN B 196 -76.67 55.97 -1.78
N ILE B 197 -76.75 56.70 -0.68
CA ILE B 197 -75.97 56.39 0.50
C ILE B 197 -76.86 55.73 1.54
N LEU B 198 -76.45 54.55 2.01
CA LEU B 198 -77.23 53.77 2.98
C LEU B 198 -76.89 54.16 4.40
N GLU B 199 -77.80 54.81 5.07
CA GLU B 199 -77.62 55.18 6.47
C GLU B 199 -77.77 53.99 7.43
N ASN B 200 -78.94 53.33 7.40
CA ASN B 200 -79.25 52.28 8.37
C ASN B 200 -80.27 51.25 7.87
N VAL C 10 -63.46 27.47 -0.67
CA VAL C 10 -63.29 28.90 -0.92
C VAL C 10 -63.83 29.28 -2.28
N PRO C 11 -65.10 29.67 -2.33
CA PRO C 11 -66.10 29.33 -1.32
C PRO C 11 -66.73 27.98 -1.60
N THR C 12 -67.49 27.47 -0.63
CA THR C 12 -68.14 26.16 -0.74
C THR C 12 -69.61 26.34 -1.15
N VAL C 13 -69.99 25.57 -2.14
CA VAL C 13 -71.24 25.76 -2.85
C VAL C 13 -72.03 24.45 -2.85
N ILE C 14 -73.35 24.54 -2.77
CA ILE C 14 -74.16 23.31 -2.78
C ILE C 14 -74.73 23.01 -4.17
N GLU C 15 -74.45 21.80 -4.64
CA GLU C 15 -75.14 21.25 -5.80
C GLU C 15 -76.10 20.18 -5.30
N GLN C 16 -77.40 20.48 -5.31
CA GLN C 16 -78.34 19.41 -5.02
C GLN C 16 -78.62 18.68 -6.32
N SER C 17 -78.08 17.46 -6.42
CA SER C 17 -78.19 16.68 -7.64
C SER C 17 -79.58 16.07 -7.70
N GLY C 18 -79.71 14.99 -8.44
CA GLY C 18 -80.88 14.13 -8.33
C GLY C 18 -80.44 12.95 -7.49
N ARG C 19 -79.13 12.91 -7.28
CA ARG C 19 -78.48 11.87 -6.51
C ARG C 19 -78.58 12.14 -5.02
N GLY C 20 -78.21 13.35 -4.64
CA GLY C 20 -78.17 13.78 -3.25
C GLY C 20 -77.57 15.17 -3.17
N GLU C 21 -77.64 15.80 -2.00
CA GLU C 21 -77.06 17.12 -1.81
C GLU C 21 -75.57 17.02 -1.50
N ARG C 22 -74.75 17.80 -2.20
CA ARG C 22 -73.31 17.68 -2.05
C ARG C 22 -72.58 19.04 -2.10
N ALA C 23 -71.69 19.25 -1.13
CA ALA C 23 -70.89 20.45 -1.03
C ALA C 23 -69.67 20.42 -1.97
N PHE C 24 -69.52 21.45 -2.78
CA PHE C 24 -68.41 21.58 -3.73
C PHE C 24 -67.67 22.91 -3.58
N ASP C 25 -66.36 22.91 -3.80
CA ASP C 25 -65.68 24.18 -4.02
C ASP C 25 -66.20 24.66 -5.36
N ILE C 26 -66.25 25.97 -5.54
CA ILE C 26 -66.97 26.53 -6.66
C ILE C 26 -66.39 26.14 -8.02
N TYR C 27 -65.08 25.89 -8.09
CA TYR C 27 -64.47 25.53 -9.37
C TYR C 27 -64.84 24.10 -9.78
N SER C 28 -64.91 23.20 -8.80
CA SER C 28 -65.37 21.83 -9.05
C SER C 28 -66.83 21.88 -9.49
N ARG C 29 -67.57 22.82 -8.92
CA ARG C 29 -68.96 23.01 -9.30
C ARG C 29 -69.08 23.43 -10.76
N LEU C 30 -68.22 24.35 -11.19
CA LEU C 30 -68.24 24.78 -12.59
C LEU C 30 -67.66 23.71 -13.51
N LEU C 31 -66.76 22.86 -12.99
CA LEU C 31 -66.21 21.77 -13.79
C LEU C 31 -67.33 20.79 -14.16
N LYS C 32 -68.31 20.64 -13.27
CA LYS C 32 -69.47 19.79 -13.54
C LYS C 32 -70.25 20.26 -14.76
N GLU C 33 -70.19 21.56 -15.06
CA GLU C 33 -70.83 22.10 -16.26
C GLU C 33 -69.87 22.14 -17.43
N ARG C 34 -68.74 21.43 -17.30
CA ARG C 34 -67.73 21.31 -18.35
C ARG C 34 -67.00 22.63 -18.63
N ILE C 35 -66.88 23.45 -17.59
CA ILE C 35 -66.09 24.67 -17.69
C ILE C 35 -64.73 24.41 -17.10
N VAL C 36 -63.69 24.72 -17.88
CA VAL C 36 -62.32 24.53 -17.46
C VAL C 36 -61.62 25.87 -17.48
N PHE C 37 -60.91 26.17 -16.40
CA PHE C 37 -60.22 27.45 -16.26
C PHE C 37 -58.73 27.31 -16.49
N LEU C 38 -58.18 28.26 -17.23
CA LEU C 38 -56.75 28.52 -17.25
C LEU C 38 -56.52 29.96 -16.82
N VAL C 39 -56.08 30.13 -15.58
CA VAL C 39 -55.89 31.47 -14.99
C VAL C 39 -54.45 31.65 -14.51
N GLY C 40 -53.83 32.75 -14.90
CA GLY C 40 -52.46 32.97 -14.49
C GLY C 40 -51.45 32.29 -15.39
N PRO C 41 -50.18 32.29 -14.96
CA PRO C 41 -49.07 31.80 -15.78
C PRO C 41 -49.23 30.33 -16.14
N VAL C 42 -48.88 29.97 -17.37
CA VAL C 42 -48.89 28.57 -17.77
C VAL C 42 -47.65 27.90 -17.27
N THR C 43 -47.82 26.97 -16.35
CA THR C 43 -46.71 26.17 -15.83
C THR C 43 -46.95 24.69 -16.13
N ASP C 44 -45.93 23.84 -15.89
CA ASP C 44 -46.06 22.39 -15.99
C ASP C 44 -47.23 21.90 -15.15
N GLU C 45 -47.37 22.47 -13.95
CA GLU C 45 -48.42 22.09 -13.02
C GLU C 45 -49.82 22.58 -13.42
N SER C 46 -49.95 23.84 -13.83
CA SER C 46 -51.28 24.38 -14.18
C SER C 46 -51.76 23.85 -15.52
N ALA C 47 -50.84 23.64 -16.44
CA ALA C 47 -51.22 23.06 -17.74
C ALA C 47 -51.63 21.60 -17.59
N ASN C 48 -50.88 20.84 -16.79
CA ASN C 48 -51.21 19.43 -16.65
C ASN C 48 -52.56 19.26 -15.95
N LEU C 49 -52.85 20.17 -15.03
CA LEU C 49 -54.18 20.17 -14.40
C LEU C 49 -55.28 20.42 -15.45
N VAL C 50 -55.04 21.34 -16.38
CA VAL C 50 -56.00 21.53 -17.47
C VAL C 50 -56.14 20.26 -18.32
N VAL C 51 -55.02 19.63 -18.69
CA VAL C 51 -55.05 18.40 -19.47
C VAL C 51 -55.91 17.33 -18.77
N ALA C 52 -55.74 17.20 -17.46
CA ALA C 52 -56.48 16.21 -16.71
C ALA C 52 -57.98 16.47 -16.74
N GLN C 53 -58.36 17.74 -16.66
CA GLN C 53 -59.77 18.11 -16.68
C GLN C 53 -60.38 17.87 -18.06
N LEU C 54 -59.62 18.15 -19.12
CA LEU C 54 -60.09 17.90 -20.49
C LEU C 54 -60.33 16.41 -20.70
N LEU C 55 -59.36 15.59 -20.30
CA LEU C 55 -59.48 14.14 -20.44
C LEU C 55 -60.65 13.63 -19.62
N PHE C 56 -60.81 14.15 -18.42
CA PHE C 56 -61.89 13.73 -17.54
C PHE C 56 -63.25 14.08 -18.13
N LEU C 57 -63.37 15.30 -18.67
CA LEU C 57 -64.65 15.73 -19.23
C LEU C 57 -65.06 14.86 -20.44
N GLU C 58 -64.08 14.45 -21.24
CA GLU C 58 -64.36 13.55 -22.37
C GLU C 58 -64.89 12.17 -21.94
N SER C 59 -64.28 11.60 -20.90
CA SER C 59 -64.72 10.31 -20.36
C SER C 59 -66.13 10.42 -19.79
N GLU C 60 -66.49 11.57 -19.26
CA GLU C 60 -67.85 11.78 -18.76
C GLU C 60 -68.85 11.79 -19.92
N ASN C 61 -68.46 12.44 -21.01
CA ASN C 61 -69.28 12.53 -22.22
C ASN C 61 -68.46 13.02 -23.41
N PRO C 62 -68.15 12.13 -24.37
CA PRO C 62 -67.26 12.46 -25.50
C PRO C 62 -67.89 13.35 -26.57
N ASP C 63 -69.17 13.68 -26.46
CA ASP C 63 -69.83 14.41 -27.55
C ASP C 63 -70.17 15.85 -27.20
N LYS C 64 -70.33 16.14 -25.91
CA LYS C 64 -70.68 17.48 -25.47
C LYS C 64 -69.48 18.43 -25.54
N ASP C 65 -69.74 19.67 -25.94
CA ASP C 65 -68.73 20.70 -25.92
C ASP C 65 -68.05 20.87 -24.54
N ILE C 66 -66.80 21.32 -24.59
CA ILE C 66 -66.07 21.71 -23.40
C ILE C 66 -65.78 23.20 -23.50
N PHE C 67 -65.86 23.90 -22.37
CA PHE C 67 -65.68 25.36 -22.35
C PHE C 67 -64.44 25.77 -21.59
N PHE C 68 -63.45 26.20 -22.35
CA PHE C 68 -62.13 26.51 -21.85
C PHE C 68 -62.03 28.02 -21.66
N TYR C 69 -62.11 28.47 -20.40
CA TYR C 69 -62.03 29.90 -20.07
C TYR C 69 -60.59 30.31 -19.77
N ILE C 70 -60.07 31.28 -20.52
CA ILE C 70 -58.67 31.66 -20.43
C ILE C 70 -58.48 33.10 -19.96
N ASN C 71 -57.79 33.27 -18.83
CA ASN C 71 -57.30 34.55 -18.36
C ASN C 71 -55.83 34.38 -17.98
N SER C 72 -54.94 34.58 -18.95
CA SER C 72 -53.55 34.20 -18.79
C SER C 72 -52.58 35.08 -19.57
N PRO C 73 -51.45 35.43 -18.95
CA PRO C 73 -50.37 36.18 -19.60
C PRO C 73 -49.44 35.29 -20.39
N GLY C 74 -49.69 33.99 -20.36
CA GLY C 74 -48.82 33.06 -21.05
C GLY C 74 -47.94 32.29 -20.09
N GLY C 75 -46.78 31.86 -20.59
CA GLY C 75 -45.86 31.07 -19.79
C GLY C 75 -45.08 30.10 -20.66
N SER C 76 -44.87 28.89 -20.14
CA SER C 76 -44.09 27.86 -20.82
C SER C 76 -44.71 27.31 -22.09
N VAL C 77 -43.93 27.31 -23.16
CA VAL C 77 -44.36 26.79 -24.46
C VAL C 77 -44.63 25.28 -24.39
N THR C 78 -43.73 24.50 -23.75
CA THR C 78 -43.93 23.06 -23.68
C THR C 78 -45.12 22.73 -22.82
N ALA C 79 -45.34 23.48 -21.74
CA ALA C 79 -46.55 23.29 -20.94
C ALA C 79 -47.81 23.59 -21.76
N GLY C 80 -47.78 24.69 -22.48
CA GLY C 80 -48.87 25.07 -23.36
C GLY C 80 -49.13 24.09 -24.47
N MET C 81 -48.08 23.55 -25.10
CA MET C 81 -48.32 22.58 -26.18
C MET C 81 -49.04 21.32 -25.68
N SER C 82 -48.82 20.95 -24.41
CA SER C 82 -49.47 19.76 -23.86
C SER C 82 -50.98 19.98 -23.79
N ILE C 83 -51.38 21.23 -23.52
CA ILE C 83 -52.80 21.63 -23.54
C ILE C 83 -53.37 21.61 -24.94
N TYR C 84 -52.62 22.25 -25.84
CA TYR C 84 -52.94 22.31 -27.27
C TYR C 84 -53.20 20.93 -27.91
N ASP C 85 -52.25 20.01 -27.78
CA ASP C 85 -52.39 18.70 -28.40
C ASP C 85 -53.58 17.95 -27.79
N THR C 86 -53.87 18.21 -26.50
CA THR C 86 -55.01 17.58 -25.86
C THR C 86 -56.31 18.12 -26.42
N MET C 87 -56.37 19.44 -26.60
CA MET C 87 -57.52 20.07 -27.23
C MET C 87 -57.78 19.44 -28.57
N ASN C 88 -56.72 19.22 -29.33
CA ASN C 88 -56.81 18.62 -30.67
C ASN C 88 -57.12 17.13 -30.67
N PHE C 89 -56.67 16.39 -29.66
CA PHE C 89 -56.83 14.94 -29.67
C PHE C 89 -58.24 14.49 -29.34
N ILE C 90 -58.78 15.02 -28.24
CA ILE C 90 -60.04 14.55 -27.71
C ILE C 90 -61.21 14.81 -28.65
N LYS C 91 -62.25 13.99 -28.54
CA LYS C 91 -63.42 14.10 -29.40
C LYS C 91 -64.26 15.37 -29.15
N PRO C 92 -64.50 15.74 -27.88
CA PRO C 92 -65.30 16.95 -27.67
C PRO C 92 -64.72 18.22 -28.31
N ASP C 93 -65.57 19.08 -28.88
CA ASP C 93 -65.16 20.42 -29.28
C ASP C 93 -64.72 21.17 -28.05
N VAL C 94 -63.54 21.79 -28.11
CA VAL C 94 -63.14 22.66 -27.02
C VAL C 94 -63.35 24.11 -27.44
N SER C 95 -64.45 24.67 -26.98
CA SER C 95 -64.72 26.10 -27.16
C SER C 95 -63.74 26.86 -26.28
N THR C 96 -63.24 27.99 -26.78
CA THR C 96 -62.38 28.86 -25.97
C THR C 96 -63.01 30.22 -25.74
N LEU C 97 -62.79 30.77 -24.55
CA LEU C 97 -63.34 32.06 -24.18
C LEU C 97 -62.28 32.87 -23.45
N CYS C 98 -62.02 34.08 -23.92
CA CYS C 98 -61.10 34.97 -23.24
C CYS C 98 -61.80 35.93 -22.27
N LEU C 99 -61.50 35.86 -20.98
CA LEU C 99 -61.92 36.91 -20.05
C LEU C 99 -60.68 37.53 -19.46
N GLY C 100 -60.63 38.85 -19.37
CA GLY C 100 -59.46 39.52 -18.86
C GLY C 100 -58.43 39.59 -19.96
N GLN C 101 -57.56 38.59 -20.07
CA GLN C 101 -56.60 38.62 -21.16
C GLN C 101 -56.17 37.23 -21.64
N ALA C 102 -55.75 37.18 -22.89
CA ALA C 102 -55.11 36.01 -23.43
C ALA C 102 -53.89 36.52 -24.16
N ALA C 103 -52.73 36.38 -23.51
CA ALA C 103 -51.45 36.85 -24.02
C ALA C 103 -50.49 35.67 -24.23
N SER C 104 -49.66 35.78 -25.27
CA SER C 104 -48.67 34.76 -25.65
C SER C 104 -49.31 33.39 -25.83
N MET C 105 -48.81 32.42 -25.07
CA MET C 105 -49.33 31.05 -25.14
C MET C 105 -50.81 31.03 -24.82
N GLY C 106 -51.24 31.96 -23.98
CA GLY C 106 -52.65 32.16 -23.67
C GLY C 106 -53.42 32.55 -24.92
N ALA C 107 -52.82 33.40 -25.76
CA ALA C 107 -53.47 33.79 -27.02
C ALA C 107 -53.49 32.60 -27.99
N PHE C 108 -52.37 31.87 -28.02
CA PHE C 108 -52.21 30.70 -28.84
C PHE C 108 -53.31 29.69 -28.51
N LEU C 109 -53.49 29.40 -27.22
CA LEU C 109 -54.48 28.42 -26.82
C LEU C 109 -55.90 28.89 -27.14
N LEU C 110 -56.15 30.19 -26.94
CA LEU C 110 -57.43 30.81 -27.27
C LEU C 110 -57.77 30.62 -28.75
N SER C 111 -56.79 30.91 -29.60
CA SER C 111 -56.95 30.78 -31.05
C SER C 111 -57.13 29.33 -31.48
N ALA C 112 -56.76 28.40 -30.60
CA ALA C 112 -56.78 26.95 -30.91
C ALA C 112 -58.14 26.30 -30.62
N GLY C 113 -59.09 27.07 -30.08
CA GLY C 113 -60.41 26.50 -29.86
C GLY C 113 -61.03 26.08 -31.18
N GLU C 114 -62.02 25.19 -31.11
CA GLU C 114 -62.76 24.75 -32.29
C GLU C 114 -63.24 25.95 -33.08
N LYS C 115 -62.93 26.00 -34.37
CA LYS C 115 -63.32 27.17 -35.16
C LYS C 115 -64.83 27.40 -35.13
N GLY C 116 -65.23 28.64 -34.88
CA GLY C 116 -66.64 28.92 -34.70
C GLY C 116 -67.03 29.05 -33.23
N LYS C 117 -66.19 28.53 -32.34
CA LYS C 117 -66.53 28.54 -30.93
C LYS C 117 -65.41 29.18 -30.08
N ARG C 118 -64.69 30.13 -30.68
CA ARG C 118 -63.68 30.92 -29.99
C ARG C 118 -64.27 32.30 -29.64
N PHE C 119 -64.32 32.59 -28.35
CA PHE C 119 -65.03 33.77 -27.89
C PHE C 119 -64.13 34.67 -27.07
N ALA C 120 -64.49 35.94 -27.01
CA ALA C 120 -63.90 36.89 -26.08
C ALA C 120 -65.00 37.78 -25.54
N LEU C 121 -64.84 38.23 -24.31
CA LEU C 121 -65.69 39.24 -23.71
C LEU C 121 -65.27 40.62 -24.28
N PRO C 122 -66.20 41.60 -24.29
CA PRO C 122 -65.96 42.84 -25.06
C PRO C 122 -64.70 43.64 -24.63
N ASN C 123 -64.29 43.53 -23.36
CA ASN C 123 -63.11 44.28 -22.96
C ASN C 123 -61.91 43.41 -22.67
N SER C 124 -61.97 42.16 -23.11
CA SER C 124 -60.82 41.26 -22.98
C SER C 124 -59.71 41.73 -23.91
N ARG C 125 -58.48 41.46 -23.51
CA ARG C 125 -57.31 41.84 -24.30
C ARG C 125 -56.49 40.64 -24.78
N ILE C 126 -56.10 40.69 -26.05
CA ILE C 126 -55.25 39.71 -26.68
C ILE C 126 -53.86 40.28 -27.02
N MET C 127 -52.80 39.49 -26.85
CA MET C 127 -51.46 39.91 -27.24
C MET C 127 -50.66 38.75 -27.86
N ILE C 128 -50.02 38.98 -29.01
CA ILE C 128 -49.20 37.94 -29.63
C ILE C 128 -47.79 38.45 -29.94
N HIS C 129 -46.80 37.58 -29.80
CA HIS C 129 -45.42 37.94 -30.13
C HIS C 129 -44.59 36.69 -30.41
N GLN C 130 -43.33 36.91 -30.76
CA GLN C 130 -42.40 35.81 -31.00
C GLN C 130 -41.90 35.22 -29.67
N PRO C 131 -41.33 34.00 -29.71
CA PRO C 131 -40.84 33.45 -28.43
C PRO C 131 -39.67 34.23 -27.88
N LEU C 132 -39.65 34.41 -26.57
CA LEU C 132 -38.52 35.05 -25.91
C LEU C 132 -37.99 34.15 -24.80
N ILE C 133 -36.71 34.30 -24.46
CA ILE C 133 -36.23 33.68 -23.24
C ILE C 133 -35.63 34.72 -22.29
N SER C 134 -35.91 34.54 -21.02
CA SER C 134 -35.30 35.29 -19.93
C SER C 134 -34.49 34.31 -19.10
N GLY C 135 -33.54 34.83 -18.34
CA GLY C 135 -32.62 34.01 -17.59
C GLY C 135 -31.36 33.98 -18.41
N GLY C 136 -31.50 33.56 -19.65
CA GLY C 136 -30.38 33.54 -20.57
C GLY C 136 -29.84 32.20 -21.01
N LEU C 137 -29.12 32.26 -22.11
CA LEU C 137 -28.34 31.16 -22.66
C LEU C 137 -26.90 31.42 -22.30
N GLY C 138 -26.30 30.47 -21.60
CA GLY C 138 -24.90 30.66 -21.29
C GLY C 138 -24.04 29.46 -21.60
N GLY C 139 -22.80 29.78 -21.91
CA GLY C 139 -21.73 28.82 -21.94
C GLY C 139 -21.04 28.72 -23.27
N GLN C 140 -20.89 27.50 -23.75
CA GLN C 140 -20.08 27.28 -24.93
C GLN C 140 -20.83 27.66 -26.22
N ALA C 141 -20.10 28.23 -27.17
CA ALA C 141 -20.67 28.65 -28.45
C ALA C 141 -21.48 27.55 -29.15
N SER C 142 -20.96 26.33 -29.12
CA SER C 142 -21.64 25.16 -29.69
C SER C 142 -23.03 24.98 -29.07
N ASP C 143 -23.09 25.15 -27.76
CA ASP C 143 -24.30 24.95 -26.98
C ASP C 143 -25.29 26.07 -27.27
N ILE C 144 -24.74 27.26 -27.36
CA ILE C 144 -25.52 28.45 -27.67
C ILE C 144 -26.12 28.37 -29.06
N GLU C 145 -25.34 27.87 -30.01
CA GLU C 145 -25.82 27.65 -31.35
C GLU C 145 -26.98 26.65 -31.34
N ILE C 146 -26.83 25.55 -30.62
CA ILE C 146 -27.85 24.51 -30.56
C ILE C 146 -29.18 25.05 -30.03
N HIS C 147 -29.13 25.87 -29.00
CA HIS C 147 -30.34 26.44 -28.40
C HIS C 147 -30.93 27.59 -29.23
N ALA C 148 -30.09 28.39 -29.86
CA ALA C 148 -30.57 29.41 -30.78
C ALA C 148 -31.33 28.71 -31.91
N ARG C 149 -30.77 27.64 -32.41
CA ARG C 149 -31.41 26.89 -33.48
C ARG C 149 -32.77 26.37 -33.03
N GLU C 150 -32.86 25.89 -31.79
CA GLU C 150 -34.12 25.38 -31.26
C GLU C 150 -35.15 26.49 -31.05
N LEU C 151 -34.69 27.63 -30.55
CA LEU C 151 -35.61 28.72 -30.30
C LEU C 151 -36.19 29.20 -31.63
N LEU C 152 -35.36 29.19 -32.67
CA LEU C 152 -35.79 29.60 -34.01
C LEU C 152 -36.78 28.60 -34.62
N LYS C 153 -36.59 27.31 -34.34
CA LYS C 153 -37.54 26.31 -34.80
C LYS C 153 -38.91 26.49 -34.17
N ILE C 154 -38.92 26.81 -32.88
CA ILE C 154 -40.17 27.05 -32.17
C ILE C 154 -40.91 28.24 -32.77
N LYS C 155 -40.18 29.31 -33.03
CA LYS C 155 -40.73 30.49 -33.68
C LYS C 155 -41.37 30.13 -35.03
N GLU C 156 -40.72 29.31 -35.87
CA GLU C 156 -41.33 28.93 -37.14
C GLU C 156 -42.62 28.12 -36.95
N LYS C 157 -42.60 27.15 -36.04
CA LYS C 157 -43.77 26.30 -35.76
C LYS C 157 -44.95 27.13 -35.24
N LEU C 158 -44.65 28.08 -34.35
CA LEU C 158 -45.69 28.88 -33.75
C LEU C 158 -46.36 29.79 -34.78
N ASN C 159 -45.55 30.42 -35.63
CA ASN C 159 -46.10 31.25 -36.69
C ASN C 159 -46.94 30.47 -37.67
N ARG C 160 -46.45 29.30 -38.04
CA ARG C 160 -47.16 28.46 -39.00
C ARG C 160 -48.51 28.02 -38.44
N LEU C 161 -48.54 27.58 -37.17
CA LEU C 161 -49.81 27.14 -36.57
C LEU C 161 -50.80 28.30 -36.31
N MET C 162 -50.30 29.46 -35.89
CA MET C 162 -51.16 30.61 -35.65
C MET C 162 -51.77 31.09 -36.95
N ALA C 163 -50.97 31.09 -38.02
CA ALA C 163 -51.49 31.43 -39.34
C ALA C 163 -52.59 30.45 -39.72
N LYS C 164 -52.38 29.17 -39.44
CA LYS C 164 -53.40 28.19 -39.74
C LYS C 164 -54.60 28.41 -38.84
N HIS C 165 -54.39 28.70 -37.55
CA HIS C 165 -55.53 29.01 -36.65
C HIS C 165 -56.31 30.24 -37.11
N CYS C 166 -55.59 31.26 -37.57
CA CYS C 166 -56.21 32.53 -37.88
C CYS C 166 -56.72 32.61 -39.31
N ASP C 167 -56.44 31.59 -40.11
CA ASP C 167 -56.71 31.61 -41.54
C ASP C 167 -56.03 32.80 -42.20
N ARG C 168 -54.72 32.92 -41.98
CA ARG C 168 -53.98 34.06 -42.52
C ARG C 168 -52.73 33.54 -43.19
N ASP C 169 -52.02 34.42 -43.89
CA ASP C 169 -50.78 34.05 -44.56
C ASP C 169 -49.65 34.02 -43.55
N LEU C 170 -48.75 33.06 -43.73
CA LEU C 170 -47.58 32.96 -42.90
C LEU C 170 -46.85 34.30 -42.79
N ALA C 171 -46.70 35.01 -43.90
CA ALA C 171 -45.96 36.27 -43.87
C ALA C 171 -46.64 37.30 -42.96
N ASP C 172 -47.96 37.23 -42.84
CA ASP C 172 -48.69 38.14 -41.93
C ASP C 172 -48.30 37.88 -40.46
N LEU C 173 -48.31 36.62 -40.04
CA LEU C 173 -47.99 36.29 -38.65
C LEU C 173 -46.53 36.59 -38.31
N GLU C 174 -45.63 36.34 -39.24
CA GLU C 174 -44.23 36.67 -39.06
C GLU C 174 -44.11 38.18 -38.83
N ARG C 175 -44.82 38.95 -39.65
CA ARG C 175 -44.80 40.41 -39.56
C ARG C 175 -45.38 40.89 -38.25
N ASP C 176 -46.50 40.30 -37.85
CA ASP C 176 -47.30 40.84 -36.76
C ASP C 176 -46.89 40.34 -35.38
N THR C 177 -45.93 39.43 -35.32
CA THR C 177 -45.44 38.91 -34.03
C THR C 177 -44.01 39.27 -33.74
N ASP C 178 -43.40 40.08 -34.60
CA ASP C 178 -42.01 40.45 -34.41
C ASP C 178 -41.82 41.14 -33.05
N ARG C 179 -42.78 41.98 -32.68
CA ARG C 179 -42.81 42.60 -31.36
C ARG C 179 -44.19 42.43 -30.74
N ASP C 180 -44.35 42.83 -29.48
CA ASP C 180 -45.63 42.71 -28.78
C ASP C 180 -46.76 43.38 -29.57
N ASN C 181 -47.78 42.60 -29.85
CA ASN C 181 -48.91 43.05 -30.66
C ASN C 181 -50.19 42.91 -29.84
N PHE C 182 -50.63 44.03 -29.27
CA PHE C 182 -51.85 44.07 -28.46
C PHE C 182 -53.07 44.26 -29.33
N MET C 183 -54.13 43.49 -29.06
CA MET C 183 -55.39 43.59 -29.80
C MET C 183 -56.61 43.69 -28.90
N SER C 184 -57.52 44.60 -29.24
CA SER C 184 -58.87 44.61 -28.67
C SER C 184 -59.62 43.37 -29.13
N ALA C 185 -60.75 43.08 -28.50
CA ALA C 185 -61.56 41.93 -28.90
C ALA C 185 -61.95 42.03 -30.37
N GLU C 186 -62.32 43.24 -30.80
CA GLU C 186 -62.71 43.51 -32.17
C GLU C 186 -61.51 43.27 -33.11
N GLU C 187 -60.33 43.71 -32.73
CA GLU C 187 -59.14 43.50 -33.56
C GLU C 187 -58.76 42.03 -33.60
N ALA C 188 -58.99 41.32 -32.49
CA ALA C 188 -58.70 39.92 -32.45
C ALA C 188 -59.65 39.17 -33.39
N LYS C 189 -60.89 39.63 -33.45
CA LYS C 189 -61.89 39.03 -34.33
C LYS C 189 -61.56 39.30 -35.78
N GLU C 190 -61.20 40.54 -36.07
CA GLU C 190 -60.83 40.92 -37.42
C GLU C 190 -59.60 40.12 -37.89
N TYR C 191 -58.69 39.84 -36.97
CA TYR C 191 -57.45 39.14 -37.33
C TYR C 191 -57.65 37.67 -37.66
N GLY C 192 -58.69 37.05 -37.08
CA GLY C 192 -58.97 35.64 -37.25
C GLY C 192 -58.64 34.83 -36.00
N LEU C 193 -58.39 35.55 -34.92
CA LEU C 193 -57.96 34.94 -33.67
C LEU C 193 -59.16 34.36 -32.90
N ILE C 194 -60.29 35.05 -32.98
CA ILE C 194 -61.53 34.54 -32.40
C ILE C 194 -62.65 34.64 -33.42
N ASP C 195 -63.81 34.08 -33.09
CA ASP C 195 -64.96 34.12 -33.99
C ASP C 195 -66.00 35.18 -33.60
N GLN C 196 -66.30 35.30 -32.31
CA GLN C 196 -67.34 36.21 -31.83
C GLN C 196 -66.98 36.93 -30.53
N ILE C 197 -67.54 38.11 -30.38
CA ILE C 197 -67.46 38.84 -29.14
C ILE C 197 -68.81 38.78 -28.45
N LEU C 198 -68.82 38.30 -27.21
CA LEU C 198 -70.04 38.08 -26.44
C LEU C 198 -70.44 39.30 -25.64
N GLU C 199 -71.57 39.93 -25.94
CA GLU C 199 -72.00 41.10 -25.15
C GLU C 199 -72.97 40.79 -23.98
N ASN C 200 -74.06 40.06 -24.24
CA ASN C 200 -75.04 39.76 -23.18
C ASN C 200 -75.50 38.30 -23.18
N LEU D 9 -54.68 23.87 -5.51
CA LEU D 9 -56.09 23.44 -5.63
C LEU D 9 -56.35 22.46 -6.77
N VAL D 10 -56.70 21.23 -6.40
CA VAL D 10 -57.02 20.19 -7.36
C VAL D 10 -58.53 20.01 -7.36
N PRO D 11 -59.16 20.05 -8.56
CA PRO D 11 -60.60 19.85 -8.65
C PRO D 11 -61.05 18.50 -8.05
N THR D 12 -62.24 18.49 -7.43
CA THR D 12 -62.84 17.25 -6.97
C THR D 12 -63.87 16.73 -8.00
N VAL D 13 -63.75 15.46 -8.37
CA VAL D 13 -64.72 14.85 -9.31
C VAL D 13 -65.40 13.63 -8.70
N ILE D 14 -66.50 13.24 -9.34
CA ILE D 14 -67.30 12.13 -8.85
C ILE D 14 -67.27 10.94 -9.80
N GLU D 15 -66.77 9.82 -9.29
CA GLU D 15 -66.87 8.55 -9.97
C GLU D 15 -68.27 7.96 -9.77
N GLN D 16 -69.03 7.87 -10.86
CA GLN D 16 -70.32 7.19 -10.90
C GLN D 16 -70.07 5.82 -11.52
N SER D 17 -70.85 4.83 -11.10
CA SER D 17 -70.35 3.47 -11.16
C SER D 17 -71.33 2.35 -10.72
N GLY D 18 -70.75 1.30 -10.13
CA GLY D 18 -71.51 0.22 -9.51
C GLY D 18 -71.22 0.22 -8.02
N ARG D 19 -70.76 1.36 -7.53
CA ARG D 19 -70.39 1.50 -6.12
C ARG D 19 -71.39 2.42 -5.47
N GLY D 20 -72.14 3.12 -6.32
CA GLY D 20 -72.90 4.29 -5.91
C GLY D 20 -72.13 5.46 -6.50
N GLU D 21 -71.51 6.26 -5.64
CA GLU D 21 -70.57 7.27 -6.12
C GLU D 21 -69.62 7.75 -5.01
N ARG D 22 -68.38 8.06 -5.41
CA ARG D 22 -67.36 8.53 -4.49
C ARG D 22 -66.71 9.80 -5.02
N ALA D 23 -66.16 10.60 -4.11
CA ALA D 23 -65.43 11.79 -4.52
C ALA D 23 -63.93 11.49 -4.57
N PHE D 24 -63.27 12.04 -5.58
CA PHE D 24 -61.86 11.85 -5.87
C PHE D 24 -61.26 13.18 -6.26
N ASP D 25 -60.02 13.42 -5.88
CA ASP D 25 -59.26 14.46 -6.55
C ASP D 25 -59.00 13.91 -7.96
N ILE D 26 -58.89 14.81 -8.93
CA ILE D 26 -58.92 14.39 -10.33
C ILE D 26 -57.74 13.49 -10.68
N TYR D 27 -56.62 13.62 -10.00
CA TYR D 27 -55.48 12.76 -10.31
C TYR D 27 -55.69 11.35 -9.78
N SER D 28 -56.30 11.22 -8.61
CA SER D 28 -56.65 9.90 -8.08
C SER D 28 -57.66 9.23 -8.98
N ARG D 29 -58.55 10.06 -9.55
CA ARG D 29 -59.55 9.59 -10.49
C ARG D 29 -58.86 9.04 -11.72
N LEU D 30 -57.82 9.72 -12.19
CA LEU D 30 -57.11 9.22 -13.36
C LEU D 30 -56.29 7.98 -13.01
N LEU D 31 -55.80 7.89 -11.77
CA LEU D 31 -55.05 6.72 -11.35
C LEU D 31 -55.93 5.45 -11.43
N LYS D 32 -57.22 5.60 -11.15
CA LYS D 32 -58.19 4.50 -11.24
C LYS D 32 -58.24 3.86 -12.62
N GLU D 33 -57.97 4.66 -13.64
CA GLU D 33 -57.90 4.19 -15.02
C GLU D 33 -56.45 3.84 -15.43
N ARG D 34 -55.59 3.68 -14.43
CA ARG D 34 -54.19 3.25 -14.62
C ARG D 34 -53.30 4.26 -15.33
N ILE D 35 -53.66 5.54 -15.17
CA ILE D 35 -52.86 6.64 -15.68
C ILE D 35 -52.00 7.22 -14.56
N VAL D 36 -50.69 7.29 -14.82
CA VAL D 36 -49.72 7.80 -13.87
C VAL D 36 -48.96 8.97 -14.48
N PHE D 37 -48.80 10.04 -13.72
CA PHE D 37 -48.11 11.22 -14.22
C PHE D 37 -46.71 11.40 -13.64
N LEU D 38 -45.76 11.75 -14.51
CA LEU D 38 -44.49 12.32 -14.08
C LEU D 38 -44.44 13.73 -14.68
N VAL D 39 -44.68 14.73 -13.84
CA VAL D 39 -44.69 16.11 -14.30
C VAL D 39 -43.69 16.91 -13.53
N GLY D 40 -42.85 17.64 -14.24
CA GLY D 40 -41.84 18.44 -13.59
C GLY D 40 -40.61 17.63 -13.27
N PRO D 41 -39.70 18.22 -12.49
CA PRO D 41 -38.40 17.62 -12.20
C PRO D 41 -38.51 16.30 -11.48
N VAL D 42 -37.64 15.39 -11.87
CA VAL D 42 -37.57 14.10 -11.22
C VAL D 42 -36.75 14.22 -9.93
N THR D 43 -37.42 14.09 -8.79
CA THR D 43 -36.76 14.09 -7.48
C THR D 43 -37.02 12.76 -6.80
N ASP D 44 -36.32 12.47 -5.71
CA ASP D 44 -36.57 11.25 -4.95
C ASP D 44 -38.05 11.15 -4.58
N GLU D 45 -38.66 12.27 -4.22
CA GLU D 45 -40.04 12.24 -3.76
C GLU D 45 -41.02 11.96 -4.91
N SER D 46 -40.85 12.66 -6.03
CA SER D 46 -41.77 12.49 -7.16
C SER D 46 -41.58 11.13 -7.81
N ALA D 47 -40.33 10.66 -7.84
CA ALA D 47 -40.03 9.36 -8.43
C ALA D 47 -40.62 8.22 -7.63
N ASN D 48 -40.43 8.27 -6.31
CA ASN D 48 -40.91 7.19 -5.47
C ASN D 48 -42.43 7.13 -5.48
N LEU D 49 -43.06 8.30 -5.58
CA LEU D 49 -44.51 8.39 -5.71
C LEU D 49 -44.97 7.63 -6.94
N VAL D 50 -44.27 7.85 -8.05
CA VAL D 50 -44.53 7.09 -9.28
C VAL D 50 -44.32 5.58 -9.04
N VAL D 51 -43.22 5.20 -8.39
CA VAL D 51 -42.97 3.78 -8.09
C VAL D 51 -44.14 3.16 -7.31
N ALA D 52 -44.64 3.89 -6.32
CA ALA D 52 -45.73 3.39 -5.50
C ALA D 52 -46.98 3.15 -6.33
N GLN D 53 -47.24 4.06 -7.28
CA GLN D 53 -48.40 3.95 -8.14
C GLN D 53 -48.23 2.75 -9.10
N LEU D 54 -47.03 2.53 -9.63
CA LEU D 54 -46.77 1.38 -10.50
C LEU D 54 -47.00 0.06 -9.78
N LEU D 55 -46.44 -0.04 -8.57
CA LEU D 55 -46.62 -1.21 -7.72
C LEU D 55 -48.08 -1.41 -7.36
N PHE D 56 -48.77 -0.32 -7.03
CA PHE D 56 -50.18 -0.43 -6.68
C PHE D 56 -51.06 -0.90 -7.85
N LEU D 57 -50.86 -0.31 -9.03
CA LEU D 57 -51.66 -0.66 -10.21
C LEU D 57 -51.46 -2.13 -10.63
N GLU D 58 -50.23 -2.61 -10.50
CA GLU D 58 -49.93 -4.02 -10.76
C GLU D 58 -50.68 -4.93 -9.79
N SER D 59 -50.73 -4.55 -8.52
CA SER D 59 -51.45 -5.35 -7.54
C SER D 59 -52.94 -5.35 -7.88
N GLU D 60 -53.43 -4.24 -8.41
CA GLU D 60 -54.84 -4.15 -8.82
C GLU D 60 -55.16 -5.10 -9.98
N ASN D 61 -54.25 -5.17 -10.94
CA ASN D 61 -54.43 -6.05 -12.09
C ASN D 61 -53.09 -6.17 -12.75
N PRO D 62 -52.42 -7.33 -12.58
CA PRO D 62 -51.05 -7.52 -13.09
C PRO D 62 -50.99 -7.70 -14.61
N ASP D 63 -52.14 -7.74 -15.25
CA ASP D 63 -52.17 -8.00 -16.68
C ASP D 63 -52.53 -6.77 -17.51
N LYS D 64 -53.25 -5.80 -16.95
CA LYS D 64 -53.60 -4.62 -17.74
C LYS D 64 -52.44 -3.63 -17.93
N ASP D 65 -52.38 -3.03 -19.12
CA ASP D 65 -51.41 -1.99 -19.39
C ASP D 65 -51.49 -0.86 -18.39
N ILE D 66 -50.34 -0.24 -18.14
CA ILE D 66 -50.28 0.97 -17.32
C ILE D 66 -49.84 2.10 -18.24
N PHE D 67 -50.44 3.27 -18.07
CA PHE D 67 -50.18 4.40 -18.93
C PHE D 67 -49.46 5.51 -18.18
N PHE D 68 -48.18 5.67 -18.51
CA PHE D 68 -47.26 6.57 -17.83
C PHE D 68 -47.14 7.85 -18.66
N TYR D 69 -47.76 8.94 -18.19
CA TYR D 69 -47.72 10.19 -18.92
C TYR D 69 -46.57 11.05 -18.43
N ILE D 70 -45.67 11.44 -19.35
CA ILE D 70 -44.46 12.18 -19.00
C ILE D 70 -44.41 13.60 -19.58
N ASN D 71 -44.33 14.58 -18.68
CA ASN D 71 -43.99 15.97 -18.98
C ASN D 71 -42.95 16.43 -17.99
N SER D 72 -41.69 16.22 -18.35
CA SER D 72 -40.59 16.37 -17.41
C SER D 72 -39.32 16.81 -18.12
N PRO D 73 -38.56 17.72 -17.48
CA PRO D 73 -37.21 18.14 -17.91
C PRO D 73 -36.12 17.21 -17.40
N GLY D 74 -36.51 16.20 -16.63
CA GLY D 74 -35.51 15.31 -16.09
C GLY D 74 -35.26 15.60 -14.63
N GLY D 75 -34.05 15.26 -14.17
CA GLY D 75 -33.71 15.45 -12.78
C GLY D 75 -32.71 14.41 -12.31
N SER D 76 -32.90 13.92 -11.09
CA SER D 76 -31.95 13.00 -10.46
C SER D 76 -31.83 11.67 -11.21
N VAL D 77 -30.59 11.29 -11.52
CA VAL D 77 -30.34 10.04 -12.23
C VAL D 77 -30.79 8.82 -11.40
N THR D 78 -30.42 8.86 -10.13
CA THR D 78 -30.70 7.76 -9.22
C THR D 78 -32.22 7.60 -9.02
N ALA D 79 -32.92 8.73 -8.89
CA ALA D 79 -34.37 8.71 -8.74
C ALA D 79 -35.04 8.19 -10.01
N GLY D 80 -34.54 8.65 -11.15
CA GLY D 80 -35.04 8.18 -12.43
C GLY D 80 -34.89 6.68 -12.57
N MET D 81 -33.73 6.16 -12.16
CA MET D 81 -33.47 4.72 -12.29
C MET D 81 -34.44 3.89 -11.45
N SER D 82 -34.91 4.43 -10.32
CA SER D 82 -35.84 3.68 -9.48
C SER D 82 -37.15 3.45 -10.21
N ILE D 83 -37.56 4.42 -11.02
CA ILE D 83 -38.77 4.30 -11.84
C ILE D 83 -38.54 3.29 -12.96
N TYR D 84 -37.41 3.47 -13.65
CA TYR D 84 -36.96 2.57 -14.72
C TYR D 84 -36.94 1.08 -14.28
N ASP D 85 -36.34 0.79 -13.13
CA ASP D 85 -36.26 -0.61 -12.70
C ASP D 85 -37.65 -1.15 -12.35
N THR D 86 -38.51 -0.28 -11.82
CA THR D 86 -39.86 -0.69 -11.50
C THR D 86 -40.66 -0.95 -12.79
N MET D 87 -40.50 -0.09 -13.79
CA MET D 87 -41.14 -0.32 -15.09
C MET D 87 -40.74 -1.69 -15.64
N ASN D 88 -39.46 -2.01 -15.57
CA ASN D 88 -38.94 -3.27 -16.12
C ASN D 88 -39.28 -4.51 -15.28
N PHE D 89 -39.45 -4.34 -13.96
CA PHE D 89 -39.71 -5.48 -13.08
C PHE D 89 -41.18 -5.94 -13.13
N ILE D 90 -42.13 -5.01 -13.02
CA ILE D 90 -43.53 -5.38 -12.84
C ILE D 90 -44.11 -6.09 -14.08
N LYS D 91 -45.15 -6.89 -13.86
CA LYS D 91 -45.73 -7.67 -14.95
C LYS D 91 -46.44 -6.83 -16.04
N PRO D 92 -47.27 -5.83 -15.64
CA PRO D 92 -47.95 -5.03 -16.66
C PRO D 92 -47.00 -4.35 -17.65
N ASP D 93 -47.40 -4.29 -18.91
CA ASP D 93 -46.73 -3.41 -19.88
C ASP D 93 -46.86 -1.97 -19.42
N VAL D 94 -45.77 -1.22 -19.38
CA VAL D 94 -45.86 0.19 -19.07
C VAL D 94 -45.71 0.99 -20.35
N SER D 95 -46.83 1.44 -20.88
CA SER D 95 -46.88 2.32 -22.03
C SER D 95 -46.41 3.71 -21.60
N THR D 96 -45.65 4.39 -22.45
CA THR D 96 -45.26 5.74 -22.12
C THR D 96 -45.83 6.72 -23.12
N LEU D 97 -46.19 7.91 -22.63
CA LEU D 97 -46.76 8.94 -23.48
C LEU D 97 -46.15 10.28 -23.09
N CYS D 98 -45.58 10.97 -24.07
CA CYS D 98 -45.01 12.28 -23.83
C CYS D 98 -45.93 13.43 -24.22
N LEU D 99 -46.34 14.22 -23.24
CA LEU D 99 -47.01 15.49 -23.52
C LEU D 99 -46.16 16.65 -23.00
N GLY D 100 -46.06 17.69 -23.82
CA GLY D 100 -45.24 18.85 -23.49
C GLY D 100 -43.81 18.53 -23.78
N GLN D 101 -43.10 17.97 -22.81
CA GLN D 101 -41.71 17.59 -23.07
C GLN D 101 -41.25 16.36 -22.29
N ALA D 102 -40.24 15.71 -22.84
CA ALA D 102 -39.51 14.69 -22.12
C ALA D 102 -38.05 14.96 -22.42
N ALA D 103 -37.36 15.55 -21.45
CA ALA D 103 -35.96 15.91 -21.60
C ALA D 103 -35.14 15.11 -20.62
N SER D 104 -33.93 14.75 -21.04
CA SER D 104 -32.99 14.02 -20.21
C SER D 104 -33.56 12.73 -19.63
N MET D 105 -33.58 12.64 -18.30
CA MET D 105 -34.12 11.45 -17.64
C MET D 105 -35.60 11.28 -18.02
N GLY D 106 -36.24 12.39 -18.36
CA GLY D 106 -37.60 12.32 -18.89
C GLY D 106 -37.64 11.55 -20.19
N ALA D 107 -36.70 11.83 -21.08
CA ALA D 107 -36.62 11.12 -22.36
C ALA D 107 -36.19 9.67 -22.17
N PHE D 108 -35.27 9.44 -21.22
CA PHE D 108 -34.82 8.10 -20.92
C PHE D 108 -36.01 7.22 -20.53
N LEU D 109 -36.85 7.72 -19.62
CA LEU D 109 -37.99 6.98 -19.13
C LEU D 109 -39.03 6.80 -20.24
N LEU D 110 -39.17 7.83 -21.06
CA LEU D 110 -40.05 7.75 -22.22
C LEU D 110 -39.57 6.62 -23.12
N SER D 111 -38.27 6.58 -23.39
CA SER D 111 -37.70 5.61 -24.31
C SER D 111 -37.77 4.20 -23.78
N ALA D 112 -37.96 4.11 -22.47
CA ALA D 112 -37.93 2.84 -21.74
C ALA D 112 -39.28 2.12 -21.70
N GLY D 113 -40.32 2.77 -22.24
CA GLY D 113 -41.65 2.18 -22.26
C GLY D 113 -41.67 0.89 -23.06
N GLU D 114 -42.71 0.07 -22.82
CA GLU D 114 -42.86 -1.18 -23.56
C GLU D 114 -42.78 -0.92 -25.07
N LYS D 115 -41.88 -1.61 -25.74
CA LYS D 115 -41.71 -1.38 -27.17
C LYS D 115 -42.96 -1.67 -27.97
N GLY D 116 -43.33 -0.74 -28.83
CA GLY D 116 -44.59 -0.82 -29.53
C GLY D 116 -45.64 0.07 -28.89
N LYS D 117 -45.40 0.46 -27.63
CA LYS D 117 -46.33 1.27 -26.84
C LYS D 117 -45.72 2.57 -26.24
N ARG D 118 -44.73 3.14 -26.92
CA ARG D 118 -44.16 4.44 -26.55
C ARG D 118 -44.71 5.50 -27.52
N PHE D 119 -45.39 6.50 -26.95
CA PHE D 119 -46.13 7.47 -27.74
C PHE D 119 -45.69 8.90 -27.44
N ALA D 120 -45.94 9.79 -28.38
CA ALA D 120 -45.82 11.21 -28.13
C ALA D 120 -46.96 11.92 -28.84
N LEU D 121 -47.41 13.04 -28.28
CA LEU D 121 -48.37 13.94 -28.91
C LEU D 121 -47.64 14.76 -29.99
N PRO D 122 -48.36 15.26 -31.01
CA PRO D 122 -47.67 15.82 -32.19
C PRO D 122 -46.70 16.96 -31.91
N ASN D 123 -46.94 17.76 -30.88
CA ASN D 123 -46.05 18.89 -30.64
C ASN D 123 -45.17 18.72 -29.42
N SER D 124 -45.05 17.48 -28.94
CA SER D 124 -44.14 17.19 -27.84
C SER D 124 -42.68 17.43 -28.26
N ARG D 125 -41.86 17.78 -27.28
CA ARG D 125 -40.44 17.97 -27.54
C ARG D 125 -39.64 16.96 -26.77
N ILE D 126 -38.69 16.34 -27.44
CA ILE D 126 -37.78 15.44 -26.78
C ILE D 126 -36.36 15.98 -26.86
N MET D 127 -35.61 15.81 -25.76
CA MET D 127 -34.19 16.18 -25.75
C MET D 127 -33.35 15.15 -25.01
N ILE D 128 -32.23 14.77 -25.62
CA ILE D 128 -31.28 13.86 -25.00
C ILE D 128 -29.88 14.51 -24.99
N HIS D 129 -29.12 14.20 -23.95
CA HIS D 129 -27.73 14.61 -23.85
C HIS D 129 -26.95 13.73 -22.86
N GLN D 130 -25.67 13.99 -22.75
CA GLN D 130 -24.84 13.28 -21.79
C GLN D 130 -25.06 13.84 -20.37
N PRO D 131 -24.67 13.07 -19.32
CA PRO D 131 -24.84 13.53 -17.94
C PRO D 131 -24.17 14.87 -17.66
N LEU D 132 -24.82 15.64 -16.80
CA LEU D 132 -24.39 16.95 -16.31
C LEU D 132 -24.24 16.90 -14.80
N ILE D 133 -23.33 17.69 -14.25
CA ILE D 133 -23.43 17.98 -12.82
C ILE D 133 -23.43 19.49 -12.57
N SER D 134 -24.27 19.88 -11.63
CA SER D 134 -24.40 21.24 -11.10
C SER D 134 -23.98 21.27 -9.63
N GLY D 135 -23.49 22.41 -9.16
CA GLY D 135 -22.99 22.54 -7.80
C GLY D 135 -21.48 22.44 -7.80
N GLY D 136 -20.97 21.39 -8.43
CA GLY D 136 -19.54 21.21 -8.57
C GLY D 136 -18.88 20.04 -7.88
N LEU D 137 -17.70 19.72 -8.36
CA LEU D 137 -16.81 18.76 -7.75
C LEU D 137 -15.71 19.55 -7.04
N GLY D 138 -15.70 19.47 -5.71
CA GLY D 138 -14.68 20.15 -4.94
C GLY D 138 -14.08 19.32 -3.83
N GLY D 139 -12.84 19.63 -3.52
CA GLY D 139 -12.13 19.04 -2.41
C GLY D 139 -10.86 18.43 -2.92
N GLN D 140 -10.52 17.24 -2.43
CA GLN D 140 -9.26 16.65 -2.80
C GLN D 140 -9.30 16.02 -4.20
N ALA D 141 -8.19 16.16 -4.92
CA ALA D 141 -8.02 15.57 -6.24
C ALA D 141 -8.36 14.08 -6.23
N SER D 142 -8.01 13.37 -5.16
CA SER D 142 -8.38 11.96 -5.03
C SER D 142 -9.89 11.82 -5.13
N ASP D 143 -10.60 12.71 -4.44
CA ASP D 143 -12.07 12.63 -4.37
C ASP D 143 -12.71 13.03 -5.69
N ILE D 144 -12.12 14.03 -6.35
CA ILE D 144 -12.63 14.47 -7.63
C ILE D 144 -12.49 13.38 -8.70
N GLU D 145 -11.35 12.67 -8.70
CA GLU D 145 -11.16 11.53 -9.60
C GLU D 145 -12.24 10.46 -9.39
N ILE D 146 -12.52 10.14 -8.12
CA ILE D 146 -13.56 9.16 -7.80
C ILE D 146 -14.92 9.57 -8.39
N HIS D 147 -15.26 10.84 -8.26
CA HIS D 147 -16.55 11.32 -8.73
C HIS D 147 -16.60 11.49 -10.23
N ALA D 148 -15.48 11.87 -10.82
CA ALA D 148 -15.39 11.94 -12.26
C ALA D 148 -15.57 10.56 -12.87
N ARG D 149 -14.88 9.59 -12.28
CA ARG D 149 -14.90 8.21 -12.77
C ARG D 149 -16.35 7.66 -12.70
N GLU D 150 -17.04 7.98 -11.61
CA GLU D 150 -18.44 7.57 -11.42
C GLU D 150 -19.38 8.28 -12.42
N LEU D 151 -19.10 9.55 -12.71
CA LEU D 151 -19.92 10.27 -13.69
C LEU D 151 -19.76 9.64 -15.07
N LEU D 152 -18.55 9.22 -15.38
CA LEU D 152 -18.25 8.57 -16.67
C LEU D 152 -18.86 7.16 -16.73
N LYS D 153 -18.91 6.45 -15.60
CA LYS D 153 -19.60 5.17 -15.59
C LYS D 153 -21.09 5.38 -15.91
N ILE D 154 -21.69 6.45 -15.35
CA ILE D 154 -23.08 6.80 -15.64
C ILE D 154 -23.30 7.15 -17.11
N LYS D 155 -22.39 7.95 -17.66
CA LYS D 155 -22.46 8.29 -19.08
C LYS D 155 -22.45 7.03 -19.95
N GLU D 156 -21.54 6.09 -19.65
CA GLU D 156 -21.44 4.85 -20.43
C GLU D 156 -22.72 4.03 -20.29
N LYS D 157 -23.22 3.89 -19.06
CA LYS D 157 -24.42 3.10 -18.85
C LYS D 157 -25.62 3.67 -19.62
N LEU D 158 -25.83 4.99 -19.58
CA LEU D 158 -26.99 5.58 -20.23
C LEU D 158 -26.94 5.45 -21.73
N ASN D 159 -25.77 5.69 -22.32
CA ASN D 159 -25.66 5.52 -23.76
C ASN D 159 -25.96 4.09 -24.20
N ARG D 160 -25.47 3.13 -23.43
CA ARG D 160 -25.71 1.72 -23.72
C ARG D 160 -27.19 1.35 -23.56
N LEU D 161 -27.84 1.82 -22.51
CA LEU D 161 -29.26 1.53 -22.33
C LEU D 161 -30.13 2.26 -23.38
N MET D 162 -29.79 3.51 -23.69
CA MET D 162 -30.56 4.25 -24.68
C MET D 162 -30.46 3.62 -26.05
N ALA D 163 -29.24 3.17 -26.37
CA ALA D 163 -28.98 2.50 -27.63
C ALA D 163 -29.84 1.24 -27.75
N LYS D 164 -29.95 0.50 -26.65
CA LYS D 164 -30.78 -0.67 -26.63
C LYS D 164 -32.25 -0.28 -26.73
N HIS D 165 -32.67 0.76 -26.02
CA HIS D 165 -34.04 1.26 -26.11
C HIS D 165 -34.39 1.70 -27.55
N CYS D 166 -33.43 2.32 -28.22
CA CYS D 166 -33.68 2.88 -29.55
C CYS D 166 -33.35 1.92 -30.70
N ASP D 167 -32.79 0.76 -30.37
CA ASP D 167 -32.30 -0.19 -31.38
C ASP D 167 -31.34 0.49 -32.35
N ARG D 168 -30.30 1.09 -31.79
CA ARG D 168 -29.32 1.81 -32.57
C ARG D 168 -27.91 1.40 -32.12
N ASP D 169 -26.88 1.82 -32.83
CA ASP D 169 -25.52 1.47 -32.42
C ASP D 169 -25.13 2.34 -31.26
N LEU D 170 -24.39 1.74 -30.33
CA LEU D 170 -23.81 2.47 -29.22
C LEU D 170 -23.14 3.76 -29.69
N ALA D 171 -22.41 3.67 -30.82
CA ALA D 171 -21.66 4.82 -31.34
C ALA D 171 -22.58 5.97 -31.76
N ASP D 172 -23.77 5.64 -32.24
CA ASP D 172 -24.73 6.66 -32.64
C ASP D 172 -25.17 7.47 -31.42
N LEU D 173 -25.48 6.78 -30.32
CA LEU D 173 -25.92 7.45 -29.10
C LEU D 173 -24.80 8.32 -28.50
N GLU D 174 -23.57 7.82 -28.56
CA GLU D 174 -22.43 8.57 -28.08
C GLU D 174 -22.25 9.88 -28.86
N ARG D 175 -22.33 9.79 -30.18
CA ARG D 175 -22.21 10.98 -31.01
C ARG D 175 -23.40 11.93 -30.78
N ASP D 176 -24.61 11.37 -30.69
CA ASP D 176 -25.81 12.19 -30.68
C ASP D 176 -26.20 12.71 -29.29
N THR D 177 -25.47 12.31 -28.25
CA THR D 177 -25.77 12.85 -26.93
C THR D 177 -24.62 13.70 -26.40
N ASP D 178 -23.64 13.93 -27.26
CA ASP D 178 -22.47 14.70 -26.89
C ASP D 178 -22.84 16.12 -26.45
N ARG D 179 -23.81 16.72 -27.14
CA ARG D 179 -24.37 18.00 -26.72
C ARG D 179 -25.88 17.90 -26.77
N ASP D 180 -26.60 18.91 -26.26
CA ASP D 180 -28.07 18.89 -26.23
C ASP D 180 -28.61 18.58 -27.60
N ASN D 181 -29.46 17.56 -27.67
CA ASN D 181 -30.01 17.07 -28.91
C ASN D 181 -31.53 17.18 -28.87
N PHE D 182 -32.07 18.22 -29.48
CA PHE D 182 -33.51 18.43 -29.53
C PHE D 182 -34.13 17.68 -30.69
N MET D 183 -35.26 17.04 -30.41
CA MET D 183 -36.00 16.31 -31.42
C MET D 183 -37.48 16.62 -31.40
N SER D 184 -38.05 16.78 -32.58
CA SER D 184 -39.50 16.79 -32.72
C SER D 184 -40.06 15.38 -32.43
N ALA D 185 -41.38 15.30 -32.29
CA ALA D 185 -42.02 14.01 -32.13
C ALA D 185 -41.64 13.10 -33.33
N GLU D 186 -41.65 13.65 -34.54
CA GLU D 186 -41.33 12.85 -35.72
C GLU D 186 -39.88 12.36 -35.71
N GLU D 187 -38.95 13.25 -35.35
CA GLU D 187 -37.54 12.87 -35.31
C GLU D 187 -37.30 11.82 -34.21
N ALA D 188 -38.03 11.92 -33.10
CA ALA D 188 -37.87 10.94 -32.01
C ALA D 188 -38.34 9.56 -32.44
N LYS D 189 -39.41 9.51 -33.21
CA LYS D 189 -39.94 8.26 -33.77
C LYS D 189 -38.94 7.69 -34.79
N GLU D 190 -38.43 8.56 -35.66
CA GLU D 190 -37.42 8.16 -36.62
C GLU D 190 -36.17 7.70 -35.89
N TYR D 191 -35.88 8.32 -34.76
CA TYR D 191 -34.67 7.92 -34.06
C TYR D 191 -34.86 6.51 -33.47
N GLY D 192 -36.10 6.15 -33.14
CA GLY D 192 -36.37 4.87 -32.50
C GLY D 192 -36.63 5.02 -31.01
N LEU D 193 -36.80 6.26 -30.56
CA LEU D 193 -37.01 6.56 -29.15
C LEU D 193 -38.48 6.37 -28.76
N ILE D 194 -39.39 6.67 -29.69
CA ILE D 194 -40.82 6.42 -29.51
C ILE D 194 -41.31 5.58 -30.70
N ASP D 195 -42.53 5.04 -30.60
CA ASP D 195 -43.08 4.18 -31.66
C ASP D 195 -44.13 4.90 -32.54
N GLN D 196 -45.02 5.66 -31.91
CA GLN D 196 -46.09 6.30 -32.66
C GLN D 196 -46.37 7.70 -32.17
N ILE D 197 -46.81 8.53 -33.11
CA ILE D 197 -47.28 9.87 -32.79
C ILE D 197 -48.79 9.85 -32.91
N LEU D 198 -49.46 10.30 -31.85
CA LEU D 198 -50.92 10.31 -31.78
C LEU D 198 -51.56 11.61 -32.29
N GLU D 199 -51.94 11.68 -33.56
CA GLU D 199 -52.79 12.78 -34.01
C GLU D 199 -54.27 12.37 -33.98
N TYR E 8 -47.48 18.86 -3.51
CA TYR E 8 -47.15 17.45 -3.32
C TYR E 8 -48.40 16.67 -2.91
N LEU E 9 -49.31 16.56 -3.87
CA LEU E 9 -50.46 15.67 -3.75
C LEU E 9 -49.99 14.20 -3.60
N VAL E 10 -50.65 13.46 -2.72
CA VAL E 10 -50.44 12.01 -2.59
C VAL E 10 -51.74 11.29 -2.99
N PRO E 11 -51.66 10.44 -4.03
CA PRO E 11 -52.87 9.81 -4.55
C PRO E 11 -53.64 9.04 -3.48
N THR E 12 -54.96 9.08 -3.61
CA THR E 12 -55.85 8.28 -2.78
C THR E 12 -56.29 7.04 -3.57
N VAL E 13 -56.11 5.87 -2.96
CA VAL E 13 -56.57 4.60 -3.53
C VAL E 13 -57.59 3.90 -2.63
N ILE E 14 -58.30 2.95 -3.24
CA ILE E 14 -59.37 2.24 -2.56
C ILE E 14 -59.00 0.78 -2.30
N GLU E 15 -59.22 0.30 -1.09
CA GLU E 15 -59.02 -1.12 -0.81
C GLU E 15 -60.35 -1.82 -0.54
N GLN E 16 -60.46 -3.05 -1.05
CA GLN E 16 -61.59 -3.93 -0.78
C GLN E 16 -61.22 -4.93 0.31
N SER E 17 -62.22 -5.32 1.11
CA SER E 17 -62.02 -6.32 2.17
C SER E 17 -63.35 -6.78 2.70
N GLY E 18 -63.31 -7.72 3.64
CA GLY E 18 -64.50 -8.20 4.30
C GLY E 18 -65.26 -7.08 4.97
N ARG E 19 -66.57 -7.04 4.73
CA ARG E 19 -67.48 -6.03 5.29
C ARG E 19 -66.98 -4.59 5.11
N GLY E 20 -66.78 -4.17 3.86
CA GLY E 20 -66.49 -2.76 3.60
C GLY E 20 -65.62 -2.41 2.41
N GLU E 21 -65.38 -1.11 2.29
CA GLU E 21 -64.54 -0.53 1.27
C GLU E 21 -63.83 0.68 1.88
N ARG E 22 -62.51 0.77 1.72
CA ARG E 22 -61.76 1.75 2.50
C ARG E 22 -60.75 2.55 1.69
N ALA E 23 -60.64 3.85 2.02
CA ALA E 23 -59.83 4.79 1.26
C ALA E 23 -58.51 5.07 1.97
N PHE E 24 -57.42 5.03 1.20
CA PHE E 24 -56.08 5.19 1.78
C PHE E 24 -55.22 6.09 0.92
N ASP E 25 -54.34 6.88 1.53
CA ASP E 25 -53.24 7.47 0.79
C ASP E 25 -52.38 6.26 0.40
N ILE E 26 -51.72 6.35 -0.75
CA ILE E 26 -51.10 5.17 -1.35
C ILE E 26 -49.96 4.57 -0.51
N TYR E 27 -49.27 5.40 0.27
CA TYR E 27 -48.19 4.88 1.13
C TYR E 27 -48.76 4.11 2.33
N SER E 28 -49.87 4.57 2.89
CA SER E 28 -50.56 3.83 3.95
C SER E 28 -51.10 2.53 3.39
N ARG E 29 -51.48 2.58 2.12
CA ARG E 29 -51.93 1.39 1.42
C ARG E 29 -50.81 0.36 1.28
N LEU E 30 -49.60 0.81 0.97
CA LEU E 30 -48.45 -0.10 0.88
C LEU E 30 -48.01 -0.60 2.26
N LEU E 31 -48.24 0.21 3.31
CA LEU E 31 -47.90 -0.20 4.66
C LEU E 31 -48.72 -1.42 5.07
N LYS E 32 -49.97 -1.52 4.62
CA LYS E 32 -50.77 -2.72 4.89
C LYS E 32 -50.14 -3.99 4.38
N GLU E 33 -49.32 -3.88 3.34
CA GLU E 33 -48.62 -5.04 2.83
C GLU E 33 -47.24 -5.16 3.43
N ARG E 34 -47.01 -4.42 4.51
CA ARG E 34 -45.75 -4.50 5.27
C ARG E 34 -44.55 -3.96 4.47
N ILE E 35 -44.84 -3.01 3.60
CA ILE E 35 -43.78 -2.25 2.92
C ILE E 35 -43.57 -0.91 3.64
N VAL E 36 -42.34 -0.66 4.05
CA VAL E 36 -41.97 0.59 4.74
C VAL E 36 -40.87 1.29 3.95
N PHE E 37 -41.00 2.60 3.76
CA PHE E 37 -40.04 3.39 2.96
C PHE E 37 -39.10 4.23 3.80
N LEU E 38 -37.83 4.26 3.39
CA LEU E 38 -36.89 5.30 3.79
C LEU E 38 -36.45 5.98 2.50
N VAL E 39 -36.97 7.18 2.28
CA VAL E 39 -36.72 7.93 1.06
C VAL E 39 -36.16 9.30 1.36
N GLY E 40 -35.04 9.66 0.75
CA GLY E 40 -34.45 10.95 1.03
C GLY E 40 -33.58 10.88 2.27
N PRO E 41 -33.15 12.05 2.77
CA PRO E 41 -32.20 12.12 3.90
C PRO E 41 -32.74 11.48 5.18
N VAL E 42 -31.86 10.80 5.89
CA VAL E 42 -32.21 10.20 7.15
C VAL E 42 -32.14 11.24 8.25
N THR E 43 -33.30 11.59 8.81
CA THR E 43 -33.36 12.52 9.92
C THR E 43 -34.01 11.84 11.11
N ASP E 44 -33.94 12.50 12.27
CA ASP E 44 -34.63 12.02 13.46
C ASP E 44 -36.10 11.74 13.19
N GLU E 45 -36.75 12.65 12.46
CA GLU E 45 -38.17 12.50 12.18
C GLU E 45 -38.45 11.41 11.14
N SER E 46 -37.65 11.33 10.08
CA SER E 46 -37.83 10.27 9.06
C SER E 46 -37.43 8.90 9.62
N ALA E 47 -36.39 8.87 10.45
CA ALA E 47 -35.97 7.62 11.07
C ALA E 47 -36.99 7.14 12.11
N ASN E 48 -37.51 8.05 12.92
CA ASN E 48 -38.46 7.68 13.95
C ASN E 48 -39.76 7.20 13.34
N LEU E 49 -40.13 7.79 12.21
CA LEU E 49 -41.31 7.34 11.48
C LEU E 49 -41.14 5.88 11.02
N VAL E 50 -39.95 5.54 10.53
CA VAL E 50 -39.62 4.15 10.15
C VAL E 50 -39.72 3.20 11.37
N VAL E 51 -39.09 3.61 12.48
CA VAL E 51 -39.15 2.87 13.71
C VAL E 51 -40.61 2.61 14.12
N ALA E 52 -41.44 3.66 14.02
CA ALA E 52 -42.86 3.56 14.39
C ALA E 52 -43.60 2.54 13.51
N GLN E 53 -43.30 2.55 12.21
CA GLN E 53 -43.93 1.62 11.29
C GLN E 53 -43.47 0.16 11.52
N LEU E 54 -42.17 -0.01 11.82
CA LEU E 54 -41.64 -1.34 12.09
C LEU E 54 -42.31 -1.96 13.34
N LEU E 55 -42.41 -1.17 14.42
CA LEU E 55 -43.00 -1.64 15.68
C LEU E 55 -44.48 -1.99 15.46
N PHE E 56 -45.17 -1.15 14.70
CA PHE E 56 -46.57 -1.39 14.40
C PHE E 56 -46.77 -2.70 13.61
N LEU E 57 -45.93 -2.93 12.60
CA LEU E 57 -46.07 -4.12 11.75
C LEU E 57 -45.82 -5.39 12.55
N GLU E 58 -44.85 -5.33 13.47
CA GLU E 58 -44.57 -6.45 14.37
C GLU E 58 -45.78 -6.75 15.26
N SER E 59 -46.45 -5.70 15.74
CA SER E 59 -47.62 -5.89 16.61
C SER E 59 -48.79 -6.49 15.82
N GLU E 60 -48.88 -6.15 14.54
CA GLU E 60 -49.90 -6.72 13.67
C GLU E 60 -49.64 -8.20 13.42
N ASN E 61 -48.37 -8.53 13.23
CA ASN E 61 -47.97 -9.91 12.99
C ASN E 61 -46.48 -10.06 13.21
N PRO E 62 -46.11 -10.72 14.32
CA PRO E 62 -44.70 -10.84 14.71
C PRO E 62 -43.89 -11.83 13.89
N ASP E 63 -44.54 -12.58 13.00
CA ASP E 63 -43.82 -13.63 12.29
C ASP E 63 -43.63 -13.32 10.81
N LYS E 64 -44.49 -12.47 10.25
CA LYS E 64 -44.36 -12.14 8.83
C LYS E 64 -43.20 -11.16 8.59
N ASP E 65 -42.48 -11.39 7.48
CA ASP E 65 -41.43 -10.50 7.05
C ASP E 65 -41.95 -9.08 6.90
N ILE E 66 -41.05 -8.12 7.06
CA ILE E 66 -41.31 -6.72 6.81
C ILE E 66 -40.41 -6.33 5.64
N PHE E 67 -40.92 -5.47 4.75
CA PHE E 67 -40.15 -5.07 3.59
C PHE E 67 -39.77 -3.59 3.63
N PHE E 68 -38.47 -3.37 3.82
CA PHE E 68 -37.92 -2.05 4.02
C PHE E 68 -37.29 -1.56 2.70
N TYR E 69 -37.99 -0.65 2.00
CA TYR E 69 -37.52 -0.09 0.73
C TYR E 69 -36.73 1.18 0.97
N ILE E 70 -35.49 1.16 0.50
CA ILE E 70 -34.56 2.26 0.75
C ILE E 70 -34.12 2.99 -0.51
N ASN E 71 -34.43 4.30 -0.57
CA ASN E 71 -33.84 5.23 -1.54
C ASN E 71 -33.40 6.50 -0.82
N SER E 72 -32.16 6.50 -0.35
CA SER E 72 -31.68 7.53 0.54
C SER E 72 -30.20 7.80 0.34
N PRO E 73 -29.81 9.07 0.43
CA PRO E 73 -28.39 9.44 0.34
C PRO E 73 -27.67 9.29 1.69
N GLY E 74 -28.40 8.87 2.71
CA GLY E 74 -27.83 8.78 4.04
C GLY E 74 -28.31 9.94 4.91
N GLY E 75 -27.52 10.31 5.91
CA GLY E 75 -27.95 11.35 6.82
C GLY E 75 -27.37 11.14 8.20
N SER E 76 -28.19 11.39 9.23
CA SER E 76 -27.77 11.35 10.64
C SER E 76 -27.37 9.94 11.09
N VAL E 77 -26.17 9.79 11.67
CA VAL E 77 -25.71 8.50 12.15
C VAL E 77 -26.58 7.97 13.33
N THR E 78 -26.86 8.81 14.33
CA THR E 78 -27.67 8.36 15.49
C THR E 78 -29.10 8.02 15.06
N ALA E 79 -29.67 8.83 14.15
CA ALA E 79 -31.00 8.55 13.61
C ALA E 79 -31.02 7.21 12.85
N GLY E 80 -29.98 7.00 12.04
CA GLY E 80 -29.83 5.71 11.38
C GLY E 80 -29.71 4.56 12.37
N MET E 81 -28.99 4.77 13.47
CA MET E 81 -28.81 3.72 14.46
C MET E 81 -30.12 3.35 15.13
N SER E 82 -31.05 4.30 15.25
CA SER E 82 -32.31 3.97 15.86
C SER E 82 -33.10 3.01 14.99
N ILE E 83 -33.01 3.16 13.66
CA ILE E 83 -33.65 2.21 12.72
C ILE E 83 -32.93 0.88 12.78
N TYR E 84 -31.60 0.94 12.70
CA TYR E 84 -30.76 -0.25 12.77
C TYR E 84 -31.08 -1.15 13.98
N ASP E 85 -31.10 -0.56 15.17
CA ASP E 85 -31.32 -1.30 16.40
C ASP E 85 -32.74 -1.86 16.45
N THR E 86 -33.68 -1.12 15.87
CA THR E 86 -35.07 -1.57 15.81
C THR E 86 -35.20 -2.77 14.86
N MET E 87 -34.53 -2.72 13.70
CA MET E 87 -34.49 -3.86 12.77
C MET E 87 -33.99 -5.12 13.49
N ASN E 88 -32.94 -4.95 14.27
CA ASN E 88 -32.32 -6.07 14.98
C ASN E 88 -33.14 -6.58 16.14
N PHE E 89 -33.92 -5.69 16.75
CA PHE E 89 -34.64 -6.08 17.96
C PHE E 89 -35.87 -6.92 17.70
N ILE E 90 -36.71 -6.47 16.77
CA ILE E 90 -38.03 -7.07 16.57
C ILE E 90 -37.97 -8.49 16.03
N LYS E 91 -39.02 -9.26 16.26
CA LYS E 91 -39.04 -10.66 15.84
C LYS E 91 -39.06 -10.82 14.29
N PRO E 92 -39.91 -10.04 13.56
CA PRO E 92 -39.93 -10.21 12.10
C PRO E 92 -38.58 -9.97 11.40
N ASP E 93 -38.33 -10.78 10.38
CA ASP E 93 -37.25 -10.53 9.44
C ASP E 93 -37.52 -9.21 8.72
N VAL E 94 -36.50 -8.38 8.69
CA VAL E 94 -36.59 -7.17 7.91
C VAL E 94 -35.80 -7.35 6.63
N SER E 95 -36.52 -7.64 5.55
CA SER E 95 -35.94 -7.67 4.23
C SER E 95 -35.63 -6.24 3.88
N THR E 96 -34.49 -6.01 3.23
CA THR E 96 -34.20 -4.67 2.75
C THR E 96 -34.10 -4.67 1.24
N LEU E 97 -34.54 -3.58 0.61
CA LEU E 97 -34.47 -3.46 -0.85
C LEU E 97 -34.01 -2.07 -1.26
N CYS E 98 -32.97 -2.01 -2.09
CA CYS E 98 -32.51 -0.74 -2.59
C CYS E 98 -33.09 -0.37 -3.96
N LEU E 99 -33.81 0.74 -4.02
CA LEU E 99 -34.19 1.33 -5.31
C LEU E 99 -33.60 2.72 -5.41
N GLY E 100 -33.04 3.04 -6.56
CA GLY E 100 -32.40 4.32 -6.73
C GLY E 100 -31.01 4.32 -6.14
N GLN E 101 -30.90 4.62 -4.85
CA GLN E 101 -29.58 4.58 -4.21
C GLN E 101 -29.65 4.25 -2.72
N ALA E 102 -28.57 3.68 -2.23
CA ALA E 102 -28.36 3.50 -0.82
C ALA E 102 -26.94 3.96 -0.54
N ALA E 103 -26.84 5.18 -0.05
CA ALA E 103 -25.54 5.78 0.22
C ALA E 103 -25.36 6.06 1.70
N SER E 104 -24.14 5.86 2.17
CA SER E 104 -23.76 6.08 3.59
C SER E 104 -24.66 5.32 4.52
N MET E 105 -25.34 6.02 5.42
CA MET E 105 -26.25 5.36 6.36
C MET E 105 -27.32 4.60 5.59
N GLY E 106 -27.65 5.04 4.38
CA GLY E 106 -28.54 4.28 3.54
C GLY E 106 -27.98 2.89 3.20
N ALA E 107 -26.68 2.86 2.87
CA ALA E 107 -26.02 1.59 2.53
C ALA E 107 -25.88 0.71 3.77
N PHE E 108 -25.62 1.35 4.91
CA PHE E 108 -25.52 0.66 6.20
C PHE E 108 -26.82 -0.06 6.52
N LEU E 109 -27.94 0.64 6.39
CA LEU E 109 -29.24 0.04 6.72
C LEU E 109 -29.56 -1.08 5.72
N LEU E 110 -29.21 -0.86 4.46
CA LEU E 110 -29.41 -1.87 3.42
C LEU E 110 -28.67 -3.15 3.76
N SER E 111 -27.40 -3.01 4.13
CA SER E 111 -26.54 -4.15 4.42
C SER E 111 -27.02 -4.87 5.67
N ALA E 112 -27.88 -4.20 6.43
CA ALA E 112 -28.40 -4.70 7.71
C ALA E 112 -29.64 -5.56 7.64
N GLY E 113 -30.22 -5.74 6.46
CA GLY E 113 -31.41 -6.57 6.35
C GLY E 113 -31.12 -8.01 6.73
N GLU E 114 -32.16 -8.79 7.01
CA GLU E 114 -31.97 -10.22 7.30
C GLU E 114 -31.17 -10.84 6.16
N LYS E 115 -30.06 -11.50 6.50
CA LYS E 115 -29.15 -12.08 5.51
C LYS E 115 -29.92 -13.11 4.69
N GLY E 116 -29.77 -13.03 3.36
CA GLY E 116 -30.58 -13.82 2.44
C GLY E 116 -31.73 -13.00 1.87
N LYS E 117 -32.09 -11.90 2.53
CA LYS E 117 -33.25 -11.08 2.11
C LYS E 117 -32.90 -9.59 1.88
N ARG E 118 -31.65 -9.35 1.50
CA ARG E 118 -31.18 -8.03 1.11
C ARG E 118 -31.10 -7.93 -0.42
N PHE E 119 -31.87 -7.02 -1.01
CA PHE E 119 -32.01 -6.93 -2.46
C PHE E 119 -31.65 -5.55 -2.99
N ALA E 120 -31.30 -5.52 -4.27
CA ALA E 120 -31.19 -4.29 -5.02
C ALA E 120 -31.79 -4.52 -6.41
N LEU E 121 -32.39 -3.46 -6.95
CA LEU E 121 -32.88 -3.45 -8.32
C LEU E 121 -31.66 -3.30 -9.24
N PRO E 122 -31.76 -3.71 -10.51
CA PRO E 122 -30.53 -3.83 -11.33
C PRO E 122 -29.73 -2.53 -11.48
N ASN E 123 -30.37 -1.37 -11.46
CA ASN E 123 -29.59 -0.16 -11.67
C ASN E 123 -29.38 0.68 -10.43
N SER E 124 -29.61 0.08 -9.28
CA SER E 124 -29.40 0.73 -8.00
C SER E 124 -27.93 1.05 -7.83
N ARG E 125 -27.64 2.10 -7.08
CA ARG E 125 -26.26 2.46 -6.80
C ARG E 125 -26.04 2.41 -5.29
N ILE E 126 -24.95 1.79 -4.86
CA ILE E 126 -24.61 1.74 -3.46
C ILE E 126 -23.33 2.55 -3.26
N MET E 127 -23.25 3.29 -2.16
CA MET E 127 -21.98 3.95 -1.84
C MET E 127 -21.71 3.90 -0.35
N ILE E 128 -20.47 3.53 0.01
CA ILE E 128 -20.09 3.46 1.41
C ILE E 128 -18.86 4.36 1.60
N HIS E 129 -18.69 5.01 2.76
CA HIS E 129 -17.48 5.77 3.01
C HIS E 129 -17.33 5.98 4.52
N GLN E 130 -16.24 6.60 4.96
CA GLN E 130 -16.06 6.84 6.39
C GLN E 130 -16.89 8.02 6.83
N PRO E 131 -17.14 8.16 8.15
CA PRO E 131 -17.94 9.30 8.62
C PRO E 131 -17.36 10.68 8.26
N LEU E 132 -18.27 11.60 7.97
CA LEU E 132 -17.99 12.99 7.63
C LEU E 132 -18.64 13.84 8.70
N ILE E 133 -18.09 15.01 9.01
CA ILE E 133 -18.90 15.98 9.71
C ILE E 133 -18.92 17.15 8.76
N SER E 134 -20.08 17.75 8.61
CA SER E 134 -20.22 18.87 7.70
C SER E 134 -19.65 20.13 8.33
N GLY E 135 -18.65 20.70 7.66
CA GLY E 135 -17.88 21.84 8.12
C GLY E 135 -17.75 22.12 9.60
N GLY E 136 -18.90 22.28 10.26
CA GLY E 136 -19.05 22.60 11.68
C GLY E 136 -18.10 22.11 12.78
N LEU E 137 -17.43 23.04 13.44
CA LEU E 137 -16.69 22.82 14.70
C LEU E 137 -15.91 24.11 15.11
N GLY E 138 -16.19 24.52 16.33
CA GLY E 138 -15.48 25.56 17.02
C GLY E 138 -15.19 25.02 18.40
N GLY E 139 -14.05 25.44 18.96
CA GLY E 139 -13.91 25.43 20.40
C GLY E 139 -12.48 25.33 20.83
N GLN E 140 -12.33 24.99 22.10
CA GLN E 140 -11.02 24.85 22.71
C GLN E 140 -10.42 23.54 22.24
N ALA E 141 -9.10 23.49 22.16
CA ALA E 141 -8.39 22.27 21.77
C ALA E 141 -8.92 21.03 22.51
N SER E 142 -9.25 21.18 23.80
CA SER E 142 -9.86 20.09 24.59
C SER E 142 -11.19 19.55 23.99
N ASP E 143 -12.02 20.46 23.50
CA ASP E 143 -13.33 20.08 22.96
C ASP E 143 -13.16 19.39 21.59
N ILE E 144 -12.22 19.88 20.79
CA ILE E 144 -11.94 19.31 19.46
C ILE E 144 -11.43 17.88 19.63
N GLU E 145 -10.56 17.68 20.62
CA GLU E 145 -10.06 16.36 20.92
C GLU E 145 -11.20 15.40 21.27
N ILE E 146 -12.10 15.85 22.12
CA ILE E 146 -13.23 15.03 22.52
C ILE E 146 -14.10 14.67 21.32
N HIS E 147 -14.38 15.62 20.42
CA HIS E 147 -15.25 15.33 19.28
C HIS E 147 -14.56 14.55 18.15
N ALA E 148 -13.27 14.78 17.96
CA ALA E 148 -12.46 13.97 17.05
C ALA E 148 -12.42 12.53 17.51
N ARG E 149 -12.22 12.35 18.81
CA ARG E 149 -12.16 11.03 19.43
C ARG E 149 -13.47 10.28 19.24
N GLU E 150 -14.57 11.00 19.42
CA GLU E 150 -15.91 10.43 19.25
C GLU E 150 -16.20 10.06 17.80
N LEU E 151 -15.76 10.92 16.89
CA LEU E 151 -15.94 10.67 15.47
C LEU E 151 -15.14 9.43 15.09
N LEU E 152 -13.96 9.25 15.70
CA LEU E 152 -13.14 8.06 15.44
C LEU E 152 -13.76 6.78 16.01
N LYS E 153 -14.45 6.88 17.15
CA LYS E 153 -15.15 5.71 17.68
C LYS E 153 -16.26 5.26 16.76
N ILE E 154 -16.99 6.23 16.22
CA ILE E 154 -18.07 5.96 15.29
C ILE E 154 -17.49 5.31 14.05
N LYS E 155 -16.36 5.84 13.58
CA LYS E 155 -15.71 5.27 12.41
C LYS E 155 -15.36 3.81 12.69
N GLU E 156 -14.78 3.52 13.85
CA GLU E 156 -14.39 2.15 14.19
C GLU E 156 -15.63 1.24 14.28
N LYS E 157 -16.69 1.72 14.91
CA LYS E 157 -17.90 0.92 15.05
C LYS E 157 -18.51 0.56 13.69
N LEU E 158 -18.59 1.54 12.80
CA LEU E 158 -19.24 1.36 11.51
C LEU E 158 -18.47 0.35 10.67
N ASN E 159 -17.13 0.43 10.70
CA ASN E 159 -16.30 -0.54 10.01
C ASN E 159 -16.48 -1.96 10.55
N ARG E 160 -16.50 -2.07 11.87
CA ARG E 160 -16.70 -3.38 12.49
C ARG E 160 -18.08 -3.95 12.15
N LEU E 161 -19.11 -3.13 12.22
CA LEU E 161 -20.47 -3.59 11.93
C LEU E 161 -20.66 -3.90 10.45
N MET E 162 -20.09 -3.07 9.59
CA MET E 162 -20.21 -3.30 8.15
C MET E 162 -19.49 -4.59 7.75
N ALA E 163 -18.32 -4.82 8.34
CA ALA E 163 -17.58 -6.03 8.06
C ALA E 163 -18.41 -7.26 8.41
N LYS E 164 -19.11 -7.18 9.54
CA LYS E 164 -19.95 -8.27 9.98
C LYS E 164 -21.19 -8.44 9.09
N HIS E 165 -21.81 -7.33 8.67
CA HIS E 165 -22.94 -7.39 7.74
C HIS E 165 -22.49 -8.04 6.44
N CYS E 166 -21.27 -7.70 6.04
CA CYS E 166 -20.73 -8.09 4.74
C CYS E 166 -19.96 -9.40 4.79
N ASP E 167 -19.80 -9.97 6.00
CA ASP E 167 -19.04 -11.20 6.23
C ASP E 167 -17.68 -11.07 5.60
N ARG E 168 -16.99 -9.98 5.96
CA ARG E 168 -15.73 -9.64 5.35
C ARG E 168 -14.74 -9.28 6.44
N ASP E 169 -13.46 -9.13 6.09
CA ASP E 169 -12.48 -8.78 7.08
C ASP E 169 -12.58 -7.28 7.31
N LEU E 170 -12.44 -6.91 8.58
CA LEU E 170 -12.41 -5.54 9.01
C LEU E 170 -11.46 -4.69 8.17
N ALA E 171 -10.27 -5.25 7.89
CA ALA E 171 -9.23 -4.52 7.17
C ALA E 171 -9.70 -4.14 5.77
N ASP E 172 -10.57 -4.98 5.19
CA ASP E 172 -11.15 -4.69 3.90
C ASP E 172 -12.05 -3.45 4.01
N LEU E 173 -12.94 -3.44 5.00
CA LEU E 173 -13.86 -2.33 5.15
C LEU E 173 -13.09 -1.04 5.43
N GLU E 174 -12.05 -1.14 6.26
CA GLU E 174 -11.21 0.00 6.57
C GLU E 174 -10.57 0.52 5.29
N ARG E 175 -10.06 -0.39 4.47
CA ARG E 175 -9.45 -0.01 3.20
C ARG E 175 -10.47 0.57 2.23
N ASP E 176 -11.63 -0.07 2.17
CA ASP E 176 -12.58 0.24 1.11
C ASP E 176 -13.51 1.39 1.43
N THR E 177 -13.45 1.93 2.65
CA THR E 177 -14.31 3.06 3.02
C THR E 177 -13.49 4.32 3.29
N ASP E 178 -12.19 4.26 3.05
CA ASP E 178 -11.31 5.40 3.28
C ASP E 178 -11.78 6.63 2.51
N ARG E 179 -12.24 6.41 1.28
CA ARG E 179 -12.87 7.43 0.41
C ARG E 179 -14.17 6.92 -0.24
N ASP E 180 -14.93 7.80 -0.91
CA ASP E 180 -16.23 7.42 -1.50
C ASP E 180 -16.08 6.17 -2.35
N ASN E 181 -16.89 5.17 -2.04
CA ASN E 181 -16.79 3.91 -2.73
C ASN E 181 -18.11 3.54 -3.36
N PHE E 182 -18.22 3.83 -4.65
CA PHE E 182 -19.42 3.53 -5.41
C PHE E 182 -19.44 2.12 -5.93
N MET E 183 -20.58 1.45 -5.78
CA MET E 183 -20.77 0.08 -6.26
C MET E 183 -22.05 -0.05 -7.08
N SER E 184 -21.96 -0.78 -8.18
CA SER E 184 -23.16 -1.26 -8.88
C SER E 184 -23.85 -2.31 -8.01
N ALA E 185 -25.07 -2.69 -8.40
CA ALA E 185 -25.79 -3.76 -7.70
C ALA E 185 -24.95 -5.04 -7.72
N GLU E 186 -24.38 -5.33 -8.89
CA GLU E 186 -23.59 -6.55 -9.06
C GLU E 186 -22.38 -6.49 -8.12
N GLU E 187 -21.72 -5.34 -8.05
CA GLU E 187 -20.57 -5.21 -7.16
C GLU E 187 -20.94 -5.29 -5.67
N ALA E 188 -22.11 -4.75 -5.32
CA ALA E 188 -22.55 -4.78 -3.94
C ALA E 188 -22.80 -6.21 -3.49
N LYS E 189 -23.36 -7.02 -4.40
CA LYS E 189 -23.58 -8.44 -4.15
C LYS E 189 -22.23 -9.21 -4.06
N GLU E 190 -21.32 -8.92 -4.97
CA GLU E 190 -19.97 -9.52 -4.91
C GLU E 190 -19.27 -9.14 -3.60
N TYR E 191 -19.50 -7.91 -3.13
CA TYR E 191 -18.86 -7.44 -1.91
C TYR E 191 -19.46 -8.11 -0.66
N GLY E 192 -20.72 -8.52 -0.74
CA GLY E 192 -21.38 -9.17 0.37
C GLY E 192 -22.40 -8.29 1.08
N LEU E 193 -22.66 -7.13 0.47
CA LEU E 193 -23.55 -6.12 1.04
C LEU E 193 -25.04 -6.40 0.82
N ILE E 194 -25.36 -7.01 -0.31
CA ILE E 194 -26.73 -7.46 -0.56
C ILE E 194 -26.68 -8.92 -0.96
N ASP E 195 -27.84 -9.57 -1.04
CA ASP E 195 -27.84 -10.98 -1.36
C ASP E 195 -28.18 -11.24 -2.84
N GLN E 196 -29.19 -10.55 -3.36
CA GLN E 196 -29.67 -10.82 -4.71
C GLN E 196 -30.04 -9.54 -5.46
N ILE E 197 -29.94 -9.62 -6.77
CA ILE E 197 -30.41 -8.57 -7.64
C ILE E 197 -31.70 -9.01 -8.32
N LEU E 198 -32.73 -8.18 -8.21
CA LEU E 198 -34.02 -8.51 -8.80
C LEU E 198 -34.08 -8.10 -10.28
N GLU E 199 -34.53 -8.98 -11.16
CA GLU E 199 -34.70 -8.59 -12.56
C GLU E 199 -36.16 -8.59 -12.99
N TYR F 8 -44.65 16.58 6.98
CA TYR F 8 -44.48 15.31 6.27
C TYR F 8 -45.71 14.42 6.39
N LEU F 9 -45.86 13.48 5.46
CA LEU F 9 -46.94 12.52 5.53
C LEU F 9 -46.75 11.51 6.69
N VAL F 10 -47.71 11.47 7.60
CA VAL F 10 -47.71 10.45 8.65
C VAL F 10 -48.72 9.37 8.25
N PRO F 11 -48.24 8.11 8.10
CA PRO F 11 -49.09 6.98 7.68
C PRO F 11 -50.33 6.82 8.56
N THR F 12 -51.42 6.35 7.96
CA THR F 12 -52.64 5.99 8.69
C THR F 12 -52.76 4.48 8.81
N VAL F 13 -53.16 4.02 10.00
CA VAL F 13 -53.33 2.59 10.23
C VAL F 13 -54.69 2.31 10.86
N ILE F 14 -55.19 1.10 10.65
CA ILE F 14 -56.51 0.74 11.16
C ILE F 14 -56.37 -0.19 12.35
N GLU F 15 -57.11 0.10 13.42
CA GLU F 15 -57.16 -0.80 14.55
C GLU F 15 -58.46 -1.59 14.52
N GLN F 16 -58.31 -2.90 14.71
CA GLN F 16 -59.45 -3.79 14.98
C GLN F 16 -60.20 -3.36 16.23
N SER F 17 -61.25 -2.58 16.04
CA SER F 17 -62.14 -2.19 17.15
C SER F 17 -63.34 -3.12 17.23
N GLY F 18 -64.39 -2.66 17.90
CA GLY F 18 -65.58 -3.49 18.12
C GLY F 18 -66.46 -3.56 16.89
N ARG F 19 -67.75 -3.35 17.09
CA ARG F 19 -68.60 -3.08 15.94
C ARG F 19 -68.03 -1.80 15.31
N GLY F 20 -67.24 -2.00 14.25
CA GLY F 20 -66.58 -0.89 13.59
C GLY F 20 -65.07 -1.03 13.55
N GLU F 21 -64.45 -0.10 12.82
CA GLU F 21 -63.00 -0.03 12.67
C GLU F 21 -62.58 1.44 12.70
N ARG F 22 -61.44 1.74 13.31
CA ARG F 22 -61.03 3.15 13.41
C ARG F 22 -59.61 3.37 12.87
N ALA F 23 -59.49 4.44 12.07
CA ALA F 23 -58.22 4.91 11.55
C ALA F 23 -57.47 5.77 12.56
N PHE F 24 -56.17 5.54 12.69
CA PHE F 24 -55.30 6.34 13.55
C PHE F 24 -54.08 6.78 12.72
N ASP F 25 -53.55 7.98 12.97
CA ASP F 25 -52.18 8.24 12.51
C ASP F 25 -51.31 7.34 13.39
N ILE F 26 -50.17 6.90 12.87
CA ILE F 26 -49.43 5.85 13.54
C ILE F 26 -48.93 6.25 14.94
N TYR F 27 -48.66 7.54 15.19
CA TYR F 27 -48.20 7.93 16.53
C TYR F 27 -49.34 7.89 17.55
N SER F 28 -50.55 8.28 17.13
CA SER F 28 -51.71 8.17 18.01
C SER F 28 -52.00 6.70 18.32
N ARG F 29 -51.73 5.82 17.34
CA ARG F 29 -51.87 4.37 17.57
C ARG F 29 -50.89 3.88 18.63
N LEU F 30 -49.65 4.35 18.57
CA LEU F 30 -48.68 3.96 19.56
C LEU F 30 -48.93 4.58 20.94
N LEU F 31 -49.55 5.77 20.98
CA LEU F 31 -49.95 6.38 22.26
C LEU F 31 -50.95 5.49 22.96
N LYS F 32 -51.80 4.85 22.16
CA LYS F 32 -52.80 3.92 22.69
C LYS F 32 -52.17 2.78 23.51
N GLU F 33 -50.94 2.42 23.18
CA GLU F 33 -50.20 1.42 23.97
C GLU F 33 -49.30 2.07 25.03
N ARG F 34 -49.59 3.33 25.34
CA ARG F 34 -48.89 4.04 26.40
C ARG F 34 -47.42 4.33 26.04
N ILE F 35 -47.15 4.46 24.74
CA ILE F 35 -45.84 4.89 24.27
C ILE F 35 -45.86 6.39 23.92
N VAL F 36 -44.94 7.15 24.50
CA VAL F 36 -44.83 8.58 24.26
C VAL F 36 -43.45 8.90 23.68
N PHE F 37 -43.39 9.73 22.65
CA PHE F 37 -42.11 10.08 22.02
C PHE F 37 -41.58 11.49 22.36
N LEU F 38 -40.28 11.58 22.64
CA LEU F 38 -39.61 12.87 22.58
C LEU F 38 -38.56 12.73 21.49
N VAL F 39 -38.81 13.32 20.33
CA VAL F 39 -37.91 13.22 19.19
C VAL F 39 -37.50 14.61 18.75
N GLY F 40 -36.21 14.83 18.61
CA GLY F 40 -35.72 16.15 18.21
C GLY F 40 -35.54 17.07 19.39
N PRO F 41 -35.31 18.36 19.11
CA PRO F 41 -35.04 19.34 20.16
C PRO F 41 -36.19 19.53 21.16
N VAL F 42 -35.82 19.69 22.42
CA VAL F 42 -36.77 19.99 23.47
C VAL F 42 -37.10 21.48 23.44
N THR F 43 -38.36 21.78 23.10
CA THR F 43 -38.89 23.15 23.09
C THR F 43 -40.04 23.22 24.08
N ASP F 44 -40.50 24.41 24.40
CA ASP F 44 -41.70 24.56 25.25
C ASP F 44 -42.86 23.77 24.66
N GLU F 45 -42.97 23.83 23.35
CA GLU F 45 -44.07 23.20 22.64
C GLU F 45 -43.95 21.68 22.57
N SER F 46 -42.77 21.14 22.28
CA SER F 46 -42.62 19.69 22.23
C SER F 46 -42.69 19.09 23.63
N ALA F 47 -42.16 19.81 24.62
CA ALA F 47 -42.20 19.34 26.02
C ALA F 47 -43.62 19.34 26.56
N ASN F 48 -44.37 20.41 26.28
CA ASN F 48 -45.71 20.50 26.82
C ASN F 48 -46.60 19.43 26.20
N LEU F 49 -46.35 19.09 24.93
CA LEU F 49 -47.05 17.98 24.28
C LEU F 49 -46.79 16.65 25.02
N VAL F 50 -45.53 16.41 25.39
CA VAL F 50 -45.20 15.24 26.20
C VAL F 50 -45.93 15.28 27.56
N VAL F 51 -45.88 16.44 28.23
CA VAL F 51 -46.59 16.60 29.51
C VAL F 51 -48.07 16.25 29.38
N ALA F 52 -48.69 16.72 28.29
CA ALA F 52 -50.10 16.48 28.04
C ALA F 52 -50.40 14.96 27.90
N GLN F 53 -49.52 14.24 27.19
CA GLN F 53 -49.72 12.82 26.96
C GLN F 53 -49.56 11.99 28.24
N LEU F 54 -48.58 12.37 29.07
CA LEU F 54 -48.36 11.69 30.35
C LEU F 54 -49.59 11.83 31.22
N LEU F 55 -50.13 13.04 31.29
CA LEU F 55 -51.33 13.32 32.08
C LEU F 55 -52.53 12.52 31.59
N PHE F 56 -52.69 12.47 30.27
CA PHE F 56 -53.77 11.72 29.65
C PHE F 56 -53.63 10.23 29.93
N LEU F 57 -52.40 9.73 29.81
CA LEU F 57 -52.17 8.31 30.03
C LEU F 57 -52.45 7.91 31.47
N GLU F 58 -52.06 8.77 32.41
CA GLU F 58 -52.35 8.55 33.82
C GLU F 58 -53.85 8.52 34.04
N SER F 59 -54.55 9.41 33.35
CA SER F 59 -56.00 9.50 33.46
C SER F 59 -56.69 8.22 32.95
N GLU F 60 -56.13 7.62 31.91
CA GLU F 60 -56.61 6.35 31.36
C GLU F 60 -56.35 5.17 32.32
N ASN F 61 -55.20 5.16 32.96
CA ASN F 61 -54.86 4.12 33.93
C ASN F 61 -53.67 4.55 34.80
N PRO F 62 -53.93 4.82 36.08
CA PRO F 62 -52.87 5.32 36.96
C PRO F 62 -51.83 4.29 37.41
N ASP F 63 -52.04 3.03 37.09
CA ASP F 63 -51.19 1.95 37.58
C ASP F 63 -50.29 1.37 36.49
N LYS F 64 -50.72 1.47 35.24
CA LYS F 64 -49.95 0.89 34.15
C LYS F 64 -48.70 1.73 33.87
N ASP F 65 -47.57 1.06 33.61
CA ASP F 65 -46.36 1.74 33.20
C ASP F 65 -46.61 2.62 31.95
N ILE F 66 -45.82 3.68 31.83
CA ILE F 66 -45.79 4.50 30.64
C ILE F 66 -44.41 4.32 30.00
N PHE F 67 -44.38 4.29 28.67
CA PHE F 67 -43.11 4.04 27.99
C PHE F 67 -42.71 5.27 27.21
N PHE F 68 -41.67 5.93 27.73
CA PHE F 68 -41.18 7.20 27.24
C PHE F 68 -39.98 6.98 26.32
N TYR F 69 -40.18 7.12 25.00
CA TYR F 69 -39.11 6.90 24.02
C TYR F 69 -38.37 8.19 23.66
N ILE F 70 -37.07 8.19 23.88
CA ILE F 70 -36.27 9.41 23.71
C ILE F 70 -35.20 9.32 22.61
N ASN F 71 -35.35 10.17 21.59
CA ASN F 71 -34.31 10.40 20.59
C ASN F 71 -34.12 11.90 20.41
N SER F 72 -33.22 12.47 21.20
CA SER F 72 -33.14 13.92 21.32
C SER F 72 -31.73 14.46 21.54
N PRO F 73 -31.42 15.59 20.88
CA PRO F 73 -30.14 16.26 21.12
C PRO F 73 -30.20 17.17 22.33
N GLY F 74 -31.37 17.27 22.96
CA GLY F 74 -31.58 18.17 24.09
C GLY F 74 -32.38 19.42 23.76
N GLY F 75 -32.18 20.48 24.52
CA GLY F 75 -32.89 21.72 24.27
C GLY F 75 -33.12 22.53 25.52
N SER F 76 -34.29 23.15 25.62
CA SER F 76 -34.58 24.06 26.73
C SER F 76 -34.62 23.36 28.08
N VAL F 77 -33.83 23.86 29.03
CA VAL F 77 -33.82 23.31 30.38
C VAL F 77 -35.17 23.48 31.09
N THR F 78 -35.80 24.66 31.01
CA THR F 78 -37.11 24.81 31.69
C THR F 78 -38.22 23.94 31.04
N ALA F 79 -38.17 23.81 29.71
CA ALA F 79 -39.11 22.89 29.04
C ALA F 79 -38.84 21.47 29.48
N GLY F 80 -37.57 21.12 29.55
CA GLY F 80 -37.20 19.80 30.04
C GLY F 80 -37.67 19.56 31.46
N MET F 81 -37.53 20.54 32.34
CA MET F 81 -37.95 20.36 33.72
C MET F 81 -39.46 20.12 33.85
N SER F 82 -40.25 20.69 32.93
CA SER F 82 -41.69 20.48 33.01
C SER F 82 -42.02 19.01 32.71
N ILE F 83 -41.23 18.37 31.85
CA ILE F 83 -41.42 16.94 31.58
C ILE F 83 -41.02 16.13 32.81
N TYR F 84 -39.85 16.46 33.33
CA TYR F 84 -39.26 15.86 34.53
C TYR F 84 -40.20 15.84 35.73
N ASP F 85 -40.73 17.02 36.08
CA ASP F 85 -41.59 17.17 37.26
C ASP F 85 -42.89 16.40 37.05
N THR F 86 -43.35 16.32 35.81
CA THR F 86 -44.54 15.52 35.49
C THR F 86 -44.23 14.02 35.62
N MET F 87 -43.07 13.58 35.12
CA MET F 87 -42.65 12.19 35.29
C MET F 87 -42.64 11.77 36.75
N ASN F 88 -42.09 12.63 37.61
CA ASN F 88 -41.98 12.33 39.03
C ASN F 88 -43.32 12.43 39.78
N PHE F 89 -44.17 13.36 39.34
CA PHE F 89 -45.41 13.61 40.07
C PHE F 89 -46.47 12.52 39.87
N ILE F 90 -46.73 12.10 38.64
CA ILE F 90 -47.83 11.19 38.34
C ILE F 90 -47.64 9.78 38.93
N LYS F 91 -48.74 9.07 39.14
CA LYS F 91 -48.69 7.74 39.76
C LYS F 91 -48.01 6.65 38.89
N PRO F 92 -48.31 6.60 37.57
CA PRO F 92 -47.62 5.57 36.76
C PRO F 92 -46.08 5.65 36.76
N ASP F 93 -45.42 4.50 36.79
CA ASP F 93 -43.98 4.42 36.51
C ASP F 93 -43.75 4.88 35.08
N VAL F 94 -42.81 5.79 34.90
CA VAL F 94 -42.44 6.22 33.56
C VAL F 94 -41.15 5.53 33.19
N SER F 95 -41.24 4.47 32.40
CA SER F 95 -40.05 3.81 31.87
C SER F 95 -39.45 4.71 30.80
N THR F 96 -38.13 4.77 30.74
CA THR F 96 -37.49 5.51 29.66
C THR F 96 -36.67 4.56 28.82
N LEU F 97 -36.64 4.85 27.51
CA LEU F 97 -35.88 4.07 26.55
C LEU F 97 -35.23 5.00 25.53
N CYS F 98 -33.93 4.86 25.35
CA CYS F 98 -33.19 5.66 24.37
C CYS F 98 -32.98 4.93 23.04
N LEU F 99 -33.51 5.49 21.96
CA LEU F 99 -33.14 5.05 20.61
C LEU F 99 -32.50 6.24 19.92
N GLY F 100 -31.42 5.97 19.20
CA GLY F 100 -30.69 7.01 18.53
C GLY F 100 -29.80 7.73 19.52
N GLN F 101 -30.31 8.76 20.16
CA GLN F 101 -29.49 9.48 21.12
C GLN F 101 -30.27 10.13 22.23
N ALA F 102 -29.60 10.33 23.35
CA ALA F 102 -30.12 11.15 24.44
C ALA F 102 -28.98 12.08 24.88
N ALA F 103 -29.04 13.34 24.47
CA ALA F 103 -27.98 14.30 24.78
C ALA F 103 -28.50 15.43 25.64
N SER F 104 -27.66 15.88 26.57
CA SER F 104 -27.99 17.00 27.45
C SER F 104 -29.32 16.73 28.13
N MET F 105 -30.28 17.61 27.95
CA MET F 105 -31.59 17.45 28.58
C MET F 105 -32.24 16.12 28.16
N GLY F 106 -31.92 15.64 26.96
CA GLY F 106 -32.38 14.32 26.54
C GLY F 106 -31.85 13.23 27.45
N ALA F 107 -30.57 13.35 27.84
CA ALA F 107 -29.94 12.39 28.75
C ALA F 107 -30.48 12.54 30.17
N PHE F 108 -30.76 13.78 30.56
CA PHE F 108 -31.32 14.05 31.87
C PHE F 108 -32.66 13.31 32.02
N LEU F 109 -33.52 13.46 31.02
CA LEU F 109 -34.86 12.86 31.07
C LEU F 109 -34.78 11.34 31.02
N LEU F 110 -33.85 10.84 30.21
CA LEU F 110 -33.59 9.39 30.15
C LEU F 110 -33.18 8.83 31.53
N SER F 111 -32.25 9.51 32.21
CA SER F 111 -31.77 9.04 33.51
C SER F 111 -32.82 9.18 34.61
N ALA F 112 -33.86 9.96 34.31
CA ALA F 112 -34.91 10.27 35.26
C ALA F 112 -36.01 9.21 35.27
N GLY F 113 -35.94 8.24 34.37
CA GLY F 113 -36.94 7.19 34.32
C GLY F 113 -36.94 6.40 35.62
N GLU F 114 -38.03 5.70 35.89
CA GLU F 114 -38.15 4.84 37.08
C GLU F 114 -36.94 3.91 37.21
N LYS F 115 -36.26 3.95 38.35
CA LYS F 115 -35.04 3.15 38.53
C LYS F 115 -35.40 1.69 38.32
N GLY F 116 -34.63 0.98 37.50
CA GLY F 116 -34.99 -0.38 37.13
C GLY F 116 -35.66 -0.47 35.77
N LYS F 117 -36.21 0.64 35.30
CA LYS F 117 -36.94 0.65 34.02
C LYS F 117 -36.41 1.67 33.02
N ARG F 118 -35.11 1.97 33.11
CA ARG F 118 -34.40 2.84 32.16
C ARG F 118 -33.57 1.99 31.20
N PHE F 119 -33.89 2.08 29.91
CA PHE F 119 -33.32 1.19 28.91
C PHE F 119 -32.61 1.94 27.81
N ALA F 120 -31.69 1.25 27.13
CA ALA F 120 -31.14 1.75 25.89
C ALA F 120 -31.03 0.64 24.87
N LEU F 121 -31.23 0.99 23.60
CA LEU F 121 -30.98 0.11 22.50
C LEU F 121 -29.47 0.04 22.33
N PRO F 122 -28.95 -1.08 21.79
CA PRO F 122 -27.51 -1.32 21.88
C PRO F 122 -26.60 -0.25 21.27
N ASN F 123 -27.05 0.45 20.24
CA ASN F 123 -26.16 1.43 19.63
C ASN F 123 -26.55 2.87 19.93
N SER F 124 -27.36 3.05 20.96
CA SER F 124 -27.71 4.39 21.42
C SER F 124 -26.47 5.14 21.92
N ARG F 125 -26.50 6.46 21.78
CA ARG F 125 -25.44 7.28 22.32
C ARG F 125 -26.02 8.24 23.35
N ILE F 126 -25.34 8.33 24.47
CA ILE F 126 -25.70 9.27 25.52
C ILE F 126 -24.57 10.28 25.62
N MET F 127 -24.97 11.54 25.81
CA MET F 127 -24.01 12.59 26.05
C MET F 127 -24.54 13.53 27.14
N ILE F 128 -23.67 13.85 28.09
CA ILE F 128 -23.99 14.82 29.13
C ILE F 128 -22.91 15.90 29.16
N HIS F 129 -23.30 17.13 29.44
CA HIS F 129 -22.33 18.21 29.59
C HIS F 129 -22.93 19.30 30.47
N GLN F 130 -22.13 20.30 30.82
CA GLN F 130 -22.61 21.37 31.67
C GLN F 130 -23.49 22.32 30.86
N PRO F 131 -24.30 23.16 31.53
CA PRO F 131 -25.16 24.09 30.80
C PRO F 131 -24.38 25.02 29.87
N LEU F 132 -25.01 25.29 28.73
CA LEU F 132 -24.49 26.16 27.68
C LEU F 132 -25.44 27.32 27.46
N ILE F 133 -24.94 28.48 27.09
CA ILE F 133 -25.89 29.45 26.59
C ILE F 133 -25.51 29.97 25.21
N SER F 134 -26.58 30.16 24.45
CA SER F 134 -26.54 30.68 23.11
C SER F 134 -27.11 32.09 23.10
N GLY F 135 -26.61 32.92 22.21
CA GLY F 135 -27.07 34.30 22.16
C GLY F 135 -26.15 35.21 22.93
N GLY F 136 -25.98 34.92 24.21
CA GLY F 136 -25.08 35.72 25.00
C GLY F 136 -25.68 36.53 26.12
N LEU F 137 -24.79 36.98 26.99
CA LEU F 137 -25.11 37.93 28.04
C LEU F 137 -24.63 39.33 27.58
N GLY F 138 -25.55 40.26 27.40
CA GLY F 138 -25.17 41.62 27.10
C GLY F 138 -25.96 42.48 28.05
N GLY F 139 -25.30 43.49 28.59
CA GLY F 139 -25.93 44.33 29.57
C GLY F 139 -24.91 44.83 30.56
N GLN F 140 -25.43 45.32 31.68
CA GLN F 140 -24.66 45.88 32.76
C GLN F 140 -24.05 44.76 33.56
N ALA F 141 -22.88 45.01 34.14
CA ALA F 141 -22.22 44.03 35.00
C ALA F 141 -23.20 43.45 36.00
N SER F 142 -24.06 44.32 36.55
CA SER F 142 -25.09 43.91 37.49
C SER F 142 -25.99 42.83 36.88
N ASP F 143 -26.36 43.01 35.61
CA ASP F 143 -27.24 42.08 34.92
C ASP F 143 -26.51 40.79 34.55
N ILE F 144 -25.26 40.92 34.14
CA ILE F 144 -24.46 39.74 33.81
C ILE F 144 -24.22 38.89 35.06
N GLU F 145 -23.96 39.55 36.19
CA GLU F 145 -23.80 38.85 37.46
C GLU F 145 -25.03 38.02 37.85
N ILE F 146 -26.19 38.64 37.74
CA ILE F 146 -27.45 37.98 38.07
C ILE F 146 -27.61 36.73 37.22
N HIS F 147 -27.32 36.89 35.94
CA HIS F 147 -27.47 35.76 35.05
C HIS F 147 -26.32 34.77 35.18
N ALA F 148 -25.11 35.23 35.46
CA ALA F 148 -24.03 34.28 35.77
C ALA F 148 -24.39 33.47 37.01
N ARG F 149 -24.91 34.14 38.06
CA ARG F 149 -25.30 33.43 39.29
C ARG F 149 -26.40 32.38 39.09
N GLU F 150 -27.42 32.75 38.33
CA GLU F 150 -28.53 31.83 38.07
C GLU F 150 -28.08 30.62 37.24
N LEU F 151 -27.19 30.84 36.28
CA LEU F 151 -26.70 29.77 35.44
C LEU F 151 -25.91 28.76 36.27
N LEU F 152 -25.17 29.27 37.24
CA LEU F 152 -24.40 28.41 38.13
C LEU F 152 -25.32 27.63 39.08
N LYS F 153 -26.43 28.24 39.50
CA LYS F 153 -27.43 27.56 40.33
C LYS F 153 -28.06 26.42 39.57
N ILE F 154 -28.36 26.68 38.29
CA ILE F 154 -28.94 25.67 37.41
C ILE F 154 -27.98 24.51 37.19
N LYS F 155 -26.71 24.83 36.96
CA LYS F 155 -25.67 23.84 36.76
C LYS F 155 -25.54 22.89 37.96
N GLU F 156 -25.47 23.46 39.16
CA GLU F 156 -25.32 22.66 40.36
C GLU F 156 -26.54 21.78 40.61
N LYS F 157 -27.72 22.37 40.44
CA LYS F 157 -28.98 21.69 40.61
C LYS F 157 -29.07 20.48 39.69
N LEU F 158 -28.72 20.69 38.42
CA LEU F 158 -28.78 19.62 37.43
C LEU F 158 -27.81 18.50 37.78
N ASN F 159 -26.62 18.89 38.24
CA ASN F 159 -25.63 17.90 38.69
C ASN F 159 -26.11 17.09 39.90
N ARG F 160 -26.72 17.76 40.88
CA ARG F 160 -27.22 17.12 42.09
C ARG F 160 -28.32 16.11 41.74
N LEU F 161 -29.24 16.52 40.88
CA LEU F 161 -30.33 15.67 40.47
C LEU F 161 -29.79 14.49 39.68
N MET F 162 -28.79 14.75 38.86
CA MET F 162 -28.18 13.71 38.04
C MET F 162 -27.44 12.70 38.92
N ALA F 163 -26.77 13.23 39.94
CA ALA F 163 -26.05 12.42 40.91
C ALA F 163 -27.02 11.48 41.60
N LYS F 164 -28.21 11.99 41.91
CA LYS F 164 -29.27 11.18 42.49
C LYS F 164 -29.78 10.08 41.54
N HIS F 165 -29.94 10.41 40.26
CA HIS F 165 -30.36 9.41 39.25
C HIS F 165 -29.31 8.28 39.13
N CYS F 166 -28.04 8.64 39.19
CA CYS F 166 -26.92 7.72 38.96
C CYS F 166 -26.35 7.06 40.24
N ASP F 167 -26.90 7.43 41.40
CA ASP F 167 -26.35 7.04 42.72
C ASP F 167 -24.90 7.38 42.83
N ARG F 168 -24.59 8.63 42.49
CA ARG F 168 -23.22 9.10 42.50
C ARG F 168 -23.33 10.44 43.24
N ASP F 169 -22.21 11.13 43.43
CA ASP F 169 -22.25 12.42 44.09
C ASP F 169 -22.21 13.64 43.14
N LEU F 170 -22.71 14.77 43.62
CA LEU F 170 -22.66 16.08 42.94
C LEU F 170 -21.28 16.35 42.31
N ALA F 171 -20.22 16.09 43.08
CA ALA F 171 -18.86 16.33 42.62
C ALA F 171 -18.50 15.45 41.43
N ASP F 172 -19.10 14.26 41.36
CA ASP F 172 -18.86 13.35 40.25
C ASP F 172 -19.35 13.91 38.93
N LEU F 173 -20.61 14.36 38.93
CA LEU F 173 -21.24 14.91 37.73
C LEU F 173 -20.56 16.23 37.31
N GLU F 174 -20.15 17.02 38.30
CA GLU F 174 -19.45 18.27 38.01
C GLU F 174 -18.17 17.98 37.23
N ARG F 175 -17.43 16.96 37.65
CA ARG F 175 -16.21 16.54 36.97
C ARG F 175 -16.49 15.98 35.57
N ASP F 176 -17.53 15.16 35.49
CA ASP F 176 -17.77 14.38 34.29
C ASP F 176 -18.66 15.07 33.24
N THR F 177 -19.20 16.25 33.58
CA THR F 177 -19.98 17.06 32.64
C THR F 177 -19.27 18.36 32.34
N ASP F 178 -18.05 18.52 32.84
CA ASP F 178 -17.31 19.75 32.63
C ASP F 178 -17.12 20.08 31.16
N ARG F 179 -16.87 19.05 30.37
CA ARG F 179 -16.84 19.16 28.91
C ARG F 179 -17.70 18.00 28.37
N ASP F 180 -17.95 17.97 27.07
CA ASP F 180 -18.83 16.97 26.46
C ASP F 180 -18.42 15.53 26.79
N ASN F 181 -19.36 14.76 27.35
CA ASN F 181 -19.08 13.40 27.76
C ASN F 181 -19.99 12.42 27.01
N PHE F 182 -19.45 11.85 25.93
CA PHE F 182 -20.17 10.86 25.12
C PHE F 182 -20.01 9.48 25.74
N MET F 183 -21.12 8.76 25.84
CA MET F 183 -21.12 7.41 26.39
C MET F 183 -21.81 6.43 25.48
N SER F 184 -21.21 5.25 25.37
CA SER F 184 -21.87 4.11 24.76
C SER F 184 -23.00 3.71 25.67
N ALA F 185 -23.90 2.87 25.17
CA ALA F 185 -24.98 2.37 26.03
C ALA F 185 -24.34 1.68 27.25
N GLU F 186 -23.28 0.91 27.02
CA GLU F 186 -22.56 0.22 28.10
C GLU F 186 -21.92 1.17 29.11
N GLU F 187 -21.31 2.26 28.65
CA GLU F 187 -20.72 3.23 29.58
C GLU F 187 -21.85 3.90 30.39
N ALA F 188 -22.96 4.16 29.71
CA ALA F 188 -24.11 4.78 30.36
C ALA F 188 -24.69 3.84 31.42
N LYS F 189 -24.67 2.53 31.14
CA LYS F 189 -25.11 1.54 32.13
C LYS F 189 -24.13 1.49 33.30
N GLU F 190 -22.85 1.46 32.96
CA GLU F 190 -21.79 1.45 33.97
C GLU F 190 -21.86 2.70 34.86
N TYR F 191 -22.16 3.86 34.26
CA TYR F 191 -22.24 5.12 34.99
C TYR F 191 -23.48 5.22 35.87
N GLY F 192 -24.55 4.50 35.51
CA GLY F 192 -25.78 4.55 36.29
C GLY F 192 -26.92 5.33 35.67
N LEU F 193 -26.76 5.71 34.41
CA LEU F 193 -27.73 6.53 33.68
C LEU F 193 -28.94 5.71 33.20
N ILE F 194 -28.66 4.46 32.83
CA ILE F 194 -29.69 3.49 32.44
C ILE F 194 -29.51 2.22 33.26
N ASP F 195 -30.48 1.32 33.19
CA ASP F 195 -30.42 0.10 33.97
C ASP F 195 -30.01 -1.11 33.12
N GLN F 196 -30.57 -1.20 31.90
CA GLN F 196 -30.40 -2.36 31.05
C GLN F 196 -30.24 -1.98 29.58
N ILE F 197 -29.53 -2.81 28.84
CA ILE F 197 -29.38 -2.72 27.39
C ILE F 197 -30.16 -3.83 26.68
N LEU F 198 -30.96 -3.45 25.68
CA LEU F 198 -31.83 -4.40 24.98
C LEU F 198 -31.09 -5.17 23.89
N TYR G 8 -47.17 20.83 13.33
CA TYR G 8 -46.76 19.54 13.88
C TYR G 8 -47.98 18.74 14.36
N LEU G 9 -47.79 17.44 14.48
CA LEU G 9 -48.87 16.53 14.83
C LEU G 9 -49.27 16.67 16.30
N VAL G 10 -50.57 16.88 16.53
CA VAL G 10 -51.16 16.80 17.85
C VAL G 10 -51.86 15.44 17.95
N PRO G 11 -51.40 14.56 18.87
CA PRO G 11 -51.99 13.22 19.04
C PRO G 11 -53.50 13.26 19.17
N THR G 12 -54.16 12.29 18.54
CA THR G 12 -55.61 12.15 18.67
C THR G 12 -55.96 11.08 19.70
N VAL G 13 -56.77 11.47 20.69
CA VAL G 13 -57.20 10.53 21.71
C VAL G 13 -58.72 10.35 21.72
N ILE G 14 -59.16 9.22 22.26
CA ILE G 14 -60.57 8.88 22.32
C ILE G 14 -61.08 8.91 23.77
N GLU G 15 -62.21 9.58 23.97
CA GLU G 15 -62.90 9.56 25.24
C GLU G 15 -64.39 9.39 24.98
N GLN G 16 -64.99 8.37 25.57
CA GLN G 16 -66.40 8.02 25.37
C GLN G 16 -67.30 9.20 25.78
N SER G 17 -68.07 9.70 24.82
CA SER G 17 -68.61 11.07 24.85
C SER G 17 -70.13 11.22 24.96
N GLY G 18 -70.70 10.77 26.08
CA GLY G 18 -72.11 10.97 26.41
C GLY G 18 -73.07 10.75 25.25
N ARG G 19 -73.11 9.49 24.81
CA ARG G 19 -73.77 8.96 23.60
C ARG G 19 -72.92 9.15 22.36
N GLY G 20 -71.63 9.29 22.61
CA GLY G 20 -70.63 9.16 21.57
C GLY G 20 -69.41 8.52 22.20
N GLU G 21 -68.46 8.17 21.35
CA GLU G 21 -67.08 8.00 21.78
C GLU G 21 -66.32 8.76 20.70
N ARG G 22 -65.68 9.83 21.11
CA ARG G 22 -65.30 10.89 20.18
C ARG G 22 -63.79 11.12 20.14
N ALA G 23 -63.29 11.47 18.96
CA ALA G 23 -61.88 11.76 18.76
C ALA G 23 -61.58 13.23 18.99
N PHE G 24 -60.61 13.50 19.86
CA PHE G 24 -60.24 14.87 20.21
C PHE G 24 -58.74 15.04 20.06
N ASP G 25 -58.31 16.24 19.69
CA ASP G 25 -56.91 16.57 19.84
C ASP G 25 -56.66 16.61 21.36
N ILE G 26 -55.45 16.32 21.79
CA ILE G 26 -55.21 16.08 23.20
C ILE G 26 -55.46 17.33 24.08
N TYR G 27 -55.28 18.54 23.53
CA TYR G 27 -55.49 19.74 24.33
C TYR G 27 -56.98 20.01 24.58
N SER G 28 -57.79 19.74 23.56
CA SER G 28 -59.24 19.85 23.69
C SER G 28 -59.73 18.85 24.73
N ARG G 29 -59.07 17.69 24.76
CA ARG G 29 -59.34 16.63 25.75
C ARG G 29 -59.03 17.13 27.17
N LEU G 30 -57.91 17.84 27.33
CA LEU G 30 -57.56 18.42 28.63
C LEU G 30 -58.47 19.62 28.98
N LEU G 31 -58.93 20.36 27.95
CA LEU G 31 -59.83 21.47 28.14
C LEU G 31 -61.13 20.96 28.73
N LYS G 32 -61.50 19.75 28.31
CA LYS G 32 -62.69 19.04 28.80
C LYS G 32 -62.69 18.87 30.31
N GLU G 33 -61.50 18.74 30.89
CA GLU G 33 -61.35 18.65 32.34
C GLU G 33 -61.05 20.01 32.96
N ARG G 34 -61.35 21.09 32.22
CA ARG G 34 -61.18 22.48 32.68
C ARG G 34 -59.73 22.88 32.89
N ILE G 35 -58.84 22.28 32.11
CA ILE G 35 -57.44 22.69 32.07
C ILE G 35 -57.20 23.60 30.88
N VAL G 36 -56.61 24.76 31.15
CA VAL G 36 -56.26 25.74 30.12
C VAL G 36 -54.75 26.00 30.16
N PHE G 37 -54.10 26.03 28.98
CA PHE G 37 -52.65 26.22 28.90
C PHE G 37 -52.27 27.63 28.45
N LEU G 38 -51.22 28.16 29.07
CA LEU G 38 -50.48 29.30 28.52
C LEU G 38 -49.05 28.85 28.31
N VAL G 39 -48.69 28.58 27.06
CA VAL G 39 -47.37 28.06 26.72
C VAL G 39 -46.60 28.94 25.74
N GLY G 40 -45.36 29.30 26.09
CA GLY G 40 -44.59 30.14 25.20
C GLY G 40 -44.98 31.61 25.31
N PRO G 41 -44.47 32.43 24.40
CA PRO G 41 -44.69 33.89 24.53
C PRO G 41 -46.16 34.31 24.58
N VAL G 42 -46.47 35.27 25.45
CA VAL G 42 -47.81 35.84 25.54
C VAL G 42 -48.03 36.89 24.43
N THR G 43 -48.91 36.59 23.49
CA THR G 43 -49.25 37.47 22.37
C THR G 43 -50.73 37.81 22.44
N ASP G 44 -51.19 38.78 21.64
CA ASP G 44 -52.62 39.08 21.52
C ASP G 44 -53.42 37.81 21.20
N GLU G 45 -52.88 37.00 20.30
CA GLU G 45 -53.54 35.80 19.82
C GLU G 45 -53.51 34.67 20.83
N SER G 46 -52.36 34.44 21.47
CA SER G 46 -52.30 33.37 22.47
C SER G 46 -53.11 33.74 23.72
N ALA G 47 -53.09 35.03 24.08
CA ALA G 47 -53.85 35.49 25.25
C ALA G 47 -55.34 35.43 25.00
N ASN G 48 -55.77 35.80 23.79
CA ASN G 48 -57.19 35.82 23.51
C ASN G 48 -57.76 34.41 23.50
N LEU G 49 -56.95 33.47 23.05
CA LEU G 49 -57.35 32.06 23.04
C LEU G 49 -57.67 31.62 24.44
N VAL G 50 -56.80 32.03 25.36
CA VAL G 50 -56.99 31.77 26.79
C VAL G 50 -58.27 32.42 27.32
N VAL G 51 -58.51 33.69 26.98
CA VAL G 51 -59.72 34.39 27.42
C VAL G 51 -60.97 33.64 26.99
N ALA G 52 -60.96 33.19 25.74
CA ALA G 52 -62.09 32.46 25.17
C ALA G 52 -62.33 31.16 25.93
N GLN G 53 -61.24 30.46 26.29
CA GLN G 53 -61.40 29.22 27.04
C GLN G 53 -61.90 29.49 28.47
N LEU G 54 -61.41 30.55 29.09
CA LEU G 54 -61.87 30.90 30.42
C LEU G 54 -63.36 31.17 30.39
N LEU G 55 -63.80 31.93 29.38
CA LEU G 55 -65.23 32.23 29.23
C LEU G 55 -66.08 30.98 28.96
N PHE G 56 -65.57 30.11 28.10
CA PHE G 56 -66.31 28.91 27.76
C PHE G 56 -66.48 27.99 28.97
N LEU G 57 -65.41 27.83 29.76
CA LEU G 57 -65.47 26.95 30.92
C LEU G 57 -66.45 27.49 31.99
N GLU G 58 -66.49 28.79 32.17
CA GLU G 58 -67.42 29.37 33.10
C GLU G 58 -68.84 29.06 32.66
N SER G 59 -69.10 29.19 31.36
CA SER G 59 -70.44 28.93 30.82
C SER G 59 -70.85 27.46 30.97
N GLU G 60 -69.88 26.54 30.91
CA GLU G 60 -70.14 25.11 31.12
C GLU G 60 -70.57 24.84 32.56
N ASN G 61 -69.92 25.53 33.48
CA ASN G 61 -70.18 25.41 34.90
C ASN G 61 -69.56 26.59 35.65
N PRO G 62 -70.39 27.50 36.16
CA PRO G 62 -69.84 28.72 36.79
C PRO G 62 -69.24 28.48 38.17
N ASP G 63 -69.34 27.26 38.71
CA ASP G 63 -68.88 27.06 40.09
C ASP G 63 -67.62 26.24 40.26
N LYS G 64 -67.32 25.36 39.31
CA LYS G 64 -66.14 24.52 39.42
C LYS G 64 -64.87 25.31 39.10
N ASP G 65 -63.80 25.00 39.83
CA ASP G 65 -62.49 25.58 39.59
C ASP G 65 -62.04 25.42 38.15
N ILE G 66 -61.23 26.38 37.70
CA ILE G 66 -60.55 26.27 36.43
C ILE G 66 -59.05 26.21 36.75
N PHE G 67 -58.31 25.40 35.98
CA PHE G 67 -56.89 25.18 36.23
C PHE G 67 -56.02 25.71 35.10
N PHE G 68 -55.32 26.81 35.39
CA PHE G 68 -54.54 27.57 34.41
C PHE G 68 -53.08 27.10 34.50
N TYR G 69 -52.65 26.30 33.53
CA TYR G 69 -51.28 25.79 33.53
C TYR G 69 -50.37 26.75 32.73
N ILE G 70 -49.33 27.26 33.39
CA ILE G 70 -48.51 28.28 32.79
C ILE G 70 -47.06 27.82 32.58
N ASN G 71 -46.61 27.85 31.33
CA ASN G 71 -45.20 27.70 30.98
C ASN G 71 -44.84 28.76 29.96
N SER G 72 -44.40 29.92 30.43
CA SER G 72 -44.29 31.07 29.55
C SER G 72 -43.18 32.02 29.99
N PRO G 73 -42.42 32.56 29.01
CA PRO G 73 -41.39 33.57 29.32
C PRO G 73 -41.94 34.98 29.47
N GLY G 74 -43.24 35.16 29.23
CA GLY G 74 -43.86 36.47 29.28
C GLY G 74 -44.19 37.00 27.89
N GLY G 75 -44.32 38.31 27.77
CA GLY G 75 -44.70 38.89 26.49
C GLY G 75 -45.46 40.19 26.66
N SER G 76 -46.48 40.40 25.83
CA SER G 76 -47.22 41.66 25.80
C SER G 76 -47.98 41.96 27.08
N VAL G 77 -47.77 43.15 27.64
CA VAL G 77 -48.46 43.51 28.87
C VAL G 77 -49.98 43.61 28.68
N THR G 78 -50.43 44.28 27.61
CA THR G 78 -51.86 44.43 27.39
C THR G 78 -52.50 43.08 27.08
N ALA G 79 -51.82 42.22 26.31
CA ALA G 79 -52.35 40.88 26.02
C ALA G 79 -52.43 40.10 27.33
N GLY G 80 -51.40 40.22 28.16
CA GLY G 80 -51.41 39.65 29.50
C GLY G 80 -52.51 40.18 30.39
N MET G 81 -52.76 41.49 30.33
CA MET G 81 -53.82 42.10 31.15
C MET G 81 -55.22 41.61 30.76
N SER G 82 -55.41 41.24 29.49
CA SER G 82 -56.72 40.71 29.10
C SER G 82 -56.98 39.36 29.80
N ILE G 83 -55.93 38.57 30.01
CA ILE G 83 -56.07 37.32 30.73
C ILE G 83 -56.36 37.58 32.21
N TYR G 84 -55.54 38.46 32.79
CA TYR G 84 -55.69 38.90 34.17
C TYR G 84 -57.11 39.34 34.49
N ASP G 85 -57.65 40.25 33.69
CA ASP G 85 -58.98 40.78 33.99
C ASP G 85 -60.07 39.71 33.83
N THR G 86 -59.88 38.78 32.91
CA THR G 86 -60.87 37.71 32.73
C THR G 86 -60.83 36.75 33.94
N MET G 87 -59.63 36.37 34.37
CA MET G 87 -59.48 35.54 35.56
C MET G 87 -60.21 36.15 36.77
N ASN G 88 -60.05 37.45 36.95
CA ASN G 88 -60.65 38.13 38.08
C ASN G 88 -62.18 38.28 37.94
N PHE G 89 -62.67 38.43 36.71
CA PHE G 89 -64.09 38.73 36.49
C PHE G 89 -64.97 37.51 36.67
N ILE G 90 -64.61 36.38 36.06
CA ILE G 90 -65.49 35.21 36.02
C ILE G 90 -65.79 34.62 37.40
N LYS G 91 -66.91 33.91 37.55
CA LYS G 91 -67.24 33.37 38.87
C LYS G 91 -66.28 32.26 39.35
N PRO G 92 -65.90 31.31 38.45
CA PRO G 92 -65.01 30.24 38.94
C PRO G 92 -63.69 30.73 39.48
N ASP G 93 -63.18 30.08 40.52
CA ASP G 93 -61.80 30.25 40.95
C ASP G 93 -60.86 29.79 39.83
N VAL G 94 -59.86 30.61 39.51
CA VAL G 94 -58.84 30.20 38.58
C VAL G 94 -57.58 29.84 39.36
N SER G 95 -57.38 28.54 39.53
CA SER G 95 -56.13 28.05 40.08
C SER G 95 -55.05 28.23 39.01
N THR G 96 -53.84 28.57 39.44
CA THR G 96 -52.74 28.66 38.51
C THR G 96 -51.68 27.68 38.92
N LEU G 97 -51.01 27.14 37.92
CA LEU G 97 -49.93 26.19 38.16
C LEU G 97 -48.76 26.48 37.23
N CYS G 98 -47.57 26.58 37.81
CA CYS G 98 -46.36 26.76 37.02
C CYS G 98 -45.63 25.47 36.71
N LEU G 99 -45.54 25.16 35.42
CA LEU G 99 -44.65 24.09 34.97
C LEU G 99 -43.61 24.68 34.03
N GLY G 100 -42.36 24.28 34.25
CA GLY G 100 -41.26 24.81 33.47
C GLY G 100 -40.86 26.18 33.99
N GLN G 101 -41.54 27.21 33.52
CA GLN G 101 -41.26 28.56 33.98
C GLN G 101 -42.46 29.46 33.89
N ALA G 102 -42.44 30.48 34.73
CA ALA G 102 -43.39 31.58 34.63
C ALA G 102 -42.54 32.84 34.82
N ALA G 103 -42.25 33.51 33.70
CA ALA G 103 -41.38 34.69 33.73
C ALA G 103 -42.11 35.94 33.29
N SER G 104 -41.78 37.07 33.90
CA SER G 104 -42.39 38.35 33.59
C SER G 104 -43.91 38.23 33.67
N MET G 105 -44.59 38.53 32.57
CA MET G 105 -46.05 38.48 32.55
C MET G 105 -46.53 37.07 32.88
N GLY G 106 -45.71 36.06 32.59
CA GLY G 106 -46.01 34.70 33.01
C GLY G 106 -46.08 34.57 34.53
N ALA G 107 -45.14 35.22 35.22
CA ALA G 107 -45.11 35.22 36.69
C ALA G 107 -46.24 36.09 37.29
N PHE G 108 -46.51 37.22 36.65
CA PHE G 108 -47.61 38.06 37.05
C PHE G 108 -48.91 37.26 37.02
N LEU G 109 -49.15 36.56 35.92
CA LEU G 109 -50.39 35.75 35.76
C LEU G 109 -50.44 34.58 36.73
N LEU G 110 -49.28 33.95 36.96
CA LEU G 110 -49.15 32.89 37.98
C LEU G 110 -49.56 33.41 39.36
N SER G 111 -49.06 34.59 39.73
CA SER G 111 -49.37 35.20 41.03
C SER G 111 -50.83 35.65 41.12
N ALA G 112 -51.49 35.75 39.98
CA ALA G 112 -52.83 36.29 39.92
C ALA G 112 -53.88 35.22 40.20
N GLY G 113 -53.44 33.98 40.33
CA GLY G 113 -54.36 32.93 40.63
C GLY G 113 -55.04 33.16 41.97
N GLU G 114 -56.17 32.49 42.13
CA GLU G 114 -56.94 32.51 43.37
C GLU G 114 -56.03 32.17 44.54
N LYS G 115 -55.98 33.05 45.54
CA LYS G 115 -55.12 32.81 46.70
C LYS G 115 -55.57 31.52 47.38
N GLY G 116 -54.59 30.68 47.70
CA GLY G 116 -54.81 29.33 48.20
C GLY G 116 -54.62 28.26 47.13
N LYS G 117 -54.71 28.67 45.87
CA LYS G 117 -54.62 27.74 44.74
C LYS G 117 -53.55 28.08 43.72
N ARG G 118 -52.47 28.71 44.16
CA ARG G 118 -51.37 29.01 43.26
C ARG G 118 -50.25 28.03 43.52
N PHE G 119 -49.94 27.21 42.51
CA PHE G 119 -49.01 26.08 42.63
C PHE G 119 -47.83 26.16 41.68
N ALA G 120 -46.75 25.48 42.05
CA ALA G 120 -45.64 25.26 41.15
C ALA G 120 -45.13 23.83 41.32
N LEU G 121 -44.66 23.25 40.23
CA LEU G 121 -43.97 21.95 40.27
C LEU G 121 -42.58 22.20 40.85
N PRO G 122 -41.96 21.18 41.45
CA PRO G 122 -40.77 21.43 42.28
C PRO G 122 -39.59 22.11 41.58
N ASN G 123 -39.42 21.90 40.28
CA ASN G 123 -38.25 22.44 39.59
C ASN G 123 -38.58 23.59 38.64
N SER G 124 -39.75 24.17 38.81
CA SER G 124 -40.15 25.36 38.06
C SER G 124 -39.23 26.54 38.38
N ARG G 125 -39.09 27.43 37.40
CA ARG G 125 -38.31 28.64 37.57
C ARG G 125 -39.29 29.81 37.45
N ILE G 126 -39.27 30.73 38.42
CA ILE G 126 -40.09 31.93 38.35
C ILE G 126 -39.16 33.14 38.27
N MET G 127 -39.49 34.11 37.43
CA MET G 127 -38.68 35.32 37.32
C MET G 127 -39.54 36.57 37.22
N ILE G 128 -39.18 37.60 38.00
CA ILE G 128 -39.93 38.86 37.93
C ILE G 128 -38.96 40.02 37.68
N HIS G 129 -39.42 41.02 36.93
CA HIS G 129 -38.61 42.21 36.70
C HIS G 129 -39.48 43.40 36.24
N GLN G 130 -38.87 44.58 36.10
CA GLN G 130 -39.58 45.78 35.63
C GLN G 130 -39.84 45.73 34.11
N PRO G 131 -40.77 46.56 33.60
CA PRO G 131 -41.07 46.55 32.18
C PRO G 131 -39.86 46.84 31.31
N LEU G 132 -39.83 46.20 30.15
CA LEU G 132 -38.78 46.34 29.16
C LEU G 132 -39.42 46.84 27.89
N ILE G 133 -38.69 47.59 27.07
CA ILE G 133 -39.16 47.68 25.69
C ILE G 133 -38.02 47.26 24.79
N SER G 134 -38.38 46.53 23.74
CA SER G 134 -37.43 46.11 22.73
C SER G 134 -37.72 46.99 21.54
N GLY G 135 -36.67 47.37 20.84
CA GLY G 135 -36.82 48.36 19.80
C GLY G 135 -36.76 49.58 20.68
N GLY G 136 -37.72 50.48 20.57
CA GLY G 136 -37.68 51.62 21.45
C GLY G 136 -38.63 52.80 21.31
N LEU G 137 -38.19 53.91 21.88
CA LEU G 137 -38.87 55.19 21.79
C LEU G 137 -38.20 56.14 20.78
N GLY G 138 -38.89 56.42 19.68
CA GLY G 138 -38.48 57.40 18.70
C GLY G 138 -39.73 58.17 18.31
N GLY G 139 -39.60 59.44 17.93
CA GLY G 139 -38.33 60.13 17.85
C GLY G 139 -38.38 61.50 18.49
N GLN G 140 -39.51 62.19 18.45
CA GLN G 140 -39.55 63.56 19.00
C GLN G 140 -39.61 63.53 20.54
N ALA G 141 -38.90 64.47 21.18
CA ALA G 141 -38.84 64.55 22.65
C ALA G 141 -40.20 64.55 23.36
N SER G 142 -41.16 65.31 22.83
CA SER G 142 -42.54 65.31 23.36
C SER G 142 -43.14 63.91 23.34
N ASP G 143 -42.90 63.19 22.25
CA ASP G 143 -43.44 61.83 22.09
C ASP G 143 -42.73 60.84 22.99
N ILE G 144 -41.42 61.01 23.13
CA ILE G 144 -40.66 60.15 24.01
C ILE G 144 -41.08 60.39 25.47
N GLU G 145 -41.31 61.63 25.83
CA GLU G 145 -41.81 61.92 27.17
C GLU G 145 -43.14 61.22 27.44
N ILE G 146 -44.06 61.29 26.49
CA ILE G 146 -45.37 60.66 26.65
C ILE G 146 -45.26 59.12 26.88
N HIS G 147 -44.43 58.45 26.08
CA HIS G 147 -44.31 56.99 26.20
C HIS G 147 -43.48 56.54 27.39
N ALA G 148 -42.49 57.34 27.74
CA ALA G 148 -41.72 57.13 28.95
C ALA G 148 -42.64 57.25 30.17
N ARG G 149 -43.49 58.28 30.20
CA ARG G 149 -44.41 58.46 31.33
C ARG G 149 -45.35 57.28 31.44
N GLU G 150 -45.84 56.84 30.29
CA GLU G 150 -46.78 55.74 30.26
C GLU G 150 -46.08 54.44 30.69
N LEU G 151 -44.83 54.26 30.28
CA LEU G 151 -44.09 53.07 30.66
C LEU G 151 -43.91 53.00 32.16
N LEU G 152 -43.69 54.17 32.76
CA LEU G 152 -43.51 54.29 34.20
C LEU G 152 -44.81 54.00 34.94
N LYS G 153 -45.94 54.43 34.38
CA LYS G 153 -47.24 54.13 34.99
C LYS G 153 -47.48 52.64 35.00
N ILE G 154 -47.12 51.96 33.91
CA ILE G 154 -47.27 50.52 33.80
C ILE G 154 -46.39 49.81 34.81
N LYS G 155 -45.15 50.28 34.94
CA LYS G 155 -44.23 49.75 35.93
C LYS G 155 -44.81 49.85 37.34
N GLU G 156 -45.35 51.02 37.67
CA GLU G 156 -45.90 51.20 39.01
C GLU G 156 -47.18 50.37 39.23
N LYS G 157 -48.08 50.36 38.24
CA LYS G 157 -49.34 49.61 38.37
C LYS G 157 -49.02 48.10 38.55
N LEU G 158 -48.07 47.59 37.78
CA LEU G 158 -47.71 46.18 37.85
C LEU G 158 -47.10 45.84 39.22
N ASN G 159 -46.21 46.70 39.71
CA ASN G 159 -45.61 46.52 41.04
C ASN G 159 -46.69 46.55 42.13
N ARG G 160 -47.64 47.46 41.98
CA ARG G 160 -48.74 47.60 42.91
C ARG G 160 -49.59 46.33 42.93
N LEU G 161 -49.92 45.81 41.75
CA LEU G 161 -50.79 44.64 41.68
C LEU G 161 -50.03 43.41 42.20
N MET G 162 -48.75 43.34 41.91
CA MET G 162 -47.92 42.22 42.37
C MET G 162 -47.81 42.24 43.90
N ALA G 163 -47.66 43.42 44.49
CA ALA G 163 -47.60 43.55 45.96
C ALA G 163 -48.87 43.05 46.58
N LYS G 164 -50.00 43.36 45.96
CA LYS G 164 -51.27 42.88 46.50
C LYS G 164 -51.35 41.37 46.40
N HIS G 165 -50.95 40.83 45.23
CA HIS G 165 -50.95 39.38 44.98
C HIS G 165 -50.06 38.65 45.96
N CYS G 166 -48.93 39.27 46.27
CA CYS G 166 -47.92 38.65 47.11
C CYS G 166 -48.15 38.96 48.56
N ASP G 167 -49.16 39.78 48.83
CA ASP G 167 -49.43 40.31 50.17
C ASP G 167 -48.17 40.94 50.72
N ARG G 168 -47.59 41.87 49.95
CA ARG G 168 -46.37 42.60 50.31
C ARG G 168 -46.45 44.12 50.06
N ASP G 169 -45.39 44.82 50.44
CA ASP G 169 -45.32 46.25 50.24
C ASP G 169 -44.88 46.61 48.82
N LEU G 170 -45.46 47.67 48.26
CA LEU G 170 -44.97 48.24 46.99
C LEU G 170 -43.46 48.45 46.99
N ALA G 171 -42.92 48.96 48.10
CA ALA G 171 -41.49 49.23 48.17
C ALA G 171 -40.66 47.94 48.00
N ASP G 172 -41.21 46.81 48.47
CA ASP G 172 -40.58 45.49 48.29
C ASP G 172 -40.50 45.09 46.81
N LEU G 173 -41.63 45.17 46.12
CA LEU G 173 -41.71 44.80 44.71
C LEU G 173 -40.84 45.72 43.83
N GLU G 174 -40.82 47.02 44.14
CA GLU G 174 -39.92 47.92 43.43
C GLU G 174 -38.44 47.56 43.63
N ARG G 175 -38.05 47.25 44.86
CA ARG G 175 -36.68 46.83 45.11
C ARG G 175 -36.39 45.48 44.40
N ASP G 176 -37.35 44.57 44.49
CA ASP G 176 -37.13 43.20 44.06
C ASP G 176 -37.42 42.98 42.56
N THR G 177 -37.87 44.02 41.85
CA THR G 177 -38.05 43.86 40.40
C THR G 177 -37.13 44.78 39.64
N ASP G 178 -36.27 45.49 40.37
CA ASP G 178 -35.40 46.47 39.73
C ASP G 178 -34.58 45.80 38.63
N ARG G 179 -34.11 44.59 38.92
CA ARG G 179 -33.42 43.78 37.92
C ARG G 179 -33.99 42.37 37.94
N ASP G 180 -33.61 41.52 36.98
CA ASP G 180 -34.14 40.16 36.87
C ASP G 180 -33.97 39.45 38.19
N ASN G 181 -35.06 38.94 38.70
CA ASN G 181 -35.10 38.29 39.97
C ASN G 181 -35.59 36.85 39.76
N PHE G 182 -34.63 35.94 39.70
CA PHE G 182 -34.92 34.52 39.54
C PHE G 182 -35.20 33.91 40.90
N MET G 183 -36.27 33.11 40.96
CA MET G 183 -36.67 32.42 42.17
C MET G 183 -36.97 30.95 41.88
N SER G 184 -36.47 30.07 42.75
CA SER G 184 -36.95 28.69 42.79
C SER G 184 -38.40 28.67 43.29
N ALA G 185 -39.06 27.52 43.19
CA ALA G 185 -40.44 27.37 43.68
C ALA G 185 -40.52 27.70 45.17
N GLU G 186 -39.53 27.29 45.94
CA GLU G 186 -39.53 27.56 47.38
C GLU G 186 -39.41 29.06 47.67
N GLU G 187 -38.54 29.77 46.95
CA GLU G 187 -38.41 31.21 47.13
C GLU G 187 -39.68 31.89 46.65
N ALA G 188 -40.29 31.33 45.61
CA ALA G 188 -41.54 31.90 45.08
C ALA G 188 -42.63 31.78 46.13
N LYS G 189 -42.65 30.67 46.85
CA LYS G 189 -43.63 30.48 47.93
C LYS G 189 -43.37 31.39 49.13
N GLU G 190 -42.11 31.44 49.55
CA GLU G 190 -41.70 32.29 50.66
C GLU G 190 -42.00 33.75 50.34
N TYR G 191 -41.83 34.11 49.06
CA TYR G 191 -42.08 35.47 48.61
C TYR G 191 -43.56 35.83 48.62
N GLY G 192 -44.42 34.83 48.40
CA GLY G 192 -45.85 35.06 48.33
C GLY G 192 -46.52 34.96 46.95
N LEU G 193 -45.76 34.56 45.93
CA LEU G 193 -46.28 34.46 44.56
C LEU G 193 -47.18 33.24 44.34
N ILE G 194 -46.84 32.15 45.02
CA ILE G 194 -47.64 30.93 44.99
C ILE G 194 -47.91 30.48 46.42
N ASP G 195 -48.81 29.51 46.59
CA ASP G 195 -49.19 29.07 47.91
C ASP G 195 -48.51 27.76 48.30
N GLN G 196 -48.47 26.80 47.37
CA GLN G 196 -47.94 25.46 47.64
C GLN G 196 -47.12 24.93 46.48
N ILE G 197 -46.15 24.08 46.81
CA ILE G 197 -45.34 23.38 45.84
C ILE G 197 -45.75 21.92 45.78
N LEU G 198 -45.95 21.38 44.58
CA LEU G 198 -46.44 19.99 44.45
C LEU G 198 -45.31 18.99 44.57
N GLU G 199 -45.58 17.87 45.23
CA GLU G 199 -44.57 16.84 45.49
C GLU G 199 -44.67 15.63 44.57
N ASN G 200 -45.87 15.05 44.49
CA ASN G 200 -46.06 13.76 43.82
C ASN G 200 -47.48 13.53 43.27
N TYR H 8 -7.54 56.35 9.17
CA TYR H 8 -7.57 57.50 10.06
C TYR H 8 -6.31 58.36 9.93
N LEU H 9 -6.40 59.62 10.35
CA LEU H 9 -5.26 60.53 10.27
C LEU H 9 -4.17 60.18 11.28
N VAL H 10 -2.93 60.12 10.81
CA VAL H 10 -1.76 59.93 11.66
C VAL H 10 -0.93 61.23 11.66
N PRO H 11 -0.73 61.84 12.85
CA PRO H 11 -0.03 63.14 12.92
C PRO H 11 1.41 63.10 12.45
N THR H 12 1.82 64.17 11.76
CA THR H 12 3.17 64.31 11.27
C THR H 12 3.99 65.08 12.29
N VAL H 13 5.21 64.61 12.51
CA VAL H 13 6.04 65.16 13.57
C VAL H 13 7.39 65.59 13.02
N ILE H 14 7.94 66.65 13.61
CA ILE H 14 9.21 67.21 13.14
C ILE H 14 10.36 66.91 14.10
N GLU H 15 11.42 66.29 13.57
CA GLU H 15 12.64 66.04 14.32
C GLU H 15 13.71 67.03 13.89
N GLN H 16 14.40 67.64 14.84
CA GLN H 16 15.26 68.79 14.57
C GLN H 16 16.76 68.49 14.66
N SER H 17 17.05 67.19 14.80
CA SER H 17 18.33 66.54 14.59
C SER H 17 19.38 67.48 14.00
N GLY H 18 20.36 67.84 14.83
CA GLY H 18 21.35 68.88 14.56
C GLY H 18 21.58 69.26 13.13
N ARG H 19 21.62 70.57 12.88
CA ARG H 19 21.50 71.18 11.56
C ARG H 19 20.04 71.00 11.04
N GLY H 20 19.81 70.03 10.16
CA GLY H 20 18.58 69.93 9.38
C GLY H 20 17.22 69.71 10.04
N GLU H 21 16.25 69.28 9.23
CA GLU H 21 14.88 69.03 9.68
C GLU H 21 14.24 67.85 8.92
N ARG H 22 13.61 66.93 9.62
CA ARG H 22 12.90 65.83 8.94
C ARG H 22 11.49 65.63 9.53
N ALA H 23 10.51 65.48 8.65
CA ALA H 23 9.15 65.16 9.08
C ALA H 23 8.95 63.64 9.12
N PHE H 24 8.26 63.17 10.15
CA PHE H 24 7.97 61.74 10.30
C PHE H 24 6.50 61.57 10.71
N ASP H 25 5.87 60.49 10.26
CA ASP H 25 4.62 60.09 10.90
C ASP H 25 5.03 59.68 12.31
N ILE H 26 4.11 59.81 13.25
CA ILE H 26 4.47 59.65 14.65
C ILE H 26 4.98 58.23 14.98
N TYR H 27 4.52 57.21 14.26
CA TYR H 27 4.99 55.87 14.58
C TYR H 27 6.40 55.63 14.04
N SER H 28 6.69 56.17 12.86
CA SER H 28 8.03 56.09 12.31
C SER H 28 9.01 56.83 13.21
N ARG H 29 8.51 57.90 13.84
CA ARG H 29 9.31 58.67 14.79
C ARG H 29 9.71 57.84 16.00
N LEU H 30 8.76 57.10 16.57
CA LEU H 30 9.04 56.24 17.73
C LEU H 30 9.88 55.03 17.34
N LEU H 31 9.77 54.58 16.09
CA LEU H 31 10.60 53.49 15.61
C LEU H 31 12.07 53.88 15.68
N LYS H 32 12.33 55.14 15.39
CA LYS H 32 13.66 55.70 15.45
C LYS H 32 14.28 55.57 16.85
N GLU H 33 13.43 55.54 17.88
CA GLU H 33 13.91 55.30 19.25
C GLU H 33 13.82 53.83 19.62
N ARG H 34 13.71 52.97 18.61
CA ARG H 34 13.66 51.52 18.80
C ARG H 34 12.42 51.02 19.54
N ILE H 35 11.31 51.75 19.39
CA ILE H 35 10.02 51.31 19.93
C ILE H 35 9.18 50.65 18.83
N VAL H 36 8.70 49.43 19.08
CA VAL H 36 7.89 48.69 18.10
C VAL H 36 6.52 48.33 18.67
N PHE H 37 5.47 48.59 17.88
CA PHE H 37 4.11 48.35 18.33
C PHE H 37 3.51 47.10 17.69
N LEU H 38 2.87 46.30 18.54
CA LEU H 38 1.95 45.27 18.11
C LEU H 38 0.59 45.68 18.69
N VAL H 39 -0.29 46.22 17.85
CA VAL H 39 -1.57 46.70 18.36
C VAL H 39 -2.74 46.05 17.63
N GLY H 40 -3.67 45.49 18.40
CA GLY H 40 -4.77 44.81 17.77
C GLY H 40 -4.42 43.37 17.41
N PRO H 41 -5.28 42.74 16.61
CA PRO H 41 -5.13 41.31 16.31
C PRO H 41 -3.85 40.96 15.57
N VAL H 42 -3.22 39.88 15.99
CA VAL H 42 -2.04 39.36 15.30
C VAL H 42 -2.42 38.61 14.02
N THR H 43 -2.03 39.17 12.87
CA THR H 43 -2.24 38.53 11.57
C THR H 43 -0.89 38.32 10.87
N ASP H 44 -0.89 37.62 9.74
CA ASP H 44 0.33 37.46 8.91
C ASP H 44 0.97 38.83 8.59
N GLU H 45 0.14 39.80 8.25
CA GLU H 45 0.62 41.13 7.87
C GLU H 45 1.08 41.96 9.09
N SER H 46 0.30 41.95 10.17
CA SER H 46 0.69 42.74 11.34
C SER H 46 1.95 42.12 12.00
N ALA H 47 2.07 40.80 11.98
CA ALA H 47 3.24 40.12 12.52
C ALA H 47 4.48 40.33 11.68
N ASN H 48 4.31 40.22 10.36
CA ASN H 48 5.45 40.35 9.47
C ASN H 48 5.97 41.75 9.53
N LEU H 49 5.06 42.71 9.72
CA LEU H 49 5.46 44.11 9.91
C LEU H 49 6.34 44.28 11.14
N VAL H 50 5.96 43.61 12.23
CA VAL H 50 6.81 43.61 13.42
C VAL H 50 8.16 42.99 13.13
N VAL H 51 8.16 41.82 12.47
CA VAL H 51 9.41 41.13 12.13
C VAL H 51 10.36 42.05 11.39
N ALA H 52 9.82 42.76 10.42
CA ALA H 52 10.62 43.66 9.59
C ALA H 52 11.27 44.77 10.41
N GLN H 53 10.54 45.29 11.40
CA GLN H 53 11.07 46.35 12.23
C GLN H 53 12.18 45.87 13.18
N LEU H 54 12.01 44.68 13.75
CA LEU H 54 13.04 44.07 14.63
C LEU H 54 14.36 43.86 13.91
N LEU H 55 14.27 43.30 12.72
CA LEU H 55 15.43 43.08 11.87
C LEU H 55 16.10 44.41 11.51
N PHE H 56 15.27 45.39 11.18
CA PHE H 56 15.78 46.70 10.81
C PHE H 56 16.52 47.36 11.97
N LEU H 57 15.93 47.29 13.14
CA LEU H 57 16.51 47.89 14.34
C LEU H 57 17.83 47.18 14.72
N GLU H 58 17.86 45.86 14.54
CA GLU H 58 19.09 45.11 14.79
C GLU H 58 20.19 45.57 13.84
N SER H 59 19.85 45.78 12.58
CA SER H 59 20.83 46.24 11.59
C SER H 59 21.31 47.65 11.92
N GLU H 60 20.43 48.48 12.48
CA GLU H 60 20.82 49.84 12.88
C GLU H 60 21.83 49.83 14.06
N ASN H 61 21.62 48.92 15.01
CA ASN H 61 22.52 48.76 16.16
C ASN H 61 22.22 47.42 16.81
N PRO H 62 23.13 46.45 16.61
CA PRO H 62 22.84 45.10 17.09
C PRO H 62 23.00 44.93 18.59
N ASP H 63 23.46 45.96 19.32
CA ASP H 63 23.77 45.76 20.74
C ASP H 63 22.76 46.44 21.66
N LYS H 64 22.09 47.48 21.17
CA LYS H 64 21.11 48.22 21.97
C LYS H 64 19.76 47.47 22.09
N ASP H 65 19.14 47.54 23.26
CA ASP H 65 17.82 46.95 23.50
C ASP H 65 16.76 47.43 22.51
N ILE H 66 15.75 46.58 22.25
CA ILE H 66 14.56 46.97 21.48
C ILE H 66 13.34 46.93 22.40
N PHE H 67 12.43 47.88 22.22
CA PHE H 67 11.28 48.01 23.12
C PHE H 67 9.99 47.70 22.40
N PHE H 68 9.47 46.52 22.70
CA PHE H 68 8.32 45.94 22.02
C PHE H 68 7.07 46.23 22.87
N TYR H 69 6.26 47.18 22.40
CA TYR H 69 5.03 47.55 23.11
C TYR H 69 3.84 46.74 22.58
N ILE H 70 3.16 46.04 23.47
CA ILE H 70 2.09 45.15 23.06
C ILE H 70 0.74 45.55 23.61
N ASN H 71 -0.20 45.85 22.71
CA ASN H 71 -1.61 45.98 23.10
C ASN H 71 -2.42 45.16 22.15
N SER H 72 -2.64 43.90 22.52
CA SER H 72 -3.21 42.94 21.58
C SER H 72 -4.10 41.90 22.28
N PRO H 73 -5.21 41.55 21.64
CA PRO H 73 -6.08 40.48 22.13
C PRO H 73 -5.57 39.13 21.65
N GLY H 74 -4.50 39.13 20.86
CA GLY H 74 -3.98 37.89 20.28
C GLY H 74 -4.27 37.73 18.79
N GLY H 75 -4.30 36.49 18.32
CA GLY H 75 -4.55 36.25 16.91
C GLY H 75 -3.90 34.98 16.39
N SER H 76 -3.36 35.02 15.18
CA SER H 76 -2.81 33.84 14.52
C SER H 76 -1.60 33.24 15.26
N VAL H 77 -1.65 31.95 15.53
CA VAL H 77 -0.54 31.29 16.22
C VAL H 77 0.72 31.26 15.36
N THR H 78 0.61 30.86 14.09
CA THR H 78 1.81 30.80 13.24
C THR H 78 2.38 32.20 13.01
N ALA H 79 1.50 33.20 12.86
CA ALA H 79 1.94 34.58 12.71
C ALA H 79 2.69 35.08 13.96
N GLY H 80 2.15 34.78 15.14
CA GLY H 80 2.79 35.09 16.42
C GLY H 80 4.16 34.44 16.57
N MET H 81 4.27 33.18 16.12
CA MET H 81 5.54 32.42 16.18
C MET H 81 6.64 33.04 15.31
N SER H 82 6.28 33.68 14.20
CA SER H 82 7.31 34.31 13.37
C SER H 82 7.90 35.52 14.11
N ILE H 83 7.09 36.19 14.94
CA ILE H 83 7.58 37.29 15.79
C ILE H 83 8.49 36.76 16.89
N TYR H 84 8.01 35.72 17.57
CA TYR H 84 8.72 35.02 18.64
C TYR H 84 10.12 34.60 18.21
N ASP H 85 10.21 33.89 17.09
CA ASP H 85 11.48 33.38 16.63
C ASP H 85 12.43 34.50 16.24
N THR H 86 11.88 35.61 15.77
CA THR H 86 12.71 36.75 15.43
C THR H 86 13.25 37.39 16.73
N MET H 87 12.40 37.53 17.73
CA MET H 87 12.84 38.02 19.05
C MET H 87 13.98 37.19 19.63
N ASN H 88 13.85 35.86 19.54
CA ASN H 88 14.86 34.99 20.11
C ASN H 88 16.13 35.00 19.27
N PHE H 89 15.96 35.17 17.97
CA PHE H 89 17.09 35.04 17.06
C PHE H 89 18.01 36.24 17.10
N ILE H 90 17.45 37.45 17.03
CA ILE H 90 18.27 38.64 16.85
C ILE H 90 19.15 38.89 18.07
N LYS H 91 20.27 39.57 17.85
CA LYS H 91 21.20 39.84 18.93
C LYS H 91 20.63 40.81 19.97
N PRO H 92 19.95 41.90 19.55
CA PRO H 92 19.41 42.77 20.61
C PRO H 92 18.42 42.09 21.56
N ASP H 93 18.52 42.44 22.83
CA ASP H 93 17.51 42.10 23.80
C ASP H 93 16.22 42.78 23.33
N VAL H 94 15.14 42.03 23.31
CA VAL H 94 13.85 42.61 23.01
C VAL H 94 13.09 42.75 24.32
N SER H 95 13.07 43.95 24.88
CA SER H 95 12.25 44.22 26.05
C SER H 95 10.78 44.20 25.63
N THR H 96 9.92 43.68 26.49
CA THR H 96 8.50 43.74 26.19
C THR H 96 7.74 44.54 27.23
N LEU H 97 6.72 45.26 26.77
CA LEU H 97 5.89 46.08 27.64
C LEU H 97 4.42 45.93 27.28
N CYS H 98 3.61 45.62 28.26
CA CYS H 98 2.18 45.55 28.03
C CYS H 98 1.47 46.85 28.43
N LEU H 99 0.82 47.48 27.45
CA LEU H 99 -0.12 48.57 27.70
C LEU H 99 -1.50 48.11 27.22
N GLY H 100 -2.51 48.35 28.03
CA GLY H 100 -3.85 47.92 27.71
C GLY H 100 -4.06 46.47 28.07
N GLN H 101 -3.75 45.59 27.13
CA GLN H 101 -3.90 44.18 27.37
C GLN H 101 -2.89 43.38 26.58
N ALA H 102 -2.62 42.17 27.07
CA ALA H 102 -1.90 41.17 26.31
C ALA H 102 -2.63 39.85 26.54
N ALA H 103 -3.44 39.43 25.57
CA ALA H 103 -4.21 38.22 25.72
C ALA H 103 -3.78 37.18 24.70
N SER H 104 -3.79 35.92 25.12
CA SER H 104 -3.43 34.78 24.26
C SER H 104 -2.05 34.94 23.61
N MET H 105 -1.99 34.98 22.28
CA MET H 105 -0.69 35.15 21.61
C MET H 105 0.00 36.47 22.03
N GLY H 106 -0.81 37.47 22.40
CA GLY H 106 -0.27 38.71 22.95
C GLY H 106 0.49 38.48 24.25
N ALA H 107 -0.07 37.63 25.12
CA ALA H 107 0.57 37.26 26.38
C ALA H 107 1.78 36.37 26.15
N PHE H 108 1.68 35.50 25.15
CA PHE H 108 2.80 34.63 24.80
C PHE H 108 3.99 35.51 24.47
N LEU H 109 3.77 36.50 23.61
CA LEU H 109 4.85 37.36 23.13
C LEU H 109 5.43 38.23 24.22
N LEU H 110 4.54 38.72 25.10
CA LEU H 110 4.91 39.50 26.26
C LEU H 110 5.83 38.72 27.18
N SER H 111 5.45 37.47 27.45
CA SER H 111 6.20 36.59 28.35
C SER H 111 7.55 36.16 27.74
N ALA H 112 7.68 36.36 26.43
CA ALA H 112 8.86 35.96 25.67
C ALA H 112 9.96 37.02 25.67
N GLY H 113 9.67 38.17 26.27
CA GLY H 113 10.66 39.23 26.33
C GLY H 113 11.89 38.77 27.10
N GLU H 114 13.00 39.45 26.86
CA GLU H 114 14.25 39.20 27.57
C GLU H 114 13.99 39.25 29.06
N LYS H 115 14.34 38.16 29.76
CA LYS H 115 14.04 38.09 31.19
C LYS H 115 14.73 39.19 31.97
N GLY H 116 13.96 39.83 32.84
CA GLY H 116 14.41 41.01 33.54
C GLY H 116 13.89 42.28 32.89
N LYS H 117 13.49 42.18 31.61
CA LYS H 117 13.04 43.34 30.81
C LYS H 117 11.62 43.16 30.26
N ARG H 118 10.80 42.44 31.00
CA ARG H 118 9.38 42.27 30.69
C ARG H 118 8.55 43.14 31.62
N PHE H 119 7.81 44.09 31.06
CA PHE H 119 7.10 45.08 31.87
C PHE H 119 5.61 45.13 31.57
N ALA H 120 4.85 45.66 32.51
CA ALA H 120 3.47 46.02 32.26
C ALA H 120 3.18 47.35 32.96
N LEU H 121 2.28 48.11 32.36
CA LEU H 121 1.74 49.32 32.99
C LEU H 121 0.77 48.86 34.08
N PRO H 122 0.54 49.68 35.13
CA PRO H 122 -0.17 49.15 36.30
C PRO H 122 -1.61 48.61 36.09
N ASN H 123 -2.38 49.15 35.15
CA ASN H 123 -3.76 48.68 35.00
C ASN H 123 -3.94 47.80 33.78
N SER H 124 -2.81 47.29 33.30
CA SER H 124 -2.77 46.33 32.21
C SER H 124 -3.46 45.04 32.58
N ARG H 125 -4.03 44.42 31.54
CA ARG H 125 -4.69 43.13 31.68
C ARG H 125 -3.98 42.07 30.86
N ILE H 126 -3.67 40.96 31.51
CA ILE H 126 -3.04 39.84 30.83
C ILE H 126 -3.98 38.63 30.88
N MET H 127 -4.05 37.87 29.78
CA MET H 127 -4.87 36.66 29.70
C MET H 127 -4.22 35.52 28.91
N ILE H 128 -4.27 34.31 29.47
CA ILE H 128 -3.73 33.11 28.82
C ILE H 128 -4.77 32.00 28.75
N HIS H 129 -4.70 31.21 27.68
CA HIS H 129 -5.57 30.03 27.55
C HIS H 129 -4.97 29.05 26.55
N GLN H 130 -5.64 27.90 26.41
CA GLN H 130 -5.26 26.89 25.41
C GLN H 130 -5.71 27.32 24.02
N PRO H 131 -5.11 26.76 22.96
CA PRO H 131 -5.51 27.16 21.60
C PRO H 131 -6.99 26.87 21.32
N LEU H 132 -7.61 27.76 20.57
CA LEU H 132 -8.99 27.59 20.16
C LEU H 132 -9.02 27.63 18.64
N ILE H 133 -10.02 27.00 18.05
CA ILE H 133 -10.26 27.23 16.64
C ILE H 133 -11.67 27.72 16.35
N SER H 134 -11.71 28.67 15.43
CA SER H 134 -12.91 29.30 14.90
C SER H 134 -13.06 28.85 13.44
N GLY H 135 -14.32 28.79 12.96
CA GLY H 135 -14.62 28.34 11.62
C GLY H 135 -15.00 26.89 11.59
N GLY H 136 -14.09 26.08 11.08
CA GLY H 136 -14.34 24.67 11.11
C GLY H 136 -13.31 23.77 10.47
N LEU H 137 -13.30 22.60 11.00
CA LEU H 137 -12.62 21.49 10.48
C LEU H 137 -13.82 20.67 9.98
N GLY H 138 -13.97 20.53 8.69
CA GLY H 138 -15.08 19.75 8.27
C GLY H 138 -14.50 18.80 7.28
N GLY H 139 -15.01 17.59 7.25
CA GLY H 139 -14.40 16.65 6.35
C GLY H 139 -14.45 15.26 6.93
N GLN H 140 -13.60 14.42 6.40
CA GLN H 140 -13.54 13.02 6.76
C GLN H 140 -12.91 12.90 8.14
N ALA H 141 -13.30 11.86 8.87
CA ALA H 141 -12.71 11.56 10.17
C ALA H 141 -11.18 11.57 10.08
N SER H 142 -10.63 11.02 9.00
CA SER H 142 -9.17 11.01 8.78
C SER H 142 -8.62 12.45 8.83
N ASP H 143 -9.33 13.37 8.19
CA ASP H 143 -8.87 14.76 8.11
C ASP H 143 -8.99 15.47 9.46
N ILE H 144 -10.09 15.20 10.15
CA ILE H 144 -10.33 15.76 11.47
C ILE H 144 -9.35 15.23 12.50
N GLU H 145 -9.04 13.95 12.44
CA GLU H 145 -8.04 13.40 13.34
C GLU H 145 -6.71 14.12 13.16
N ILE H 146 -6.32 14.30 11.91
CA ILE H 146 -5.06 14.93 11.55
C ILE H 146 -4.99 16.34 12.14
N HIS H 147 -6.08 17.08 12.02
CA HIS H 147 -6.13 18.43 12.52
C HIS H 147 -6.29 18.47 14.04
N ALA H 148 -6.99 17.49 14.60
CA ALA H 148 -7.06 17.33 16.05
C ALA H 148 -5.67 17.12 16.63
N ARG H 149 -4.87 16.26 16.00
CA ARG H 149 -3.50 16.00 16.46
C ARG H 149 -2.61 17.25 16.35
N GLU H 150 -2.75 17.99 15.26
CA GLU H 150 -1.94 19.18 15.06
C GLU H 150 -2.27 20.25 16.09
N LEU H 151 -3.55 20.39 16.43
CA LEU H 151 -3.98 21.35 17.44
C LEU H 151 -3.43 20.98 18.83
N LEU H 152 -3.36 19.67 19.13
CA LEU H 152 -2.79 19.21 20.40
C LEU H 152 -1.27 19.39 20.47
N LYS H 153 -0.56 19.22 19.35
CA LYS H 153 0.88 19.47 19.34
C LYS H 153 1.15 20.93 19.66
N ILE H 154 0.31 21.79 19.09
CA ILE H 154 0.42 23.21 19.34
C ILE H 154 0.17 23.52 20.79
N LYS H 155 -0.88 22.93 21.35
CA LYS H 155 -1.21 23.12 22.77
C LYS H 155 -0.06 22.69 23.67
N GLU H 156 0.49 21.51 23.41
CA GLU H 156 1.58 20.99 24.23
C GLU H 156 2.82 21.90 24.09
N LYS H 157 3.15 22.29 22.86
CA LYS H 157 4.29 23.17 22.64
C LYS H 157 4.13 24.50 23.38
N LEU H 158 2.93 25.08 23.29
CA LEU H 158 2.67 26.40 23.88
C LEU H 158 2.76 26.33 25.41
N ASN H 159 2.19 25.27 25.99
CA ASN H 159 2.29 25.08 27.42
C ASN H 159 3.73 24.93 27.86
N ARG H 160 4.51 24.19 27.07
CA ARG H 160 5.91 23.94 27.35
C ARG H 160 6.75 25.21 27.30
N LEU H 161 6.55 25.99 26.25
CA LEU H 161 7.29 27.24 26.09
C LEU H 161 6.86 28.25 27.15
N MET H 162 5.56 28.28 27.47
CA MET H 162 5.08 29.22 28.48
C MET H 162 5.65 28.88 29.84
N ALA H 163 5.77 27.58 30.12
CA ALA H 163 6.36 27.09 31.35
C ALA H 163 7.81 27.56 31.46
N LYS H 164 8.54 27.50 30.35
CA LYS H 164 9.92 27.93 30.37
C LYS H 164 10.01 29.47 30.58
N HIS H 165 9.13 30.23 29.91
CA HIS H 165 9.11 31.70 30.05
C HIS H 165 8.82 32.13 31.48
N CYS H 166 7.90 31.42 32.14
CA CYS H 166 7.42 31.83 33.44
C CYS H 166 8.25 31.23 34.57
N ASP H 167 9.22 30.38 34.18
CA ASP H 167 10.01 29.60 35.12
C ASP H 167 9.12 28.78 36.05
N ARG H 168 8.21 28.02 35.46
CA ARG H 168 7.28 27.18 36.19
C ARG H 168 7.16 25.76 35.64
N ASP H 169 6.45 24.92 36.37
CA ASP H 169 6.24 23.53 35.95
C ASP H 169 5.21 23.46 34.85
N LEU H 170 5.47 22.59 33.89
CA LEU H 170 4.53 22.31 32.82
C LEU H 170 3.11 22.08 33.35
N ALA H 171 3.00 21.32 34.45
CA ALA H 171 1.70 20.98 35.03
C ALA H 171 0.98 22.23 35.51
N ASP H 172 1.75 23.24 35.93
CA ASP H 172 1.14 24.50 36.35
C ASP H 172 0.47 25.16 35.15
N LEU H 173 1.21 25.24 34.06
CA LEU H 173 0.72 25.86 32.85
C LEU H 173 -0.47 25.07 32.25
N GLU H 174 -0.40 23.74 32.31
CA GLU H 174 -1.50 22.94 31.79
C GLU H 174 -2.80 23.22 32.51
N ARG H 175 -2.78 23.22 33.85
CA ARG H 175 -3.99 23.52 34.62
C ARG H 175 -4.43 24.99 34.44
N ASP H 176 -3.47 25.91 34.39
CA ASP H 176 -3.83 27.31 34.42
C ASP H 176 -4.19 27.88 33.04
N THR H 177 -4.08 27.07 31.99
CA THR H 177 -4.49 27.54 30.67
C THR H 177 -5.69 26.73 30.16
N ASP H 178 -6.25 25.88 31.02
CA ASP H 178 -7.38 25.05 30.61
C ASP H 178 -8.54 25.92 30.12
N ARG H 179 -8.80 27.00 30.85
CA ARG H 179 -9.80 27.99 30.45
C ARG H 179 -9.21 29.40 30.56
N ASP H 180 -9.95 30.40 30.07
CA ASP H 180 -9.45 31.78 30.10
C ASP H 180 -8.99 32.17 31.50
N ASN H 181 -7.74 32.62 31.57
CA ASN H 181 -7.11 32.97 32.82
C ASN H 181 -6.67 34.43 32.77
N PHE H 182 -7.49 35.31 33.34
CA PHE H 182 -7.21 36.74 33.38
C PHE H 182 -6.33 37.05 34.57
N MET H 183 -5.31 37.87 34.36
CA MET H 183 -4.40 38.30 35.41
C MET H 183 -4.21 39.80 35.44
N SER H 184 -4.22 40.39 36.63
CA SER H 184 -3.74 41.76 36.84
C SER H 184 -2.25 41.83 36.59
N ALA H 185 -1.73 43.05 36.52
CA ALA H 185 -0.30 43.22 36.34
C ALA H 185 0.43 42.50 37.46
N GLU H 186 -0.07 42.67 38.68
CA GLU H 186 0.58 42.04 39.84
C GLU H 186 0.50 40.51 39.77
N GLU H 187 -0.65 39.99 39.36
CA GLU H 187 -0.77 38.53 39.27
C GLU H 187 0.16 38.03 38.19
N ALA H 188 0.31 38.79 37.11
CA ALA H 188 1.16 38.40 36.01
C ALA H 188 2.62 38.36 36.45
N LYS H 189 3.00 39.32 37.28
CA LYS H 189 4.35 39.36 37.82
C LYS H 189 4.59 38.19 38.77
N GLU H 190 3.62 37.96 39.67
CA GLU H 190 3.72 36.89 40.65
C GLU H 190 3.84 35.53 39.96
N TYR H 191 3.14 35.36 38.84
CA TYR H 191 3.12 34.12 38.09
C TYR H 191 4.45 33.83 37.40
N GLY H 192 5.20 34.88 37.08
CA GLY H 192 6.47 34.73 36.39
C GLY H 192 6.38 35.13 34.92
N LEU H 193 5.21 35.67 34.55
CA LEU H 193 4.92 36.05 33.16
C LEU H 193 5.58 37.41 32.79
N ILE H 194 5.65 38.33 33.75
CA ILE H 194 6.40 39.59 33.59
C ILE H 194 7.34 39.78 34.77
N ASP H 195 8.26 40.73 34.67
CA ASP H 195 9.26 40.98 35.73
C ASP H 195 8.94 42.16 36.64
N GLN H 196 8.53 43.28 36.06
CA GLN H 196 8.31 44.49 36.83
C GLN H 196 7.05 45.26 36.38
N ILE H 197 6.47 45.99 37.33
CA ILE H 197 5.37 46.88 37.03
C ILE H 197 5.81 48.33 37.09
N LEU H 198 5.55 49.05 36.01
CA LEU H 198 5.98 50.45 35.83
C LEU H 198 5.02 51.48 36.43
N LEU I 9 -0.68 51.28 7.89
CA LEU I 9 0.57 52.06 7.85
C LEU I 9 1.83 51.19 7.79
N VAL I 10 2.71 51.48 6.83
CA VAL I 10 4.03 50.87 6.80
C VAL I 10 5.00 51.93 7.27
N PRO I 11 5.84 51.60 8.28
CA PRO I 11 6.78 52.58 8.81
C PRO I 11 7.75 53.05 7.74
N THR I 12 8.11 54.33 7.79
CA THR I 12 9.12 54.91 6.91
C THR I 12 10.44 54.96 7.68
N VAL I 13 11.54 54.81 6.96
CA VAL I 13 12.82 54.52 7.56
C VAL I 13 13.93 55.15 6.72
N ILE I 14 14.97 55.65 7.36
CA ILE I 14 16.05 56.31 6.62
C ILE I 14 17.13 55.32 6.21
N GLU I 15 17.49 55.33 4.93
CA GLU I 15 18.43 54.34 4.42
C GLU I 15 19.89 54.72 4.64
N GLN I 16 20.69 53.73 5.02
CA GLN I 16 22.14 53.84 5.05
C GLN I 16 22.66 53.78 3.62
N SER I 17 23.22 54.89 3.12
CA SER I 17 23.66 54.95 1.72
C SER I 17 25.05 55.53 1.54
N GLY I 18 25.72 55.10 0.49
CA GLY I 18 27.00 55.68 0.12
C GLY I 18 26.81 56.88 -0.80
N ARG I 19 25.57 57.31 -0.97
CA ARG I 19 25.29 58.46 -1.84
C ARG I 19 24.41 59.51 -1.17
N GLY I 20 24.08 59.29 0.09
CA GLY I 20 23.29 60.26 0.84
C GLY I 20 22.26 59.61 1.74
N GLU I 21 21.19 60.33 2.03
CA GLU I 21 20.08 59.77 2.79
C GLU I 21 18.86 59.63 1.91
N ARG I 22 18.21 58.47 1.96
CA ARG I 22 16.97 58.25 1.23
C ARG I 22 15.92 57.63 2.16
N ALA I 23 14.71 58.16 2.12
CA ALA I 23 13.61 57.59 2.90
C ALA I 23 12.97 56.41 2.15
N PHE I 24 12.59 55.37 2.90
CA PHE I 24 12.00 54.16 2.32
C PHE I 24 10.86 53.66 3.18
N ASP I 25 9.87 53.05 2.55
CA ASP I 25 8.98 52.22 3.34
C ASP I 25 9.87 51.06 3.75
N ILE I 26 9.61 50.47 4.91
CA ILE I 26 10.56 49.53 5.49
C ILE I 26 10.75 48.29 4.59
N TYR I 27 9.74 47.93 3.82
CA TYR I 27 9.91 46.78 2.95
C TYR I 27 10.83 47.07 1.79
N SER I 28 10.75 48.26 1.22
CA SER I 28 11.67 48.66 0.15
C SER I 28 13.08 48.72 0.71
N ARG I 29 13.19 49.09 1.99
CA ARG I 29 14.46 49.11 2.69
C ARG I 29 15.07 47.71 2.79
N LEU I 30 14.27 46.72 3.12
CA LEU I 30 14.77 45.35 3.21
C LEU I 30 15.08 44.75 1.85
N LEU I 31 14.36 45.21 0.83
CA LEU I 31 14.64 44.79 -0.54
C LEU I 31 16.06 45.19 -0.94
N LYS I 32 16.53 46.34 -0.46
CA LYS I 32 17.92 46.78 -0.71
C LYS I 32 18.95 45.77 -0.26
N GLU I 33 18.61 44.98 0.75
CA GLU I 33 19.49 43.90 1.18
C GLU I 33 19.13 42.59 0.50
N ARG I 34 18.36 42.68 -0.59
CA ARG I 34 18.00 41.52 -1.42
C ARG I 34 17.11 40.53 -0.65
N ILE I 35 16.34 41.05 0.30
CA ILE I 35 15.35 40.23 0.99
C ILE I 35 14.00 40.43 0.32
N VAL I 36 13.38 39.33 -0.09
CA VAL I 36 12.08 39.38 -0.73
C VAL I 36 11.07 38.57 0.08
N PHE I 37 9.89 39.16 0.31
CA PHE I 37 8.87 38.54 1.14
C PHE I 37 7.75 37.92 0.30
N LEU I 38 7.31 36.73 0.69
CA LEU I 38 6.03 36.17 0.25
C LEU I 38 5.21 35.95 1.52
N VAL I 39 4.23 36.82 1.75
CA VAL I 39 3.44 36.79 2.96
C VAL I 39 1.95 36.67 2.62
N GLY I 40 1.26 35.72 3.25
CA GLY I 40 -0.15 35.54 2.95
C GLY I 40 -0.39 34.73 1.68
N PRO I 41 -1.65 34.66 1.23
CA PRO I 41 -2.04 33.83 0.09
C PRO I 41 -1.31 34.17 -1.20
N VAL I 42 -0.95 33.14 -1.96
CA VAL I 42 -0.34 33.33 -3.27
C VAL I 42 -1.40 33.67 -4.32
N THR I 43 -1.39 34.89 -4.83
CA THR I 43 -2.33 35.31 -5.87
C THR I 43 -1.50 35.69 -7.09
N ASP I 44 -2.12 35.86 -8.26
CA ASP I 44 -1.43 36.29 -9.47
C ASP I 44 -0.64 37.57 -9.20
N GLU I 45 -1.26 38.41 -8.42
CA GLU I 45 -0.70 39.69 -8.11
C GLU I 45 0.42 39.66 -7.07
N SER I 46 0.21 38.86 -6.02
CA SER I 46 1.22 38.75 -4.96
C SER I 46 2.45 38.06 -5.50
N ALA I 47 2.23 37.08 -6.39
CA ALA I 47 3.30 36.35 -7.06
C ALA I 47 4.05 37.17 -8.11
N ASN I 48 3.33 37.96 -8.91
CA ASN I 48 4.00 38.70 -9.98
C ASN I 48 4.92 39.75 -9.37
N LEU I 49 4.52 40.27 -8.22
CA LEU I 49 5.34 41.21 -7.49
C LEU I 49 6.67 40.56 -7.07
N VAL I 50 6.61 39.32 -6.59
CA VAL I 50 7.83 38.58 -6.26
C VAL I 50 8.68 38.37 -7.50
N VAL I 51 8.04 37.94 -8.59
CA VAL I 51 8.77 37.72 -9.82
C VAL I 51 9.53 38.98 -10.21
N ALA I 52 8.86 40.13 -10.13
CA ALA I 52 9.46 41.41 -10.47
C ALA I 52 10.66 41.74 -9.57
N GLN I 53 10.55 41.43 -8.27
CA GLN I 53 11.64 41.67 -7.33
C GLN I 53 12.86 40.77 -7.56
N LEU I 54 12.62 39.50 -7.87
CA LEU I 54 13.69 38.57 -8.18
C LEU I 54 14.46 39.05 -9.43
N LEU I 55 13.71 39.41 -10.47
CA LEU I 55 14.31 39.90 -11.70
C LEU I 55 15.09 41.19 -11.44
N PHE I 56 14.51 42.07 -10.64
CA PHE I 56 15.17 43.33 -10.37
C PHE I 56 16.47 43.12 -9.61
N LEU I 57 16.45 42.23 -8.62
CA LEU I 57 17.63 41.96 -7.79
C LEU I 57 18.77 41.33 -8.60
N GLU I 58 18.42 40.45 -9.52
CA GLU I 58 19.40 39.86 -10.43
C GLU I 58 20.04 40.95 -11.27
N SER I 59 19.22 41.92 -11.66
CA SER I 59 19.66 43.03 -12.49
C SER I 59 20.65 43.92 -11.75
N GLU I 60 20.46 44.08 -10.44
CA GLU I 60 21.40 44.84 -9.63
C GLU I 60 22.72 44.10 -9.49
N ASN I 61 22.63 42.78 -9.34
CA ASN I 61 23.82 41.92 -9.18
C ASN I 61 23.45 40.47 -9.45
N PRO I 62 23.92 39.92 -10.57
CA PRO I 62 23.53 38.56 -10.95
C PRO I 62 24.21 37.45 -10.13
N ASP I 63 25.14 37.81 -9.26
CA ASP I 63 25.92 36.80 -8.55
C ASP I 63 25.62 36.72 -7.06
N LYS I 64 25.10 37.78 -6.47
CA LYS I 64 24.82 37.73 -5.04
C LYS I 64 23.53 36.96 -4.73
N ASP I 65 23.54 36.24 -3.61
CA ASP I 65 22.36 35.54 -3.12
C ASP I 65 21.11 36.42 -2.95
N ILE I 66 19.95 35.79 -3.13
CA ILE I 66 18.69 36.42 -2.82
C ILE I 66 18.04 35.67 -1.65
N PHE I 67 17.42 36.42 -0.75
CA PHE I 67 16.83 35.82 0.44
C PHE I 67 15.31 35.96 0.43
N PHE I 68 14.67 34.83 0.14
CA PHE I 68 13.23 34.72 -0.10
C PHE I 68 12.56 34.21 1.19
N TYR I 69 11.91 35.14 1.90
CA TYR I 69 11.24 34.87 3.20
C TYR I 69 9.78 34.54 3.02
N ILE I 70 9.37 33.38 3.47
CA ILE I 70 8.01 32.91 3.23
C ILE I 70 7.21 32.71 4.51
N ASN I 71 6.08 33.39 4.59
CA ASN I 71 5.04 33.13 5.59
C ASN I 71 3.68 33.06 4.86
N SER I 72 3.33 31.88 4.40
CA SER I 72 2.23 31.77 3.46
C SER I 72 1.42 30.50 3.61
N PRO I 73 0.11 30.62 3.46
CA PRO I 73 -0.78 29.46 3.48
C PRO I 73 -0.86 28.80 2.13
N GLY I 74 -0.21 29.37 1.12
CA GLY I 74 -0.32 28.81 -0.22
C GLY I 74 -1.25 29.65 -1.08
N GLY I 75 -1.86 29.03 -2.09
CA GLY I 75 -2.76 29.75 -2.96
C GLY I 75 -2.71 29.19 -4.36
N SER I 76 -2.77 30.08 -5.35
CA SER I 76 -2.85 29.69 -6.76
C SER I 76 -1.63 28.91 -7.20
N VAL I 77 -1.87 27.75 -7.82
CA VAL I 77 -0.79 26.89 -8.31
C VAL I 77 0.00 27.52 -9.45
N THR I 78 -0.70 28.06 -10.43
CA THR I 78 -0.06 28.66 -11.60
C THR I 78 0.69 29.92 -11.19
N ALA I 79 0.13 30.67 -10.25
CA ALA I 79 0.80 31.84 -9.71
C ALA I 79 2.09 31.43 -9.02
N GLY I 80 2.01 30.35 -8.24
CA GLY I 80 3.17 29.79 -7.58
C GLY I 80 4.23 29.34 -8.58
N MET I 81 3.80 28.70 -9.67
CA MET I 81 4.74 28.20 -10.66
C MET I 81 5.53 29.33 -11.31
N SER I 82 4.93 30.51 -11.41
CA SER I 82 5.63 31.62 -12.04
C SER I 82 6.82 32.06 -11.15
N ILE I 83 6.63 31.99 -9.84
CA ILE I 83 7.71 32.27 -8.90
C ILE I 83 8.78 31.20 -8.98
N TYR I 84 8.35 29.94 -8.98
CA TYR I 84 9.24 28.77 -9.11
C TYR I 84 10.17 28.84 -10.32
N ASP I 85 9.59 29.07 -11.49
CA ASP I 85 10.35 29.08 -12.73
C ASP I 85 11.32 30.28 -12.75
N THR I 86 10.94 31.39 -12.12
CA THR I 86 11.80 32.57 -11.99
C THR I 86 12.95 32.26 -11.05
N MET I 87 12.67 31.60 -9.94
CA MET I 87 13.72 31.13 -9.03
C MET I 87 14.78 30.27 -9.74
N ASN I 88 14.30 29.34 -10.56
CA ASN I 88 15.20 28.42 -11.25
C ASN I 88 15.93 29.09 -12.43
N PHE I 89 15.32 30.10 -13.04
CA PHE I 89 15.90 30.72 -14.24
C PHE I 89 17.05 31.67 -13.91
N ILE I 90 16.84 32.56 -12.94
CA ILE I 90 17.82 33.61 -12.66
C ILE I 90 19.12 33.05 -12.12
N LYS I 91 20.20 33.78 -12.33
CA LYS I 91 21.54 33.35 -11.92
C LYS I 91 21.77 33.38 -10.39
N PRO I 92 21.27 34.41 -9.68
CA PRO I 92 21.51 34.37 -8.23
C PRO I 92 20.95 33.12 -7.57
N ASP I 93 21.67 32.58 -6.59
CA ASP I 93 21.09 31.55 -5.72
C ASP I 93 19.94 32.15 -4.95
N VAL I 94 18.80 31.48 -4.96
CA VAL I 94 17.68 31.93 -4.16
C VAL I 94 17.56 31.09 -2.89
N SER I 95 18.06 31.64 -1.80
CA SER I 95 17.89 31.05 -0.49
C SER I 95 16.43 31.20 -0.07
N THR I 96 15.88 30.19 0.59
CA THR I 96 14.53 30.34 1.12
C THR I 96 14.56 30.25 2.65
N LEU I 97 13.68 31.02 3.29
CA LEU I 97 13.57 30.97 4.74
C LEU I 97 12.10 31.00 5.12
N CYS I 98 11.66 30.04 5.90
CA CYS I 98 10.28 30.01 6.37
C CYS I 98 10.09 30.59 7.78
N LEU I 99 9.31 31.66 7.88
CA LEU I 99 8.92 32.14 9.20
C LEU I 99 7.42 32.02 9.36
N GLY I 100 7.01 31.54 10.51
CA GLY I 100 5.61 31.33 10.75
C GLY I 100 5.15 30.03 10.10
N GLN I 101 4.76 30.08 8.84
CA GLN I 101 4.35 28.86 8.15
C GLN I 101 4.62 28.93 6.66
N ALA I 102 4.78 27.74 6.07
CA ALA I 102 4.80 27.56 4.63
C ALA I 102 3.93 26.33 4.36
N ALA I 103 2.73 26.57 3.87
CA ALA I 103 1.81 25.48 3.60
C ALA I 103 1.49 25.43 2.12
N SER I 104 1.29 24.22 1.60
CA SER I 104 0.93 24.00 0.22
C SER I 104 1.93 24.67 -0.74
N MET I 105 1.44 25.56 -1.59
CA MET I 105 2.33 26.25 -2.51
C MET I 105 3.42 27.01 -1.74
N GLY I 106 3.13 27.43 -0.52
CA GLY I 106 4.16 28.05 0.32
C GLY I 106 5.28 27.08 0.62
N ALA I 107 4.90 25.85 0.97
CA ALA I 107 5.87 24.78 1.27
C ALA I 107 6.61 24.38 0.02
N PHE I 108 5.91 24.35 -1.10
CA PHE I 108 6.53 24.03 -2.40
C PHE I 108 7.64 25.01 -2.70
N LEU I 109 7.37 26.32 -2.56
CA LEU I 109 8.37 27.34 -2.89
C LEU I 109 9.54 27.33 -1.91
N LEU I 110 9.23 27.08 -0.64
CA LEU I 110 10.27 26.94 0.37
C LEU I 110 11.22 25.82 0.01
N SER I 111 10.66 24.66 -0.35
CA SER I 111 11.48 23.49 -0.69
C SER I 111 12.25 23.70 -1.99
N ALA I 112 11.85 24.72 -2.73
CA ALA I 112 12.43 25.03 -4.03
C ALA I 112 13.69 25.90 -3.94
N GLY I 113 14.03 26.36 -2.75
CA GLY I 113 15.23 27.17 -2.58
C GLY I 113 16.48 26.38 -2.96
N GLU I 114 17.55 27.11 -3.24
CA GLU I 114 18.84 26.52 -3.57
C GLU I 114 19.24 25.50 -2.53
N LYS I 115 19.60 24.30 -2.96
CA LYS I 115 19.93 23.25 -2.00
C LYS I 115 21.12 23.72 -1.14
N GLY I 116 20.96 23.60 0.17
CA GLY I 116 21.93 24.15 1.11
C GLY I 116 21.51 25.48 1.74
N LYS I 117 20.63 26.22 1.08
CA LYS I 117 20.26 27.56 1.55
C LYS I 117 18.77 27.66 1.80
N ARG I 118 18.17 26.54 2.21
CA ARG I 118 16.78 26.52 2.60
C ARG I 118 16.69 26.46 4.13
N PHE I 119 16.05 27.48 4.70
CA PHE I 119 16.06 27.64 6.15
C PHE I 119 14.67 27.71 6.78
N ALA I 120 14.61 27.37 8.08
CA ALA I 120 13.43 27.60 8.89
C ALA I 120 13.80 28.03 10.31
N LEU I 121 12.95 28.86 10.86
CA LEU I 121 13.03 29.27 12.25
C LEU I 121 12.50 28.10 13.08
N PRO I 122 12.87 28.02 14.37
CA PRO I 122 12.57 26.80 15.13
C PRO I 122 11.11 26.44 15.24
N ASN I 123 10.23 27.43 15.29
CA ASN I 123 8.82 27.13 15.51
C ASN I 123 7.95 27.27 14.30
N SER I 124 8.59 27.32 13.14
CA SER I 124 7.87 27.36 11.88
C SER I 124 7.11 26.07 11.68
N ARG I 125 6.03 26.19 10.92
CA ARG I 125 5.22 25.05 10.52
C ARG I 125 5.26 24.83 9.02
N ILE I 126 5.52 23.59 8.60
CA ILE I 126 5.43 23.26 7.19
C ILE I 126 4.23 22.31 6.99
N MET I 127 3.50 22.50 5.89
CA MET I 127 2.43 21.57 5.59
C MET I 127 2.36 21.30 4.09
N ILE I 128 2.24 20.02 3.74
CA ILE I 128 2.09 19.64 2.36
C ILE I 128 0.89 18.71 2.20
N HIS I 129 0.22 18.79 1.04
CA HIS I 129 -0.88 17.90 0.72
C HIS I 129 -1.13 17.90 -0.78
N GLN I 130 -2.08 17.08 -1.22
CA GLN I 130 -2.43 17.02 -2.63
C GLN I 130 -3.30 18.20 -3.05
N PRO I 131 -3.39 18.47 -4.37
CA PRO I 131 -4.20 19.61 -4.80
C PRO I 131 -5.64 19.56 -4.32
N LEU I 132 -6.17 20.75 -3.99
CA LEU I 132 -7.54 20.92 -3.58
C LEU I 132 -8.17 21.81 -4.60
N ILE I 133 -9.44 21.63 -4.93
CA ILE I 133 -10.09 22.68 -5.68
C ILE I 133 -11.33 23.11 -4.94
N SER I 134 -11.57 24.41 -4.97
CA SER I 134 -12.77 25.03 -4.41
C SER I 134 -13.63 25.59 -5.52
N GLY I 135 -14.92 25.69 -5.26
CA GLY I 135 -15.87 26.14 -6.27
C GLY I 135 -16.60 24.95 -6.84
N GLY I 136 -15.87 24.07 -7.53
CA GLY I 136 -16.50 22.91 -8.08
C GLY I 136 -16.31 22.73 -9.58
N LEU I 137 -16.60 21.52 -10.04
CA LEU I 137 -16.65 21.18 -11.46
C LEU I 137 -18.07 21.08 -12.02
N GLY I 138 -18.38 21.99 -12.94
CA GLY I 138 -19.62 21.93 -13.70
C GLY I 138 -19.26 22.20 -15.14
N GLY I 139 -19.97 21.60 -16.07
CA GLY I 139 -21.06 20.72 -15.73
C GLY I 139 -21.16 19.48 -16.61
N GLN I 140 -20.79 19.59 -17.88
CA GLN I 140 -20.96 18.44 -18.78
C GLN I 140 -19.91 17.36 -18.51
N ALA I 141 -20.32 16.09 -18.55
CA ALA I 141 -19.41 14.95 -18.25
C ALA I 141 -18.08 14.97 -19.04
N SER I 142 -18.14 15.31 -20.32
CA SER I 142 -16.93 15.46 -21.13
C SER I 142 -15.96 16.48 -20.51
N ASP I 143 -16.51 17.58 -20.02
CA ASP I 143 -15.72 18.66 -19.47
C ASP I 143 -15.13 18.29 -18.10
N ILE I 144 -15.90 17.59 -17.27
CA ILE I 144 -15.38 17.20 -15.95
C ILE I 144 -14.22 16.25 -16.09
N GLU I 145 -14.33 15.33 -17.05
CA GLU I 145 -13.27 14.38 -17.35
C GLU I 145 -11.98 15.08 -17.73
N ILE I 146 -12.08 16.05 -18.63
CA ILE I 146 -10.93 16.83 -19.07
C ILE I 146 -10.24 17.50 -17.89
N HIS I 147 -11.03 18.10 -17.00
CA HIS I 147 -10.48 18.81 -15.86
C HIS I 147 -9.98 17.89 -14.74
N ALA I 148 -10.65 16.75 -14.57
CA ALA I 148 -10.18 15.75 -13.62
C ALA I 148 -8.80 15.27 -14.04
N ARG I 149 -8.67 14.97 -15.32
CA ARG I 149 -7.41 14.54 -15.90
C ARG I 149 -6.30 15.60 -15.75
N GLU I 150 -6.66 16.87 -15.91
CA GLU I 150 -5.70 17.95 -15.77
C GLU I 150 -5.25 18.06 -14.30
N LEU I 151 -6.20 17.86 -13.39
CA LEU I 151 -5.89 17.92 -11.99
C LEU I 151 -4.95 16.78 -11.58
N LEU I 152 -5.13 15.61 -12.17
CA LEU I 152 -4.26 14.47 -11.86
C LEU I 152 -2.85 14.67 -12.44
N LYS I 153 -2.76 15.32 -13.59
CA LYS I 153 -1.45 15.65 -14.15
C LYS I 153 -0.72 16.65 -13.23
N ILE I 154 -1.47 17.62 -12.71
CA ILE I 154 -0.91 18.58 -11.77
C ILE I 154 -0.44 17.92 -10.48
N LYS I 155 -1.26 17.03 -9.94
CA LYS I 155 -0.92 16.30 -8.72
C LYS I 155 0.39 15.51 -8.93
N GLU I 156 0.50 14.81 -10.04
CA GLU I 156 1.71 14.05 -10.32
C GLU I 156 2.94 14.98 -10.55
N LYS I 157 2.78 16.06 -11.32
CA LYS I 157 3.89 16.98 -11.60
C LYS I 157 4.43 17.55 -10.29
N LEU I 158 3.52 17.98 -9.41
CA LEU I 158 3.90 18.61 -8.16
C LEU I 158 4.62 17.62 -7.25
N ASN I 159 4.10 16.40 -7.20
CA ASN I 159 4.75 15.33 -6.47
C ASN I 159 6.14 15.06 -7.06
N ARG I 160 6.23 15.06 -8.38
CA ARG I 160 7.51 14.80 -9.06
C ARG I 160 8.49 15.89 -8.72
N LEU I 161 8.05 17.13 -8.79
CA LEU I 161 8.98 18.24 -8.54
C LEU I 161 9.40 18.25 -7.06
N MET I 162 8.46 17.97 -6.17
CA MET I 162 8.74 17.97 -4.74
C MET I 162 9.74 16.88 -4.36
N ALA I 163 9.62 15.71 -5.00
CA ALA I 163 10.51 14.59 -4.73
C ALA I 163 11.95 14.96 -5.07
N LYS I 164 12.14 15.66 -6.17
CA LYS I 164 13.48 16.07 -6.55
C LYS I 164 14.01 17.10 -5.51
N HIS I 165 13.13 18.01 -5.08
CA HIS I 165 13.52 18.99 -4.08
C HIS I 165 13.98 18.32 -2.79
N CYS I 166 13.26 17.27 -2.42
CA CYS I 166 13.44 16.61 -1.14
C CYS I 166 14.41 15.43 -1.23
N ASP I 167 14.91 15.18 -2.43
CA ASP I 167 15.74 14.02 -2.73
C ASP I 167 15.08 12.73 -2.25
N ARG I 168 13.83 12.53 -2.66
CA ARG I 168 13.07 11.34 -2.30
C ARG I 168 12.39 10.85 -3.56
N ASP I 169 11.73 9.71 -3.48
CA ASP I 169 11.02 9.21 -4.63
C ASP I 169 9.61 9.79 -4.77
N LEU I 170 9.17 9.88 -6.03
CA LEU I 170 7.81 10.24 -6.37
C LEU I 170 6.79 9.54 -5.49
N ALA I 171 7.00 8.25 -5.24
CA ALA I 171 6.08 7.43 -4.45
C ALA I 171 5.99 7.86 -2.98
N ASP I 172 7.07 8.41 -2.46
CA ASP I 172 7.07 8.93 -1.09
C ASP I 172 6.13 10.10 -0.98
N LEU I 173 6.29 11.06 -1.89
CA LEU I 173 5.53 12.30 -1.89
C LEU I 173 4.05 12.00 -2.14
N GLU I 174 3.78 11.02 -3.00
CA GLU I 174 2.41 10.56 -3.23
C GLU I 174 1.77 10.08 -1.92
N ARG I 175 2.50 9.24 -1.19
CA ARG I 175 2.03 8.70 0.09
C ARG I 175 1.83 9.81 1.10
N ASP I 176 2.78 10.74 1.15
CA ASP I 176 2.86 11.69 2.25
C ASP I 176 2.03 12.97 2.01
N THR I 177 1.45 13.12 0.83
CA THR I 177 0.60 14.28 0.55
C THR I 177 -0.87 13.85 0.33
N ASP I 178 -1.19 12.57 0.56
CA ASP I 178 -2.54 12.05 0.32
C ASP I 178 -3.58 12.81 1.14
N ARG I 179 -3.22 13.11 2.38
CA ARG I 179 -4.00 13.96 3.28
C ARG I 179 -3.07 15.00 3.90
N ASP I 180 -3.64 15.96 4.62
CA ASP I 180 -2.83 17.01 5.23
C ASP I 180 -1.71 16.48 6.12
N ASN I 181 -0.50 16.94 5.80
CA ASN I 181 0.74 16.51 6.44
C ASN I 181 1.50 17.70 7.04
N PHE I 182 1.31 17.92 8.34
CA PHE I 182 1.96 19.00 9.09
C PHE I 182 3.37 18.61 9.58
N MET I 183 4.34 19.52 9.41
CA MET I 183 5.69 19.23 9.86
C MET I 183 6.25 20.35 10.70
N SER I 184 6.88 19.97 11.81
CA SER I 184 7.70 20.88 12.59
C SER I 184 8.92 21.23 11.75
N ALA I 185 9.70 22.22 12.19
CA ALA I 185 10.91 22.57 11.47
C ALA I 185 11.89 21.37 11.34
N GLU I 186 12.05 20.62 12.43
CA GLU I 186 12.96 19.47 12.48
C GLU I 186 12.49 18.34 11.54
N GLU I 187 11.18 18.08 11.55
CA GLU I 187 10.63 17.05 10.66
C GLU I 187 10.78 17.46 9.20
N ALA I 188 10.67 18.76 8.91
CA ALA I 188 10.85 19.23 7.53
C ALA I 188 12.30 19.04 7.07
N LYS I 189 13.23 19.23 7.99
CA LYS I 189 14.63 19.02 7.66
C LYS I 189 14.92 17.56 7.39
N GLU I 190 14.44 16.71 8.29
CA GLU I 190 14.64 15.28 8.17
C GLU I 190 14.04 14.77 6.86
N TYR I 191 12.93 15.38 6.45
CA TYR I 191 12.23 15.01 5.23
C TYR I 191 12.96 15.48 3.96
N GLY I 192 13.73 16.57 4.07
CA GLY I 192 14.45 17.11 2.92
C GLY I 192 13.85 18.39 2.37
N LEU I 193 12.89 18.96 3.10
CA LEU I 193 12.19 20.14 2.60
C LEU I 193 13.05 21.38 2.75
N ILE I 194 13.78 21.43 3.86
CA ILE I 194 14.73 22.49 4.15
C ILE I 194 16.05 21.86 4.56
N ASP I 195 17.11 22.66 4.60
CA ASP I 195 18.45 22.17 4.89
C ASP I 195 18.86 22.43 6.33
N GLN I 196 18.57 23.63 6.83
CA GLN I 196 19.04 24.02 8.15
C GLN I 196 17.97 24.75 8.93
N ILE I 197 18.04 24.57 10.24
CA ILE I 197 17.20 25.26 11.16
C ILE I 197 18.01 26.32 11.93
N LEU I 198 17.50 27.54 11.98
CA LEU I 198 18.22 28.69 12.56
C LEU I 198 18.11 28.73 14.08
N GLU I 199 19.16 29.23 14.72
CA GLU I 199 19.23 29.29 16.17
C GLU I 199 19.40 30.72 16.65
N TYR J 8 -2.34 47.41 -2.31
CA TYR J 8 -1.19 46.68 -1.80
C TYR J 8 0.10 47.41 -2.13
N LEU J 9 1.13 47.17 -1.32
CA LEU J 9 2.38 47.90 -1.44
C LEU J 9 3.20 47.36 -2.61
N VAL J 10 3.47 48.24 -3.58
CA VAL J 10 4.45 47.95 -4.61
C VAL J 10 5.79 48.57 -4.18
N PRO J 11 6.85 47.74 -4.09
CA PRO J 11 8.11 48.29 -3.59
C PRO J 11 8.65 49.43 -4.46
N THR J 12 9.37 50.35 -3.83
CA THR J 12 10.06 51.42 -4.54
C THR J 12 11.53 51.02 -4.78
N VAL J 13 12.03 51.40 -5.94
CA VAL J 13 13.31 50.93 -6.43
C VAL J 13 14.11 52.12 -6.94
N ILE J 14 15.43 52.08 -6.78
CA ILE J 14 16.24 53.22 -7.19
C ILE J 14 17.04 52.87 -8.45
N GLU J 15 16.99 53.77 -9.43
CA GLU J 15 17.85 53.64 -10.61
C GLU J 15 18.85 54.79 -10.65
N GLN J 16 20.13 54.43 -10.66
CA GLN J 16 21.22 55.39 -10.52
C GLN J 16 21.76 55.82 -11.87
N SER J 17 21.10 56.80 -12.48
CA SER J 17 21.39 57.24 -13.85
C SER J 17 22.82 57.76 -14.01
N GLY J 18 22.96 59.08 -13.98
CA GLY J 18 24.26 59.72 -14.16
C GLY J 18 24.04 61.22 -14.06
N ARG J 19 22.93 61.65 -14.65
CA ARG J 19 22.40 62.99 -14.43
C ARG J 19 21.41 62.91 -13.27
N GLY J 20 20.99 61.68 -12.95
CA GLY J 20 20.07 61.46 -11.85
C GLY J 20 20.29 60.21 -11.01
N GLU J 21 19.71 60.26 -9.81
CA GLU J 21 19.39 59.07 -9.05
C GLU J 21 17.88 59.08 -9.04
N ARG J 22 17.25 57.98 -9.45
CA ARG J 22 15.80 58.01 -9.62
C ARG J 22 15.05 56.90 -8.88
N ALA J 23 13.96 57.29 -8.22
CA ALA J 23 13.07 56.34 -7.60
C ALA J 23 12.01 55.89 -8.61
N PHE J 24 11.71 54.60 -8.56
CA PHE J 24 10.69 53.99 -9.42
C PHE J 24 9.85 53.04 -8.59
N ASP J 25 8.56 52.95 -8.89
CA ASP J 25 7.81 51.79 -8.45
C ASP J 25 8.39 50.66 -9.30
N ILE J 26 8.43 49.44 -8.79
CA ILE J 26 9.19 48.41 -9.47
C ILE J 26 8.69 48.07 -10.90
N TYR J 27 7.40 48.22 -11.17
CA TYR J 27 6.88 47.92 -12.51
C TYR J 27 7.24 49.02 -13.53
N SER J 28 7.23 50.28 -13.09
CA SER J 28 7.68 51.36 -13.95
C SER J 28 9.16 51.18 -14.30
N ARG J 29 9.91 50.63 -13.35
CA ARG J 29 11.32 50.33 -13.54
C ARG J 29 11.51 49.25 -14.62
N LEU J 30 10.64 48.25 -14.61
CA LEU J 30 10.66 47.18 -15.61
C LEU J 30 10.20 47.68 -16.99
N LEU J 31 9.28 48.64 -16.99
CA LEU J 31 8.83 49.27 -18.23
C LEU J 31 9.99 49.96 -18.94
N LYS J 32 10.89 50.53 -18.14
CA LYS J 32 12.08 51.17 -18.68
C LYS J 32 12.95 50.23 -19.49
N GLU J 33 12.93 48.94 -19.18
CA GLU J 33 13.67 47.95 -19.98
C GLU J 33 12.83 47.28 -21.07
N ARG J 34 11.68 47.89 -21.39
CA ARG J 34 10.76 47.42 -22.42
C ARG J 34 10.03 46.13 -22.05
N ILE J 35 9.81 45.96 -20.75
CA ILE J 35 8.96 44.87 -20.25
C ILE J 35 7.53 45.33 -19.89
N VAL J 36 6.54 44.64 -20.46
CA VAL J 36 5.14 44.94 -20.22
C VAL J 36 4.42 43.72 -19.66
N PHE J 37 3.62 43.92 -18.61
CA PHE J 37 2.90 42.83 -17.97
C PHE J 37 1.43 42.84 -18.34
N LEU J 38 0.89 41.66 -18.64
CA LEU J 38 -0.55 41.42 -18.62
C LEU J 38 -0.76 40.35 -17.56
N VAL J 39 -1.24 40.75 -16.40
CA VAL J 39 -1.44 39.83 -15.30
C VAL J 39 -2.90 39.88 -14.84
N GLY J 40 -3.52 38.71 -14.71
CA GLY J 40 -4.91 38.62 -14.31
C GLY J 40 -5.85 38.75 -15.49
N PRO J 41 -7.15 38.92 -15.20
CA PRO J 41 -8.17 38.99 -16.26
C PRO J 41 -7.94 40.14 -17.24
N VAL J 42 -8.20 39.89 -18.50
CA VAL J 42 -8.11 40.91 -19.53
C VAL J 42 -9.42 41.72 -19.50
N THR J 43 -9.31 43.00 -19.14
CA THR J 43 -10.44 43.92 -19.12
C THR J 43 -10.13 45.05 -20.08
N ASP J 44 -11.12 45.88 -20.42
CA ASP J 44 -10.86 47.04 -21.27
C ASP J 44 -9.74 47.92 -20.69
N GLU J 45 -9.78 48.17 -19.38
CA GLU J 45 -8.81 49.05 -18.71
C GLU J 45 -7.43 48.40 -18.54
N SER J 46 -7.38 47.11 -18.19
CA SER J 46 -6.07 46.45 -18.09
C SER J 46 -5.51 46.26 -19.49
N ALA J 47 -6.38 45.97 -20.45
CA ALA J 47 -5.91 45.81 -21.82
C ALA J 47 -5.42 47.14 -22.40
N ASN J 48 -6.16 48.22 -22.15
CA ASN J 48 -5.81 49.52 -22.72
C ASN J 48 -4.50 50.04 -22.13
N LEU J 49 -4.28 49.72 -20.85
CA LEU J 49 -3.01 50.03 -20.20
C LEU J 49 -1.82 49.36 -20.93
N VAL J 50 -1.99 48.11 -21.35
CA VAL J 50 -0.97 47.44 -22.16
C VAL J 50 -0.76 48.15 -23.51
N VAL J 51 -1.86 48.49 -24.18
CA VAL J 51 -1.78 49.24 -25.42
C VAL J 51 -0.99 50.51 -25.22
N ALA J 52 -1.29 51.20 -24.13
CA ALA J 52 -0.64 52.47 -23.84
C ALA J 52 0.87 52.28 -23.70
N GLN J 53 1.29 51.20 -23.03
CA GLN J 53 2.72 50.97 -22.85
C GLN J 53 3.40 50.58 -24.19
N LEU J 54 2.72 49.78 -25.01
CA LEU J 54 3.28 49.38 -26.30
C LEU J 54 3.55 50.60 -27.18
N LEU J 55 2.56 51.52 -27.24
CA LEU J 55 2.72 52.73 -28.03
C LEU J 55 3.86 53.63 -27.48
N PHE J 56 3.94 53.77 -26.17
CA PHE J 56 5.00 54.59 -25.56
C PHE J 56 6.38 54.04 -25.84
N LEU J 57 6.53 52.73 -25.72
CA LEU J 57 7.80 52.05 -25.95
C LEU J 57 8.24 52.19 -27.40
N GLU J 58 7.28 52.12 -28.31
CA GLU J 58 7.62 52.35 -29.71
C GLU J 58 8.16 53.74 -29.92
N SER J 59 7.53 54.74 -29.31
CA SER J 59 7.99 56.12 -29.47
C SER J 59 9.40 56.32 -28.88
N GLU J 60 9.75 55.59 -27.83
CA GLU J 60 11.10 55.63 -27.25
C GLU J 60 12.16 55.07 -28.19
N ASN J 61 11.81 53.98 -28.87
CA ASN J 61 12.71 53.35 -29.83
C ASN J 61 11.89 52.41 -30.71
N PRO J 62 11.69 52.79 -31.98
CA PRO J 62 10.85 51.99 -32.88
C PRO J 62 11.52 50.71 -33.33
N ASP J 63 12.77 50.50 -32.93
CA ASP J 63 13.53 49.38 -33.46
C ASP J 63 13.82 48.24 -32.46
N LYS J 64 13.86 48.56 -31.17
CA LYS J 64 14.14 47.54 -30.16
C LYS J 64 12.93 46.66 -29.85
N ASP J 65 13.18 45.38 -29.67
CA ASP J 65 12.15 44.44 -29.26
C ASP J 65 11.46 44.89 -27.99
N ILE J 66 10.20 44.51 -27.87
CA ILE J 66 9.38 44.70 -26.67
C ILE J 66 9.06 43.33 -26.10
N PHE J 67 9.06 43.22 -24.77
CA PHE J 67 8.86 41.93 -24.12
C PHE J 67 7.59 41.92 -23.29
N PHE J 68 6.59 41.19 -23.81
CA PHE J 68 5.25 41.15 -23.26
C PHE J 68 5.10 39.91 -22.36
N TYR J 69 5.11 40.13 -21.04
CA TYR J 69 5.01 39.03 -20.08
C TYR J 69 3.56 38.76 -19.73
N ILE J 70 3.12 37.54 -19.95
CA ILE J 70 1.73 37.18 -19.80
C ILE J 70 1.47 36.14 -18.70
N ASN J 71 0.70 36.53 -17.70
CA ASN J 71 0.14 35.57 -16.76
C ASN J 71 -1.33 35.84 -16.63
N SER J 72 -2.14 35.20 -17.48
CA SER J 72 -3.55 35.59 -17.56
C SER J 72 -4.45 34.42 -17.93
N PRO J 73 -5.62 34.33 -17.29
CA PRO J 73 -6.66 33.33 -17.61
C PRO J 73 -7.54 33.81 -18.75
N GLY J 74 -7.27 35.02 -19.27
CA GLY J 74 -8.05 35.60 -20.34
C GLY J 74 -8.99 36.70 -19.89
N GLY J 75 -10.08 36.88 -20.62
CA GLY J 75 -11.05 37.91 -20.32
C GLY J 75 -11.78 38.35 -21.59
N SER J 76 -12.05 39.64 -21.71
CA SER J 76 -12.81 40.17 -22.83
C SER J 76 -12.12 40.01 -24.18
N VAL J 77 -12.82 39.40 -25.12
CA VAL J 77 -12.29 39.20 -26.45
C VAL J 77 -11.99 40.54 -27.12
N THR J 78 -12.91 41.51 -27.02
CA THR J 78 -12.66 42.79 -27.68
C THR J 78 -11.51 43.52 -27.00
N ALA J 79 -11.39 43.41 -25.68
CA ALA J 79 -10.24 44.04 -25.02
C ALA J 79 -8.92 43.38 -25.49
N GLY J 80 -8.92 42.06 -25.60
CA GLY J 80 -7.77 41.33 -26.11
C GLY J 80 -7.38 41.74 -27.54
N MET J 81 -8.38 41.91 -28.41
CA MET J 81 -8.13 42.27 -29.81
C MET J 81 -7.45 43.64 -29.88
N SER J 82 -7.72 44.51 -28.92
CA SER J 82 -7.08 45.83 -28.92
C SER J 82 -5.58 45.68 -28.67
N ILE J 83 -5.18 44.71 -27.84
CA ILE J 83 -3.75 44.42 -27.64
C ILE J 83 -3.14 43.77 -28.89
N TYR J 84 -3.85 42.77 -29.42
CA TYR J 84 -3.47 42.06 -30.64
C TYR J 84 -3.20 42.99 -31.81
N ASP J 85 -4.16 43.85 -32.11
CA ASP J 85 -4.03 44.77 -33.23
C ASP J 85 -2.89 45.78 -32.95
N THR J 86 -2.68 46.15 -31.70
CA THR J 86 -1.57 47.04 -31.36
C THR J 86 -0.22 46.33 -31.53
N MET J 87 -0.13 45.09 -31.07
CA MET J 87 1.07 44.27 -31.24
C MET J 87 1.48 44.19 -32.70
N ASN J 88 0.50 43.95 -33.57
CA ASN J 88 0.73 43.80 -35.01
C ASN J 88 1.05 45.11 -35.73
N PHE J 89 0.53 46.23 -35.21
CA PHE J 89 0.66 47.52 -35.88
C PHE J 89 2.04 48.13 -35.67
N ILE J 90 2.53 48.15 -34.44
CA ILE J 90 3.76 48.87 -34.14
C ILE J 90 4.98 48.24 -34.82
N LYS J 91 5.99 49.06 -35.08
CA LYS J 91 7.20 48.57 -35.74
C LYS J 91 8.01 47.58 -34.87
N PRO J 92 8.19 47.86 -33.56
CA PRO J 92 8.95 46.90 -32.75
C PRO J 92 8.35 45.50 -32.73
N ASP J 93 9.21 44.49 -32.81
CA ASP J 93 8.83 43.10 -32.56
C ASP J 93 8.31 42.97 -31.12
N VAL J 94 7.19 42.29 -30.95
CA VAL J 94 6.68 41.98 -29.63
C VAL J 94 6.94 40.54 -29.24
N SER J 95 7.96 40.34 -28.41
CA SER J 95 8.22 39.05 -27.83
C SER J 95 7.16 38.75 -26.79
N THR J 96 6.71 37.51 -26.72
CA THR J 96 5.78 37.11 -25.66
C THR J 96 6.42 36.06 -24.77
N LEU J 97 6.09 36.13 -23.49
CA LEU J 97 6.59 35.19 -22.52
C LEU J 97 5.47 34.77 -21.60
N CYS J 98 5.23 33.47 -21.52
CA CYS J 98 4.25 32.95 -20.59
C CYS J 98 4.93 32.55 -19.28
N LEU J 99 4.51 33.19 -18.19
CA LEU J 99 4.87 32.76 -16.85
C LEU J 99 3.58 32.43 -16.11
N GLY J 100 3.55 31.31 -15.40
CA GLY J 100 2.36 30.90 -14.71
C GLY J 100 1.38 30.26 -15.67
N GLN J 101 0.54 31.08 -16.31
CA GLN J 101 -0.43 30.57 -17.26
C GLN J 101 -0.78 31.58 -18.34
N ALA J 102 -1.18 31.05 -19.50
CA ALA J 102 -1.76 31.84 -20.57
C ALA J 102 -2.99 31.07 -21.10
N ALA J 103 -4.17 31.51 -20.69
CA ALA J 103 -5.42 30.82 -21.05
C ALA J 103 -6.37 31.69 -21.86
N SER J 104 -7.09 31.03 -22.78
CA SER J 104 -8.07 31.69 -23.61
C SER J 104 -7.43 32.84 -24.37
N MET J 105 -7.95 34.06 -24.18
CA MET J 105 -7.36 35.23 -24.82
C MET J 105 -5.91 35.41 -24.39
N GLY J 106 -5.57 34.94 -23.19
CA GLY J 106 -4.19 34.92 -22.73
C GLY J 106 -3.34 34.05 -23.64
N ALA J 107 -3.86 32.88 -23.99
CA ALA J 107 -3.15 31.99 -24.90
C ALA J 107 -3.13 32.58 -26.32
N PHE J 108 -4.22 33.22 -26.72
CA PHE J 108 -4.30 33.89 -28.02
C PHE J 108 -3.18 34.93 -28.15
N LEU J 109 -3.04 35.79 -27.14
CA LEU J 109 -2.03 36.84 -27.22
C LEU J 109 -0.60 36.28 -27.17
N LEU J 110 -0.40 35.22 -26.39
CA LEU J 110 0.89 34.55 -26.33
C LEU J 110 1.33 34.04 -27.70
N SER J 111 0.42 33.36 -28.38
CA SER J 111 0.65 32.81 -29.70
C SER J 111 0.81 33.92 -30.74
N ALA J 112 0.41 35.13 -30.38
CA ALA J 112 0.48 36.26 -31.31
C ALA J 112 1.83 37.00 -31.28
N GLY J 113 2.72 36.61 -30.37
CA GLY J 113 4.03 37.24 -30.31
C GLY J 113 4.77 37.03 -31.62
N GLU J 114 5.75 37.86 -31.91
CA GLU J 114 6.57 37.75 -33.12
C GLU J 114 7.10 36.33 -33.23
N LYS J 115 6.84 35.68 -34.37
CA LYS J 115 7.24 34.28 -34.56
C LYS J 115 8.77 34.14 -34.45
N GLY J 116 9.19 33.14 -33.67
CA GLY J 116 10.57 32.98 -33.30
C GLY J 116 10.87 33.51 -31.91
N LYS J 117 10.02 34.41 -31.41
CA LYS J 117 10.24 35.07 -30.10
C LYS J 117 9.08 34.88 -29.11
N ARG J 118 8.38 33.75 -29.21
CA ARG J 118 7.31 33.43 -28.28
C ARG J 118 7.82 32.39 -27.29
N PHE J 119 7.79 32.72 -26.01
CA PHE J 119 8.43 31.88 -24.99
C PHE J 119 7.48 31.45 -23.89
N ALA J 120 7.84 30.36 -23.23
CA ALA J 120 7.19 29.95 -21.99
C ALA J 120 8.24 29.45 -21.01
N LEU J 121 7.98 29.67 -19.73
CA LEU J 121 8.78 29.08 -18.69
C LEU J 121 8.37 27.61 -18.59
N PRO J 122 9.26 26.73 -18.09
CA PRO J 122 9.03 25.28 -18.20
C PRO J 122 7.74 24.77 -17.52
N ASN J 123 7.27 25.45 -16.48
CA ASN J 123 6.06 24.97 -15.82
C ASN J 123 4.83 25.80 -16.04
N SER J 124 4.86 26.67 -17.05
CA SER J 124 3.69 27.45 -17.38
C SER J 124 2.59 26.55 -17.94
N ARG J 125 1.35 26.98 -17.78
CA ARG J 125 0.20 26.24 -18.30
C ARG J 125 -0.46 27.07 -19.40
N ILE J 126 -0.69 26.44 -20.55
CA ILE J 126 -1.40 27.09 -21.64
C ILE J 126 -2.71 26.33 -21.88
N MET J 127 -3.80 27.07 -22.10
CA MET J 127 -5.10 26.44 -22.38
C MET J 127 -5.88 27.18 -23.46
N ILE J 128 -6.43 26.42 -24.40
CA ILE J 128 -7.25 26.99 -25.46
C ILE J 128 -8.61 26.33 -25.58
N HIS J 129 -9.64 27.11 -25.92
CA HIS J 129 -10.97 26.57 -26.16
C HIS J 129 -11.83 27.50 -27.02
N GLN J 130 -13.04 27.08 -27.36
CA GLN J 130 -13.95 27.91 -28.16
C GLN J 130 -14.58 28.99 -27.27
N PRO J 131 -15.17 30.04 -27.87
CA PRO J 131 -15.74 31.13 -27.05
C PRO J 131 -16.83 30.67 -26.08
N LEU J 132 -16.82 31.28 -24.90
CA LEU J 132 -17.77 31.04 -23.83
C LEU J 132 -18.53 32.31 -23.58
N ILE J 133 -19.77 32.20 -23.15
CA ILE J 133 -20.38 33.38 -22.55
C ILE J 133 -20.90 33.03 -21.16
N SER J 134 -20.72 33.96 -20.25
CA SER J 134 -21.29 33.88 -18.92
C SER J 134 -22.35 34.96 -18.91
N GLY J 135 -23.42 34.74 -18.15
CA GLY J 135 -24.54 35.65 -18.18
C GLY J 135 -25.58 35.03 -19.09
N GLY J 136 -26.39 35.86 -19.73
CA GLY J 136 -27.41 35.29 -20.58
C GLY J 136 -27.57 35.82 -22.00
N LEU J 137 -28.26 35.02 -22.79
CA LEU J 137 -28.76 35.46 -24.07
C LEU J 137 -30.24 35.72 -23.85
N GLY J 138 -30.61 36.99 -23.87
CA GLY J 138 -31.99 37.45 -23.76
C GLY J 138 -32.17 38.53 -24.80
N GLY J 139 -33.40 38.74 -25.27
CA GLY J 139 -34.56 38.02 -24.79
C GLY J 139 -35.38 37.44 -25.94
N GLN J 140 -35.66 38.24 -26.97
CA GLN J 140 -36.46 37.76 -28.11
C GLN J 140 -35.63 36.88 -29.02
N ALA J 141 -36.31 35.91 -29.65
CA ALA J 141 -35.70 34.99 -30.58
C ALA J 141 -34.85 35.71 -31.62
N SER J 142 -35.36 36.82 -32.16
CA SER J 142 -34.59 37.63 -33.11
C SER J 142 -33.25 38.11 -32.53
N ASP J 143 -33.25 38.49 -31.26
CA ASP J 143 -32.06 39.02 -30.64
C ASP J 143 -31.06 37.91 -30.34
N ILE J 144 -31.57 36.76 -29.91
CA ILE J 144 -30.73 35.60 -29.62
C ILE J 144 -30.06 35.08 -30.87
N GLU J 145 -30.79 35.08 -31.98
CA GLU J 145 -30.23 34.73 -33.27
C GLU J 145 -29.08 35.68 -33.63
N ILE J 146 -29.30 36.97 -33.45
CA ILE J 146 -28.27 37.97 -33.78
C ILE J 146 -27.01 37.69 -32.95
N HIS J 147 -27.18 37.42 -31.66
CA HIS J 147 -26.03 37.23 -30.79
C HIS J 147 -25.35 35.88 -30.96
N ALA J 148 -26.12 34.84 -31.27
CA ALA J 148 -25.56 33.53 -31.58
C ALA J 148 -24.67 33.61 -32.82
N ARG J 149 -25.15 34.27 -33.87
CA ARG J 149 -24.39 34.44 -35.11
C ARG J 149 -23.07 35.20 -34.86
N GLU J 150 -23.13 36.20 -33.99
CA GLU J 150 -21.97 36.99 -33.69
C GLU J 150 -20.95 36.14 -32.93
N LEU J 151 -21.45 35.32 -32.02
CA LEU J 151 -20.58 34.45 -31.23
C LEU J 151 -19.89 33.45 -32.16
N LEU J 152 -20.63 32.97 -33.14
CA LEU J 152 -20.06 32.02 -34.09
C LEU J 152 -19.02 32.66 -34.99
N LYS J 153 -19.25 33.92 -35.37
CA LYS J 153 -18.25 34.62 -36.17
C LYS J 153 -16.96 34.79 -35.36
N ILE J 154 -17.11 35.13 -34.08
CA ILE J 154 -15.96 35.27 -33.19
C ILE J 154 -15.24 33.95 -33.11
N LYS J 155 -16.01 32.87 -32.96
CA LYS J 155 -15.45 31.52 -32.92
C LYS J 155 -14.67 31.20 -34.19
N GLU J 156 -15.26 31.49 -35.34
CA GLU J 156 -14.62 31.18 -36.61
C GLU J 156 -13.33 31.97 -36.75
N LYS J 157 -13.42 33.26 -36.47
CA LYS J 157 -12.30 34.18 -36.65
C LYS J 157 -11.11 33.82 -35.75
N LEU J 158 -11.41 33.46 -34.50
CA LEU J 158 -10.37 33.10 -33.52
C LEU J 158 -9.66 31.79 -33.92
N ASN J 159 -10.42 30.83 -34.43
CA ASN J 159 -9.87 29.58 -34.93
C ASN J 159 -8.95 29.81 -36.15
N ARG J 160 -9.39 30.71 -37.03
CA ARG J 160 -8.66 31.10 -38.24
C ARG J 160 -7.32 31.80 -37.90
N LEU J 161 -7.37 32.75 -36.99
CA LEU J 161 -6.18 33.49 -36.61
C LEU J 161 -5.21 32.60 -35.83
N MET J 162 -5.75 31.76 -34.95
CA MET J 162 -4.93 30.86 -34.16
C MET J 162 -4.26 29.85 -35.08
N ALA J 163 -4.99 29.43 -36.11
CA ALA J 163 -4.43 28.51 -37.09
C ALA J 163 -3.20 29.12 -37.74
N LYS J 164 -3.27 30.41 -38.06
CA LYS J 164 -2.12 31.08 -38.65
C LYS J 164 -0.96 31.24 -37.68
N HIS J 165 -1.25 31.61 -36.44
CA HIS J 165 -0.20 31.76 -35.42
C HIS J 165 0.56 30.46 -35.22
N CYS J 166 -0.21 29.37 -35.24
CA CYS J 166 0.32 28.06 -34.91
C CYS J 166 0.87 27.36 -36.13
N ASP J 167 0.67 27.98 -37.28
CA ASP J 167 1.01 27.36 -38.55
C ASP J 167 0.38 25.97 -38.67
N ARG J 168 -0.94 25.92 -38.48
CA ARG J 168 -1.67 24.65 -38.49
C ARG J 168 -2.89 24.75 -39.38
N ASP J 169 -3.57 23.63 -39.61
CA ASP J 169 -4.81 23.65 -40.38
C ASP J 169 -5.94 24.14 -39.51
N LEU J 170 -6.82 24.94 -40.11
CA LEU J 170 -8.04 25.41 -39.45
C LEU J 170 -8.80 24.24 -38.81
N ALA J 171 -8.88 23.12 -39.51
CA ALA J 171 -9.64 21.97 -39.02
C ALA J 171 -9.02 21.46 -37.72
N ASP J 172 -7.71 21.59 -37.57
CA ASP J 172 -7.05 21.20 -36.33
C ASP J 172 -7.51 22.07 -35.16
N LEU J 173 -7.51 23.39 -35.35
CA LEU J 173 -7.94 24.29 -34.27
C LEU J 173 -9.41 24.08 -33.94
N GLU J 174 -10.22 23.82 -34.96
CA GLU J 174 -11.64 23.54 -34.75
C GLU J 174 -11.82 22.29 -33.88
N ARG J 175 -11.04 21.26 -34.21
CA ARG J 175 -11.06 20.01 -33.46
C ARG J 175 -10.55 20.18 -32.03
N ASP J 176 -9.46 20.93 -31.87
CA ASP J 176 -8.75 20.98 -30.60
C ASP J 176 -9.21 22.08 -29.63
N THR J 177 -10.14 22.90 -30.06
CA THR J 177 -10.64 23.93 -29.18
C THR J 177 -12.10 23.65 -28.85
N ASP J 178 -12.61 22.52 -29.32
CA ASP J 178 -14.02 22.17 -29.09
C ASP J 178 -14.34 22.15 -27.60
N ARG J 179 -13.39 21.62 -26.81
CA ARG J 179 -13.49 21.68 -25.35
C ARG J 179 -12.17 22.17 -24.79
N ASP J 180 -12.09 22.43 -23.50
CA ASP J 180 -10.87 22.97 -22.88
C ASP J 180 -9.67 22.09 -23.19
N ASN J 181 -8.64 22.70 -23.75
CA ASN J 181 -7.46 21.97 -24.17
C ASN J 181 -6.23 22.49 -23.46
N PHE J 182 -5.83 21.79 -22.39
CA PHE J 182 -4.66 22.17 -21.60
C PHE J 182 -3.39 21.64 -22.22
N MET J 183 -2.38 22.49 -22.29
CA MET J 183 -1.09 22.13 -22.84
C MET J 183 0.03 22.52 -21.90
N SER J 184 0.96 21.60 -21.72
CA SER J 184 2.23 21.89 -21.09
C SER J 184 3.03 22.79 -22.02
N ALA J 185 4.12 23.35 -21.52
CA ALA J 185 5.00 24.17 -22.35
C ALA J 185 5.50 23.38 -23.57
N GLU J 186 5.88 22.12 -23.36
CA GLU J 186 6.34 21.26 -24.46
C GLU J 186 5.26 20.94 -25.51
N GLU J 187 4.03 20.66 -25.06
CA GLU J 187 2.94 20.41 -25.99
C GLU J 187 2.58 21.69 -26.78
N ALA J 188 2.67 22.85 -26.10
CA ALA J 188 2.38 24.12 -26.75
C ALA J 188 3.42 24.45 -27.82
N LYS J 189 4.70 24.13 -27.56
CA LYS J 189 5.74 24.31 -28.57
C LYS J 189 5.52 23.38 -29.76
N GLU J 190 5.23 22.12 -29.44
CA GLU J 190 4.99 21.11 -30.45
C GLU J 190 3.77 21.47 -31.29
N TYR J 191 2.78 22.09 -30.65
CA TYR J 191 1.55 22.48 -31.34
C TYR J 191 1.77 23.67 -32.30
N GLY J 192 2.75 24.53 -31.97
CA GLY J 192 3.05 25.69 -32.78
C GLY J 192 2.62 27.01 -32.15
N LEU J 193 2.23 26.95 -30.88
CA LEU J 193 1.76 28.14 -30.15
C LEU J 193 2.90 29.03 -29.70
N ILE J 194 4.00 28.38 -29.29
CA ILE J 194 5.21 29.09 -28.88
C ILE J 194 6.41 28.52 -29.60
N ASP J 195 7.53 29.22 -29.49
CA ASP J 195 8.72 28.83 -30.21
C ASP J 195 9.70 28.07 -29.33
N GLN J 196 9.91 28.56 -28.11
CA GLN J 196 10.95 28.03 -27.25
C GLN J 196 10.50 27.94 -25.80
N ILE J 197 11.09 27.00 -25.07
CA ILE J 197 10.90 26.89 -23.64
C ILE J 197 12.20 27.36 -22.97
N LEU J 198 12.10 28.25 -21.97
CA LEU J 198 13.30 28.81 -21.40
C LEU J 198 13.95 27.92 -20.37
N GLU J 199 15.27 27.93 -20.44
CA GLU J 199 16.15 27.03 -19.73
C GLU J 199 16.54 27.59 -18.36
N ASN J 200 17.65 28.33 -18.35
CA ASN J 200 18.16 28.95 -17.14
C ASN J 200 18.80 30.32 -17.42
N LEU K 9 -2.86 50.30 -10.77
CA LEU K 9 -1.61 51.04 -10.93
C LEU K 9 -1.37 51.50 -12.36
N VAL K 10 -0.91 52.72 -12.52
CA VAL K 10 -0.51 53.23 -13.82
C VAL K 10 0.99 53.48 -13.76
N PRO K 11 1.76 52.88 -14.67
CA PRO K 11 3.23 53.04 -14.63
C PRO K 11 3.64 54.48 -14.86
N THR K 12 4.73 54.90 -14.22
CA THR K 12 5.21 56.27 -14.37
C THR K 12 6.42 56.30 -15.30
N VAL K 13 6.33 57.17 -16.32
CA VAL K 13 7.40 57.29 -17.31
C VAL K 13 8.08 58.65 -17.23
N ILE K 14 9.34 58.69 -17.65
CA ILE K 14 10.14 59.90 -17.52
C ILE K 14 10.26 60.63 -18.84
N GLU K 15 9.89 61.90 -18.82
CA GLU K 15 10.00 62.79 -19.96
C GLU K 15 11.05 63.85 -19.64
N GLN K 16 11.95 64.12 -20.59
CA GLN K 16 12.95 65.17 -20.37
C GLN K 16 12.46 66.50 -20.90
N SER K 17 12.50 67.53 -20.06
CA SER K 17 12.13 68.87 -20.49
C SER K 17 13.29 69.84 -20.27
N GLY K 18 13.01 71.11 -20.53
CA GLY K 18 13.92 72.18 -20.18
C GLY K 18 13.74 72.50 -18.71
N ARG K 19 14.77 72.18 -17.92
CA ARG K 19 14.79 72.40 -16.46
C ARG K 19 13.62 71.75 -15.74
N GLY K 20 13.40 70.47 -16.00
CA GLY K 20 12.36 69.74 -15.29
C GLY K 20 12.13 68.33 -15.80
N GLU K 21 13.08 67.44 -15.56
CA GLU K 21 12.84 66.01 -15.81
C GLU K 21 11.69 65.54 -14.92
N ARG K 22 10.50 65.45 -15.49
CA ARG K 22 9.32 65.17 -14.70
C ARG K 22 8.76 63.78 -14.92
N ALA K 23 8.21 63.23 -13.85
CA ALA K 23 7.50 61.97 -13.91
C ALA K 23 6.06 62.23 -14.33
N PHE K 24 5.59 61.45 -15.31
CA PHE K 24 4.19 61.52 -15.75
C PHE K 24 3.57 60.14 -15.68
N ASP K 25 2.29 60.08 -15.30
CA ASP K 25 1.54 58.85 -15.48
C ASP K 25 1.45 58.65 -16.96
N ILE K 26 1.37 57.39 -17.40
CA ILE K 26 1.52 57.11 -18.81
C ILE K 26 0.41 57.75 -19.65
N TYR K 27 -0.78 57.94 -19.07
CA TYR K 27 -1.86 58.55 -19.83
C TYR K 27 -1.63 60.05 -20.00
N SER K 28 -1.10 60.70 -18.97
CA SER K 28 -0.72 62.11 -19.09
C SER K 28 0.37 62.25 -20.16
N ARG K 29 1.23 61.23 -20.25
CA ARG K 29 2.28 61.20 -21.25
C ARG K 29 1.73 61.16 -22.68
N LEU K 30 0.75 60.29 -22.94
CA LEU K 30 0.16 60.24 -24.27
C LEU K 30 -0.71 61.46 -24.59
N LEU K 31 -1.30 62.07 -23.56
CA LEU K 31 -2.09 63.29 -23.75
C LEU K 31 -1.22 64.40 -24.34
N LYS K 32 0.05 64.47 -23.91
CA LYS K 32 1.01 65.43 -24.48
C LYS K 32 1.19 65.26 -25.99
N GLU K 33 0.93 64.07 -26.53
CA GLU K 33 0.91 63.86 -28.00
C GLU K 33 -0.49 64.05 -28.62
N ARG K 34 -1.39 64.69 -27.87
CA ARG K 34 -2.76 64.99 -28.35
C ARG K 34 -3.59 63.73 -28.55
N ILE K 35 -3.31 62.70 -27.77
CA ILE K 35 -4.13 61.50 -27.75
C ILE K 35 -5.06 61.50 -26.55
N VAL K 36 -6.36 61.34 -26.81
CA VAL K 36 -7.36 61.28 -25.74
C VAL K 36 -8.10 59.94 -25.83
N PHE K 37 -8.26 59.29 -24.67
CA PHE K 37 -8.87 57.96 -24.61
C PHE K 37 -10.32 58.00 -24.12
N LEU K 38 -11.19 57.22 -24.76
CA LEU K 38 -12.50 56.93 -24.16
C LEU K 38 -12.56 55.43 -23.94
N VAL K 39 -12.36 55.01 -22.70
CA VAL K 39 -12.32 53.57 -22.42
C VAL K 39 -13.37 53.16 -21.38
N GLY K 40 -14.15 52.14 -21.71
CA GLY K 40 -15.19 51.69 -20.82
C GLY K 40 -16.50 52.45 -21.00
N PRO K 41 -17.45 52.24 -20.09
CA PRO K 41 -18.75 52.90 -20.23
C PRO K 41 -18.66 54.43 -20.15
N VAL K 42 -19.44 55.08 -21.02
CA VAL K 42 -19.55 56.52 -21.04
C VAL K 42 -20.50 57.03 -19.95
N THR K 43 -19.94 57.73 -18.96
CA THR K 43 -20.69 58.31 -17.85
C THR K 43 -20.50 59.83 -17.87
N ASP K 44 -21.27 60.56 -17.08
CA ASP K 44 -21.06 62.00 -16.97
C ASP K 44 -19.60 62.35 -16.65
N GLU K 45 -19.01 61.61 -15.73
CA GLU K 45 -17.66 61.94 -15.29
C GLU K 45 -16.60 61.52 -16.33
N SER K 46 -16.76 60.34 -16.94
CA SER K 46 -15.78 59.92 -17.93
C SER K 46 -15.88 60.79 -19.19
N ALA K 47 -17.09 61.21 -19.54
CA ALA K 47 -17.31 62.05 -20.73
C ALA K 47 -16.77 63.46 -20.55
N ASN K 48 -17.01 64.03 -19.37
CA ASN K 48 -16.59 65.37 -19.07
C ASN K 48 -15.06 65.49 -18.99
N LEU K 49 -14.41 64.43 -18.53
CA LEU K 49 -12.97 64.34 -18.53
C LEU K 49 -12.46 64.46 -19.96
N VAL K 50 -13.15 63.80 -20.89
CA VAL K 50 -12.82 63.92 -22.31
C VAL K 50 -13.00 65.37 -22.81
N VAL K 51 -14.13 65.98 -22.48
CA VAL K 51 -14.43 67.37 -22.89
C VAL K 51 -13.30 68.30 -22.41
N ALA K 52 -12.88 68.11 -21.18
CA ALA K 52 -11.82 68.92 -20.62
C ALA K 52 -10.51 68.74 -21.40
N GLN K 53 -10.20 67.49 -21.79
CA GLN K 53 -8.96 67.23 -22.51
C GLN K 53 -9.02 67.83 -23.91
N LEU K 54 -10.18 67.73 -24.54
CA LEU K 54 -10.38 68.35 -25.85
C LEU K 54 -10.21 69.88 -25.81
N LEU K 55 -10.82 70.52 -24.82
CA LEU K 55 -10.70 71.97 -24.66
C LEU K 55 -9.25 72.36 -24.39
N PHE K 56 -8.56 71.56 -23.59
CA PHE K 56 -7.16 71.82 -23.28
C PHE K 56 -6.23 71.73 -24.51
N LEU K 57 -6.43 70.71 -25.33
CA LEU K 57 -5.61 70.50 -26.51
C LEU K 57 -5.80 71.62 -27.54
N GLU K 58 -7.05 72.07 -27.69
CA GLU K 58 -7.35 73.19 -28.57
C GLU K 58 -6.59 74.42 -28.07
N SER K 59 -6.55 74.54 -26.74
CA SER K 59 -5.83 75.62 -26.07
C SER K 59 -4.33 75.54 -26.34
N GLU K 60 -3.79 74.32 -26.37
CA GLU K 60 -2.37 74.08 -26.64
C GLU K 60 -2.01 74.44 -28.06
N ASN K 61 -2.89 74.07 -28.98
CA ASN K 61 -2.71 74.33 -30.39
C ASN K 61 -4.00 74.12 -31.15
N PRO K 62 -4.64 75.21 -31.57
CA PRO K 62 -5.94 75.11 -32.23
C PRO K 62 -5.91 74.57 -33.66
N ASP K 63 -4.73 74.30 -34.21
CA ASP K 63 -4.62 73.89 -35.61
C ASP K 63 -4.26 72.41 -35.81
N LYS K 64 -3.62 71.79 -34.81
CA LYS K 64 -3.24 70.39 -34.93
C LYS K 64 -4.38 69.43 -34.66
N ASP K 65 -4.44 68.35 -35.43
CA ASP K 65 -5.41 67.29 -35.21
C ASP K 65 -5.37 66.78 -33.78
N ILE K 66 -6.50 66.28 -33.30
CA ILE K 66 -6.57 65.57 -32.03
C ILE K 66 -6.93 64.12 -32.31
N PHE K 67 -6.36 63.19 -31.54
CA PHE K 67 -6.57 61.76 -31.78
C PHE K 67 -7.33 61.13 -30.64
N PHE K 68 -8.58 60.81 -30.93
CA PHE K 68 -9.56 60.33 -29.97
C PHE K 68 -9.64 58.81 -30.09
N TYR K 69 -9.07 58.11 -29.12
CA TYR K 69 -9.05 56.64 -29.14
C TYR K 69 -10.22 56.08 -28.36
N ILE K 70 -11.04 55.28 -29.02
CA ILE K 70 -12.28 54.80 -28.42
C ILE K 70 -12.29 53.28 -28.24
N ASN K 71 -12.45 52.84 -26.99
CA ASN K 71 -12.75 51.44 -26.66
C ASN K 71 -13.88 51.39 -25.62
N SER K 72 -15.11 51.31 -26.10
CA SER K 72 -16.23 51.59 -25.22
C SER K 72 -17.49 50.81 -25.60
N PRO K 73 -18.22 50.36 -24.58
CA PRO K 73 -19.51 49.71 -24.84
C PRO K 73 -20.62 50.74 -25.01
N GLY K 74 -20.31 52.03 -24.86
CA GLY K 74 -21.32 53.06 -24.94
C GLY K 74 -21.68 53.56 -23.54
N GLY K 75 -22.89 54.06 -23.38
CA GLY K 75 -23.31 54.56 -22.08
C GLY K 75 -24.34 55.65 -22.18
N SER K 76 -24.19 56.65 -21.31
CA SER K 76 -25.15 57.74 -21.20
C SER K 76 -25.21 58.57 -22.48
N VAL K 77 -26.42 58.75 -23.01
CA VAL K 77 -26.61 59.50 -24.26
C VAL K 77 -26.24 60.98 -24.08
N THR K 78 -26.71 61.61 -23.01
CA THR K 78 -26.44 63.02 -22.79
C THR K 78 -24.94 63.23 -22.52
N ALA K 79 -24.33 62.30 -21.78
CA ALA K 79 -22.89 62.39 -21.53
C ALA K 79 -22.13 62.30 -22.85
N GLY K 80 -22.54 61.37 -23.71
CA GLY K 80 -21.97 61.27 -25.04
C GLY K 80 -22.17 62.54 -25.86
N MET K 81 -23.37 63.13 -25.76
CA MET K 81 -23.67 64.33 -26.53
C MET K 81 -22.77 65.48 -26.13
N SER K 82 -22.35 65.51 -24.87
CA SER K 82 -21.41 66.57 -24.47
C SER K 82 -20.04 66.37 -25.16
N ILE K 83 -19.63 65.12 -25.39
CA ILE K 83 -18.39 64.88 -26.14
C ILE K 83 -18.60 65.24 -27.61
N TYR K 84 -19.70 64.78 -28.18
CA TYR K 84 -20.08 65.06 -29.56
C TYR K 84 -20.04 66.55 -29.91
N ASP K 85 -20.74 67.37 -29.12
CA ASP K 85 -20.84 68.80 -29.39
C ASP K 85 -19.49 69.51 -29.20
N THR K 86 -18.66 68.97 -28.30
CA THR K 86 -17.32 69.53 -28.11
C THR K 86 -16.45 69.21 -29.33
N MET K 87 -16.51 67.96 -29.79
CA MET K 87 -15.77 67.57 -30.98
C MET K 87 -16.10 68.50 -32.14
N ASN K 88 -17.39 68.80 -32.31
CA ASN K 88 -17.80 69.63 -33.43
C ASN K 88 -17.48 71.11 -33.24
N PHE K 89 -17.50 71.60 -32.01
CA PHE K 89 -17.32 73.02 -31.76
C PHE K 89 -15.86 73.47 -31.92
N ILE K 90 -14.93 72.74 -31.34
CA ILE K 90 -13.54 73.18 -31.28
C ILE K 90 -12.91 73.22 -32.69
N LYS K 91 -11.88 74.04 -32.84
CA LYS K 91 -11.24 74.23 -34.13
C LYS K 91 -10.49 72.99 -34.65
N PRO K 92 -9.69 72.30 -33.79
CA PRO K 92 -8.99 71.11 -34.30
C PRO K 92 -9.89 70.01 -34.86
N ASP K 93 -9.44 69.37 -35.94
CA ASP K 93 -10.04 68.13 -36.41
C ASP K 93 -9.89 67.07 -35.34
N VAL K 94 -10.98 66.41 -34.98
CA VAL K 94 -10.89 65.31 -34.03
C VAL K 94 -10.96 64.00 -34.80
N SER K 95 -9.80 63.40 -35.00
CA SER K 95 -9.72 62.09 -35.60
C SER K 95 -10.22 61.07 -34.59
N THR K 96 -10.95 60.07 -35.05
CA THR K 96 -11.36 59.00 -34.15
C THR K 96 -10.71 57.71 -34.59
N LEU K 97 -10.38 56.87 -33.62
CA LEU K 97 -9.79 55.58 -33.87
C LEU K 97 -10.46 54.55 -32.99
N CYS K 98 -10.98 53.49 -33.56
CA CYS K 98 -11.56 52.42 -32.76
C CYS K 98 -10.57 51.26 -32.47
N LEU K 99 -10.28 51.03 -31.20
CA LEU K 99 -9.54 49.83 -30.79
C LEU K 99 -10.44 49.01 -29.88
N GLY K 100 -10.47 47.70 -30.12
CA GLY K 100 -11.32 46.82 -29.35
C GLY K 100 -12.73 46.86 -29.87
N GLN K 101 -13.54 47.76 -29.34
CA GLN K 101 -14.90 47.91 -29.80
C GLN K 101 -15.41 49.34 -29.69
N ALA K 102 -16.41 49.66 -30.51
CA ALA K 102 -17.17 50.89 -30.36
C ALA K 102 -18.65 50.52 -30.49
N ALA K 103 -19.33 50.45 -29.38
CA ALA K 103 -20.73 50.02 -29.39
C ALA K 103 -21.62 51.16 -28.94
N SER K 104 -22.80 51.23 -29.53
CA SER K 104 -23.80 52.24 -29.17
C SER K 104 -23.20 53.64 -29.26
N MET K 105 -23.22 54.37 -28.15
CA MET K 105 -22.69 55.73 -28.11
C MET K 105 -21.19 55.78 -28.45
N GLY K 106 -20.46 54.70 -28.14
CA GLY K 106 -19.07 54.57 -28.56
C GLY K 106 -18.97 54.57 -30.08
N ALA K 107 -19.83 53.84 -30.77
CA ALA K 107 -19.80 53.87 -32.24
C ALA K 107 -20.27 55.23 -32.76
N PHE K 108 -21.28 55.80 -32.09
CA PHE K 108 -21.79 57.10 -32.47
C PHE K 108 -20.64 58.10 -32.52
N LEU K 109 -19.87 58.16 -31.45
CA LEU K 109 -18.78 59.10 -31.35
C LEU K 109 -17.71 58.76 -32.36
N LEU K 110 -17.48 57.46 -32.59
CA LEU K 110 -16.52 57.00 -33.59
C LEU K 110 -16.88 57.57 -34.96
N SER K 111 -18.15 57.43 -35.34
CA SER K 111 -18.63 57.94 -36.63
C SER K 111 -18.63 59.46 -36.70
N ALA K 112 -18.50 60.11 -35.54
CA ALA K 112 -18.58 61.56 -35.42
C ALA K 112 -17.26 62.28 -35.67
N GLY K 113 -16.18 61.52 -35.84
CA GLY K 113 -14.88 62.10 -36.10
C GLY K 113 -14.83 62.86 -37.42
N GLU K 114 -13.81 63.71 -37.56
CA GLU K 114 -13.59 64.44 -38.81
C GLU K 114 -13.56 63.49 -39.99
N LYS K 115 -14.45 63.70 -40.95
CA LYS K 115 -14.58 62.78 -42.07
C LYS K 115 -13.28 62.74 -42.84
N GLY K 116 -12.85 61.52 -43.13
CA GLY K 116 -11.53 61.26 -43.70
C GLY K 116 -10.55 60.76 -42.66
N LYS K 117 -10.83 61.03 -41.39
CA LYS K 117 -9.89 60.69 -40.33
C LYS K 117 -10.53 59.81 -39.27
N ARG K 118 -11.51 59.01 -39.68
CA ARG K 118 -12.13 58.06 -38.78
C ARG K 118 -11.56 56.67 -39.05
N PHE K 119 -10.93 56.10 -38.02
CA PHE K 119 -10.17 54.86 -38.18
C PHE K 119 -10.65 53.71 -37.28
N ALA K 120 -10.38 52.50 -37.73
CA ALA K 120 -10.53 51.33 -36.87
C ALA K 120 -9.35 50.42 -37.14
N LEU K 121 -8.94 49.71 -36.09
CA LEU K 121 -7.92 48.67 -36.19
C LEU K 121 -8.61 47.46 -36.82
N PRO K 122 -7.85 46.53 -37.44
CA PRO K 122 -8.45 45.47 -38.28
C PRO K 122 -9.46 44.54 -37.56
N ASN K 123 -9.26 44.33 -36.26
CA ASN K 123 -10.11 43.40 -35.51
C ASN K 123 -11.06 44.11 -34.56
N SER K 124 -11.24 45.41 -34.81
CA SER K 124 -12.18 46.20 -34.06
C SER K 124 -13.58 45.74 -34.37
N ARG K 125 -14.46 45.86 -33.39
CA ARG K 125 -15.87 45.54 -33.60
C ARG K 125 -16.74 46.77 -33.33
N ILE K 126 -17.64 47.06 -34.26
CA ILE K 126 -18.57 48.17 -34.10
C ILE K 126 -19.97 47.62 -33.99
N MET K 127 -20.77 48.20 -33.11
CA MET K 127 -22.17 47.80 -32.99
C MET K 127 -23.07 49.01 -32.82
N ILE K 128 -24.17 49.03 -33.57
CA ILE K 128 -25.15 50.09 -33.44
C ILE K 128 -26.55 49.55 -33.18
N HIS K 129 -27.31 50.27 -32.36
CA HIS K 129 -28.69 49.87 -32.13
C HIS K 129 -29.50 51.08 -31.67
N GLN K 130 -30.80 50.87 -31.53
CA GLN K 130 -31.70 51.91 -31.05
C GLN K 130 -31.54 52.05 -29.54
N PRO K 131 -31.98 53.18 -28.97
CA PRO K 131 -31.85 53.35 -27.52
C PRO K 131 -32.53 52.26 -26.69
N LEU K 132 -31.89 51.90 -25.58
CA LEU K 132 -32.43 50.94 -24.62
C LEU K 132 -32.61 51.74 -23.35
N ILE K 133 -33.62 51.43 -22.55
CA ILE K 133 -33.56 51.96 -21.20
C ILE K 133 -33.63 50.81 -20.23
N SER K 134 -32.83 50.94 -19.19
CA SER K 134 -32.79 50.04 -18.07
C SER K 134 -33.33 50.81 -16.88
N GLY K 135 -33.87 50.10 -15.91
CA GLY K 135 -34.51 50.74 -14.77
C GLY K 135 -36.00 50.73 -14.90
N GLY K 136 -36.53 51.42 -15.90
CA GLY K 136 -37.97 51.39 -16.10
C GLY K 136 -38.71 52.70 -16.09
N LEU K 137 -39.92 52.65 -16.64
CA LEU K 137 -40.85 53.76 -16.60
C LEU K 137 -41.99 53.57 -15.59
N GLY K 138 -42.02 54.44 -14.58
CA GLY K 138 -43.11 54.49 -13.61
C GLY K 138 -43.42 55.97 -13.45
N GLY K 139 -44.66 56.31 -13.13
CA GLY K 139 -45.73 55.33 -13.02
C GLY K 139 -47.00 55.80 -13.71
N GLN K 140 -47.32 57.09 -13.59
CA GLN K 140 -48.60 57.59 -14.10
C GLN K 140 -48.56 57.65 -15.62
N ALA K 141 -49.68 57.27 -16.26
CA ALA K 141 -49.72 57.17 -17.72
C ALA K 141 -49.26 58.45 -18.40
N SER K 142 -49.68 59.61 -17.89
CA SER K 142 -49.24 60.89 -18.44
C SER K 142 -47.72 61.00 -18.45
N ASP K 143 -47.09 60.52 -17.40
CA ASP K 143 -45.63 60.62 -17.23
C ASP K 143 -44.92 59.64 -18.16
N ILE K 144 -45.52 58.46 -18.30
CA ILE K 144 -44.94 57.47 -19.18
C ILE K 144 -45.03 57.96 -20.63
N GLU K 145 -46.12 58.62 -21.00
CA GLU K 145 -46.25 59.14 -22.35
C GLU K 145 -45.14 60.15 -22.66
N ILE K 146 -44.90 61.07 -21.72
CA ILE K 146 -43.88 62.10 -21.87
C ILE K 146 -42.48 61.50 -22.08
N HIS K 147 -42.12 60.49 -21.29
CA HIS K 147 -40.79 59.88 -21.39
C HIS K 147 -40.66 58.96 -22.59
N ALA K 148 -41.76 58.28 -22.95
CA ALA K 148 -41.81 57.49 -24.16
C ALA K 148 -41.60 58.39 -25.37
N ARG K 149 -42.28 59.53 -25.36
CA ARG K 149 -42.17 60.48 -26.45
C ARG K 149 -40.74 61.02 -26.56
N GLU K 150 -40.13 61.30 -25.42
CA GLU K 150 -38.78 61.82 -25.41
C GLU K 150 -37.81 60.74 -25.89
N LEU K 151 -38.06 59.49 -25.51
CA LEU K 151 -37.17 58.40 -25.94
C LEU K 151 -37.20 58.22 -27.44
N LEU K 152 -38.40 58.38 -28.02
CA LEU K 152 -38.56 58.28 -29.46
C LEU K 152 -37.91 59.48 -30.16
N LYS K 153 -37.96 60.65 -29.53
CA LYS K 153 -37.27 61.83 -30.07
C LYS K 153 -35.75 61.62 -30.09
N ILE K 154 -35.20 61.04 -29.03
CA ILE K 154 -33.78 60.71 -28.96
C ILE K 154 -33.41 59.66 -30.02
N LYS K 155 -34.26 58.65 -30.17
CA LYS K 155 -34.03 57.63 -31.17
C LYS K 155 -33.92 58.22 -32.58
N GLU K 156 -34.87 59.09 -32.97
CA GLU K 156 -34.84 59.69 -34.30
C GLU K 156 -33.65 60.64 -34.49
N LYS K 157 -33.36 61.45 -33.49
CA LYS K 157 -32.27 62.40 -33.61
C LYS K 157 -30.94 61.66 -33.80
N LEU K 158 -30.72 60.61 -33.02
CA LEU K 158 -29.46 59.88 -33.09
C LEU K 158 -29.33 59.23 -34.45
N ASN K 159 -30.41 58.62 -34.92
CA ASN K 159 -30.45 57.99 -36.24
C ASN K 159 -30.20 59.01 -37.35
N ARG K 160 -30.77 60.21 -37.21
CA ARG K 160 -30.63 61.31 -38.16
C ARG K 160 -29.17 61.77 -38.26
N LEU K 161 -28.54 61.96 -37.09
CA LEU K 161 -27.14 62.43 -37.05
C LEU K 161 -26.24 61.31 -37.58
N MET K 162 -26.58 60.08 -37.27
CA MET K 162 -25.81 58.95 -37.77
C MET K 162 -25.89 58.87 -39.30
N ALA K 163 -27.08 59.17 -39.81
CA ALA K 163 -27.33 59.16 -41.24
C ALA K 163 -26.41 60.16 -41.90
N LYS K 164 -26.25 61.31 -41.29
CA LYS K 164 -25.36 62.34 -41.83
C LYS K 164 -23.90 61.89 -41.72
N HIS K 165 -23.53 61.25 -40.60
CA HIS K 165 -22.18 60.75 -40.41
C HIS K 165 -21.80 59.72 -41.48
N CYS K 166 -22.76 58.87 -41.83
CA CYS K 166 -22.53 57.78 -42.75
C CYS K 166 -22.85 58.09 -44.21
N ASP K 167 -23.38 59.31 -44.45
CA ASP K 167 -23.88 59.73 -45.76
C ASP K 167 -24.94 58.75 -46.30
N ARG K 168 -25.94 58.53 -45.47
CA ARG K 168 -27.06 57.64 -45.76
C ARG K 168 -28.36 58.30 -45.38
N ASP K 169 -29.46 57.64 -45.74
CA ASP K 169 -30.80 58.08 -45.41
C ASP K 169 -31.22 57.66 -43.99
N LEU K 170 -32.01 58.51 -43.32
CA LEU K 170 -32.59 58.16 -42.02
C LEU K 170 -33.23 56.77 -42.03
N ALA K 171 -33.94 56.45 -43.11
CA ALA K 171 -34.65 55.18 -43.23
C ALA K 171 -33.67 54.00 -43.18
N ASP K 172 -32.46 54.20 -43.69
CA ASP K 172 -31.41 53.18 -43.60
C ASP K 172 -31.05 52.92 -42.14
N LEU K 173 -30.75 54.00 -41.41
CA LEU K 173 -30.36 53.91 -40.01
C LEU K 173 -31.51 53.37 -39.13
N GLU K 174 -32.74 53.77 -39.42
CA GLU K 174 -33.89 53.24 -38.69
C GLU K 174 -34.02 51.72 -38.88
N ARG K 175 -33.85 51.27 -40.11
CA ARG K 175 -33.84 49.85 -40.41
C ARG K 175 -32.65 49.12 -39.77
N ASP K 176 -31.47 49.73 -39.82
CA ASP K 176 -30.25 49.03 -39.45
C ASP K 176 -29.88 49.14 -37.95
N THR K 177 -30.65 49.91 -37.20
CA THR K 177 -30.44 50.02 -35.76
C THR K 177 -31.60 49.41 -34.99
N ASP K 178 -32.55 48.82 -35.71
CA ASP K 178 -33.75 48.28 -35.08
C ASP K 178 -33.41 47.26 -34.03
N ARG K 179 -32.45 46.39 -34.35
CA ARG K 179 -31.91 45.44 -33.38
C ARG K 179 -30.39 45.53 -33.45
N ASP K 180 -29.70 44.86 -32.55
CA ASP K 180 -28.24 44.95 -32.52
C ASP K 180 -27.61 44.63 -33.88
N ASN K 181 -26.79 45.55 -34.36
CA ASN K 181 -26.13 45.39 -35.65
C ASN K 181 -24.61 45.41 -35.43
N PHE K 182 -24.01 44.22 -35.41
CA PHE K 182 -22.57 44.09 -35.26
C PHE K 182 -21.92 44.21 -36.62
N MET K 183 -20.82 44.96 -36.67
CA MET K 183 -20.10 45.13 -37.91
C MET K 183 -18.62 44.86 -37.69
N SER K 184 -18.00 44.10 -38.62
CA SER K 184 -16.55 44.04 -38.65
C SER K 184 -16.06 45.43 -39.10
N ALA K 185 -14.77 45.68 -38.94
CA ALA K 185 -14.21 46.96 -39.36
C ALA K 185 -14.49 47.19 -40.83
N GLU K 186 -14.38 46.15 -41.67
CA GLU K 186 -14.61 46.33 -43.10
C GLU K 186 -16.07 46.73 -43.38
N GLU K 187 -17.02 46.09 -42.70
CA GLU K 187 -18.44 46.42 -42.88
C GLU K 187 -18.75 47.84 -42.40
N ALA K 188 -18.09 48.28 -41.32
CA ALA K 188 -18.31 49.62 -40.80
C ALA K 188 -17.83 50.65 -41.81
N LYS K 189 -16.73 50.34 -42.48
CA LYS K 189 -16.20 51.20 -43.53
C LYS K 189 -17.14 51.22 -44.72
N GLU K 190 -17.61 50.04 -45.15
CA GLU K 190 -18.56 49.98 -46.25
C GLU K 190 -19.82 50.77 -45.88
N TYR K 191 -20.18 50.72 -44.60
CA TYR K 191 -21.38 51.39 -44.13
C TYR K 191 -21.24 52.90 -44.10
N GLY K 192 -20.01 53.39 -43.92
CA GLY K 192 -19.77 54.83 -43.85
C GLY K 192 -19.46 55.36 -42.46
N LEU K 193 -19.27 54.45 -41.52
CA LEU K 193 -19.04 54.80 -40.12
C LEU K 193 -17.59 55.23 -39.90
N ILE K 194 -16.68 54.60 -40.63
CA ILE K 194 -15.27 54.97 -40.63
C ILE K 194 -14.72 55.10 -42.05
N ASP K 195 -13.52 55.64 -42.17
CA ASP K 195 -12.91 55.86 -43.48
C ASP K 195 -11.86 54.80 -43.83
N GLN K 196 -10.98 54.50 -42.89
CA GLN K 196 -9.89 53.57 -43.20
C GLN K 196 -9.63 52.59 -42.08
N ILE K 197 -9.17 51.42 -42.49
CA ILE K 197 -8.74 50.40 -41.58
C ILE K 197 -7.22 50.39 -41.63
N LEU K 198 -6.60 50.50 -40.46
CA LEU K 198 -5.17 50.58 -40.37
C LEU K 198 -4.67 49.13 -40.39
N GLU K 199 -3.37 48.93 -40.46
CA GLU K 199 -2.81 47.61 -40.26
C GLU K 199 -1.43 47.78 -39.66
N ASN K 200 -0.63 48.60 -40.35
CA ASN K 200 0.81 48.76 -40.18
C ASN K 200 1.19 50.20 -40.52
N ARG K 201 2.15 50.33 -41.45
CA ARG K 201 2.63 51.61 -41.97
C ARG K 201 2.81 52.69 -40.89
N TYR L 8 -11.43 57.71 -9.81
CA TYR L 8 -10.87 57.59 -11.15
C TYR L 8 -9.63 58.47 -11.37
N LEU L 9 -8.93 58.23 -12.48
CA LEU L 9 -7.69 58.92 -12.81
C LEU L 9 -7.93 60.24 -13.56
N VAL L 10 -7.30 61.31 -13.06
CA VAL L 10 -7.43 62.65 -13.64
C VAL L 10 -6.06 63.05 -14.20
N PRO L 11 -5.97 63.24 -15.53
CA PRO L 11 -4.69 63.48 -16.21
C PRO L 11 -3.99 64.76 -15.75
N THR L 12 -2.66 64.73 -15.80
CA THR L 12 -1.83 65.87 -15.41
C THR L 12 -1.40 66.65 -16.64
N VAL L 13 -1.53 67.97 -16.59
CA VAL L 13 -1.09 68.84 -17.68
C VAL L 13 -0.17 69.93 -17.15
N ILE L 14 0.65 70.51 -18.04
CA ILE L 14 1.62 71.53 -17.64
C ILE L 14 1.27 72.93 -18.17
N GLU L 15 1.24 73.89 -17.26
CA GLU L 15 1.01 75.29 -17.61
C GLU L 15 2.31 76.06 -17.65
N GLN L 16 2.45 76.97 -18.61
CA GLN L 16 3.60 77.85 -18.65
C GLN L 16 3.26 79.20 -17.99
N SER L 17 4.17 79.69 -17.15
CA SER L 17 3.96 80.94 -16.42
C SER L 17 5.07 81.93 -16.73
N GLY L 18 5.56 82.61 -15.69
CA GLY L 18 6.69 83.51 -15.82
C GLY L 18 8.00 82.77 -15.59
N ARG L 19 8.42 82.01 -16.60
CA ARG L 19 9.60 81.13 -16.55
C ARG L 19 9.56 80.20 -15.33
N GLY L 20 8.35 79.91 -14.88
CA GLY L 20 8.11 78.85 -13.93
C GLY L 20 7.22 77.86 -14.65
N GLU L 21 7.18 76.64 -14.17
CA GLU L 21 6.32 75.63 -14.78
C GLU L 21 5.50 74.92 -13.70
N ARG L 22 4.21 74.74 -14.00
CA ARG L 22 3.24 74.29 -13.02
C ARG L 22 2.54 73.02 -13.49
N ALA L 23 2.65 71.96 -12.68
CA ALA L 23 1.85 70.77 -12.91
C ALA L 23 0.46 71.02 -12.31
N PHE L 24 -0.57 70.58 -13.03
CA PHE L 24 -1.95 70.70 -12.58
C PHE L 24 -2.75 69.50 -13.01
N ASP L 25 -3.70 69.08 -12.18
CA ASP L 25 -4.77 68.23 -12.66
C ASP L 25 -5.58 69.12 -13.62
N ILE L 26 -6.18 68.51 -14.63
CA ILE L 26 -6.72 69.26 -15.74
C ILE L 26 -7.89 70.17 -15.29
N TYR L 27 -8.60 69.82 -14.22
CA TYR L 27 -9.72 70.66 -13.80
C TYR L 27 -9.25 71.94 -13.13
N SER L 28 -8.19 71.82 -12.35
CA SER L 28 -7.55 73.00 -11.74
C SER L 28 -7.00 73.91 -12.85
N ARG L 29 -6.51 73.30 -13.92
CA ARG L 29 -6.02 74.05 -15.06
C ARG L 29 -7.13 74.86 -15.72
N LEU L 30 -8.31 74.27 -15.88
CA LEU L 30 -9.43 74.99 -16.49
C LEU L 30 -9.95 76.06 -15.54
N LEU L 31 -9.85 75.81 -14.23
CA LEU L 31 -10.28 76.79 -13.24
C LEU L 31 -9.45 78.09 -13.40
N LYS L 32 -8.17 77.96 -13.78
CA LYS L 32 -7.35 79.15 -14.04
C LYS L 32 -7.89 80.05 -15.15
N GLU L 33 -8.62 79.50 -16.12
CA GLU L 33 -9.26 80.33 -17.15
C GLU L 33 -10.67 80.68 -16.71
N ARG L 34 -10.92 80.52 -15.41
CA ARG L 34 -12.19 80.89 -14.78
C ARG L 34 -13.36 79.98 -15.24
N ILE L 35 -13.05 78.72 -15.55
CA ILE L 35 -14.11 77.75 -15.83
C ILE L 35 -14.44 76.88 -14.61
N VAL L 36 -15.73 76.86 -14.27
CA VAL L 36 -16.20 76.10 -13.14
C VAL L 36 -17.24 75.09 -13.61
N PHE L 37 -17.08 73.85 -13.15
CA PHE L 37 -17.92 72.74 -13.56
C PHE L 37 -18.92 72.36 -12.47
N LEU L 38 -20.16 72.10 -12.90
CA LEU L 38 -21.16 71.38 -12.11
C LEU L 38 -21.54 70.14 -12.93
N VAL L 39 -21.04 68.99 -12.53
CA VAL L 39 -21.23 67.75 -13.28
C VAL L 39 -21.86 66.71 -12.37
N GLY L 40 -22.92 66.07 -12.83
CA GLY L 40 -23.58 65.09 -12.00
C GLY L 40 -24.56 65.69 -10.99
N PRO L 41 -25.05 64.87 -10.06
CA PRO L 41 -26.05 65.33 -9.10
C PRO L 41 -25.59 66.47 -8.21
N VAL L 42 -26.49 67.40 -7.95
CA VAL L 42 -26.23 68.51 -7.04
C VAL L 42 -26.44 68.11 -5.58
N THR L 43 -25.36 68.08 -4.82
CA THR L 43 -25.40 67.78 -3.40
C THR L 43 -24.83 68.96 -2.63
N ASP L 44 -24.99 68.96 -1.31
CA ASP L 44 -24.39 69.96 -0.45
C ASP L 44 -22.89 70.08 -0.77
N GLU L 45 -22.25 68.94 -0.95
CA GLU L 45 -20.82 68.91 -1.12
C GLU L 45 -20.37 69.37 -2.53
N SER L 46 -21.07 68.92 -3.59
CA SER L 46 -20.73 69.39 -4.93
C SER L 46 -21.15 70.88 -5.12
N ALA L 47 -22.24 71.32 -4.47
CA ALA L 47 -22.66 72.72 -4.58
C ALA L 47 -21.68 73.65 -3.86
N ASN L 48 -21.25 73.24 -2.67
CA ASN L 48 -20.37 74.10 -1.88
C ASN L 48 -19.01 74.25 -2.52
N LEU L 49 -18.56 73.17 -3.16
CA LEU L 49 -17.32 73.23 -3.94
C LEU L 49 -17.45 74.27 -5.05
N VAL L 50 -18.57 74.27 -5.76
CA VAL L 50 -18.82 75.28 -6.79
C VAL L 50 -18.85 76.70 -6.18
N VAL L 51 -19.56 76.85 -5.06
CA VAL L 51 -19.58 78.14 -4.39
C VAL L 51 -18.18 78.60 -4.09
N ALA L 52 -17.37 77.70 -3.56
CA ALA L 52 -16.02 78.02 -3.15
C ALA L 52 -15.20 78.51 -4.33
N GLN L 53 -15.40 77.87 -5.48
CA GLN L 53 -14.66 78.25 -6.67
C GLN L 53 -15.13 79.61 -7.18
N LEU L 54 -16.45 79.87 -7.13
CA LEU L 54 -17.00 81.17 -7.54
C LEU L 54 -16.42 82.29 -6.69
N LEU L 55 -16.37 82.07 -5.38
CA LEU L 55 -15.82 83.05 -4.45
C LEU L 55 -14.35 83.29 -4.73
N PHE L 56 -13.60 82.21 -4.96
CA PHE L 56 -12.18 82.30 -5.24
C PHE L 56 -11.90 83.08 -6.53
N LEU L 57 -12.66 82.81 -7.59
CA LEU L 57 -12.44 83.46 -8.88
C LEU L 57 -12.67 84.98 -8.81
N GLU L 58 -13.67 85.39 -8.04
CA GLU L 58 -13.95 86.81 -7.86
C GLU L 58 -12.78 87.54 -7.19
N SER L 59 -12.22 86.92 -6.15
CA SER L 59 -11.10 87.48 -5.43
C SER L 59 -9.87 87.58 -6.31
N GLU L 60 -9.75 86.67 -7.27
CA GLU L 60 -8.66 86.70 -8.23
C GLU L 60 -8.83 87.89 -9.16
N ASN L 61 -10.08 88.14 -9.56
CA ASN L 61 -10.43 89.27 -10.42
C ASN L 61 -11.93 89.54 -10.39
N PRO L 62 -12.36 90.63 -9.74
CA PRO L 62 -13.80 90.84 -9.58
C PRO L 62 -14.52 91.30 -10.83
N ASP L 63 -13.79 91.56 -11.92
CA ASP L 63 -14.40 92.19 -13.10
C ASP L 63 -14.55 91.24 -14.29
N LYS L 64 -13.74 90.20 -14.35
CA LYS L 64 -13.81 89.25 -15.45
C LYS L 64 -14.99 88.30 -15.32
N ASP L 65 -15.59 87.95 -16.44
CA ASP L 65 -16.63 86.93 -16.46
C ASP L 65 -16.15 85.61 -15.85
N ILE L 66 -17.10 84.84 -15.31
CA ILE L 66 -16.85 83.48 -14.87
C ILE L 66 -17.68 82.58 -15.77
N PHE L 67 -17.15 81.41 -16.12
CA PHE L 67 -17.84 80.50 -17.03
C PHE L 67 -18.22 79.20 -16.32
N PHE L 68 -19.52 79.07 -16.10
CA PHE L 68 -20.10 77.99 -15.31
C PHE L 68 -20.65 76.94 -16.27
N TYR L 69 -19.92 75.83 -16.37
CA TYR L 69 -20.26 74.73 -17.25
C TYR L 69 -21.14 73.71 -16.52
N ILE L 70 -22.33 73.47 -17.07
CA ILE L 70 -23.33 72.63 -16.40
C ILE L 70 -23.68 71.35 -17.18
N ASN L 71 -23.44 70.20 -16.54
CA ASN L 71 -23.96 68.90 -17.01
C ASN L 71 -24.51 68.13 -15.82
N SER L 72 -25.80 68.33 -15.54
CA SER L 72 -26.40 67.87 -14.29
C SER L 72 -27.87 67.48 -14.46
N PRO L 73 -28.28 66.42 -13.78
CA PRO L 73 -29.68 65.97 -13.68
C PRO L 73 -30.36 66.73 -12.56
N GLY L 74 -29.62 67.59 -11.87
CA GLY L 74 -30.21 68.30 -10.76
C GLY L 74 -29.82 67.67 -9.43
N GLY L 75 -30.67 67.84 -8.44
CA GLY L 75 -30.37 67.31 -7.13
C GLY L 75 -30.99 68.17 -6.06
N SER L 76 -30.24 68.37 -4.97
CA SER L 76 -30.76 69.07 -3.80
C SER L 76 -31.10 70.51 -4.09
N VAL L 77 -32.33 70.90 -3.73
CA VAL L 77 -32.81 72.27 -3.94
C VAL L 77 -32.06 73.33 -3.10
N THR L 78 -31.88 73.06 -1.80
CA THR L 78 -31.19 74.04 -0.96
C THR L 78 -29.72 74.15 -1.37
N ALA L 79 -29.12 73.05 -1.81
CA ALA L 79 -27.74 73.07 -2.31
C ALA L 79 -27.64 73.94 -3.57
N GLY L 80 -28.59 73.74 -4.46
CA GLY L 80 -28.71 74.54 -5.66
C GLY L 80 -28.90 76.01 -5.37
N MET L 81 -29.69 76.34 -4.35
CA MET L 81 -29.92 77.73 -3.99
C MET L 81 -28.63 78.40 -3.48
N SER L 82 -27.75 77.63 -2.83
CA SER L 82 -26.51 78.22 -2.29
C SER L 82 -25.63 78.67 -3.45
N ILE L 83 -25.67 77.91 -4.53
CA ILE L 83 -24.99 78.28 -5.78
C ILE L 83 -25.65 79.49 -6.44
N TYR L 84 -26.98 79.42 -6.55
CA TYR L 84 -27.80 80.50 -7.09
C TYR L 84 -27.53 81.85 -6.40
N ASP L 85 -27.55 81.83 -5.08
CA ASP L 85 -27.36 83.04 -4.32
C ASP L 85 -25.93 83.63 -4.43
N THR L 86 -24.93 82.76 -4.61
CA THR L 86 -23.51 83.16 -4.82
C THR L 86 -23.30 83.77 -6.22
N MET L 87 -23.86 83.12 -7.23
CA MET L 87 -23.88 83.64 -8.59
C MET L 87 -24.47 85.05 -8.62
N ASN L 88 -25.55 85.28 -7.88
CA ASN L 88 -26.19 86.59 -7.87
C ASN L 88 -25.43 87.62 -7.06
N PHE L 89 -24.73 87.17 -6.02
CA PHE L 89 -24.03 88.07 -5.09
C PHE L 89 -22.75 88.65 -5.67
N ILE L 90 -21.90 87.79 -6.21
CA ILE L 90 -20.56 88.20 -6.62
C ILE L 90 -20.64 89.18 -7.78
N LYS L 91 -19.62 90.02 -7.90
CA LYS L 91 -19.60 91.06 -8.92
C LYS L 91 -19.47 90.51 -10.36
N PRO L 92 -18.55 89.54 -10.60
CA PRO L 92 -18.43 89.06 -11.97
C PRO L 92 -19.73 88.48 -12.57
N ASP L 93 -19.96 88.72 -13.85
CA ASP L 93 -21.01 88.04 -14.57
C ASP L 93 -20.70 86.55 -14.57
N VAL L 94 -21.67 85.75 -14.21
CA VAL L 94 -21.49 84.31 -14.31
C VAL L 94 -22.20 83.85 -15.57
N SER L 95 -21.43 83.62 -16.62
CA SER L 95 -21.96 83.03 -17.82
C SER L 95 -22.28 81.58 -17.51
N THR L 96 -23.38 81.06 -18.03
CA THR L 96 -23.67 79.64 -17.89
C THR L 96 -23.72 78.94 -19.25
N LEU L 97 -23.27 77.69 -19.27
CA LEU L 97 -23.23 76.90 -20.48
C LEU L 97 -23.71 75.47 -20.22
N CYS L 98 -24.66 75.01 -21.01
CA CYS L 98 -25.15 73.66 -20.85
C CYS L 98 -24.45 72.72 -21.82
N LEU L 99 -23.76 71.73 -21.26
CA LEU L 99 -23.26 70.63 -22.08
C LEU L 99 -23.84 69.33 -21.58
N GLY L 100 -24.29 68.49 -22.51
CA GLY L 100 -24.95 67.25 -22.14
C GLY L 100 -26.38 67.55 -21.74
N GLN L 101 -26.61 67.87 -20.46
CA GLN L 101 -27.95 68.17 -20.01
C GLN L 101 -27.97 69.16 -18.86
N ALA L 102 -29.10 69.85 -18.76
CA ALA L 102 -29.39 70.65 -17.57
C ALA L 102 -30.85 70.37 -17.18
N ALA L 103 -31.03 69.53 -16.16
CA ALA L 103 -32.38 69.16 -15.75
C ALA L 103 -32.67 69.59 -14.32
N SER L 104 -33.92 69.98 -14.08
CA SER L 104 -34.37 70.39 -12.76
C SER L 104 -33.51 71.49 -12.16
N MET L 105 -32.89 71.24 -11.01
CA MET L 105 -32.04 72.28 -10.44
C MET L 105 -30.91 72.64 -11.40
N GLY L 106 -30.51 71.68 -12.23
CA GLY L 106 -29.53 71.95 -13.27
C GLY L 106 -30.01 73.00 -14.26
N ALA L 107 -31.27 72.91 -14.69
CA ALA L 107 -31.86 73.89 -15.61
C ALA L 107 -32.09 75.23 -14.91
N PHE L 108 -32.46 75.17 -13.65
CA PHE L 108 -32.67 76.39 -12.88
C PHE L 108 -31.40 77.24 -12.88
N LEU L 109 -30.28 76.61 -12.58
CA LEU L 109 -29.01 77.29 -12.49
C LEU L 109 -28.54 77.78 -13.87
N LEU L 110 -28.77 76.97 -14.89
CA LEU L 110 -28.46 77.36 -16.27
C LEU L 110 -29.21 78.65 -16.59
N SER L 111 -30.50 78.67 -16.27
CA SER L 111 -31.38 79.80 -16.55
C SER L 111 -31.01 81.06 -15.75
N ALA L 112 -30.24 80.87 -14.68
CA ALA L 112 -29.87 81.93 -13.75
C ALA L 112 -28.64 82.67 -14.17
N GLY L 113 -27.99 82.22 -15.24
CA GLY L 113 -26.79 82.88 -15.71
C GLY L 113 -27.08 84.33 -16.09
N GLU L 114 -26.02 85.14 -16.13
CA GLU L 114 -26.11 86.53 -16.52
C GLU L 114 -26.85 86.62 -17.81
N LYS L 115 -27.93 87.40 -17.84
CA LYS L 115 -28.74 87.50 -19.04
C LYS L 115 -27.91 88.07 -20.20
N GLY L 116 -28.01 87.38 -21.33
CA GLY L 116 -27.16 87.60 -22.50
C GLY L 116 -26.05 86.56 -22.59
N LYS L 117 -25.69 85.92 -21.47
CA LYS L 117 -24.56 84.97 -21.44
C LYS L 117 -24.96 83.57 -20.99
N ARG L 118 -26.20 83.17 -21.29
CA ARG L 118 -26.64 81.81 -21.03
C ARG L 118 -26.58 81.03 -22.33
N PHE L 119 -25.77 79.98 -22.36
CA PHE L 119 -25.50 79.24 -23.60
C PHE L 119 -25.84 77.76 -23.49
N ALA L 120 -26.09 77.16 -24.64
CA ALA L 120 -26.15 75.71 -24.72
C ALA L 120 -25.49 75.22 -26.00
N LEU L 121 -24.89 74.04 -25.92
CA LEU L 121 -24.38 73.34 -27.08
C LEU L 121 -25.56 72.76 -27.87
N PRO L 122 -25.37 72.52 -29.19
CA PRO L 122 -26.51 72.21 -30.07
C PRO L 122 -27.34 70.98 -29.67
N ASN L 123 -26.72 69.97 -29.06
CA ASN L 123 -27.47 68.75 -28.75
C ASN L 123 -27.72 68.56 -27.27
N SER L 124 -27.64 69.66 -26.53
CA SER L 124 -27.97 69.68 -25.12
C SER L 124 -29.45 69.35 -24.87
N ARG L 125 -29.72 68.76 -23.71
CA ARG L 125 -31.08 68.49 -23.30
C ARG L 125 -31.40 69.31 -22.05
N ILE L 126 -32.48 70.07 -22.07
CA ILE L 126 -32.92 70.84 -20.91
C ILE L 126 -34.26 70.25 -20.44
N MET L 127 -34.45 70.13 -19.11
CA MET L 127 -35.72 69.65 -18.59
C MET L 127 -36.13 70.41 -17.33
N ILE L 128 -37.38 70.84 -17.28
CA ILE L 128 -37.92 71.54 -16.11
C ILE L 128 -39.19 70.89 -15.62
N HIS L 129 -39.40 70.93 -14.32
CA HIS L 129 -40.62 70.39 -13.75
C HIS L 129 -40.81 70.97 -12.36
N GLN L 130 -41.90 70.60 -11.69
CA GLN L 130 -42.13 71.02 -10.31
C GLN L 130 -41.30 70.19 -9.31
N PRO L 131 -41.14 70.69 -8.06
CA PRO L 131 -40.37 69.92 -7.08
C PRO L 131 -40.97 68.53 -6.83
N LEU L 132 -40.10 67.55 -6.63
CA LEU L 132 -40.54 66.22 -6.27
C LEU L 132 -39.86 65.84 -4.95
N ILE L 133 -40.49 64.99 -4.14
CA ILE L 133 -39.72 64.40 -3.05
C ILE L 133 -39.74 62.87 -3.11
N SER L 134 -38.57 62.31 -2.85
CA SER L 134 -38.33 60.89 -2.74
C SER L 134 -37.96 60.54 -1.29
N GLY L 135 -38.30 59.33 -0.87
CA GLY L 135 -38.11 58.92 0.51
C GLY L 135 -39.44 59.01 1.22
N GLY L 136 -40.10 60.14 1.04
CA GLY L 136 -41.43 60.27 1.60
C GLY L 136 -41.65 61.11 2.83
N LEU L 137 -42.91 61.44 3.02
CA LEU L 137 -43.42 62.07 4.22
C LEU L 137 -44.10 61.00 5.06
N GLY L 138 -43.57 60.79 6.26
CA GLY L 138 -44.25 59.88 7.16
C GLY L 138 -44.34 60.54 8.51
N GLY L 139 -45.44 60.27 9.18
CA GLY L 139 -45.59 60.74 10.53
C GLY L 139 -47.01 61.18 10.74
N GLN L 140 -47.15 62.10 11.68
CA GLN L 140 -48.43 62.63 12.08
C GLN L 140 -48.93 63.58 11.00
N ALA L 141 -50.24 63.61 10.84
CA ALA L 141 -50.88 64.51 9.89
C ALA L 141 -50.35 65.95 10.00
N SER L 142 -50.17 66.41 11.25
CA SER L 142 -49.63 67.75 11.52
C SER L 142 -48.27 67.98 10.84
N ASP L 143 -47.40 66.97 10.91
CA ASP L 143 -46.04 67.07 10.35
C ASP L 143 -46.07 67.03 8.82
N ILE L 144 -46.96 66.20 8.30
CA ILE L 144 -47.15 66.08 6.86
C ILE L 144 -47.69 67.38 6.30
N GLU L 145 -48.63 68.00 7.02
CA GLU L 145 -49.13 69.31 6.61
C GLU L 145 -48.00 70.33 6.56
N ILE L 146 -47.20 70.36 7.61
CA ILE L 146 -46.08 71.29 7.68
C ILE L 146 -45.15 71.12 6.48
N HIS L 147 -44.81 69.88 6.16
CA HIS L 147 -43.89 69.63 5.07
C HIS L 147 -44.53 69.79 3.71
N ALA L 148 -45.80 69.45 3.60
CA ALA L 148 -46.53 69.69 2.35
C ALA L 148 -46.54 71.20 2.04
N ARG L 149 -46.80 72.01 3.07
CA ARG L 149 -46.81 73.47 2.95
C ARG L 149 -45.47 74.05 2.48
N GLU L 150 -44.39 73.49 3.02
CA GLU L 150 -43.03 73.93 2.65
C GLU L 150 -42.71 73.55 1.21
N LEU L 151 -43.12 72.35 0.79
CA LEU L 151 -42.87 71.89 -0.57
C LEU L 151 -43.62 72.77 -1.57
N LEU L 152 -44.82 73.19 -1.19
CA LEU L 152 -45.65 74.08 -2.01
C LEU L 152 -45.08 75.49 -2.08
N LYS L 153 -44.48 75.97 -0.98
CA LYS L 153 -43.80 77.25 -1.00
C LYS L 153 -42.61 77.21 -1.94
N ILE L 154 -41.90 76.09 -1.92
CA ILE L 154 -40.76 75.87 -2.80
C ILE L 154 -41.20 75.87 -4.26
N LYS L 155 -42.30 75.18 -4.54
CA LYS L 155 -42.87 75.12 -5.88
C LYS L 155 -43.16 76.51 -6.40
N GLU L 156 -43.79 77.30 -5.53
CA GLU L 156 -44.20 78.67 -5.88
C GLU L 156 -43.02 79.58 -6.16
N LYS L 157 -42.05 79.55 -5.25
CA LYS L 157 -40.85 80.37 -5.37
C LYS L 157 -40.03 80.02 -6.60
N LEU L 158 -39.86 78.74 -6.88
CA LEU L 158 -39.04 78.33 -8.02
C LEU L 158 -39.67 78.77 -9.34
N ASN L 159 -40.99 78.60 -9.44
CA ASN L 159 -41.78 79.08 -10.60
C ASN L 159 -41.73 80.60 -10.79
N ARG L 160 -41.79 81.33 -9.68
CA ARG L 160 -41.76 82.78 -9.70
C ARG L 160 -40.39 83.25 -10.22
N LEU L 161 -39.35 82.60 -9.71
CA LEU L 161 -38.00 82.92 -10.10
C LEU L 161 -37.71 82.47 -11.52
N MET L 162 -38.24 81.30 -11.90
CA MET L 162 -38.02 80.80 -13.26
C MET L 162 -38.67 81.73 -14.26
N ALA L 163 -39.86 82.23 -13.92
CA ALA L 163 -40.58 83.16 -14.79
C ALA L 163 -39.76 84.42 -15.03
N LYS L 164 -39.13 84.93 -13.99
CA LYS L 164 -38.32 86.12 -14.17
C LYS L 164 -37.11 85.81 -15.04
N HIS L 165 -36.48 84.65 -14.85
CA HIS L 165 -35.33 84.24 -15.68
C HIS L 165 -35.71 84.15 -17.14
N CYS L 166 -36.89 83.63 -17.42
CA CYS L 166 -37.27 83.42 -18.80
C CYS L 166 -37.98 84.62 -19.39
N ASP L 167 -38.21 85.64 -18.57
CA ASP L 167 -39.00 86.81 -18.94
C ASP L 167 -40.37 86.39 -19.47
N ARG L 168 -41.04 85.58 -18.66
CA ARG L 168 -42.34 85.06 -19.01
C ARG L 168 -43.35 85.24 -17.93
N ASP L 169 -44.59 84.99 -18.29
CA ASP L 169 -45.71 85.08 -17.37
C ASP L 169 -45.71 83.83 -16.50
N LEU L 170 -45.92 84.04 -15.21
CA LEU L 170 -45.99 82.98 -14.21
C LEU L 170 -46.92 81.82 -14.62
N ALA L 171 -48.08 82.11 -15.19
CA ALA L 171 -49.03 81.06 -15.58
C ALA L 171 -48.39 80.11 -16.59
N ASP L 172 -47.51 80.63 -17.44
CA ASP L 172 -46.80 79.78 -18.39
C ASP L 172 -45.93 78.77 -17.66
N LEU L 173 -45.11 79.23 -16.71
CA LEU L 173 -44.22 78.33 -15.99
C LEU L 173 -44.99 77.30 -15.19
N GLU L 174 -46.09 77.72 -14.57
CA GLU L 174 -46.96 76.80 -13.83
C GLU L 174 -47.55 75.75 -14.77
N ARG L 175 -47.98 76.19 -15.94
CA ARG L 175 -48.48 75.25 -16.94
C ARG L 175 -47.36 74.31 -17.42
N ASP L 176 -46.16 74.86 -17.62
CA ASP L 176 -45.11 74.12 -18.28
C ASP L 176 -44.21 73.29 -17.39
N THR L 177 -44.42 73.37 -16.08
CA THR L 177 -43.65 72.55 -15.16
C THR L 177 -44.53 71.54 -14.42
N ASP L 178 -45.80 71.46 -14.79
CA ASP L 178 -46.69 70.56 -14.09
C ASP L 178 -46.17 69.12 -14.16
N ARG L 179 -45.65 68.73 -15.33
CA ARG L 179 -44.98 67.43 -15.52
C ARG L 179 -43.64 67.65 -16.22
N ASP L 180 -42.82 66.61 -16.33
CA ASP L 180 -41.49 66.77 -16.94
C ASP L 180 -41.60 67.40 -18.34
N ASN L 181 -40.86 68.48 -18.56
CA ASN L 181 -40.87 69.23 -19.82
C ASN L 181 -39.48 69.29 -20.43
N PHE L 182 -39.25 68.41 -21.40
CA PHE L 182 -37.98 68.31 -22.10
C PHE L 182 -37.91 69.30 -23.23
N MET L 183 -36.79 70.02 -23.31
CA MET L 183 -36.56 71.00 -24.37
C MET L 183 -35.21 70.75 -25.04
N SER L 184 -35.21 70.83 -26.37
CA SER L 184 -33.98 70.94 -27.15
C SER L 184 -33.35 72.31 -26.89
N ALA L 185 -32.12 72.52 -27.32
CA ALA L 185 -31.49 73.83 -27.15
C ALA L 185 -32.33 74.96 -27.78
N GLU L 186 -32.87 74.72 -28.96
CA GLU L 186 -33.70 75.74 -29.61
C GLU L 186 -34.99 76.07 -28.85
N GLU L 187 -35.65 75.05 -28.33
CA GLU L 187 -36.87 75.29 -27.58
C GLU L 187 -36.57 76.03 -26.28
N ALA L 188 -35.46 75.73 -25.63
CA ALA L 188 -35.12 76.45 -24.38
C ALA L 188 -34.79 77.92 -24.69
N LYS L 189 -34.16 78.13 -25.85
CA LYS L 189 -33.85 79.47 -26.35
C LYS L 189 -35.16 80.20 -26.65
N GLU L 190 -36.10 79.49 -27.30
CA GLU L 190 -37.40 80.06 -27.61
C GLU L 190 -38.15 80.41 -26.34
N TYR L 191 -38.01 79.56 -25.35
CA TYR L 191 -38.70 79.72 -24.08
C TYR L 191 -38.13 80.90 -23.29
N GLY L 192 -36.85 81.21 -23.52
CA GLY L 192 -36.24 82.30 -22.78
C GLY L 192 -35.34 81.77 -21.66
N LEU L 193 -35.10 80.47 -21.67
CA LEU L 193 -34.31 79.84 -20.61
C LEU L 193 -32.82 80.10 -20.83
N ILE L 194 -32.41 80.13 -22.10
CA ILE L 194 -31.05 80.51 -22.49
C ILE L 194 -31.10 81.59 -23.55
N ASP L 195 -29.94 82.16 -23.82
CA ASP L 195 -29.82 83.24 -24.77
C ASP L 195 -29.31 82.80 -26.14
N GLN L 196 -28.31 81.93 -26.17
CA GLN L 196 -27.70 81.56 -27.46
C GLN L 196 -27.32 80.08 -27.56
N ILE L 197 -27.37 79.55 -28.76
CA ILE L 197 -26.87 78.20 -29.02
C ILE L 197 -25.51 78.31 -29.68
N LEU L 198 -24.52 77.61 -29.13
CA LEU L 198 -23.16 77.68 -29.68
C LEU L 198 -23.05 76.71 -30.83
N GLU L 199 -22.32 77.07 -31.88
CA GLU L 199 -22.10 76.09 -32.93
C GLU L 199 -20.61 75.79 -33.03
N ASN L 200 -19.82 76.70 -33.59
CA ASN L 200 -18.34 76.60 -33.53
C ASN L 200 -17.65 77.82 -32.93
N TYR M 8 -13.67 62.87 -3.62
CA TYR M 8 -13.91 63.72 -4.79
C TYR M 8 -12.81 64.75 -4.94
N LEU M 9 -12.55 65.13 -6.19
CA LEU M 9 -11.48 66.07 -6.56
C LEU M 9 -11.68 67.49 -5.99
N VAL M 10 -10.75 67.94 -5.15
CA VAL M 10 -10.79 69.31 -4.63
C VAL M 10 -9.77 70.11 -5.42
N PRO M 11 -10.23 71.16 -6.12
CA PRO M 11 -9.36 71.93 -7.01
C PRO M 11 -8.22 72.55 -6.23
N THR M 12 -7.05 72.62 -6.86
CA THR M 12 -5.86 73.24 -6.29
C THR M 12 -5.69 74.64 -6.88
N VAL M 13 -5.58 75.64 -6.00
CA VAL M 13 -5.37 77.02 -6.43
C VAL M 13 -3.99 77.55 -6.01
N ILE M 14 -3.59 78.67 -6.60
CA ILE M 14 -2.28 79.25 -6.28
C ILE M 14 -2.43 80.49 -5.42
N GLU M 15 -1.70 80.54 -4.32
CA GLU M 15 -1.70 81.72 -3.46
C GLU M 15 -0.44 82.54 -3.69
N GLN M 16 -0.65 83.82 -3.98
CA GLN M 16 0.42 84.78 -4.21
C GLN M 16 0.62 85.64 -2.95
N SER M 17 1.86 85.91 -2.58
CA SER M 17 2.15 86.76 -1.42
C SER M 17 3.51 87.44 -1.51
N GLY M 18 4.23 87.45 -0.39
CA GLY M 18 5.50 88.15 -0.25
C GLY M 18 6.55 87.73 -1.28
N ARG M 19 7.42 86.80 -0.89
CA ARG M 19 8.33 86.18 -1.84
C ARG M 19 8.01 84.69 -1.93
N GLY M 20 6.75 84.36 -1.68
CA GLY M 20 6.30 82.98 -1.78
C GLY M 20 5.03 82.80 -2.60
N GLU M 21 5.12 81.91 -3.58
CA GLU M 21 3.92 81.39 -4.25
C GLU M 21 3.67 80.00 -3.69
N ARG M 22 2.40 79.67 -3.46
CA ARG M 22 2.06 78.44 -2.73
C ARG M 22 0.78 77.77 -3.24
N ALA M 23 0.80 76.44 -3.35
CA ALA M 23 -0.34 75.65 -3.82
C ALA M 23 -1.21 75.12 -2.67
N PHE M 24 -2.50 75.43 -2.72
CA PHE M 24 -3.47 75.11 -1.68
C PHE M 24 -4.69 74.41 -2.24
N ASP M 25 -5.29 73.49 -1.49
CA ASP M 25 -6.63 73.04 -1.84
C ASP M 25 -7.54 74.23 -1.55
N ILE M 26 -8.63 74.34 -2.29
CA ILE M 26 -9.40 75.58 -2.27
C ILE M 26 -10.01 75.91 -0.90
N TYR M 27 -10.35 74.91 -0.08
CA TYR M 27 -10.94 75.19 1.24
C TYR M 27 -9.87 75.73 2.19
N SER M 28 -8.65 75.20 2.06
CA SER M 28 -7.51 75.74 2.79
C SER M 28 -7.20 77.16 2.33
N ARG M 29 -7.39 77.41 1.03
CA ARG M 29 -7.17 78.75 0.53
C ARG M 29 -8.17 79.71 1.17
N LEU M 30 -9.43 79.30 1.31
CA LEU M 30 -10.38 80.19 1.98
C LEU M 30 -10.11 80.24 3.47
N LEU M 31 -9.56 79.16 4.03
CA LEU M 31 -9.23 79.17 5.46
C LEU M 31 -8.19 80.26 5.75
N LYS M 32 -7.29 80.51 4.81
CA LYS M 32 -6.35 81.63 4.97
C LYS M 32 -7.07 82.96 5.12
N GLU M 33 -8.24 83.08 4.51
CA GLU M 33 -9.04 84.32 4.60
C GLU M 33 -10.06 84.27 5.73
N ARG M 34 -9.83 83.33 6.65
CA ARG M 34 -10.61 83.17 7.87
C ARG M 34 -12.06 82.75 7.61
N ILE M 35 -12.28 82.03 6.51
CA ILE M 35 -13.58 81.41 6.24
C ILE M 35 -13.55 79.93 6.65
N VAL M 36 -14.50 79.56 7.52
CA VAL M 36 -14.63 78.18 8.01
C VAL M 36 -16.00 77.61 7.62
N PHE M 37 -16.01 76.39 7.09
CA PHE M 37 -17.25 75.75 6.62
C PHE M 37 -17.77 74.67 7.56
N LEU M 38 -19.08 74.68 7.74
CA LEU M 38 -19.77 73.52 8.27
C LEU M 38 -20.74 73.09 7.19
N VAL M 39 -20.41 72.00 6.48
CA VAL M 39 -21.26 71.53 5.39
C VAL M 39 -21.74 70.07 5.60
N GLY M 40 -23.03 69.86 5.48
CA GLY M 40 -23.56 68.52 5.68
C GLY M 40 -23.76 68.25 7.16
N PRO M 41 -24.04 66.99 7.51
CA PRO M 41 -24.37 66.60 8.88
C PRO M 41 -23.26 66.92 9.88
N VAL M 42 -23.70 67.40 11.05
CA VAL M 42 -22.79 67.65 12.16
C VAL M 42 -22.47 66.35 12.93
N THR M 43 -21.23 65.91 12.84
CA THR M 43 -20.76 64.74 13.57
C THR M 43 -19.64 65.17 14.50
N ASP M 44 -19.21 64.27 15.37
CA ASP M 44 -18.04 64.51 16.20
C ASP M 44 -16.80 64.89 15.34
N GLU M 45 -16.60 64.22 14.22
CA GLU M 45 -15.43 64.48 13.40
C GLU M 45 -15.56 65.82 12.65
N SER M 46 -16.74 66.11 12.10
CA SER M 46 -16.93 67.35 11.37
C SER M 46 -16.96 68.54 12.33
N ALA M 47 -17.55 68.37 13.50
CA ALA M 47 -17.61 69.44 14.48
C ALA M 47 -16.22 69.73 15.05
N ASN M 48 -15.47 68.69 15.38
CA ASN M 48 -14.15 68.91 15.98
C ASN M 48 -13.22 69.58 14.99
N LEU M 49 -13.37 69.24 13.71
CA LEU M 49 -12.60 69.90 12.66
C LEU M 49 -12.91 71.42 12.65
N VAL M 50 -14.18 71.78 12.81
CA VAL M 50 -14.56 73.19 12.90
C VAL M 50 -13.90 73.87 14.11
N VAL M 51 -13.96 73.21 15.27
CA VAL M 51 -13.36 73.70 16.51
C VAL M 51 -11.86 74.02 16.32
N ALA M 52 -11.15 73.09 15.69
CA ALA M 52 -9.73 73.19 15.44
C ALA M 52 -9.37 74.38 14.54
N GLN M 53 -10.20 74.61 13.52
CA GLN M 53 -10.02 75.76 12.62
C GLN M 53 -10.27 77.08 13.33
N LEU M 54 -11.26 77.12 14.23
CA LEU M 54 -11.56 78.31 15.06
C LEU M 54 -10.39 78.63 16.01
N LEU M 55 -9.88 77.61 16.71
CA LEU M 55 -8.72 77.79 17.58
C LEU M 55 -7.51 78.23 16.77
N PHE M 56 -7.31 77.62 15.61
CA PHE M 56 -6.17 77.99 14.77
C PHE M 56 -6.26 79.45 14.27
N LEU M 57 -7.46 79.86 13.85
CA LEU M 57 -7.62 81.21 13.36
C LEU M 57 -7.37 82.22 14.46
N GLU M 58 -7.82 81.91 15.69
CA GLU M 58 -7.56 82.78 16.82
C GLU M 58 -6.06 82.91 17.06
N SER M 59 -5.32 81.81 16.96
CA SER M 59 -3.87 81.85 17.17
C SER M 59 -3.16 82.68 16.10
N GLU M 60 -3.67 82.66 14.87
CA GLU M 60 -3.10 83.47 13.79
C GLU M 60 -3.33 84.97 14.04
N ASN M 61 -4.52 85.31 14.53
CA ASN M 61 -4.89 86.68 14.81
C ASN M 61 -6.13 86.70 15.68
N PRO M 62 -5.96 87.06 16.96
CA PRO M 62 -7.03 86.98 17.95
C PRO M 62 -8.06 88.09 17.84
N ASP M 63 -7.83 89.07 16.96
CA ASP M 63 -8.71 90.25 16.87
C ASP M 63 -9.55 90.31 15.61
N LYS M 64 -9.09 89.67 14.52
CA LYS M 64 -9.86 89.70 13.29
C LYS M 64 -11.07 88.76 13.37
N ASP M 65 -12.17 89.21 12.80
CA ASP M 65 -13.37 88.39 12.68
C ASP M 65 -13.12 87.04 12.01
N ILE M 66 -13.93 86.07 12.38
CA ILE M 66 -13.92 84.79 11.69
C ILE M 66 -15.26 84.61 10.98
N PHE M 67 -15.23 84.06 9.79
CA PHE M 67 -16.48 83.94 9.04
C PHE M 67 -16.88 82.48 8.83
N PHE M 68 -17.92 82.09 9.56
CA PHE M 68 -18.41 80.73 9.66
C PHE M 68 -19.58 80.53 8.71
N TYR M 69 -19.33 79.83 7.60
CA TYR M 69 -20.33 79.58 6.57
C TYR M 69 -21.02 78.25 6.83
N ILE M 70 -22.35 78.28 6.98
CA ILE M 70 -23.08 77.09 7.41
C ILE M 70 -24.05 76.64 6.33
N ASN M 71 -23.89 75.40 5.85
CA ASN M 71 -24.89 74.73 5.02
C ASN M 71 -25.09 73.32 5.60
N SER M 72 -26.01 73.19 6.54
CA SER M 72 -26.10 71.97 7.32
C SER M 72 -27.52 71.64 7.69
N PRO M 73 -27.86 70.33 7.68
CA PRO M 73 -29.16 69.84 8.16
C PRO M 73 -29.13 69.64 9.68
N GLY M 74 -27.99 69.90 10.30
CA GLY M 74 -27.89 69.66 11.72
C GLY M 74 -27.16 68.35 11.98
N GLY M 75 -27.45 67.72 13.12
CA GLY M 75 -26.81 66.48 13.49
C GLY M 75 -26.71 66.33 15.01
N SER M 76 -25.57 65.83 15.47
CA SER M 76 -25.36 65.60 16.89
C SER M 76 -25.36 66.85 17.77
N VAL M 77 -26.17 66.82 18.82
CA VAL M 77 -26.26 67.93 19.77
C VAL M 77 -24.94 68.18 20.53
N THR M 78 -24.32 67.13 21.06
CA THR M 78 -23.09 67.32 21.83
C THR M 78 -21.97 67.81 20.91
N ALA M 79 -21.94 67.31 19.68
CA ALA M 79 -20.99 67.79 18.66
C ALA M 79 -21.22 69.25 18.29
N GLY M 80 -22.49 69.64 18.11
CA GLY M 80 -22.82 71.03 17.84
C GLY M 80 -22.38 71.92 18.98
N MET M 81 -22.59 71.46 20.21
CA MET M 81 -22.25 72.24 21.40
C MET M 81 -20.75 72.53 21.57
N SER M 82 -19.90 71.61 21.11
CA SER M 82 -18.46 71.85 21.25
C SER M 82 -18.07 73.02 20.33
N ILE M 83 -18.76 73.10 19.18
CA ILE M 83 -18.59 74.23 18.28
C ILE M 83 -19.12 75.52 18.90
N TYR M 84 -20.33 75.43 19.46
CA TYR M 84 -20.96 76.55 20.16
C TYR M 84 -20.04 77.16 21.23
N ASP M 85 -19.54 76.32 22.13
CA ASP M 85 -18.71 76.80 23.23
C ASP M 85 -17.40 77.39 22.73
N THR M 86 -16.87 76.86 21.64
CA THR M 86 -15.66 77.41 21.06
C THR M 86 -15.95 78.79 20.45
N MET M 87 -17.08 78.93 19.75
CA MET M 87 -17.48 80.23 19.22
C MET M 87 -17.55 81.26 20.33
N ASN M 88 -18.13 80.89 21.46
CA ASN M 88 -18.29 81.81 22.59
C ASN M 88 -17.01 82.08 23.39
N PHE M 89 -16.09 81.12 23.43
CA PHE M 89 -14.88 81.23 24.25
C PHE M 89 -13.82 82.15 23.62
N ILE M 90 -13.56 81.95 22.34
CA ILE M 90 -12.44 82.64 21.67
C ILE M 90 -12.66 84.14 21.54
N LYS M 91 -11.56 84.88 21.42
CA LYS M 91 -11.65 86.32 21.35
C LYS M 91 -12.28 86.85 20.01
N PRO M 92 -11.88 86.29 18.85
CA PRO M 92 -12.50 86.81 17.63
C PRO M 92 -14.04 86.72 17.60
N ASP M 93 -14.68 87.73 17.03
CA ASP M 93 -16.10 87.65 16.69
C ASP M 93 -16.27 86.55 15.68
N VAL M 94 -17.22 85.65 15.92
CA VAL M 94 -17.51 84.63 14.92
C VAL M 94 -18.80 85.05 14.23
N SER M 95 -18.64 85.61 13.04
CA SER M 95 -19.76 85.92 12.18
C SER M 95 -20.32 84.63 11.61
N THR M 96 -21.64 84.54 11.49
CA THR M 96 -22.23 83.38 10.85
C THR M 96 -22.98 83.77 9.59
N LEU M 97 -22.92 82.88 8.61
CA LEU M 97 -23.63 83.11 7.37
C LEU M 97 -24.27 81.79 6.93
N CYS M 98 -25.57 81.82 6.65
CA CYS M 98 -26.26 80.64 6.13
C CYS M 98 -26.32 80.66 4.61
N LEU M 99 -25.71 79.67 3.97
CA LEU M 99 -25.91 79.46 2.54
C LEU M 99 -26.59 78.11 2.39
N GLY M 100 -27.61 78.05 1.54
CA GLY M 100 -28.33 76.82 1.37
C GLY M 100 -29.32 76.64 2.50
N GLN M 101 -28.87 76.02 3.60
CA GLN M 101 -29.78 75.86 4.71
C GLN M 101 -29.05 75.78 6.04
N ALA M 102 -29.76 76.16 7.09
CA ALA M 102 -29.31 75.94 8.45
C ALA M 102 -30.48 75.36 9.21
N ALA M 103 -30.46 74.06 9.41
CA ALA M 103 -31.56 73.38 10.08
C ALA M 103 -31.10 72.74 11.39
N SER M 104 -31.99 72.74 12.37
CA SER M 104 -31.73 72.16 13.71
C SER M 104 -30.48 72.72 14.32
N MET M 105 -29.50 71.87 14.64
CA MET M 105 -28.24 72.32 15.22
C MET M 105 -27.50 73.26 14.28
N GLY M 106 -27.72 73.08 12.98
CA GLY M 106 -27.21 74.01 12.00
C GLY M 106 -27.81 75.40 12.21
N ALA M 107 -29.11 75.47 12.49
CA ALA M 107 -29.77 76.75 12.76
C ALA M 107 -29.32 77.33 14.12
N PHE M 108 -29.15 76.46 15.11
CA PHE M 108 -28.67 76.86 16.44
C PHE M 108 -27.35 77.58 16.33
N LEU M 109 -26.42 76.99 15.58
CA LEU M 109 -25.09 77.57 15.42
C LEU M 109 -25.17 78.89 14.64
N LEU M 110 -26.05 78.94 13.64
CA LEU M 110 -26.27 80.17 12.89
C LEU M 110 -26.71 81.31 13.80
N SER M 111 -27.71 81.04 14.64
CA SER M 111 -28.20 82.05 15.57
C SER M 111 -27.18 82.40 16.67
N ALA M 112 -26.15 81.57 16.83
CA ALA M 112 -25.17 81.76 17.89
C ALA M 112 -24.06 82.70 17.47
N GLY M 113 -24.07 83.13 16.21
CA GLY M 113 -23.05 84.04 15.73
C GLY M 113 -23.07 85.35 16.49
N GLU M 114 -21.96 86.08 16.45
CA GLU M 114 -21.84 87.39 17.09
C GLU M 114 -22.99 88.28 16.65
N LYS M 115 -23.76 88.80 17.61
CA LYS M 115 -24.94 89.59 17.26
C LYS M 115 -24.58 90.81 16.43
N GLY M 116 -25.30 90.99 15.33
CA GLY M 116 -24.98 92.01 14.36
C GLY M 116 -24.26 91.39 13.18
N LYS M 117 -23.68 90.21 13.39
CA LYS M 117 -22.90 89.56 12.32
C LYS M 117 -23.45 88.16 11.97
N ARG M 118 -24.76 87.98 12.13
CA ARG M 118 -25.42 86.77 11.67
C ARG M 118 -26.12 87.03 10.35
N PHE M 119 -25.69 86.33 9.30
CA PHE M 119 -26.15 86.62 7.96
C PHE M 119 -26.77 85.41 7.26
N ALA M 120 -27.62 85.68 6.28
CA ALA M 120 -28.09 84.64 5.39
C ALA M 120 -28.18 85.18 3.97
N LEU M 121 -27.98 84.31 2.99
CA LEU M 121 -28.22 84.65 1.61
C LEU M 121 -29.75 84.64 1.39
N PRO M 122 -30.23 85.37 0.37
CA PRO M 122 -31.67 85.62 0.24
C PRO M 122 -32.54 84.38 0.07
N ASN M 123 -32.00 83.31 -0.50
CA ASN M 123 -32.83 82.13 -0.69
C ASN M 123 -32.50 81.00 0.26
N SER M 124 -31.75 81.32 1.31
CA SER M 124 -31.44 80.36 2.37
C SER M 124 -32.68 79.93 3.15
N ARG M 125 -32.66 78.71 3.67
CA ARG M 125 -33.77 78.23 4.47
C ARG M 125 -33.30 77.90 5.89
N ILE M 126 -34.07 78.31 6.88
CA ILE M 126 -33.77 78.03 8.27
C ILE M 126 -34.84 77.10 8.82
N MET M 127 -34.46 76.14 9.65
CA MET M 127 -35.48 75.33 10.28
C MET M 127 -35.09 75.02 11.73
N ILE M 128 -36.04 75.20 12.63
CA ILE M 128 -35.82 74.90 14.04
C ILE M 128 -36.91 73.93 14.52
N HIS M 129 -36.54 73.05 15.44
CA HIS M 129 -37.50 72.16 16.07
C HIS M 129 -36.95 71.63 17.38
N GLN M 130 -37.77 70.88 18.11
CA GLN M 130 -37.32 70.30 19.36
C GLN M 130 -36.43 69.09 19.11
N PRO M 131 -35.61 68.70 20.11
CA PRO M 131 -34.72 67.55 19.92
C PRO M 131 -35.47 66.26 19.63
N LEU M 132 -34.87 65.47 18.75
CA LEU M 132 -35.37 64.17 18.36
C LEU M 132 -34.29 63.08 18.54
N ILE M 133 -34.69 61.83 18.73
CA ILE M 133 -33.72 60.77 18.55
C ILE M 133 -34.21 59.88 17.43
N SER M 134 -33.28 59.43 16.59
CA SER M 134 -33.65 58.54 15.51
C SER M 134 -33.71 57.10 16.00
N GLY M 135 -34.83 56.43 15.72
CA GLY M 135 -35.05 55.10 16.23
C GLY M 135 -35.26 55.08 17.73
N GLY M 136 -35.49 53.88 18.26
CA GLY M 136 -35.79 53.70 19.67
C GLY M 136 -34.84 53.76 20.86
N LEU M 137 -35.47 53.89 22.02
CA LEU M 137 -34.89 53.79 23.36
C LEU M 137 -35.19 52.44 23.98
N GLY M 138 -34.17 51.63 24.23
CA GLY M 138 -34.35 50.35 24.92
C GLY M 138 -33.29 50.15 25.97
N GLY M 139 -33.61 49.38 27.01
CA GLY M 139 -34.87 48.67 27.06
C GLY M 139 -35.56 48.73 28.41
N GLN M 140 -34.80 48.80 29.51
CA GLN M 140 -35.40 48.74 30.85
C GLN M 140 -36.06 50.10 31.20
N ALA M 141 -37.22 50.05 31.85
CA ALA M 141 -37.95 51.28 32.20
C ALA M 141 -37.12 52.33 32.96
N SER M 142 -36.32 51.88 33.93
CA SER M 142 -35.40 52.76 34.67
C SER M 142 -34.45 53.50 33.73
N ASP M 143 -33.92 52.79 32.73
CA ASP M 143 -32.94 53.35 31.80
C ASP M 143 -33.60 54.32 30.84
N ILE M 144 -34.82 53.99 30.43
CA ILE M 144 -35.60 54.84 29.53
C ILE M 144 -35.97 56.14 30.20
N GLU M 145 -36.34 56.07 31.48
CA GLU M 145 -36.63 57.26 32.27
C GLU M 145 -35.42 58.19 32.33
N ILE M 146 -34.25 57.60 32.57
CA ILE M 146 -33.01 58.33 32.63
C ILE M 146 -32.72 59.06 31.30
N HIS M 147 -32.92 58.37 30.17
CA HIS M 147 -32.66 58.99 28.88
C HIS M 147 -33.77 59.95 28.43
N ALA M 148 -35.00 59.64 28.81
CA ALA M 148 -36.08 60.57 28.58
C ALA M 148 -35.80 61.88 29.35
N ARG M 149 -35.37 61.78 30.62
CA ARG M 149 -35.11 63.00 31.39
C ARG M 149 -33.97 63.83 30.80
N GLU M 150 -32.93 63.17 30.33
CA GLU M 150 -31.80 63.86 29.73
C GLU M 150 -32.23 64.55 28.44
N LEU M 151 -33.09 63.89 27.67
CA LEU M 151 -33.56 64.46 26.41
C LEU M 151 -34.36 65.74 26.69
N LEU M 152 -35.15 65.69 27.76
CA LEU M 152 -35.98 66.81 28.17
C LEU M 152 -35.17 67.98 28.67
N LYS M 153 -34.06 67.70 29.34
CA LYS M 153 -33.17 68.76 29.74
C LYS M 153 -32.50 69.45 28.55
N ILE M 154 -32.13 68.67 27.54
CA ILE M 154 -31.56 69.22 26.31
C ILE M 154 -32.57 70.13 25.62
N LYS M 155 -33.81 69.68 25.54
CA LYS M 155 -34.88 70.48 24.95
C LYS M 155 -35.03 71.81 25.70
N GLU M 156 -35.05 71.74 27.02
CA GLU M 156 -35.27 72.89 27.89
C GLU M 156 -34.07 73.86 27.71
N LYS M 157 -32.86 73.32 27.71
CA LYS M 157 -31.68 74.13 27.48
C LYS M 157 -31.67 74.80 26.10
N LEU M 158 -32.00 74.03 25.06
CA LEU M 158 -31.94 74.55 23.70
C LEU M 158 -32.94 75.67 23.49
N ASN M 159 -34.12 75.51 24.04
CA ASN M 159 -35.15 76.54 24.00
C ASN M 159 -34.73 77.84 24.72
N ARG M 160 -34.12 77.69 25.88
CA ARG M 160 -33.63 78.83 26.65
C ARG M 160 -32.51 79.56 25.94
N LEU M 161 -31.55 78.80 25.42
CA LEU M 161 -30.41 79.39 24.73
C LEU M 161 -30.84 80.04 23.44
N MET M 162 -31.77 79.38 22.74
CA MET M 162 -32.27 79.91 21.47
C MET M 162 -33.05 81.22 21.69
N ALA M 163 -33.83 81.26 22.78
CA ALA M 163 -34.55 82.48 23.15
C ALA M 163 -33.58 83.64 23.40
N LYS M 164 -32.45 83.34 24.06
CA LYS M 164 -31.49 84.40 24.31
C LYS M 164 -30.87 84.90 23.00
N HIS M 165 -30.52 83.98 22.11
CA HIS M 165 -29.99 84.32 20.79
C HIS M 165 -30.98 85.20 20.01
N CYS M 166 -32.27 84.90 20.14
CA CYS M 166 -33.30 85.60 19.37
C CYS M 166 -33.84 86.85 20.11
N ASP M 167 -33.36 87.10 21.33
CA ASP M 167 -33.84 88.19 22.17
C ASP M 167 -35.35 88.13 22.28
N ARG M 168 -35.82 86.95 22.65
CA ARG M 168 -37.22 86.64 22.67
C ARG M 168 -37.58 85.90 23.95
N ASP M 169 -38.87 85.74 24.24
CA ASP M 169 -39.25 85.01 25.46
C ASP M 169 -39.18 83.52 25.25
N LEU M 170 -38.76 82.82 26.31
CA LEU M 170 -38.73 81.36 26.32
C LEU M 170 -40.01 80.74 25.77
N ALA M 171 -41.15 81.25 26.19
CA ALA M 171 -42.42 80.67 25.78
C ALA M 171 -42.60 80.77 24.26
N ASP M 172 -41.97 81.76 23.63
CA ASP M 172 -42.06 81.85 22.15
C ASP M 172 -41.35 80.69 21.47
N LEU M 173 -40.10 80.42 21.87
CA LEU M 173 -39.32 79.32 21.30
C LEU M 173 -39.92 77.95 21.63
N GLU M 174 -40.46 77.79 22.83
CA GLU M 174 -41.10 76.54 23.20
C GLU M 174 -42.28 76.26 22.27
N ARG M 175 -43.08 77.28 21.99
CA ARG M 175 -44.19 77.13 21.07
C ARG M 175 -43.69 76.87 19.64
N ASP M 176 -42.66 77.58 19.22
CA ASP M 176 -42.26 77.58 17.83
C ASP M 176 -41.31 76.45 17.46
N THR M 177 -40.91 75.63 18.43
CA THR M 177 -40.07 74.47 18.13
C THR M 177 -40.81 73.17 18.40
N ASP M 178 -42.09 73.24 18.72
CA ASP M 178 -42.87 72.04 19.02
C ASP M 178 -42.86 71.06 17.85
N ARG M 179 -42.99 71.62 16.65
CA ARG M 179 -42.87 70.87 15.39
C ARG M 179 -41.96 71.64 14.44
N ASP M 180 -41.62 71.02 13.29
CA ASP M 180 -40.73 71.64 12.32
C ASP M 180 -41.19 73.03 11.88
N ASN M 181 -40.30 74.00 12.02
CA ASN M 181 -40.60 75.40 11.72
C ASN M 181 -39.66 75.96 10.66
N PHE M 182 -40.13 75.94 9.43
CA PHE M 182 -39.38 76.43 8.29
C PHE M 182 -39.59 77.93 8.20
N MET M 183 -38.47 78.65 8.03
CA MET M 183 -38.46 80.09 7.88
C MET M 183 -37.61 80.47 6.69
N SER M 184 -38.10 81.42 5.92
CA SER M 184 -37.29 82.10 4.94
C SER M 184 -36.20 82.92 5.64
N ALA M 185 -35.26 83.40 4.84
CA ALA M 185 -34.24 84.30 5.36
C ALA M 185 -34.89 85.55 5.99
N GLU M 186 -35.90 86.09 5.32
CA GLU M 186 -36.54 87.30 5.82
C GLU M 186 -37.27 87.01 7.14
N GLU M 187 -37.99 85.89 7.22
CA GLU M 187 -38.68 85.50 8.48
C GLU M 187 -37.68 85.17 9.60
N ALA M 188 -36.50 84.65 9.25
CA ALA M 188 -35.47 84.34 10.26
C ALA M 188 -34.95 85.62 10.92
N LYS M 189 -34.85 86.66 10.10
CA LYS M 189 -34.44 87.98 10.56
C LYS M 189 -35.53 88.59 11.43
N GLU M 190 -36.76 88.53 10.95
CA GLU M 190 -37.88 89.10 11.69
C GLU M 190 -38.01 88.36 13.00
N TYR M 191 -37.68 87.08 12.99
CA TYR M 191 -37.78 86.25 14.21
C TYR M 191 -36.71 86.62 15.22
N GLY M 192 -35.58 87.14 14.73
CA GLY M 192 -34.46 87.50 15.57
C GLY M 192 -33.29 86.52 15.48
N LEU M 193 -33.39 85.57 14.55
CA LEU M 193 -32.38 84.51 14.43
C LEU M 193 -31.11 84.93 13.68
N ILE M 194 -31.28 85.79 12.68
CA ILE M 194 -30.16 86.43 11.97
C ILE M 194 -30.41 87.94 11.98
N ASP M 195 -29.40 88.70 11.60
CA ASP M 195 -29.49 90.13 11.64
C ASP M 195 -29.74 90.72 10.25
N GLN M 196 -29.02 90.25 9.25
CA GLN M 196 -29.12 90.86 7.92
C GLN M 196 -29.09 89.81 6.83
N ILE M 197 -29.74 90.13 5.73
CA ILE M 197 -29.71 89.36 4.51
C ILE M 197 -28.86 90.14 3.50
N LEU M 198 -27.92 89.45 2.86
CA LEU M 198 -27.00 90.08 1.94
C LEU M 198 -27.60 90.21 0.53
N TYR N 8 -13.58 63.24 5.67
CA TYR N 8 -12.15 63.41 5.48
C TYR N 8 -11.89 64.64 4.62
N LEU N 9 -10.60 64.98 4.50
CA LEU N 9 -10.06 66.27 4.02
C LEU N 9 -9.82 67.20 5.21
N VAL N 10 -8.58 67.21 5.64
CA VAL N 10 -8.10 68.07 6.71
C VAL N 10 -7.49 69.32 6.10
N PRO N 11 -7.90 70.51 6.59
CA PRO N 11 -7.29 71.74 6.08
C PRO N 11 -5.77 71.72 6.32
N THR N 12 -5.02 72.35 5.42
CA THR N 12 -3.58 72.51 5.57
C THR N 12 -3.26 73.92 6.00
N VAL N 13 -2.49 74.05 7.07
CA VAL N 13 -2.15 75.36 7.62
C VAL N 13 -0.62 75.56 7.68
N ILE N 14 -0.20 76.82 7.64
CA ILE N 14 1.22 77.14 7.60
C ILE N 14 1.73 77.67 8.93
N GLU N 15 2.80 77.05 9.43
CA GLU N 15 3.46 77.55 10.62
C GLU N 15 4.69 78.38 10.25
N GLN N 16 4.81 79.55 10.88
CA GLN N 16 5.98 80.41 10.66
C GLN N 16 7.05 80.15 11.73
N SER N 17 8.24 79.76 11.28
CA SER N 17 9.29 79.28 12.19
C SER N 17 10.60 80.05 12.05
N GLY N 18 11.60 79.64 12.84
CA GLY N 18 12.95 80.15 12.70
C GLY N 18 13.51 79.75 11.34
N ARG N 19 13.41 80.68 10.38
CA ARG N 19 13.63 80.41 8.96
C ARG N 19 12.94 79.14 8.47
N GLY N 20 11.82 79.34 7.78
CA GLY N 20 11.11 78.24 7.16
C GLY N 20 9.61 78.24 7.39
N GLU N 21 8.87 78.26 6.30
CA GLU N 21 7.43 78.02 6.34
C GLU N 21 7.17 76.54 6.14
N ARG N 22 6.55 75.90 7.13
CA ARG N 22 6.18 74.50 6.98
C ARG N 22 4.68 74.32 6.96
N ALA N 23 4.23 73.60 5.94
CA ALA N 23 2.84 73.18 5.83
C ALA N 23 2.56 72.06 6.83
N PHE N 24 1.34 72.05 7.35
CA PHE N 24 0.85 71.05 8.30
C PHE N 24 -0.61 70.75 8.06
N ASP N 25 -1.03 69.51 8.29
CA ASP N 25 -2.44 69.27 8.49
C ASP N 25 -2.75 69.97 9.80
N ILE N 26 -3.98 70.45 9.99
CA ILE N 26 -4.29 71.31 11.11
C ILE N 26 -4.15 70.62 12.47
N TYR N 27 -4.37 69.32 12.51
CA TYR N 27 -4.24 68.61 13.78
C TYR N 27 -2.77 68.45 14.18
N SER N 28 -1.89 68.25 13.20
CA SER N 28 -0.44 68.20 13.49
C SER N 28 0.01 69.56 13.97
N ARG N 29 -0.64 70.60 13.44
CA ARG N 29 -0.35 71.95 13.87
C ARG N 29 -0.73 72.17 15.34
N LEU N 30 -1.85 71.60 15.77
CA LEU N 30 -2.24 71.74 17.17
C LEU N 30 -1.37 70.89 18.11
N LEU N 31 -0.90 69.74 17.62
CA LEU N 31 -0.02 68.86 18.40
C LEU N 31 1.29 69.57 18.74
N LYS N 32 1.76 70.41 17.81
CA LYS N 32 2.94 71.22 18.05
C LYS N 32 2.77 72.14 19.28
N GLU N 33 1.53 72.50 19.62
CA GLU N 33 1.28 73.28 20.85
C GLU N 33 0.89 72.38 22.03
N ARG N 34 1.19 71.08 21.91
CA ARG N 34 0.97 70.09 22.95
C ARG N 34 -0.51 69.83 23.22
N ILE N 35 -1.33 70.00 22.19
CA ILE N 35 -2.74 69.64 22.27
C ILE N 35 -2.96 68.27 21.65
N VAL N 36 -3.58 67.39 22.41
CA VAL N 36 -3.90 66.06 21.89
C VAL N 36 -5.39 65.78 21.95
N PHE N 37 -5.93 65.24 20.86
CA PHE N 37 -7.37 64.99 20.78
C PHE N 37 -7.69 63.52 21.00
N LEU N 38 -8.74 63.30 21.79
CA LEU N 38 -9.45 62.03 21.80
C LEU N 38 -10.87 62.34 21.36
N VAL N 39 -11.19 62.03 20.11
CA VAL N 39 -12.51 62.33 19.58
C VAL N 39 -13.17 61.07 19.02
N GLY N 40 -14.40 60.81 19.44
CA GLY N 40 -15.11 59.61 19.00
C GLY N 40 -14.79 58.37 19.81
N PRO N 41 -15.27 57.20 19.36
CA PRO N 41 -15.14 55.98 20.18
C PRO N 41 -13.68 55.59 20.48
N VAL N 42 -13.45 55.16 21.72
CA VAL N 42 -12.15 54.69 22.15
C VAL N 42 -11.89 53.25 21.69
N THR N 43 -10.93 53.11 20.78
CA THR N 43 -10.49 51.82 20.25
C THR N 43 -9.00 51.63 20.52
N ASP N 44 -8.50 50.42 20.30
CA ASP N 44 -7.07 50.12 20.42
C ASP N 44 -6.22 51.07 19.57
N GLU N 45 -6.69 51.35 18.36
CA GLU N 45 -5.97 52.24 17.44
C GLU N 45 -6.07 53.72 17.85
N SER N 46 -7.26 54.16 18.22
CA SER N 46 -7.42 55.55 18.63
C SER N 46 -6.76 55.80 19.99
N ALA N 47 -6.83 54.81 20.89
CA ALA N 47 -6.19 54.97 22.19
C ALA N 47 -4.67 55.00 22.05
N ASN N 48 -4.12 54.07 21.27
CA ASN N 48 -2.69 54.00 21.08
C ASN N 48 -2.12 55.17 20.28
N LEU N 49 -2.89 55.76 19.36
CA LEU N 49 -2.40 57.00 18.71
C LEU N 49 -2.16 58.09 19.77
N VAL N 50 -3.10 58.21 20.72
CA VAL N 50 -2.97 59.14 21.86
C VAL N 50 -1.76 58.80 22.74
N VAL N 51 -1.57 57.52 23.05
CA VAL N 51 -0.40 57.11 23.83
C VAL N 51 0.88 57.61 23.13
N ALA N 52 0.93 57.44 21.81
CA ALA N 52 2.10 57.83 21.05
C ALA N 52 2.34 59.35 21.14
N GLN N 53 1.27 60.14 21.10
CA GLN N 53 1.42 61.59 21.18
C GLN N 53 1.86 62.06 22.57
N LEU N 54 1.32 61.43 23.62
CA LEU N 54 1.74 61.74 24.97
C LEU N 54 3.24 61.49 25.19
N LEU N 55 3.72 60.35 24.73
CA LEU N 55 5.12 60.02 24.85
C LEU N 55 6.01 60.98 24.06
N PHE N 56 5.57 61.32 22.86
CA PHE N 56 6.34 62.20 21.99
C PHE N 56 6.46 63.60 22.59
N LEU N 57 5.35 64.10 23.10
CA LEU N 57 5.30 65.43 23.68
C LEU N 57 6.18 65.50 24.93
N GLU N 58 6.18 64.45 25.75
CA GLU N 58 7.06 64.36 26.92
C GLU N 58 8.52 64.44 26.48
N SER N 59 8.80 63.77 25.37
CA SER N 59 10.12 63.72 24.79
C SER N 59 10.58 65.10 24.29
N GLU N 60 9.64 65.88 23.78
CA GLU N 60 9.97 67.22 23.30
C GLU N 60 10.29 68.11 24.50
N ASN N 61 9.53 67.93 25.56
CA ASN N 61 9.68 68.71 26.78
C ASN N 61 8.96 68.03 27.94
N PRO N 62 9.71 67.44 28.88
CA PRO N 62 9.13 66.66 29.97
C PRO N 62 8.51 67.54 31.07
N ASP N 63 8.62 68.85 30.94
CA ASP N 63 8.18 69.74 32.00
C ASP N 63 6.90 70.51 31.68
N LYS N 64 6.63 70.75 30.39
CA LYS N 64 5.46 71.52 30.02
C LYS N 64 4.18 70.70 30.13
N ASP N 65 3.10 71.33 30.56
CA ASP N 65 1.78 70.70 30.55
C ASP N 65 1.44 70.14 29.16
N ILE N 66 0.62 69.09 29.17
CA ILE N 66 0.06 68.56 27.93
C ILE N 66 -1.46 68.78 27.98
N PHE N 67 -2.07 69.13 26.85
CA PHE N 67 -3.49 69.44 26.84
C PHE N 67 -4.31 68.42 26.05
N PHE N 68 -5.04 67.61 26.82
CA PHE N 68 -5.77 66.45 26.33
C PHE N 68 -7.24 66.82 26.19
N TYR N 69 -7.67 67.00 24.95
CA TYR N 69 -9.06 67.40 24.66
C TYR N 69 -9.95 66.19 24.37
N ILE N 70 -11.02 66.05 25.13
CA ILE N 70 -11.83 64.85 25.03
C ILE N 70 -13.27 65.11 24.55
N ASN N 71 -13.63 64.51 23.42
CA ASN N 71 -15.01 64.47 22.97
C ASN N 71 -15.33 63.04 22.56
N SER N 72 -15.78 62.25 23.53
CA SER N 72 -15.88 60.80 23.33
C SER N 72 -17.03 60.19 24.12
N PRO N 73 -17.74 59.24 23.50
CA PRO N 73 -18.79 58.47 24.17
C PRO N 73 -18.20 57.29 24.93
N GLY N 74 -16.89 57.12 24.86
CA GLY N 74 -16.24 56.00 25.53
C GLY N 74 -15.83 54.88 24.58
N GLY N 75 -15.70 53.67 25.11
CA GLY N 75 -15.29 52.55 24.29
C GLY N 75 -14.57 51.44 25.04
N SER N 76 -13.52 50.94 24.41
CA SER N 76 -12.78 49.81 24.96
C SER N 76 -12.13 50.17 26.31
N VAL N 77 -12.39 49.36 27.31
CA VAL N 77 -11.82 49.60 28.63
C VAL N 77 -10.29 49.48 28.64
N THR N 78 -9.77 48.38 28.07
CA THR N 78 -8.34 48.14 28.07
C THR N 78 -7.62 49.18 27.24
N ALA N 79 -8.25 49.59 26.13
CA ALA N 79 -7.68 50.66 25.31
C ALA N 79 -7.60 51.93 26.14
N GLY N 80 -8.67 52.22 26.89
CA GLY N 80 -8.71 53.36 27.78
C GLY N 80 -7.65 53.30 28.86
N MET N 81 -7.43 52.13 29.45
CA MET N 81 -6.43 52.00 30.52
C MET N 81 -5.01 52.29 30.02
N SER N 82 -4.74 52.00 28.74
CA SER N 82 -3.42 52.26 28.17
C SER N 82 -3.15 53.78 28.12
N ILE N 83 -4.20 54.56 27.87
CA ILE N 83 -4.12 56.02 27.91
C ILE N 83 -3.95 56.51 29.33
N TYR N 84 -4.82 56.00 30.21
CA TYR N 84 -4.76 56.29 31.63
C TYR N 84 -3.37 56.05 32.23
N ASP N 85 -2.81 54.85 32.01
CA ASP N 85 -1.53 54.50 32.62
C ASP N 85 -0.42 55.38 32.05
N THR N 86 -0.55 55.77 30.78
CA THR N 86 0.43 56.67 30.16
C THR N 86 0.33 58.06 30.81
N MET N 87 -0.89 58.57 31.00
CA MET N 87 -1.11 59.84 31.72
C MET N 87 -0.47 59.86 33.13
N ASN N 88 -0.60 58.76 33.86
CA ASN N 88 -0.04 58.72 35.19
C ASN N 88 1.47 58.59 35.15
N PHE N 89 1.97 57.92 34.12
CA PHE N 89 3.39 57.63 34.07
C PHE N 89 4.26 58.82 33.67
N ILE N 90 3.90 59.54 32.61
CA ILE N 90 4.81 60.55 32.08
C ILE N 90 5.01 61.75 33.02
N LYS N 91 6.14 62.41 32.90
CA LYS N 91 6.46 63.53 33.77
C LYS N 91 5.53 64.75 33.57
N PRO N 92 5.24 65.13 32.31
CA PRO N 92 4.36 66.30 32.13
C PRO N 92 2.98 66.17 32.77
N ASP N 93 2.48 67.27 33.34
CA ASP N 93 1.08 67.34 33.74
C ASP N 93 0.19 67.19 32.51
N VAL N 94 -0.79 66.30 32.59
CA VAL N 94 -1.77 66.21 31.52
C VAL N 94 -3.06 66.86 31.94
N SER N 95 -3.24 68.09 31.49
CA SER N 95 -4.50 68.78 31.66
C SER N 95 -5.54 68.07 30.77
N THR N 96 -6.76 67.97 31.26
CA THR N 96 -7.80 67.43 30.42
C THR N 96 -8.89 68.48 30.26
N LEU N 97 -9.50 68.49 29.08
CA LEU N 97 -10.61 69.40 28.79
C LEU N 97 -11.71 68.67 28.05
N CYS N 98 -12.92 68.76 28.57
CA CYS N 98 -14.06 68.16 27.91
C CYS N 98 -14.73 69.18 27.00
N LEU N 99 -14.76 68.88 25.70
CA LEU N 99 -15.59 69.61 24.76
C LEU N 99 -16.61 68.65 24.17
N GLY N 100 -17.88 69.09 24.10
CA GLY N 100 -18.95 68.24 23.61
C GLY N 100 -19.43 67.27 24.67
N GLN N 101 -18.77 66.13 24.74
CA GLN N 101 -19.07 65.15 25.75
C GLN N 101 -17.88 64.29 26.17
N ALA N 102 -17.95 63.82 27.41
CA ALA N 102 -17.04 62.80 27.88
C ALA N 102 -17.91 61.79 28.59
N ALA N 103 -18.17 60.68 27.91
CA ALA N 103 -19.03 59.62 28.46
C ALA N 103 -18.22 58.35 28.69
N SER N 104 -18.59 57.61 29.73
CA SER N 104 -17.97 56.34 30.06
C SER N 104 -16.45 56.44 30.18
N MET N 105 -15.73 55.67 29.37
CA MET N 105 -14.27 55.71 29.41
C MET N 105 -13.77 57.12 29.10
N GLY N 106 -14.52 57.85 28.28
CA GLY N 106 -14.21 59.26 28.03
C GLY N 106 -14.29 60.06 29.33
N ALA N 107 -15.32 59.79 30.11
CA ALA N 107 -15.49 60.45 31.41
C ALA N 107 -14.40 60.01 32.39
N PHE N 108 -14.01 58.73 32.34
CA PHE N 108 -12.92 58.24 33.19
C PHE N 108 -11.62 59.03 32.89
N LEU N 109 -11.29 59.17 31.62
CA LEU N 109 -10.05 59.84 31.24
C LEU N 109 -10.10 61.32 31.60
N LEU N 110 -11.27 61.94 31.48
CA LEU N 110 -11.42 63.36 31.84
C LEU N 110 -11.09 63.57 33.30
N SER N 111 -11.66 62.72 34.16
CA SER N 111 -11.43 62.82 35.60
C SER N 111 -10.01 62.48 36.00
N ALA N 112 -9.25 61.83 35.12
CA ALA N 112 -7.90 61.37 35.45
C ALA N 112 -6.83 62.43 35.23
N GLY N 113 -7.21 63.57 34.66
CA GLY N 113 -6.25 64.63 34.42
C GLY N 113 -5.61 65.11 35.72
N GLU N 114 -4.45 65.76 35.59
CA GLU N 114 -3.76 66.34 36.72
C GLU N 114 -4.72 67.20 37.54
N LYS N 115 -4.86 66.89 38.84
CA LYS N 115 -5.81 67.62 39.68
C LYS N 115 -5.51 69.13 39.73
N GLY N 116 -6.56 69.92 39.56
CA GLY N 116 -6.39 71.36 39.42
C GLY N 116 -6.42 71.81 37.97
N LYS N 117 -6.18 70.88 37.05
CA LYS N 117 -6.11 71.22 35.61
C LYS N 117 -7.10 70.39 34.76
N ARG N 118 -8.21 70.00 35.38
CA ARG N 118 -9.28 69.33 34.66
C ARG N 118 -10.43 70.31 34.36
N PHE N 119 -10.71 70.49 33.08
CA PHE N 119 -11.66 71.51 32.62
C PHE N 119 -12.82 70.97 31.77
N ALA N 120 -13.91 71.72 31.74
CA ALA N 120 -15.00 71.49 30.78
C ALA N 120 -15.51 72.82 30.24
N LEU N 121 -15.97 72.80 28.99
CA LEU N 121 -16.67 73.92 28.38
C LEU N 121 -18.08 73.97 28.99
N PRO N 122 -18.73 75.14 28.98
CA PRO N 122 -19.99 75.32 29.72
C PRO N 122 -21.14 74.38 29.34
N ASN N 123 -21.20 73.95 28.08
CA ASN N 123 -22.31 73.10 27.66
C ASN N 123 -21.91 71.64 27.39
N SER N 124 -20.76 71.25 27.95
CA SER N 124 -20.31 69.87 27.88
C SER N 124 -21.23 68.95 28.64
N ARG N 125 -21.29 67.70 28.19
CA ARG N 125 -22.05 66.65 28.85
C ARG N 125 -21.06 65.59 29.37
N ILE N 126 -21.21 65.24 30.64
CA ILE N 126 -20.39 64.17 31.21
C ILE N 126 -21.31 63.01 31.55
N MET N 127 -20.88 61.78 31.32
CA MET N 127 -21.73 60.67 31.76
C MET N 127 -20.92 59.53 32.33
N ILE N 128 -21.34 59.03 33.49
CA ILE N 128 -20.69 57.87 34.08
C ILE N 128 -21.73 56.75 34.36
N HIS N 129 -21.27 55.51 34.21
CA HIS N 129 -21.98 54.30 34.59
C HIS N 129 -21.00 53.14 34.86
N GLN N 130 -21.55 52.00 35.30
CA GLN N 130 -20.80 50.78 35.55
C GLN N 130 -20.51 50.11 34.21
N PRO N 131 -19.52 49.22 34.16
CA PRO N 131 -19.17 48.59 32.89
C PRO N 131 -20.30 47.82 32.21
N LEU N 132 -20.27 47.89 30.89
CA LEU N 132 -21.24 47.19 30.05
C LEU N 132 -20.53 46.22 29.14
N ILE N 133 -21.23 45.14 28.83
CA ILE N 133 -20.89 44.35 27.66
C ILE N 133 -22.18 44.21 26.89
N SER N 134 -22.07 44.21 25.57
CA SER N 134 -23.23 43.86 24.77
C SER N 134 -22.67 43.32 23.47
N GLY N 135 -23.41 42.39 22.91
CA GLY N 135 -22.83 41.23 22.27
C GLY N 135 -23.09 40.28 23.41
N GLY N 136 -22.48 39.10 23.42
CA GLY N 136 -22.79 38.21 24.50
C GLY N 136 -21.71 37.42 25.20
N LEU N 137 -22.08 36.94 26.38
CA LEU N 137 -21.29 35.95 27.08
C LEU N 137 -22.03 34.70 26.67
N GLY N 138 -21.38 33.89 25.87
CA GLY N 138 -22.00 32.69 25.39
C GLY N 138 -21.03 31.55 25.53
N GLY N 139 -21.57 30.35 25.67
CA GLY N 139 -20.74 29.18 25.78
C GLY N 139 -21.06 28.47 27.07
N GLN N 140 -20.06 27.82 27.63
CA GLN N 140 -20.26 27.01 28.82
C GLN N 140 -20.39 27.86 30.07
N ALA N 141 -21.18 27.38 31.01
CA ALA N 141 -21.32 28.08 32.28
C ALA N 141 -19.97 28.42 32.90
N SER N 142 -19.02 27.48 32.82
CA SER N 142 -17.69 27.68 33.39
C SER N 142 -17.03 28.94 32.83
N ASP N 143 -17.17 29.13 31.52
CA ASP N 143 -16.57 30.26 30.82
C ASP N 143 -17.28 31.58 31.16
N ILE N 144 -18.60 31.49 31.27
CA ILE N 144 -19.41 32.64 31.60
C ILE N 144 -19.10 33.11 33.01
N GLU N 145 -18.89 32.17 33.92
CA GLU N 145 -18.48 32.50 35.28
C GLU N 145 -17.13 33.25 35.26
N ILE N 146 -16.20 32.75 34.46
CA ILE N 146 -14.88 33.37 34.35
C ILE N 146 -14.98 34.82 33.87
N HIS N 147 -15.81 35.04 32.85
CA HIS N 147 -15.94 36.36 32.26
C HIS N 147 -16.80 37.32 33.08
N ALA N 148 -17.82 36.81 33.75
CA ALA N 148 -18.60 37.60 34.69
C ALA N 148 -17.73 38.12 35.83
N ARG N 149 -16.89 37.23 36.34
CA ARG N 149 -15.99 37.56 37.44
C ARG N 149 -15.03 38.66 37.04
N GLU N 150 -14.55 38.54 35.81
CA GLU N 150 -13.61 39.50 35.28
C GLU N 150 -14.30 40.85 35.09
N LEU N 151 -15.56 40.83 34.68
CA LEU N 151 -16.32 42.07 34.51
C LEU N 151 -16.55 42.75 35.86
N LEU N 152 -16.84 41.96 36.89
CA LEU N 152 -17.03 42.53 38.22
C LEU N 152 -15.70 43.05 38.80
N LYS N 153 -14.57 42.42 38.48
CA LYS N 153 -13.29 42.99 38.92
C LYS N 153 -13.06 44.35 38.25
N ILE N 154 -13.43 44.47 36.99
CA ILE N 154 -13.33 45.75 36.30
C ILE N 154 -14.26 46.78 36.95
N LYS N 155 -15.48 46.37 37.27
CA LYS N 155 -16.43 47.25 37.94
C LYS N 155 -15.87 47.77 39.27
N GLU N 156 -15.31 46.88 40.08
CA GLU N 156 -14.77 47.23 41.39
C GLU N 156 -13.59 48.19 41.21
N LYS N 157 -12.72 47.90 40.26
CA LYS N 157 -11.58 48.77 40.05
C LYS N 157 -11.98 50.18 39.64
N LEU N 158 -12.88 50.29 38.67
CA LEU N 158 -13.24 51.59 38.11
C LEU N 158 -13.92 52.42 39.17
N ASN N 159 -14.78 51.79 39.96
CA ASN N 159 -15.40 52.51 41.06
C ASN N 159 -14.34 53.03 42.06
N ARG N 160 -13.33 52.20 42.34
CA ARG N 160 -12.27 52.58 43.26
C ARG N 160 -11.44 53.74 42.70
N LEU N 161 -11.09 53.63 41.43
CA LEU N 161 -10.29 54.65 40.78
C LEU N 161 -11.05 55.97 40.58
N MET N 162 -12.32 55.86 40.24
CA MET N 162 -13.14 57.05 40.06
C MET N 162 -13.35 57.77 41.40
N ALA N 163 -13.53 57.01 42.48
CA ALA N 163 -13.68 57.59 43.81
C ALA N 163 -12.46 58.43 44.19
N LYS N 164 -11.28 57.94 43.82
CA LYS N 164 -10.01 58.63 44.09
C LYS N 164 -9.86 59.88 43.22
N HIS N 165 -10.21 59.77 41.94
CA HIS N 165 -10.17 60.93 41.04
C HIS N 165 -11.07 62.06 41.53
N CYS N 166 -12.24 61.68 42.04
CA CYS N 166 -13.28 62.62 42.43
C CYS N 166 -13.24 63.06 43.90
N ASP N 167 -12.34 62.49 44.68
CA ASP N 167 -12.28 62.72 46.13
C ASP N 167 -13.62 62.51 46.79
N ARG N 168 -14.17 61.32 46.59
CA ARG N 168 -15.39 60.91 47.25
C ARG N 168 -15.28 59.48 47.78
N ASP N 169 -16.28 59.08 48.55
CA ASP N 169 -16.30 57.73 49.10
C ASP N 169 -16.70 56.72 48.05
N LEU N 170 -16.08 55.55 48.12
CA LEU N 170 -16.42 54.41 47.27
C LEU N 170 -17.95 54.17 47.17
N ALA N 171 -18.64 54.28 48.31
CA ALA N 171 -20.07 54.01 48.36
C ALA N 171 -20.86 55.01 47.51
N ASP N 172 -20.34 56.23 47.38
CA ASP N 172 -20.95 57.22 46.50
C ASP N 172 -20.85 56.80 45.04
N LEU N 173 -19.65 56.42 44.61
CA LEU N 173 -19.42 56.05 43.20
C LEU N 173 -20.19 54.80 42.79
N GLU N 174 -20.26 53.81 43.68
CA GLU N 174 -21.04 52.61 43.43
C GLU N 174 -22.51 52.96 43.22
N ARG N 175 -23.02 53.83 44.09
CA ARG N 175 -24.41 54.29 43.99
C ARG N 175 -24.68 55.08 42.73
N ASP N 176 -23.76 55.95 42.37
CA ASP N 176 -24.02 56.94 41.34
C ASP N 176 -23.69 56.42 39.97
N THR N 177 -23.16 55.20 39.91
CA THR N 177 -22.85 54.57 38.62
C THR N 177 -23.67 53.31 38.34
N ASP N 178 -24.66 53.03 39.19
CA ASP N 178 -25.48 51.84 38.98
C ASP N 178 -26.20 51.90 37.62
N ARG N 179 -26.73 53.07 37.27
CA ARG N 179 -27.30 53.29 35.95
C ARG N 179 -26.73 54.56 35.33
N ASP N 180 -26.99 54.81 34.05
CA ASP N 180 -26.38 55.97 33.37
C ASP N 180 -26.63 57.27 34.13
N ASN N 181 -25.56 57.98 34.45
CA ASN N 181 -25.62 59.21 35.23
C ASN N 181 -25.05 60.37 34.43
N PHE N 182 -25.94 61.17 33.86
CA PHE N 182 -25.56 62.37 33.09
C PHE N 182 -25.33 63.58 33.98
N MET N 183 -24.26 64.31 33.71
CA MET N 183 -23.96 65.51 34.44
C MET N 183 -23.71 66.70 33.52
N SER N 184 -24.28 67.85 33.89
CA SER N 184 -23.87 69.11 33.30
C SER N 184 -22.45 69.39 33.75
N ALA N 185 -21.80 70.36 33.11
CA ALA N 185 -20.45 70.73 33.51
C ALA N 185 -20.42 71.11 34.98
N GLU N 186 -21.43 71.87 35.44
CA GLU N 186 -21.53 72.27 36.85
C GLU N 186 -21.76 71.09 37.82
N GLU N 187 -22.60 70.16 37.43
CA GLU N 187 -22.75 68.99 38.29
C GLU N 187 -21.47 68.16 38.34
N ALA N 188 -20.74 68.10 37.23
CA ALA N 188 -19.47 67.37 37.19
C ALA N 188 -18.39 68.02 38.07
N LYS N 189 -18.39 69.35 38.15
CA LYS N 189 -17.47 70.06 39.02
C LYS N 189 -17.84 69.81 40.47
N GLU N 190 -19.12 69.93 40.77
CA GLU N 190 -19.62 69.69 42.10
C GLU N 190 -19.34 68.24 42.52
N TYR N 191 -19.37 67.33 41.57
CA TYR N 191 -19.13 65.93 41.90
C TYR N 191 -17.67 65.69 42.26
N GLY N 192 -16.77 66.48 41.67
CA GLY N 192 -15.34 66.35 41.85
C GLY N 192 -14.58 65.78 40.67
N LEU N 193 -15.27 65.64 39.55
CA LEU N 193 -14.73 65.01 38.33
C LEU N 193 -13.86 65.98 37.51
N ILE N 194 -14.24 67.25 37.55
CA ILE N 194 -13.44 68.31 36.93
C ILE N 194 -13.15 69.44 37.94
N ASP N 195 -12.24 70.34 37.59
CA ASP N 195 -11.88 71.40 38.53
C ASP N 195 -12.56 72.72 38.21
N GLN N 196 -12.58 73.10 36.92
CA GLN N 196 -13.05 74.41 36.51
C GLN N 196 -13.88 74.35 35.24
N ILE N 197 -14.81 75.30 35.09
CA ILE N 197 -15.58 75.48 33.87
C ILE N 197 -15.11 76.75 33.17
N LEU N 198 -14.76 76.66 31.89
CA LEU N 198 -14.19 77.82 31.20
C LEU N 198 -15.25 78.74 30.61
N GLU N 199 -15.31 79.97 31.12
CA GLU N 199 -16.26 80.97 30.65
C GLU N 199 -15.85 81.55 29.29
N ASN N 200 -14.71 82.24 29.25
CA ASN N 200 -14.28 82.92 28.03
C ASN N 200 -12.77 82.85 27.79
N TYR O 8 10.36 -60.90 -8.23
CA TYR O 8 10.48 -62.11 -9.05
C TYR O 8 9.29 -63.06 -8.85
N LEU O 9 8.59 -63.36 -9.95
CA LEU O 9 7.40 -64.20 -9.96
C LEU O 9 7.66 -65.65 -10.42
N VAL O 10 7.21 -66.61 -9.60
CA VAL O 10 7.27 -68.03 -9.94
C VAL O 10 5.87 -68.55 -10.32
N PRO O 11 5.73 -69.16 -11.51
CA PRO O 11 4.40 -69.62 -11.98
C PRO O 11 3.77 -70.65 -11.04
N THR O 12 2.44 -70.61 -10.91
CA THR O 12 1.73 -71.63 -10.14
C THR O 12 1.35 -72.76 -11.09
N VAL O 13 1.23 -73.97 -10.54
CA VAL O 13 1.11 -75.15 -11.35
C VAL O 13 0.29 -76.22 -10.63
N ILE O 14 -0.68 -76.81 -11.33
CA ILE O 14 -1.59 -77.76 -10.70
C ILE O 14 -1.07 -79.20 -10.77
N GLU O 15 -1.24 -79.91 -9.67
CA GLU O 15 -0.99 -81.36 -9.65
C GLU O 15 -2.32 -82.09 -9.76
N GLN O 16 -2.59 -82.95 -10.75
CA GLN O 16 -3.69 -83.87 -10.39
C GLN O 16 -3.15 -85.16 -9.77
N SER O 17 -3.55 -85.33 -8.51
CA SER O 17 -3.00 -86.37 -7.65
C SER O 17 -3.96 -87.57 -7.43
N GLY O 18 -4.47 -87.73 -6.21
CA GLY O 18 -5.42 -88.78 -5.90
C GLY O 18 -6.69 -88.37 -6.60
N ARG O 19 -7.29 -87.31 -6.07
CA ARG O 19 -7.83 -86.18 -6.85
C ARG O 19 -8.77 -85.26 -6.11
N GLY O 20 -8.93 -84.10 -6.73
CA GLY O 20 -8.99 -82.85 -6.03
C GLY O 20 -7.53 -82.44 -6.22
N GLU O 21 -7.31 -81.37 -6.98
CA GLU O 21 -5.94 -81.01 -7.37
C GLU O 21 -5.23 -80.15 -6.35
N ARG O 22 -4.04 -79.70 -6.72
CA ARG O 22 -3.20 -78.91 -5.83
C ARG O 22 -2.42 -77.81 -6.56
N ALA O 23 -2.55 -76.59 -6.06
CA ALA O 23 -1.73 -75.49 -6.53
C ALA O 23 -0.30 -75.67 -6.04
N PHE O 24 0.66 -75.47 -6.93
CA PHE O 24 2.07 -75.55 -6.58
C PHE O 24 2.84 -74.44 -7.29
N ASP O 25 3.83 -73.88 -6.60
CA ASP O 25 4.82 -73.09 -7.29
C ASP O 25 5.60 -74.15 -8.04
N ILE O 26 6.15 -73.81 -9.20
CA ILE O 26 6.69 -74.83 -10.07
C ILE O 26 7.89 -75.58 -9.44
N TYR O 27 8.62 -74.94 -8.53
CA TYR O 27 9.75 -75.60 -7.90
C TYR O 27 9.28 -76.60 -6.85
N SER O 28 8.21 -76.28 -6.13
CA SER O 28 7.65 -77.25 -5.19
C SER O 28 7.16 -78.48 -5.97
N ARG O 29 6.62 -78.21 -7.16
CA ARG O 29 6.15 -79.25 -8.04
C ARG O 29 7.29 -80.19 -8.46
N LEU O 30 8.47 -79.64 -8.77
CA LEU O 30 9.61 -80.52 -9.11
C LEU O 30 10.19 -81.23 -7.89
N LEU O 31 10.05 -80.61 -6.72
CA LEU O 31 10.53 -81.25 -5.50
C LEU O 31 9.76 -82.57 -5.25
N LYS O 32 8.48 -82.58 -5.63
CA LYS O 32 7.66 -83.78 -5.48
C LYS O 32 8.19 -84.97 -6.24
N GLU O 33 8.89 -84.71 -7.34
CA GLU O 33 9.53 -85.77 -8.12
C GLU O 33 10.97 -86.00 -7.68
N ARG O 34 11.29 -85.50 -6.49
CA ARG O 34 12.60 -85.68 -5.86
C ARG O 34 13.74 -84.98 -6.58
N ILE O 35 13.42 -83.86 -7.23
CA ILE O 35 14.42 -83.00 -7.84
C ILE O 35 14.76 -81.79 -6.94
N VAL O 36 16.04 -81.59 -6.63
CA VAL O 36 16.45 -80.47 -5.79
C VAL O 36 17.38 -79.54 -6.55
N PHE O 37 17.15 -78.24 -6.46
CA PHE O 37 17.98 -77.27 -7.20
C PHE O 37 19.01 -76.55 -6.36
N LEU O 38 20.23 -76.44 -6.88
CA LEU O 38 21.19 -75.47 -6.35
C LEU O 38 21.60 -74.51 -7.47
N VAL O 39 21.06 -73.30 -7.43
CA VAL O 39 21.25 -72.31 -8.47
C VAL O 39 21.84 -71.03 -7.92
N GLY O 40 22.91 -70.53 -8.56
CA GLY O 40 23.56 -69.30 -8.11
C GLY O 40 24.54 -69.63 -7.00
N PRO O 41 25.08 -68.61 -6.32
CA PRO O 41 26.12 -68.75 -5.28
C PRO O 41 25.68 -69.61 -4.10
N VAL O 42 26.61 -70.42 -3.60
CA VAL O 42 26.38 -71.23 -2.41
C VAL O 42 26.55 -70.37 -1.17
N THR O 43 25.44 -70.13 -0.47
CA THR O 43 25.42 -69.39 0.79
C THR O 43 24.84 -70.26 1.88
N ASP O 44 24.95 -69.81 3.14
CA ASP O 44 24.38 -70.54 4.28
C ASP O 44 22.90 -70.86 4.04
N GLU O 45 22.17 -69.87 3.56
CA GLU O 45 20.74 -70.00 3.36
C GLU O 45 20.41 -70.84 2.14
N SER O 46 21.10 -70.63 1.03
CA SER O 46 20.76 -71.40 -0.16
C SER O 46 21.19 -72.84 0.09
N ALA O 47 22.31 -73.01 0.78
CA ALA O 47 22.77 -74.37 1.08
C ALA O 47 21.88 -75.06 2.11
N ASN O 48 21.50 -74.34 3.17
CA ASN O 48 20.72 -74.97 4.23
C ASN O 48 19.35 -75.41 3.71
N LEU O 49 18.78 -74.63 2.79
CA LEU O 49 17.55 -75.01 2.10
C LEU O 49 17.74 -76.34 1.33
N VAL O 50 18.89 -76.51 0.69
CA VAL O 50 19.22 -77.78 0.02
C VAL O 50 19.29 -78.95 1.01
N VAL O 51 19.99 -78.74 2.13
CA VAL O 51 20.06 -79.75 3.18
C VAL O 51 18.65 -80.16 3.63
N ALA O 52 17.79 -79.16 3.82
CA ALA O 52 16.43 -79.38 4.31
C ALA O 52 15.59 -80.21 3.34
N GLN O 53 15.77 -79.97 2.05
CA GLN O 53 15.08 -80.74 1.04
C GLN O 53 15.62 -82.17 0.97
N LEU O 54 16.93 -82.33 1.12
CA LEU O 54 17.52 -83.65 1.12
C LEU O 54 16.97 -84.51 2.26
N LEU O 55 16.98 -83.94 3.47
CA LEU O 55 16.45 -84.61 4.66
C LEU O 55 14.96 -84.91 4.50
N PHE O 56 14.23 -83.96 3.92
CA PHE O 56 12.81 -84.15 3.72
C PHE O 56 12.52 -85.31 2.76
N LEU O 57 13.24 -85.35 1.65
CA LEU O 57 13.02 -86.36 0.63
C LEU O 57 13.32 -87.75 1.17
N GLU O 58 14.36 -87.84 2.00
CA GLU O 58 14.68 -89.10 2.64
C GLU O 58 13.56 -89.61 3.54
N SER O 59 12.95 -88.71 4.31
CA SER O 59 11.87 -89.11 5.21
C SER O 59 10.68 -89.60 4.43
N GLU O 60 10.44 -89.01 3.27
CA GLU O 60 9.35 -89.45 2.41
C GLU O 60 9.62 -90.85 1.87
N ASN O 61 10.89 -91.09 1.50
CA ASN O 61 11.28 -92.40 0.97
C ASN O 61 12.80 -92.54 1.00
N PRO O 62 13.31 -93.38 1.90
CA PRO O 62 14.76 -93.53 2.08
C PRO O 62 15.46 -94.35 0.98
N ASP O 63 14.69 -94.88 0.04
CA ASP O 63 15.28 -95.79 -0.95
C ASP O 63 15.33 -95.23 -2.39
N LYS O 64 14.44 -94.30 -2.72
CA LYS O 64 14.43 -93.70 -4.05
C LYS O 64 15.54 -92.65 -4.20
N ASP O 65 16.16 -92.62 -5.37
CA ASP O 65 17.16 -91.63 -5.70
C ASP O 65 16.65 -90.20 -5.53
N ILE O 66 17.56 -89.29 -5.24
CA ILE O 66 17.28 -87.85 -5.23
C ILE O 66 18.09 -87.25 -6.38
N PHE O 67 17.52 -86.29 -7.09
CA PHE O 67 18.18 -85.72 -8.25
C PHE O 67 18.55 -84.25 -7.99
N PHE O 68 19.84 -84.04 -7.83
CA PHE O 68 20.39 -82.75 -7.42
C PHE O 68 20.87 -81.98 -8.65
N TYR O 69 20.09 -80.97 -9.07
CA TYR O 69 20.44 -80.17 -10.25
C TYR O 69 21.29 -78.97 -9.87
N ILE O 70 22.47 -78.87 -10.44
CA ILE O 70 23.38 -77.83 -10.04
C ILE O 70 23.71 -76.85 -11.16
N ASN O 71 23.40 -75.58 -10.92
CA ASN O 71 23.87 -74.47 -11.76
C ASN O 71 24.45 -73.38 -10.89
N SER O 72 25.74 -73.49 -10.60
CA SER O 72 26.33 -72.66 -9.57
C SER O 72 27.80 -72.33 -9.84
N PRO O 73 28.21 -71.08 -9.52
CA PRO O 73 29.61 -70.68 -9.60
C PRO O 73 30.38 -71.05 -8.34
N GLY O 74 29.68 -71.64 -7.38
CA GLY O 74 30.32 -71.99 -6.13
C GLY O 74 29.99 -70.98 -5.03
N GLY O 75 30.89 -70.88 -4.06
CA GLY O 75 30.64 -69.98 -2.95
C GLY O 75 31.30 -70.45 -1.67
N SER O 76 30.57 -70.32 -0.58
CA SER O 76 31.06 -70.60 0.76
C SER O 76 31.47 -72.05 0.88
N VAL O 77 32.71 -72.28 1.31
CA VAL O 77 33.20 -73.63 1.45
C VAL O 77 32.45 -74.34 2.55
N THR O 78 32.25 -73.67 3.67
CA THR O 78 31.56 -74.32 4.78
C THR O 78 30.10 -74.60 4.45
N ALA O 79 29.42 -73.67 3.77
CA ALA O 79 28.01 -73.91 3.40
C ALA O 79 27.91 -75.09 2.45
N GLY O 80 28.81 -75.15 1.48
CA GLY O 80 28.91 -76.28 0.55
C GLY O 80 29.15 -77.63 1.25
N MET O 81 30.01 -77.64 2.27
CA MET O 81 30.30 -78.87 3.02
C MET O 81 29.06 -79.40 3.76
N SER O 82 28.18 -78.50 4.20
CA SER O 82 26.98 -78.95 4.91
C SER O 82 26.11 -79.75 3.95
N ILE O 83 26.10 -79.36 2.68
CA ILE O 83 25.41 -80.11 1.62
C ILE O 83 26.13 -81.46 1.37
N TYR O 84 27.45 -81.38 1.21
CA TYR O 84 28.30 -82.56 1.01
C TYR O 84 28.09 -83.62 2.07
N ASP O 85 28.20 -83.22 3.33
CA ASP O 85 28.05 -84.18 4.40
C ASP O 85 26.62 -84.75 4.47
N THR O 86 25.62 -83.93 4.10
CA THR O 86 24.23 -84.39 4.06
C THR O 86 24.02 -85.38 2.92
N MET O 87 24.58 -85.06 1.75
CA MET O 87 24.54 -85.96 0.59
C MET O 87 25.09 -87.34 0.97
N ASN O 88 26.21 -87.38 1.67
CA ASN O 88 26.86 -88.62 2.08
C ASN O 88 26.13 -89.34 3.22
N PHE O 89 25.45 -88.59 4.09
CA PHE O 89 24.83 -89.21 5.26
C PHE O 89 23.56 -89.96 4.91
N ILE O 90 22.67 -89.32 4.16
CA ILE O 90 21.36 -89.87 3.92
C ILE O 90 21.42 -91.17 3.12
N LYS O 91 20.43 -92.02 3.35
CA LYS O 91 20.39 -93.36 2.74
C LYS O 91 20.19 -93.28 1.23
N PRO O 92 19.23 -92.44 0.76
CA PRO O 92 19.03 -92.39 -0.70
C PRO O 92 20.29 -91.95 -1.48
N ASP O 93 20.48 -92.56 -2.63
CA ASP O 93 21.47 -92.11 -3.59
C ASP O 93 21.19 -90.67 -4.05
N VAL O 94 22.21 -89.83 -4.01
CA VAL O 94 22.05 -88.50 -4.56
C VAL O 94 22.73 -88.41 -5.89
N SER O 95 21.92 -88.53 -6.94
CA SER O 95 22.39 -88.29 -8.30
C SER O 95 22.63 -86.79 -8.45
N THR O 96 23.69 -86.41 -9.15
CA THR O 96 23.91 -85.00 -9.45
C THR O 96 23.89 -84.71 -10.95
N LEU O 97 23.39 -83.52 -11.31
CA LEU O 97 23.34 -83.10 -12.72
C LEU O 97 23.75 -81.63 -12.90
N CYS O 98 24.72 -81.41 -13.79
CA CYS O 98 25.16 -80.07 -14.11
C CYS O 98 24.48 -79.49 -15.35
N LEU O 99 23.75 -78.39 -15.16
CA LEU O 99 23.26 -77.60 -16.30
C LEU O 99 23.84 -76.19 -16.21
N GLY O 100 24.28 -75.67 -17.34
CA GLY O 100 24.90 -74.35 -17.38
C GLY O 100 26.34 -74.45 -16.92
N GLN O 101 26.55 -74.36 -15.60
CA GLN O 101 27.90 -74.48 -15.07
C GLN O 101 27.90 -75.04 -13.65
N ALA O 102 29.02 -75.68 -13.31
CA ALA O 102 29.33 -76.07 -11.95
C ALA O 102 30.79 -75.72 -11.69
N ALA O 103 31.03 -74.60 -11.01
CA ALA O 103 32.38 -74.09 -10.73
C ALA O 103 32.68 -74.06 -9.23
N SER O 104 33.96 -74.32 -8.92
CA SER O 104 34.45 -74.34 -7.56
C SER O 104 33.63 -75.30 -6.71
N MET O 105 33.03 -74.80 -5.63
CA MET O 105 32.24 -75.66 -4.75
C MET O 105 31.11 -76.34 -5.52
N GLY O 106 30.61 -75.68 -6.57
CA GLY O 106 29.63 -76.30 -7.43
C GLY O 106 30.19 -77.55 -8.10
N ALA O 107 31.41 -77.45 -8.60
CA ALA O 107 32.04 -78.62 -9.23
C ALA O 107 32.35 -79.69 -8.16
N PHE O 108 32.72 -79.25 -6.97
CA PHE O 108 32.96 -80.16 -5.87
C PHE O 108 31.72 -81.01 -5.59
N LEU O 109 30.57 -80.35 -5.47
CA LEU O 109 29.32 -81.03 -5.15
C LEU O 109 28.83 -81.93 -6.29
N LEU O 110 29.03 -81.48 -7.52
CA LEU O 110 28.69 -82.27 -8.69
C LEU O 110 29.44 -83.61 -8.69
N SER O 111 30.75 -83.53 -8.49
CA SER O 111 31.61 -84.71 -8.49
C SER O 111 31.35 -85.60 -7.28
N ALA O 112 30.64 -85.07 -6.28
CA ALA O 112 30.38 -85.82 -5.05
C ALA O 112 29.09 -86.68 -5.14
N GLY O 113 28.35 -86.53 -6.22
CA GLY O 113 27.13 -87.32 -6.40
C GLY O 113 27.45 -88.80 -6.42
N GLU O 114 26.45 -89.65 -6.17
CA GLU O 114 26.66 -91.11 -6.21
C GLU O 114 27.36 -91.56 -7.49
N LYS O 115 28.49 -92.25 -7.35
CA LYS O 115 29.27 -92.66 -8.52
C LYS O 115 28.44 -93.56 -9.44
N GLY O 116 28.46 -93.23 -10.72
CA GLY O 116 27.59 -93.85 -11.70
C GLY O 116 26.41 -92.95 -12.02
N LYS O 117 26.12 -92.01 -11.13
CA LYS O 117 24.95 -91.14 -11.32
C LYS O 117 25.32 -89.64 -11.34
N ARG O 118 26.52 -89.36 -11.83
CA ARG O 118 26.95 -87.97 -12.03
C ARG O 118 26.85 -87.59 -13.52
N PHE O 119 26.03 -86.58 -13.80
CA PHE O 119 25.69 -86.19 -15.18
C PHE O 119 25.99 -84.72 -15.46
N ALA O 120 26.20 -84.41 -16.74
CA ALA O 120 26.24 -83.05 -17.23
C ALA O 120 25.56 -83.00 -18.59
N LEU O 121 24.93 -81.87 -18.87
CA LEU O 121 24.37 -81.63 -20.18
C LEU O 121 25.53 -81.29 -21.12
N PRO O 122 25.37 -81.52 -22.44
CA PRO O 122 26.52 -81.46 -23.35
C PRO O 122 27.25 -80.10 -23.39
N ASN O 123 26.55 -78.99 -23.16
CA ASN O 123 27.20 -77.69 -23.22
C ASN O 123 27.42 -77.06 -21.84
N SER O 124 27.40 -77.89 -20.79
CA SER O 124 27.73 -77.44 -19.43
C SER O 124 29.21 -77.03 -19.29
N ARG O 125 29.49 -76.10 -18.38
CA ARG O 125 30.87 -75.70 -18.17
C ARG O 125 31.28 -76.12 -16.75
N ILE O 126 32.42 -76.78 -16.61
CA ILE O 126 32.90 -77.16 -15.30
C ILE O 126 34.23 -76.47 -15.01
N MET O 127 34.43 -75.98 -13.79
CA MET O 127 35.70 -75.35 -13.42
C MET O 127 36.12 -75.72 -12.00
N ILE O 128 37.38 -76.10 -11.85
CA ILE O 128 37.94 -76.38 -10.53
C ILE O 128 39.21 -75.56 -10.32
N HIS O 129 39.45 -75.14 -9.07
CA HIS O 129 40.70 -74.47 -8.68
C HIS O 129 40.96 -74.57 -7.18
N GLN O 130 42.10 -74.04 -6.75
CA GLN O 130 42.44 -74.01 -5.34
C GLN O 130 41.66 -72.89 -4.62
N PRO O 131 41.58 -72.95 -3.28
CA PRO O 131 40.81 -71.93 -2.53
C PRO O 131 41.31 -70.53 -2.78
N LEU O 132 40.36 -69.60 -2.82
CA LEU O 132 40.62 -68.19 -3.03
C LEU O 132 40.14 -67.48 -1.78
N ILE O 133 40.76 -66.37 -1.40
CA ILE O 133 40.01 -65.60 -0.46
C ILE O 133 39.87 -64.20 -0.98
N SER O 134 38.67 -63.70 -0.74
CA SER O 134 38.31 -62.35 -1.08
C SER O 134 38.17 -61.60 0.22
N GLY O 135 38.50 -60.31 0.17
CA GLY O 135 38.52 -59.49 1.35
C GLY O 135 39.97 -59.57 1.70
N GLY O 136 40.29 -59.47 2.97
CA GLY O 136 41.68 -59.56 3.34
C GLY O 136 41.99 -60.46 4.50
N LEU O 137 43.27 -60.81 4.59
CA LEU O 137 43.80 -61.32 5.84
C LEU O 137 44.46 -60.06 6.31
N GLY O 138 43.91 -59.46 7.36
CA GLY O 138 44.53 -58.28 7.91
C GLY O 138 44.55 -58.38 9.42
N GLY O 139 45.74 -58.11 9.95
CA GLY O 139 45.94 -58.12 11.38
C GLY O 139 47.40 -58.42 11.68
N GLN O 140 47.60 -59.06 12.81
CA GLN O 140 48.92 -59.39 13.31
C GLN O 140 49.49 -60.59 12.57
N ALA O 141 50.81 -60.60 12.43
CA ALA O 141 51.49 -61.71 11.79
C ALA O 141 51.03 -63.06 12.36
N SER O 142 50.89 -63.13 13.68
CA SER O 142 50.39 -64.35 14.32
C SER O 142 49.01 -64.77 13.81
N ASP O 143 48.12 -63.79 13.62
CA ASP O 143 46.75 -64.07 13.18
C ASP O 143 46.75 -64.52 11.72
N ILE O 144 47.60 -63.86 10.94
CA ILE O 144 47.74 -64.16 9.52
C ILE O 144 48.30 -65.54 9.30
N GLU O 145 49.26 -65.92 10.14
CA GLU O 145 49.79 -67.27 10.09
C GLU O 145 48.65 -68.24 10.35
N ILE O 146 47.86 -67.96 11.39
CA ILE O 146 46.77 -68.86 11.78
C ILE O 146 45.80 -69.05 10.62
N HIS O 147 45.44 -67.96 9.95
CA HIS O 147 44.48 -68.07 8.87
C HIS O 147 45.10 -68.67 7.61
N ALA O 148 46.39 -68.43 7.37
CA ALA O 148 47.09 -69.08 6.25
C ALA O 148 47.14 -70.59 6.40
N ARG O 149 47.49 -71.04 7.59
CA ARG O 149 47.62 -72.45 7.91
C ARG O 149 46.28 -73.17 7.68
N GLU O 150 45.21 -72.47 8.05
CA GLU O 150 43.85 -72.96 7.89
C GLU O 150 43.46 -73.05 6.43
N LEU O 151 43.87 -72.06 5.65
CA LEU O 151 43.55 -72.03 4.22
C LEU O 151 44.22 -73.20 3.52
N LEU O 152 45.43 -73.53 3.95
CA LEU O 152 46.16 -74.63 3.36
C LEU O 152 45.59 -76.02 3.66
N LYS O 153 45.08 -76.24 4.88
CA LYS O 153 44.41 -77.51 5.19
C LYS O 153 43.15 -77.64 4.33
N ILE O 154 42.46 -76.53 4.12
CA ILE O 154 41.27 -76.54 3.28
C ILE O 154 41.67 -76.93 1.85
N LYS O 155 42.74 -76.32 1.35
CA LYS O 155 43.28 -76.62 0.02
C LYS O 155 43.60 -78.11 -0.13
N GLU O 156 44.30 -78.64 0.88
CA GLU O 156 44.71 -80.04 0.95
C GLU O 156 43.51 -80.99 1.09
N LYS O 157 42.57 -80.63 1.96
CA LYS O 157 41.38 -81.44 2.13
C LYS O 157 40.60 -81.57 0.82
N LEU O 158 40.42 -80.45 0.12
CA LEU O 158 39.62 -80.42 -1.12
C LEU O 158 40.30 -81.26 -2.20
N ASN O 159 41.60 -81.10 -2.32
CA ASN O 159 42.37 -81.87 -3.27
C ASN O 159 42.25 -83.37 -3.00
N ARG O 160 42.35 -83.72 -1.72
CA ARG O 160 42.32 -85.13 -1.32
C ARG O 160 40.94 -85.73 -1.57
N LEU O 161 39.88 -85.01 -1.18
CA LEU O 161 38.51 -85.49 -1.35
C LEU O 161 38.15 -85.53 -2.83
N MET O 162 38.63 -84.53 -3.57
CA MET O 162 38.37 -84.45 -5.00
C MET O 162 39.07 -85.61 -5.73
N ALA O 163 40.27 -85.98 -5.29
CA ALA O 163 41.02 -87.09 -5.88
C ALA O 163 40.22 -88.39 -5.74
N LYS O 164 39.59 -88.55 -4.59
CA LYS O 164 38.76 -89.71 -4.33
C LYS O 164 37.50 -89.72 -5.20
N HIS O 165 36.81 -88.58 -5.32
CA HIS O 165 35.61 -88.49 -6.16
C HIS O 165 35.91 -88.80 -7.61
N CYS O 166 37.06 -88.34 -8.06
CA CYS O 166 37.43 -88.41 -9.47
C CYS O 166 38.18 -89.69 -9.75
N ASP O 167 38.44 -90.46 -8.69
CA ASP O 167 39.26 -91.66 -8.74
C ASP O 167 40.59 -91.35 -9.40
N ARG O 168 41.31 -90.38 -8.83
CA ARG O 168 42.59 -89.93 -9.37
C ARG O 168 43.68 -89.83 -8.30
N ASP O 169 44.90 -89.55 -8.75
CA ASP O 169 45.98 -89.34 -7.79
C ASP O 169 45.89 -87.92 -7.21
N LEU O 170 46.15 -87.81 -5.91
CA LEU O 170 46.23 -86.52 -5.26
C LEU O 170 47.13 -85.53 -6.02
N ALA O 171 48.27 -86.03 -6.48
CA ALA O 171 49.21 -85.18 -7.18
C ALA O 171 48.60 -84.58 -8.45
N ASP O 172 47.71 -85.33 -9.10
CA ASP O 172 47.08 -84.80 -10.30
C ASP O 172 46.22 -83.58 -9.95
N LEU O 173 45.41 -83.72 -8.91
CA LEU O 173 44.51 -82.66 -8.48
C LEU O 173 45.30 -81.44 -8.02
N GLU O 174 46.44 -81.67 -7.37
CA GLU O 174 47.30 -80.55 -6.96
C GLU O 174 47.73 -79.73 -8.17
N ARG O 175 48.18 -80.45 -9.20
CA ARG O 175 48.61 -79.85 -10.47
C ARG O 175 47.50 -79.15 -11.24
N ASP O 176 46.33 -79.77 -11.27
CA ASP O 176 45.25 -79.32 -12.11
C ASP O 176 44.32 -78.29 -11.46
N THR O 177 44.54 -78.00 -10.18
CA THR O 177 43.75 -77.00 -9.49
C THR O 177 44.65 -75.82 -9.09
N ASP O 178 45.90 -75.86 -9.55
CA ASP O 178 46.85 -74.79 -9.24
C ASP O 178 46.35 -73.46 -9.76
N ARG O 179 45.78 -73.47 -10.96
CA ARG O 179 45.09 -72.31 -11.51
C ARG O 179 43.75 -72.75 -12.07
N ASP O 180 42.93 -71.79 -12.49
CA ASP O 180 41.60 -72.08 -13.00
C ASP O 180 41.67 -73.10 -14.13
N ASN O 181 40.90 -74.16 -13.96
CA ASN O 181 40.88 -75.26 -14.88
C ASN O 181 39.47 -75.48 -15.42
N PHE O 182 39.20 -74.94 -16.60
CA PHE O 182 37.90 -75.08 -17.22
C PHE O 182 37.82 -76.39 -17.98
N MET O 183 36.71 -77.09 -17.81
CA MET O 183 36.48 -78.34 -18.52
C MET O 183 35.14 -78.34 -19.17
N SER O 184 35.12 -78.80 -20.40
CA SER O 184 33.89 -79.17 -21.08
C SER O 184 33.34 -80.41 -20.38
N ALA O 185 32.11 -80.78 -20.75
CA ALA O 185 31.49 -81.99 -20.21
C ALA O 185 32.35 -83.21 -20.47
N GLU O 186 32.84 -83.30 -21.69
CA GLU O 186 33.65 -84.42 -22.15
C GLU O 186 34.94 -84.53 -21.37
N GLU O 187 35.59 -83.38 -21.16
CA GLU O 187 36.85 -83.35 -20.41
C GLU O 187 36.60 -83.73 -18.94
N ALA O 188 35.45 -83.29 -18.42
CA ALA O 188 35.06 -83.59 -17.05
C ALA O 188 34.81 -85.09 -16.87
N LYS O 189 34.20 -85.72 -17.86
CA LYS O 189 33.97 -87.17 -17.82
C LYS O 189 35.30 -87.94 -17.90
N GLU O 190 36.14 -87.51 -18.83
CA GLU O 190 37.45 -88.13 -19.00
C GLU O 190 38.28 -87.99 -17.73
N TYR O 191 38.11 -86.87 -17.03
CA TYR O 191 38.86 -86.60 -15.81
C TYR O 191 38.40 -87.48 -14.62
N GLY O 192 37.13 -87.91 -14.67
CA GLY O 192 36.54 -88.70 -13.60
C GLY O 192 35.58 -87.91 -12.71
N LEU O 193 35.26 -86.68 -13.12
CA LEU O 193 34.43 -85.80 -12.30
C LEU O 193 32.94 -86.14 -12.37
N ILE O 194 32.50 -86.53 -13.56
CA ILE O 194 31.13 -86.97 -13.79
C ILE O 194 31.18 -88.33 -14.45
N ASP O 195 30.04 -89.00 -14.59
CA ASP O 195 30.04 -90.33 -15.18
C ASP O 195 29.56 -90.32 -16.63
N GLN O 196 28.47 -89.59 -16.89
CA GLN O 196 27.83 -89.60 -18.20
C GLN O 196 27.38 -88.22 -18.66
N ILE O 197 27.39 -88.01 -19.98
CA ILE O 197 26.88 -86.81 -20.61
C ILE O 197 25.54 -87.12 -21.31
N LEU O 198 24.50 -86.31 -21.09
CA LEU O 198 23.17 -86.56 -21.65
C LEU O 198 22.95 -86.03 -23.08
N LEU P 9 12.86 -68.04 -2.23
CA LEU P 9 11.70 -68.92 -2.10
C LEU P 9 11.92 -70.03 -1.06
N VAL P 10 10.85 -70.41 -0.37
CA VAL P 10 10.82 -71.59 0.48
C VAL P 10 9.83 -72.59 -0.13
N PRO P 11 10.29 -73.78 -0.55
CA PRO P 11 9.42 -74.78 -1.18
C PRO P 11 8.35 -75.33 -0.23
N THR P 12 7.19 -75.66 -0.79
CA THR P 12 6.06 -76.19 -0.02
C THR P 12 5.94 -77.72 -0.12
N VAL P 13 6.02 -78.38 1.03
CA VAL P 13 5.91 -79.82 1.09
C VAL P 13 4.51 -80.23 1.56
N ILE P 14 4.05 -81.39 1.08
CA ILE P 14 2.70 -81.85 1.37
C ILE P 14 2.73 -83.00 2.40
N GLU P 15 1.78 -82.96 3.35
CA GLU P 15 1.73 -83.91 4.45
C GLU P 15 0.46 -84.76 4.42
N GLN P 16 0.60 -86.07 4.53
CA GLN P 16 -0.56 -86.93 4.77
C GLN P 16 -0.77 -86.96 6.28
N SER P 17 -1.69 -86.13 6.75
CA SER P 17 -1.91 -85.90 8.18
C SER P 17 -3.24 -86.47 8.65
N ARG P 22 -2.11 -80.79 4.91
CA ARG P 22 -1.85 -80.91 3.48
C ARG P 22 -0.74 -79.97 2.98
N ALA P 23 -0.82 -78.65 3.22
CA ALA P 23 0.17 -77.74 2.61
C ALA P 23 0.85 -76.75 3.58
N PHE P 24 2.17 -76.88 3.79
CA PHE P 24 2.95 -75.89 4.58
C PHE P 24 4.47 -75.90 4.20
N ASP P 25 5.20 -74.84 4.60
CA ASP P 25 6.64 -74.66 4.26
C ASP P 25 7.61 -75.65 4.90
N ILE P 26 8.74 -75.87 4.22
CA ILE P 26 9.66 -76.97 4.56
C ILE P 26 10.36 -76.84 5.94
N TYR P 27 10.61 -75.63 6.40
CA TYR P 27 11.27 -75.47 7.69
C TYR P 27 10.27 -75.79 8.80
N SER P 28 9.01 -75.45 8.58
CA SER P 28 7.94 -75.82 9.51
C SER P 28 7.81 -77.34 9.63
N ARG P 29 8.13 -78.03 8.53
CA ARG P 29 8.15 -79.49 8.46
C ARG P 29 9.21 -80.11 9.37
N LEU P 30 10.41 -79.55 9.36
CA LEU P 30 11.43 -80.12 10.22
C LEU P 30 11.11 -79.76 11.66
N LEU P 31 10.46 -78.61 11.87
CA LEU P 31 10.08 -78.19 13.22
C LEU P 31 9.08 -79.22 13.78
N LYS P 32 8.24 -79.79 12.92
CA LYS P 32 7.32 -80.85 13.36
C LYS P 32 8.04 -82.05 13.94
N GLU P 33 9.26 -82.31 13.45
CA GLU P 33 10.10 -83.38 13.98
C GLU P 33 11.03 -82.82 15.05
N ARG P 34 10.70 -81.65 15.59
CA ARG P 34 11.45 -81.05 16.70
C ARG P 34 12.90 -80.66 16.35
N ILE P 35 13.11 -80.31 15.09
CA ILE P 35 14.39 -79.80 14.63
C ILE P 35 14.37 -78.27 14.53
N VAL P 36 15.34 -77.62 15.16
CA VAL P 36 15.41 -76.17 15.13
C VAL P 36 16.72 -75.71 14.48
N PHE P 37 16.66 -74.70 13.61
CA PHE P 37 17.87 -74.23 12.91
C PHE P 37 18.43 -72.93 13.46
N LEU P 38 19.76 -72.89 13.57
CA LEU P 38 20.45 -71.62 13.72
C LEU P 38 21.38 -71.45 12.54
N VAL P 39 21.00 -70.58 11.60
CA VAL P 39 21.75 -70.39 10.36
C VAL P 39 22.14 -68.92 10.15
N GLY P 40 23.40 -68.67 9.90
CA GLY P 40 23.86 -67.31 9.69
C GLY P 40 24.12 -66.62 11.02
N PRO P 41 24.37 -65.31 10.97
CA PRO P 41 24.72 -64.55 12.17
C PRO P 41 23.65 -64.56 13.26
N VAL P 42 24.09 -64.67 14.50
CA VAL P 42 23.20 -64.62 15.65
C VAL P 42 22.89 -63.18 15.96
N THR P 43 21.63 -62.80 15.78
CA THR P 43 21.09 -61.47 16.09
C THR P 43 19.96 -61.57 17.11
N ASP P 44 19.51 -60.42 17.63
CA ASP P 44 18.35 -60.40 18.51
C ASP P 44 17.17 -61.09 17.86
N GLU P 45 16.92 -60.82 16.58
CA GLU P 45 15.76 -61.39 15.89
C GLU P 45 15.94 -62.88 15.57
N SER P 46 17.12 -63.29 15.13
CA SER P 46 17.31 -64.71 14.83
C SER P 46 17.38 -65.55 16.13
N ALA P 47 17.99 -65.01 17.18
CA ALA P 47 18.11 -65.76 18.45
C ALA P 47 16.75 -65.92 19.12
N ASN P 48 15.96 -64.85 19.14
CA ASN P 48 14.68 -64.90 19.81
C ASN P 48 13.71 -65.84 19.13
N LEU P 49 13.80 -65.93 17.81
CA LEU P 49 13.00 -66.88 17.06
C LEU P 49 13.26 -68.28 17.54
N VAL P 50 14.53 -68.59 17.75
CA VAL P 50 14.93 -69.89 18.26
C VAL P 50 14.34 -70.11 19.68
N VAL P 51 14.45 -69.09 20.53
CA VAL P 51 13.91 -69.18 21.88
C VAL P 51 12.42 -69.54 21.84
N ALA P 52 11.69 -68.88 20.95
CA ALA P 52 10.27 -69.12 20.80
C ALA P 52 10.00 -70.57 20.38
N GLN P 53 10.84 -71.10 19.48
CA GLN P 53 10.67 -72.48 19.01
C GLN P 53 11.01 -73.49 20.10
N LEU P 54 12.03 -73.21 20.89
CA LEU P 54 12.36 -74.06 22.02
C LEU P 54 11.20 -74.12 23.00
N LEU P 55 10.63 -72.96 23.33
CA LEU P 55 9.48 -72.90 24.22
C LEU P 55 8.28 -73.62 23.61
N PHE P 56 8.08 -73.42 22.32
CA PHE P 56 6.96 -74.03 21.64
C PHE P 56 7.06 -75.56 21.62
N LEU P 57 8.24 -76.09 21.31
CA LEU P 57 8.43 -77.55 21.25
C LEU P 57 8.24 -78.21 22.62
N GLU P 58 8.70 -77.55 23.67
CA GLU P 58 8.50 -78.05 25.02
C GLU P 58 7.02 -78.10 25.40
N SER P 59 6.26 -77.09 25.00
CA SER P 59 4.83 -77.04 25.29
C SER P 59 4.11 -78.17 24.51
N GLU P 60 4.64 -78.53 23.35
CA GLU P 60 4.14 -79.65 22.55
C GLU P 60 4.38 -80.99 23.23
N ASN P 61 5.57 -81.13 23.80
CA ASN P 61 5.96 -82.34 24.50
C ASN P 61 7.16 -82.02 25.33
N PRO P 62 6.95 -81.94 26.66
CA PRO P 62 8.04 -81.49 27.54
C PRO P 62 9.10 -82.58 27.71
N ASP P 63 8.90 -83.76 27.14
CA ASP P 63 9.82 -84.87 27.38
C ASP P 63 10.68 -85.30 26.19
N LYS P 64 10.23 -85.02 24.96
CA LYS P 64 11.02 -85.42 23.80
C LYS P 64 12.23 -84.53 23.53
N ASP P 65 13.33 -85.15 23.12
CA ASP P 65 14.51 -84.42 22.72
C ASP P 65 14.19 -83.40 21.64
N ILE P 66 14.97 -82.32 21.63
CA ILE P 66 14.92 -81.30 20.61
C ILE P 66 16.25 -81.31 19.89
N PHE P 67 16.21 -81.11 18.58
CA PHE P 67 17.43 -81.14 17.76
C PHE P 67 17.76 -79.79 17.16
N PHE P 68 18.83 -79.22 17.69
CA PHE P 68 19.27 -77.86 17.39
C PHE P 68 20.39 -77.94 16.35
N TYR P 69 20.07 -77.61 15.10
CA TYR P 69 21.07 -77.67 14.02
C TYR P 69 21.76 -76.32 13.84
N ILE P 70 23.08 -76.31 13.93
CA ILE P 70 23.81 -75.06 13.89
C ILE P 70 24.75 -74.92 12.70
N ASN P 71 24.51 -73.88 11.89
CA ASN P 71 25.47 -73.43 10.88
C ASN P 71 25.61 -71.92 10.99
N SER P 72 26.58 -71.47 11.78
CA SER P 72 26.61 -70.04 12.09
C SER P 72 28.01 -69.55 12.35
N PRO P 73 28.32 -68.32 11.90
CA PRO P 73 29.62 -67.73 12.22
C PRO P 73 29.61 -67.07 13.61
N GLY P 74 28.46 -67.07 14.30
CA GLY P 74 28.36 -66.40 15.60
C GLY P 74 27.56 -65.11 15.54
N GLY P 75 27.83 -64.18 16.44
CA GLY P 75 27.10 -62.92 16.46
C GLY P 75 26.99 -62.32 17.84
N SER P 76 25.84 -61.75 18.17
CA SER P 76 25.65 -61.08 19.45
C SER P 76 25.81 -62.03 20.64
N VAL P 77 26.66 -61.67 21.57
CA VAL P 77 26.87 -62.48 22.75
C VAL P 77 25.59 -62.56 23.60
N THR P 78 24.93 -61.42 23.83
CA THR P 78 23.72 -61.42 24.63
C THR P 78 22.57 -62.17 23.94
N ALA P 79 22.46 -62.01 22.62
CA ALA P 79 21.41 -62.73 21.89
C ALA P 79 21.67 -64.22 22.01
N GLY P 80 22.93 -64.60 21.90
CA GLY P 80 23.34 -65.97 22.11
C GLY P 80 23.01 -66.49 23.50
N MET P 81 23.22 -65.65 24.51
CA MET P 81 22.97 -66.06 25.89
C MET P 81 21.49 -66.35 26.10
N SER P 82 20.63 -65.63 25.38
CA SER P 82 19.19 -65.86 25.54
C SER P 82 18.81 -67.27 25.04
N ILE P 83 19.52 -67.75 24.01
CA ILE P 83 19.37 -69.13 23.52
C ILE P 83 19.95 -70.16 24.51
N TYR P 84 21.18 -69.91 24.94
CA TYR P 84 21.85 -70.74 25.94
C TYR P 84 21.03 -70.99 27.17
N ASP P 85 20.53 -69.92 27.79
CA ASP P 85 19.79 -70.02 29.04
C ASP P 85 18.46 -70.75 28.86
N THR P 86 17.88 -70.59 27.67
CA THR P 86 16.65 -71.29 27.33
C THR P 86 16.90 -72.78 27.16
N MET P 87 17.99 -73.13 26.48
CA MET P 87 18.42 -74.53 26.33
C MET P 87 18.54 -75.20 27.69
N ASN P 88 19.15 -74.49 28.63
CA ASN P 88 19.36 -75.02 29.96
C ASN P 88 18.09 -75.01 30.81
N PHE P 89 17.19 -74.07 30.57
CA PHE P 89 16.01 -73.98 31.42
C PHE P 89 14.96 -75.06 31.11
N ILE P 90 14.63 -75.26 29.83
CA ILE P 90 13.51 -76.14 29.46
C ILE P 90 13.78 -77.61 29.83
N LYS P 91 12.73 -78.41 30.01
CA LYS P 91 12.91 -79.81 30.42
C LYS P 91 13.56 -80.69 29.33
N PRO P 92 13.12 -80.56 28.06
CA PRO P 92 13.73 -81.44 27.06
C PRO P 92 15.24 -81.30 26.95
N ASP P 93 15.92 -82.41 26.72
CA ASP P 93 17.32 -82.38 26.32
C ASP P 93 17.43 -81.61 25.02
N VAL P 94 18.36 -80.68 24.93
CA VAL P 94 18.62 -80.02 23.65
C VAL P 94 19.90 -80.60 23.05
N SER P 95 19.69 -81.49 22.09
CA SER P 95 20.76 -82.05 21.31
C SER P 95 21.25 -80.95 20.37
N THR P 96 22.56 -80.87 20.16
CA THR P 96 23.07 -79.91 19.19
C THR P 96 23.83 -80.61 18.08
N LEU P 97 23.68 -80.09 16.86
CA LEU P 97 24.37 -80.65 15.73
C LEU P 97 24.94 -79.55 14.85
N CYS P 98 26.22 -79.66 14.57
CA CYS P 98 26.91 -78.75 13.68
C CYS P 98 26.99 -79.24 12.23
N LEU P 99 26.37 -78.49 11.32
CA LEU P 99 26.59 -78.70 9.90
C LEU P 99 27.25 -77.46 9.32
N GLY P 100 28.28 -77.65 8.52
CA GLY P 100 28.99 -76.53 7.94
C GLY P 100 29.97 -75.94 8.92
N GLN P 101 29.52 -75.02 9.76
CA GLN P 101 30.41 -74.47 10.76
C GLN P 101 29.69 -74.02 12.02
N ALA P 102 30.45 -73.99 13.11
CA ALA P 102 30.01 -73.34 14.32
C ALA P 102 31.20 -72.53 14.85
N ALA P 103 31.15 -71.23 14.64
CA ALA P 103 32.25 -70.37 15.06
C ALA P 103 31.78 -69.38 16.11
N SER P 104 32.67 -69.08 17.06
CA SER P 104 32.40 -68.15 18.15
C SER P 104 31.15 -68.56 18.92
N MET P 105 30.16 -67.67 18.97
CA MET P 105 28.93 -67.95 19.70
C MET P 105 28.24 -69.20 19.14
N GLY P 106 28.43 -69.47 17.86
CA GLY P 106 27.96 -70.70 17.25
C GLY P 106 28.62 -71.93 17.87
N ALA P 107 29.94 -71.84 18.10
CA ALA P 107 30.65 -72.93 18.74
C ALA P 107 30.22 -73.03 20.20
N PHE P 108 30.01 -71.86 20.82
CA PHE P 108 29.56 -71.81 22.22
C PHE P 108 28.27 -72.60 22.40
N LEU P 109 27.28 -72.30 21.58
CA LEU P 109 25.97 -72.93 21.68
C LEU P 109 26.04 -74.42 21.32
N LEU P 110 26.88 -74.74 20.33
CA LEU P 110 27.11 -76.12 19.93
C LEU P 110 27.58 -76.94 21.12
N SER P 111 28.56 -76.40 21.83
CA SER P 111 29.13 -77.05 23.02
C SER P 111 28.14 -77.15 24.18
N ALA P 112 27.08 -76.34 24.12
CA ALA P 112 26.12 -76.23 25.21
C ALA P 112 25.03 -77.28 25.17
N GLY P 113 25.02 -78.08 24.11
CA GLY P 113 24.01 -79.13 23.95
C GLY P 113 24.07 -80.16 25.06
N GLU P 114 22.96 -80.88 25.23
CA GLU P 114 22.93 -81.95 26.23
C GLU P 114 24.12 -82.89 26.05
N LYS P 115 24.94 -83.06 27.08
CA LYS P 115 26.14 -83.88 26.97
C LYS P 115 25.81 -85.33 26.62
N GLY P 116 26.53 -85.86 25.64
CA GLY P 116 26.26 -87.15 25.07
C GLY P 116 25.53 -86.98 23.76
N LYS P 117 24.91 -85.81 23.59
CA LYS P 117 24.07 -85.53 22.43
C LYS P 117 24.52 -84.29 21.63
N ARG P 118 25.82 -84.02 21.64
CA ARG P 118 26.40 -82.96 20.82
C ARG P 118 27.13 -83.55 19.61
N PHE P 119 26.67 -83.23 18.40
CA PHE P 119 27.17 -83.91 17.21
C PHE P 119 27.71 -82.96 16.14
N ALA P 120 28.60 -83.48 15.31
CA ALA P 120 29.08 -82.75 14.14
C ALA P 120 29.10 -83.67 12.94
N LEU P 121 28.88 -83.10 11.78
CA LEU P 121 29.09 -83.81 10.52
C LEU P 121 30.61 -83.85 10.29
N PRO P 122 31.09 -84.82 9.47
CA PRO P 122 32.55 -85.06 9.37
C PRO P 122 33.39 -83.88 8.86
N ASN P 123 32.82 -83.04 8.02
CA ASN P 123 33.58 -81.89 7.50
C ASN P 123 33.14 -80.56 8.12
N SER P 124 32.50 -80.64 9.28
CA SER P 124 32.15 -79.42 9.99
C SER P 124 33.41 -78.72 10.44
N ARG P 125 33.33 -77.40 10.53
CA ARG P 125 34.41 -76.59 11.05
C ARG P 125 33.96 -75.92 12.35
N ILE P 126 34.79 -76.00 13.39
CA ILE P 126 34.52 -75.29 14.63
C ILE P 126 35.63 -74.26 14.86
N MET P 127 35.27 -73.09 15.34
CA MET P 127 36.27 -72.10 15.67
C MET P 127 35.87 -71.41 16.95
N ILE P 128 36.83 -71.26 17.85
CA ILE P 128 36.63 -70.52 19.09
C ILE P 128 37.72 -69.47 19.25
N HIS P 129 37.35 -68.33 19.82
CA HIS P 129 38.32 -67.28 20.10
C HIS P 129 37.81 -66.36 21.20
N GLN P 130 38.66 -65.42 21.63
CA GLN P 130 38.26 -64.47 22.65
C GLN P 130 37.33 -63.41 22.04
N PRO P 131 36.56 -62.70 22.88
CA PRO P 131 35.65 -61.68 22.35
C PRO P 131 36.35 -60.62 21.51
N LEU P 132 35.64 -60.18 20.48
CA LEU P 132 36.10 -59.12 19.58
C LEU P 132 35.16 -57.95 19.72
N ILE P 133 35.66 -56.73 19.54
CA ILE P 133 34.73 -55.64 19.40
C ILE P 133 34.95 -54.99 18.04
N SER P 134 33.83 -54.72 17.38
CA SER P 134 33.76 -54.03 16.11
C SER P 134 33.10 -52.69 16.36
N GLY P 135 33.48 -51.67 15.60
CA GLY P 135 32.98 -50.32 15.83
C GLY P 135 33.98 -49.49 16.58
N GLY P 136 34.12 -49.73 17.88
CA GLY P 136 35.11 -49.00 18.66
C GLY P 136 34.63 -48.34 19.93
N LEU P 137 35.45 -48.48 20.97
CA LEU P 137 35.28 -47.77 22.22
C LEU P 137 35.60 -46.30 22.01
N GLY P 138 34.61 -45.44 22.12
CA GLY P 138 34.91 -44.03 21.99
C GLY P 138 34.34 -43.25 23.13
N GLY P 139 35.06 -42.19 23.49
CA GLY P 139 34.66 -41.38 24.61
C GLY P 139 35.73 -41.20 25.67
N GLN P 140 35.24 -40.94 26.86
CA GLN P 140 36.05 -40.58 28.01
C GLN P 140 36.75 -41.81 28.63
N ALA P 141 37.95 -41.59 29.13
CA ALA P 141 38.73 -42.67 29.74
C ALA P 141 37.96 -43.45 30.79
N SER P 142 37.19 -42.74 31.61
CA SER P 142 36.34 -43.38 32.63
C SER P 142 35.38 -44.39 32.01
N ASP P 143 34.82 -44.02 30.87
CA ASP P 143 33.82 -44.84 30.19
C ASP P 143 34.48 -46.03 29.51
N ILE P 144 35.65 -45.81 28.94
CA ILE P 144 36.43 -46.86 28.30
C ILE P 144 36.89 -47.89 29.31
N GLU P 145 37.26 -47.42 30.50
CA GLU P 145 37.63 -48.32 31.57
C GLU P 145 36.46 -49.26 31.91
N ILE P 146 35.27 -48.68 32.05
CA ILE P 146 34.06 -49.43 32.37
C ILE P 146 33.77 -50.49 31.30
N HIS P 147 33.90 -50.13 30.03
CA HIS P 147 33.59 -51.08 28.97
C HIS P 147 34.69 -52.11 28.73
N ALA P 148 35.94 -51.71 28.93
CA ALA P 148 37.06 -52.66 28.89
C ALA P 148 36.89 -53.70 30.00
N ARG P 149 36.58 -53.23 31.19
CA ARG P 149 36.38 -54.09 32.36
C ARG P 149 35.26 -55.08 32.13
N GLU P 150 34.16 -54.59 31.57
CA GLU P 150 33.01 -55.43 31.32
C GLU P 150 33.38 -56.43 30.19
N LEU P 151 34.18 -56.00 29.23
CA LEU P 151 34.60 -56.87 28.14
C LEU P 151 35.43 -58.03 28.67
N LEU P 152 36.26 -57.75 29.67
CA LEU P 152 37.08 -58.77 30.32
C LEU P 152 36.23 -59.73 31.16
N LYS P 153 35.18 -59.22 31.79
CA LYS P 153 34.25 -60.09 32.52
C LYS P 153 33.51 -61.06 31.60
N ILE P 154 33.13 -60.57 30.43
CA ILE P 154 32.46 -61.39 29.44
C ILE P 154 33.39 -62.50 28.98
N LYS P 155 34.64 -62.11 28.73
CA LYS P 155 35.66 -63.04 28.31
C LYS P 155 35.88 -64.19 29.31
N GLU P 156 36.03 -63.85 30.59
CA GLU P 156 36.26 -64.88 31.59
C GLU P 156 35.04 -65.76 31.77
N LYS P 157 33.86 -65.14 31.81
CA LYS P 157 32.65 -65.92 32.01
C LYS P 157 32.46 -66.91 30.85
N LEU P 158 32.69 -66.46 29.62
CA LEU P 158 32.49 -67.32 28.45
C LEU P 158 33.53 -68.45 28.48
N ASN P 159 34.77 -68.14 28.86
CA ASN P 159 35.81 -69.16 29.01
C ASN P 159 35.48 -70.18 30.10
N ARG P 160 34.94 -69.69 31.22
CA ARG P 160 34.56 -70.52 32.37
C ARG P 160 33.44 -71.46 31.97
N LEU P 161 32.44 -70.92 31.27
CA LEU P 161 31.29 -71.72 30.87
C LEU P 161 31.73 -72.75 29.85
N MET P 162 32.64 -72.32 28.99
CA MET P 162 33.17 -73.18 27.95
C MET P 162 33.96 -74.34 28.54
N ALA P 163 34.72 -74.05 29.60
CA ALA P 163 35.53 -75.05 30.30
C ALA P 163 34.66 -76.17 30.87
N LYS P 164 33.53 -75.81 31.45
CA LYS P 164 32.61 -76.80 32.00
C LYS P 164 31.96 -77.58 30.86
N HIS P 165 31.63 -76.89 29.76
CA HIS P 165 31.06 -77.57 28.60
C HIS P 165 32.05 -78.63 28.12
N CYS P 166 33.33 -78.27 28.15
CA CYS P 166 34.39 -79.13 27.60
C CYS P 166 35.02 -80.05 28.64
N ASP P 167 34.61 -79.91 29.89
CA ASP P 167 35.23 -80.61 31.01
C ASP P 167 36.75 -80.34 31.03
N ARG P 168 37.12 -79.07 31.01
CA ARG P 168 38.52 -78.63 31.05
C ARG P 168 38.69 -77.51 32.05
N ASP P 169 39.95 -77.12 32.26
CA ASP P 169 40.28 -76.03 33.18
C ASP P 169 40.10 -74.67 32.53
N LEU P 170 39.66 -73.67 33.30
CA LEU P 170 39.62 -72.31 32.79
C LEU P 170 40.91 -71.91 32.06
N ALA P 171 42.07 -72.29 32.60
CA ALA P 171 43.36 -71.94 32.01
C ALA P 171 43.53 -72.53 30.61
N ASP P 172 42.91 -73.69 30.36
CA ASP P 172 42.93 -74.29 29.02
C ASP P 172 42.22 -73.39 27.99
N LEU P 173 41.01 -72.98 28.34
CA LEU P 173 40.20 -72.19 27.45
C LEU P 173 40.81 -70.80 27.20
N GLU P 174 41.40 -70.20 28.23
CA GLU P 174 42.10 -68.93 28.06
C GLU P 174 43.28 -69.08 27.09
N ARG P 175 44.05 -70.15 27.25
CA ARG P 175 45.18 -70.41 26.38
C ARG P 175 44.70 -70.67 24.94
N ASP P 176 43.62 -71.42 24.81
CA ASP P 176 43.19 -71.92 23.51
C ASP P 176 42.23 -70.97 22.76
N THR P 177 41.80 -69.89 23.40
CA THR P 177 40.95 -68.93 22.71
C THR P 177 41.63 -67.57 22.52
N ASP P 178 42.90 -67.49 22.90
CA ASP P 178 43.64 -66.23 22.81
C ASP P 178 43.66 -65.69 21.39
N ARG P 179 43.82 -66.60 20.44
CA ARG P 179 43.70 -66.29 19.02
C ARG P 179 42.77 -67.31 18.39
N ASP P 180 42.38 -67.04 17.15
CA ASP P 180 41.44 -67.88 16.43
C ASP P 180 41.93 -69.31 16.43
N ASN P 181 41.07 -70.19 16.89
CA ASN P 181 41.39 -71.59 17.05
C ASN P 181 40.45 -72.43 16.20
N PHE P 182 40.90 -72.81 15.01
CA PHE P 182 40.10 -73.65 14.11
C PHE P 182 40.28 -75.12 14.48
N MET P 183 39.18 -75.86 14.53
CA MET P 183 39.25 -77.28 14.87
C MET P 183 38.45 -78.08 13.86
N SER P 184 39.00 -79.21 13.43
CA SER P 184 38.24 -80.20 12.69
C SER P 184 37.22 -80.81 13.64
N ALA P 185 36.25 -81.53 13.08
CA ALA P 185 35.24 -82.23 13.88
C ALA P 185 35.94 -83.12 14.89
N GLU P 186 37.00 -83.77 14.42
CA GLU P 186 37.79 -84.69 15.24
C GLU P 186 38.52 -84.02 16.38
N GLU P 187 39.13 -82.87 16.11
CA GLU P 187 39.85 -82.10 17.14
C GLU P 187 38.86 -81.57 18.19
N ALA P 188 37.66 -81.20 17.73
CA ALA P 188 36.58 -80.70 18.59
C ALA P 188 36.05 -81.79 19.51
N LYS P 189 35.95 -83.00 18.98
CA LYS P 189 35.54 -84.14 19.79
C LYS P 189 36.61 -84.41 20.85
N GLU P 190 37.88 -84.42 20.45
CA GLU P 190 38.99 -84.61 21.39
C GLU P 190 39.07 -83.48 22.43
N TYR P 191 38.69 -82.28 22.02
CA TYR P 191 38.73 -81.13 22.92
C TYR P 191 37.63 -81.18 24.00
N GLY P 192 36.51 -81.84 23.70
CA GLY P 192 35.38 -81.93 24.65
C GLY P 192 34.23 -81.03 24.26
N LEU P 193 34.36 -80.45 23.07
CA LEU P 193 33.42 -79.50 22.53
C LEU P 193 32.20 -80.23 21.97
N ILE P 194 32.45 -81.41 21.40
CA ILE P 194 31.41 -82.23 20.83
C ILE P 194 31.53 -83.67 21.36
N ASP P 195 30.50 -84.51 21.18
CA ASP P 195 30.53 -85.91 21.65
C ASP P 195 30.75 -86.94 20.57
N GLN P 196 30.06 -86.81 19.45
CA GLN P 196 30.17 -87.79 18.37
C GLN P 196 30.20 -87.12 17.01
N ILE P 197 30.86 -87.78 16.08
CA ILE P 197 30.88 -87.35 14.69
C ILE P 197 30.03 -88.34 13.89
N LEU P 198 29.11 -87.82 13.08
CA LEU P 198 28.22 -88.65 12.31
C LEU P 198 28.81 -89.04 10.97
N GLU P 199 29.06 -90.31 10.71
CA GLU P 199 29.54 -90.65 9.37
C GLU P 199 28.38 -91.10 8.48
N ASN P 200 27.46 -91.89 9.03
CA ASN P 200 26.35 -92.49 8.27
C ASN P 200 25.11 -92.75 9.13
N PHE Q 24 -1.00 -70.59 12.32
CA PHE Q 24 -0.57 -69.45 13.15
C PHE Q 24 0.96 -69.29 13.27
N ASP Q 25 1.42 -68.04 13.27
CA ASP Q 25 2.79 -67.69 13.61
C ASP Q 25 3.11 -67.88 15.10
N ILE Q 26 4.37 -68.16 15.38
CA ILE Q 26 4.77 -68.61 16.70
C ILE Q 26 4.57 -67.54 17.79
N TYR Q 27 4.68 -66.27 17.40
CA TYR Q 27 4.56 -65.19 18.38
C TYR Q 27 3.10 -64.96 18.80
N SER Q 28 2.17 -65.18 17.88
CA SER Q 28 0.74 -65.17 18.20
C SER Q 28 0.39 -66.32 19.15
N ARG Q 29 1.03 -67.46 18.92
CA ARG Q 29 0.83 -68.60 19.79
C ARG Q 29 1.32 -68.28 21.22
N LEU Q 30 2.45 -67.58 21.33
CA LEU Q 30 2.98 -67.18 22.63
C LEU Q 30 2.09 -66.07 23.25
N LEU Q 31 1.50 -65.23 22.40
CA LEU Q 31 0.55 -64.25 22.90
C LEU Q 31 -0.68 -64.94 23.51
N LYS Q 32 -1.08 -66.08 22.94
CA LYS Q 32 -2.18 -66.86 23.48
C LYS Q 32 -1.97 -67.25 24.94
N GLU Q 33 -0.72 -67.48 25.31
CA GLU Q 33 -0.36 -67.83 26.68
C GLU Q 33 0.02 -66.60 27.47
N ARG Q 34 -0.38 -65.43 26.97
CA ARG Q 34 -0.16 -64.18 27.68
C ARG Q 34 1.33 -63.86 27.81
N ILE Q 35 2.10 -64.27 26.80
CA ILE Q 35 3.49 -63.84 26.72
C ILE Q 35 3.66 -62.70 25.71
N VAL Q 36 4.24 -61.60 26.18
CA VAL Q 36 4.48 -60.44 25.33
C VAL Q 36 6.00 -60.21 25.27
N PHE Q 37 6.51 -59.98 24.06
CA PHE Q 37 7.93 -59.76 23.82
C PHE Q 37 8.22 -58.29 23.56
N LEU Q 38 9.32 -57.81 24.14
CA LEU Q 38 9.94 -56.56 23.71
C LEU Q 38 11.36 -56.94 23.27
N VAL Q 39 11.60 -56.99 21.98
CA VAL Q 39 12.90 -57.45 21.47
C VAL Q 39 13.50 -56.37 20.61
N GLY Q 40 14.76 -56.03 20.87
CA GLY Q 40 15.41 -54.97 20.12
C GLY Q 40 15.12 -53.57 20.65
N PRO Q 41 15.48 -52.55 19.87
CA PRO Q 41 15.35 -51.15 20.30
C PRO Q 41 13.91 -50.75 20.55
N VAL Q 42 13.67 -49.95 21.60
CA VAL Q 42 12.34 -49.41 21.88
C VAL Q 42 12.09 -48.16 21.03
N THR Q 43 11.09 -48.27 20.17
CA THR Q 43 10.62 -47.19 19.30
C THR Q 43 9.16 -46.90 19.57
N ASP Q 44 8.66 -45.78 19.06
CA ASP Q 44 7.23 -45.46 19.16
C ASP Q 44 6.41 -46.65 18.65
N GLU Q 45 6.87 -47.25 17.55
CA GLU Q 45 6.19 -48.38 16.93
C GLU Q 45 6.36 -49.72 17.66
N SER Q 46 7.57 -50.05 18.10
CA SER Q 46 7.71 -51.32 18.83
C SER Q 46 7.06 -51.22 20.22
N ALA Q 47 7.10 -50.04 20.85
CA ALA Q 47 6.48 -49.82 22.17
C ALA Q 47 4.95 -49.83 22.08
N ASN Q 48 4.42 -49.18 21.06
CA ASN Q 48 2.97 -49.11 20.94
C ASN Q 48 2.35 -50.48 20.72
N LEU Q 49 3.06 -51.32 19.99
CA LEU Q 49 2.63 -52.70 19.75
C LEU Q 49 2.54 -53.47 21.08
N VAL Q 50 3.51 -53.25 21.95
CA VAL Q 50 3.48 -53.82 23.30
C VAL Q 50 2.27 -53.30 24.09
N VAL Q 51 2.05 -51.99 24.07
CA VAL Q 51 0.91 -51.41 24.75
C VAL Q 51 -0.38 -52.09 24.27
N ALA Q 52 -0.47 -52.30 22.96
CA ALA Q 52 -1.66 -52.90 22.37
C ALA Q 52 -1.88 -54.32 22.86
N GLN Q 53 -0.80 -55.07 23.00
CA GLN Q 53 -0.93 -56.45 23.48
C GLN Q 53 -1.33 -56.47 24.95
N LEU Q 54 -0.76 -55.57 25.75
CA LEU Q 54 -1.10 -55.46 27.18
C LEU Q 54 -2.57 -55.15 27.32
N LEU Q 55 -3.06 -54.18 26.55
CA LEU Q 55 -4.49 -53.83 26.59
C LEU Q 55 -5.34 -55.01 26.13
N PHE Q 56 -4.91 -55.68 25.07
CA PHE Q 56 -5.68 -56.82 24.58
C PHE Q 56 -5.73 -57.94 25.61
N LEU Q 57 -4.59 -58.25 26.24
CA LEU Q 57 -4.55 -59.36 27.19
C LEU Q 57 -5.47 -59.10 28.40
N GLU Q 58 -5.48 -57.85 28.87
CA GLU Q 58 -6.34 -57.45 29.97
C GLU Q 58 -7.79 -57.66 29.60
N SER Q 59 -8.09 -57.34 28.34
CA SER Q 59 -9.43 -57.47 27.80
C SER Q 59 -9.88 -58.93 27.74
N GLU Q 60 -8.94 -59.83 27.47
CA GLU Q 60 -9.24 -61.27 27.45
C GLU Q 60 -9.52 -61.78 28.86
N ASN Q 61 -8.74 -61.28 29.82
CA ASN Q 61 -8.90 -61.64 31.22
C ASN Q 61 -8.13 -60.67 32.10
N PRO Q 62 -8.83 -59.79 32.82
CA PRO Q 62 -8.22 -58.74 33.62
C PRO Q 62 -7.61 -59.26 34.92
N ASP Q 63 -7.71 -60.57 35.17
CA ASP Q 63 -7.33 -61.14 36.46
C ASP Q 63 -6.06 -62.02 36.38
N LYS Q 64 -5.76 -62.57 35.20
CA LYS Q 64 -4.55 -63.38 34.99
C LYS Q 64 -3.28 -62.55 34.79
N ASP Q 65 -2.15 -63.03 35.30
CA ASP Q 65 -0.82 -62.44 35.05
C ASP Q 65 -0.45 -62.34 33.57
N ILE Q 66 0.37 -61.34 33.25
CA ILE Q 66 0.93 -61.17 31.92
C ILE Q 66 2.43 -61.32 32.05
N PHE Q 67 3.07 -61.95 31.06
CA PHE Q 67 4.52 -62.20 31.12
C PHE Q 67 5.25 -61.45 30.01
N PHE Q 68 5.94 -60.42 30.45
CA PHE Q 68 6.60 -59.46 29.60
C PHE Q 68 8.09 -59.82 29.52
N TYR Q 69 8.46 -60.39 28.37
CA TYR Q 69 9.83 -60.85 28.11
C TYR Q 69 10.63 -59.77 27.42
N ILE Q 70 11.74 -59.39 28.03
CA ILE Q 70 12.53 -58.27 27.58
C ILE Q 70 13.95 -58.65 27.12
N ASN Q 71 14.26 -58.39 25.85
CA ASN Q 71 15.63 -58.46 25.34
C ASN Q 71 15.91 -57.22 24.51
N SER Q 72 16.38 -56.17 25.17
CA SER Q 72 16.45 -54.84 24.59
C SER Q 72 17.61 -54.01 25.15
N PRO Q 73 18.30 -53.24 24.27
CA PRO Q 73 19.32 -52.26 24.62
C PRO Q 73 18.69 -50.90 24.98
N GLY Q 74 17.37 -50.83 24.91
CA GLY Q 74 16.68 -49.59 25.21
C GLY Q 74 16.20 -48.86 23.97
N GLY Q 75 16.08 -47.54 24.10
CA GLY Q 75 15.61 -46.70 23.01
C GLY Q 75 14.91 -45.47 23.52
N SER Q 76 13.84 -45.08 22.84
CA SER Q 76 13.14 -43.84 23.17
C SER Q 76 12.53 -43.87 24.56
N VAL Q 77 12.83 -42.84 25.36
CA VAL Q 77 12.29 -42.73 26.72
C VAL Q 77 10.77 -42.53 26.73
N THR Q 78 10.27 -41.62 25.88
CA THR Q 78 8.83 -41.37 25.85
C THR Q 78 8.10 -42.63 25.40
N ALA Q 79 8.68 -43.37 24.45
CA ALA Q 79 8.13 -44.66 24.00
C ALA Q 79 8.13 -45.70 25.12
N GLY Q 80 9.27 -45.78 25.82
CA GLY Q 80 9.39 -46.65 26.97
C GLY Q 80 8.37 -46.31 28.04
N MET Q 81 8.14 -45.02 28.29
CA MET Q 81 7.18 -44.61 29.31
C MET Q 81 5.74 -44.99 28.99
N SER Q 82 5.38 -45.05 27.70
CA SER Q 82 4.03 -45.39 27.33
C SER Q 82 3.75 -46.85 27.72
N ILE Q 83 4.78 -47.68 27.64
CA ILE Q 83 4.71 -49.06 28.10
C ILE Q 83 4.58 -49.12 29.62
N TYR Q 84 5.43 -48.35 30.29
CA TYR Q 84 5.42 -48.23 31.73
C TYR Q 84 4.05 -47.85 32.27
N ASP Q 85 3.48 -46.79 31.72
CA ASP Q 85 2.23 -46.26 32.24
C ASP Q 85 1.08 -47.26 32.01
N THR Q 86 1.18 -48.04 30.94
CA THR Q 86 0.22 -49.11 30.67
C THR Q 86 0.41 -50.28 31.64
N MET Q 87 1.67 -50.66 31.88
CA MET Q 87 1.95 -51.69 32.87
C MET Q 87 1.34 -51.30 34.21
N ASN Q 88 1.50 -50.05 34.64
CA ASN Q 88 0.99 -49.65 35.94
C ASN Q 88 -0.52 -49.50 35.93
N PHE Q 89 -1.07 -49.10 34.79
CA PHE Q 89 -2.50 -48.81 34.72
C PHE Q 89 -3.37 -50.05 34.75
N ILE Q 90 -3.07 -51.05 33.92
CA ILE Q 90 -3.97 -52.19 33.74
C ILE Q 90 -4.05 -53.02 35.01
N LYS Q 91 -5.15 -53.74 35.17
CA LYS Q 91 -5.38 -54.55 36.37
C LYS Q 91 -4.42 -55.76 36.53
N PRO Q 92 -4.19 -56.55 35.46
CA PRO Q 92 -3.29 -57.71 35.60
C PRO Q 92 -1.88 -57.39 36.10
N ASP Q 93 -1.31 -58.24 36.94
CA ASP Q 93 0.10 -58.10 37.29
C ASP Q 93 0.92 -58.29 36.05
N VAL Q 94 1.88 -57.39 35.81
CA VAL Q 94 2.79 -57.61 34.70
C VAL Q 94 4.13 -58.11 35.22
N SER Q 95 4.35 -59.41 35.10
CA SER Q 95 5.65 -59.98 35.39
C SER Q 95 6.67 -59.57 34.33
N THR Q 96 7.91 -59.32 34.73
CA THR Q 96 8.93 -59.09 33.72
C THR Q 96 10.02 -60.16 33.76
N LEU Q 97 10.53 -60.50 32.59
CA LEU Q 97 11.58 -61.50 32.45
C LEU Q 97 12.66 -61.03 31.48
N CYS Q 98 13.91 -61.03 31.94
CA CYS Q 98 15.00 -60.63 31.07
C CYS Q 98 15.70 -61.81 30.44
N LEU Q 99 15.67 -61.90 29.10
CA LEU Q 99 16.53 -62.86 28.43
C LEU Q 99 17.51 -62.07 27.55
N GLY Q 100 18.78 -62.47 27.57
CA GLY Q 100 19.78 -61.74 26.81
C GLY Q 100 20.23 -60.50 27.55
N GLN Q 101 19.54 -59.39 27.33
CA GLN Q 101 19.90 -58.17 28.02
C GLN Q 101 18.70 -57.28 28.25
N ALA Q 102 18.81 -56.45 29.30
CA ALA Q 102 17.89 -55.34 29.51
C ALA Q 102 18.75 -54.14 29.88
N ALA Q 103 18.94 -53.24 28.92
CA ALA Q 103 19.78 -52.06 29.12
C ALA Q 103 19.00 -50.76 29.00
N SER Q 104 19.38 -49.77 29.80
CA SER Q 104 18.76 -48.47 29.80
C SER Q 104 17.25 -48.61 29.96
N MET Q 105 16.48 -48.14 28.99
CA MET Q 105 15.04 -48.23 29.09
C MET Q 105 14.58 -49.68 29.22
N GLY Q 106 15.38 -50.61 28.69
CA GLY Q 106 15.11 -52.02 28.86
C GLY Q 106 15.19 -52.42 30.33
N ALA Q 107 16.20 -51.93 31.03
CA ALA Q 107 16.32 -52.23 32.45
C ALA Q 107 15.22 -51.51 33.23
N PHE Q 108 14.90 -50.29 32.81
CA PHE Q 108 13.85 -49.52 33.48
C PHE Q 108 12.55 -50.35 33.50
N LEU Q 109 12.18 -50.89 32.35
CA LEU Q 109 10.96 -51.65 32.22
C LEU Q 109 11.00 -53.00 32.94
N LEU Q 110 12.16 -53.66 32.93
CA LEU Q 110 12.32 -54.90 33.66
C LEU Q 110 12.04 -54.64 35.14
N SER Q 111 12.68 -53.60 35.67
CA SER Q 111 12.54 -53.22 37.08
C SER Q 111 11.13 -52.74 37.44
N ALA Q 112 10.33 -52.42 36.43
CA ALA Q 112 8.98 -51.90 36.64
C ALA Q 112 7.96 -53.02 36.82
N GLY Q 113 8.41 -54.26 36.64
CA GLY Q 113 7.50 -55.38 36.79
C GLY Q 113 6.92 -55.45 38.21
N GLU Q 114 5.78 -56.13 38.31
CA GLU Q 114 5.12 -56.36 39.59
C GLU Q 114 6.12 -56.92 40.56
N LYS Q 115 6.28 -56.23 41.69
CA LYS Q 115 7.26 -56.66 42.67
C LYS Q 115 6.89 -58.05 43.17
N GLY Q 116 7.89 -58.91 43.20
CA GLY Q 116 7.71 -60.34 43.43
C GLY Q 116 7.78 -61.12 42.12
N LYS Q 117 7.55 -60.46 40.98
CA LYS Q 117 7.51 -61.17 39.69
C LYS Q 117 8.48 -60.60 38.65
N ARG Q 118 9.61 -60.06 39.11
CA ARG Q 118 10.68 -59.61 38.20
C ARG Q 118 11.80 -60.63 38.20
N PHE Q 119 12.03 -61.21 37.03
CA PHE Q 119 12.94 -62.33 36.86
C PHE Q 119 14.02 -62.04 35.83
N ALA Q 120 15.13 -62.77 35.95
CA ALA Q 120 16.13 -62.80 34.89
C ALA Q 120 16.62 -64.24 34.66
N LEU Q 121 17.02 -64.52 33.44
CA LEU Q 121 17.73 -65.74 33.14
C LEU Q 121 19.17 -65.55 33.67
N PRO Q 122 19.89 -66.64 33.99
CA PRO Q 122 21.17 -66.58 34.71
C PRO Q 122 22.29 -65.79 34.01
N ASN Q 123 22.32 -65.79 32.68
CA ASN Q 123 23.39 -65.11 31.97
C ASN Q 123 22.93 -63.83 31.27
N SER Q 124 21.76 -63.34 31.67
CA SER Q 124 21.27 -62.04 31.22
C SER Q 124 22.21 -60.95 31.69
N ARG Q 125 22.31 -59.88 30.91
CA ARG Q 125 23.13 -58.74 31.30
C ARG Q 125 22.22 -57.54 31.48
N ILE Q 126 22.35 -56.88 32.62
CA ILE Q 126 21.54 -55.71 32.91
C ILE Q 126 22.43 -54.47 32.94
N MET Q 127 21.95 -53.37 32.38
CA MET Q 127 22.71 -52.13 32.46
C MET Q 127 21.82 -50.89 32.65
N ILE Q 128 22.26 -50.01 33.56
CA ILE Q 128 21.61 -48.75 33.84
C ILE Q 128 22.60 -47.57 33.77
N HIS Q 129 22.11 -46.41 33.35
CA HIS Q 129 22.90 -45.18 33.35
C HIS Q 129 21.98 -43.96 33.27
N GLN Q 130 22.55 -42.77 33.28
CA GLN Q 130 21.76 -41.56 33.14
C GLN Q 130 21.34 -41.34 31.68
N PRO Q 131 20.33 -40.45 31.45
CA PRO Q 131 19.91 -40.18 30.07
C PRO Q 131 21.05 -39.69 29.17
N LEU Q 132 20.97 -40.11 27.91
CA LEU Q 132 21.90 -39.76 26.83
C LEU Q 132 21.13 -39.03 25.75
N ILE Q 133 21.76 -38.13 25.00
CA ILE Q 133 21.13 -37.76 23.74
C ILE Q 133 22.15 -38.00 22.62
N SER Q 134 21.63 -38.55 21.52
CA SER Q 134 22.40 -38.74 20.30
C SER Q 134 21.83 -37.76 19.30
N GLY Q 135 22.70 -37.28 18.43
CA GLY Q 135 22.31 -36.20 17.55
C GLY Q 135 22.92 -35.06 18.33
N GLY Q 136 22.30 -33.89 18.27
CA GLY Q 136 22.85 -32.78 19.00
C GLY Q 136 21.81 -31.83 19.53
N LEU Q 137 22.25 -31.01 20.46
CA LEU Q 137 21.48 -29.85 20.84
C LEU Q 137 22.17 -28.77 20.05
N GLY Q 138 21.42 -28.18 19.13
CA GLY Q 138 21.95 -27.08 18.34
C GLY Q 138 20.94 -25.97 18.28
N GLY Q 139 21.43 -24.75 18.15
CA GLY Q 139 20.55 -23.61 18.05
C GLY Q 139 20.99 -22.52 19.00
N GLN Q 140 20.04 -21.66 19.32
CA GLN Q 140 20.28 -20.50 20.16
C GLN Q 140 20.43 -20.98 21.60
N ALA Q 141 21.27 -20.29 22.37
CA ALA Q 141 21.47 -20.60 23.78
C ALA Q 141 20.14 -20.79 24.55
N SER Q 142 19.15 -19.94 24.25
CA SER Q 142 17.83 -20.02 24.87
C SER Q 142 17.18 -21.39 24.69
N ASP Q 143 17.30 -21.95 23.48
CA ASP Q 143 16.70 -23.25 23.14
C ASP Q 143 17.45 -24.40 23.78
N ILE Q 144 18.77 -24.26 23.80
CA ILE Q 144 19.64 -25.26 24.40
C ILE Q 144 19.40 -25.32 25.91
N GLU Q 145 19.18 -24.16 26.51
CA GLU Q 145 18.84 -24.12 27.92
C GLU Q 145 17.56 -24.91 28.16
N ILE Q 146 16.57 -24.65 27.33
CA ILE Q 146 15.29 -25.33 27.45
C ILE Q 146 15.45 -26.84 27.32
N HIS Q 147 16.22 -27.31 26.35
CA HIS Q 147 16.35 -28.74 26.14
C HIS Q 147 17.28 -29.38 27.18
N ALA Q 148 18.27 -28.65 27.67
CA ALA Q 148 19.08 -29.12 28.78
C ALA Q 148 18.23 -29.29 30.06
N ARG Q 149 17.37 -28.32 30.32
CA ARG Q 149 16.49 -28.36 31.49
C ARG Q 149 15.56 -29.57 31.42
N GLU Q 150 15.05 -29.85 30.23
CA GLU Q 150 14.13 -30.97 30.07
C GLU Q 150 14.84 -32.31 30.30
N LEU Q 151 16.07 -32.44 29.82
CA LEU Q 151 16.86 -33.66 29.96
C LEU Q 151 17.20 -33.97 31.42
N LEU Q 152 17.50 -32.92 32.17
CA LEU Q 152 17.81 -33.02 33.59
C LEU Q 152 16.57 -33.38 34.39
N LYS Q 153 15.44 -32.85 33.95
CA LYS Q 153 14.15 -33.17 34.54
C LYS Q 153 13.86 -34.66 34.31
N ILE Q 154 14.22 -35.15 33.12
CA ILE Q 154 14.10 -36.57 32.79
C ILE Q 154 15.07 -37.40 33.63
N LYS Q 155 16.29 -36.92 33.79
CA LYS Q 155 17.28 -37.60 34.63
C LYS Q 155 16.77 -37.79 36.07
N GLU Q 156 16.20 -36.73 36.62
CA GLU Q 156 15.68 -36.71 37.99
C GLU Q 156 14.51 -37.68 38.23
N LYS Q 157 13.52 -37.68 37.33
CA LYS Q 157 12.36 -38.57 37.42
C LYS Q 157 12.78 -40.04 37.36
N LEU Q 158 13.66 -40.35 36.42
CA LEU Q 158 14.08 -41.72 36.20
C LEU Q 158 14.84 -42.29 37.39
N ASN Q 159 15.73 -41.49 37.97
CA ASN Q 159 16.41 -41.88 39.20
C ASN Q 159 15.41 -42.12 40.36
N ARG Q 160 14.42 -41.24 40.46
CA ARG Q 160 13.38 -41.35 41.48
C ARG Q 160 12.49 -42.61 41.37
N LEU Q 161 12.05 -42.88 40.15
CA LEU Q 161 11.19 -44.02 39.90
C LEU Q 161 12.01 -45.27 40.07
N MET Q 162 13.26 -45.19 39.61
CA MET Q 162 14.16 -46.32 39.70
C MET Q 162 14.44 -46.65 41.17
N ALA Q 163 14.61 -45.62 42.00
CA ALA Q 163 14.80 -45.82 43.43
C ALA Q 163 13.60 -46.51 44.07
N LYS Q 164 12.40 -46.09 43.67
CA LYS Q 164 11.19 -46.72 44.19
C LYS Q 164 11.09 -48.17 43.72
N HIS Q 165 11.42 -48.44 42.46
CA HIS Q 165 11.43 -49.82 41.93
C HIS Q 165 12.41 -50.72 42.70
N CYS Q 166 13.59 -50.21 43.02
CA CYS Q 166 14.62 -51.02 43.65
C CYS Q 166 14.55 -51.04 45.18
N ASP Q 167 13.62 -50.27 45.75
CA ASP Q 167 13.50 -50.06 47.20
C ASP Q 167 14.82 -49.57 47.81
N ARG Q 168 15.36 -48.52 47.19
CA ARG Q 168 16.62 -47.94 47.60
C ARG Q 168 16.55 -46.43 47.75
N ASP Q 169 17.60 -45.89 48.34
CA ASP Q 169 17.73 -44.48 48.56
C ASP Q 169 18.14 -43.81 47.26
N LEU Q 170 17.51 -42.68 46.97
CA LEU Q 170 17.78 -41.90 45.77
C LEU Q 170 19.28 -41.66 45.52
N ALA Q 171 20.02 -41.38 46.57
CA ALA Q 171 21.45 -41.08 46.42
C ALA Q 171 22.24 -42.25 45.83
N ASP Q 172 21.80 -43.48 46.12
CA ASP Q 172 22.45 -44.64 45.54
C ASP Q 172 22.26 -44.65 44.03
N LEU Q 173 21.03 -44.43 43.57
CA LEU Q 173 20.73 -44.47 42.12
C LEU Q 173 21.48 -43.38 41.39
N GLU Q 174 21.51 -42.21 42.00
CA GLU Q 174 22.24 -41.09 41.43
C GLU Q 174 23.71 -41.47 41.32
N ARG Q 175 24.24 -42.13 42.34
CA ARG Q 175 25.62 -42.59 42.32
C ARG Q 175 25.83 -43.68 41.25
N ASP Q 176 24.90 -44.61 41.18
CA ASP Q 176 25.09 -45.81 40.39
C ASP Q 176 24.68 -45.67 38.94
N THR Q 177 24.13 -44.52 38.56
CA THR Q 177 23.78 -44.32 37.15
C THR Q 177 24.61 -43.21 36.52
N ASP Q 178 25.57 -42.67 37.25
CA ASP Q 178 26.36 -41.57 36.73
C ASP Q 178 27.08 -42.00 35.43
N ARG Q 179 27.63 -43.22 35.41
CA ARG Q 179 28.19 -43.80 34.19
C ARG Q 179 27.62 -45.19 34.00
N ASP Q 180 27.88 -45.82 32.85
CA ASP Q 180 27.30 -47.13 32.54
C ASP Q 180 27.57 -48.12 33.66
N ASN Q 181 26.50 -48.74 34.15
CA ASN Q 181 26.58 -49.69 35.25
C ASN Q 181 26.06 -51.06 34.85
N PHE Q 182 26.97 -51.97 34.51
CA PHE Q 182 26.62 -53.32 34.09
C PHE Q 182 26.42 -54.24 35.29
N MET Q 183 25.33 -54.98 35.30
CA MET Q 183 25.07 -55.90 36.38
C MET Q 183 24.78 -57.29 35.85
N SER Q 184 25.35 -58.29 36.49
CA SER Q 184 24.92 -59.65 36.28
C SER Q 184 23.55 -59.79 36.89
N ALA Q 185 22.90 -60.91 36.60
CA ALA Q 185 21.61 -61.22 37.19
C ALA Q 185 21.70 -61.18 38.72
N GLU Q 186 22.79 -61.69 39.25
CA GLU Q 186 22.97 -61.78 40.68
C GLU Q 186 23.05 -60.38 41.30
N GLU Q 187 23.82 -59.49 40.67
CA GLU Q 187 23.95 -58.13 41.15
C GLU Q 187 22.64 -57.34 41.04
N ALA Q 188 21.88 -57.61 39.98
CA ALA Q 188 20.59 -56.92 39.78
C ALA Q 188 19.57 -57.33 40.86
N LYS Q 189 19.61 -58.60 41.28
CA LYS Q 189 18.75 -59.07 42.37
C LYS Q 189 19.14 -58.44 43.68
N GLU Q 190 20.44 -58.45 43.93
CA GLU Q 190 21.04 -57.89 45.12
C GLU Q 190 20.77 -56.38 45.17
N TYR Q 191 20.73 -55.75 44.00
CA TYR Q 191 20.47 -54.31 43.93
C TYR Q 191 19.02 -53.98 44.20
N GLY Q 192 18.11 -54.91 43.89
CA GLY Q 192 16.68 -54.66 44.05
C GLY Q 192 16.00 -54.39 42.71
N LEU Q 193 16.76 -54.58 41.64
CA LEU Q 193 16.24 -54.35 40.31
C LEU Q 193 15.37 -55.54 39.86
N ILE Q 194 15.74 -56.75 40.24
CA ILE Q 194 14.90 -57.90 39.96
C ILE Q 194 14.68 -58.66 41.25
N ASP Q 195 13.73 -59.59 41.25
CA ASP Q 195 13.38 -60.35 42.47
C ASP Q 195 14.00 -61.73 42.50
N GLN Q 196 13.94 -62.44 41.38
CA GLN Q 196 14.38 -63.82 41.37
C GLN Q 196 15.18 -64.18 40.12
N ILE Q 197 16.10 -65.12 40.28
CA ILE Q 197 16.83 -65.65 39.13
C ILE Q 197 16.32 -67.03 38.78
N LEU Q 198 16.05 -67.27 37.50
CA LEU Q 198 15.47 -68.54 37.11
C LEU Q 198 16.58 -69.57 37.04
N GLU Q 199 16.28 -70.78 37.51
CA GLU Q 199 17.28 -71.84 37.64
C GLU Q 199 17.24 -72.81 36.46
N ASN Q 200 16.36 -73.82 36.51
CA ASN Q 200 16.24 -74.82 35.43
C ASN Q 200 14.82 -75.33 35.15
N LEU R 9 5.90 -56.75 11.72
CA LEU R 9 5.23 -57.93 12.28
C LEU R 9 4.16 -57.54 13.29
N VAL R 10 2.91 -57.88 13.01
CA VAL R 10 1.81 -57.59 13.91
C VAL R 10 1.13 -58.88 14.32
N PRO R 11 1.09 -59.16 15.64
CA PRO R 11 0.53 -60.43 16.13
C PRO R 11 -0.93 -60.53 15.76
N THR R 12 -1.35 -61.76 15.45
CA THR R 12 -2.72 -62.00 15.05
C THR R 12 -3.50 -62.50 16.26
N VAL R 13 -4.67 -61.92 16.43
CA VAL R 13 -5.49 -62.12 17.59
C VAL R 13 -6.87 -62.68 17.24
N ILE R 14 -7.30 -63.72 17.94
CA ILE R 14 -8.60 -64.33 17.72
C ILE R 14 -9.63 -63.83 18.75
N ARG R 22 -11.96 -65.93 10.08
CA ARG R 22 -10.57 -65.86 10.52
C ARG R 22 -10.39 -64.72 11.55
N ALA R 23 -9.16 -64.54 12.02
CA ALA R 23 -8.88 -63.62 13.13
C ALA R 23 -8.58 -62.18 12.67
N PHE R 24 -7.89 -61.42 13.54
CA PHE R 24 -7.66 -59.99 13.33
C PHE R 24 -6.19 -59.61 13.59
N ASP R 25 -5.65 -58.66 12.85
CA ASP R 25 -4.42 -58.03 13.33
C ASP R 25 -4.84 -57.26 14.59
N ILE R 26 -3.90 -57.06 15.50
CA ILE R 26 -4.29 -56.57 16.82
C ILE R 26 -4.87 -55.15 16.78
N TYR R 27 -4.46 -54.34 15.81
CA TYR R 27 -4.98 -52.98 15.72
C TYR R 27 -6.42 -52.97 15.21
N SER R 28 -6.73 -53.87 14.29
CA SER R 28 -8.11 -54.01 13.86
C SER R 28 -8.96 -54.46 15.06
N ARG R 29 -8.38 -55.28 15.92
CA ARG R 29 -9.10 -55.73 17.09
C ARG R 29 -9.43 -54.53 17.98
N LEU R 30 -8.46 -53.64 18.17
CA LEU R 30 -8.69 -52.45 18.96
C LEU R 30 -9.58 -51.44 18.27
N LEU R 31 -9.57 -51.43 16.94
CA LEU R 31 -10.48 -50.55 16.19
C LEU R 31 -11.92 -50.97 16.42
N LYS R 32 -12.12 -52.27 16.57
CA LYS R 32 -13.45 -52.81 16.85
C LYS R 32 -14.05 -52.19 18.14
N GLU R 33 -13.18 -51.78 19.07
CA GLU R 33 -13.59 -51.11 20.31
C GLU R 33 -13.57 -49.57 20.21
N ARG R 34 -13.52 -49.06 18.99
CA ARG R 34 -13.57 -47.63 18.71
C ARG R 34 -12.32 -46.89 19.22
N ILE R 35 -11.21 -47.61 19.22
CA ILE R 35 -9.90 -47.04 19.52
C ILE R 35 -9.12 -46.76 18.23
N VAL R 36 -8.66 -45.54 18.07
CA VAL R 36 -7.89 -45.14 16.92
C VAL R 36 -6.51 -44.64 17.35
N PHE R 37 -5.45 -45.09 16.68
CA PHE R 37 -4.09 -44.69 17.04
C PHE R 37 -3.51 -43.64 16.08
N LEU R 38 -2.81 -42.66 16.64
CA LEU R 38 -1.88 -41.82 15.88
C LEU R 38 -0.48 -41.96 16.45
N VAL R 39 0.38 -42.71 15.75
CA VAL R 39 1.74 -43.01 16.23
C VAL R 39 2.84 -42.63 15.25
N GLY R 40 3.86 -41.94 15.72
CA GLY R 40 4.94 -41.51 14.85
C GLY R 40 4.49 -40.22 14.20
N PRO R 41 5.26 -39.75 13.20
CA PRO R 41 5.03 -38.46 12.57
C PRO R 41 3.67 -38.38 11.88
N VAL R 42 3.06 -37.22 11.95
CA VAL R 42 1.83 -37.00 11.20
C VAL R 42 2.19 -36.69 9.74
N THR R 43 1.83 -37.61 8.85
CA THR R 43 2.01 -37.42 7.40
C THR R 43 0.64 -37.45 6.74
N ASP R 44 0.57 -37.06 5.47
CA ASP R 44 -0.66 -37.19 4.70
C ASP R 44 -1.20 -38.63 4.77
N GLU R 45 -0.34 -39.63 4.64
CA GLU R 45 -0.91 -40.96 4.62
C GLU R 45 -1.36 -41.37 6.03
N SER R 46 -0.57 -41.04 7.06
CA SER R 46 -0.95 -41.41 8.42
C SER R 46 -2.15 -40.60 8.89
N ALA R 47 -2.22 -39.34 8.49
CA ALA R 47 -3.36 -38.50 8.89
C ALA R 47 -4.62 -38.98 8.19
N ASN R 48 -4.49 -39.30 6.90
CA ASN R 48 -5.66 -39.72 6.15
C ASN R 48 -6.18 -41.05 6.63
N LEU R 49 -5.28 -41.94 7.05
CA LEU R 49 -5.72 -43.21 7.60
C LEU R 49 -6.57 -42.99 8.87
N VAL R 50 -6.15 -42.08 9.74
CA VAL R 50 -6.95 -41.72 10.92
C VAL R 50 -8.32 -41.17 10.51
N VAL R 51 -8.32 -40.25 9.54
CA VAL R 51 -9.56 -39.64 9.04
C VAL R 51 -10.56 -40.72 8.60
N ALA R 52 -10.06 -41.72 7.89
CA ALA R 52 -10.87 -42.83 7.39
C ALA R 52 -11.44 -43.64 8.53
N GLN R 53 -10.65 -43.86 9.58
CA GLN R 53 -11.11 -44.61 10.74
C GLN R 53 -12.17 -43.84 11.54
N LEU R 54 -12.01 -42.53 11.66
CA LEU R 54 -13.00 -41.72 12.37
C LEU R 54 -14.35 -41.79 11.66
N LEU R 55 -14.31 -41.60 10.35
CA LEU R 55 -15.51 -41.66 9.54
C LEU R 55 -16.15 -43.05 9.60
N PHE R 56 -15.33 -44.10 9.58
CA PHE R 56 -15.85 -45.44 9.61
C PHE R 56 -16.57 -45.73 10.93
N LEU R 57 -15.94 -45.33 12.03
CA LEU R 57 -16.49 -45.56 13.36
C LEU R 57 -17.80 -44.80 13.54
N GLU R 58 -17.87 -43.58 12.98
CA GLU R 58 -19.10 -42.81 13.01
C GLU R 58 -20.22 -43.56 12.30
N SER R 59 -19.93 -44.13 11.14
CA SER R 59 -20.93 -44.87 10.38
C SER R 59 -21.36 -46.15 11.10
N GLU R 60 -20.45 -46.75 11.86
CA GLU R 60 -20.78 -47.94 12.65
C GLU R 60 -21.76 -47.58 13.73
N ASN R 61 -21.53 -46.43 14.34
CA ASN R 61 -22.37 -45.90 15.42
C ASN R 61 -22.09 -44.42 15.66
N PRO R 62 -23.05 -43.56 15.31
CA PRO R 62 -22.88 -42.10 15.37
C PRO R 62 -22.94 -41.52 16.80
N ASP R 63 -23.26 -42.34 17.79
CA ASP R 63 -23.47 -41.82 19.15
C ASP R 63 -22.40 -42.23 20.16
N LYS R 64 -21.71 -43.34 19.92
CA LYS R 64 -20.69 -43.76 20.87
C LYS R 64 -19.42 -42.92 20.72
N ASP R 65 -18.77 -42.62 21.84
CA ASP R 65 -17.48 -41.94 21.86
C ASP R 65 -16.44 -42.65 20.98
N ILE R 66 -15.48 -41.90 20.48
CA ILE R 66 -14.35 -42.51 19.78
C ILE R 66 -13.10 -42.26 20.62
N PHE R 67 -12.20 -43.24 20.71
CA PHE R 67 -11.03 -43.09 21.57
C PHE R 67 -9.72 -43.02 20.79
N PHE R 68 -9.20 -41.80 20.69
CA PHE R 68 -8.07 -41.46 19.84
C PHE R 68 -6.80 -41.44 20.69
N TYR R 69 -5.99 -42.48 20.55
CA TYR R 69 -4.75 -42.62 21.31
C TYR R 69 -3.58 -42.00 20.51
N ILE R 70 -2.91 -41.02 21.10
CA ILE R 70 -1.87 -40.23 20.42
C ILE R 70 -0.48 -40.41 21.04
N ASN R 71 0.46 -40.91 20.25
CA ASN R 71 1.89 -40.92 20.61
C ASN R 71 2.66 -40.40 19.43
N SER R 72 2.84 -39.08 19.37
CA SER R 72 3.35 -38.45 18.17
C SER R 72 4.15 -37.19 18.47
N PRO R 73 5.26 -37.01 17.75
CA PRO R 73 6.11 -35.83 17.80
C PRO R 73 5.57 -34.72 16.89
N GLY R 74 4.46 -35.00 16.22
CA GLY R 74 3.89 -34.04 15.31
C GLY R 74 4.14 -34.39 13.86
N GLY R 75 4.18 -33.37 13.00
CA GLY R 75 4.41 -33.56 11.58
C GLY R 75 3.73 -32.46 10.76
N SER R 76 3.18 -32.85 9.61
CA SER R 76 2.57 -31.90 8.69
C SER R 76 1.37 -31.18 9.25
N VAL R 77 1.40 -29.86 9.20
CA VAL R 77 0.30 -29.06 9.72
C VAL R 77 -1.01 -29.26 8.96
N THR R 78 -0.97 -29.25 7.62
CA THR R 78 -2.21 -29.39 6.86
C THR R 78 -2.78 -30.81 7.08
N ALA R 79 -1.91 -31.82 7.12
CA ALA R 79 -2.34 -33.19 7.39
C ALA R 79 -2.97 -33.30 8.79
N GLY R 80 -2.36 -32.66 9.78
CA GLY R 80 -2.91 -32.60 11.12
C GLY R 80 -4.28 -31.92 11.13
N MET R 81 -4.42 -30.85 10.34
CA MET R 81 -5.69 -30.10 10.25
C MET R 81 -6.82 -30.95 9.66
N SER R 82 -6.47 -31.89 8.78
CA SER R 82 -7.49 -32.75 8.19
C SER R 82 -8.11 -33.63 9.29
N ILE R 83 -7.26 -34.07 10.23
CA ILE R 83 -7.73 -34.84 11.39
C ILE R 83 -8.56 -33.96 12.34
N TYR R 84 -8.04 -32.78 12.66
CA TYR R 84 -8.73 -31.78 13.49
C TYR R 84 -10.16 -31.52 13.00
N ASP R 85 -10.31 -31.20 11.71
CA ASP R 85 -11.62 -30.88 11.15
C ASP R 85 -12.55 -32.09 11.16
N THR R 86 -11.99 -33.29 10.97
CA THR R 86 -12.80 -34.49 11.00
C THR R 86 -13.30 -34.73 12.43
N MET R 87 -12.43 -34.55 13.43
CA MET R 87 -12.83 -34.63 14.84
C MET R 87 -14.02 -33.69 15.16
N ASN R 88 -13.94 -32.45 14.68
CA ASN R 88 -14.99 -31.46 14.93
C ASN R 88 -16.25 -31.70 14.09
N PHE R 89 -16.10 -32.28 12.90
CA PHE R 89 -17.24 -32.45 12.04
C PHE R 89 -18.15 -33.60 12.51
N ILE R 90 -17.56 -34.76 12.80
CA ILE R 90 -18.37 -35.96 13.06
C ILE R 90 -19.19 -35.84 14.34
N LYS R 91 -20.29 -36.60 14.40
CA LYS R 91 -21.20 -36.57 15.54
C LYS R 91 -20.61 -37.17 16.82
N PRO R 92 -19.91 -38.33 16.73
CA PRO R 92 -19.34 -38.86 17.97
C PRO R 92 -18.39 -37.89 18.70
N ASP R 93 -18.44 -37.88 20.03
CA ASP R 93 -17.39 -37.25 20.83
C ASP R 93 -16.09 -37.98 20.58
N VAL R 94 -15.02 -37.24 20.28
CA VAL R 94 -13.71 -37.85 20.11
C VAL R 94 -12.90 -37.58 21.36
N SER R 95 -12.83 -38.60 22.20
CA SER R 95 -11.96 -38.56 23.35
C SER R 95 -10.50 -38.67 22.88
N THR R 96 -9.62 -37.92 23.52
CA THR R 96 -8.18 -38.03 23.24
C THR R 96 -7.39 -38.47 24.45
N LEU R 97 -6.36 -39.26 24.20
CA LEU R 97 -5.50 -39.74 25.24
C LEU R 97 -4.04 -39.68 24.80
N CYS R 98 -3.21 -39.08 25.61
CA CYS R 98 -1.79 -39.08 25.32
C CYS R 98 -1.04 -40.18 26.05
N LEU R 99 -0.44 -41.07 25.26
CA LEU R 99 0.56 -42.01 25.77
C LEU R 99 1.92 -41.77 25.09
N GLY R 100 2.96 -41.80 25.89
CA GLY R 100 4.29 -41.51 25.42
C GLY R 100 4.46 -40.01 25.33
N GLN R 101 4.08 -39.43 24.20
CA GLN R 101 4.17 -38.00 24.05
C GLN R 101 3.16 -37.46 23.06
N ALA R 102 2.80 -36.20 23.23
CA ALA R 102 2.04 -35.49 22.22
C ALA R 102 2.73 -34.18 22.04
N ALA R 103 3.53 -34.09 20.98
CA ALA R 103 4.33 -32.92 20.70
C ALA R 103 3.83 -32.22 19.42
N SER R 104 3.90 -30.89 19.42
CA SER R 104 3.49 -30.04 18.31
C SER R 104 2.09 -30.35 17.85
N MET R 105 1.94 -30.72 16.58
CA MET R 105 0.64 -31.04 16.04
C MET R 105 0.01 -32.21 16.82
N GLY R 106 0.86 -33.07 17.39
CA GLY R 106 0.38 -34.11 18.28
C GLY R 106 -0.32 -33.51 19.49
N ALA R 107 0.29 -32.46 20.05
CA ALA R 107 -0.27 -31.76 21.19
C ALA R 107 -1.55 -30.99 20.81
N PHE R 108 -1.55 -30.43 19.61
CA PHE R 108 -2.71 -29.69 19.09
C PHE R 108 -3.94 -30.56 19.04
N LEU R 109 -3.77 -31.75 18.46
CA LEU R 109 -4.85 -32.71 18.28
C LEU R 109 -5.30 -33.23 19.65
N LEU R 110 -4.33 -33.42 20.55
CA LEU R 110 -4.62 -33.86 21.89
C LEU R 110 -5.57 -32.87 22.58
N SER R 111 -5.21 -31.58 22.50
CA SER R 111 -5.99 -30.53 23.11
C SER R 111 -7.34 -30.33 22.41
N ALA R 112 -7.47 -30.92 21.22
CA ALA R 112 -8.65 -30.77 20.39
C ALA R 112 -9.73 -31.78 20.74
N GLY R 113 -9.42 -32.68 21.66
CA GLY R 113 -10.37 -33.70 22.07
C GLY R 113 -11.64 -33.10 22.66
N GLU R 114 -12.72 -33.88 22.69
CA GLU R 114 -13.96 -33.40 23.30
C GLU R 114 -13.68 -32.95 24.73
N LYS R 115 -14.01 -31.69 25.05
CA LYS R 115 -13.70 -31.15 26.38
C LYS R 115 -14.35 -31.99 27.47
N GLY R 116 -13.55 -32.33 28.46
CA GLY R 116 -13.96 -33.28 29.49
C GLY R 116 -13.40 -34.66 29.27
N LYS R 117 -13.01 -34.97 28.03
CA LYS R 117 -12.53 -36.29 27.64
C LYS R 117 -11.12 -36.29 27.01
N ARG R 118 -10.29 -35.34 27.42
CA ARG R 118 -8.90 -35.31 27.01
C ARG R 118 -8.03 -35.88 28.12
N PHE R 119 -7.28 -36.93 27.82
CA PHE R 119 -6.54 -37.62 28.87
C PHE R 119 -5.04 -37.73 28.59
N ALA R 120 -4.27 -37.93 29.65
CA ALA R 120 -2.87 -38.30 29.50
C ALA R 120 -2.53 -39.33 30.57
N LEU R 121 -1.61 -40.25 30.22
CA LEU R 121 -1.04 -41.19 31.20
C LEU R 121 -0.06 -40.41 32.09
N PRO R 122 0.23 -40.93 33.30
CA PRO R 122 0.93 -40.10 34.30
C PRO R 122 2.30 -39.62 33.85
N ASN R 123 2.99 -40.39 33.02
CA ASN R 123 4.33 -40.00 32.60
C ASN R 123 4.37 -39.55 31.15
N SER R 124 3.22 -39.22 30.61
CA SER R 124 3.17 -38.67 29.26
C SER R 124 3.78 -37.27 29.21
N ARG R 125 4.36 -36.91 28.08
CA ARG R 125 4.90 -35.57 27.92
C ARG R 125 4.26 -34.79 26.74
N ILE R 126 3.91 -33.55 27.01
CA ILE R 126 3.31 -32.65 26.04
C ILE R 126 4.33 -31.55 25.70
N MET R 127 4.40 -31.15 24.43
CA MET R 127 5.23 -30.02 24.03
C MET R 127 4.50 -29.18 23.00
N ILE R 128 4.50 -27.87 23.19
CA ILE R 128 3.90 -26.93 22.22
C ILE R 128 4.93 -25.89 21.82
N HIS R 129 4.87 -25.44 20.57
CA HIS R 129 5.72 -24.33 20.12
C HIS R 129 5.14 -23.71 18.84
N GLN R 130 5.76 -22.63 18.38
CA GLN R 130 5.29 -21.97 17.17
C GLN R 130 5.73 -22.77 15.94
N PRO R 131 5.09 -22.51 14.79
CA PRO R 131 5.46 -23.25 13.56
C PRO R 131 6.94 -23.10 13.19
N LEU R 132 7.51 -24.17 12.67
CA LEU R 132 8.89 -24.19 12.19
C LEU R 132 8.92 -24.65 10.73
N ILE R 133 9.93 -24.22 9.99
CA ILE R 133 10.20 -24.82 8.69
C ILE R 133 11.61 -25.40 8.60
N SER R 134 11.70 -26.60 8.04
CA SER R 134 12.95 -27.24 7.68
C SER R 134 13.01 -27.35 6.15
N GLY R 135 14.20 -27.29 5.58
CA GLY R 135 14.34 -27.26 4.13
C GLY R 135 14.60 -25.83 3.67
N GLY R 136 13.97 -24.89 4.35
CA GLY R 136 14.19 -23.49 4.04
C GLY R 136 13.30 -22.86 2.99
N LEU R 137 13.28 -21.53 3.01
CA LEU R 137 12.62 -20.72 1.99
C LEU R 137 13.68 -20.17 1.06
N GLY R 138 13.66 -20.56 -0.20
CA GLY R 138 14.63 -20.06 -1.15
C GLY R 138 14.08 -19.57 -2.48
N GLY R 139 14.81 -18.63 -3.04
CA GLY R 139 14.51 -18.09 -4.35
C GLY R 139 14.29 -16.59 -4.26
N GLN R 140 13.24 -16.09 -4.90
CA GLN R 140 13.01 -14.65 -5.01
C GLN R 140 12.41 -14.04 -3.75
N ALA R 141 12.80 -12.80 -3.45
CA ALA R 141 12.27 -12.11 -2.30
C ALA R 141 10.74 -12.14 -2.28
N SER R 142 10.12 -11.93 -3.45
CA SER R 142 8.65 -11.98 -3.55
C SER R 142 8.04 -13.30 -3.07
N ASP R 143 8.66 -14.42 -3.45
CA ASP R 143 8.14 -15.74 -3.10
C ASP R 143 8.39 -16.01 -1.62
N ILE R 144 9.52 -15.54 -1.12
CA ILE R 144 9.84 -15.72 0.28
C ILE R 144 8.84 -14.94 1.14
N GLU R 145 8.48 -13.74 0.69
CA GLU R 145 7.50 -12.93 1.37
C GLU R 145 6.16 -13.63 1.47
N ILE R 146 5.72 -14.20 0.36
CA ILE R 146 4.47 -14.92 0.30
C ILE R 146 4.44 -16.11 1.28
N HIS R 147 5.50 -16.90 1.32
CA HIS R 147 5.54 -18.06 2.20
C HIS R 147 5.80 -17.67 3.66
N ALA R 148 6.55 -16.61 3.87
CA ALA R 148 6.70 -16.10 5.22
C ALA R 148 5.33 -15.66 5.76
N ARG R 149 4.57 -14.91 4.97
CA ARG R 149 3.25 -14.41 5.39
C ARG R 149 2.29 -15.56 5.70
N GLU R 150 2.33 -16.62 4.87
CA GLU R 150 1.50 -17.81 5.07
C GLU R 150 1.91 -18.54 6.34
N LEU R 151 3.22 -18.60 6.62
CA LEU R 151 3.66 -19.24 7.86
C LEU R 151 3.16 -18.50 9.10
N LEU R 152 3.13 -17.16 9.02
CA LEU R 152 2.65 -16.34 10.11
C LEU R 152 1.15 -16.45 10.29
N LYS R 153 0.41 -16.60 9.20
CA LYS R 153 -1.03 -16.84 9.30
C LYS R 153 -1.27 -18.16 10.00
N ILE R 154 -0.45 -19.15 9.71
CA ILE R 154 -0.54 -20.43 10.39
C ILE R 154 -0.23 -20.26 11.87
N LYS R 155 0.84 -19.52 12.17
CA LYS R 155 1.21 -19.28 13.56
C LYS R 155 0.07 -18.61 14.34
N GLU R 156 -0.53 -17.58 13.74
CA GLU R 156 -1.59 -16.82 14.35
C GLU R 156 -2.79 -17.70 14.63
N LYS R 157 -3.17 -18.46 13.62
CA LYS R 157 -4.29 -19.37 13.73
C LYS R 157 -4.09 -20.45 14.79
N LEU R 158 -2.89 -21.02 14.83
CA LEU R 158 -2.62 -22.10 15.76
C LEU R 158 -2.73 -21.58 17.19
N ASN R 159 -2.24 -20.37 17.43
CA ASN R 159 -2.35 -19.75 18.75
C ASN R 159 -3.79 -19.51 19.20
N ARG R 160 -4.60 -18.97 18.30
CA ARG R 160 -6.01 -18.68 18.55
C ARG R 160 -6.83 -19.95 18.80
N LEU R 161 -6.63 -20.98 18.00
CA LEU R 161 -7.36 -22.22 18.20
C LEU R 161 -6.88 -22.88 19.49
N MET R 162 -5.57 -22.83 19.71
CA MET R 162 -5.02 -23.45 20.89
C MET R 162 -5.50 -22.72 22.15
N ALA R 163 -5.59 -21.40 22.08
CA ALA R 163 -6.09 -20.58 23.18
C ALA R 163 -7.54 -20.97 23.51
N LYS R 164 -8.33 -21.25 22.48
CA LYS R 164 -9.71 -21.71 22.69
C LYS R 164 -9.74 -23.10 23.31
N HIS R 165 -8.91 -24.02 22.85
CA HIS R 165 -8.87 -25.37 23.43
C HIS R 165 -8.55 -25.31 24.92
N CYS R 166 -7.67 -24.39 25.30
CA CYS R 166 -7.18 -24.28 26.66
C CYS R 166 -8.03 -23.35 27.53
N ASP R 167 -9.05 -22.73 26.94
CA ASP R 167 -9.91 -21.76 27.64
C ASP R 167 -9.03 -20.74 28.34
N ARG R 168 -8.15 -20.15 27.53
CA ARG R 168 -7.12 -19.25 27.97
C ARG R 168 -7.05 -18.02 27.05
N ASP R 169 -6.34 -16.97 27.47
CA ASP R 169 -6.18 -15.82 26.60
C ASP R 169 -5.13 -16.07 25.52
N LEU R 170 -5.40 -15.53 24.35
CA LEU R 170 -4.49 -15.58 23.23
C LEU R 170 -3.07 -15.22 23.60
N ALA R 171 -2.90 -14.17 24.40
CA ALA R 171 -1.58 -13.68 24.76
C ALA R 171 -0.78 -14.72 25.51
N ASP R 172 -1.47 -15.58 26.25
CA ASP R 172 -0.81 -16.63 27.01
C ASP R 172 -0.13 -17.61 26.06
N LEU R 173 -0.87 -18.06 25.06
CA LEU R 173 -0.36 -19.02 24.08
C LEU R 173 0.75 -18.42 23.23
N GLU R 174 0.59 -17.16 22.83
CA GLU R 174 1.62 -16.47 22.07
C GLU R 174 2.94 -16.46 22.86
N ARG R 175 2.84 -16.16 24.15
CA ARG R 175 4.00 -16.19 25.04
C ARG R 175 4.56 -17.60 25.23
N ASP R 176 3.67 -18.57 25.40
CA ASP R 176 4.07 -19.91 25.80
C ASP R 176 4.41 -20.84 24.64
N THR R 177 4.28 -20.36 23.41
CA THR R 177 4.69 -21.17 22.27
C THR R 177 5.88 -20.52 21.55
N ASP R 178 6.40 -19.42 22.10
CA ASP R 178 7.52 -18.71 21.48
C ASP R 178 8.72 -19.64 21.28
N ARG R 179 8.96 -20.47 22.29
CA ARG R 179 9.99 -21.52 22.22
C ARG R 179 9.40 -22.84 22.73
N ASP R 180 10.18 -23.92 22.58
CA ASP R 180 9.71 -25.24 22.97
C ASP R 180 9.25 -25.24 24.42
N ASN R 181 8.02 -25.67 24.62
CA ASN R 181 7.42 -25.64 25.93
C ASN R 181 7.01 -27.05 26.36
N PHE R 182 7.88 -27.68 27.16
CA PHE R 182 7.63 -29.03 27.65
C PHE R 182 6.75 -28.99 28.90
N MET R 183 5.73 -29.85 28.95
CA MET R 183 4.87 -29.93 30.11
C MET R 183 4.69 -31.37 30.52
N SER R 184 4.76 -31.61 31.82
CA SER R 184 4.32 -32.89 32.35
C SER R 184 2.83 -33.02 32.14
N ALA R 185 2.32 -34.23 32.33
CA ALA R 185 0.89 -34.41 32.24
C ALA R 185 0.19 -33.49 33.25
N GLU R 186 0.75 -33.36 34.45
CA GLU R 186 0.12 -32.48 35.47
C GLU R 186 0.11 -31.03 35.05
N GLU R 187 1.21 -30.56 34.48
CA GLU R 187 1.27 -29.17 34.00
C GLU R 187 0.30 -28.97 32.83
N ALA R 188 0.15 -29.98 31.97
CA ALA R 188 -0.77 -29.88 30.83
C ALA R 188 -2.21 -29.75 31.28
N LYS R 189 -2.56 -30.47 32.35
CA LYS R 189 -3.89 -30.38 32.95
C LYS R 189 -4.08 -29.00 33.57
N GLU R 190 -3.07 -28.56 34.30
CA GLU R 190 -3.07 -27.26 34.96
C GLU R 190 -3.21 -26.14 33.94
N TYR R 191 -2.60 -26.33 32.78
CA TYR R 191 -2.61 -25.38 31.68
C TYR R 191 -3.95 -25.28 30.94
N GLY R 192 -4.72 -26.36 30.94
CA GLY R 192 -5.98 -26.40 30.21
C GLY R 192 -5.93 -27.23 28.92
N LEU R 193 -4.82 -27.95 28.72
CA LEU R 193 -4.59 -28.76 27.52
C LEU R 193 -5.31 -30.11 27.54
N ILE R 194 -5.35 -30.71 28.73
CA ILE R 194 -6.09 -31.94 28.99
C ILE R 194 -6.97 -31.74 30.22
N ASP R 195 -7.88 -32.67 30.46
CA ASP R 195 -8.81 -32.54 31.56
C ASP R 195 -8.42 -33.40 32.75
N GLN R 196 -7.99 -34.63 32.50
CA GLN R 196 -7.71 -35.56 33.58
C GLN R 196 -6.47 -36.39 33.32
N ILE R 197 -5.80 -36.80 34.38
CA ILE R 197 -4.72 -37.78 34.26
C ILE R 197 -5.17 -39.12 34.80
N LEU R 198 -5.04 -40.14 33.95
CA LEU R 198 -5.46 -41.49 34.26
C LEU R 198 -4.35 -42.30 34.91
N GLU R 199 -4.35 -42.43 36.23
CA GLU R 199 -3.35 -43.29 36.89
C GLU R 199 -3.68 -44.76 36.67
N LEU S 9 0.33 -50.35 7.10
CA LEU S 9 -0.69 -51.27 7.61
C LEU S 9 -2.08 -50.62 7.68
N VAL S 10 -2.96 -51.05 6.78
CA VAL S 10 -4.35 -50.58 6.72
C VAL S 10 -5.24 -51.50 7.58
N PRO S 11 -5.97 -50.93 8.56
CA PRO S 11 -6.88 -51.76 9.37
C PRO S 11 -7.91 -52.51 8.53
N THR S 12 -8.37 -53.65 9.04
CA THR S 12 -9.36 -54.44 8.34
C THR S 12 -10.70 -54.36 9.08
N VAL S 13 -11.69 -53.76 8.42
CA VAL S 13 -13.01 -53.50 9.01
C VAL S 13 -14.03 -54.53 8.53
N ILE S 14 -15.01 -54.85 9.37
CA ILE S 14 -16.03 -55.81 8.98
C ILE S 14 -17.40 -55.14 8.89
N GLU S 15 -18.15 -55.54 7.87
CA GLU S 15 -19.45 -54.94 7.57
C GLU S 15 -20.45 -56.05 7.29
N GLN S 16 -21.70 -55.83 7.67
CA GLN S 16 -22.70 -56.89 7.62
C GLN S 16 -23.40 -57.04 6.26
N SER S 17 -22.68 -56.72 5.18
CA SER S 17 -23.17 -56.89 3.81
C SER S 17 -24.62 -56.43 3.63
N GLY S 18 -25.43 -57.38 3.21
CA GLY S 18 -26.87 -57.34 3.38
C GLY S 18 -27.19 -58.73 3.95
N ARG S 19 -26.82 -58.93 5.21
CA ARG S 19 -27.08 -60.18 5.93
C ARG S 19 -25.94 -61.21 5.59
N GLY S 20 -24.72 -60.70 5.40
CA GLY S 20 -23.64 -61.53 4.86
C GLY S 20 -22.26 -61.56 5.54
N GLU S 21 -21.75 -60.38 5.94
CA GLU S 21 -20.36 -60.21 6.42
C GLU S 21 -19.31 -60.43 5.33
N ARG S 22 -18.31 -59.55 5.33
CA ARG S 22 -17.11 -59.71 4.53
C ARG S 22 -16.03 -58.80 5.11
N ALA S 23 -14.77 -59.06 4.77
CA ALA S 23 -13.65 -58.30 5.34
C ALA S 23 -13.08 -57.31 4.35
N PHE S 24 -12.61 -56.17 4.85
CA PHE S 24 -12.30 -55.08 3.95
C PHE S 24 -11.13 -54.28 4.51
N ASP S 25 -10.24 -53.83 3.63
CA ASP S 25 -9.38 -52.74 4.03
C ASP S 25 -10.32 -51.55 4.08
N ILE S 26 -10.01 -50.61 4.95
CA ILE S 26 -10.90 -49.50 5.26
C ILE S 26 -11.11 -48.59 4.04
N TYR S 27 -10.13 -48.54 3.13
CA TYR S 27 -10.32 -47.71 1.94
C TYR S 27 -11.31 -48.38 0.96
N SER S 28 -11.29 -49.72 0.86
CA SER S 28 -12.28 -50.43 0.03
C SER S 28 -13.67 -50.23 0.58
N ARG S 29 -13.73 -50.18 1.90
CA ARG S 29 -14.98 -49.93 2.61
C ARG S 29 -15.54 -48.56 2.24
N LEU S 30 -14.66 -47.59 2.14
CA LEU S 30 -15.09 -46.23 1.77
C LEU S 30 -15.43 -46.12 0.27
N LEU S 31 -14.77 -46.93 -0.57
CA LEU S 31 -15.04 -46.93 -2.02
C LEU S 31 -16.48 -47.36 -2.28
N LYS S 32 -16.94 -48.28 -1.44
CA LYS S 32 -18.32 -48.73 -1.43
C LYS S 32 -19.37 -47.63 -1.24
N GLU S 33 -19.01 -46.57 -0.53
CA GLU S 33 -19.89 -45.44 -0.36
C GLU S 33 -19.57 -44.43 -1.43
N ARG S 34 -18.82 -44.89 -2.44
CA ARG S 34 -18.43 -44.11 -3.62
C ARG S 34 -17.54 -42.91 -3.25
N ILE S 35 -16.72 -43.10 -2.22
CA ILE S 35 -15.70 -42.12 -1.83
C ILE S 35 -14.36 -42.53 -2.42
N VAL S 36 -13.75 -41.62 -3.16
CA VAL S 36 -12.44 -41.89 -3.76
C VAL S 36 -11.43 -40.88 -3.25
N PHE S 37 -10.25 -41.37 -2.87
CA PHE S 37 -9.21 -40.52 -2.31
C PHE S 37 -8.09 -40.19 -3.28
N LEU S 38 -7.71 -38.92 -3.30
CA LEU S 38 -6.46 -38.48 -3.86
C LEU S 38 -5.65 -37.85 -2.72
N VAL S 39 -4.67 -38.60 -2.23
CA VAL S 39 -3.85 -38.16 -1.11
C VAL S 39 -2.40 -38.23 -1.50
N GLY S 40 -1.69 -37.12 -1.27
CA GLY S 40 -0.29 -37.02 -1.60
C GLY S 40 -0.07 -36.58 -3.03
N PRO S 41 1.18 -36.57 -3.48
CA PRO S 41 1.51 -36.04 -4.81
C PRO S 41 0.82 -36.80 -5.93
N VAL S 42 0.36 -36.08 -6.94
CA VAL S 42 -0.25 -36.67 -8.13
C VAL S 42 0.80 -37.24 -9.11
N THR S 43 0.74 -38.55 -9.29
CA THR S 43 1.64 -39.25 -10.21
C THR S 43 0.82 -40.00 -11.26
N ASP S 44 1.48 -40.52 -12.30
CA ASP S 44 0.78 -41.36 -13.26
C ASP S 44 0.03 -42.50 -12.56
N GLU S 45 0.66 -43.10 -11.56
CA GLU S 45 0.07 -44.27 -10.91
C GLU S 45 -1.08 -43.91 -10.00
N SER S 46 -0.91 -42.86 -9.19
CA SER S 46 -1.97 -42.45 -8.27
C SER S 46 -3.11 -41.84 -9.03
N ALA S 47 -2.79 -41.11 -10.11
CA ALA S 47 -3.84 -40.51 -10.92
C ALA S 47 -4.62 -41.61 -11.65
N ASN S 48 -3.91 -42.57 -12.25
CA ASN S 48 -4.61 -43.60 -13.00
C ASN S 48 -5.44 -44.48 -12.08
N LEU S 49 -4.96 -44.69 -10.86
CA LEU S 49 -5.73 -45.42 -9.84
C LEU S 49 -7.06 -44.70 -9.54
N VAL S 50 -7.02 -43.37 -9.51
CA VAL S 50 -8.25 -42.57 -9.36
C VAL S 50 -9.20 -42.76 -10.53
N VAL S 51 -8.65 -42.66 -11.74
CA VAL S 51 -9.41 -42.83 -12.96
C VAL S 51 -10.13 -44.18 -12.96
N ALA S 52 -9.41 -45.22 -12.55
CA ALA S 52 -9.96 -46.56 -12.54
C ALA S 52 -11.16 -46.66 -11.59
N GLN S 53 -11.05 -46.00 -10.43
CA GLN S 53 -12.12 -45.99 -9.43
C GLN S 53 -13.35 -45.20 -9.89
N LEU S 54 -13.13 -44.09 -10.60
CA LEU S 54 -14.24 -43.31 -11.14
C LEU S 54 -15.06 -44.15 -12.13
N LEU S 55 -14.37 -44.80 -13.07
CA LEU S 55 -15.02 -45.64 -14.07
C LEU S 55 -15.74 -46.79 -13.40
N PHE S 56 -15.11 -47.38 -12.40
CA PHE S 56 -15.70 -48.51 -11.69
C PHE S 56 -17.00 -48.09 -11.01
N LEU S 57 -16.97 -46.94 -10.33
CA LEU S 57 -18.16 -46.48 -9.61
C LEU S 57 -19.31 -46.12 -10.57
N GLU S 58 -18.98 -45.51 -11.71
CA GLU S 58 -19.99 -45.21 -12.73
C GLU S 58 -20.63 -46.50 -13.22
N SER S 59 -19.79 -47.52 -13.38
CA SER S 59 -20.24 -48.81 -13.85
C SER S 59 -21.20 -49.42 -12.81
N GLU S 60 -20.94 -49.16 -11.54
CA GLU S 60 -21.79 -49.62 -10.44
C GLU S 60 -23.15 -48.92 -10.41
N ASN S 61 -23.10 -47.63 -10.70
CA ASN S 61 -24.28 -46.81 -10.73
C ASN S 61 -23.93 -45.52 -11.46
N PRO S 62 -24.40 -45.38 -12.70
CA PRO S 62 -23.99 -44.20 -13.49
C PRO S 62 -24.70 -42.93 -13.06
N ASP S 63 -25.64 -43.01 -12.11
CA ASP S 63 -26.45 -41.85 -11.71
C ASP S 63 -26.16 -41.28 -10.32
N LYS S 64 -25.58 -42.06 -9.41
CA LYS S 64 -25.28 -41.53 -8.08
C LYS S 64 -24.01 -40.67 -8.07
N ASP S 65 -24.02 -39.64 -7.23
CA ASP S 65 -22.86 -38.78 -7.01
C ASP S 65 -21.63 -39.61 -6.62
N ILE S 66 -20.47 -39.09 -6.97
CA ILE S 66 -19.21 -39.67 -6.52
C ILE S 66 -18.55 -38.63 -5.62
N PHE S 67 -17.93 -39.09 -4.54
CA PHE S 67 -17.33 -38.16 -3.58
C PHE S 67 -15.81 -38.29 -3.57
N PHE S 68 -15.18 -37.27 -4.13
CA PHE S 68 -13.74 -37.23 -4.39
C PHE S 68 -13.07 -36.41 -3.28
N TYR S 69 -12.39 -37.10 -2.37
CA TYR S 69 -11.69 -36.45 -1.25
C TYR S 69 -10.24 -36.15 -1.64
N ILE S 70 -9.86 -34.87 -1.58
CA ILE S 70 -8.57 -34.44 -2.06
C ILE S 70 -7.72 -33.92 -0.93
N ASN S 71 -6.56 -34.57 -0.73
CA ASN S 71 -5.52 -34.02 0.12
C ASN S 71 -4.18 -34.13 -0.60
N SER S 72 -3.82 -33.11 -1.37
CA SER S 72 -2.69 -33.22 -2.28
C SER S 72 -1.94 -31.89 -2.50
N PRO S 73 -0.60 -31.95 -2.58
CA PRO S 73 0.18 -30.76 -2.90
C PRO S 73 0.24 -30.51 -4.39
N GLY S 74 -0.36 -31.40 -5.16
CA GLY S 74 -0.30 -31.32 -6.62
C GLY S 74 0.65 -32.33 -7.24
N GLY S 75 1.16 -32.02 -8.43
CA GLY S 75 2.05 -32.95 -9.11
C GLY S 75 2.00 -32.85 -10.62
N SER S 76 2.03 -34.01 -11.29
CA SER S 76 2.11 -34.09 -12.74
C SER S 76 0.89 -33.46 -13.40
N VAL S 77 1.13 -32.54 -14.32
CA VAL S 77 0.04 -31.86 -15.02
C VAL S 77 -0.75 -32.85 -15.90
N THR S 78 -0.05 -33.67 -16.68
CA THR S 78 -0.71 -34.61 -17.57
C THR S 78 -1.47 -35.70 -16.81
N ALA S 79 -0.90 -36.20 -15.72
CA ALA S 79 -1.57 -37.19 -14.91
C ALA S 79 -2.84 -36.56 -14.33
N GLY S 80 -2.71 -35.32 -13.87
CA GLY S 80 -3.86 -34.60 -13.35
C GLY S 80 -4.98 -34.44 -14.38
N MET S 81 -4.61 -34.12 -15.62
CA MET S 81 -5.61 -33.88 -16.66
C MET S 81 -6.41 -35.16 -16.95
N SER S 82 -5.77 -36.30 -16.78
CA SER S 82 -6.45 -37.55 -17.01
C SER S 82 -7.60 -37.75 -15.99
N ILE S 83 -7.40 -37.30 -14.75
CA ILE S 83 -8.44 -37.35 -13.73
C ILE S 83 -9.54 -36.36 -14.05
N TYR S 84 -9.12 -35.15 -14.37
CA TYR S 84 -10.03 -34.08 -14.79
C TYR S 84 -10.93 -34.50 -15.95
N ASP S 85 -10.34 -35.03 -17.02
CA ASP S 85 -11.12 -35.40 -18.19
C ASP S 85 -12.07 -36.55 -17.86
N THR S 86 -11.67 -37.45 -16.97
CA THR S 86 -12.55 -38.54 -16.56
C THR S 86 -13.71 -37.98 -15.74
N MET S 87 -13.41 -37.07 -14.80
CA MET S 87 -14.45 -36.38 -14.03
C MET S 87 -15.47 -35.70 -14.92
N ASN S 88 -15.01 -34.99 -15.94
CA ASN S 88 -15.93 -34.26 -16.81
C ASN S 88 -16.70 -35.19 -17.71
N PHE S 89 -16.10 -36.32 -18.06
CA PHE S 89 -16.70 -37.24 -19.01
C PHE S 89 -17.83 -38.12 -18.45
N ILE S 90 -17.61 -38.74 -17.29
CA ILE S 90 -18.51 -39.76 -16.75
C ILE S 90 -19.88 -39.19 -16.39
N LYS S 91 -20.90 -40.03 -16.37
CA LYS S 91 -22.23 -39.49 -16.11
C LYS S 91 -22.41 -38.99 -14.66
N PRO S 92 -21.93 -39.76 -13.67
CA PRO S 92 -22.13 -39.26 -12.30
C PRO S 92 -21.54 -37.87 -12.05
N ASP S 93 -22.24 -37.09 -11.23
CA ASP S 93 -21.69 -35.88 -10.66
C ASP S 93 -20.50 -36.28 -9.81
N VAL S 94 -19.38 -35.58 -9.99
CA VAL S 94 -18.23 -35.78 -9.13
C VAL S 94 -18.13 -34.63 -8.12
N SER S 95 -18.62 -34.88 -6.91
CA SER S 95 -18.43 -33.94 -5.81
C SER S 95 -16.97 -33.92 -5.41
N THR S 96 -16.45 -32.75 -5.09
CA THR S 96 -15.10 -32.67 -4.55
C THR S 96 -15.06 -32.06 -3.16
N LEU S 97 -14.13 -32.56 -2.35
CA LEU S 97 -13.99 -32.07 -0.98
C LEU S 97 -12.51 -31.96 -0.65
N CYS S 98 -12.12 -30.79 -0.16
CA CYS S 98 -10.75 -30.59 0.25
C CYS S 98 -10.57 -30.87 1.75
N LEU S 99 -9.76 -31.86 2.10
CA LEU S 99 -9.32 -32.01 3.49
C LEU S 99 -7.81 -31.89 3.53
N GLY S 100 -7.32 -31.12 4.50
CA GLY S 100 -5.90 -30.84 4.58
C GLY S 100 -5.53 -29.73 3.62
N GLN S 101 -5.21 -30.10 2.38
CA GLN S 101 -4.87 -29.09 1.40
C GLN S 101 -5.19 -29.50 -0.02
N ALA S 102 -5.40 -28.49 -0.85
CA ALA S 102 -5.53 -28.66 -2.30
C ALA S 102 -4.63 -27.62 -2.92
N ALA S 103 -3.46 -28.06 -3.36
CA ALA S 103 -2.45 -27.16 -3.93
C ALA S 103 -2.15 -27.50 -5.38
N SER S 104 -1.93 -26.48 -6.20
CA SER S 104 -1.58 -26.66 -7.60
C SER S 104 -2.60 -27.52 -8.36
N MET S 105 -2.17 -28.65 -8.91
CA MET S 105 -3.06 -29.57 -9.59
C MET S 105 -4.12 -30.09 -8.60
N GLY S 106 -3.75 -30.17 -7.33
CA GLY S 106 -4.71 -30.53 -6.30
C GLY S 106 -5.84 -29.50 -6.22
N ALA S 107 -5.50 -28.22 -6.33
CA ALA S 107 -6.51 -27.15 -6.32
C ALA S 107 -7.35 -27.17 -7.61
N PHE S 108 -6.67 -27.47 -8.70
CA PHE S 108 -7.32 -27.53 -9.99
C PHE S 108 -8.45 -28.54 -9.98
N LEU S 109 -8.13 -29.73 -9.51
CA LEU S 109 -9.09 -30.83 -9.50
C LEU S 109 -10.23 -30.52 -8.56
N LEU S 110 -9.94 -29.86 -7.44
CA LEU S 110 -10.97 -29.46 -6.48
C LEU S 110 -11.99 -28.54 -7.13
N SER S 111 -11.49 -27.51 -7.84
CA SER S 111 -12.31 -26.52 -8.50
C SER S 111 -13.06 -27.15 -9.66
N ALA S 112 -12.65 -28.35 -10.03
CA ALA S 112 -13.24 -29.04 -11.18
C ALA S 112 -14.49 -29.85 -10.81
N GLY S 113 -14.82 -29.92 -9.53
CA GLY S 113 -16.00 -30.67 -9.10
C GLY S 113 -17.28 -30.08 -9.66
N GLU S 114 -18.35 -30.86 -9.64
CA GLU S 114 -19.68 -30.40 -10.08
C GLU S 114 -20.04 -29.12 -9.35
N LYS S 115 -20.39 -28.05 -10.09
CA LYS S 115 -20.72 -26.81 -9.40
C LYS S 115 -21.91 -26.99 -8.46
N GLY S 116 -21.77 -26.48 -7.24
CA GLY S 116 -22.77 -26.72 -6.20
C GLY S 116 -22.34 -27.79 -5.21
N LYS S 117 -21.40 -28.64 -5.62
CA LYS S 117 -20.96 -29.76 -4.80
C LYS S 117 -19.42 -29.80 -4.58
N ARG S 118 -18.79 -28.62 -4.58
CA ARG S 118 -17.38 -28.51 -4.23
C ARG S 118 -17.26 -27.96 -2.80
N PHE S 119 -16.64 -28.74 -1.92
CA PHE S 119 -16.57 -28.48 -0.48
C PHE S 119 -15.13 -28.38 0.04
N ALA S 120 -14.98 -27.74 1.20
CA ALA S 120 -13.73 -27.75 1.95
C ALA S 120 -14.05 -27.85 3.43
N LEU S 121 -13.18 -28.49 4.19
CA LEU S 121 -13.29 -28.45 5.64
C LEU S 121 -12.83 -27.08 6.13
N PRO S 122 -13.27 -26.65 7.32
CA PRO S 122 -13.01 -25.26 7.72
C PRO S 122 -11.54 -24.86 7.80
N ASN S 123 -10.62 -25.79 8.07
CA ASN S 123 -9.22 -25.41 8.21
C ASN S 123 -8.33 -25.89 7.03
N SER S 124 -8.97 -26.25 5.91
CA SER S 124 -8.26 -26.62 4.69
C SER S 124 -7.46 -25.48 4.07
N ARG S 125 -6.40 -25.86 3.37
CA ARG S 125 -5.58 -24.89 2.64
C ARG S 125 -5.68 -25.12 1.14
N ILE S 126 -5.94 -24.05 0.41
CA ILE S 126 -5.96 -24.09 -1.05
C ILE S 126 -4.83 -23.21 -1.57
N MET S 127 -4.15 -23.66 -2.61
CA MET S 127 -3.10 -22.84 -3.22
C MET S 127 -3.13 -22.98 -4.75
N ILE S 128 -3.08 -21.86 -5.45
CA ILE S 128 -3.06 -21.90 -6.91
C ILE S 128 -1.84 -21.09 -7.38
N HIS S 129 -1.21 -21.51 -8.48
CA HIS S 129 -0.12 -20.74 -9.06
C HIS S 129 0.07 -21.16 -10.52
N GLN S 130 0.93 -20.47 -11.26
CA GLN S 130 1.17 -20.81 -12.67
C GLN S 130 2.06 -22.06 -12.82
N PRO S 131 2.12 -22.67 -14.03
CA PRO S 131 2.94 -23.87 -14.17
C PRO S 131 4.40 -23.68 -13.79
N LEU S 132 4.99 -24.72 -13.19
CA LEU S 132 6.38 -24.78 -12.79
C LEU S 132 7.05 -25.94 -13.49
N ILE S 133 8.34 -25.84 -13.74
CA ILE S 133 9.05 -27.08 -14.06
C ILE S 133 10.20 -27.25 -13.09
N SER S 134 10.40 -28.50 -12.72
CA SER S 134 11.52 -28.91 -11.89
C SER S 134 12.44 -29.69 -12.80
N GLY S 135 13.73 -29.59 -12.53
CA GLY S 135 14.72 -30.18 -13.41
C GLY S 135 15.10 -29.00 -14.25
N GLY S 136 15.41 -29.23 -15.51
CA GLY S 136 15.79 -28.13 -16.36
C GLY S 136 15.39 -28.20 -17.81
N LEU S 137 15.45 -27.05 -18.48
CA LEU S 137 15.35 -27.00 -19.91
C LEU S 137 16.80 -26.85 -20.34
N GLY S 138 17.30 -27.90 -20.97
CA GLY S 138 18.67 -27.92 -21.44
C GLY S 138 18.76 -28.47 -22.83
N GLY S 139 19.79 -28.05 -23.54
CA GLY S 139 19.98 -28.51 -24.90
C GLY S 139 19.99 -27.31 -25.82
N GLN S 140 19.60 -27.55 -27.07
CA GLN S 140 19.65 -26.52 -28.10
C GLN S 140 18.54 -25.50 -27.92
N ALA S 141 18.85 -24.25 -28.25
CA ALA S 141 17.87 -23.17 -28.20
C ALA S 141 16.57 -23.53 -28.93
N SER S 142 16.66 -24.23 -30.06
CA SER S 142 15.45 -24.68 -30.75
C SER S 142 14.55 -25.52 -29.85
N ASP S 143 15.16 -26.43 -29.10
CA ASP S 143 14.44 -27.35 -28.23
C ASP S 143 13.85 -26.60 -27.04
N ILE S 144 14.64 -25.68 -26.49
CA ILE S 144 14.21 -24.88 -25.35
C ILE S 144 13.05 -23.97 -25.79
N GLU S 145 13.12 -23.44 -27.00
CA GLU S 145 12.01 -22.66 -27.54
C GLU S 145 10.76 -23.52 -27.63
N ILE S 146 10.91 -24.75 -28.13
CA ILE S 146 9.77 -25.67 -28.26
C ILE S 146 9.13 -25.96 -26.90
N HIS S 147 9.94 -26.18 -25.89
CA HIS S 147 9.42 -26.51 -24.57
C HIS S 147 8.89 -25.29 -23.81
N ALA S 148 9.51 -24.15 -24.01
CA ALA S 148 9.01 -22.90 -23.47
C ALA S 148 7.61 -22.62 -24.02
N ARG S 149 7.44 -22.81 -25.33
CA ARG S 149 6.15 -22.57 -25.99
C ARG S 149 5.06 -23.48 -25.43
N GLU S 150 5.41 -24.74 -25.22
CA GLU S 150 4.48 -25.70 -24.70
C GLU S 150 4.11 -25.34 -23.24
N LEU S 151 5.10 -24.88 -22.47
CA LEU S 151 4.80 -24.53 -21.08
C LEU S 151 3.87 -23.35 -21.05
N LEU S 152 4.08 -22.40 -21.94
CA LEU S 152 3.19 -21.26 -22.02
C LEU S 152 1.80 -21.70 -22.49
N LYS S 153 1.71 -22.72 -23.34
CA LYS S 153 0.39 -23.25 -23.72
C LYS S 153 -0.36 -23.88 -22.53
N ILE S 154 0.36 -24.62 -21.69
CA ILE S 154 -0.27 -25.19 -20.51
C ILE S 154 -0.74 -24.06 -19.60
N LYS S 155 0.11 -23.05 -19.43
CA LYS S 155 -0.22 -21.86 -18.64
C LYS S 155 -1.47 -21.14 -19.14
N GLU S 156 -1.60 -20.97 -20.47
CA GLU S 156 -2.78 -20.32 -21.01
C GLU S 156 -4.04 -21.16 -20.77
N LYS S 157 -3.95 -22.46 -21.03
CA LYS S 157 -5.11 -23.33 -20.88
C LYS S 157 -5.59 -23.42 -19.43
N LEU S 158 -4.66 -23.58 -18.49
CA LEU S 158 -5.01 -23.76 -17.08
C LEU S 158 -5.66 -22.49 -16.54
N ASN S 159 -5.15 -21.34 -16.95
CA ASN S 159 -5.78 -20.08 -16.59
C ASN S 159 -7.18 -19.99 -17.17
N ARG S 160 -7.32 -20.39 -18.43
CA ARG S 160 -8.60 -20.35 -19.11
C ARG S 160 -9.60 -21.28 -18.42
N LEU S 161 -9.16 -22.49 -18.11
CA LEU S 161 -10.05 -23.46 -17.47
C LEU S 161 -10.37 -23.06 -16.02
N MET S 162 -9.38 -22.56 -15.30
CA MET S 162 -9.61 -22.16 -13.91
C MET S 162 -10.60 -21.01 -13.85
N ALA S 163 -10.51 -20.09 -14.81
CA ALA S 163 -11.43 -18.97 -14.84
C ALA S 163 -12.88 -19.45 -14.98
N LYS S 164 -13.10 -20.47 -15.82
CA LYS S 164 -14.43 -21.05 -16.03
C LYS S 164 -14.95 -21.78 -14.79
N HIS S 165 -14.08 -22.54 -14.13
CA HIS S 165 -14.44 -23.25 -12.89
C HIS S 165 -14.89 -22.27 -11.81
N CYS S 166 -14.20 -21.13 -11.75
CA CYS S 166 -14.37 -20.12 -10.71
C CYS S 166 -15.36 -19.01 -11.07
N ASP S 167 -15.86 -19.04 -12.29
CA ASP S 167 -16.72 -17.97 -12.80
C ASP S 167 -16.07 -16.61 -12.60
N ARG S 168 -14.85 -16.45 -13.09
CA ARG S 168 -14.14 -15.17 -12.92
C ARG S 168 -13.57 -14.80 -14.30
N ASP S 169 -13.04 -13.59 -14.43
CA ASP S 169 -12.43 -13.16 -15.67
C ASP S 169 -11.02 -13.73 -15.80
N LEU S 170 -10.67 -14.15 -17.01
CA LEU S 170 -9.34 -14.63 -17.31
C LEU S 170 -8.27 -13.66 -16.77
N ALA S 171 -8.51 -12.35 -16.86
CA ALA S 171 -7.53 -11.38 -16.35
C ALA S 171 -7.28 -11.53 -14.84
N ASP S 172 -8.32 -11.93 -14.10
CA ASP S 172 -8.19 -12.14 -12.66
C ASP S 172 -7.27 -13.32 -12.34
N LEU S 173 -7.52 -14.46 -12.99
CA LEU S 173 -6.76 -15.69 -12.78
C LEU S 173 -5.30 -15.53 -13.21
N GLU S 174 -5.06 -14.82 -14.30
CA GLU S 174 -3.70 -14.53 -14.73
C GLU S 174 -2.96 -13.71 -13.68
N ARG S 175 -3.65 -12.73 -13.11
CA ARG S 175 -3.12 -11.88 -12.04
C ARG S 175 -2.88 -12.67 -10.75
N ASP S 176 -3.84 -13.52 -10.40
CA ASP S 176 -3.88 -14.18 -9.11
C ASP S 176 -3.10 -15.49 -9.08
N THR S 177 -2.56 -15.92 -10.23
CA THR S 177 -1.73 -17.12 -10.23
C THR S 177 -0.28 -16.82 -10.61
N ASP S 178 0.05 -15.54 -10.77
CA ASP S 178 1.42 -15.15 -11.14
C ASP S 178 2.46 -15.67 -10.14
N ARG S 179 2.12 -15.62 -8.85
CA ARG S 179 2.95 -16.23 -7.81
C ARG S 179 2.07 -17.05 -6.90
N ASP S 180 2.66 -17.82 -5.99
CA ASP S 180 1.88 -18.68 -5.11
C ASP S 180 0.77 -17.92 -4.36
N ASN S 181 -0.45 -18.41 -4.54
CA ASN S 181 -1.61 -17.77 -3.96
C ASN S 181 -2.32 -18.72 -2.99
N PHE S 182 -2.05 -18.53 -1.70
CA PHE S 182 -2.68 -19.31 -0.65
C PHE S 182 -4.05 -18.76 -0.27
N MET S 183 -5.02 -19.64 -0.14
CA MET S 183 -6.34 -19.22 0.27
C MET S 183 -6.82 -20.06 1.42
N SER S 184 -7.42 -19.41 2.41
CA SER S 184 -8.20 -20.10 3.41
C SER S 184 -9.44 -20.68 2.72
N ALA S 185 -10.14 -21.59 3.40
CA ALA S 185 -11.34 -22.18 2.82
C ALA S 185 -12.32 -21.08 2.45
N GLU S 186 -12.42 -20.09 3.34
CA GLU S 186 -13.31 -18.96 3.13
C GLU S 186 -12.88 -18.13 1.93
N GLU S 187 -11.58 -17.86 1.81
CA GLU S 187 -11.10 -17.08 0.67
C GLU S 187 -11.31 -17.85 -0.63
N ALA S 188 -11.22 -19.18 -0.58
CA ALA S 188 -11.46 -19.99 -1.77
C ALA S 188 -12.95 -19.98 -2.20
N LYS S 189 -13.86 -19.99 -1.23
CA LYS S 189 -15.30 -19.93 -1.54
C LYS S 189 -15.68 -18.58 -2.16
N GLU S 190 -15.19 -17.51 -1.56
CA GLU S 190 -15.42 -16.19 -2.10
C GLU S 190 -14.81 -16.08 -3.52
N TYR S 191 -13.70 -16.78 -3.77
CA TYR S 191 -13.06 -16.69 -5.08
C TYR S 191 -13.88 -17.38 -6.17
N GLY S 192 -14.65 -18.39 -5.79
CA GLY S 192 -15.44 -19.17 -6.72
C GLY S 192 -14.88 -20.57 -6.95
N LEU S 193 -13.88 -20.94 -6.18
CA LEU S 193 -13.19 -22.21 -6.33
C LEU S 193 -13.95 -23.38 -5.67
N ILE S 194 -14.60 -23.12 -4.56
CA ILE S 194 -15.46 -24.11 -3.91
C ILE S 194 -16.81 -23.48 -3.67
N ASP S 195 -17.80 -24.29 -3.33
CA ASP S 195 -19.15 -23.78 -3.13
C ASP S 195 -19.49 -23.61 -1.66
N GLN S 196 -19.08 -24.58 -0.84
CA GLN S 196 -19.48 -24.61 0.56
C GLN S 196 -18.35 -25.01 1.51
N ILE S 197 -18.41 -24.49 2.73
CA ILE S 197 -17.50 -24.91 3.78
C ILE S 197 -18.24 -25.74 4.81
N LEU S 198 -17.69 -26.89 5.15
CA LEU S 198 -18.39 -27.80 6.05
C LEU S 198 -18.24 -27.48 7.55
N GLU S 199 -19.29 -26.90 8.12
CA GLU S 199 -19.38 -26.63 9.55
C GLU S 199 -19.52 -27.93 10.36
N LEU T 9 -0.48 -50.01 -2.97
CA LEU T 9 -1.77 -50.50 -2.49
C LEU T 9 -2.88 -50.33 -3.54
N VAL T 10 -3.42 -51.45 -4.00
CA VAL T 10 -4.52 -51.45 -4.97
C VAL T 10 -5.83 -51.91 -4.30
N PRO T 11 -6.92 -51.11 -4.43
CA PRO T 11 -8.18 -51.49 -3.79
C PRO T 11 -8.88 -52.67 -4.48
N THR T 12 -9.58 -53.46 -3.67
CA THR T 12 -10.25 -54.67 -4.12
C THR T 12 -11.77 -54.48 -4.15
N VAL T 13 -12.39 -54.96 -5.22
CA VAL T 13 -13.84 -54.87 -5.39
C VAL T 13 -14.42 -56.26 -5.67
N ILE T 14 -15.71 -56.43 -5.42
CA ILE T 14 -16.38 -57.70 -5.72
C ILE T 14 -17.44 -57.50 -6.81
N ARG T 22 -14.96 -63.52 -7.27
CA ARG T 22 -15.44 -62.76 -6.12
C ARG T 22 -14.61 -61.49 -5.90
N ALA T 23 -13.56 -61.59 -5.08
CA ALA T 23 -12.71 -60.42 -4.79
C ALA T 23 -11.51 -60.30 -5.75
N PHE T 24 -11.50 -59.19 -6.51
CA PHE T 24 -10.43 -58.83 -7.47
C PHE T 24 -9.87 -57.41 -7.27
N ASP T 25 -8.59 -57.23 -7.58
CA ASP T 25 -8.03 -55.89 -7.69
C ASP T 25 -8.65 -55.17 -8.87
N ILE T 26 -8.72 -53.83 -8.77
CA ILE T 26 -9.54 -53.03 -9.68
C ILE T 26 -9.13 -53.09 -11.14
N TYR T 27 -7.85 -53.30 -11.39
CA TYR T 27 -7.37 -53.39 -12.76
C TYR T 27 -7.78 -54.75 -13.38
N SER T 28 -7.82 -55.81 -12.57
CA SER T 28 -8.34 -57.11 -13.03
C SER T 28 -9.81 -56.97 -13.37
N ARG T 29 -10.50 -56.14 -12.60
CA ARG T 29 -11.89 -55.86 -12.87
C ARG T 29 -12.09 -55.16 -14.23
N LEU T 30 -11.24 -54.18 -14.54
CA LEU T 30 -11.33 -53.49 -15.83
C LEU T 30 -10.89 -54.41 -16.98
N LEU T 31 -9.98 -55.34 -16.69
CA LEU T 31 -9.55 -56.28 -17.71
C LEU T 31 -10.71 -57.14 -18.20
N LYS T 32 -11.63 -57.52 -17.31
CA LYS T 32 -12.79 -58.30 -17.75
C LYS T 32 -13.67 -57.58 -18.77
N GLU T 33 -13.65 -56.26 -18.77
CA GLU T 33 -14.39 -55.51 -19.79
C GLU T 33 -13.50 -55.23 -21.00
N ARG T 34 -12.39 -55.98 -21.10
CA ARG T 34 -11.46 -55.90 -22.22
C ARG T 34 -10.74 -54.55 -22.31
N ILE T 35 -10.56 -53.92 -21.15
CA ILE T 35 -9.77 -52.69 -21.04
C ILE T 35 -8.34 -53.01 -20.60
N VAL T 36 -7.38 -52.55 -21.39
CA VAL T 36 -5.97 -52.77 -21.11
C VAL T 36 -5.21 -51.46 -20.95
N PHE T 37 -4.40 -51.38 -19.89
CA PHE T 37 -3.68 -50.14 -19.56
C PHE T 37 -2.20 -50.21 -19.93
N LEU T 38 -1.69 -49.12 -20.50
CA LEU T 38 -0.26 -48.90 -20.55
C LEU T 38 0.07 -47.59 -19.81
N VAL T 39 0.60 -47.68 -18.58
CA VAL T 39 0.84 -46.46 -17.79
C VAL T 39 2.28 -46.29 -17.34
N GLY T 40 2.83 -45.11 -17.61
CA GLY T 40 4.21 -44.86 -17.28
C GLY T 40 5.08 -45.39 -18.40
N PRO T 41 6.39 -45.41 -18.17
CA PRO T 41 7.36 -45.75 -19.22
C PRO T 41 7.21 -47.18 -19.76
N VAL T 42 7.41 -47.31 -21.06
CA VAL T 42 7.38 -48.60 -21.73
C VAL T 42 8.69 -49.38 -21.53
N THR T 43 8.60 -50.50 -20.81
CA THR T 43 9.73 -51.40 -20.59
C THR T 43 9.40 -52.81 -21.12
N ASP T 44 10.41 -53.67 -21.18
CA ASP T 44 10.21 -55.07 -21.52
C ASP T 44 9.10 -55.72 -20.68
N GLU T 45 9.07 -55.43 -19.39
CA GLU T 45 8.09 -56.05 -18.50
C GLU T 45 6.68 -55.40 -18.64
N SER T 46 6.60 -54.08 -18.70
CA SER T 46 5.29 -53.45 -18.85
C SER T 46 4.71 -53.74 -20.25
N ALA T 47 5.58 -53.80 -21.26
CA ALA T 47 5.12 -54.15 -22.61
C ALA T 47 4.69 -55.61 -22.70
N ASN T 48 5.47 -56.52 -22.11
CA ASN T 48 5.12 -57.91 -22.24
C ASN T 48 3.83 -58.23 -21.52
N LEU T 49 3.62 -57.54 -20.40
CA LEU T 49 2.37 -57.65 -19.64
C LEU T 49 1.20 -57.23 -20.54
N VAL T 50 1.38 -56.15 -21.28
CA VAL T 50 0.40 -55.72 -22.29
C VAL T 50 0.19 -56.80 -23.38
N VAL T 51 1.28 -57.34 -23.91
CA VAL T 51 1.20 -58.42 -24.91
C VAL T 51 0.38 -59.58 -24.40
N ALA T 52 0.64 -59.98 -23.15
CA ALA T 52 -0.07 -61.09 -22.54
C ALA T 52 -1.54 -60.83 -22.39
N GLN T 53 -1.91 -59.60 -22.01
CA GLN T 53 -3.33 -59.32 -21.80
C GLN T 53 -4.06 -59.33 -23.15
N LEU T 54 -3.44 -58.79 -24.20
CA LEU T 54 -4.04 -58.80 -25.53
C LEU T 54 -4.32 -60.23 -26.01
N LEU T 55 -3.32 -61.10 -25.87
CA LEU T 55 -3.41 -62.50 -26.26
C LEU T 55 -4.50 -63.24 -25.48
N PHE T 56 -4.58 -62.95 -24.18
CA PHE T 56 -5.58 -63.56 -23.31
C PHE T 56 -6.98 -63.13 -23.73
N LEU T 57 -7.13 -61.84 -24.02
CA LEU T 57 -8.41 -61.30 -24.42
C LEU T 57 -8.87 -61.86 -25.77
N GLU T 58 -7.95 -62.04 -26.70
CA GLU T 58 -8.31 -62.63 -27.98
C GLU T 58 -8.84 -64.06 -27.79
N SER T 59 -8.18 -64.85 -26.94
CA SER T 59 -8.59 -66.23 -26.67
C SER T 59 -9.96 -66.35 -25.97
N GLU T 60 -10.30 -65.36 -25.13
CA GLU T 60 -11.62 -65.31 -24.51
C GLU T 60 -12.72 -65.00 -25.53
N ASN T 61 -12.41 -64.08 -26.44
CA ASN T 61 -13.32 -63.72 -27.52
C ASN T 61 -12.56 -63.00 -28.63
N PRO T 62 -12.30 -63.69 -29.74
CA PRO T 62 -11.48 -63.14 -30.82
C PRO T 62 -12.22 -62.11 -31.67
N ASP T 63 -13.49 -61.88 -31.38
CA ASP T 63 -14.30 -61.03 -32.24
C ASP T 63 -14.62 -59.67 -31.60
N LYS T 64 -14.62 -59.62 -30.28
CA LYS T 64 -14.94 -58.36 -29.60
C LYS T 64 -13.70 -57.44 -29.58
N ASP T 65 -13.94 -56.15 -29.78
CA ASP T 65 -12.90 -55.14 -29.71
C ASP T 65 -12.16 -55.18 -28.39
N ILE T 66 -10.90 -54.75 -28.42
CA ILE T 66 -10.11 -54.57 -27.20
C ILE T 66 -9.84 -53.08 -27.01
N PHE T 67 -9.87 -52.63 -25.76
CA PHE T 67 -9.71 -51.21 -25.45
C PHE T 67 -8.42 -50.91 -24.68
N PHE T 68 -7.49 -50.30 -25.42
CA PHE T 68 -6.12 -50.06 -24.99
C PHE T 68 -5.97 -48.61 -24.52
N TYR T 69 -5.88 -48.42 -23.20
CA TYR T 69 -5.74 -47.10 -22.58
C TYR T 69 -4.27 -46.71 -22.38
N ILE T 70 -3.86 -45.60 -22.97
CA ILE T 70 -2.47 -45.20 -22.97
C ILE T 70 -2.20 -43.88 -22.24
N ASN T 71 -1.40 -43.96 -21.18
CA ASN T 71 -0.84 -42.77 -20.55
C ASN T 71 0.65 -42.99 -20.31
N SER T 72 1.45 -42.60 -21.29
CA SER T 72 2.87 -42.97 -21.28
C SER T 72 3.73 -41.91 -21.93
N PRO T 73 4.92 -41.69 -21.36
CA PRO T 73 5.92 -40.80 -21.94
C PRO T 73 6.75 -41.54 -22.97
N GLY T 74 6.49 -42.84 -23.12
CA GLY T 74 7.25 -43.66 -24.04
C GLY T 74 8.23 -44.61 -23.39
N GLY T 75 9.29 -44.95 -24.11
CA GLY T 75 10.26 -45.86 -23.54
C GLY T 75 10.97 -46.67 -24.59
N SER T 76 11.17 -47.95 -24.30
CA SER T 76 11.96 -48.81 -25.18
C SER T 76 11.29 -48.99 -26.54
N VAL T 77 12.04 -48.73 -27.61
CA VAL T 77 11.49 -48.88 -28.94
C VAL T 77 11.15 -50.35 -29.24
N THR T 78 12.06 -51.27 -28.89
CA THR T 78 11.82 -52.68 -29.17
C THR T 78 10.67 -53.28 -28.34
N ALA T 79 10.58 -52.85 -27.08
CA ALA T 79 9.48 -53.27 -26.22
C ALA T 79 8.16 -52.76 -26.81
N GLY T 80 8.16 -51.51 -27.26
CA GLY T 80 6.99 -50.94 -27.91
C GLY T 80 6.57 -51.72 -29.15
N MET T 81 7.56 -52.15 -29.93
CA MET T 81 7.28 -52.89 -31.15
C MET T 81 6.63 -54.23 -30.84
N SER T 82 6.94 -54.83 -29.70
CA SER T 82 6.34 -56.12 -29.39
C SER T 82 4.85 -55.93 -29.16
N ILE T 83 4.48 -54.77 -28.61
CA ILE T 83 3.07 -54.39 -28.40
C ILE T 83 2.38 -54.12 -29.73
N TYR T 84 3.03 -53.29 -30.55
CA TYR T 84 2.58 -52.96 -31.90
C TYR T 84 2.23 -54.20 -32.77
N ASP T 85 3.18 -55.13 -32.88
CA ASP T 85 2.97 -56.28 -33.73
C ASP T 85 1.83 -57.16 -33.20
N THR T 86 1.63 -57.18 -31.89
CA THR T 86 0.52 -57.96 -31.30
C THR T 86 -0.85 -57.35 -31.60
N MET T 87 -0.97 -56.03 -31.48
CA MET T 87 -2.16 -55.32 -31.90
C MET T 87 -2.48 -55.65 -33.36
N ASN T 88 -1.45 -55.66 -34.20
CA ASN T 88 -1.66 -55.90 -35.61
C ASN T 88 -1.98 -57.35 -35.91
N PHE T 89 -1.41 -58.26 -35.12
CA PHE T 89 -1.56 -59.69 -35.39
C PHE T 89 -2.92 -60.27 -35.00
N ILE T 90 -3.34 -59.97 -33.79
CA ILE T 90 -4.51 -60.60 -33.22
C ILE T 90 -5.74 -60.21 -33.98
N LYS T 91 -6.77 -61.04 -33.93
CA LYS T 91 -8.00 -60.77 -34.66
C LYS T 91 -8.83 -59.57 -34.12
N PRO T 92 -9.01 -59.46 -32.78
CA PRO T 92 -9.81 -58.32 -32.31
C PRO T 92 -9.29 -56.96 -32.75
N ASP T 93 -10.18 -56.05 -33.09
CA ASP T 93 -9.82 -54.66 -33.30
C ASP T 93 -9.25 -54.10 -31.99
N VAL T 94 -8.09 -53.46 -32.05
CA VAL T 94 -7.58 -52.85 -30.84
C VAL T 94 -7.79 -51.34 -30.90
N SER T 95 -8.85 -50.88 -30.23
CA SER T 95 -9.09 -49.45 -30.09
C SER T 95 -8.05 -48.86 -29.15
N THR T 96 -7.60 -47.64 -29.43
CA THR T 96 -6.69 -46.97 -28.51
C THR T 96 -7.28 -45.66 -27.95
N LEU T 97 -6.96 -45.38 -26.69
CA LEU T 97 -7.46 -44.17 -26.04
C LEU T 97 -6.33 -43.47 -25.26
N CYS T 98 -6.12 -42.20 -25.53
CA CYS T 98 -5.15 -41.42 -24.78
C CYS T 98 -5.80 -40.63 -23.62
N LEU T 99 -5.37 -40.96 -22.41
CA LEU T 99 -5.68 -40.16 -21.24
C LEU T 99 -4.36 -39.64 -20.70
N GLY T 100 -4.32 -38.35 -20.35
CA GLY T 100 -3.10 -37.75 -19.86
C GLY T 100 -2.14 -37.42 -20.98
N GLN T 101 -1.29 -38.37 -21.34
CA GLN T 101 -0.36 -38.10 -22.43
C GLN T 101 -0.03 -39.37 -23.20
N ALA T 102 0.31 -39.18 -24.46
CA ALA T 102 0.88 -40.23 -25.27
C ALA T 102 2.03 -39.59 -26.05
N ALA T 103 3.25 -39.80 -25.55
CA ALA T 103 4.43 -39.21 -26.13
C ALA T 103 5.39 -40.28 -26.67
N SER T 104 6.09 -39.95 -27.76
CA SER T 104 7.06 -40.85 -28.40
C SER T 104 6.44 -42.21 -28.72
N MET T 105 7.01 -43.28 -28.17
CA MET T 105 6.47 -44.62 -28.40
C MET T 105 5.01 -44.73 -27.91
N GLY T 106 4.65 -43.93 -26.92
CA GLY T 106 3.26 -43.85 -26.49
C GLY T 106 2.34 -43.33 -27.61
N ALA T 107 2.79 -42.30 -28.31
CA ALA T 107 2.04 -41.78 -29.46
C ALA T 107 2.07 -42.76 -30.65
N PHE T 108 3.19 -43.44 -30.86
CA PHE T 108 3.27 -44.43 -31.95
C PHE T 108 2.18 -45.49 -31.75
N LEU T 109 2.08 -46.01 -30.52
CA LEU T 109 1.11 -47.04 -30.20
C LEU T 109 -0.32 -46.47 -30.25
N LEU T 110 -0.48 -45.22 -29.81
CA LEU T 110 -1.78 -44.55 -29.89
C LEU T 110 -2.26 -44.48 -31.34
N SER T 111 -1.38 -44.03 -32.22
CA SER T 111 -1.72 -43.87 -33.64
C SER T 111 -1.93 -45.23 -34.32
N ALA T 112 -1.48 -46.31 -33.67
CA ALA T 112 -1.53 -47.66 -34.25
C ALA T 112 -2.85 -48.37 -34.00
N GLY T 113 -3.76 -47.73 -33.26
CA GLY T 113 -5.04 -48.34 -32.99
C GLY T 113 -5.81 -48.56 -34.28
N GLU T 114 -6.79 -49.46 -34.24
CA GLU T 114 -7.67 -49.71 -35.39
C GLU T 114 -8.23 -48.39 -35.90
N LYS T 115 -8.05 -48.12 -37.18
CA LYS T 115 -8.48 -46.84 -37.76
C LYS T 115 -9.97 -46.62 -37.61
N GLY T 116 -10.34 -45.42 -37.15
CA GLY T 116 -11.73 -45.11 -36.83
C GLY T 116 -11.97 -45.25 -35.34
N LYS T 117 -11.11 -45.98 -34.65
CA LYS T 117 -11.28 -46.28 -33.22
C LYS T 117 -10.11 -45.82 -32.35
N ARG T 118 -9.41 -44.77 -32.78
CA ARG T 118 -8.33 -44.16 -32.01
C ARG T 118 -8.85 -42.90 -31.34
N PHE T 119 -8.80 -42.82 -30.02
CA PHE T 119 -9.44 -41.72 -29.30
C PHE T 119 -8.50 -40.94 -28.37
N ALA T 120 -8.87 -39.70 -28.07
CA ALA T 120 -8.22 -38.94 -27.01
C ALA T 120 -9.25 -38.20 -26.19
N LEU T 121 -8.96 -38.06 -24.89
CA LEU T 121 -9.75 -37.23 -24.00
C LEU T 121 -9.41 -35.77 -24.34
N PRO T 122 -10.32 -34.81 -24.05
CA PRO T 122 -10.10 -33.46 -24.58
C PRO T 122 -8.80 -32.77 -24.16
N ASN T 123 -8.26 -33.04 -22.97
CA ASN T 123 -7.06 -32.31 -22.55
C ASN T 123 -5.80 -33.16 -22.58
N SER T 124 -5.88 -34.29 -23.27
CA SER T 124 -4.72 -35.16 -23.46
C SER T 124 -3.67 -34.50 -24.31
N ARG T 125 -2.41 -34.86 -24.07
CA ARG T 125 -1.32 -34.33 -24.85
C ARG T 125 -0.57 -35.44 -25.59
N ILE T 126 -0.29 -35.18 -26.87
CA ILE T 126 0.46 -36.07 -27.72
C ILE T 126 1.79 -35.45 -28.12
N MET T 127 2.87 -36.24 -28.16
CA MET T 127 4.15 -35.72 -28.63
C MET T 127 4.89 -36.76 -29.48
N ILE T 128 5.40 -36.33 -30.63
CA ILE T 128 6.16 -37.20 -31.53
C ILE T 128 7.50 -36.55 -31.86
N HIS T 129 8.52 -37.38 -32.06
CA HIS T 129 9.84 -36.91 -32.46
C HIS T 129 10.64 -38.06 -33.04
N GLN T 130 11.85 -37.77 -33.49
CA GLN T 130 12.76 -38.80 -34.00
C GLN T 130 13.45 -39.58 -32.85
N PRO T 131 14.03 -40.76 -33.15
CA PRO T 131 14.62 -41.58 -32.08
C PRO T 131 15.69 -40.87 -31.29
N LEU T 132 15.73 -41.15 -30.00
CA LEU T 132 16.69 -40.58 -29.08
C LEU T 132 17.50 -41.73 -28.52
N ILE T 133 18.76 -41.52 -28.18
CA ILE T 133 19.38 -42.53 -27.35
C ILE T 133 19.91 -41.86 -26.10
N SER T 134 19.75 -42.57 -25.00
CA SER T 134 20.27 -42.16 -23.71
C SER T 134 21.44 -43.05 -23.37
N GLY T 135 22.41 -42.48 -22.67
CA GLY T 135 23.63 -43.19 -22.40
C GLY T 135 24.58 -42.70 -23.48
N GLY T 136 25.35 -43.61 -24.05
CA GLY T 136 26.27 -43.18 -25.08
C GLY T 136 26.66 -44.21 -26.10
N LEU T 137 27.17 -43.72 -27.21
CA LEU T 137 27.81 -44.58 -28.18
C LEU T 137 29.29 -44.39 -27.88
N GLY T 138 29.91 -45.46 -27.39
CA GLY T 138 31.31 -45.44 -27.07
C GLY T 138 31.98 -46.67 -27.64
N GLY T 139 33.26 -46.52 -27.94
CA GLY T 139 33.99 -47.58 -28.60
C GLY T 139 34.60 -47.08 -29.89
N GLN T 140 34.88 -48.04 -30.77
CA GLN T 140 35.58 -47.79 -32.01
C GLN T 140 34.66 -47.16 -33.05
N ALA T 141 35.23 -46.30 -33.90
CA ALA T 141 34.48 -45.66 -34.98
C ALA T 141 33.67 -46.70 -35.76
N SER T 142 34.23 -47.89 -35.92
CA SER T 142 33.51 -49.00 -36.53
C SER T 142 32.22 -49.31 -35.79
N ASP T 143 32.27 -49.34 -34.46
CA ASP T 143 31.10 -49.69 -33.67
C ASP T 143 30.07 -48.56 -33.68
N ILE T 144 30.57 -47.32 -33.65
CA ILE T 144 29.73 -46.15 -33.65
C ILE T 144 29.00 -46.01 -34.99
N GLU T 145 29.70 -46.30 -36.09
CA GLU T 145 29.05 -46.30 -37.38
C GLU T 145 27.89 -47.29 -37.41
N ILE T 146 28.17 -48.48 -36.89
CA ILE T 146 27.21 -49.57 -36.88
C ILE T 146 25.94 -49.17 -36.15
N HIS T 147 26.09 -48.54 -34.97
CA HIS T 147 24.93 -48.16 -34.18
C HIS T 147 24.21 -46.92 -34.72
N ALA T 148 24.97 -46.00 -35.30
CA ALA T 148 24.40 -44.86 -36.01
C ALA T 148 23.55 -45.32 -37.19
N ARG T 149 24.05 -46.27 -37.97
CA ARG T 149 23.29 -46.77 -39.11
C ARG T 149 21.99 -47.43 -38.65
N GLU T 150 22.10 -48.15 -37.54
CA GLU T 150 20.98 -48.84 -36.95
C GLU T 150 19.93 -47.85 -36.44
N LEU T 151 20.39 -46.76 -35.83
CA LEU T 151 19.47 -45.75 -35.33
C LEU T 151 18.70 -45.09 -36.47
N LEU T 152 19.38 -44.87 -37.60
CA LEU T 152 18.74 -44.29 -38.79
C LEU T 152 17.72 -45.21 -39.44
N LYS T 153 17.95 -46.52 -39.40
CA LYS T 153 16.93 -47.44 -39.90
C LYS T 153 15.67 -47.33 -39.03
N ILE T 154 15.86 -47.21 -37.73
CA ILE T 154 14.72 -47.06 -36.81
C ILE T 154 13.96 -45.76 -37.08
N LYS T 155 14.70 -44.65 -37.22
CA LYS T 155 14.12 -43.36 -37.56
C LYS T 155 13.35 -43.42 -38.87
N GLU T 156 13.97 -44.01 -39.88
CA GLU T 156 13.40 -44.14 -41.21
C GLU T 156 12.14 -45.01 -41.16
N LYS T 157 12.25 -46.14 -40.47
CA LYS T 157 11.13 -47.08 -40.34
C LYS T 157 9.93 -46.46 -39.62
N LEU T 158 10.22 -45.77 -38.52
CA LEU T 158 9.19 -45.19 -37.66
C LEU T 158 8.46 -44.10 -38.40
N ASN T 159 9.20 -43.31 -39.17
CA ASN T 159 8.58 -42.29 -40.00
C ASN T 159 7.61 -42.90 -41.03
N ARG T 160 8.02 -43.99 -41.69
CA ARG T 160 7.17 -44.63 -42.70
C ARG T 160 5.89 -45.17 -42.12
N LEU T 161 5.99 -45.86 -40.99
CA LEU T 161 4.83 -46.47 -40.37
C LEU T 161 3.89 -45.40 -39.84
N MET T 162 4.46 -44.33 -39.27
CA MET T 162 3.68 -43.22 -38.72
C MET T 162 2.91 -42.53 -39.85
N ALA T 163 3.58 -42.38 -41.00
CA ALA T 163 2.99 -41.79 -42.20
C ALA T 163 1.78 -42.61 -42.63
N LYS T 164 1.93 -43.93 -42.55
CA LYS T 164 0.84 -44.83 -42.89
C LYS T 164 -0.28 -44.74 -41.84
N HIS T 165 0.09 -44.66 -40.55
CA HIS T 165 -0.90 -44.51 -39.46
C HIS T 165 -1.71 -43.21 -39.58
N CYS T 166 -1.04 -42.12 -39.95
CA CYS T 166 -1.64 -40.80 -40.01
C CYS T 166 -2.22 -40.46 -41.39
N ASP T 167 -2.04 -41.39 -42.33
CA ASP T 167 -2.41 -41.25 -43.74
C ASP T 167 -1.83 -39.97 -44.33
N ARG T 168 -0.52 -39.83 -44.19
CA ARG T 168 0.19 -38.65 -44.68
C ARG T 168 1.45 -39.04 -45.47
N ASP T 169 2.07 -38.06 -46.10
CA ASP T 169 3.29 -38.33 -46.87
C ASP T 169 4.47 -38.49 -45.93
N LEU T 170 5.36 -39.42 -46.28
CA LEU T 170 6.62 -39.59 -45.58
C LEU T 170 7.34 -38.26 -45.29
N ALA T 171 7.36 -37.35 -46.27
CA ALA T 171 8.05 -36.06 -46.12
C ALA T 171 7.40 -35.24 -45.03
N ASP T 172 6.09 -35.43 -44.81
CA ASP T 172 5.42 -34.74 -43.72
C ASP T 172 5.96 -35.20 -42.36
N LEU T 173 6.01 -36.52 -42.17
CA LEU T 173 6.46 -37.11 -40.92
C LEU T 173 7.93 -36.79 -40.65
N GLU T 174 8.75 -36.83 -41.68
CA GLU T 174 10.17 -36.48 -41.55
C GLU T 174 10.31 -35.04 -41.05
N ARG T 175 9.54 -34.14 -41.65
CA ARG T 175 9.56 -32.73 -41.25
C ARG T 175 9.05 -32.53 -39.83
N ASP T 176 7.98 -33.22 -39.47
CA ASP T 176 7.27 -32.95 -38.23
C ASP T 176 7.82 -33.71 -37.01
N THR T 177 8.80 -34.58 -37.22
CA THR T 177 9.41 -35.28 -36.09
C THR T 177 10.87 -34.90 -35.88
N ASP T 178 11.35 -33.94 -36.66
CA ASP T 178 12.74 -33.54 -36.56
C ASP T 178 13.09 -33.07 -35.14
N ARG T 179 12.17 -32.36 -34.51
CA ARG T 179 12.29 -31.99 -33.11
C ARG T 179 10.99 -32.31 -32.40
N ASP T 180 10.96 -32.17 -31.06
CA ASP T 180 9.76 -32.47 -30.28
C ASP T 180 8.55 -31.73 -30.83
N ASN T 181 7.51 -32.47 -31.13
CA ASN T 181 6.29 -31.91 -31.70
C ASN T 181 5.10 -32.24 -30.81
N PHE T 182 4.70 -31.26 -29.99
CA PHE T 182 3.57 -31.40 -29.08
C PHE T 182 2.27 -31.08 -29.78
N MET T 183 1.28 -31.91 -29.57
CA MET T 183 -0.01 -31.65 -30.17
C MET T 183 -1.12 -31.71 -29.15
N SER T 184 -2.04 -30.75 -29.23
CA SER T 184 -3.31 -30.85 -28.53
C SER T 184 -4.08 -32.02 -29.11
N ALA T 185 -5.16 -32.43 -28.46
CA ALA T 185 -6.00 -33.51 -28.99
C ALA T 185 -6.52 -33.19 -30.38
N GLU T 186 -6.94 -31.94 -30.58
CA GLU T 186 -7.47 -31.49 -31.86
C GLU T 186 -6.42 -31.54 -32.95
N GLU T 187 -5.21 -31.09 -32.62
CA GLU T 187 -4.16 -31.11 -33.62
C GLU T 187 -3.81 -32.53 -33.99
N ALA T 188 -3.91 -33.45 -33.02
CA ALA T 188 -3.63 -34.84 -33.31
C ALA T 188 -4.71 -35.41 -34.24
N LYS T 189 -5.97 -35.04 -34.04
CA LYS T 189 -7.03 -35.48 -34.96
C LYS T 189 -6.83 -34.87 -36.34
N GLU T 190 -6.52 -33.58 -36.37
CA GLU T 190 -6.27 -32.87 -37.61
C GLU T 190 -5.11 -33.51 -38.37
N TYR T 191 -4.11 -34.04 -37.63
CA TYR T 191 -2.93 -34.63 -38.22
C TYR T 191 -3.20 -35.99 -38.84
N GLY T 192 -4.16 -36.71 -38.29
CA GLY T 192 -4.48 -38.05 -38.72
C GLY T 192 -4.01 -39.09 -37.72
N LEU T 193 -3.55 -38.63 -36.57
CA LEU T 193 -3.00 -39.50 -35.53
C LEU T 193 -4.08 -40.22 -34.69
N ILE T 194 -5.19 -39.52 -34.45
CA ILE T 194 -6.37 -40.09 -33.79
C ILE T 194 -7.59 -39.80 -34.65
N ASP T 195 -8.73 -40.42 -34.35
CA ASP T 195 -9.94 -40.22 -35.13
C ASP T 195 -10.95 -39.31 -34.44
N GLN T 196 -11.15 -39.50 -33.14
CA GLN T 196 -12.18 -38.76 -32.40
C GLN T 196 -11.71 -38.28 -31.03
N ILE T 197 -12.28 -37.16 -30.61
CA ILE T 197 -12.10 -36.59 -29.28
C ILE T 197 -13.39 -36.74 -28.47
N LEU T 198 -13.30 -37.24 -27.24
CA LEU T 198 -14.49 -37.50 -26.41
C LEU T 198 -15.02 -36.31 -25.58
N LEU U 9 2.68 -55.51 -10.44
CA LEU U 9 1.40 -56.21 -10.24
C LEU U 9 0.98 -56.96 -11.51
N VAL U 10 0.77 -58.26 -11.37
CA VAL U 10 0.28 -59.08 -12.47
C VAL U 10 -1.24 -59.28 -12.33
N PRO U 11 -1.99 -58.95 -13.40
CA PRO U 11 -3.45 -59.15 -13.40
C PRO U 11 -3.81 -60.61 -13.14
N THR U 12 -4.96 -60.82 -12.51
CA THR U 12 -5.50 -62.15 -12.29
C THR U 12 -6.61 -62.40 -13.30
N VAL U 13 -6.59 -63.59 -13.90
CA VAL U 13 -7.59 -63.98 -14.88
C VAL U 13 -8.21 -65.29 -14.43
N ILE U 14 -9.39 -65.61 -14.96
CA ILE U 14 -10.11 -66.81 -14.51
C ILE U 14 -10.19 -67.93 -15.54
N GLU U 15 -9.34 -68.93 -15.35
CA GLU U 15 -9.42 -70.18 -16.11
C GLU U 15 -10.63 -70.97 -15.69
N GLN U 16 -11.27 -71.65 -16.63
CA GLN U 16 -12.33 -72.57 -16.29
C GLN U 16 -11.87 -74.00 -16.57
N SER U 17 -11.66 -74.77 -15.50
CA SER U 17 -11.08 -76.12 -15.62
C SER U 17 -12.06 -77.11 -16.22
N GLY U 18 -12.33 -78.20 -15.51
CA GLY U 18 -13.35 -79.14 -15.91
C GLY U 18 -14.69 -78.67 -15.38
N ARG U 19 -14.68 -78.23 -14.12
CA ARG U 19 -15.87 -77.66 -13.48
C ARG U 19 -15.48 -76.64 -12.40
N GLY U 20 -14.35 -75.96 -12.59
CA GLY U 20 -13.82 -75.11 -11.53
C GLY U 20 -13.05 -73.87 -11.97
N GLU U 21 -13.68 -72.71 -11.79
CA GLU U 21 -13.11 -71.43 -12.19
C GLU U 21 -11.90 -71.01 -11.35
N ARG U 22 -10.75 -71.61 -11.66
CA ARG U 22 -9.47 -71.30 -11.01
C ARG U 22 -8.96 -69.91 -11.37
N ALA U 23 -8.59 -69.14 -10.35
CA ALA U 23 -7.90 -67.88 -10.56
C ALA U 23 -6.42 -68.12 -10.78
N PHE U 24 -5.86 -67.40 -11.76
CA PHE U 24 -4.44 -67.50 -12.10
C PHE U 24 -3.88 -66.12 -12.44
N ASP U 25 -2.61 -65.90 -12.11
CA ASP U 25 -1.89 -64.76 -12.67
C ASP U 25 -1.78 -65.03 -14.17
N ILE U 26 -1.74 -63.99 -14.98
CA ILE U 26 -1.90 -64.14 -16.42
C ILE U 26 -0.78 -64.99 -17.07
N TYR U 27 0.41 -65.01 -16.49
CA TYR U 27 1.50 -65.81 -17.08
C TYR U 27 1.33 -67.31 -16.85
N SER U 28 0.81 -67.70 -15.67
CA SER U 28 0.48 -69.09 -15.40
C SER U 28 -0.64 -69.57 -16.34
N ARG U 29 -1.54 -68.65 -16.67
CA ARG U 29 -2.61 -68.94 -17.61
C ARG U 29 -2.02 -69.26 -18.97
N LEU U 30 -1.04 -68.47 -19.42
CA LEU U 30 -0.39 -68.77 -20.69
C LEU U 30 0.51 -70.03 -20.62
N LEU U 31 1.05 -70.35 -19.45
CA LEU U 31 1.81 -71.59 -19.32
C LEU U 31 0.92 -72.82 -19.60
N LYS U 32 -0.35 -72.72 -19.21
CA LYS U 32 -1.37 -73.75 -19.45
C LYS U 32 -1.51 -74.07 -20.95
N GLU U 33 -1.20 -73.09 -21.79
CA GLU U 33 -1.23 -73.31 -23.22
C GLU U 33 0.18 -73.65 -23.73
N ARG U 34 1.06 -74.03 -22.82
CA ARG U 34 2.44 -74.42 -23.15
C ARG U 34 3.23 -73.22 -23.71
N ILE U 35 2.88 -72.01 -23.27
CA ILE U 35 3.66 -70.82 -23.62
C ILE U 35 4.60 -70.47 -22.48
N VAL U 36 5.88 -70.33 -22.81
CA VAL U 36 6.89 -69.97 -21.84
C VAL U 36 7.58 -68.69 -22.31
N PHE U 37 7.78 -67.74 -21.40
CA PHE U 37 8.41 -66.46 -21.75
C PHE U 37 9.87 -66.37 -21.29
N LEU U 38 10.72 -65.82 -22.15
CA LEU U 38 12.02 -65.33 -21.71
C LEU U 38 12.07 -63.85 -22.06
N VAL U 39 11.87 -63.02 -21.03
CA VAL U 39 11.78 -61.57 -21.15
C VAL U 39 12.82 -60.89 -20.27
N GLY U 40 13.60 -59.96 -20.85
CA GLY U 40 14.63 -59.26 -20.10
C GLY U 40 15.95 -60.04 -20.03
N PRO U 41 16.89 -59.56 -19.19
CA PRO U 41 18.22 -60.18 -19.13
C PRO U 41 18.19 -61.66 -18.74
N VAL U 42 19.04 -62.43 -19.39
CA VAL U 42 19.20 -63.83 -19.04
C VAL U 42 20.10 -63.97 -17.82
N THR U 43 19.52 -64.40 -16.69
CA THR U 43 20.29 -64.67 -15.47
C THR U 43 20.12 -66.13 -15.07
N ASP U 44 20.94 -66.60 -14.12
CA ASP U 44 20.81 -67.97 -13.61
C ASP U 44 19.38 -68.23 -13.15
N GLU U 45 18.82 -67.22 -12.51
CA GLU U 45 17.47 -67.31 -11.97
C GLU U 45 16.39 -67.25 -13.06
N SER U 46 16.54 -66.34 -14.02
CA SER U 46 15.54 -66.24 -15.08
C SER U 46 15.62 -67.47 -15.98
N ALA U 47 16.83 -67.98 -16.21
CA ALA U 47 17.03 -69.18 -17.04
C ALA U 47 16.53 -70.46 -16.39
N ASN U 48 16.82 -70.62 -15.11
CA ASN U 48 16.43 -71.85 -14.42
C ASN U 48 14.91 -71.97 -14.34
N LEU U 49 14.23 -70.84 -14.25
CA LEU U 49 12.77 -70.80 -14.29
C LEU U 49 12.24 -71.32 -15.62
N VAL U 50 12.88 -70.93 -16.72
CA VAL U 50 12.53 -71.46 -18.04
C VAL U 50 12.77 -72.98 -18.07
N VAL U 51 13.91 -73.42 -17.56
CA VAL U 51 14.24 -74.84 -17.54
C VAL U 51 13.14 -75.63 -16.80
N ALA U 52 12.70 -75.10 -15.66
CA ALA U 52 11.68 -75.74 -14.85
C ALA U 52 10.35 -75.85 -15.59
N GLN U 53 9.98 -74.80 -16.30
CA GLN U 53 8.74 -74.77 -17.06
C GLN U 53 8.78 -75.72 -18.26
N LEU U 54 9.91 -75.79 -18.96
CA LEU U 54 10.05 -76.70 -20.09
C LEU U 54 9.88 -78.16 -19.63
N LEU U 55 10.56 -78.50 -18.54
CA LEU U 55 10.46 -79.84 -17.93
C LEU U 55 9.05 -80.12 -17.45
N PHE U 56 8.42 -79.14 -16.83
CA PHE U 56 7.06 -79.33 -16.35
C PHE U 56 6.11 -79.61 -17.50
N LEU U 57 6.29 -78.90 -18.60
CA LEU U 57 5.40 -79.06 -19.76
C LEU U 57 5.54 -80.42 -20.41
N GLU U 58 6.78 -80.88 -20.49
CA GLU U 58 7.07 -82.18 -21.07
C GLU U 58 6.41 -83.26 -20.24
N SER U 59 6.47 -83.13 -18.93
CA SER U 59 5.85 -84.11 -18.05
C SER U 59 4.33 -84.04 -18.24
N GLU U 60 3.80 -82.85 -18.50
CA GLU U 60 2.37 -82.69 -18.76
C GLU U 60 1.98 -83.37 -20.08
N ASN U 61 2.84 -83.26 -21.09
CA ASN U 61 2.60 -83.88 -22.40
C ASN U 61 3.90 -83.90 -23.18
N PRO U 62 4.52 -85.08 -23.32
CA PRO U 62 5.84 -85.15 -23.96
C PRO U 62 5.78 -85.00 -25.48
N ASP U 63 4.58 -84.93 -26.04
CA ASP U 63 4.46 -84.91 -27.49
C ASP U 63 4.01 -83.57 -28.08
N LYS U 64 3.35 -82.74 -27.28
CA LYS U 64 2.89 -81.45 -27.80
C LYS U 64 4.02 -80.44 -27.88
N ASP U 65 4.00 -79.63 -28.93
CA ASP U 65 4.93 -78.52 -29.08
C ASP U 65 4.92 -77.61 -27.85
N ILE U 66 6.05 -76.97 -27.62
CA ILE U 66 6.18 -75.91 -26.64
C ILE U 66 6.46 -74.60 -27.34
N PHE U 67 5.85 -73.53 -26.86
CA PHE U 67 5.99 -72.24 -27.50
C PHE U 67 6.79 -71.27 -26.62
N PHE U 68 8.02 -71.03 -27.05
CA PHE U 68 9.02 -70.26 -26.30
C PHE U 68 9.07 -68.84 -26.86
N TYR U 69 8.52 -67.88 -26.10
CA TYR U 69 8.50 -66.48 -26.47
C TYR U 69 9.68 -65.73 -25.86
N ILE U 70 10.46 -65.12 -26.74
CA ILE U 70 11.71 -64.47 -26.36
C ILE U 70 11.71 -62.97 -26.64
N ASN U 71 11.86 -62.17 -25.60
CA ASN U 71 12.13 -60.75 -25.72
C ASN U 71 13.24 -60.39 -24.77
N SER U 72 14.47 -60.48 -25.26
CA SER U 72 15.62 -60.43 -24.40
C SER U 72 16.83 -59.76 -25.04
N PRO U 73 17.56 -59.00 -24.24
CA PRO U 73 18.82 -58.40 -24.67
C PRO U 73 19.98 -59.39 -24.51
N GLY U 74 19.70 -60.59 -24.00
CA GLY U 74 20.76 -61.57 -23.77
C GLY U 74 21.12 -61.68 -22.29
N GLY U 75 22.35 -62.07 -22.00
CA GLY U 75 22.79 -62.20 -20.63
C GLY U 75 23.83 -63.27 -20.45
N SER U 76 23.74 -64.01 -19.35
CA SER U 76 24.75 -65.01 -18.99
C SER U 76 24.81 -66.15 -20.01
N VAL U 77 26.01 -66.46 -20.50
CA VAL U 77 26.15 -67.54 -21.47
C VAL U 77 25.84 -68.91 -20.86
N THR U 78 26.38 -69.19 -19.67
CA THR U 78 26.14 -70.49 -19.04
C THR U 78 24.66 -70.62 -18.68
N ALA U 79 24.02 -69.54 -18.23
CA ALA U 79 22.58 -69.59 -17.96
C ALA U 79 21.80 -69.89 -19.24
N GLY U 80 22.19 -69.24 -20.32
CA GLY U 80 21.60 -69.49 -21.63
C GLY U 80 21.77 -70.94 -22.07
N MET U 81 22.97 -71.49 -21.85
CA MET U 81 23.28 -72.87 -22.24
C MET U 81 22.43 -73.90 -21.53
N SER U 82 22.01 -73.59 -20.28
CA SER U 82 21.17 -74.50 -19.51
C SER U 82 19.80 -74.58 -20.17
N ILE U 83 19.33 -73.46 -20.73
CA ILE U 83 18.08 -73.44 -21.47
C ILE U 83 18.23 -74.23 -22.77
N TYR U 84 19.30 -73.91 -23.51
CA TYR U 84 19.62 -74.56 -24.79
C TYR U 84 19.66 -76.08 -24.68
N ASP U 85 20.40 -76.59 -23.69
CA ASP U 85 20.54 -78.02 -23.56
C ASP U 85 19.19 -78.67 -23.20
N THR U 86 18.37 -77.97 -22.42
CA THR U 86 17.05 -78.48 -22.07
C THR U 86 16.13 -78.50 -23.28
N MET U 87 16.17 -77.44 -24.07
CA MET U 87 15.38 -77.42 -25.29
C MET U 87 15.71 -78.66 -26.15
N ASN U 88 17.00 -78.95 -26.28
CA ASN U 88 17.43 -80.03 -27.13
C ASN U 88 17.14 -81.41 -26.52
N PHE U 89 17.19 -81.51 -25.20
CA PHE U 89 17.04 -82.79 -24.54
C PHE U 89 15.59 -83.29 -24.55
N ILE U 90 14.63 -82.43 -24.21
CA ILE U 90 13.25 -82.88 -24.02
C ILE U 90 12.62 -83.32 -25.33
N LYS U 91 11.61 -84.18 -25.23
CA LYS U 91 10.93 -84.72 -26.41
C LYS U 91 10.07 -83.68 -27.17
N PRO U 92 9.31 -82.83 -26.45
CA PRO U 92 8.51 -81.88 -27.23
C PRO U 92 9.35 -80.99 -28.12
N ASP U 93 8.86 -80.68 -29.32
CA ASP U 93 9.42 -79.65 -30.17
C ASP U 93 9.33 -78.30 -29.44
N VAL U 94 10.44 -77.57 -29.37
CA VAL U 94 10.41 -76.24 -28.79
C VAL U 94 10.42 -75.21 -29.89
N SER U 95 9.23 -74.71 -30.18
CA SER U 95 9.06 -73.62 -31.11
C SER U 95 9.60 -72.35 -30.47
N THR U 96 10.25 -71.48 -31.24
CA THR U 96 10.68 -70.18 -30.73
C THR U 96 10.02 -69.03 -31.48
N LEU U 97 9.69 -67.98 -30.76
CA LEU U 97 9.10 -66.80 -31.37
C LEU U 97 9.73 -65.56 -30.75
N CYS U 98 10.22 -64.67 -31.61
CA CYS U 98 10.76 -63.41 -31.14
C CYS U 98 9.79 -62.26 -31.24
N LEU U 99 9.44 -61.70 -30.09
CA LEU U 99 8.70 -60.44 -30.06
C LEU U 99 9.58 -59.39 -29.42
N GLY U 100 9.62 -58.22 -30.04
CA GLY U 100 10.49 -57.15 -29.58
C GLY U 100 11.92 -57.31 -30.07
N GLN U 101 12.77 -58.00 -29.31
CA GLN U 101 14.14 -58.21 -29.73
C GLN U 101 14.68 -59.52 -29.18
N ALA U 102 15.68 -60.05 -29.89
CA ALA U 102 16.46 -61.17 -29.38
C ALA U 102 17.91 -60.86 -29.71
N ALA U 103 18.67 -60.44 -28.70
CA ALA U 103 20.05 -60.05 -28.91
C ALA U 103 20.95 -61.00 -28.16
N SER U 104 22.12 -61.26 -28.75
CA SER U 104 23.13 -62.13 -28.16
C SER U 104 22.56 -63.51 -27.81
N MET U 105 22.63 -63.88 -26.54
CA MET U 105 22.11 -65.15 -26.09
C MET U 105 20.60 -65.29 -26.39
N GLY U 106 19.91 -64.17 -26.47
CA GLY U 106 18.53 -64.17 -26.92
C GLY U 106 18.38 -64.62 -28.37
N ALA U 107 19.27 -64.14 -29.23
CA ALA U 107 19.24 -64.55 -30.63
C ALA U 107 19.67 -66.01 -30.72
N PHE U 108 20.61 -66.40 -29.88
CA PHE U 108 21.10 -67.77 -29.84
C PHE U 108 19.94 -68.69 -29.54
N LEU U 109 19.17 -68.35 -28.49
CA LEU U 109 18.07 -69.21 -28.07
C LEU U 109 16.94 -69.23 -29.09
N LEU U 110 16.67 -68.09 -29.69
CA LEU U 110 15.71 -68.01 -30.77
C LEU U 110 16.09 -68.94 -31.91
N SER U 111 17.37 -68.91 -32.30
CA SER U 111 17.84 -69.72 -33.41
C SER U 111 17.87 -71.20 -33.09
N ALA U 112 17.78 -71.51 -31.80
CA ALA U 112 17.91 -72.88 -31.32
C ALA U 112 16.58 -73.62 -31.37
N GLY U 113 15.53 -72.89 -31.69
CA GLY U 113 14.21 -73.51 -31.76
C GLY U 113 14.20 -74.57 -32.83
N GLU U 114 13.26 -75.50 -32.71
CA GLU U 114 13.06 -76.57 -33.68
C GLU U 114 12.93 -76.02 -35.08
N LYS U 115 13.79 -76.51 -35.97
CA LYS U 115 13.80 -76.02 -37.34
C LYS U 115 12.45 -76.21 -37.98
N GLY U 116 11.96 -75.14 -38.61
CA GLY U 116 10.61 -75.09 -39.13
C GLY U 116 9.61 -74.35 -38.25
N LYS U 117 9.93 -74.22 -36.96
CA LYS U 117 9.03 -73.61 -35.97
C LYS U 117 9.69 -72.43 -35.22
N ARG U 118 10.60 -71.74 -35.90
CA ARG U 118 11.23 -70.52 -35.37
C ARG U 118 10.63 -69.29 -36.04
N PHE U 119 10.04 -68.40 -35.23
CA PHE U 119 9.27 -67.27 -35.73
C PHE U 119 9.71 -65.91 -35.23
N ALA U 120 9.35 -64.88 -35.98
CA ALA U 120 9.46 -63.51 -35.53
C ALA U 120 8.25 -62.69 -35.95
N LEU U 121 7.92 -61.71 -35.13
CA LEU U 121 6.91 -60.74 -35.47
C LEU U 121 7.55 -59.77 -36.44
N PRO U 122 6.74 -59.12 -37.29
CA PRO U 122 7.36 -58.39 -38.41
C PRO U 122 8.36 -57.32 -38.01
N ASN U 123 8.21 -56.74 -36.83
CA ASN U 123 9.11 -55.67 -36.46
C ASN U 123 10.11 -56.05 -35.38
N SER U 124 10.33 -57.35 -35.20
CA SER U 124 11.33 -57.84 -34.26
C SER U 124 12.71 -57.42 -34.71
N ARG U 125 13.58 -57.28 -33.73
CA ARG U 125 14.96 -56.98 -33.99
C ARG U 125 15.78 -58.16 -33.50
N ILE U 126 16.68 -58.63 -34.36
CA ILE U 126 17.61 -59.66 -33.96
C ILE U 126 19.03 -59.08 -34.03
N MET U 127 19.85 -59.39 -33.03
CA MET U 127 21.24 -58.95 -33.07
C MET U 127 22.16 -60.07 -32.57
N ILE U 128 23.23 -60.30 -33.31
CA ILE U 128 24.24 -61.28 -32.90
C ILE U 128 25.63 -60.62 -32.89
N HIS U 129 26.50 -61.07 -31.97
CA HIS U 129 27.87 -60.57 -31.93
C HIS U 129 28.78 -61.54 -31.21
N GLN U 130 30.09 -61.26 -31.19
CA GLN U 130 31.01 -62.15 -30.48
C GLN U 130 30.95 -61.94 -28.98
N PRO U 131 31.44 -62.93 -28.20
CA PRO U 131 31.36 -62.71 -26.75
C PRO U 131 32.09 -61.43 -26.28
N LEU U 132 31.48 -60.79 -25.29
CA LEU U 132 32.08 -59.62 -24.66
C LEU U 132 32.21 -59.97 -23.19
N ILE U 133 33.18 -59.40 -22.50
CA ILE U 133 33.13 -59.55 -21.07
C ILE U 133 33.12 -58.20 -20.36
N SER U 134 32.35 -58.16 -19.29
CA SER U 134 32.26 -57.00 -18.43
C SER U 134 32.94 -57.25 -17.09
N GLY U 135 33.46 -56.19 -16.50
CA GLY U 135 34.22 -56.30 -15.26
C GLY U 135 35.70 -56.29 -15.54
N GLY U 136 36.16 -57.16 -16.43
CA GLY U 136 37.57 -57.20 -16.73
C GLY U 136 38.27 -58.34 -15.99
N LEU U 137 39.50 -58.63 -16.39
CA LEU U 137 40.32 -59.60 -15.65
C LEU U 137 41.35 -59.04 -14.68
N GLY U 138 42.03 -59.99 -14.04
CA GLY U 138 43.14 -59.75 -13.14
C GLY U 138 43.45 -61.07 -12.46
N GLY U 139 44.72 -61.28 -12.15
CA GLY U 139 45.72 -60.27 -12.44
C GLY U 139 46.96 -60.83 -13.10
N GLN U 140 47.36 -62.04 -12.74
CA GLN U 140 48.61 -62.58 -13.26
C GLN U 140 48.48 -62.99 -14.73
N ALA U 141 49.57 -62.80 -15.48
CA ALA U 141 49.58 -63.14 -16.90
C ALA U 141 49.09 -64.56 -17.12
N SER U 142 49.53 -65.50 -16.29
CA SER U 142 49.10 -66.91 -16.40
C SER U 142 47.58 -67.08 -16.32
N ASP U 143 46.96 -66.35 -15.40
CA ASP U 143 45.52 -66.46 -15.17
C ASP U 143 44.76 -65.82 -16.33
N ILE U 144 45.30 -64.70 -16.83
CA ILE U 144 44.70 -64.01 -17.97
C ILE U 144 44.77 -64.88 -19.24
N GLU U 145 45.90 -65.55 -19.44
CA GLU U 145 46.06 -66.49 -20.54
C GLU U 145 44.99 -67.58 -20.49
N ILE U 146 44.83 -68.17 -19.31
CA ILE U 146 43.86 -69.23 -19.11
C ILE U 146 42.45 -68.74 -19.45
N HIS U 147 42.11 -67.53 -19.02
CA HIS U 147 40.77 -67.01 -19.28
C HIS U 147 40.53 -66.50 -20.69
N ALA U 148 41.54 -65.90 -21.29
CA ALA U 148 41.44 -65.48 -22.68
C ALA U 148 41.22 -66.69 -23.57
N ARG U 149 42.00 -67.72 -23.29
CA ARG U 149 41.96 -68.98 -24.02
C ARG U 149 40.57 -69.58 -23.91
N GLU U 150 40.02 -69.49 -22.70
CA GLU U 150 38.70 -70.01 -22.44
C GLU U 150 37.64 -69.19 -23.17
N LEU U 151 37.85 -67.88 -23.21
CA LEU U 151 36.90 -67.00 -23.89
C LEU U 151 36.89 -67.33 -25.39
N LEU U 152 38.05 -67.67 -25.93
CA LEU U 152 38.17 -68.03 -27.35
C LEU U 152 37.51 -69.35 -27.71
N LYS U 153 37.55 -70.33 -26.80
CA LYS U 153 36.84 -71.59 -26.99
C LYS U 153 35.33 -71.38 -26.99
N ILE U 154 34.87 -70.52 -26.10
CA ILE U 154 33.46 -70.14 -26.02
C ILE U 154 33.01 -69.43 -27.28
N LYS U 155 33.84 -68.50 -27.75
CA LYS U 155 33.54 -67.78 -28.99
C LYS U 155 33.34 -68.73 -30.15
N GLU U 156 34.28 -69.67 -30.27
CA GLU U 156 34.26 -70.69 -31.32
C GLU U 156 33.10 -71.69 -31.17
N LYS U 157 32.86 -72.16 -29.96
CA LYS U 157 31.76 -73.11 -29.74
C LYS U 157 30.43 -72.42 -30.11
N LEU U 158 30.29 -71.16 -29.71
CA LEU U 158 29.05 -70.40 -29.96
C LEU U 158 28.85 -70.18 -31.44
N ASN U 159 29.94 -69.86 -32.12
CA ASN U 159 29.93 -69.72 -33.57
C ASN U 159 29.56 -71.02 -34.29
N ARG U 160 30.11 -72.14 -33.80
CA ARG U 160 29.86 -73.46 -34.38
C ARG U 160 28.40 -73.85 -34.26
N LEU U 161 27.84 -73.64 -33.07
CA LEU U 161 26.47 -74.05 -32.82
C LEU U 161 25.52 -73.17 -33.62
N MET U 162 25.86 -71.89 -33.69
CA MET U 162 25.11 -70.90 -34.43
C MET U 162 25.13 -71.20 -35.94
N ALA U 163 26.28 -71.64 -36.44
CA ALA U 163 26.41 -72.05 -37.84
C ALA U 163 25.50 -73.23 -38.14
N LYS U 164 25.41 -74.17 -37.19
CA LYS U 164 24.58 -75.34 -37.40
C LYS U 164 23.11 -74.94 -37.46
N HIS U 165 22.70 -74.04 -36.55
CA HIS U 165 21.31 -73.57 -36.48
C HIS U 165 20.89 -72.91 -37.79
N CYS U 166 21.81 -72.14 -38.37
CA CYS U 166 21.57 -71.31 -39.56
C CYS U 166 21.89 -72.08 -40.85
N ASP U 167 22.41 -73.29 -40.67
CA ASP U 167 22.87 -74.09 -41.79
C ASP U 167 23.87 -73.30 -42.63
N ARG U 168 24.88 -72.74 -41.98
CA ARG U 168 25.89 -71.94 -42.65
C ARG U 168 27.20 -72.45 -42.09
N ASP U 169 28.34 -71.98 -42.62
CA ASP U 169 29.64 -72.42 -42.10
C ASP U 169 30.12 -71.63 -40.88
N LEU U 170 30.92 -72.28 -40.05
CA LEU U 170 31.63 -71.63 -38.95
C LEU U 170 32.29 -70.29 -39.33
N ALA U 171 32.95 -70.28 -40.47
CA ALA U 171 33.65 -69.08 -40.94
C ALA U 171 32.67 -67.93 -41.22
N ASP U 172 31.45 -68.27 -41.63
CA ASP U 172 30.38 -67.30 -41.87
C ASP U 172 29.97 -66.57 -40.58
N LEU U 173 29.72 -67.35 -39.53
CA LEU U 173 29.31 -66.82 -38.25
C LEU U 173 30.43 -65.96 -37.63
N GLU U 174 31.66 -66.41 -37.82
CA GLU U 174 32.84 -65.71 -37.37
C GLU U 174 32.95 -64.32 -37.98
N ARG U 175 32.74 -64.26 -39.29
CA ARG U 175 32.78 -63.01 -40.02
C ARG U 175 31.61 -62.10 -39.63
N ASP U 176 30.43 -62.70 -39.45
CA ASP U 176 29.21 -61.92 -39.29
C ASP U 176 28.93 -61.52 -37.83
N THR U 177 29.75 -61.98 -36.89
CA THR U 177 29.57 -61.59 -35.48
C THR U 177 30.76 -60.81 -34.91
N ASP U 178 31.74 -60.50 -35.75
CA ASP U 178 32.97 -59.83 -35.29
C ASP U 178 32.64 -58.53 -34.58
N ARG U 179 31.63 -57.83 -35.08
CA ARG U 179 31.08 -56.62 -34.46
C ARG U 179 29.55 -56.73 -34.45
N ASP U 180 28.88 -55.81 -33.76
CA ASP U 180 27.41 -55.86 -33.64
C ASP U 180 26.73 -55.92 -34.99
N ASN U 181 25.90 -56.95 -35.13
CA ASN U 181 25.20 -57.26 -36.36
C ASN U 181 23.71 -57.29 -36.12
N PHE U 182 23.06 -56.18 -36.42
CA PHE U 182 21.62 -56.04 -36.26
C PHE U 182 20.86 -56.58 -37.48
N MET U 183 19.80 -57.33 -37.24
CA MET U 183 19.02 -57.84 -38.34
C MET U 183 17.54 -57.58 -38.15
N SER U 184 16.89 -57.16 -39.25
CA SER U 184 15.45 -57.14 -39.33
C SER U 184 14.95 -58.58 -39.31
N ALA U 185 13.65 -58.77 -39.10
CA ALA U 185 13.08 -60.12 -39.15
C ALA U 185 13.36 -60.79 -40.51
N GLU U 186 13.23 -60.04 -41.61
CA GLU U 186 13.49 -60.57 -42.96
C GLU U 186 14.95 -60.99 -43.16
N GLU U 187 15.87 -60.17 -42.65
CA GLU U 187 17.30 -60.47 -42.73
C GLU U 187 17.65 -61.72 -41.93
N ALA U 188 16.95 -61.91 -40.82
CA ALA U 188 17.12 -63.07 -39.95
C ALA U 188 16.64 -64.37 -40.60
N LYS U 189 15.54 -64.28 -41.33
CA LYS U 189 15.01 -65.44 -42.02
C LYS U 189 15.97 -65.84 -43.13
N GLU U 190 16.40 -64.84 -43.90
CA GLU U 190 17.32 -65.06 -45.00
C GLU U 190 18.64 -65.65 -44.49
N TYR U 191 19.08 -65.20 -43.32
CA TYR U 191 20.33 -65.66 -42.71
C TYR U 191 20.18 -67.10 -42.23
N GLY U 192 18.93 -67.48 -41.90
CA GLY U 192 18.66 -68.82 -41.41
C GLY U 192 18.39 -68.89 -39.94
N LEU U 193 18.24 -67.73 -39.29
CA LEU U 193 18.07 -67.69 -37.85
C LEU U 193 16.65 -68.06 -37.44
N ILE U 194 15.68 -67.65 -38.25
CA ILE U 194 14.30 -68.03 -38.06
C ILE U 194 13.80 -68.57 -39.38
N ASP U 195 12.61 -69.16 -39.36
CA ASP U 195 12.00 -69.80 -40.52
C ASP U 195 10.90 -68.95 -41.17
N GLN U 196 10.05 -68.35 -40.35
CA GLN U 196 8.93 -67.58 -40.84
C GLN U 196 8.71 -66.30 -40.03
N ILE U 197 8.19 -65.30 -40.73
CA ILE U 197 7.78 -64.04 -40.17
C ILE U 197 6.24 -63.99 -40.15
N LEU U 198 5.66 -63.60 -39.02
CA LEU U 198 4.21 -63.69 -38.84
C LEU U 198 3.39 -62.56 -39.46
N GLU U 199 2.32 -62.97 -40.13
CA GLU U 199 1.45 -62.05 -40.85
C GLU U 199 0.35 -61.53 -39.95
N ASN U 200 -0.88 -61.83 -40.35
CA ASN U 200 -2.06 -61.57 -39.54
C ASN U 200 -2.64 -62.89 -39.02
N TYR V 8 50.81 -27.81 -13.73
CA TYR V 8 51.89 -28.48 -14.46
C TYR V 8 53.10 -27.54 -14.64
N LEU V 9 54.25 -28.10 -15.00
CA LEU V 9 55.48 -27.31 -15.17
C LEU V 9 55.50 -26.56 -16.51
N VAL V 10 55.80 -25.27 -16.46
CA VAL V 10 55.98 -24.50 -17.68
C VAL V 10 57.46 -24.14 -17.80
N PRO V 11 58.06 -24.44 -18.98
CA PRO V 11 59.50 -24.22 -19.16
C PRO V 11 59.92 -22.76 -18.97
N THR V 12 61.09 -22.58 -18.36
CA THR V 12 61.70 -21.27 -18.25
C THR V 12 62.64 -21.09 -19.42
N VAL V 13 62.66 -19.88 -19.96
CA VAL V 13 63.43 -19.58 -21.14
C VAL V 13 64.14 -18.24 -20.94
N ILE V 14 65.31 -18.10 -21.55
CA ILE V 14 66.09 -16.87 -21.48
C ILE V 14 65.87 -16.06 -22.75
N GLU V 15 65.70 -14.76 -22.58
CA GLU V 15 65.52 -13.87 -23.71
C GLU V 15 66.65 -12.87 -23.70
N GLN V 16 67.42 -12.77 -24.77
CA GLN V 16 68.44 -11.74 -24.66
C GLN V 16 68.02 -10.53 -25.48
N SER V 17 67.47 -9.63 -24.67
CA SER V 17 67.01 -8.29 -25.02
C SER V 17 68.20 -7.36 -25.16
N GLY V 18 67.96 -6.19 -25.73
CA GLY V 18 68.97 -5.18 -25.81
C GLY V 18 69.47 -4.81 -24.43
N ARG V 19 68.63 -5.03 -23.39
CA ARG V 19 68.88 -4.57 -22.01
C ARG V 19 69.65 -5.57 -21.14
N GLY V 20 69.84 -6.79 -21.64
CA GLY V 20 70.53 -7.83 -20.91
C GLY V 20 69.86 -9.18 -21.02
N GLU V 21 69.99 -10.00 -19.98
CA GLU V 21 69.32 -11.30 -19.94
C GLU V 21 68.18 -11.34 -18.94
N ARG V 22 67.00 -11.75 -19.39
CA ARG V 22 65.92 -12.01 -18.44
C ARG V 22 65.29 -13.39 -18.68
N ALA V 23 64.94 -14.06 -17.59
CA ALA V 23 64.24 -15.33 -17.64
C ALA V 23 62.72 -15.14 -17.72
N PHE V 24 62.09 -15.90 -18.60
CA PHE V 24 60.65 -15.81 -18.82
C PHE V 24 60.04 -17.21 -18.79
N ASP V 25 58.80 -17.32 -18.31
CA ASP V 25 58.01 -18.51 -18.60
C ASP V 25 57.73 -18.47 -20.10
N ILE V 26 57.60 -19.61 -20.75
CA ILE V 26 57.63 -19.61 -22.22
C ILE V 26 56.44 -18.84 -22.84
N TYR V 27 55.30 -18.80 -22.16
CA TYR V 27 54.16 -18.07 -22.70
C TYR V 27 54.41 -16.56 -22.59
N SER V 28 55.05 -16.12 -21.50
CA SER V 28 55.42 -14.71 -21.38
C SER V 28 56.41 -14.34 -22.46
N ARG V 29 57.28 -15.29 -22.79
CA ARG V 29 58.23 -15.10 -23.86
C ARG V 29 57.50 -14.86 -25.19
N LEU V 30 56.49 -15.66 -25.50
CA LEU V 30 55.74 -15.49 -26.74
C LEU V 30 54.86 -14.24 -26.73
N LEU V 31 54.41 -13.80 -25.55
CA LEU V 31 53.63 -12.58 -25.46
C LEU V 31 54.44 -11.37 -25.93
N LYS V 32 55.75 -11.38 -25.66
CA LYS V 32 56.63 -10.30 -26.14
C LYS V 32 56.65 -10.19 -27.67
N GLU V 33 56.38 -11.30 -28.36
CA GLU V 33 56.26 -11.25 -29.82
C GLU V 33 54.80 -11.07 -30.27
N ARG V 34 53.93 -10.62 -29.35
CA ARG V 34 52.52 -10.28 -29.63
C ARG V 34 51.64 -11.47 -30.00
N ILE V 35 52.00 -12.64 -29.48
CA ILE V 35 51.20 -13.84 -29.59
C ILE V 35 50.39 -14.03 -28.28
N VAL V 36 49.07 -14.13 -28.42
CA VAL V 36 48.17 -14.33 -27.29
C VAL V 36 47.40 -15.63 -27.55
N PHE V 37 47.34 -16.49 -26.54
CA PHE V 37 46.72 -17.81 -26.66
C PHE V 37 45.33 -17.88 -26.02
N LEU V 38 44.39 -18.53 -26.71
CA LEU V 38 43.14 -18.97 -26.11
C LEU V 38 43.11 -20.49 -26.22
N VAL V 39 43.37 -21.18 -25.10
CA VAL V 39 43.47 -22.63 -25.09
C VAL V 39 42.49 -23.22 -24.10
N GLY V 40 41.67 -24.17 -24.54
CA GLY V 40 40.71 -24.77 -23.65
C GLY V 40 39.44 -23.95 -23.53
N PRO V 41 38.57 -24.31 -22.57
CA PRO V 41 37.27 -23.66 -22.42
C PRO V 41 37.38 -22.18 -22.11
N VAL V 42 36.50 -21.41 -22.73
CA VAL V 42 36.43 -19.98 -22.54
C VAL V 42 35.65 -19.72 -21.26
N THR V 43 36.34 -19.19 -20.26
CA THR V 43 35.70 -18.83 -18.99
C THR V 43 35.89 -17.34 -18.76
N ASP V 44 35.20 -16.79 -17.77
CA ASP V 44 35.38 -15.40 -17.37
C ASP V 44 36.85 -15.07 -17.13
N GLU V 45 37.53 -16.00 -16.46
CA GLU V 45 38.90 -15.81 -16.06
C GLU V 45 39.87 -16.01 -17.24
N SER V 46 39.63 -17.03 -18.07
CA SER V 46 40.52 -17.22 -19.21
C SER V 46 40.31 -16.11 -20.23
N ALA V 47 39.06 -15.68 -20.39
CA ALA V 47 38.74 -14.60 -21.32
C ALA V 47 39.28 -13.26 -20.82
N ASN V 48 39.15 -12.98 -19.53
CA ASN V 48 39.63 -11.69 -19.05
C ASN V 48 41.16 -11.59 -19.18
N LEU V 49 41.85 -12.71 -19.03
CA LEU V 49 43.31 -12.74 -19.23
C LEU V 49 43.69 -12.35 -20.67
N VAL V 50 42.94 -12.87 -21.64
CA VAL V 50 43.15 -12.50 -23.03
C VAL V 50 42.91 -11.00 -23.24
N VAL V 51 41.80 -10.48 -22.68
CA VAL V 51 41.49 -9.05 -22.77
C VAL V 51 42.66 -8.24 -22.23
N ALA V 52 43.18 -8.68 -21.08
CA ALA V 52 44.28 -7.96 -20.45
C ALA V 52 45.52 -7.94 -21.37
N GLN V 53 45.79 -9.07 -22.04
CA GLN V 53 46.95 -9.15 -22.95
C GLN V 53 46.78 -8.31 -24.22
N LEU V 54 45.57 -8.29 -24.76
CA LEU V 54 45.26 -7.44 -25.91
C LEU V 54 45.47 -5.97 -25.56
N LEU V 55 44.94 -5.55 -24.42
CA LEU V 55 45.08 -4.17 -23.97
C LEU V 55 46.54 -3.82 -23.75
N PHE V 56 47.29 -4.73 -23.14
CA PHE V 56 48.73 -4.51 -22.89
C PHE V 56 49.55 -4.39 -24.19
N LEU V 57 49.27 -5.26 -25.16
CA LEU V 57 50.01 -5.23 -26.41
C LEU V 57 49.73 -3.93 -27.16
N GLU V 58 48.48 -3.47 -27.14
CA GLU V 58 48.14 -2.20 -27.78
C GLU V 58 48.89 -1.05 -27.15
N SER V 59 49.01 -1.03 -25.83
CA SER V 59 49.76 0.04 -25.17
C SER V 59 51.26 -0.02 -25.53
N GLU V 60 51.78 -1.24 -25.72
CA GLU V 60 53.19 -1.40 -26.10
C GLU V 60 53.44 -0.87 -27.51
N ASN V 61 52.48 -1.09 -28.39
CA ASN V 61 52.57 -0.60 -29.76
C ASN V 61 51.17 -0.67 -30.37
N PRO V 62 50.52 0.49 -30.61
CA PRO V 62 49.13 0.53 -31.09
C PRO V 62 48.94 0.24 -32.58
N ASP V 63 50.03 0.12 -33.33
CA ASP V 63 49.91 -0.05 -34.79
C ASP V 63 50.32 -1.45 -35.25
N LYS V 64 51.15 -2.13 -34.48
CA LYS V 64 51.58 -3.45 -34.90
C LYS V 64 50.47 -4.48 -34.68
N ASP V 65 50.35 -5.41 -35.63
CA ASP V 65 49.41 -6.51 -35.55
C ASP V 65 49.56 -7.31 -34.26
N ILE V 66 48.47 -7.96 -33.84
CA ILE V 66 48.49 -8.92 -32.73
C ILE V 66 48.12 -10.32 -33.23
N PHE V 67 48.76 -11.36 -32.69
CA PHE V 67 48.49 -12.72 -33.20
C PHE V 67 47.83 -13.55 -32.13
N PHE V 68 46.56 -13.82 -32.38
CA PHE V 68 45.67 -14.49 -31.45
C PHE V 68 45.54 -15.95 -31.89
N TYR V 69 46.21 -16.85 -31.16
CA TYR V 69 46.20 -18.29 -31.45
C TYR V 69 45.11 -19.01 -30.65
N ILE V 70 44.21 -19.69 -31.36
CA ILE V 70 43.01 -20.31 -30.78
C ILE V 70 42.97 -21.84 -30.89
N ASN V 71 42.93 -22.50 -29.74
CA ASN V 71 42.65 -23.93 -29.63
C ASN V 71 41.65 -24.13 -28.52
N SER V 72 40.37 -24.09 -28.86
CA SER V 72 39.31 -23.99 -27.87
C SER V 72 38.03 -24.67 -28.32
N PRO V 73 37.36 -25.40 -27.41
CA PRO V 73 36.05 -26.02 -27.67
C PRO V 73 34.89 -25.06 -27.47
N GLY V 74 35.17 -23.82 -27.08
CA GLY V 74 34.15 -22.84 -26.77
C GLY V 74 34.00 -22.58 -25.28
N GLY V 75 32.83 -22.13 -24.85
CA GLY V 75 32.59 -21.84 -23.45
C GLY V 75 31.56 -20.75 -23.28
N SER V 76 31.77 -19.89 -22.30
CA SER V 76 30.81 -18.85 -21.94
C SER V 76 30.62 -17.84 -23.05
N VAL V 77 29.37 -17.61 -23.46
CA VAL V 77 29.10 -16.62 -24.49
C VAL V 77 29.48 -15.22 -24.01
N THR V 78 29.08 -14.87 -22.80
CA THR V 78 29.37 -13.52 -22.29
C THR V 78 30.88 -13.33 -22.10
N ALA V 79 31.59 -14.38 -21.67
CA ALA V 79 33.05 -14.31 -21.59
C ALA V 79 33.67 -14.12 -22.99
N GLY V 80 33.13 -14.85 -23.97
CA GLY V 80 33.60 -14.72 -25.33
C GLY V 80 33.44 -13.32 -25.91
N MET V 81 32.29 -12.71 -25.64
CA MET V 81 31.99 -11.38 -26.17
C MET V 81 32.93 -10.30 -25.62
N SER V 82 33.43 -10.49 -24.40
CA SER V 82 34.37 -9.54 -23.83
C SER V 82 35.69 -9.56 -24.62
N ILE V 83 36.08 -10.74 -25.11
CA ILE V 83 37.24 -10.84 -26.00
C ILE V 83 36.92 -10.20 -27.35
N TYR V 84 35.77 -10.58 -27.91
CA TYR V 84 35.29 -10.04 -29.18
C TYR V 84 35.30 -8.51 -29.22
N ASP V 85 34.65 -7.90 -28.23
CA ASP V 85 34.52 -6.44 -28.21
C ASP V 85 35.87 -5.76 -28.04
N THR V 86 36.77 -6.42 -27.31
CA THR V 86 38.13 -5.92 -27.13
C THR V 86 38.92 -6.00 -28.45
N MET V 87 38.75 -7.11 -29.17
CA MET V 87 39.37 -7.25 -30.50
C MET V 87 38.97 -6.12 -31.44
N ASN V 88 37.68 -5.79 -31.43
CA ASN V 88 37.13 -4.78 -32.32
C ASN V 88 37.47 -3.35 -31.93
N PHE V 89 37.66 -3.11 -30.62
CA PHE V 89 37.91 -1.77 -30.09
C PHE V 89 39.36 -1.28 -30.29
N ILE V 90 40.33 -2.12 -29.98
CA ILE V 90 41.71 -1.69 -29.96
C ILE V 90 42.20 -1.35 -31.37
N LYS V 91 43.21 -0.49 -31.46
CA LYS V 91 43.69 -0.07 -32.78
C LYS V 91 44.41 -1.20 -33.54
N PRO V 92 45.29 -1.99 -32.87
CA PRO V 92 45.96 -3.05 -33.64
C PRO V 92 44.99 -3.99 -34.33
N ASP V 93 45.35 -4.43 -35.54
CA ASP V 93 44.67 -5.53 -36.20
C ASP V 93 44.87 -6.78 -35.37
N VAL V 94 43.80 -7.50 -35.09
CA VAL V 94 43.99 -8.78 -34.41
C VAL V 94 43.84 -9.93 -35.39
N SER V 95 44.98 -10.45 -35.80
CA SER V 95 45.04 -11.66 -36.58
C SER V 95 44.65 -12.82 -35.68
N THR V 96 43.86 -13.76 -36.20
CA THR V 96 43.52 -14.99 -35.49
C THR V 96 44.03 -16.21 -36.25
N LEU V 97 44.43 -17.22 -35.49
CA LEU V 97 44.94 -18.46 -36.05
C LEU V 97 44.37 -19.65 -35.29
N CYS V 98 43.81 -20.61 -36.03
CA CYS V 98 43.31 -21.84 -35.43
C CYS V 98 44.32 -22.99 -35.54
N LEU V 99 44.76 -23.49 -34.39
CA LEU V 99 45.51 -24.73 -34.27
C LEU V 99 44.70 -25.69 -33.43
N GLY V 100 44.62 -26.94 -33.88
CA GLY V 100 43.83 -27.92 -33.17
C GLY V 100 42.39 -27.73 -33.51
N GLN V 101 41.68 -26.89 -32.75
CA GLN V 101 40.29 -26.65 -33.06
C GLN V 101 39.78 -25.27 -32.63
N ALA V 102 38.72 -24.83 -33.29
CA ALA V 102 38.00 -23.65 -32.84
C ALA V 102 36.53 -24.02 -32.92
N ALA V 103 35.94 -24.36 -31.77
CA ALA V 103 34.56 -24.81 -31.74
C ALA V 103 33.68 -23.84 -30.98
N SER V 104 32.45 -23.69 -31.46
CA SER V 104 31.47 -22.83 -30.83
C SER V 104 32.03 -21.41 -30.66
N MET V 105 32.08 -20.91 -29.42
CA MET V 105 32.62 -19.57 -29.18
C MET V 105 34.08 -19.49 -29.65
N GLY V 106 34.77 -20.64 -29.67
CA GLY V 106 36.10 -20.70 -30.25
C GLY V 106 36.09 -20.34 -31.73
N ALA V 107 35.13 -20.88 -32.48
CA ALA V 107 34.97 -20.57 -33.91
C ALA V 107 34.50 -19.12 -34.14
N PHE V 108 33.60 -18.65 -33.28
CA PHE V 108 33.11 -17.28 -33.37
C PHE V 108 34.29 -16.32 -33.32
N LEU V 109 35.18 -16.53 -32.35
CA LEU V 109 36.31 -15.64 -32.16
C LEU V 109 37.30 -15.74 -33.30
N LEU V 110 37.49 -16.95 -33.83
CA LEU V 110 38.36 -17.16 -34.98
C LEU V 110 37.90 -16.33 -36.19
N SER V 111 36.60 -16.38 -36.48
CA SER V 111 36.01 -15.67 -37.62
C SER V 111 36.01 -14.16 -37.44
N ALA V 112 36.24 -13.72 -36.22
CA ALA V 112 36.18 -12.31 -35.88
C ALA V 112 37.53 -11.60 -36.07
N GLY V 113 38.59 -12.32 -36.42
CA GLY V 113 39.87 -11.66 -36.64
C GLY V 113 39.80 -10.70 -37.81
N GLU V 114 40.73 -9.75 -37.86
CA GLU V 114 40.82 -8.79 -38.96
C GLU V 114 40.75 -9.51 -40.30
N LYS V 115 39.83 -9.09 -41.15
CA LYS V 115 39.61 -9.76 -42.44
C LYS V 115 40.88 -9.75 -43.26
N GLY V 116 41.22 -10.91 -43.82
CA GLY V 116 42.49 -11.03 -44.50
C GLY V 116 43.55 -11.66 -43.63
N LYS V 117 43.36 -11.64 -42.31
CA LYS V 117 44.39 -12.15 -41.40
C LYS V 117 43.87 -13.26 -40.47
N ARG V 118 42.87 -13.99 -40.95
CA ARG V 118 42.32 -15.17 -40.26
C ARG V 118 42.86 -16.45 -40.88
N PHE V 119 43.56 -17.26 -40.09
CA PHE V 119 44.25 -18.45 -40.61
C PHE V 119 43.82 -19.73 -39.90
N ALA V 120 44.03 -20.84 -40.57
CA ALA V 120 43.89 -22.13 -39.93
C ALA V 120 45.07 -22.93 -40.39
N LEU V 121 45.56 -23.82 -39.53
CA LEU V 121 46.55 -24.80 -39.95
C LEU V 121 45.80 -25.90 -40.70
N PRO V 122 46.50 -26.64 -41.59
CA PRO V 122 45.79 -27.52 -42.53
C PRO V 122 44.90 -28.57 -41.86
N ASN V 123 45.22 -29.02 -40.65
CA ASN V 123 44.39 -30.04 -40.01
C ASN V 123 43.53 -29.52 -38.88
N SER V 124 43.35 -28.21 -38.84
CA SER V 124 42.48 -27.58 -37.86
C SER V 124 41.04 -28.02 -38.04
N ARG V 125 40.30 -28.04 -36.94
CA ARG V 125 38.89 -28.36 -37.02
C ARG V 125 38.08 -27.15 -36.59
N ILE V 126 37.09 -26.80 -37.38
CA ILE V 126 36.17 -25.74 -37.01
C ILE V 126 34.79 -26.38 -36.84
N MET V 127 34.06 -25.95 -35.81
CA MET V 127 32.67 -26.39 -35.63
C MET V 127 31.82 -25.23 -35.15
N ILE V 128 30.67 -25.05 -35.80
CA ILE V 128 29.74 -24.01 -35.41
C ILE V 128 28.40 -24.69 -35.16
N HIS V 129 27.66 -24.16 -34.20
CA HIS V 129 26.33 -24.68 -33.87
C HIS V 129 25.57 -23.58 -33.15
N GLN V 130 24.29 -23.81 -32.91
CA GLN V 130 23.43 -22.85 -32.21
C GLN V 130 23.67 -22.92 -30.70
N PRO V 131 23.25 -21.89 -29.95
CA PRO V 131 23.45 -21.94 -28.49
C PRO V 131 22.78 -23.15 -27.84
N LEU V 132 23.48 -23.71 -26.87
CA LEU V 132 22.98 -24.84 -26.10
C LEU V 132 22.96 -24.41 -24.65
N ILE V 133 22.05 -24.97 -23.86
CA ILE V 133 22.13 -24.78 -22.42
C ILE V 133 22.25 -26.11 -21.68
N SER V 134 23.20 -26.14 -20.74
CA SER V 134 23.40 -27.23 -19.82
C SER V 134 23.07 -26.76 -18.40
N GLY V 135 22.63 -27.67 -17.54
CA GLY V 135 22.23 -27.31 -16.19
C GLY V 135 20.73 -27.19 -16.11
N GLY V 136 20.17 -26.44 -17.05
CA GLY V 136 18.74 -26.31 -17.14
C GLY V 136 18.08 -25.00 -16.76
N LEU V 137 16.86 -24.88 -17.24
CA LEU V 137 15.95 -23.82 -16.90
C LEU V 137 14.91 -24.37 -15.93
N GLY V 138 14.87 -23.86 -14.70
CA GLY V 138 13.81 -24.28 -13.81
C GLY V 138 13.15 -23.12 -13.12
N GLY V 139 11.83 -23.21 -13.01
CA GLY V 139 11.09 -22.12 -12.41
C GLY V 139 9.68 -22.02 -12.95
N GLN V 140 9.14 -20.82 -12.79
CA GLN V 140 7.81 -20.48 -13.20
C GLN V 140 7.80 -20.30 -14.69
N ALA V 141 6.65 -20.57 -15.32
CA ALA V 141 6.52 -20.36 -16.76
C ALA V 141 7.03 -18.97 -17.16
N SER V 142 6.71 -17.96 -16.35
CA SER V 142 7.17 -16.59 -16.58
C SER V 142 8.69 -16.51 -16.72
N ASP V 143 9.39 -17.23 -15.83
CA ASP V 143 10.84 -17.18 -15.80
C ASP V 143 11.42 -17.89 -17.00
N ILE V 144 10.81 -19.02 -17.33
CA ILE V 144 11.26 -19.82 -18.44
C ILE V 144 11.08 -19.08 -19.76
N GLU V 145 9.97 -18.37 -19.88
CA GLU V 145 9.70 -17.53 -21.03
C GLU V 145 10.77 -16.47 -21.20
N ILE V 146 11.10 -15.79 -20.11
CA ILE V 146 12.13 -14.74 -20.13
C ILE V 146 13.48 -15.31 -20.58
N HIS V 147 13.88 -16.45 -20.03
CA HIS V 147 15.18 -17.00 -20.38
C HIS V 147 15.20 -17.64 -21.75
N ALA V 148 14.07 -18.20 -22.17
CA ALA V 148 13.93 -18.70 -23.55
C ALA V 148 14.07 -17.56 -24.54
N ARG V 149 13.36 -16.47 -24.26
CA ARG V 149 13.38 -15.28 -25.12
C ARG V 149 14.78 -14.69 -25.24
N GLU V 150 15.50 -14.64 -24.12
CA GLU V 150 16.86 -14.13 -24.11
C GLU V 150 17.84 -15.05 -24.89
N LEU V 151 17.65 -16.36 -24.77
CA LEU V 151 18.48 -17.33 -25.49
C LEU V 151 18.28 -17.18 -27.01
N LEU V 152 17.06 -16.87 -27.42
CA LEU V 152 16.76 -16.66 -28.83
C LEU V 152 17.39 -15.38 -29.37
N LYS V 153 17.39 -14.32 -28.54
CA LYS V 153 18.03 -13.07 -28.92
C LYS V 153 19.51 -13.29 -29.14
N ILE V 154 20.12 -14.07 -28.27
CA ILE V 154 21.53 -14.44 -28.39
C ILE V 154 21.78 -15.27 -29.65
N LYS V 155 20.91 -16.22 -29.92
CA LYS V 155 21.04 -17.04 -31.11
C LYS V 155 21.04 -16.17 -32.38
N GLU V 156 20.12 -15.23 -32.44
CA GLU V 156 20.04 -14.34 -33.57
C GLU V 156 21.27 -13.43 -33.64
N LYS V 157 21.66 -12.85 -32.50
CA LYS V 157 22.79 -11.93 -32.49
C LYS V 157 24.07 -12.63 -33.00
N LEU V 158 24.31 -13.85 -32.52
CA LEU V 158 25.50 -14.61 -32.88
C LEU V 158 25.49 -14.94 -34.37
N ASN V 159 24.32 -15.35 -34.86
CA ASN V 159 24.13 -15.61 -36.29
C ASN V 159 24.34 -14.35 -37.13
N ARG V 160 23.85 -13.20 -36.66
CA ARG V 160 24.08 -11.96 -37.40
C ARG V 160 25.54 -11.62 -37.52
N LEU V 161 26.23 -11.70 -36.39
CA LEU V 161 27.62 -11.32 -36.34
C LEU V 161 28.45 -12.27 -37.17
N MET V 162 28.12 -13.56 -37.09
CA MET V 162 28.81 -14.58 -37.85
C MET V 162 28.57 -14.37 -39.37
N ALA V 163 27.34 -13.98 -39.73
CA ALA V 163 27.02 -13.65 -41.13
C ALA V 163 27.87 -12.52 -41.67
N LYS V 164 28.09 -11.48 -40.85
CA LYS V 164 28.93 -10.37 -41.27
C LYS V 164 30.38 -10.81 -41.44
N HIS V 165 30.85 -11.60 -40.48
CA HIS V 165 32.20 -12.13 -40.51
C HIS V 165 32.42 -12.95 -41.78
N CYS V 166 31.42 -13.74 -42.16
CA CYS V 166 31.52 -14.67 -43.29
C CYS V 166 31.03 -14.05 -44.61
N ASP V 167 30.58 -12.80 -44.52
CA ASP V 167 29.93 -12.09 -45.63
C ASP V 167 28.78 -12.91 -46.21
N ARG V 168 27.89 -13.36 -45.33
CA ARG V 168 26.74 -14.17 -45.74
C ARG V 168 25.53 -13.55 -45.06
N ASP V 169 24.33 -14.05 -45.35
CA ASP V 169 23.13 -13.60 -44.68
C ASP V 169 22.79 -14.33 -43.36
N LEU V 170 22.12 -13.62 -42.46
CA LEU V 170 21.61 -14.18 -41.19
C LEU V 170 20.96 -15.56 -41.36
N ALA V 171 20.14 -15.71 -42.39
CA ALA V 171 19.45 -16.98 -42.65
C ALA V 171 20.41 -18.12 -43.02
N ASP V 172 21.55 -17.78 -43.64
CA ASP V 172 22.54 -18.80 -44.00
C ASP V 172 23.12 -19.44 -42.75
N LEU V 173 23.59 -18.58 -41.85
CA LEU V 173 24.19 -19.04 -40.60
C LEU V 173 23.13 -19.77 -39.76
N GLU V 174 21.89 -19.27 -39.77
CA GLU V 174 20.81 -19.95 -39.06
C GLU V 174 20.59 -21.35 -39.59
N ARG V 175 20.58 -21.50 -40.91
CA ARG V 175 20.44 -22.82 -41.51
C ARG V 175 21.63 -23.69 -41.15
N ASP V 176 22.82 -23.11 -41.21
CA ASP V 176 24.04 -23.91 -41.13
C ASP V 176 24.53 -24.16 -39.69
N THR V 177 23.87 -23.57 -38.70
CA THR V 177 24.24 -23.82 -37.31
C THR V 177 23.14 -24.53 -36.56
N ASP V 178 22.10 -24.95 -37.28
CA ASP V 178 20.97 -25.60 -36.62
C ASP V 178 21.42 -26.81 -35.82
N ARG V 179 22.35 -27.57 -36.38
CA ARG V 179 22.97 -28.68 -35.66
C ARG V 179 24.47 -28.55 -35.85
N ASP V 180 25.24 -29.39 -35.16
CA ASP V 180 26.69 -29.32 -35.19
C ASP V 180 27.18 -29.35 -36.65
N ASN V 181 28.00 -28.35 -37.01
CA ASN V 181 28.51 -28.23 -38.35
C ASN V 181 30.03 -28.21 -38.27
N PHE V 182 30.63 -29.37 -38.47
CA PHE V 182 32.08 -29.53 -38.45
C PHE V 182 32.66 -29.16 -39.79
N MET V 183 33.72 -28.36 -39.77
CA MET V 183 34.37 -27.97 -41.00
C MET V 183 35.86 -28.18 -40.96
N SER V 184 36.39 -28.75 -42.04
CA SER V 184 37.82 -28.76 -42.29
C SER V 184 38.23 -27.33 -42.51
N ALA V 185 39.54 -27.08 -42.46
CA ALA V 185 40.06 -25.77 -42.74
C ALA V 185 39.58 -25.28 -44.12
N GLU V 186 39.60 -26.17 -45.11
CA GLU V 186 39.19 -25.81 -46.47
C GLU V 186 37.74 -25.42 -46.56
N GLU V 187 36.86 -26.18 -45.92
CA GLU V 187 35.44 -25.83 -45.90
C GLU V 187 35.26 -24.51 -45.13
N ALA V 188 36.05 -24.30 -44.08
CA ALA V 188 35.95 -23.05 -43.32
C ALA V 188 36.38 -21.83 -44.16
N LYS V 189 37.44 -22.01 -44.95
CA LYS V 189 37.91 -20.96 -45.86
C LYS V 189 36.85 -20.71 -46.92
N GLU V 190 36.31 -21.79 -47.46
CA GLU V 190 35.26 -21.63 -48.45
C GLU V 190 34.05 -20.94 -47.81
N TYR V 191 33.77 -21.25 -46.55
CA TYR V 191 32.58 -20.68 -45.88
C TYR V 191 32.70 -19.18 -45.58
N GLY V 192 33.93 -18.67 -45.45
CA GLY V 192 34.17 -17.28 -45.15
C GLY V 192 34.63 -17.03 -43.72
N LEU V 193 34.89 -18.12 -43.01
CA LEU V 193 35.25 -18.09 -41.59
C LEU V 193 36.70 -17.69 -41.36
N ILE V 194 37.58 -18.18 -42.24
CA ILE V 194 39.01 -17.84 -42.24
C ILE V 194 39.35 -17.37 -43.65
N ASP V 195 40.54 -16.81 -43.83
CA ASP V 195 40.99 -16.29 -45.12
C ASP V 195 41.97 -17.22 -45.87
N GLN V 196 42.92 -17.78 -45.13
CA GLN V 196 43.98 -18.60 -45.72
C GLN V 196 44.31 -19.80 -44.85
N ILE V 197 44.79 -20.85 -45.50
CA ILE V 197 45.28 -22.04 -44.82
C ILE V 197 46.80 -22.08 -44.89
N LEU V 198 47.44 -22.31 -43.76
CA LEU V 198 48.90 -22.33 -43.68
C LEU V 198 49.46 -23.71 -44.06
N LEU W 9 48.00 -19.59 -14.26
CA LEU W 9 49.16 -18.90 -14.82
C LEU W 9 48.81 -17.50 -15.37
N VAL W 10 49.47 -16.49 -14.81
CA VAL W 10 49.32 -15.09 -15.25
C VAL W 10 50.62 -14.63 -15.91
N PRO W 11 50.53 -14.08 -17.13
CA PRO W 11 51.71 -13.60 -17.86
C PRO W 11 52.54 -12.58 -17.08
N THR W 12 53.86 -12.65 -17.25
CA THR W 12 54.77 -11.65 -16.72
C THR W 12 55.14 -10.68 -17.84
N VAL W 13 54.90 -9.39 -17.60
CA VAL W 13 55.24 -8.33 -18.56
C VAL W 13 56.23 -7.33 -17.96
N ILE W 14 57.00 -6.69 -18.82
CA ILE W 14 58.05 -5.79 -18.36
C ILE W 14 57.67 -4.34 -18.60
N GLU W 15 57.75 -3.52 -17.56
CA GLU W 15 57.56 -2.08 -17.76
C GLU W 15 58.86 -1.32 -17.56
N GLN W 16 59.09 -0.37 -18.45
CA GLN W 16 60.20 0.56 -18.35
C GLN W 16 59.72 1.87 -17.72
N SER W 17 59.89 2.00 -16.40
CA SER W 17 59.51 3.23 -15.68
C SER W 17 60.48 4.37 -16.01
N GLY W 18 60.42 5.44 -15.23
CA GLY W 18 61.41 6.51 -15.32
C GLY W 18 62.78 5.89 -15.07
N ARG W 19 63.27 5.19 -16.09
CA ARG W 19 64.36 4.21 -15.97
C ARG W 19 64.12 3.20 -14.85
N GLY W 20 64.95 2.17 -14.85
CA GLY W 20 64.66 1.00 -14.05
C GLY W 20 63.71 0.16 -14.87
N GLU W 21 63.82 -1.14 -14.70
CA GLU W 21 63.02 -2.06 -15.49
C GLU W 21 62.29 -2.96 -14.51
N ARG W 22 60.96 -2.82 -14.45
CA ARG W 22 60.22 -3.60 -13.47
C ARG W 22 59.34 -4.66 -14.13
N ALA W 23 59.39 -5.86 -13.56
CA ALA W 23 58.58 -6.99 -13.99
C ALA W 23 57.29 -7.05 -13.16
N PHE W 24 56.18 -7.26 -13.85
CA PHE W 24 54.86 -7.27 -13.23
C PHE W 24 54.02 -8.40 -13.79
N ASP W 25 53.18 -8.97 -12.93
CA ASP W 25 52.08 -9.78 -13.44
C ASP W 25 51.19 -8.78 -14.16
N ILE W 26 50.47 -9.24 -15.18
CA ILE W 26 49.81 -8.32 -16.09
C ILE W 26 48.70 -7.51 -15.43
N TYR W 27 48.09 -8.06 -14.38
CA TYR W 27 47.01 -7.33 -13.71
C TYR W 27 47.55 -6.20 -12.83
N SER W 28 48.68 -6.44 -12.17
CA SER W 28 49.34 -5.40 -11.40
C SER W 28 49.80 -4.33 -12.38
N ARG W 29 50.19 -4.75 -13.58
CA ARG W 29 50.58 -3.81 -14.62
C ARG W 29 49.43 -2.88 -15.00
N LEU W 30 48.22 -3.44 -15.13
CA LEU W 30 47.05 -2.64 -15.45
C LEU W 30 46.61 -1.79 -14.23
N LEU W 31 46.86 -2.27 -13.02
CA LEU W 31 46.51 -1.50 -11.83
C LEU W 31 47.29 -0.19 -11.82
N LYS W 32 48.53 -0.25 -12.28
CA LYS W 32 49.40 0.93 -12.40
C LYS W 32 48.79 2.04 -13.27
N GLU W 33 47.95 1.66 -14.23
CA GLU W 33 47.23 2.63 -15.06
C GLU W 33 45.83 2.91 -14.52
N ARG W 34 45.62 2.58 -13.24
CA ARG W 34 44.37 2.84 -12.49
C ARG W 34 43.20 2.04 -13.04
N ILE W 35 43.51 0.85 -13.56
CA ILE W 35 42.49 -0.09 -13.99
C ILE W 35 42.28 -1.14 -12.90
N VAL W 36 41.03 -1.30 -12.48
CA VAL W 36 40.68 -2.27 -11.44
C VAL W 36 39.66 -3.27 -11.97
N PHE W 37 39.88 -4.56 -11.72
CA PHE W 37 38.97 -5.59 -12.21
C PHE W 37 38.02 -6.17 -11.14
N LEU W 38 36.77 -6.37 -11.52
CA LEU W 38 35.85 -7.26 -10.82
C LEU W 38 35.42 -8.37 -11.78
N VAL W 39 35.97 -9.57 -11.65
CA VAL W 39 35.65 -10.63 -12.60
C VAL W 39 35.11 -11.85 -11.87
N GLY W 40 33.97 -12.37 -12.30
CA GLY W 40 33.38 -13.52 -11.65
C GLY W 40 32.57 -13.14 -10.43
N PRO W 41 32.16 -14.13 -9.62
CA PRO W 41 31.25 -13.85 -8.51
C PRO W 41 31.83 -12.89 -7.48
N VAL W 42 30.98 -11.99 -6.99
CA VAL W 42 31.32 -11.05 -5.93
C VAL W 42 31.21 -11.73 -4.56
N THR W 43 32.36 -11.91 -3.92
CA THR W 43 32.48 -12.51 -2.60
C THR W 43 33.08 -11.50 -1.63
N ASP W 44 33.08 -11.80 -0.34
CA ASP W 44 33.76 -10.97 0.63
C ASP W 44 35.20 -10.72 0.21
N GLU W 45 35.85 -11.79 -0.26
CA GLU W 45 37.26 -11.76 -0.64
C GLU W 45 37.54 -11.02 -1.96
N SER W 46 36.75 -11.27 -3.00
CA SER W 46 37.00 -10.55 -4.25
C SER W 46 36.60 -9.07 -4.09
N ALA W 47 35.56 -8.79 -3.31
CA ALA W 47 35.14 -7.40 -3.08
C ALA W 47 36.17 -6.62 -2.26
N ASN W 48 36.73 -7.25 -1.24
CA ASN W 48 37.67 -6.51 -0.41
C ASN W 48 38.97 -6.18 -1.17
N LEU W 49 39.38 -7.09 -2.05
CA LEU W 49 40.52 -6.84 -2.93
C LEU W 49 40.27 -5.57 -3.77
N VAL W 50 39.06 -5.47 -4.29
CA VAL W 50 38.64 -4.28 -5.03
C VAL W 50 38.71 -3.03 -4.13
N VAL W 51 38.17 -3.13 -2.91
CA VAL W 51 38.23 -2.00 -1.97
C VAL W 51 39.67 -1.54 -1.76
N ALA W 52 40.57 -2.52 -1.58
CA ALA W 52 41.97 -2.22 -1.32
C ALA W 52 42.60 -1.46 -2.49
N GLN W 53 42.29 -1.87 -3.71
CA GLN W 53 42.86 -1.24 -4.88
C GLN W 53 42.33 0.20 -5.05
N LEU W 54 41.03 0.39 -4.79
CA LEU W 54 40.41 1.73 -4.84
C LEU W 54 41.07 2.66 -3.84
N LEU W 55 41.25 2.18 -2.61
CA LEU W 55 41.89 3.00 -1.60
C LEU W 55 43.32 3.31 -2.01
N PHE W 56 44.00 2.30 -2.54
CA PHE W 56 45.39 2.47 -2.93
C PHE W 56 45.57 3.46 -4.07
N LEU W 57 44.72 3.39 -5.08
CA LEU W 57 44.84 4.31 -6.23
C LEU W 57 44.61 5.76 -5.79
N GLU W 58 43.66 5.96 -4.88
CA GLU W 58 43.39 7.29 -4.36
C GLU W 58 44.60 7.87 -3.65
N SER W 59 45.30 7.03 -2.87
CA SER W 59 46.50 7.46 -2.15
C SER W 59 47.63 7.84 -3.11
N GLU W 60 47.71 7.10 -4.22
CA GLU W 60 48.71 7.39 -5.26
C GLU W 60 48.40 8.73 -5.95
N ASN W 61 47.12 9.01 -6.18
CA ASN W 61 46.71 10.28 -6.78
C ASN W 61 45.20 10.46 -6.57
N PRO W 62 44.82 11.38 -5.67
CA PRO W 62 43.41 11.53 -5.26
C PRO W 62 42.53 12.20 -6.28
N ASP W 63 43.10 12.68 -7.39
CA ASP W 63 42.33 13.48 -8.32
C ASP W 63 42.04 12.79 -9.65
N LYS W 64 42.87 11.82 -10.04
CA LYS W 64 42.66 11.16 -11.32
C LYS W 64 41.56 10.10 -11.27
N ASP W 65 40.81 10.00 -12.36
CA ASP W 65 39.82 8.96 -12.53
C ASP W 65 40.38 7.58 -12.26
N ILE W 66 39.51 6.69 -11.79
CA ILE W 66 39.81 5.28 -11.66
C ILE W 66 38.89 4.53 -12.64
N PHE W 67 39.40 3.48 -13.27
CA PHE W 67 38.61 2.75 -14.25
C PHE W 67 38.30 1.34 -13.77
N PHE W 68 37.03 1.15 -13.43
CA PHE W 68 36.53 -0.08 -12.80
C PHE W 68 35.89 -0.96 -13.88
N TYR W 69 36.61 -2.02 -14.27
CA TYR W 69 36.16 -2.95 -15.31
C TYR W 69 35.40 -4.13 -14.69
N ILE W 70 34.15 -4.30 -15.12
CA ILE W 70 33.26 -5.26 -14.50
C ILE W 70 32.80 -6.36 -15.47
N ASN W 71 33.13 -7.61 -15.13
CA ASN W 71 32.58 -8.80 -15.78
C ASN W 71 32.15 -9.79 -14.69
N SER W 72 30.91 -9.66 -14.22
CA SER W 72 30.50 -10.39 -13.02
C SER W 72 29.04 -10.80 -13.06
N PRO W 73 28.75 -12.02 -12.56
CA PRO W 73 27.38 -12.51 -12.43
C PRO W 73 26.71 -11.97 -11.18
N GLY W 74 27.45 -11.20 -10.39
CA GLY W 74 26.91 -10.67 -9.16
C GLY W 74 27.45 -11.49 -8.01
N GLY W 75 26.74 -11.50 -6.90
CA GLY W 75 27.23 -12.24 -5.75
C GLY W 75 26.73 -11.65 -4.47
N SER W 76 27.57 -11.65 -3.43
CA SER W 76 27.14 -11.19 -2.12
C SER W 76 26.73 -9.71 -2.10
N VAL W 77 25.54 -9.43 -1.59
CA VAL W 77 25.07 -8.04 -1.48
C VAL W 77 25.93 -7.20 -0.52
N THR W 78 26.25 -7.73 0.67
CA THR W 78 27.05 -6.95 1.59
C THR W 78 28.47 -6.74 1.04
N ALA W 79 29.03 -7.75 0.37
CA ALA W 79 30.35 -7.58 -0.26
C ALA W 79 30.25 -6.52 -1.35
N GLY W 80 29.17 -6.59 -2.12
CA GLY W 80 28.90 -5.59 -3.12
C GLY W 80 28.79 -4.20 -2.52
N MET W 81 28.11 -4.05 -1.38
CA MET W 81 27.96 -2.73 -0.75
C MET W 81 29.27 -2.10 -0.27
N SER W 82 30.23 -2.94 0.11
CA SER W 82 31.53 -2.46 0.57
C SER W 82 32.27 -1.79 -0.58
N ILE W 83 32.11 -2.34 -1.80
CA ILE W 83 32.70 -1.71 -2.99
C ILE W 83 31.98 -0.38 -3.33
N TYR W 84 30.64 -0.45 -3.35
CA TYR W 84 29.77 0.70 -3.59
C TYR W 84 30.11 1.88 -2.70
N ASP W 85 30.19 1.63 -1.39
CA ASP W 85 30.44 2.71 -0.45
C ASP W 85 31.85 3.27 -0.62
N THR W 86 32.78 2.41 -1.03
CA THR W 86 34.14 2.85 -1.30
C THR W 86 34.18 3.71 -2.56
N MET W 87 33.47 3.28 -3.59
CA MET W 87 33.37 4.06 -4.81
C MET W 87 32.83 5.46 -4.50
N ASN W 88 31.78 5.54 -3.69
CA ASN W 88 31.17 6.83 -3.36
C ASN W 88 32.01 7.67 -2.41
N PHE W 89 32.77 7.01 -1.54
CA PHE W 89 33.51 7.75 -0.51
C PHE W 89 34.74 8.46 -1.07
N ILE W 90 35.56 7.76 -1.85
CA ILE W 90 36.86 8.31 -2.28
C ILE W 90 36.71 9.51 -3.20
N LYS W 91 37.73 10.36 -3.21
CA LYS W 91 37.70 11.57 -4.00
C LYS W 91 37.70 11.30 -5.52
N PRO W 92 38.56 10.38 -6.02
CA PRO W 92 38.55 10.13 -7.47
C PRO W 92 37.20 9.69 -8.04
N ASP W 93 36.86 10.16 -9.24
CA ASP W 93 35.72 9.63 -9.97
C ASP W 93 35.96 8.15 -10.31
N VAL W 94 35.01 7.28 -10.03
CA VAL W 94 35.19 5.91 -10.47
C VAL W 94 34.35 5.67 -11.72
N SER W 95 35.02 5.68 -12.88
CA SER W 95 34.37 5.31 -14.12
C SER W 95 34.10 3.80 -14.06
N THR W 96 32.98 3.36 -14.61
CA THR W 96 32.72 1.93 -14.68
C THR W 96 32.59 1.50 -16.12
N LEU W 97 33.04 0.28 -16.35
CA LEU W 97 33.05 -0.32 -17.66
C LEU W 97 32.56 -1.75 -17.61
N CYS W 98 31.57 -2.05 -18.43
CA CYS W 98 31.07 -3.42 -18.55
C CYS W 98 31.70 -4.13 -19.74
N LEU W 99 32.42 -5.21 -19.49
CA LEU W 99 32.84 -6.12 -20.58
C LEU W 99 32.23 -7.46 -20.27
N GLY W 100 31.67 -8.11 -21.29
CA GLY W 100 31.06 -9.41 -21.10
C GLY W 100 29.68 -9.25 -20.51
N GLN W 101 29.61 -9.20 -19.17
CA GLN W 101 28.34 -9.01 -18.51
C GLN W 101 28.49 -8.30 -17.17
N ALA W 102 27.42 -7.63 -16.79
CA ALA W 102 27.25 -7.05 -15.47
C ALA W 102 25.85 -7.46 -15.03
N ALA W 103 25.79 -8.47 -14.17
CA ALA W 103 24.52 -9.04 -13.70
C ALA W 103 24.33 -8.83 -12.19
N SER W 104 23.10 -8.56 -11.81
CA SER W 104 22.76 -8.36 -10.41
C SER W 104 23.66 -7.32 -9.74
N MET W 105 24.37 -7.72 -8.68
CA MET W 105 25.24 -6.78 -7.97
C MET W 105 26.32 -6.20 -8.91
N GLY W 106 26.72 -6.99 -9.92
CA GLY W 106 27.60 -6.53 -10.97
C GLY W 106 26.98 -5.36 -11.73
N ALA W 107 25.68 -5.48 -12.01
CA ALA W 107 24.92 -4.42 -12.68
C ALA W 107 24.71 -3.21 -11.77
N PHE W 108 24.48 -3.48 -10.49
CA PHE W 108 24.37 -2.43 -9.49
C PHE W 108 25.65 -1.61 -9.44
N LEU W 109 26.79 -2.29 -9.34
CA LEU W 109 28.04 -1.56 -9.24
C LEU W 109 28.34 -0.77 -10.54
N LEU W 110 28.01 -1.36 -11.69
CA LEU W 110 28.16 -0.67 -12.98
C LEU W 110 27.40 0.67 -13.03
N SER W 111 26.12 0.62 -12.66
CA SER W 111 25.24 1.78 -12.64
C SER W 111 25.65 2.80 -11.58
N ALA W 112 26.52 2.38 -10.66
CA ALA W 112 26.95 3.21 -9.55
C ALA W 112 28.13 4.11 -9.94
N GLY W 113 28.67 3.91 -11.14
CA GLY W 113 29.80 4.71 -11.58
C GLY W 113 29.47 6.19 -11.64
N GLU W 114 30.51 7.03 -11.61
CA GLU W 114 30.34 8.48 -11.73
C GLU W 114 29.50 8.78 -12.96
N LYS W 115 28.37 9.49 -12.80
CA LYS W 115 27.49 9.76 -13.95
C LYS W 115 28.22 10.56 -15.01
N GLY W 116 28.07 10.11 -16.25
CA GLY W 116 28.83 10.61 -17.39
C GLY W 116 29.96 9.65 -17.73
N LYS W 117 30.36 8.83 -16.76
CA LYS W 117 31.50 7.95 -16.96
C LYS W 117 31.20 6.46 -16.79
N ARG W 118 29.96 6.07 -17.08
CA ARG W 118 29.57 4.66 -17.05
C ARG W 118 29.46 4.13 -18.47
N PHE W 119 30.28 3.13 -18.77
CA PHE W 119 30.43 2.62 -20.13
C PHE W 119 30.12 1.13 -20.27
N ALA W 120 29.77 0.71 -21.48
CA ALA W 120 29.67 -0.70 -21.83
C ALA W 120 30.26 -0.92 -23.23
N LEU W 121 30.87 -2.09 -23.43
CA LEU W 121 31.32 -2.51 -24.76
C LEU W 121 30.07 -2.95 -25.49
N PRO W 122 30.07 -2.87 -26.84
CA PRO W 122 28.78 -3.02 -27.58
C PRO W 122 28.05 -4.34 -27.38
N ASN W 123 28.75 -5.42 -27.07
CA ASN W 123 28.03 -6.68 -26.93
C ASN W 123 27.95 -7.17 -25.49
N SER W 124 28.14 -6.27 -24.54
CA SER W 124 27.95 -6.56 -23.13
C SER W 124 26.50 -6.92 -22.82
N ARG W 125 26.30 -7.74 -21.79
CA ARG W 125 24.95 -8.03 -21.37
C ARG W 125 24.75 -7.51 -19.94
N ILE W 126 23.66 -6.78 -19.72
CA ILE W 126 23.34 -6.27 -18.40
C ILE W 126 22.10 -7.00 -17.93
N MET W 127 22.07 -7.37 -16.65
CA MET W 127 20.88 -8.02 -16.12
C MET W 127 20.57 -7.50 -14.71
N ILE W 128 19.30 -7.16 -14.47
CA ILE W 128 18.87 -6.71 -13.16
C ILE W 128 17.66 -7.52 -12.68
N HIS W 129 17.59 -7.77 -11.38
CA HIS W 129 16.44 -8.45 -10.81
C HIS W 129 16.35 -8.23 -9.28
N GLN W 130 15.29 -8.74 -8.67
CA GLN W 130 15.13 -8.61 -7.23
C GLN W 130 16.03 -9.55 -6.45
N PRO W 131 16.22 -9.27 -5.15
CA PRO W 131 17.09 -10.14 -4.37
C PRO W 131 16.61 -11.59 -4.37
N LEU W 132 17.60 -12.46 -4.40
CA LEU W 132 17.39 -13.90 -4.36
C LEU W 132 18.07 -14.40 -3.13
N ILE W 133 17.57 -15.48 -2.55
CA ILE W 133 18.42 -16.21 -1.64
C ILE W 133 18.52 -17.65 -2.08
N SER W 134 19.72 -18.17 -1.93
CA SER W 134 19.96 -19.57 -2.19
C SER W 134 20.23 -20.20 -0.83
N GLY W 135 19.81 -21.43 -0.67
CA GLY W 135 19.86 -22.06 0.64
C GLY W 135 18.46 -21.85 1.14
N GLY W 136 18.27 -21.60 2.43
CA GLY W 136 16.93 -21.43 2.93
C GLY W 136 16.80 -20.71 4.26
N LEU W 137 15.57 -20.28 4.53
CA LEU W 137 15.14 -19.77 5.83
C LEU W 137 14.40 -20.89 6.54
N GLY W 138 15.20 -21.76 7.17
CA GLY W 138 14.66 -22.84 7.98
C GLY W 138 14.69 -22.37 9.40
N GLY W 139 13.76 -22.85 10.21
CA GLY W 139 13.76 -22.50 11.62
C GLY W 139 12.39 -22.06 12.09
N GLN W 140 12.38 -21.30 13.17
CA GLN W 140 11.11 -20.88 13.75
C GLN W 140 10.50 -19.73 12.96
N ALA W 141 9.18 -19.71 12.93
CA ALA W 141 8.44 -18.64 12.26
C ALA W 141 8.94 -17.24 12.65
N SER W 142 9.26 -17.04 13.92
CA SER W 142 9.81 -15.76 14.37
C SER W 142 11.07 -15.37 13.61
N ASP W 143 11.95 -16.34 13.43
CA ASP W 143 13.23 -16.14 12.77
C ASP W 143 13.06 -15.94 11.28
N ILE W 144 12.11 -16.67 10.71
CA ILE W 144 11.83 -16.52 9.29
C ILE W 144 11.24 -15.13 9.01
N GLU W 145 10.35 -14.65 9.88
CA GLU W 145 9.76 -13.30 9.74
C GLU W 145 10.84 -12.23 9.76
N ILE W 146 11.76 -12.35 10.71
CA ILE W 146 12.87 -11.41 10.86
C ILE W 146 13.72 -11.34 9.59
N HIS W 147 14.08 -12.50 9.05
CA HIS W 147 14.93 -12.57 7.87
C HIS W 147 14.17 -12.21 6.59
N ALA W 148 12.87 -12.53 6.54
CA ALA W 148 12.04 -12.09 5.42
C ALA W 148 11.99 -10.58 5.40
N ARG W 149 11.77 -9.99 6.57
CA ARG W 149 11.65 -8.55 6.68
C ARG W 149 12.94 -7.87 6.21
N GLU W 150 14.07 -8.44 6.61
CA GLU W 150 15.36 -7.85 6.26
C GLU W 150 15.58 -7.96 4.73
N LEU W 151 15.13 -9.08 4.14
CA LEU W 151 15.27 -9.31 2.71
C LEU W 151 14.44 -8.29 1.92
N LEU W 152 13.25 -7.97 2.43
CA LEU W 152 12.39 -6.97 1.81
C LEU W 152 13.00 -5.59 1.97
N LYS W 153 13.68 -5.35 3.09
CA LYS W 153 14.37 -4.09 3.29
C LYS W 153 15.50 -3.95 2.28
N ILE W 154 16.23 -5.04 2.04
CA ILE W 154 17.32 -5.06 1.04
C ILE W 154 16.78 -4.81 -0.35
N LYS W 155 15.69 -5.50 -0.67
CA LYS W 155 15.04 -5.31 -1.95
C LYS W 155 14.62 -3.86 -2.19
N GLU W 156 13.98 -3.24 -1.20
CA GLU W 156 13.53 -1.86 -1.38
C GLU W 156 14.73 -0.90 -1.50
N LYS W 157 15.76 -1.08 -0.66
CA LYS W 157 16.97 -0.24 -0.70
C LYS W 157 17.67 -0.32 -2.07
N LEU W 158 17.83 -1.53 -2.59
CA LEU W 158 18.53 -1.70 -3.84
C LEU W 158 17.76 -1.03 -4.96
N ASN W 159 16.45 -1.21 -4.98
CA ASN W 159 15.59 -0.52 -5.92
C ASN W 159 15.62 1.01 -5.78
N ARG W 160 15.65 1.50 -4.55
CA ARG W 160 15.64 2.93 -4.32
C ARG W 160 16.96 3.51 -4.88
N LEU W 161 18.07 2.82 -4.61
CA LEU W 161 19.39 3.30 -5.06
C LEU W 161 19.57 3.17 -6.57
N MET W 162 19.03 2.09 -7.10
CA MET W 162 19.08 1.87 -8.52
C MET W 162 18.28 2.96 -9.26
N ALA W 163 17.13 3.36 -8.71
CA ALA W 163 16.27 4.42 -9.29
C ALA W 163 17.02 5.73 -9.37
N LYS W 164 17.76 6.02 -8.31
CA LYS W 164 18.59 7.22 -8.26
C LYS W 164 19.76 7.12 -9.22
N HIS W 165 20.41 5.97 -9.30
CA HIS W 165 21.50 5.78 -10.25
C HIS W 165 21.01 5.98 -11.68
N CYS W 166 19.81 5.46 -11.94
CA CYS W 166 19.26 5.47 -13.27
C CYS W 166 18.40 6.71 -13.57
N ASP W 167 18.24 7.62 -12.60
CA ASP W 167 17.28 8.74 -12.73
C ASP W 167 15.90 8.26 -13.14
N ARG W 168 15.37 7.30 -12.39
CA ARG W 168 14.07 6.72 -12.70
C ARG W 168 13.24 6.65 -11.42
N ASP W 169 11.97 6.29 -11.55
CA ASP W 169 11.12 6.15 -10.39
C ASP W 169 11.25 4.79 -9.73
N LEU W 170 11.17 4.77 -8.40
CA LEU W 170 11.14 3.53 -7.63
C LEU W 170 10.13 2.55 -8.24
N ALA W 171 8.99 3.05 -8.68
CA ALA W 171 7.98 2.20 -9.27
C ALA W 171 8.49 1.51 -10.54
N ASP W 172 9.34 2.20 -11.29
CA ASP W 172 9.94 1.64 -12.51
C ASP W 172 10.86 0.46 -12.17
N LEU W 173 11.76 0.68 -11.21
CA LEU W 173 12.70 -0.36 -10.83
C LEU W 173 11.99 -1.59 -10.23
N GLU W 174 10.97 -1.35 -9.42
CA GLU W 174 10.19 -2.44 -8.84
C GLU W 174 9.52 -3.28 -9.93
N ARG W 175 8.97 -2.60 -10.93
CA ARG W 175 8.34 -3.26 -12.05
C ARG W 175 9.37 -4.08 -12.82
N ASP W 176 10.52 -3.47 -13.06
CA ASP W 176 11.50 -3.99 -13.98
C ASP W 176 12.50 -4.96 -13.33
N THR W 177 12.42 -5.12 -12.01
CA THR W 177 13.28 -6.09 -11.33
C THR W 177 12.48 -7.23 -10.74
N ASP W 178 11.18 -7.25 -11.00
CA ASP W 178 10.33 -8.30 -10.46
C ASP W 178 10.83 -9.66 -10.94
N ARG W 179 11.23 -9.72 -12.22
CA ARG W 179 11.83 -10.93 -12.77
C ARG W 179 13.10 -10.55 -13.50
N ASP W 180 13.88 -11.54 -13.92
CA ASP W 180 15.14 -11.29 -14.62
C ASP W 180 14.89 -10.40 -15.81
N ASN W 181 15.61 -9.31 -15.86
CA ASN W 181 15.44 -8.33 -16.90
C ASN W 181 16.77 -8.18 -17.62
N PHE W 182 16.90 -8.88 -18.75
CA PHE W 182 18.11 -8.81 -19.56
C PHE W 182 18.04 -7.59 -20.45
N MET W 183 19.15 -6.84 -20.53
CA MET W 183 19.28 -5.66 -21.37
C MET W 183 20.51 -5.74 -22.25
N SER W 184 20.35 -5.36 -23.51
CA SER W 184 21.52 -5.08 -24.32
C SER W 184 22.13 -3.76 -23.79
N ALA W 185 23.35 -3.47 -24.22
CA ALA W 185 23.99 -2.22 -23.88
C ALA W 185 23.11 -1.03 -24.31
N GLU W 186 22.51 -1.09 -25.49
CA GLU W 186 21.69 0.04 -25.92
C GLU W 186 20.46 0.21 -25.04
N GLU W 187 19.82 -0.89 -24.63
CA GLU W 187 18.70 -0.81 -23.69
C GLU W 187 19.19 -0.29 -22.33
N ALA W 188 20.40 -0.68 -21.96
CA ALA W 188 20.98 -0.25 -20.70
C ALA W 188 21.23 1.26 -20.70
N LYS W 189 21.64 1.81 -21.84
CA LYS W 189 21.86 3.25 -21.94
C LYS W 189 20.54 4.00 -21.90
N GLU W 190 19.58 3.53 -22.67
CA GLU W 190 18.23 4.10 -22.69
C GLU W 190 17.58 4.03 -21.30
N TYR W 191 17.87 2.98 -20.53
CA TYR W 191 17.29 2.82 -19.19
C TYR W 191 17.88 3.78 -18.17
N GLY W 192 19.15 4.16 -18.36
CA GLY W 192 19.87 5.02 -17.43
C GLY W 192 20.99 4.38 -16.60
N LEU W 193 21.30 3.11 -16.86
CA LEU W 193 22.34 2.38 -16.10
C LEU W 193 23.75 2.77 -16.53
N ILE W 194 23.90 3.07 -17.81
CA ILE W 194 25.16 3.57 -18.36
C ILE W 194 24.94 4.84 -19.16
N ASP W 195 26.03 5.50 -19.50
CA ASP W 195 25.96 6.77 -20.21
C ASP W 195 26.26 6.61 -21.69
N GLN W 196 27.30 5.82 -21.98
CA GLN W 196 27.81 5.66 -23.33
C GLN W 196 28.16 4.23 -23.70
N ILE W 197 27.95 3.90 -24.96
CA ILE W 197 28.40 2.62 -25.49
C ILE W 197 29.62 2.84 -26.37
N LEU W 198 30.67 2.08 -26.12
CA LEU W 198 31.90 2.30 -26.84
C LEU W 198 31.76 1.69 -28.22
N GLU W 199 32.51 2.25 -29.17
CA GLU W 199 32.58 1.76 -30.53
C GLU W 199 33.98 1.21 -30.83
N VAL X 10 48.77 -11.73 -5.56
CA VAL X 10 47.61 -10.99 -6.01
C VAL X 10 47.26 -9.82 -5.10
N PRO X 11 47.51 -8.57 -5.55
CA PRO X 11 48.35 -8.00 -6.61
C PRO X 11 49.54 -7.22 -6.06
N THR X 12 50.60 -7.10 -6.86
CA THR X 12 51.82 -6.40 -6.44
C THR X 12 51.74 -4.89 -6.70
N VAL X 13 52.26 -4.10 -5.78
CA VAL X 13 52.19 -2.63 -5.85
C VAL X 13 53.46 -2.00 -5.25
N ILE X 14 53.82 -0.80 -5.70
CA ILE X 14 55.09 -0.20 -5.30
C ILE X 14 54.98 0.98 -4.31
N GLU X 15 55.52 0.78 -3.10
CA GLU X 15 55.70 1.85 -2.13
C GLU X 15 56.99 2.59 -2.43
N GLN X 16 56.88 3.79 -2.99
CA GLN X 16 58.08 4.58 -3.25
C GLN X 16 58.34 5.52 -2.08
N SER X 17 58.98 4.97 -1.04
CA SER X 17 59.38 5.76 0.12
C SER X 17 60.68 6.51 -0.17
N GLY X 18 61.10 7.35 0.77
CA GLY X 18 62.45 7.89 0.75
C GLY X 18 63.34 6.70 1.07
N ARG X 19 64.57 6.70 0.55
CA ARG X 19 65.46 5.53 0.65
C ARG X 19 64.99 4.37 -0.23
N GLY X 20 63.68 4.30 -0.48
CA GLY X 20 63.13 3.10 -1.08
C GLY X 20 62.35 3.16 -2.38
N GLU X 21 62.38 2.02 -3.05
CA GLU X 21 61.31 1.61 -3.93
C GLU X 21 61.10 0.14 -3.57
N ARG X 22 59.97 -0.17 -2.95
CA ARG X 22 59.73 -1.52 -2.49
C ARG X 22 58.45 -2.09 -3.06
N ALA X 23 58.49 -3.38 -3.41
CA ALA X 23 57.32 -4.08 -3.92
C ALA X 23 56.56 -4.74 -2.76
N PHE X 24 55.25 -4.48 -2.69
CA PHE X 24 54.39 -5.03 -1.64
C PHE X 24 53.17 -5.71 -2.23
N ASP X 25 52.69 -6.78 -1.60
CA ASP X 25 51.32 -7.19 -1.90
C ASP X 25 50.48 -6.05 -1.30
N ILE X 26 49.31 -5.79 -1.88
CA ILE X 26 48.59 -4.56 -1.55
C ILE X 26 48.12 -4.52 -0.07
N TYR X 27 47.87 -5.67 0.55
CA TYR X 27 47.44 -5.68 1.96
C TYR X 27 48.57 -5.34 2.93
N SER X 28 49.78 -5.81 2.62
CA SER X 28 50.97 -5.47 3.37
C SER X 28 51.20 -3.96 3.23
N ARG X 29 50.84 -3.44 2.06
CA ARG X 29 50.93 -2.02 1.79
C ARG X 29 49.96 -1.22 2.67
N LEU X 30 48.72 -1.70 2.81
CA LEU X 30 47.76 -1.01 3.67
C LEU X 30 48.14 -1.17 5.14
N LEU X 31 48.80 -2.27 5.47
CA LEU X 31 49.30 -2.49 6.82
C LEU X 31 50.34 -1.43 7.21
N LYS X 32 51.18 -1.00 6.26
CA LYS X 32 52.16 0.05 6.56
C LYS X 32 51.51 1.36 6.99
N GLU X 33 50.29 1.61 6.51
CA GLU X 33 49.52 2.78 6.94
C GLU X 33 48.65 2.43 8.15
N ARG X 34 48.99 1.33 8.81
CA ARG X 34 48.34 0.87 10.05
C ARG X 34 46.88 0.44 9.83
N ILE X 35 46.59 -0.06 8.64
CA ILE X 35 45.27 -0.62 8.40
C ILE X 35 45.33 -2.13 8.51
N VAL X 36 44.46 -2.70 9.33
CA VAL X 36 44.36 -4.14 9.54
C VAL X 36 42.98 -4.65 9.16
N PHE X 37 42.93 -5.73 8.38
CA PHE X 37 41.65 -6.28 7.89
C PHE X 37 41.20 -7.51 8.64
N LEU X 38 39.91 -7.56 8.95
CA LEU X 38 39.22 -8.80 9.33
C LEU X 38 38.10 -9.05 8.31
N VAL X 39 38.33 -10.00 7.38
CA VAL X 39 37.40 -10.29 6.29
C VAL X 39 36.99 -11.77 6.30
N GLY X 40 35.70 -12.04 6.23
CA GLY X 40 35.21 -13.40 6.27
C GLY X 40 35.13 -13.91 7.69
N PRO X 41 34.85 -15.20 7.85
CA PRO X 41 34.66 -15.80 9.18
C PRO X 41 35.86 -15.67 10.12
N VAL X 42 35.55 -15.44 11.39
CA VAL X 42 36.53 -15.37 12.44
C VAL X 42 36.92 -16.77 12.85
N THR X 43 38.16 -17.16 12.56
CA THR X 43 38.68 -18.46 12.97
C THR X 43 39.87 -18.22 13.88
N ASP X 44 40.35 -19.27 14.55
CA ASP X 44 41.57 -19.18 15.33
C ASP X 44 42.70 -18.59 14.48
N GLU X 45 42.76 -19.01 13.22
CA GLU X 45 43.81 -18.59 12.31
C GLU X 45 43.66 -17.16 11.81
N SER X 46 42.45 -16.76 11.41
CA SER X 46 42.24 -15.39 10.94
C SER X 46 42.33 -14.39 12.08
N ALA X 47 41.83 -14.77 13.25
CA ALA X 47 41.89 -13.92 14.45
C ALA X 47 43.32 -13.73 14.92
N ASN X 48 44.10 -14.82 14.93
CA ASN X 48 45.46 -14.72 15.42
C ASN X 48 46.34 -13.86 14.52
N LEU X 49 46.09 -13.92 13.23
CA LEU X 49 46.76 -13.06 12.28
C LEU X 49 46.49 -11.60 12.62
N VAL X 50 45.24 -11.29 12.95
CA VAL X 50 44.89 -9.94 13.39
C VAL X 50 45.64 -9.56 14.66
N VAL X 51 45.66 -10.45 15.64
CA VAL X 51 46.37 -10.19 16.89
C VAL X 51 47.83 -9.86 16.60
N ALA X 52 48.46 -10.61 15.70
CA ALA X 52 49.86 -10.38 15.33
C ALA X 52 50.08 -9.01 14.68
N GLN X 53 49.16 -8.62 13.79
CA GLN X 53 49.31 -7.32 13.14
C GLN X 53 49.11 -6.18 14.15
N LEU X 54 48.16 -6.34 15.07
CA LEU X 54 47.90 -5.33 16.08
C LEU X 54 49.13 -5.12 16.96
N LEU X 55 49.70 -6.21 17.44
CA LEU X 55 50.90 -6.16 18.26
C LEU X 55 52.08 -5.57 17.48
N PHE X 56 52.21 -5.95 16.22
CA PHE X 56 53.31 -5.44 15.40
C PHE X 56 53.22 -3.93 15.22
N LEU X 57 52.01 -3.42 14.94
CA LEU X 57 51.80 -1.99 14.73
C LEU X 57 52.13 -1.19 15.99
N GLU X 58 51.81 -1.76 17.15
CA GLU X 58 52.16 -1.13 18.39
C GLU X 58 53.69 -1.01 18.55
N SER X 59 54.42 -2.04 18.16
CA SER X 59 55.88 -2.02 18.24
C SER X 59 56.45 -0.96 17.30
N GLU X 60 55.81 -0.76 16.16
CA GLU X 60 56.24 0.26 15.23
C GLU X 60 56.01 1.68 15.80
N ASN X 61 54.88 1.88 16.46
CA ASN X 61 54.56 3.17 17.08
C ASN X 61 53.40 2.98 18.04
N PRO X 62 53.70 3.09 19.34
CA PRO X 62 52.70 2.84 20.39
C PRO X 62 51.70 3.97 20.57
N ASP X 63 51.84 5.06 19.84
CA ASP X 63 50.97 6.23 20.06
C ASP X 63 49.99 6.48 18.93
N LYS X 64 50.31 6.04 17.72
CA LYS X 64 49.44 6.29 16.59
C LYS X 64 48.23 5.35 16.58
N ASP X 65 47.07 5.89 16.23
CA ASP X 65 45.86 5.08 16.06
C ASP X 65 46.08 3.94 15.08
N ILE X 66 45.34 2.86 15.30
CA ILE X 66 45.30 1.72 14.40
C ILE X 66 43.90 1.64 13.81
N PHE X 67 43.81 1.28 12.54
CA PHE X 67 42.51 1.24 11.85
C PHE X 67 42.13 -0.17 11.41
N PHE X 68 41.16 -0.71 12.15
CA PHE X 68 40.73 -2.08 12.07
C PHE X 68 39.47 -2.13 11.20
N TYR X 69 39.63 -2.62 9.97
CA TYR X 69 38.52 -2.71 9.00
C TYR X 69 37.83 -4.06 9.11
N ILE X 70 36.54 -4.04 9.35
CA ILE X 70 35.79 -5.27 9.58
C ILE X 70 34.71 -5.54 8.54
N ASN X 71 34.84 -6.65 7.84
CA ASN X 71 33.78 -7.20 6.99
C ASN X 71 33.63 -8.71 7.27
N SER X 72 32.80 -9.06 8.25
CA SER X 72 32.73 -10.42 8.79
C SER X 72 31.34 -10.78 9.28
N PRO X 73 30.91 -12.04 9.04
CA PRO X 73 29.63 -12.56 9.52
C PRO X 73 29.76 -13.06 10.97
N GLY X 74 30.96 -12.96 11.53
CA GLY X 74 31.23 -13.46 12.87
C GLY X 74 31.98 -14.77 12.83
N GLY X 75 31.83 -15.59 13.87
CA GLY X 75 32.53 -16.86 13.91
C GLY X 75 32.85 -17.28 15.33
N SER X 76 34.05 -17.82 15.55
CA SER X 76 34.42 -18.33 16.88
C SER X 76 34.46 -17.25 17.94
N VAL X 77 33.78 -17.49 19.05
CA VAL X 77 33.75 -16.56 20.17
C VAL X 77 35.12 -16.36 20.83
N THR X 78 35.80 -17.48 21.10
CA THR X 78 37.08 -17.43 21.78
C THR X 78 38.14 -16.78 20.91
N ALA X 79 38.12 -17.12 19.61
CA ALA X 79 39.03 -16.50 18.65
C ALA X 79 38.76 -15.01 18.59
N GLY X 80 37.50 -14.64 18.60
CA GLY X 80 37.13 -13.24 18.65
C GLY X 80 37.62 -12.56 19.90
N MET X 81 37.52 -13.24 21.06
CA MET X 81 37.94 -12.63 22.31
C MET X 81 39.45 -12.33 22.34
N SER X 82 40.24 -13.15 21.63
CA SER X 82 41.69 -12.90 21.60
C SER X 82 41.97 -11.55 20.88
N ILE X 83 41.17 -11.22 19.86
CA ILE X 83 41.28 -9.92 19.21
C ILE X 83 40.85 -8.81 20.17
N TYR X 84 39.70 -9.02 20.79
CA TYR X 84 39.13 -8.08 21.77
C TYR X 84 40.12 -7.68 22.83
N ASP X 85 40.74 -8.68 23.47
CA ASP X 85 41.66 -8.47 24.57
C ASP X 85 42.92 -7.80 24.09
N THR X 86 43.30 -8.06 22.85
CA THR X 86 44.47 -7.41 22.27
C THR X 86 44.16 -5.93 22.01
N MET X 87 42.98 -5.67 21.46
CA MET X 87 42.51 -4.28 21.26
C MET X 87 42.55 -3.48 22.57
N ASN X 88 42.05 -4.08 23.64
CA ASN X 88 41.99 -3.39 24.93
C ASN X 88 43.35 -3.22 25.56
N PHE X 89 44.26 -4.18 25.34
CA PHE X 89 45.55 -4.19 26.01
C PHE X 89 46.52 -3.15 25.46
N ILE X 90 46.66 -3.11 24.14
CA ILE X 90 47.69 -2.30 23.53
C ILE X 90 47.37 -0.82 23.75
N LYS X 91 48.42 0.00 23.73
CA LYS X 91 48.30 1.44 23.94
C LYS X 91 47.61 2.21 22.80
N PRO X 92 47.95 1.90 21.53
CA PRO X 92 47.28 2.64 20.44
C PRO X 92 45.78 2.48 20.49
N ASP X 93 45.05 3.56 20.20
CA ASP X 93 43.62 3.48 19.98
C ASP X 93 43.35 2.58 18.79
N VAL X 94 42.45 1.62 18.92
CA VAL X 94 42.05 0.87 17.75
C VAL X 94 40.71 1.38 17.24
N SER X 95 40.76 2.21 16.20
CA SER X 95 39.55 2.63 15.50
C SER X 95 38.95 1.43 14.76
N THR X 96 37.63 1.33 14.73
CA THR X 96 37.00 0.26 13.94
C THR X 96 36.13 0.85 12.86
N LEU X 97 36.09 0.16 11.73
CA LEU X 97 35.31 0.57 10.56
C LEU X 97 34.60 -0.66 10.00
N CYS X 98 33.28 -0.55 9.85
CA CYS X 98 32.51 -1.60 9.23
C CYS X 98 32.32 -1.32 7.75
N LEU X 99 32.85 -2.19 6.90
CA LEU X 99 32.52 -2.12 5.46
C LEU X 99 31.83 -3.43 5.09
N GLY X 100 30.74 -3.35 4.34
CA GLY X 100 30.02 -4.57 3.99
C GLY X 100 29.14 -5.00 5.14
N GLN X 101 29.67 -5.80 6.05
CA GLN X 101 28.87 -6.18 7.21
C GLN X 101 29.71 -6.47 8.45
N ALA X 102 29.09 -6.27 9.61
CA ALA X 102 29.65 -6.70 10.87
C ALA X 102 28.53 -7.41 11.65
N ALA X 103 28.57 -8.73 11.62
CA ALA X 103 27.53 -9.55 12.26
C ALA X 103 28.08 -10.40 13.38
N SER X 104 27.28 -10.54 14.43
CA SER X 104 27.63 -11.31 15.61
C SER X 104 28.97 -10.86 16.14
N MET X 105 29.94 -11.78 16.25
CA MET X 105 31.26 -11.43 16.78
C MET X 105 31.94 -10.31 15.96
N GLY X 106 31.60 -10.20 14.68
CA GLY X 106 32.05 -9.09 13.88
C GLY X 106 31.53 -7.76 14.43
N ALA X 107 30.25 -7.75 14.83
CA ALA X 107 29.61 -6.57 15.40
C ALA X 107 30.16 -6.27 16.80
N PHE X 108 30.44 -7.34 17.55
CA PHE X 108 31.05 -7.25 18.86
C PHE X 108 32.38 -6.51 18.78
N LEU X 109 33.22 -6.93 17.84
CA LEU X 109 34.55 -6.32 17.67
C LEU X 109 34.43 -4.87 17.17
N LEU X 110 33.47 -4.65 16.26
CA LEU X 110 33.17 -3.31 15.77
C LEU X 110 32.83 -2.37 16.93
N SER X 111 31.93 -2.82 17.80
CA SER X 111 31.49 -2.03 18.97
C SER X 111 32.59 -1.83 20.02
N ALA X 112 33.64 -2.63 19.93
CA ALA X 112 34.74 -2.60 20.90
C ALA X 112 35.81 -1.57 20.53
N GLY X 113 35.69 -0.95 19.37
CA GLY X 113 36.68 0.02 18.94
C GLY X 113 36.71 1.18 19.91
N GLU X 114 37.82 1.92 19.93
CA GLU X 114 37.96 3.10 20.79
C GLU X 114 36.76 4.04 20.61
N LYS X 115 36.06 4.32 21.71
CA LYS X 115 34.84 5.13 21.68
C LYS X 115 35.16 6.51 21.13
N GLY X 116 34.35 6.94 20.17
CA GLY X 116 34.64 8.12 19.39
C GLY X 116 35.24 7.75 18.05
N LYS X 117 35.78 6.54 17.94
CA LYS X 117 36.46 6.12 16.70
C LYS X 117 35.89 4.85 16.09
N ARG X 118 34.62 4.61 16.33
CA ARG X 118 33.91 3.49 15.72
C ARG X 118 33.08 4.00 14.55
N PHE X 119 33.36 3.46 13.37
CA PHE X 119 32.75 3.97 12.15
C PHE X 119 32.00 2.90 11.34
N ALA X 120 31.07 3.35 10.51
CA ALA X 120 30.47 2.48 9.48
C ALA X 120 30.28 3.24 8.17
N LEU X 121 30.41 2.54 7.04
CA LEU X 121 30.08 3.12 5.74
C LEU X 121 28.55 3.14 5.60
N PRO X 122 27.99 4.03 4.78
CA PRO X 122 26.54 4.27 4.84
C PRO X 122 25.66 3.07 4.61
N ASN X 123 26.13 2.12 3.82
CA ASN X 123 25.29 0.97 3.51
C ASN X 123 25.76 -0.32 4.20
N SER X 124 26.55 -0.17 5.26
CA SER X 124 26.95 -1.31 6.07
C SER X 124 25.75 -1.93 6.75
N ARG X 125 25.87 -3.22 7.03
CA ARG X 125 24.85 -3.94 7.77
C ARG X 125 25.44 -4.43 9.11
N ILE X 126 24.74 -4.18 10.22
CA ILE X 126 25.20 -4.70 11.51
C ILE X 126 24.15 -5.69 12.02
N MET X 127 24.59 -6.80 12.58
CA MET X 127 23.63 -7.72 13.18
C MET X 127 24.13 -8.30 14.49
N ILE X 128 23.26 -8.28 15.50
CA ILE X 128 23.57 -8.85 16.81
C ILE X 128 22.52 -9.89 17.21
N HIS X 129 22.96 -10.92 17.92
CA HIS X 129 22.07 -11.94 18.46
C HIS X 129 22.74 -12.63 19.62
N GLN X 130 22.04 -13.57 20.25
CA GLN X 130 22.61 -14.39 21.33
C GLN X 130 23.51 -15.51 20.79
N PRO X 131 24.34 -16.12 21.66
CA PRO X 131 25.18 -17.21 21.15
C PRO X 131 24.36 -18.35 20.59
N LEU X 132 24.81 -18.96 19.50
CA LEU X 132 24.16 -20.12 18.93
C LEU X 132 25.24 -21.20 18.85
N ILE X 133 24.85 -22.47 18.89
CA ILE X 133 25.78 -23.51 18.49
C ILE X 133 25.18 -24.35 17.37
N SER X 134 25.87 -25.40 16.96
CA SER X 134 25.30 -26.40 16.06
C SER X 134 26.22 -27.60 16.02
N GLY X 135 25.64 -28.79 15.96
CA GLY X 135 26.45 -30.00 15.96
C GLY X 135 26.65 -30.71 17.28
N GLY X 136 27.37 -31.84 17.18
CA GLY X 136 27.72 -32.74 18.25
C GLY X 136 27.66 -32.41 19.73
N LEU X 137 26.81 -31.47 20.15
CA LEU X 137 26.61 -31.33 21.59
C LEU X 137 25.63 -32.45 21.89
N GLY X 138 26.22 -33.62 22.09
CA GLY X 138 25.51 -34.82 22.48
C GLY X 138 26.32 -35.54 23.53
N GLY X 139 25.62 -36.24 24.40
CA GLY X 139 26.22 -37.23 25.25
C GLY X 139 25.40 -37.41 26.49
N GLN X 140 26.08 -37.45 27.64
CA GLN X 140 25.39 -37.69 28.91
C GLN X 140 24.77 -36.40 29.36
N ALA X 141 23.60 -36.49 30.00
CA ALA X 141 22.95 -35.30 30.55
C ALA X 141 23.94 -34.48 31.37
N SER X 142 24.80 -35.15 32.15
CA SER X 142 25.82 -34.44 32.92
C SER X 142 26.70 -33.53 32.04
N ASP X 143 27.10 -34.04 30.88
CA ASP X 143 27.99 -33.31 30.00
C ASP X 143 27.25 -32.14 29.32
N ILE X 144 26.01 -32.40 28.95
CA ILE X 144 25.15 -31.41 28.32
C ILE X 144 24.83 -30.27 29.28
N GLU X 145 24.58 -30.62 30.53
CA GLU X 145 24.39 -29.64 31.57
C GLU X 145 25.64 -28.73 31.68
N ILE X 146 26.83 -29.33 31.69
CA ILE X 146 28.06 -28.55 31.80
C ILE X 146 28.22 -27.55 30.65
N HIS X 147 27.96 -27.98 29.41
CA HIS X 147 28.15 -27.10 28.26
C HIS X 147 27.00 -26.08 28.09
N ALA X 148 25.78 -26.49 28.41
CA ALA X 148 24.65 -25.56 28.39
C ALA X 148 24.93 -24.40 29.35
N ARG X 149 25.42 -24.76 30.54
CA ARG X 149 25.80 -23.78 31.58
C ARG X 149 26.88 -22.86 31.05
N GLU X 150 27.87 -23.43 30.36
CA GLU X 150 28.95 -22.63 29.80
C GLU X 150 28.43 -21.67 28.72
N LEU X 151 27.49 -22.12 27.90
CA LEU X 151 26.93 -21.26 26.86
C LEU X 151 26.16 -20.09 27.49
N LEU X 152 25.47 -20.37 28.59
CA LEU X 152 24.71 -19.35 29.30
C LEU X 152 25.64 -18.31 29.93
N LYS X 153 26.81 -18.74 30.42
CA LYS X 153 27.79 -17.75 30.88
C LYS X 153 28.32 -16.89 29.72
N ILE X 154 28.60 -17.50 28.57
CA ILE X 154 29.07 -16.73 27.42
C ILE X 154 28.01 -15.71 27.01
N LYS X 155 26.75 -16.15 26.97
CA LYS X 155 25.64 -15.27 26.64
C LYS X 155 25.55 -14.08 27.59
N GLU X 156 25.62 -14.34 28.91
CA GLU X 156 25.53 -13.22 29.84
C GLU X 156 26.74 -12.31 29.73
N LYS X 157 27.94 -12.89 29.59
CA LYS X 157 29.13 -12.06 29.49
C LYS X 157 29.06 -11.12 28.27
N LEU X 158 28.64 -11.67 27.14
CA LEU X 158 28.57 -10.93 25.89
C LEU X 158 27.54 -9.81 25.95
N ASN X 159 26.38 -10.09 26.55
CA ASN X 159 25.36 -9.06 26.76
C ASN X 159 25.90 -7.94 27.66
N ARG X 160 26.59 -8.34 28.72
CA ARG X 160 27.17 -7.41 29.68
C ARG X 160 28.25 -6.51 29.04
N LEU X 161 29.15 -7.10 28.26
CA LEU X 161 30.20 -6.31 27.62
C LEU X 161 29.60 -5.43 26.54
N MET X 162 28.62 -5.96 25.82
CA MET X 162 27.96 -5.20 24.77
C MET X 162 27.22 -4.00 25.34
N ALA X 163 26.58 -4.18 26.50
CA ALA X 163 25.90 -3.06 27.15
C ALA X 163 26.88 -1.95 27.48
N LYS X 164 28.06 -2.32 27.96
CA LYS X 164 29.08 -1.34 28.30
C LYS X 164 29.61 -0.66 27.04
N HIS X 165 29.81 -1.42 25.96
CA HIS X 165 30.25 -0.83 24.69
C HIS X 165 29.21 0.16 24.17
N CYS X 166 27.94 -0.18 24.31
CA CYS X 166 26.90 0.64 23.73
C CYS X 166 26.41 1.72 24.67
N ASP X 167 26.93 1.71 25.90
CA ASP X 167 26.45 2.59 26.98
C ASP X 167 24.95 2.48 27.18
N ARG X 168 24.49 1.26 27.34
CA ARG X 168 23.06 0.99 27.51
C ARG X 168 22.81 0.10 28.69
N ASP X 169 21.55 0.00 29.05
CA ASP X 169 21.19 -0.87 30.14
C ASP X 169 21.21 -2.31 29.66
N LEU X 170 21.74 -3.18 30.52
CA LEU X 170 21.82 -4.62 30.28
C LEU X 170 20.54 -5.24 29.76
N ALA X 171 19.40 -4.87 30.35
CA ALA X 171 18.12 -5.42 29.95
C ALA X 171 17.81 -5.14 28.49
N ASP X 172 18.29 -4.00 27.97
CA ASP X 172 18.10 -3.70 26.56
C ASP X 172 18.82 -4.70 25.67
N LEU X 173 20.09 -4.99 25.98
CA LEU X 173 20.86 -5.93 25.16
C LEU X 173 20.23 -7.31 25.21
N GLU X 174 19.76 -7.69 26.40
CA GLU X 174 19.08 -8.97 26.57
C GLU X 174 17.83 -9.06 25.70
N ARG X 175 17.04 -7.98 25.67
CA ARG X 175 15.84 -7.89 24.83
C ARG X 175 16.20 -7.90 23.33
N ASP X 176 17.24 -7.15 22.99
CA ASP X 176 17.56 -6.89 21.60
C ASP X 176 18.47 -7.93 20.95
N THR X 177 18.96 -8.90 21.72
CA THR X 177 19.76 -9.96 21.13
C THR X 177 19.06 -11.32 21.23
N ASP X 178 17.81 -11.35 21.69
CA ASP X 178 17.08 -12.61 21.81
C ASP X 178 16.96 -13.35 20.45
N ARG X 179 16.68 -12.60 19.38
CA ARG X 179 16.67 -13.13 18.03
C ARG X 179 17.51 -12.21 17.16
N ASP X 180 17.80 -12.63 15.92
CA ASP X 180 18.67 -11.86 15.03
C ASP X 180 18.15 -10.44 14.86
N ASN X 181 19.03 -9.48 15.14
CA ASN X 181 18.70 -8.07 15.14
C ASN X 181 19.56 -7.32 14.12
N PHE X 182 18.98 -7.05 12.95
CA PHE X 182 19.65 -6.34 11.88
C PHE X 182 19.52 -4.85 12.04
N MET X 183 20.63 -4.15 11.89
CA MET X 183 20.64 -2.72 12.00
C MET X 183 21.33 -2.10 10.80
N SER X 184 20.74 -1.03 10.27
CA SER X 184 21.44 -0.14 9.34
C SER X 184 22.54 0.61 10.10
N ALA X 185 23.39 1.31 9.36
CA ALA X 185 24.40 2.14 10.00
C ALA X 185 23.75 3.17 10.96
N GLU X 186 22.63 3.77 10.55
CA GLU X 186 21.93 4.76 11.39
C GLU X 186 21.39 4.20 12.70
N GLU X 187 20.75 3.04 12.65
CA GLU X 187 20.19 2.42 13.86
C GLU X 187 21.32 2.02 14.80
N ALA X 188 22.43 1.56 14.21
CA ALA X 188 23.60 1.13 14.97
C ALA X 188 24.23 2.34 15.68
N LYS X 189 24.20 3.50 15.02
CA LYS X 189 24.69 4.72 15.66
C LYS X 189 23.77 5.14 16.79
N GLU X 190 22.48 5.13 16.52
CA GLU X 190 21.47 5.47 17.51
C GLU X 190 21.53 4.48 18.69
N TYR X 191 21.84 3.23 18.40
CA TYR X 191 21.89 2.21 19.45
C TYR X 191 23.09 2.41 20.36
N GLY X 192 24.17 2.98 19.82
CA GLY X 192 25.42 3.15 20.57
C GLY X 192 26.55 2.19 20.17
N LEU X 193 26.37 1.45 19.07
CA LEU X 193 27.34 0.45 18.59
C LEU X 193 28.52 1.10 17.86
N ILE X 194 28.22 2.15 17.12
CA ILE X 194 29.23 2.95 16.43
C ILE X 194 29.05 4.42 16.80
N ASP X 195 30.03 5.25 16.44
CA ASP X 195 30.02 6.68 16.73
C ASP X 195 29.63 7.53 15.51
N GLN X 196 30.18 7.20 14.35
CA GLN X 196 29.91 8.01 13.16
C GLN X 196 29.69 7.19 11.90
N ILE X 197 28.89 7.75 11.01
CA ILE X 197 28.68 7.21 9.68
C ILE X 197 29.46 8.07 8.70
N LEU X 198 30.28 7.43 7.88
CA LEU X 198 31.12 8.19 6.96
C LEU X 198 30.34 8.53 5.71
N GLU X 199 30.17 9.82 5.45
CA GLU X 199 29.42 10.23 4.28
C GLU X 199 30.32 10.28 3.05
N ASN X 200 30.78 11.47 2.67
CA ASN X 200 31.57 11.63 1.47
C ASN X 200 32.97 12.15 1.75
N TYR Y 8 46.28 -19.10 3.22
CA TYR Y 8 45.89 -17.70 3.40
C TYR Y 8 47.12 -16.81 3.41
N LEU Y 9 46.94 -15.56 2.97
CA LEU Y 9 48.05 -14.62 2.88
C LEU Y 9 48.54 -14.24 4.28
N VAL Y 10 49.84 -14.33 4.49
CA VAL Y 10 50.47 -13.76 5.68
C VAL Y 10 51.18 -12.48 5.27
N PRO Y 11 50.80 -11.34 5.88
CA PRO Y 11 51.35 -10.05 5.44
C PRO Y 11 52.86 -9.95 5.72
N THR Y 12 53.55 -9.16 4.90
CA THR Y 12 54.99 -8.99 5.02
C THR Y 12 55.33 -7.68 5.71
N VAL Y 13 56.27 -7.74 6.65
CA VAL Y 13 56.67 -6.54 7.38
C VAL Y 13 58.19 -6.34 7.33
N ILE Y 14 58.60 -5.10 7.58
CA ILE Y 14 60.01 -4.72 7.49
C ILE Y 14 60.63 -4.52 8.86
N GLU Y 15 61.62 -5.34 9.20
CA GLU Y 15 62.47 -5.05 10.35
C GLU Y 15 63.57 -4.09 9.93
N GLN Y 16 63.26 -2.80 9.99
CA GLN Y 16 64.28 -1.80 9.74
C GLN Y 16 65.02 -1.55 11.04
N SER Y 17 65.98 -2.43 11.30
CA SER Y 17 66.95 -2.24 12.36
C SER Y 17 68.12 -1.41 11.84
N GLY Y 18 69.18 -1.28 12.64
CA GLY Y 18 70.46 -0.88 12.10
C GLY Y 18 70.92 -2.09 11.30
N ARG Y 19 71.97 -1.92 10.50
CA ARG Y 19 72.51 -3.01 9.67
C ARG Y 19 71.53 -3.36 8.53
N GLY Y 20 70.50 -2.53 8.35
CA GLY Y 20 69.67 -2.59 7.15
C GLY Y 20 68.25 -3.12 7.26
N GLU Y 21 67.58 -3.18 6.10
CA GLU Y 21 66.18 -3.65 6.01
C GLU Y 21 66.07 -5.13 5.67
N ARG Y 22 65.14 -5.81 6.34
CA ARG Y 22 64.78 -7.17 5.96
C ARG Y 22 63.27 -7.29 5.87
N ALA Y 23 62.80 -8.11 4.93
CA ALA Y 23 61.40 -8.43 4.83
C ALA Y 23 61.12 -9.70 5.62
N PHE Y 24 59.99 -9.74 6.32
CA PHE Y 24 59.58 -10.92 7.08
C PHE Y 24 58.10 -11.19 6.94
N ASP Y 25 57.72 -12.47 6.90
CA ASP Y 25 56.32 -12.79 7.15
C ASP Y 25 56.13 -12.41 8.62
N ILE Y 26 54.93 -12.00 9.00
CA ILE Y 26 54.78 -11.34 10.30
C ILE Y 26 55.10 -12.26 11.48
N TYR Y 27 54.88 -13.57 11.33
CA TYR Y 27 55.14 -14.51 12.44
C TYR Y 27 56.65 -14.70 12.65
N SER Y 28 57.42 -14.70 11.55
CA SER Y 28 58.88 -14.75 11.67
C SER Y 28 59.40 -13.50 12.38
N ARG Y 29 58.73 -12.38 12.14
CA ARG Y 29 59.06 -11.11 12.81
C ARG Y 29 58.89 -11.23 14.33
N LEU Y 30 57.79 -11.85 14.76
CA LEU Y 30 57.57 -12.02 16.19
C LEU Y 30 58.51 -13.07 16.79
N LEU Y 31 58.93 -14.06 15.99
CA LEU Y 31 59.86 -15.06 16.48
C LEU Y 31 61.17 -14.37 16.86
N LYS Y 32 61.57 -13.34 16.11
CA LYS Y 32 62.74 -12.54 16.52
C LYS Y 32 62.62 -11.88 17.87
N GLU Y 33 61.40 -11.56 18.31
CA GLU Y 33 61.24 -10.98 19.66
C GLU Y 33 60.93 -12.10 20.66
N ARG Y 34 61.26 -13.33 20.23
CA ARG Y 34 61.16 -14.54 21.03
C ARG Y 34 59.72 -14.91 21.38
N ILE Y 35 58.79 -14.55 20.52
CA ILE Y 35 57.42 -14.96 20.69
C ILE Y 35 57.13 -16.18 19.83
N VAL Y 36 56.63 -17.24 20.47
CA VAL Y 36 56.29 -18.46 19.75
C VAL Y 36 54.80 -18.76 19.89
N PHE Y 37 54.13 -19.09 18.79
CA PHE Y 37 52.69 -19.36 18.81
C PHE Y 37 52.33 -20.83 18.75
N LEU Y 38 51.36 -21.23 19.57
CA LEU Y 38 50.62 -22.48 19.35
C LEU Y 38 49.16 -22.16 19.17
N VAL Y 39 48.70 -22.23 17.92
CA VAL Y 39 47.34 -21.87 17.51
C VAL Y 39 46.63 -23.05 16.85
N GLY Y 40 45.42 -23.37 17.30
CA GLY Y 40 44.69 -24.49 16.71
C GLY Y 40 45.08 -25.85 17.28
N PRO Y 41 44.62 -26.92 16.63
CA PRO Y 41 44.81 -28.27 17.16
C PRO Y 41 46.28 -28.64 17.31
N VAL Y 42 46.61 -29.34 18.39
CA VAL Y 42 47.96 -29.83 18.63
C VAL Y 42 48.16 -31.14 17.87
N THR Y 43 49.03 -31.12 16.85
CA THR Y 43 49.42 -32.31 16.07
C THR Y 43 50.93 -32.50 16.16
N ASP Y 44 51.43 -33.63 15.67
CA ASP Y 44 52.87 -33.86 15.57
C ASP Y 44 53.54 -32.73 14.82
N GLU Y 45 52.91 -32.24 13.76
CA GLU Y 45 53.51 -31.21 12.94
C GLU Y 45 53.49 -29.85 13.64
N SER Y 46 52.35 -29.49 14.25
CA SER Y 46 52.30 -28.20 14.92
C SER Y 46 53.16 -28.21 16.17
N ALA Y 47 53.20 -29.33 16.88
CA ALA Y 47 54.02 -29.43 18.08
C ALA Y 47 55.53 -29.41 17.76
N ASN Y 48 55.92 -30.15 16.72
CA ASN Y 48 57.35 -30.23 16.40
C ASN Y 48 57.88 -28.89 15.95
N LEU Y 49 57.03 -28.11 15.28
CA LEU Y 49 57.37 -26.75 14.88
C LEU Y 49 57.65 -25.85 16.07
N VAL Y 50 56.83 -25.98 17.11
CA VAL Y 50 57.02 -25.27 18.37
C VAL Y 50 58.35 -25.70 18.97
N VAL Y 51 58.58 -27.02 19.04
CA VAL Y 51 59.84 -27.55 19.55
C VAL Y 51 61.04 -26.95 18.82
N ALA Y 52 60.95 -26.87 17.50
CA ALA Y 52 62.06 -26.33 16.71
C ALA Y 52 62.32 -24.87 17.05
N GLN Y 53 61.25 -24.10 17.25
CA GLN Y 53 61.39 -22.68 17.56
C GLN Y 53 61.99 -22.45 18.96
N LEU Y 54 61.58 -23.25 19.94
CA LEU Y 54 62.11 -23.13 21.30
C LEU Y 54 63.61 -23.41 21.33
N LEU Y 55 64.04 -24.49 20.67
CA LEU Y 55 65.46 -24.88 20.58
C LEU Y 55 66.28 -23.82 19.86
N PHE Y 56 65.71 -23.27 18.80
CA PHE Y 56 66.38 -22.22 18.07
C PHE Y 56 66.54 -20.95 18.93
N LEU Y 57 65.47 -20.58 19.64
CA LEU Y 57 65.50 -19.36 20.46
C LEU Y 57 66.51 -19.46 21.61
N GLU Y 58 66.62 -20.66 22.20
CA GLU Y 58 67.62 -20.92 23.22
C GLU Y 58 69.03 -20.74 22.65
N SER Y 59 69.26 -21.24 21.43
CA SER Y 59 70.58 -21.11 20.80
C SER Y 59 70.90 -19.64 20.48
N GLU Y 60 69.87 -18.84 20.18
CA GLU Y 60 70.08 -17.41 19.97
C GLU Y 60 70.50 -16.71 21.26
N ASN Y 61 69.87 -17.11 22.37
CA ASN Y 61 70.17 -16.57 23.69
C ASN Y 61 69.61 -17.50 24.74
N PRO Y 62 70.51 -18.20 25.44
CA PRO Y 62 70.06 -19.20 26.42
C PRO Y 62 69.56 -18.59 27.72
N ASP Y 63 69.65 -17.28 27.88
CA ASP Y 63 69.29 -16.67 29.16
C ASP Y 63 68.01 -15.82 29.13
N LYS Y 64 67.63 -15.29 27.97
CA LYS Y 64 66.42 -14.49 27.93
C LYS Y 64 65.15 -15.34 27.89
N ASP Y 65 64.11 -14.88 28.59
CA ASP Y 65 62.80 -15.52 28.59
C ASP Y 65 62.27 -15.77 27.18
N ILE Y 66 61.49 -16.83 27.03
CA ILE Y 66 60.77 -17.11 25.81
C ILE Y 66 59.28 -16.93 26.09
N PHE Y 67 58.54 -16.38 25.12
CA PHE Y 67 57.12 -16.09 25.31
C PHE Y 67 56.22 -16.93 24.41
N PHE Y 68 55.54 -17.88 25.04
CA PHE Y 68 54.75 -18.90 24.36
C PHE Y 68 53.24 -18.53 24.38
N TYR Y 69 52.70 -18.09 23.24
CA TYR Y 69 51.29 -17.67 23.11
C TYR Y 69 50.40 -18.85 22.68
N ILE Y 70 49.44 -19.17 23.52
CA ILE Y 70 48.63 -20.35 23.34
C ILE Y 70 47.19 -19.98 23.08
N ASN Y 71 46.71 -20.38 21.92
CA ASN Y 71 45.29 -20.36 21.57
C ASN Y 71 44.93 -21.70 20.95
N SER Y 72 44.56 -22.68 21.77
CA SER Y 72 44.45 -24.02 21.25
C SER Y 72 43.36 -24.83 21.97
N PRO Y 73 42.63 -25.66 21.22
CA PRO Y 73 41.62 -26.57 21.81
C PRO Y 73 42.22 -27.87 22.32
N GLY Y 74 43.54 -28.04 22.17
CA GLY Y 74 44.17 -29.28 22.58
C GLY Y 74 44.53 -30.14 21.39
N GLY Y 75 44.63 -31.45 21.60
CA GLY Y 75 45.04 -32.33 20.52
C GLY Y 75 45.81 -33.52 21.04
N SER Y 76 46.85 -33.93 20.31
CA SER Y 76 47.62 -35.13 20.65
C SER Y 76 48.43 -35.00 21.96
N VAL Y 77 48.25 -35.98 22.84
CA VAL Y 77 48.94 -35.99 24.12
C VAL Y 77 50.45 -36.14 23.91
N THR Y 78 50.88 -37.06 23.04
CA THR Y 78 52.32 -37.25 22.83
C THR Y 78 52.93 -36.03 22.10
N ALA Y 79 52.22 -35.48 21.13
CA ALA Y 79 52.70 -34.27 20.47
C ALA Y 79 52.78 -33.19 21.55
N GLY Y 80 51.75 -33.14 22.39
CA GLY Y 80 51.76 -32.20 23.51
C GLY Y 80 52.93 -32.40 24.45
N MET Y 81 53.23 -33.65 24.78
CA MET Y 81 54.34 -33.95 25.70
C MET Y 81 55.71 -33.56 25.15
N SER Y 82 55.88 -33.59 23.83
CA SER Y 82 57.17 -33.23 23.26
C SER Y 82 57.45 -31.74 23.48
N ILE Y 83 56.40 -30.90 23.43
CA ILE Y 83 56.54 -29.48 23.73
C ILE Y 83 56.86 -29.26 25.21
N TYR Y 84 56.06 -29.91 26.06
CA TYR Y 84 56.24 -29.89 27.51
C TYR Y 84 57.66 -30.23 27.92
N ASP Y 85 58.17 -31.35 27.41
CA ASP Y 85 59.51 -31.78 27.80
C ASP Y 85 60.57 -30.79 27.31
N THR Y 86 60.32 -30.14 26.17
CA THR Y 86 61.23 -29.12 25.65
C THR Y 86 61.21 -27.84 26.49
N MET Y 87 60.01 -27.40 26.87
CA MET Y 87 59.87 -26.27 27.78
C MET Y 87 60.68 -26.47 29.06
N ASN Y 88 60.63 -27.69 29.60
CA ASN Y 88 61.33 -28.00 30.83
C ASN Y 88 62.83 -28.20 30.64
N PHE Y 89 63.24 -28.67 29.45
CA PHE Y 89 64.64 -28.99 29.23
C PHE Y 89 65.49 -27.75 29.02
N ILE Y 90 65.04 -26.85 28.15
CA ILE Y 90 65.87 -25.74 27.75
C ILE Y 90 66.14 -24.75 28.90
N LYS Y 91 67.23 -24.02 28.78
CA LYS Y 91 67.65 -23.08 29.80
C LYS Y 91 66.70 -21.86 30.01
N PRO Y 92 66.24 -21.21 28.90
CA PRO Y 92 65.38 -20.03 29.10
C PRO Y 92 64.08 -20.31 29.86
N ASP Y 93 63.62 -19.36 30.69
CA ASP Y 93 62.27 -19.44 31.24
C ASP Y 93 61.26 -19.44 30.10
N VAL Y 94 60.31 -20.37 30.12
CA VAL Y 94 59.25 -20.28 29.12
C VAL Y 94 57.99 -19.75 29.78
N SER Y 95 57.75 -18.47 29.56
CA SER Y 95 56.51 -17.84 29.96
C SER Y 95 55.39 -18.31 29.05
N THR Y 96 54.21 -18.50 29.62
CA THR Y 96 53.06 -18.84 28.78
C THR Y 96 52.00 -17.76 28.90
N LEU Y 97 51.28 -17.55 27.80
CA LEU Y 97 50.17 -16.62 27.77
C LEU Y 97 48.99 -17.24 26.98
N CYS Y 98 47.82 -17.27 27.60
CA CYS Y 98 46.64 -17.76 26.94
C CYS Y 98 45.85 -16.62 26.30
N LEU Y 99 45.66 -16.68 24.99
CA LEU Y 99 44.72 -15.77 24.31
C LEU Y 99 43.60 -16.60 23.67
N GLY Y 100 42.37 -16.15 23.83
CA GLY Y 100 41.26 -16.90 23.29
C GLY Y 100 40.96 -18.06 24.21
N GLN Y 101 41.64 -19.17 23.97
CA GLN Y 101 41.42 -20.33 24.83
C GLN Y 101 42.64 -21.21 25.00
N ALA Y 102 42.66 -21.93 26.11
CA ALA Y 102 43.60 -23.00 26.32
C ALA Y 102 42.82 -24.16 26.94
N ALA Y 103 42.48 -25.14 26.11
CA ALA Y 103 41.68 -26.30 26.51
C ALA Y 103 42.48 -27.60 26.38
N SER Y 104 42.23 -28.54 27.30
CA SER Y 104 42.88 -29.86 27.32
C SER Y 104 44.39 -29.73 27.31
N MET Y 105 45.05 -30.35 26.34
CA MET Y 105 46.52 -30.27 26.26
C MET Y 105 46.97 -28.80 26.13
N GLY Y 106 46.11 -27.97 25.57
CA GLY Y 106 46.36 -26.54 25.56
C GLY Y 106 46.43 -25.95 26.98
N ALA Y 107 45.53 -26.41 27.87
CA ALA Y 107 45.54 -25.95 29.27
C ALA Y 107 46.77 -26.47 29.99
N PHE Y 108 47.12 -27.72 29.69
CA PHE Y 108 48.30 -28.40 30.25
C PHE Y 108 49.61 -27.65 29.97
N LEU Y 109 49.82 -27.25 28.72
CA LEU Y 109 51.03 -26.55 28.33
C LEU Y 109 51.07 -25.16 28.96
N LEU Y 110 49.91 -24.50 29.02
CA LEU Y 110 49.78 -23.19 29.67
C LEU Y 110 50.18 -23.26 31.14
N SER Y 111 49.66 -24.28 31.81
CA SER Y 111 49.90 -24.48 33.23
C SER Y 111 51.35 -24.83 33.47
N ALA Y 112 52.03 -25.24 32.41
CA ALA Y 112 53.40 -25.72 32.49
C ALA Y 112 54.48 -24.62 32.37
N GLY Y 113 54.05 -23.39 32.08
CA GLY Y 113 54.98 -22.28 31.92
C GLY Y 113 55.74 -21.99 33.19
N GLU Y 114 56.86 -21.29 33.07
CA GLU Y 114 57.63 -20.93 34.26
C GLU Y 114 56.73 -20.29 35.32
N LYS Y 115 56.67 -20.91 36.51
CA LYS Y 115 55.75 -20.45 37.56
C LYS Y 115 56.09 -19.02 37.92
N GLY Y 116 55.08 -18.16 37.95
CA GLY Y 116 55.25 -16.72 38.08
C GLY Y 116 55.08 -16.02 36.73
N LYS Y 117 55.25 -16.76 35.63
CA LYS Y 117 55.20 -16.19 34.27
C LYS Y 117 54.15 -16.88 33.39
N ARG Y 118 53.09 -17.34 34.04
CA ARG Y 118 51.95 -17.90 33.33
C ARG Y 118 50.83 -16.87 33.29
N PHE Y 119 50.44 -16.45 32.10
CA PHE Y 119 49.51 -15.35 31.98
C PHE Y 119 48.25 -15.67 31.21
N ALA Y 120 47.20 -14.87 31.45
CA ALA Y 120 46.03 -14.88 30.61
C ALA Y 120 45.52 -13.49 30.38
N LEU Y 121 44.94 -13.32 29.19
CA LEU Y 121 44.21 -12.11 28.84
C LEU Y 121 42.88 -12.22 29.57
N PRO Y 122 42.22 -11.09 29.84
CA PRO Y 122 41.05 -11.12 30.72
C PRO Y 122 39.89 -12.00 30.24
N ASN Y 123 39.69 -12.17 28.93
CA ASN Y 123 38.53 -12.96 28.49
C ASN Y 123 38.87 -14.32 27.92
N SER Y 124 40.07 -14.80 28.22
CA SER Y 124 40.50 -16.15 27.86
C SER Y 124 39.66 -17.18 28.58
N ARG Y 125 39.50 -18.34 27.96
CA ARG Y 125 38.81 -19.46 28.56
C ARG Y 125 39.77 -20.62 28.73
N ILE Y 126 39.79 -21.24 29.90
CA ILE Y 126 40.62 -22.40 30.15
C ILE Y 126 39.68 -23.56 30.36
N MET Y 127 40.02 -24.74 29.84
CA MET Y 127 39.20 -25.91 30.12
C MET Y 127 40.11 -27.12 30.35
N ILE Y 128 39.81 -27.88 31.39
CA ILE Y 128 40.58 -29.09 31.67
C ILE Y 128 39.65 -30.29 31.78
N HIS Y 129 40.12 -31.45 31.33
CA HIS Y 129 39.38 -32.71 31.52
C HIS Y 129 40.30 -33.92 31.42
N GLN Y 130 39.74 -35.10 31.64
CA GLN Y 130 40.46 -36.37 31.54
C GLN Y 130 40.60 -36.76 30.06
N PRO Y 131 41.54 -37.68 29.75
CA PRO Y 131 41.77 -38.07 28.36
C PRO Y 131 40.55 -38.70 27.68
N LEU Y 132 40.42 -38.42 26.39
CA LEU Y 132 39.36 -38.93 25.53
C LEU Y 132 39.97 -39.77 24.45
N ILE Y 133 39.25 -40.74 23.93
CA ILE Y 133 39.67 -41.24 22.63
C ILE Y 133 38.46 -41.13 21.72
N SER Y 134 38.70 -40.71 20.49
CA SER Y 134 37.69 -40.72 19.46
C SER Y 134 38.17 -41.69 18.40
N GLY Y 135 37.24 -42.32 17.68
CA GLY Y 135 37.60 -43.33 16.69
C GLY Y 135 37.35 -44.73 17.20
N GLY Y 136 37.76 -44.99 18.44
CA GLY Y 136 37.48 -46.26 19.05
C GLY Y 136 38.60 -47.24 19.36
N LEU Y 137 38.29 -48.13 20.30
CA LEU Y 137 39.13 -49.29 20.59
C LEU Y 137 38.41 -50.48 19.99
N GLY Y 138 39.04 -51.10 19.00
CA GLY Y 138 38.47 -52.27 18.35
C GLY Y 138 39.47 -53.39 18.22
N GLY Y 139 38.95 -54.60 18.20
CA GLY Y 139 39.77 -55.78 18.08
C GLY Y 139 39.52 -56.71 19.23
N GLN Y 140 40.55 -57.47 19.59
CA GLN Y 140 40.44 -58.48 20.61
C GLN Y 140 40.41 -57.84 22.00
N ALA Y 141 39.69 -58.47 22.93
CA ALA Y 141 39.64 -57.99 24.31
C ALA Y 141 41.03 -57.74 24.87
N SER Y 142 41.98 -58.61 24.55
CA SER Y 142 43.37 -58.46 24.97
C SER Y 142 43.96 -57.12 24.51
N ASP Y 143 43.65 -56.74 23.29
CA ASP Y 143 44.17 -55.52 22.71
C ASP Y 143 43.50 -54.32 23.35
N ILE Y 144 42.21 -54.44 23.58
CA ILE Y 144 41.44 -53.38 24.20
C ILE Y 144 41.88 -53.14 25.64
N GLU Y 145 42.15 -54.22 26.37
CA GLU Y 145 42.67 -54.11 27.72
C GLU Y 145 43.99 -53.33 27.74
N ILE Y 146 44.88 -53.66 26.80
CA ILE Y 146 46.18 -52.99 26.70
C ILE Y 146 46.05 -51.49 26.49
N HIS Y 147 45.16 -51.12 25.59
CA HIS Y 147 44.98 -49.72 25.26
C HIS Y 147 44.17 -49.00 26.35
N ALA Y 148 43.22 -49.70 26.96
CA ALA Y 148 42.51 -49.13 28.10
C ALA Y 148 43.48 -48.83 29.23
N ARG Y 149 44.39 -49.77 29.48
CA ARG Y 149 45.38 -49.67 30.52
C ARG Y 149 46.34 -48.48 30.32
N GLU Y 150 46.76 -48.27 29.07
CA GLU Y 150 47.63 -47.14 28.73
C GLU Y 150 46.89 -45.80 28.86
N LEU Y 151 45.61 -45.76 28.50
CA LEU Y 151 44.85 -44.50 28.58
C LEU Y 151 44.72 -44.07 30.06
N LEU Y 152 44.53 -45.05 30.94
CA LEU Y 152 44.46 -44.80 32.37
C LEU Y 152 45.85 -44.38 32.91
N LYS Y 153 46.92 -44.91 32.35
CA LYS Y 153 48.25 -44.43 32.75
C LYS Y 153 48.44 -42.98 32.36
N ILE Y 154 47.94 -42.61 31.18
CA ILE Y 154 47.99 -41.22 30.72
C ILE Y 154 47.17 -40.31 31.64
N LYS Y 155 45.98 -40.77 32.01
CA LYS Y 155 45.11 -40.04 32.93
C LYS Y 155 45.77 -39.76 34.30
N GLU Y 156 46.35 -40.80 34.90
CA GLU Y 156 47.00 -40.68 36.21
C GLU Y 156 48.20 -39.74 36.10
N LYS Y 157 48.99 -39.89 35.04
CA LYS Y 157 50.16 -39.03 34.87
C LYS Y 157 49.78 -37.54 34.75
N LEU Y 158 48.76 -37.25 33.93
CA LEU Y 158 48.39 -35.87 33.67
C LEU Y 158 47.87 -35.20 34.92
N ASN Y 159 47.05 -35.95 35.67
CA ASN Y 159 46.53 -35.46 36.94
C ASN Y 159 47.66 -35.18 37.95
N ARG Y 160 48.62 -36.09 38.01
CA ARG Y 160 49.76 -35.91 38.88
C ARG Y 160 50.59 -34.68 38.44
N LEU Y 161 50.83 -34.55 37.13
CA LEU Y 161 51.60 -33.42 36.64
C LEU Y 161 50.81 -32.11 36.78
N MET Y 162 49.49 -32.12 36.53
CA MET Y 162 48.70 -30.90 36.67
C MET Y 162 48.63 -30.42 38.11
N ALA Y 163 48.48 -31.36 39.03
CA ALA Y 163 48.44 -31.02 40.46
C ALA Y 163 49.73 -30.30 40.84
N LYS Y 164 50.86 -30.78 40.33
CA LYS Y 164 52.13 -30.15 40.65
C LYS Y 164 52.19 -28.76 40.05
N HIS Y 165 51.72 -28.60 38.80
CA HIS Y 165 51.68 -27.29 38.14
C HIS Y 165 50.80 -26.34 38.96
N CYS Y 166 49.72 -26.89 39.50
CA CYS Y 166 48.75 -26.09 40.23
C CYS Y 166 49.06 -26.01 41.73
N ASP Y 167 50.10 -26.73 42.19
CA ASP Y 167 50.44 -26.83 43.62
C ASP Y 167 49.21 -27.26 44.43
N ARG Y 168 48.65 -28.40 44.06
CA ARG Y 168 47.45 -28.95 44.68
C ARG Y 168 47.62 -30.44 44.95
N ASP Y 169 46.67 -31.01 45.67
CA ASP Y 169 46.69 -32.45 45.90
C ASP Y 169 46.17 -33.11 44.63
N LEU Y 170 46.76 -34.25 44.32
CA LEU Y 170 46.30 -35.09 43.24
C LEU Y 170 44.80 -35.24 43.23
N ALA Y 171 44.22 -35.47 44.41
CA ALA Y 171 42.78 -35.70 44.53
C ALA Y 171 41.95 -34.51 44.03
N ASP Y 172 42.51 -33.30 44.11
CA ASP Y 172 41.79 -32.15 43.58
C ASP Y 172 41.63 -32.29 42.06
N LEU Y 173 42.73 -32.57 41.35
CA LEU Y 173 42.67 -32.66 39.88
C LEU Y 173 41.85 -33.85 39.38
N GLU Y 174 41.94 -34.97 40.10
CA GLU Y 174 41.14 -36.14 39.79
C GLU Y 174 39.67 -35.78 39.84
N ARG Y 175 39.28 -35.07 40.89
CA ARG Y 175 37.90 -34.61 41.00
C ARG Y 175 37.59 -33.61 39.89
N ASP Y 176 38.52 -32.71 39.64
CA ASP Y 176 38.22 -31.56 38.77
C ASP Y 176 38.41 -31.80 37.26
N THR Y 177 38.88 -32.99 36.88
CA THR Y 177 39.00 -33.31 35.46
C THR Y 177 38.07 -34.42 35.06
N ASP Y 178 37.23 -34.87 35.98
CA ASP Y 178 36.34 -36.00 35.68
C ASP Y 178 35.42 -35.70 34.49
N ARG Y 179 34.91 -34.49 34.42
CA ARG Y 179 34.13 -34.04 33.28
C ARG Y 179 34.67 -32.68 32.86
N ASP Y 180 34.22 -32.18 31.72
CA ASP Y 180 34.72 -30.91 31.20
C ASP Y 180 34.59 -29.81 32.27
N ASN Y 181 35.70 -29.14 32.56
CA ASN Y 181 35.77 -28.13 33.59
C ASN Y 181 36.23 -26.79 32.96
N PHE Y 182 35.28 -25.90 32.66
CA PHE Y 182 35.59 -24.59 32.09
C PHE Y 182 35.93 -23.60 33.20
N MET Y 183 36.99 -22.82 33.00
CA MET Y 183 37.37 -21.79 33.96
C MET Y 183 37.53 -20.48 33.26
N SER Y 184 37.07 -19.40 33.90
CA SER Y 184 37.45 -18.05 33.50
C SER Y 184 38.92 -17.87 33.83
N ALA Y 185 39.50 -16.78 33.33
CA ALA Y 185 40.89 -16.44 33.67
C ALA Y 185 41.03 -16.31 35.18
N GLU Y 186 40.05 -15.66 35.81
CA GLU Y 186 40.08 -15.44 37.25
C GLU Y 186 40.07 -16.78 37.99
N GLU Y 187 39.22 -17.69 37.53
CA GLU Y 187 39.14 -19.01 38.13
C GLU Y 187 40.45 -19.78 37.90
N ALA Y 188 41.09 -19.58 36.75
CA ALA Y 188 42.35 -20.27 36.47
C ALA Y 188 43.48 -19.82 37.41
N LYS Y 189 43.57 -18.53 37.67
CA LYS Y 189 44.57 -17.99 38.59
C LYS Y 189 44.27 -18.46 39.98
N GLU Y 190 42.99 -18.39 40.33
CA GLU Y 190 42.57 -18.83 41.65
C GLU Y 190 42.87 -20.31 41.84
N TYR Y 191 42.74 -21.09 40.76
CA TYR Y 191 42.97 -22.53 40.81
C TYR Y 191 44.44 -22.90 40.97
N GLY Y 192 45.33 -22.02 40.48
CA GLY Y 192 46.76 -22.25 40.55
C GLY Y 192 47.33 -22.64 39.20
N LEU Y 193 46.47 -22.58 38.19
CA LEU Y 193 46.81 -22.97 36.81
C LEU Y 193 47.60 -21.87 36.12
N ILE Y 194 47.26 -20.61 36.41
CA ILE Y 194 48.06 -19.50 35.91
C ILE Y 194 48.44 -18.56 37.06
N ASP Y 195 49.34 -17.62 36.79
CA ASP Y 195 49.84 -16.70 37.81
C ASP Y 195 49.22 -15.30 37.75
N GLN Y 196 49.09 -14.72 36.57
CA GLN Y 196 48.59 -13.36 36.48
C GLN Y 196 47.66 -13.15 35.29
N ILE Y 197 46.72 -12.23 35.45
CA ILE Y 197 45.87 -11.78 34.34
C ILE Y 197 46.27 -10.37 33.93
N LEU Y 198 46.52 -10.19 32.63
CA LEU Y 198 47.00 -8.92 32.06
C LEU Y 198 45.89 -7.95 31.67
N GLU Y 199 45.90 -6.75 32.25
CA GLU Y 199 44.91 -5.73 31.92
C GLU Y 199 45.48 -4.65 30.98
N ASN Y 200 45.91 -3.54 31.59
CA ASN Y 200 46.51 -2.41 30.88
C ASN Y 200 48.03 -2.54 30.99
N ARG Y 201 48.67 -2.83 29.85
CA ARG Y 201 50.13 -2.98 29.71
C ARG Y 201 50.97 -2.75 30.97
N TYR Z 8 51.86 -25.91 5.81
CA TYR Z 8 51.70 -24.92 6.86
C TYR Z 8 52.92 -24.00 6.82
N LEU Z 9 52.81 -22.84 7.48
CA LEU Z 9 53.90 -21.87 7.50
C LEU Z 9 55.10 -22.40 8.28
N VAL Z 10 56.28 -22.38 7.67
CA VAL Z 10 57.51 -22.70 8.39
C VAL Z 10 58.26 -21.39 8.64
N PRO Z 11 58.53 -21.07 9.91
CA PRO Z 11 59.21 -19.81 10.23
C PRO Z 11 60.60 -19.70 9.57
N THR Z 12 60.90 -18.49 9.09
CA THR Z 12 62.19 -18.13 8.53
C THR Z 12 63.09 -17.49 9.59
N VAL Z 13 64.29 -18.01 9.76
CA VAL Z 13 65.22 -17.48 10.75
C VAL Z 13 66.53 -17.10 10.08
N ILE Z 14 67.26 -16.17 10.70
CA ILE Z 14 68.49 -15.67 10.11
C ILE Z 14 69.69 -16.25 10.85
N GLU Z 15 70.84 -16.35 10.18
CA GLU Z 15 72.00 -16.96 10.78
C GLU Z 15 73.33 -16.22 10.52
N GLN Z 16 74.21 -16.33 11.52
CA GLN Z 16 75.65 -16.02 11.51
C GLN Z 16 76.47 -16.48 10.30
N SER Z 17 77.49 -15.67 9.98
CA SER Z 17 78.80 -16.12 9.45
C SER Z 17 79.25 -15.37 8.18
N GLY Z 18 80.11 -16.04 7.40
CA GLY Z 18 80.78 -15.53 6.22
C GLY Z 18 80.25 -14.40 5.36
N ARG Z 19 80.63 -13.17 5.73
CA ARG Z 19 80.30 -11.95 5.01
C ARG Z 19 78.87 -11.94 4.50
N GLY Z 20 77.91 -11.87 5.42
CA GLY Z 20 76.51 -11.88 5.05
C GLY Z 20 75.64 -12.59 6.06
N GLU Z 21 74.34 -12.34 5.97
CA GLU Z 21 73.43 -13.01 6.86
C GLU Z 21 72.57 -13.94 6.01
N ARG Z 22 72.45 -15.20 6.42
CA ARG Z 22 71.75 -16.18 5.58
C ARG Z 22 70.39 -16.59 6.15
N ALA Z 23 69.36 -16.42 5.32
CA ALA Z 23 68.01 -16.82 5.67
C ALA Z 23 67.81 -18.33 5.48
N PHE Z 24 67.08 -18.95 6.41
CA PHE Z 24 66.76 -20.37 6.40
C PHE Z 24 65.37 -20.61 6.97
N ASP Z 25 64.65 -21.57 6.42
CA ASP Z 25 63.49 -22.10 7.11
C ASP Z 25 64.09 -22.82 8.32
N ILE Z 26 63.33 -22.88 9.41
CA ILE Z 26 63.92 -23.28 10.68
C ILE Z 26 64.43 -24.73 10.67
N TYR Z 27 63.85 -25.58 9.84
CA TYR Z 27 64.31 -26.98 9.80
C TYR Z 27 65.66 -27.14 9.11
N SER Z 28 65.88 -26.38 8.03
CA SER Z 28 67.17 -26.36 7.34
C SER Z 28 68.25 -25.78 8.25
N ARG Z 29 67.84 -24.80 9.07
CA ARG Z 29 68.71 -24.19 10.06
C ARG Z 29 69.19 -25.21 11.10
N LEU Z 30 68.26 -26.06 11.53
CA LEU Z 30 68.55 -27.09 12.51
C LEU Z 30 69.41 -28.19 11.90
N LEU Z 31 69.24 -28.40 10.60
CA LEU Z 31 70.02 -29.38 9.83
C LEU Z 31 71.51 -29.01 9.82
N LYS Z 32 71.81 -27.71 9.78
CA LYS Z 32 73.18 -27.20 9.93
C LYS Z 32 73.81 -27.61 11.25
N GLU Z 33 73.01 -27.82 12.28
CA GLU Z 33 73.58 -28.30 13.53
C GLU Z 33 73.52 -29.82 13.59
N ARG Z 34 73.28 -30.43 12.43
CA ARG Z 34 73.28 -31.88 12.26
C ARG Z 34 72.11 -32.54 13.00
N ILE Z 35 71.00 -31.81 13.09
CA ILE Z 35 69.77 -32.38 13.62
C ILE Z 35 68.84 -32.83 12.49
N VAL Z 36 68.43 -34.09 12.54
CA VAL Z 36 67.55 -34.65 11.52
C VAL Z 36 66.23 -35.12 12.14
N PHE Z 37 65.12 -34.74 11.52
CA PHE Z 37 63.81 -35.08 12.07
C PHE Z 37 63.16 -36.23 11.34
N LEU Z 38 62.60 -37.14 12.12
CA LEU Z 38 61.61 -38.08 11.62
C LEU Z 38 60.35 -37.83 12.43
N VAL Z 39 59.38 -37.17 11.80
CA VAL Z 39 58.12 -36.78 12.41
C VAL Z 39 56.93 -37.34 11.66
N GLY Z 40 56.03 -38.02 12.37
CA GLY Z 40 54.85 -38.57 11.74
C GLY Z 40 55.14 -39.89 11.08
N PRO Z 41 54.19 -40.39 10.26
CA PRO Z 41 54.29 -41.73 9.66
C PRO Z 41 55.53 -41.90 8.76
N VAL Z 42 56.14 -43.07 8.88
CA VAL Z 42 57.27 -43.44 8.05
C VAL Z 42 56.80 -43.94 6.70
N THR Z 43 57.06 -43.17 5.65
CA THR Z 43 56.72 -43.54 4.27
C THR Z 43 58.00 -43.60 3.45
N ASP Z 44 57.91 -44.08 2.21
CA ASP Z 44 59.03 -44.05 1.28
C ASP Z 44 59.65 -42.63 1.16
N GLU Z 45 58.79 -41.62 1.09
CA GLU Z 45 59.21 -40.23 0.91
C GLU Z 45 59.80 -39.58 2.17
N SER Z 46 59.17 -39.76 3.33
CA SER Z 46 59.71 -39.15 4.56
C SER Z 46 61.00 -39.84 4.97
N ALA Z 47 61.06 -41.15 4.78
CA ALA Z 47 62.26 -41.93 5.10
C ALA Z 47 63.40 -41.64 4.12
N ASN Z 48 63.09 -41.55 2.83
CA ASN Z 48 64.16 -41.33 1.88
C ASN Z 48 64.76 -39.95 2.11
N LEU Z 49 63.92 -39.00 2.51
CA LEU Z 49 64.36 -37.67 2.86
C LEU Z 49 65.35 -37.74 4.03
N VAL Z 50 65.05 -38.59 4.99
CA VAL Z 50 65.98 -38.83 6.09
C VAL Z 50 67.32 -39.40 5.56
N VAL Z 51 67.27 -40.42 4.68
CA VAL Z 51 68.48 -41.01 4.07
C VAL Z 51 69.34 -39.92 3.44
N ALA Z 52 68.71 -39.01 2.71
CA ALA Z 52 69.44 -37.93 2.04
C ALA Z 52 70.14 -37.01 3.02
N GLN Z 53 69.48 -36.69 4.13
CA GLN Z 53 70.06 -35.80 5.11
C GLN Z 53 71.23 -36.48 5.82
N LEU Z 54 71.08 -37.75 6.12
CA LEU Z 54 72.17 -38.51 6.76
C LEU Z 54 73.42 -38.55 5.87
N LEU Z 55 73.24 -38.86 4.59
CA LEU Z 55 74.33 -38.91 3.63
C LEU Z 55 74.98 -37.53 3.49
N PHE Z 56 74.15 -36.49 3.45
CA PHE Z 56 74.62 -35.12 3.30
C PHE Z 56 75.43 -34.70 4.52
N LEU Z 57 74.91 -35.03 5.70
CA LEU Z 57 75.57 -34.67 6.91
C LEU Z 57 76.93 -35.39 6.99
N GLU Z 58 76.99 -36.64 6.53
CA GLU Z 58 78.27 -37.33 6.51
C GLU Z 58 79.31 -36.65 5.60
N SER Z 59 78.84 -36.18 4.43
CA SER Z 59 79.70 -35.50 3.47
C SER Z 59 80.22 -34.15 4.00
N GLU Z 60 79.43 -33.46 4.80
CA GLU Z 60 79.84 -32.20 5.42
C GLU Z 60 80.92 -32.45 6.45
N ASN Z 61 80.78 -33.54 7.20
CA ASN Z 61 81.77 -33.90 8.20
C ASN Z 61 81.55 -35.33 8.65
N PRO Z 62 82.45 -36.23 8.23
CA PRO Z 62 82.31 -37.68 8.48
C PRO Z 62 82.62 -38.08 9.91
N ASP Z 63 83.06 -37.15 10.74
CA ASP Z 63 83.49 -37.54 12.08
C ASP Z 63 82.50 -37.07 13.16
N LYS Z 64 81.75 -36.02 12.86
CA LYS Z 64 80.83 -35.44 13.86
C LYS Z 64 79.57 -36.28 14.03
N ASP Z 65 79.12 -36.41 15.27
CA ASP Z 65 77.86 -37.07 15.55
C ASP Z 65 76.70 -36.45 14.76
N ILE Z 66 75.69 -37.27 14.48
CA ILE Z 66 74.43 -36.79 13.92
C ILE Z 66 73.32 -37.02 14.94
N PHE Z 67 72.38 -36.08 15.02
CA PHE Z 67 71.33 -36.15 16.02
C PHE Z 67 69.99 -36.36 15.34
N PHE Z 68 69.49 -37.58 15.52
CA PHE Z 68 68.28 -38.07 14.89
C PHE Z 68 67.15 -37.99 15.90
N TYR Z 69 66.28 -36.98 15.73
CA TYR Z 69 65.13 -36.75 16.62
C TYR Z 69 63.91 -37.48 16.09
N ILE Z 70 63.34 -38.35 16.90
CA ILE Z 70 62.24 -39.20 16.46
C ILE Z 70 60.92 -38.93 17.19
N ASN Z 71 59.92 -38.53 16.43
CA ASN Z 71 58.56 -38.49 16.92
C ASN Z 71 57.64 -39.12 15.88
N SER Z 72 57.44 -40.43 15.99
CA SER Z 72 56.76 -41.16 14.92
C SER Z 72 55.99 -42.38 15.43
N PRO Z 73 54.81 -42.62 14.84
CA PRO Z 73 54.01 -43.81 15.18
C PRO Z 73 54.48 -45.04 14.43
N GLY Z 74 55.51 -44.90 13.59
CA GLY Z 74 55.98 -46.00 12.78
C GLY Z 74 55.54 -45.86 11.32
N GLY Z 75 55.41 -46.98 10.60
CA GLY Z 75 55.00 -46.91 9.20
C GLY Z 75 55.54 -48.05 8.35
N SER Z 76 55.96 -47.75 7.13
CA SER Z 76 56.47 -48.79 6.24
C SER Z 76 57.77 -49.42 6.71
N VAL Z 77 57.78 -50.75 6.82
CA VAL Z 77 58.96 -51.48 7.25
C VAL Z 77 60.12 -51.34 6.25
N THR Z 78 59.87 -51.49 4.95
CA THR Z 78 60.98 -51.37 4.01
C THR Z 78 61.52 -49.96 4.01
N ALA Z 79 60.65 -48.97 4.13
CA ALA Z 79 61.10 -47.58 4.24
C ALA Z 79 61.94 -47.40 5.52
N GLY Z 80 61.47 -47.98 6.63
CA GLY Z 80 62.25 -47.95 7.87
C GLY Z 80 63.62 -48.60 7.73
N MET Z 81 63.68 -49.73 7.02
CA MET Z 81 64.96 -50.42 6.84
C MET Z 81 65.95 -49.57 6.04
N SER Z 82 65.45 -48.72 5.13
CA SER Z 82 66.35 -47.88 4.35
C SER Z 82 67.01 -46.83 5.25
N ILE Z 83 66.31 -46.34 6.27
CA ILE Z 83 66.92 -45.44 7.26
C ILE Z 83 67.91 -46.18 8.16
N TYR Z 84 67.49 -47.33 8.68
CA TYR Z 84 68.32 -48.19 9.52
C TYR Z 84 69.71 -48.50 8.90
N ASP Z 85 69.70 -49.02 7.68
CA ASP Z 85 70.94 -49.45 7.04
C ASP Z 85 71.84 -48.26 6.78
N THR Z 86 71.24 -47.10 6.54
CA THR Z 86 72.01 -45.88 6.34
C THR Z 86 72.64 -45.46 7.66
N MET Z 87 71.88 -45.55 8.75
CA MET Z 87 72.42 -45.26 10.08
C MET Z 87 73.63 -46.13 10.32
N ASN Z 88 73.51 -47.41 9.98
CA ASN Z 88 74.60 -48.36 10.20
C ASN Z 88 75.79 -48.21 9.25
N PHE Z 89 75.57 -47.76 8.02
CA PHE Z 89 76.64 -47.69 7.04
C PHE Z 89 77.58 -46.50 7.22
N ILE Z 90 77.00 -45.31 7.36
CA ILE Z 90 77.76 -44.07 7.34
C ILE Z 90 78.71 -44.00 8.54
N LYS Z 91 79.78 -43.22 8.41
CA LYS Z 91 80.81 -43.15 9.45
C LYS Z 91 80.37 -42.47 10.77
N PRO Z 92 79.66 -41.32 10.67
CA PRO Z 92 79.22 -40.66 11.92
C PRO Z 92 78.37 -41.52 12.80
N ASP Z 93 78.51 -41.38 14.12
CA ASP Z 93 77.58 -41.93 15.08
C ASP Z 93 76.25 -41.24 14.85
N VAL Z 94 75.18 -42.01 14.74
CA VAL Z 94 73.86 -41.39 14.67
C VAL Z 94 73.21 -41.56 16.02
N SER Z 95 73.24 -40.50 16.81
CA SER Z 95 72.54 -40.46 18.09
C SER Z 95 71.05 -40.39 17.82
N THR Z 96 70.26 -41.08 18.63
CA THR Z 96 68.82 -40.99 18.50
C THR Z 96 68.16 -40.40 19.73
N LEU Z 97 67.12 -39.61 19.51
CA LEU Z 97 66.39 -39.02 20.62
C LEU Z 97 64.89 -39.11 20.38
N CYS Z 98 64.18 -39.66 21.35
CA CYS Z 98 62.73 -39.72 21.26
C CYS Z 98 62.07 -38.55 21.97
N LEU Z 99 61.36 -37.75 21.20
CA LEU Z 99 60.44 -36.76 21.78
C LEU Z 99 59.02 -37.06 21.33
N GLY Z 100 58.09 -36.99 22.26
CA GLY Z 100 56.71 -37.33 21.97
C GLY Z 100 56.53 -38.83 22.03
N GLN Z 101 56.72 -39.52 20.92
CA GLN Z 101 56.59 -40.97 20.94
C GLN Z 101 57.50 -41.59 19.90
N ALA Z 102 57.90 -42.84 20.14
CA ALA Z 102 58.56 -43.64 19.13
C ALA Z 102 57.92 -45.02 19.18
N ALA Z 103 57.00 -45.25 18.25
CA ALA Z 103 56.23 -46.50 18.18
C ALA Z 103 56.53 -47.30 16.93
N SER Z 104 56.48 -48.61 17.09
CA SER Z 104 56.73 -49.57 16.02
C SER Z 104 58.08 -49.30 15.37
N MET Z 105 58.09 -49.07 14.05
CA MET Z 105 59.33 -48.80 13.33
C MET Z 105 60.05 -47.60 13.90
N GLY Z 106 59.26 -46.69 14.47
CA GLY Z 106 59.81 -45.53 15.16
C GLY Z 106 60.64 -45.99 16.34
N ALA Z 107 60.15 -46.99 17.07
CA ALA Z 107 60.90 -47.53 18.20
C ALA Z 107 62.13 -48.31 17.74
N PHE Z 108 61.99 -49.03 16.64
CA PHE Z 108 63.06 -49.80 16.04
C PHE Z 108 64.23 -48.92 15.71
N LEU Z 109 63.93 -47.78 15.07
CA LEU Z 109 64.97 -46.84 14.68
C LEU Z 109 65.62 -46.17 15.89
N LEU Z 110 64.80 -45.86 16.91
CA LEU Z 110 65.32 -45.27 18.14
C LEU Z 110 66.37 -46.19 18.79
N SER Z 111 66.03 -47.47 18.89
CA SER Z 111 66.88 -48.49 19.50
C SER Z 111 68.14 -48.75 18.66
N ALA Z 112 68.13 -48.27 17.43
CA ALA Z 112 69.23 -48.46 16.47
C ALA Z 112 70.30 -47.35 16.55
N GLY Z 113 70.05 -46.34 17.37
CA GLY Z 113 71.02 -45.28 17.51
C GLY Z 113 72.31 -45.86 18.07
N GLU Z 114 73.43 -45.13 17.92
CA GLU Z 114 74.70 -45.58 18.49
C GLU Z 114 74.53 -45.92 19.97
N LYS Z 115 74.89 -47.15 20.36
CA LYS Z 115 74.71 -47.55 21.74
C LYS Z 115 75.51 -46.63 22.65
N GLY Z 116 74.84 -46.11 23.68
CA GLY Z 116 75.38 -45.07 24.54
C GLY Z 116 74.83 -43.69 24.21
N LYS Z 117 74.34 -43.51 22.99
CA LYS Z 117 73.86 -42.20 22.56
C LYS Z 117 72.41 -42.29 22.09
N ARG Z 118 71.66 -43.21 22.68
CA ARG Z 118 70.23 -43.33 22.44
C ARG Z 118 69.47 -42.65 23.59
N PHE Z 119 68.67 -41.63 23.26
CA PHE Z 119 68.02 -40.81 24.29
C PHE Z 119 66.50 -40.72 24.15
N ALA Z 120 65.86 -40.45 25.28
CA ALA Z 120 64.44 -40.05 25.27
C ALA Z 120 64.24 -38.95 26.29
N LEU Z 121 63.28 -38.08 25.98
CA LEU Z 121 62.83 -37.06 26.92
C LEU Z 121 61.90 -37.72 27.95
N PRO Z 122 61.76 -37.12 29.16
CA PRO Z 122 61.10 -37.81 30.29
C PRO Z 122 59.67 -38.27 30.04
N ASN Z 123 58.89 -37.59 29.21
CA ASN Z 123 57.51 -38.04 29.02
C ASN Z 123 57.26 -38.63 27.66
N SER Z 124 58.33 -39.00 26.99
CA SER Z 124 58.24 -39.72 25.73
C SER Z 124 57.62 -41.10 25.96
N ARG Z 125 56.93 -41.58 24.93
CA ARG Z 125 56.33 -42.91 24.95
C ARG Z 125 56.95 -43.81 23.88
N ILE Z 126 57.31 -45.03 24.28
CA ILE Z 126 57.82 -46.04 23.36
C ILE Z 126 56.80 -47.18 23.26
N MET Z 127 56.58 -47.70 22.06
CA MET Z 127 55.75 -48.88 21.90
C MET Z 127 56.32 -49.86 20.88
N ILE Z 128 56.38 -51.14 21.26
CA ILE Z 128 56.87 -52.19 20.35
C ILE Z 128 55.84 -53.32 20.19
N HIS Z 129 55.77 -53.88 19.00
CA HIS Z 129 54.89 -55.00 18.72
C HIS Z 129 55.40 -55.80 17.51
N GLN Z 130 54.73 -56.89 17.20
CA GLN Z 130 55.05 -57.66 16.01
C GLN Z 130 54.49 -57.01 14.72
N PRO Z 131 54.99 -57.41 13.54
CA PRO Z 131 54.48 -56.83 12.30
C PRO Z 131 53.00 -57.09 12.13
N LEU Z 132 52.29 -56.08 11.65
CA LEU Z 132 50.87 -56.24 11.37
C LEU Z 132 50.66 -55.90 9.89
N ILE Z 133 49.63 -56.45 9.25
CA ILE Z 133 49.27 -55.84 7.98
C ILE Z 133 47.82 -55.37 8.07
N SER Z 134 47.60 -54.18 7.54
CA SER Z 134 46.28 -53.61 7.38
C SER Z 134 46.12 -53.61 5.88
N GLY Z 135 44.90 -53.74 5.41
CA GLY Z 135 44.70 -53.97 4.00
C GLY Z 135 44.50 -55.46 4.04
N GLY Z 136 44.68 -56.16 2.93
CA GLY Z 136 44.44 -57.58 3.00
C GLY Z 136 45.35 -58.52 2.25
N LEU Z 137 45.25 -59.78 2.65
CA LEU Z 137 45.84 -60.83 1.85
C LEU Z 137 44.66 -61.42 1.12
N GLY Z 138 44.64 -61.22 -0.20
CA GLY Z 138 43.61 -61.83 -1.00
C GLY Z 138 44.30 -62.42 -2.20
N GLY Z 139 43.79 -63.56 -2.64
CA GLY Z 139 44.34 -64.19 -3.81
C GLY Z 139 44.21 -65.68 -3.63
N GLN Z 140 45.08 -66.38 -4.33
CA GLN Z 140 45.09 -67.82 -4.28
C GLN Z 140 45.78 -68.28 -3.00
N ALA Z 141 45.35 -69.44 -2.49
CA ALA Z 141 45.98 -70.02 -1.32
C ALA Z 141 47.50 -70.03 -1.45
N SER Z 142 47.99 -70.35 -2.65
CA SER Z 142 49.43 -70.35 -2.95
C SER Z 142 50.06 -68.99 -2.66
N ASP Z 143 49.35 -67.93 -3.06
CA ASP Z 143 49.84 -66.56 -2.90
C ASP Z 143 49.81 -66.12 -1.46
N ILE Z 144 48.75 -66.49 -0.76
CA ILE Z 144 48.60 -66.15 0.65
C ILE Z 144 49.70 -66.85 1.43
N GLU Z 145 50.00 -68.09 1.03
CA GLU Z 145 51.09 -68.84 1.65
C GLU Z 145 52.41 -68.10 1.49
N ILE Z 146 52.69 -67.63 0.28
CA ILE Z 146 53.92 -66.90 0.02
C ILE Z 146 54.03 -65.63 0.87
N HIS Z 147 52.95 -64.87 0.98
CA HIS Z 147 52.97 -63.62 1.73
C HIS Z 147 52.98 -63.86 3.23
N ALA Z 148 52.29 -64.92 3.67
CA ALA Z 148 52.32 -65.29 5.08
C ALA Z 148 53.75 -65.62 5.51
N ARG Z 149 54.43 -66.46 4.73
CA ARG Z 149 55.79 -66.85 5.05
C ARG Z 149 56.72 -65.63 5.10
N GLU Z 150 56.50 -64.69 4.18
CA GLU Z 150 57.28 -63.45 4.14
C GLU Z 150 57.01 -62.55 5.35
N LEU Z 151 55.75 -62.48 5.79
CA LEU Z 151 55.44 -61.65 6.95
C LEU Z 151 56.14 -62.23 8.19
N LEU Z 152 56.17 -63.56 8.27
CA LEU Z 152 56.82 -64.29 9.37
C LEU Z 152 58.34 -64.18 9.36
N LYS Z 153 58.95 -64.13 8.18
CA LYS Z 153 60.39 -63.89 8.11
C LYS Z 153 60.70 -62.52 8.64
N ILE Z 154 59.85 -61.54 8.29
CA ILE Z 154 60.00 -60.16 8.75
C ILE Z 154 59.89 -60.06 10.25
N LYS Z 155 58.90 -60.76 10.81
CA LYS Z 155 58.71 -60.81 12.26
C LYS Z 155 59.97 -61.38 12.96
N GLU Z 156 60.51 -62.46 12.44
CA GLU Z 156 61.68 -63.05 13.08
C GLU Z 156 62.95 -62.18 12.98
N LYS Z 157 63.16 -61.58 11.81
CA LYS Z 157 64.29 -60.68 11.59
C LYS Z 157 64.24 -59.49 12.56
N LEU Z 158 63.04 -58.93 12.71
CA LEU Z 158 62.84 -57.76 13.57
C LEU Z 158 63.07 -58.08 15.04
N ASN Z 159 62.57 -59.22 15.49
CA ASN Z 159 62.82 -59.66 16.86
C ASN Z 159 64.30 -59.87 17.11
N ARG Z 160 64.98 -60.47 16.13
CA ARG Z 160 66.41 -60.74 16.27
C ARG Z 160 67.23 -59.47 16.39
N LEU Z 161 66.94 -58.50 15.53
CA LEU Z 161 67.67 -57.25 15.53
C LEU Z 161 67.36 -56.42 16.77
N MET Z 162 66.09 -56.40 17.17
CA MET Z 162 65.71 -55.64 18.38
C MET Z 162 66.37 -56.26 19.60
N ALA Z 163 66.42 -57.60 19.65
CA ALA Z 163 67.07 -58.28 20.76
C ALA Z 163 68.53 -57.88 20.80
N LYS Z 164 69.16 -57.79 19.65
CA LYS Z 164 70.55 -57.37 19.60
C LYS Z 164 70.65 -55.88 20.00
N HIS Z 165 69.72 -55.04 19.54
CA HIS Z 165 69.72 -53.62 19.95
C HIS Z 165 69.57 -53.47 21.47
N CYS Z 166 68.72 -54.30 22.06
CA CYS Z 166 68.42 -54.14 23.47
C CYS Z 166 69.37 -54.93 24.35
N ASP Z 167 70.24 -55.73 23.73
CA ASP Z 167 71.06 -56.67 24.47
C ASP Z 167 70.22 -57.59 25.34
N ARG Z 168 69.26 -58.28 24.72
CA ARG Z 168 68.39 -59.21 25.42
C ARG Z 168 68.28 -60.53 24.67
N ASP Z 169 67.62 -61.48 25.29
CA ASP Z 169 67.41 -62.78 24.66
C ASP Z 169 66.32 -62.62 23.64
N LEU Z 170 66.48 -63.32 22.52
CA LEU Z 170 65.45 -63.41 21.50
C LEU Z 170 64.09 -63.74 22.10
N ALA Z 171 64.09 -64.66 23.06
CA ALA Z 171 62.85 -65.14 23.69
C ALA Z 171 62.16 -64.01 24.42
N ASP Z 172 62.93 -63.04 24.93
CA ASP Z 172 62.32 -61.89 25.60
C ASP Z 172 61.49 -61.06 24.61
N LEU Z 173 62.09 -60.70 23.47
CA LEU Z 173 61.42 -59.86 22.49
C LEU Z 173 60.20 -60.54 21.86
N GLU Z 174 60.32 -61.83 21.60
CA GLU Z 174 59.20 -62.61 21.04
C GLU Z 174 58.00 -62.56 21.98
N ARG Z 175 58.29 -62.69 23.26
CA ARG Z 175 57.28 -62.64 24.31
C ARG Z 175 56.67 -61.24 24.43
N ASP Z 176 57.54 -60.23 24.35
CA ASP Z 176 57.17 -58.84 24.65
C ASP Z 176 56.64 -58.05 23.47
N THR Z 177 56.63 -58.64 22.28
CA THR Z 177 56.07 -57.99 21.11
C THR Z 177 54.86 -58.74 20.60
N ASP Z 178 54.42 -59.77 21.32
CA ASP Z 178 53.28 -60.55 20.85
C ASP Z 178 52.04 -59.66 20.64
N ARG Z 179 51.84 -58.72 21.57
CA ARG Z 179 50.81 -57.70 21.48
C ARG Z 179 51.45 -56.34 21.78
N ASP Z 180 50.71 -55.26 21.57
CA ASP Z 180 51.24 -53.90 21.79
C ASP Z 180 51.84 -53.72 23.18
N ASN Z 181 53.10 -53.27 23.23
CA ASN Z 181 53.83 -53.10 24.47
C ASN Z 181 54.24 -51.64 24.65
N PHE Z 182 53.48 -50.93 25.49
CA PHE Z 182 53.79 -49.53 25.78
C PHE Z 182 54.81 -49.40 26.89
N MET Z 183 55.78 -48.52 26.68
CA MET Z 183 56.80 -48.24 27.68
C MET Z 183 56.99 -46.76 27.93
N SER Z 184 57.11 -46.42 29.21
CA SER Z 184 57.60 -45.13 29.63
C SER Z 184 59.08 -45.09 29.25
N ALA Z 185 59.68 -43.91 29.27
CA ALA Z 185 61.11 -43.78 29.01
C ALA Z 185 61.91 -44.63 29.98
N GLU Z 186 61.51 -44.60 31.25
CA GLU Z 186 62.22 -45.35 32.28
C GLU Z 186 62.17 -46.83 31.97
N GLU Z 187 60.98 -47.30 31.57
CA GLU Z 187 60.80 -48.72 31.24
C GLU Z 187 61.60 -49.06 30.00
N ALA Z 188 61.66 -48.10 29.09
CA ALA Z 188 62.42 -48.25 27.86
C ALA Z 188 63.94 -48.33 28.15
N LYS Z 189 64.41 -47.54 29.09
CA LYS Z 189 65.82 -47.60 29.47
C LYS Z 189 66.14 -48.93 30.16
N GLU Z 190 65.24 -49.33 31.07
CA GLU Z 190 65.38 -50.60 31.79
C GLU Z 190 65.37 -51.79 30.84
N TYR Z 191 64.57 -51.69 29.80
CA TYR Z 191 64.49 -52.76 28.80
C TYR Z 191 65.75 -52.84 27.93
N GLY Z 192 66.44 -51.72 27.74
CA GLY Z 192 67.63 -51.71 26.90
C GLY Z 192 67.42 -51.06 25.53
N LEU Z 193 66.27 -50.43 25.36
CA LEU Z 193 65.89 -49.81 24.10
C LEU Z 193 66.56 -48.45 23.93
N ILE Z 194 66.75 -47.74 25.02
CA ILE Z 194 67.50 -46.48 25.02
C ILE Z 194 68.56 -46.54 26.10
N ASP Z 195 69.47 -45.56 26.13
CA ASP Z 195 70.52 -45.58 27.15
C ASP Z 195 70.22 -44.60 28.30
N GLN Z 196 69.82 -43.37 28.01
CA GLN Z 196 69.57 -42.41 29.09
C GLN Z 196 68.36 -41.48 28.88
N ILE Z 197 67.81 -41.01 30.00
CA ILE Z 197 66.72 -40.05 29.97
C ILE Z 197 67.17 -38.65 30.35
N LEU Z 198 66.91 -37.71 29.44
CA LEU Z 198 67.34 -36.32 29.54
C LEU Z 198 66.32 -35.37 30.18
N GLU Z 199 66.66 -34.73 31.30
CA GLU Z 199 65.76 -33.70 31.85
C GLU Z 199 66.10 -32.29 31.30
N ASN Z 200 67.38 -31.91 31.36
CA ASN Z 200 67.76 -30.54 31.00
C ASN Z 200 69.24 -30.33 30.67
N LEU AA 9 57.90 -30.65 2.44
CA LEU AA 9 59.08 -29.80 2.61
C LEU AA 9 60.40 -30.55 2.44
N VAL AA 10 61.26 -29.97 1.60
CA VAL AA 10 62.60 -30.47 1.33
C VAL AA 10 63.62 -29.48 1.91
N PRO AA 11 64.59 -29.98 2.70
CA PRO AA 11 65.54 -29.07 3.33
C PRO AA 11 66.43 -28.37 2.32
N THR AA 12 66.84 -27.15 2.67
CA THR AA 12 67.74 -26.34 1.87
C THR AA 12 69.17 -26.44 2.38
N VAL AA 13 70.10 -26.68 1.45
CA VAL AA 13 71.46 -27.05 1.79
C VAL AA 13 72.46 -26.19 1.01
N ILE AA 14 73.63 -25.94 1.62
CA ILE AA 14 74.63 -25.03 1.07
C ILE AA 14 75.89 -25.73 0.56
N GLU AA 15 76.22 -25.50 -0.71
CA GLU AA 15 77.43 -26.05 -1.31
C GLU AA 15 78.56 -25.03 -1.33
N GLN AA 16 79.75 -25.44 -0.88
CA GLN AA 16 80.89 -24.55 -0.76
C GLN AA 16 81.98 -24.90 -1.76
N SER AA 17 82.40 -23.90 -2.54
CA SER AA 17 83.41 -24.09 -3.58
C SER AA 17 84.27 -22.84 -3.74
N GLY AA 18 84.95 -22.72 -4.88
CA GLY AA 18 85.74 -21.54 -5.17
C GLY AA 18 84.86 -20.34 -5.51
N ARG AA 19 83.82 -20.61 -6.31
CA ARG AA 19 82.96 -19.54 -6.81
C ARG AA 19 82.03 -18.96 -5.73
N GLY AA 20 82.07 -19.56 -4.54
CA GLY AA 20 81.33 -19.04 -3.41
C GLY AA 20 80.38 -20.04 -2.77
N GLU AA 21 79.14 -19.62 -2.57
CA GLU AA 21 78.12 -20.49 -2.00
C GLU AA 21 76.87 -20.49 -2.87
N ARG AA 22 76.20 -21.64 -2.92
CA ARG AA 22 74.97 -21.77 -3.67
C ARG AA 22 74.00 -22.68 -2.91
N ALA AA 23 72.79 -22.18 -2.68
CA ALA AA 23 71.78 -22.94 -1.98
C ALA AA 23 71.15 -23.95 -2.93
N PHE AA 24 70.95 -25.15 -2.41
CA PHE AA 24 70.37 -26.25 -3.17
C PHE AA 24 69.29 -26.94 -2.34
N ASP AA 25 68.21 -27.39 -2.97
CA ASP AA 25 67.37 -28.36 -2.29
C ASP AA 25 68.24 -29.60 -2.18
N ILE AA 26 68.00 -30.42 -1.16
CA ILE AA 26 68.95 -31.47 -0.86
C ILE AA 26 69.05 -32.54 -1.99
N TYR AA 27 67.99 -32.75 -2.76
CA TYR AA 27 68.07 -33.75 -3.82
C TYR AA 27 68.89 -33.23 -4.98
N SER AA 28 68.75 -31.94 -5.29
CA SER AA 28 69.56 -31.34 -6.34
C SER AA 28 71.02 -31.38 -5.95
N ARG AA 29 71.26 -31.22 -4.66
CA ARG AA 29 72.61 -31.29 -4.12
C ARG AA 29 73.24 -32.67 -4.33
N LEU AA 30 72.45 -33.72 -4.11
CA LEU AA 30 72.94 -35.07 -4.32
C LEU AA 30 73.04 -35.40 -5.80
N LEU AA 31 72.22 -34.74 -6.64
CA LEU AA 31 72.32 -34.94 -8.08
C LEU AA 31 73.69 -34.48 -8.59
N LYS AA 32 74.20 -33.41 -7.99
CA LYS AA 32 75.52 -32.90 -8.33
C LYS AA 32 76.65 -33.92 -8.09
N GLU AA 33 76.46 -34.86 -7.17
CA GLU AA 33 77.44 -35.93 -6.96
C GLU AA 33 77.08 -37.19 -7.76
N ARG AA 34 76.22 -37.01 -8.76
CA ARG AA 34 75.79 -38.08 -9.68
C ARG AA 34 74.96 -39.17 -8.99
N ILE AA 35 74.22 -38.76 -7.97
CA ILE AA 35 73.27 -39.64 -7.33
C ILE AA 35 71.87 -39.35 -7.86
N VAL AA 36 71.19 -40.37 -8.37
CA VAL AA 36 69.84 -40.23 -8.91
C VAL AA 36 68.89 -41.17 -8.16
N PHE AA 37 67.72 -40.66 -7.77
CA PHE AA 37 66.76 -41.49 -7.02
C PHE AA 37 65.56 -41.98 -7.86
N LEU AA 38 65.19 -43.24 -7.65
CA LEU AA 38 63.86 -43.68 -8.02
C LEU AA 38 63.18 -44.14 -6.73
N VAL AA 39 62.26 -43.34 -6.20
CA VAL AA 39 61.58 -43.68 -4.96
C VAL AA 39 60.09 -43.70 -5.21
N GLY AA 40 59.43 -44.76 -4.75
CA GLY AA 40 57.99 -44.91 -4.94
C GLY AA 40 57.65 -45.55 -6.27
N PRO AA 41 56.35 -45.53 -6.63
CA PRO AA 41 55.87 -46.18 -7.85
C PRO AA 41 56.48 -45.62 -9.10
N VAL AA 42 56.78 -46.50 -10.04
CA VAL AA 42 57.29 -46.07 -11.34
C VAL AA 42 56.10 -45.62 -12.21
N THR AA 43 56.04 -44.32 -12.53
CA THR AA 43 55.02 -43.75 -13.41
C THR AA 43 55.70 -43.10 -14.60
N ASP AA 44 54.95 -42.66 -15.60
CA ASP AA 44 55.58 -41.93 -16.71
C ASP AA 44 56.41 -40.73 -16.24
N GLU AA 45 55.88 -39.97 -15.29
CA GLU AA 45 56.57 -38.75 -14.89
C GLU AA 45 57.79 -39.05 -13.98
N SER AA 46 57.68 -39.96 -13.03
CA SER AA 46 58.83 -40.27 -12.19
C SER AA 46 59.92 -40.97 -13.03
N ALA AA 47 59.51 -41.81 -13.99
CA ALA AA 47 60.47 -42.47 -14.86
C ALA AA 47 61.15 -41.47 -15.80
N ASN AA 48 60.38 -40.56 -16.38
CA ASN AA 48 60.95 -39.59 -17.31
C ASN AA 48 61.90 -38.63 -16.60
N LEU AA 49 61.57 -38.27 -15.37
CA LEU AA 49 62.41 -37.42 -14.54
C LEU AA 49 63.78 -38.07 -14.35
N VAL AA 50 63.79 -39.37 -14.08
CA VAL AA 50 65.05 -40.12 -14.00
C VAL AA 50 65.82 -40.12 -15.33
N VAL AA 51 65.14 -40.38 -16.44
CA VAL AA 51 65.76 -40.34 -17.76
C VAL AA 51 66.46 -38.99 -18.00
N ALA AA 52 65.79 -37.91 -17.63
CA ALA AA 52 66.34 -36.57 -17.82
C ALA AA 52 67.59 -36.36 -17.00
N GLN AA 53 67.60 -36.90 -15.78
CA GLN AA 53 68.76 -36.82 -14.90
C GLN AA 53 69.90 -37.67 -15.43
N LEU AA 54 69.58 -38.84 -15.98
CA LEU AA 54 70.62 -39.69 -16.57
C LEU AA 54 71.29 -38.98 -17.75
N LEU AA 55 70.49 -38.40 -18.64
CA LEU AA 55 71.00 -37.67 -19.81
C LEU AA 55 71.82 -36.46 -19.40
N PHE AA 56 71.32 -35.71 -18.41
CA PHE AA 56 72.03 -34.52 -17.96
C PHE AA 56 73.39 -34.88 -17.33
N LEU AA 57 73.45 -35.92 -16.51
CA LEU AA 57 74.70 -36.31 -15.89
C LEU AA 57 75.73 -36.77 -16.94
N GLU AA 58 75.27 -37.50 -17.95
CA GLU AA 58 76.19 -37.91 -19.01
C GLU AA 58 76.80 -36.68 -19.71
N SER AA 59 75.99 -35.67 -19.97
CA SER AA 59 76.49 -34.47 -20.61
C SER AA 59 77.50 -33.74 -19.73
N GLU AA 60 77.29 -33.77 -18.42
CA GLU AA 60 78.25 -33.16 -17.48
C GLU AA 60 79.58 -33.90 -17.53
N ASN AA 61 79.49 -35.23 -17.61
CA ASN AA 61 80.67 -36.05 -17.71
C ASN AA 61 80.30 -37.46 -18.15
N PRO AA 62 80.64 -37.81 -19.41
CA PRO AA 62 80.27 -39.08 -20.02
C PRO AA 62 81.11 -40.23 -19.50
N ASP AA 63 82.11 -39.96 -18.65
CA ASP AA 63 83.02 -41.02 -18.25
C ASP AA 63 82.83 -41.47 -16.79
N LYS AA 64 82.32 -40.58 -15.93
CA LYS AA 64 82.11 -40.94 -14.53
C LYS AA 64 80.84 -41.76 -14.37
N ASP AA 65 80.92 -42.72 -13.45
CA ASP AA 65 79.78 -43.52 -13.05
C ASP AA 65 78.61 -42.67 -12.59
N ILE AA 66 77.42 -43.23 -12.73
CA ILE AA 66 76.21 -42.65 -12.20
C ILE AA 66 75.69 -43.60 -11.14
N PHE AA 67 75.16 -43.06 -10.05
CA PHE AA 67 74.68 -43.89 -8.96
C PHE AA 67 73.16 -43.79 -8.80
N PHE AA 68 72.48 -44.85 -9.20
CA PHE AA 68 71.02 -44.92 -9.28
C PHE AA 68 70.48 -45.62 -8.03
N TYR AA 69 69.92 -44.83 -7.10
CA TYR AA 69 69.38 -45.38 -5.83
C TYR AA 69 67.90 -45.71 -5.96
N ILE AA 70 67.58 -46.97 -5.70
CA ILE AA 70 66.24 -47.53 -5.91
C ILE AA 70 65.54 -48.01 -4.64
N ASN AA 71 64.42 -47.36 -4.35
CA ASN AA 71 63.47 -47.76 -3.31
C ASN AA 71 62.11 -47.68 -3.92
N SER AA 72 61.68 -48.77 -4.52
CA SER AA 72 60.49 -48.72 -5.34
C SER AA 72 59.77 -50.07 -5.32
N PRO AA 73 58.44 -50.05 -5.28
CA PRO AA 73 57.63 -51.27 -5.45
C PRO AA 73 57.42 -51.60 -6.93
N GLY AA 74 57.88 -50.74 -7.82
CA GLY AA 74 57.67 -50.97 -9.24
C GLY AA 74 56.60 -50.07 -9.83
N GLY AA 75 55.95 -50.54 -10.89
CA GLY AA 75 54.93 -49.73 -11.52
C GLY AA 75 54.80 -50.00 -13.00
N SER AA 76 54.62 -48.93 -13.77
CA SER AA 76 54.39 -49.06 -15.21
C SER AA 76 55.57 -49.69 -15.95
N VAL AA 77 55.29 -50.75 -16.70
CA VAL AA 77 56.33 -51.44 -17.43
C VAL AA 77 56.95 -50.55 -18.53
N THR AA 78 56.14 -49.85 -19.33
CA THR AA 78 56.72 -49.03 -20.40
C THR AA 78 57.56 -47.87 -19.83
N ALA AA 79 57.12 -47.30 -18.70
CA ALA AA 79 57.90 -46.25 -18.04
C ALA AA 79 59.26 -46.79 -17.58
N GLY AA 80 59.26 -47.96 -16.96
CA GLY AA 80 60.50 -48.60 -16.55
C GLY AA 80 61.42 -48.89 -17.73
N MET AA 81 60.86 -49.38 -18.84
CA MET AA 81 61.70 -49.69 -20.00
C MET AA 81 62.38 -48.44 -20.55
N SER AA 82 61.75 -47.28 -20.40
CA SER AA 82 62.35 -46.04 -20.87
C SER AA 82 63.59 -45.71 -20.05
N ILE AA 83 63.55 -46.01 -18.76
CA ILE AA 83 64.70 -45.87 -17.86
C ILE AA 83 65.78 -46.89 -18.21
N TYR AA 84 65.33 -48.12 -18.38
CA TYR AA 84 66.17 -49.25 -18.77
C TYR AA 84 66.98 -48.95 -20.02
N ASP AA 85 66.29 -48.52 -21.06
CA ASP AA 85 66.96 -48.26 -22.32
C ASP AA 85 67.92 -47.09 -22.21
N THR AA 86 67.60 -46.11 -21.36
CA THR AA 86 68.49 -44.97 -21.14
C THR AA 86 69.74 -45.43 -20.40
N MET AA 87 69.57 -46.29 -19.40
CA MET AA 87 70.71 -46.88 -18.69
C MET AA 87 71.66 -47.62 -19.64
N ASN AA 88 71.11 -48.39 -20.58
CA ASN AA 88 71.94 -49.14 -21.52
C ASN AA 88 72.55 -48.26 -22.60
N PHE AA 89 71.88 -47.15 -22.95
CA PHE AA 89 72.34 -46.30 -24.05
C PHE AA 89 73.51 -45.41 -23.70
N ILE AA 90 73.43 -44.72 -22.56
CA ILE AA 90 74.42 -43.70 -22.24
C ILE AA 90 75.78 -44.33 -21.99
N LYS AA 91 76.83 -43.54 -22.18
CA LYS AA 91 78.21 -44.02 -22.00
C LYS AA 91 78.54 -44.34 -20.53
N PRO AA 92 78.18 -43.45 -19.58
CA PRO AA 92 78.53 -43.76 -18.18
C PRO AA 92 78.00 -45.09 -17.66
N ASP AA 93 78.78 -45.78 -16.84
CA ASP AA 93 78.28 -46.92 -16.08
C ASP AA 93 77.19 -46.48 -15.14
N VAL AA 94 76.04 -47.15 -15.17
CA VAL AA 94 75.02 -46.86 -14.16
C VAL AA 94 75.03 -47.93 -13.10
N SER AA 95 75.67 -47.60 -11.98
CA SER AA 95 75.66 -48.43 -10.80
C SER AA 95 74.25 -48.38 -10.20
N THR AA 96 73.77 -49.49 -9.69
CA THR AA 96 72.47 -49.45 -9.02
C THR AA 96 72.63 -49.83 -7.55
N LEU AA 97 71.82 -49.21 -6.70
CA LEU AA 97 71.86 -49.54 -5.28
C LEU AA 97 70.45 -49.64 -4.78
N CYS AA 98 70.12 -50.77 -4.18
CA CYS AA 98 68.80 -50.96 -3.59
C CYS AA 98 68.77 -50.61 -2.11
N LEU AA 99 67.97 -49.61 -1.75
CA LEU AA 99 67.64 -49.36 -0.36
C LEU AA 99 66.14 -49.44 -0.10
N GLY AA 100 65.77 -50.09 0.99
CA GLY AA 100 64.39 -50.33 1.29
C GLY AA 100 63.94 -51.51 0.46
N GLN AA 101 63.45 -51.30 -0.74
CA GLN AA 101 63.06 -52.45 -1.55
C GLN AA 101 63.19 -52.21 -3.04
N ALA AA 102 63.36 -53.31 -3.78
CA ALA AA 102 63.27 -53.26 -5.23
C ALA AA 102 62.37 -54.38 -5.64
N ALA AA 103 61.11 -54.03 -5.92
CA ALA AA 103 60.12 -55.01 -6.31
C ALA AA 103 59.65 -54.76 -7.72
N SER AA 104 59.38 -55.87 -8.42
CA SER AA 104 58.90 -55.87 -9.78
C SER AA 104 59.80 -55.07 -10.70
N MET AA 105 59.26 -54.03 -11.34
CA MET AA 105 60.08 -53.20 -12.26
C MET AA 105 61.25 -52.56 -11.52
N GLY AA 106 61.08 -52.33 -10.22
CA GLY AA 106 62.18 -51.85 -9.39
C GLY AA 106 63.31 -52.86 -9.38
N ALA AA 107 62.96 -54.12 -9.26
CA ALA AA 107 63.97 -55.19 -9.24
C ALA AA 107 64.60 -55.34 -10.60
N PHE AA 108 63.78 -55.21 -11.63
CA PHE AA 108 64.24 -55.29 -13.02
C PHE AA 108 65.32 -54.25 -13.23
N LEU AA 109 65.02 -53.03 -12.80
CA LEU AA 109 65.94 -51.92 -12.99
C LEU AA 109 67.19 -52.08 -12.14
N LEU AA 110 66.99 -52.60 -10.93
CA LEU AA 110 68.11 -52.89 -10.04
C LEU AA 110 69.06 -53.86 -10.69
N SER AA 111 68.50 -54.93 -11.27
CA SER AA 111 69.30 -55.98 -11.93
C SER AA 111 69.99 -55.54 -13.22
N ALA AA 112 69.51 -54.43 -13.80
CA ALA AA 112 70.02 -53.93 -15.08
C ALA AA 112 71.23 -53.02 -14.90
N GLY AA 113 71.62 -52.76 -13.66
CA GLY AA 113 72.77 -51.92 -13.40
C GLY AA 113 74.02 -52.55 -13.98
N GLU AA 114 75.03 -51.71 -14.19
CA GLU AA 114 76.31 -52.17 -14.71
C GLU AA 114 76.85 -53.37 -13.91
N LYS AA 115 77.13 -54.47 -14.59
CA LYS AA 115 77.56 -55.70 -13.94
C LYS AA 115 78.80 -55.48 -13.09
N GLY AA 116 78.75 -55.91 -11.83
CA GLY AA 116 79.84 -55.61 -10.93
C GLY AA 116 79.56 -54.39 -10.04
N LYS AA 117 78.58 -53.57 -10.44
CA LYS AA 117 78.25 -52.36 -9.69
C LYS AA 117 76.77 -52.28 -9.26
N ARG AA 118 76.16 -53.44 -9.06
CA ARG AA 118 74.80 -53.57 -8.53
C ARG AA 118 74.87 -53.92 -7.05
N PHE AA 119 74.32 -53.05 -6.21
CA PHE AA 119 74.47 -53.14 -4.77
C PHE AA 119 73.13 -53.18 -4.04
N ALA AA 120 73.17 -53.71 -2.84
CA ALA AA 120 72.03 -53.60 -1.94
C ALA AA 120 72.55 -53.39 -0.52
N LEU AA 121 71.75 -52.67 0.27
CA LEU AA 121 71.97 -52.54 1.70
C LEU AA 121 71.56 -53.83 2.43
N PRO AA 122 72.17 -54.10 3.61
CA PRO AA 122 72.01 -55.43 4.21
C PRO AA 122 70.56 -55.84 4.43
N ASN AA 123 69.67 -54.89 4.67
CA ASN AA 123 68.29 -55.27 4.97
C ASN AA 123 67.27 -54.97 3.86
N SER AA 124 67.76 -54.70 2.65
CA SER AA 124 66.91 -54.48 1.47
C SER AA 124 66.07 -55.69 1.09
N ARG AA 125 64.91 -55.44 0.49
CA ARG AA 125 64.11 -56.56 0.02
C ARG AA 125 63.92 -56.53 -1.51
N ILE AA 126 64.13 -57.67 -2.14
CA ILE AA 126 63.93 -57.76 -3.57
C ILE AA 126 62.78 -58.71 -3.86
N MET AA 127 61.94 -58.36 -4.83
CA MET AA 127 60.85 -59.25 -5.19
C MET AA 127 60.69 -59.24 -6.69
N ILE AA 128 60.56 -60.43 -7.26
CA ILE AA 128 60.33 -60.58 -8.69
C ILE AA 128 59.11 -61.48 -8.88
N HIS AA 129 58.37 -61.20 -9.94
CA HIS AA 129 57.24 -62.04 -10.33
C HIS AA 129 56.91 -61.85 -11.81
N GLN AA 130 55.94 -62.61 -12.30
CA GLN AA 130 55.48 -62.45 -13.68
C GLN AA 130 54.56 -61.22 -13.77
N PRO AA 131 54.33 -60.70 -15.01
CA PRO AA 131 53.44 -59.54 -15.14
C PRO AA 131 52.03 -59.75 -14.60
N LEU AA 132 51.53 -58.65 -14.05
CA LEU AA 132 50.18 -58.51 -13.49
C LEU AA 132 49.49 -57.42 -14.26
N ILE AA 133 48.17 -57.51 -14.41
CA ILE AA 133 47.45 -56.30 -14.73
C ILE AA 133 46.31 -56.11 -13.73
N SER AA 134 46.15 -54.85 -13.34
CA SER AA 134 45.07 -54.38 -12.50
C SER AA 134 44.18 -53.54 -13.39
N GLY AA 135 42.91 -53.53 -13.04
CA GLY AA 135 41.86 -52.95 -13.86
C GLY AA 135 41.32 -54.20 -14.50
N GLY AA 136 41.26 -54.27 -15.82
CA GLY AA 136 40.75 -55.48 -16.41
C GLY AA 136 40.83 -55.57 -17.91
N LEU AA 137 40.74 -56.79 -18.41
CA LEU AA 137 40.63 -56.97 -19.84
C LEU AA 137 39.16 -57.19 -20.05
N GLY AA 138 38.51 -56.16 -20.58
CA GLY AA 138 37.12 -56.28 -20.94
C GLY AA 138 36.87 -55.63 -22.28
N GLY AA 139 35.99 -56.26 -23.02
CA GLY AA 139 35.38 -55.68 -24.18
C GLY AA 139 35.12 -56.88 -25.04
N GLN AA 140 35.48 -56.80 -26.32
CA GLN AA 140 35.24 -57.90 -27.21
C GLN AA 140 36.34 -58.94 -27.06
N ALA AA 141 35.99 -60.22 -27.20
CA ALA AA 141 36.95 -61.30 -27.11
C ALA AA 141 38.18 -61.07 -28.00
N SER AA 142 37.95 -60.55 -29.21
CA SER AA 142 39.04 -60.24 -30.12
C SER AA 142 40.04 -59.28 -29.49
N ASP AA 143 39.52 -58.29 -28.77
CA ASP AA 143 40.36 -57.30 -28.12
C ASP AA 143 41.08 -57.93 -26.93
N ILE AA 144 40.39 -58.81 -26.22
CA ILE AA 144 40.97 -59.46 -25.04
C ILE AA 144 42.11 -60.37 -25.45
N GLU AA 145 41.94 -61.08 -26.57
CA GLU AA 145 42.98 -61.92 -27.15
C GLU AA 145 44.21 -61.06 -27.49
N ILE AA 146 43.97 -59.92 -28.11
CA ILE AA 146 45.04 -59.00 -28.49
C ILE AA 146 45.87 -58.56 -27.28
N HIS AA 147 45.17 -58.18 -26.20
CA HIS AA 147 45.87 -57.69 -25.03
C HIS AA 147 46.50 -58.82 -24.21
N ALA AA 148 45.85 -59.98 -24.17
CA ALA AA 148 46.46 -61.12 -23.49
C ALA AA 148 47.75 -61.51 -24.19
N ARG AA 149 47.71 -61.55 -25.51
CA ARG AA 149 48.87 -61.90 -26.35
C ARG AA 149 50.02 -60.91 -26.09
N GLU AA 150 49.68 -59.63 -25.96
CA GLU AA 150 50.67 -58.60 -25.70
C GLU AA 150 51.27 -58.76 -24.30
N LEU AA 151 50.42 -59.12 -23.35
CA LEU AA 151 50.88 -59.33 -21.98
C LEU AA 151 51.84 -60.52 -21.90
N LEU AA 152 51.54 -61.55 -22.69
CA LEU AA 152 52.37 -62.77 -22.72
C LEU AA 152 53.70 -62.47 -23.36
N LYS AA 153 53.70 -61.58 -24.37
CA LYS AA 153 54.95 -61.14 -24.98
C LYS AA 153 55.81 -60.38 -23.98
N ILE AA 154 55.18 -59.58 -23.13
CA ILE AA 154 55.89 -58.86 -22.08
C ILE AA 154 56.50 -59.84 -21.08
N LYS AA 155 55.71 -60.82 -20.67
CA LYS AA 155 56.21 -61.83 -19.74
C LYS AA 155 57.45 -62.52 -20.32
N GLU AA 156 57.39 -62.91 -21.61
CA GLU AA 156 58.52 -63.59 -22.26
C GLU AA 156 59.77 -62.72 -22.34
N LYS AA 157 59.59 -61.47 -22.72
CA LYS AA 157 60.69 -60.53 -22.80
C LYS AA 157 61.36 -60.34 -21.45
N LEU AA 158 60.54 -60.17 -20.42
CA LEU AA 158 61.07 -59.85 -19.11
C LEU AA 158 61.87 -61.01 -18.52
N ASN AA 159 61.35 -62.23 -18.63
CA ASN AA 159 62.07 -63.42 -18.18
C ASN AA 159 63.39 -63.59 -18.92
N ARG AA 160 63.36 -63.35 -20.24
CA ARG AA 160 64.53 -63.41 -21.10
C ARG AA 160 65.58 -62.35 -20.73
N LEU AA 161 65.15 -61.10 -20.53
CA LEU AA 161 66.10 -60.05 -20.13
C LEU AA 161 66.60 -60.24 -18.71
N MET AA 162 65.71 -60.69 -17.83
CA MET AA 162 66.10 -60.91 -16.46
C MET AA 162 67.13 -62.03 -16.37
N ALA AA 163 66.91 -63.09 -17.15
CA ALA AA 163 67.84 -64.21 -17.22
C ALA AA 163 69.23 -63.74 -17.70
N LYS AA 164 69.25 -62.84 -18.66
CA LYS AA 164 70.51 -62.31 -19.13
C LYS AA 164 71.13 -61.44 -18.03
N HIS AA 165 70.33 -60.63 -17.34
CA HIS AA 165 70.84 -59.84 -16.23
C HIS AA 165 71.41 -60.76 -15.13
N CYS AA 166 70.72 -61.86 -14.86
CA CYS AA 166 71.09 -62.71 -13.72
C CYS AA 166 72.11 -63.78 -14.08
N ASP AA 167 72.45 -63.88 -15.36
CA ASP AA 167 73.31 -64.95 -15.84
C ASP AA 167 72.76 -66.30 -15.38
N ARG AA 168 71.50 -66.53 -15.72
CA ARG AA 168 70.81 -67.75 -15.33
C ARG AA 168 70.11 -68.32 -16.57
N ASP AA 169 69.58 -69.53 -16.46
CA ASP AA 169 68.85 -70.12 -17.57
C ASP AA 169 67.45 -69.54 -17.62
N LEU AA 170 66.95 -69.35 -18.84
CA LEU AA 170 65.57 -68.91 -19.04
C LEU AA 170 64.60 -69.73 -18.18
N ALA AA 171 64.82 -71.03 -18.12
CA ALA AA 171 63.93 -71.93 -17.37
C ALA AA 171 63.89 -71.64 -15.86
N ASP AA 172 65.02 -71.19 -15.30
CA ASP AA 172 65.09 -70.82 -13.88
C ASP AA 172 64.19 -69.62 -13.57
N LEU AA 173 64.30 -68.56 -14.36
CA LEU AA 173 63.48 -67.37 -14.15
C LEU AA 173 62.00 -67.57 -14.40
N GLU AA 174 61.68 -68.36 -15.42
CA GLU AA 174 60.30 -68.67 -15.73
C GLU AA 174 59.71 -69.36 -14.51
N ARG AA 175 60.47 -70.29 -13.97
CA ARG AA 175 60.06 -71.01 -12.77
C ARG AA 175 59.96 -70.09 -11.55
N ASP AA 176 60.92 -69.18 -11.38
CA ASP AA 176 61.02 -68.43 -10.15
C ASP AA 176 60.20 -67.16 -10.11
N THR AA 177 59.54 -66.82 -11.21
CA THR AA 177 58.69 -65.64 -11.21
C THR AA 177 57.22 -66.01 -11.40
N ASP AA 178 56.93 -67.31 -11.42
CA ASP AA 178 55.54 -67.73 -11.60
C ASP AA 178 54.66 -67.14 -10.50
N ARG AA 179 55.17 -67.11 -9.27
CA ARG AA 179 54.47 -66.40 -8.19
C ARG AA 179 55.45 -65.49 -7.47
N ASP AA 180 54.94 -64.60 -6.60
CA ASP AA 180 55.77 -63.60 -5.93
C ASP AA 180 56.96 -64.27 -5.25
N ASN AA 181 58.15 -63.79 -5.59
CA ASN AA 181 59.39 -64.37 -5.09
C ASN AA 181 60.18 -63.32 -4.33
N PHE AA 182 60.05 -63.36 -3.00
CA PHE AA 182 60.79 -62.44 -2.15
C PHE AA 182 62.18 -62.96 -1.90
N MET AA 183 63.16 -62.08 -1.99
CA MET AA 183 64.54 -62.44 -1.71
C MET AA 183 65.19 -61.49 -0.73
N SER AA 184 65.96 -62.04 0.21
CA SER AA 184 66.87 -61.24 1.00
C SER AA 184 68.03 -60.72 0.13
N ALA AA 185 68.79 -59.76 0.65
CA ALA AA 185 69.94 -59.26 -0.11
C ALA AA 185 70.89 -60.42 -0.43
N GLU AA 186 71.14 -61.31 0.52
CA GLU AA 186 72.06 -62.41 0.30
C GLU AA 186 71.52 -63.30 -0.81
N GLU AA 187 70.22 -63.56 -0.77
CA GLU AA 187 69.58 -64.38 -1.78
C GLU AA 187 69.59 -63.71 -3.16
N ALA AA 188 69.45 -62.38 -3.21
CA ALA AA 188 69.46 -61.68 -4.51
C ALA AA 188 70.82 -61.78 -5.13
N LYS AA 189 71.86 -61.71 -4.29
CA LYS AA 189 73.23 -61.89 -4.73
C LYS AA 189 73.50 -63.33 -5.17
N GLU AA 190 73.05 -64.29 -4.38
CA GLU AA 190 73.21 -65.70 -4.75
C GLU AA 190 72.49 -66.01 -6.06
N TYR AA 191 71.36 -65.33 -6.29
CA TYR AA 191 70.61 -65.52 -7.52
C TYR AA 191 71.31 -64.91 -8.73
N GLY AA 192 72.09 -63.85 -8.51
CA GLY AA 192 72.73 -63.16 -9.62
C GLY AA 192 72.09 -61.83 -9.98
N LEU AA 193 71.18 -61.36 -9.12
CA LEU AA 193 70.45 -60.11 -9.33
C LEU AA 193 71.29 -58.89 -8.98
N ILE AA 194 72.07 -58.99 -7.92
CA ILE AA 194 73.00 -57.93 -7.51
C ILE AA 194 74.42 -58.53 -7.34
N ASP AA 195 75.42 -57.69 -7.19
CA ASP AA 195 76.79 -58.17 -7.09
C ASP AA 195 77.32 -58.15 -5.66
N GLN AA 196 77.01 -57.10 -4.92
CA GLN AA 196 77.56 -56.94 -3.56
C GLN AA 196 76.53 -56.46 -2.56
N ILE AA 197 76.71 -56.87 -1.32
CA ILE AA 197 75.93 -56.35 -0.21
C ILE AA 197 76.87 -55.46 0.57
N LEU AA 198 76.45 -54.22 0.83
CA LEU AA 198 77.30 -53.25 1.51
C LEU AA 198 77.28 -53.36 3.03
N LEU BA 9 58.40 -32.57 -7.41
CA LEU BA 9 59.72 -31.92 -7.32
C LEU BA 9 60.61 -32.14 -8.54
N VAL BA 10 61.00 -31.06 -9.21
CA VAL BA 10 61.90 -31.16 -10.34
C VAL BA 10 63.29 -30.62 -9.96
N PRO BA 11 64.32 -31.44 -10.16
CA PRO BA 11 65.69 -31.07 -9.77
C PRO BA 11 66.17 -29.80 -10.48
N THR BA 12 67.05 -29.08 -9.79
CA THR BA 12 67.69 -27.88 -10.31
C THR BA 12 69.16 -28.17 -10.66
N VAL BA 13 69.54 -27.83 -11.89
CA VAL BA 13 70.88 -28.08 -12.41
C VAL BA 13 71.54 -26.75 -12.83
N ILE BA 14 72.87 -26.74 -12.93
CA ILE BA 14 73.59 -25.50 -13.23
C ILE BA 14 74.24 -25.53 -14.62
N GLU BA 15 74.01 -24.47 -15.40
CA GLU BA 15 74.72 -24.29 -16.66
C GLU BA 15 75.85 -23.28 -16.52
N GLN BA 16 77.05 -23.68 -16.91
CA GLN BA 16 78.19 -22.75 -16.99
C GLN BA 16 78.35 -22.25 -18.42
N SER BA 17 77.63 -21.18 -18.75
CA SER BA 17 77.70 -20.58 -20.08
C SER BA 17 79.00 -19.81 -20.28
N GLY BA 18 79.16 -19.20 -21.44
CA GLY BA 18 80.22 -18.22 -21.62
C GLY BA 18 79.85 -17.08 -20.68
N ARG BA 19 80.73 -16.77 -19.73
CA ARG BA 19 80.46 -15.81 -18.64
C ARG BA 19 79.42 -16.35 -17.64
N GLY BA 20 79.89 -16.69 -16.44
CA GLY BA 20 79.00 -16.97 -15.33
C GLY BA 20 78.17 -18.25 -15.36
N GLU BA 21 77.16 -18.29 -14.50
CA GLU BA 21 76.37 -19.50 -14.30
C GLU BA 21 74.87 -19.25 -14.38
N ARG BA 22 74.13 -20.31 -14.69
CA ARG BA 22 72.68 -20.25 -14.81
C ARG BA 22 72.00 -21.46 -14.18
N ALA BA 23 71.06 -21.19 -13.28
CA ALA BA 23 70.24 -22.23 -12.66
C ALA BA 23 69.00 -22.51 -13.51
N PHE BA 24 68.74 -23.79 -13.74
CA PHE BA 24 67.62 -24.25 -14.55
C PHE BA 24 66.91 -25.41 -13.86
N ASP BA 25 65.59 -25.50 -14.00
CA ASP BA 25 64.92 -26.77 -13.71
C ASP BA 25 65.38 -27.72 -14.83
N ILE BA 26 65.46 -29.01 -14.57
CA ILE BA 26 66.17 -29.88 -15.48
C ILE BA 26 65.52 -29.97 -16.88
N TYR BA 27 64.19 -29.79 -16.96
CA TYR BA 27 63.52 -29.86 -18.27
C TYR BA 27 63.77 -28.59 -19.10
N SER BA 28 63.87 -27.44 -18.44
CA SER BA 28 64.25 -26.19 -19.14
C SER BA 28 65.69 -26.26 -19.67
N ARG BA 29 66.53 -26.97 -18.92
CA ARG BA 29 67.91 -27.20 -19.29
C ARG BA 29 67.97 -28.04 -20.56
N LEU BA 30 67.14 -29.07 -20.65
CA LEU BA 30 67.12 -29.92 -21.83
C LEU BA 30 66.49 -29.18 -23.01
N LEU BA 31 65.54 -28.30 -22.71
CA LEU BA 31 64.95 -27.50 -23.78
C LEU BA 31 66.00 -26.64 -24.43
N LYS BA 32 66.94 -26.16 -23.62
CA LYS BA 32 68.00 -25.31 -24.11
C LYS BA 32 68.85 -26.04 -25.16
N GLU BA 33 68.92 -27.36 -25.06
CA GLU BA 33 69.60 -28.20 -26.05
C GLU BA 33 68.63 -28.73 -27.12
N ARG BA 34 67.47 -28.08 -27.22
CA ARG BA 34 66.47 -28.38 -28.23
C ARG BA 34 65.80 -29.77 -28.06
N ILE BA 35 65.74 -30.25 -26.82
CA ILE BA 35 64.97 -31.45 -26.52
C ILE BA 35 63.60 -31.03 -25.96
N VAL BA 36 62.53 -31.52 -26.60
CA VAL BA 36 61.14 -31.23 -26.22
C VAL BA 36 60.42 -32.54 -25.89
N PHE BA 37 59.72 -32.55 -24.75
CA PHE BA 37 59.06 -33.73 -24.28
C PHE BA 37 57.57 -33.73 -24.52
N LEU BA 38 57.04 -34.89 -24.89
CA LEU BA 38 55.61 -35.18 -24.75
C LEU BA 38 55.47 -36.40 -23.86
N VAL BA 39 55.07 -36.20 -22.61
CA VAL BA 39 54.98 -37.33 -21.69
C VAL BA 39 53.58 -37.51 -21.14
N GLY BA 40 53.01 -38.70 -21.27
CA GLY BA 40 51.66 -38.91 -20.74
C GLY BA 40 50.57 -38.45 -21.69
N PRO BA 41 49.31 -38.39 -21.22
CA PRO BA 41 48.17 -38.10 -22.10
C PRO BA 41 48.26 -36.75 -22.80
N VAL BA 42 47.88 -36.75 -24.08
CA VAL BA 42 47.87 -35.57 -24.90
C VAL BA 42 46.61 -34.76 -24.63
N THR BA 43 46.78 -33.59 -24.02
CA THR BA 43 45.64 -32.71 -23.77
C THR BA 43 45.90 -31.42 -24.47
N ASP BA 44 44.86 -30.57 -24.56
CA ASP BA 44 45.02 -29.23 -25.12
C ASP BA 44 46.19 -28.52 -24.44
N GLU BA 45 46.30 -28.68 -23.14
CA GLU BA 45 47.37 -28.00 -22.41
C GLU BA 45 48.77 -28.57 -22.64
N SER BA 46 48.92 -29.90 -22.62
CA SER BA 46 50.25 -30.47 -22.82
C SER BA 46 50.70 -30.29 -24.28
N ALA BA 47 49.77 -30.36 -25.22
CA ALA BA 47 50.07 -30.17 -26.63
C ALA BA 47 50.44 -28.72 -26.92
N ASN BA 48 49.70 -27.76 -26.36
CA ASN BA 48 49.98 -26.36 -26.64
C ASN BA 48 51.33 -25.95 -26.08
N LEU BA 49 51.68 -26.54 -24.95
CA LEU BA 49 53.00 -26.35 -24.37
C LEU BA 49 54.11 -26.84 -25.34
N VAL BA 50 53.87 -27.98 -26.00
CA VAL BA 50 54.78 -28.48 -27.04
C VAL BA 50 54.87 -27.49 -28.21
N VAL BA 51 53.72 -27.04 -28.70
CA VAL BA 51 53.67 -26.09 -29.80
C VAL BA 51 54.50 -24.85 -29.49
N ALA BA 52 54.35 -24.33 -28.28
CA ALA BA 52 55.07 -23.14 -27.85
C ALA BA 52 56.58 -23.36 -27.83
N GLN BA 53 57.00 -24.54 -27.39
CA GLN BA 53 58.42 -24.89 -27.33
C GLN BA 53 58.97 -25.04 -28.75
N LEU BA 54 58.18 -25.65 -29.64
CA LEU BA 54 58.60 -25.82 -31.04
C LEU BA 54 58.82 -24.47 -31.70
N LEU BA 55 57.86 -23.56 -31.53
CA LEU BA 55 57.95 -22.20 -32.06
C LEU BA 55 59.12 -21.45 -31.44
N PHE BA 56 59.34 -21.66 -30.15
CA PHE BA 56 60.45 -21.01 -29.47
C PHE BA 56 61.79 -21.46 -30.03
N LEU BA 57 61.95 -22.76 -30.20
CA LEU BA 57 63.22 -23.31 -30.65
C LEU BA 57 63.56 -22.82 -32.06
N GLU BA 58 62.54 -22.73 -32.90
CA GLU BA 58 62.72 -22.23 -34.25
C GLU BA 58 63.22 -20.79 -34.27
N SER BA 59 62.66 -19.93 -33.41
CA SER BA 59 63.07 -18.53 -33.35
C SER BA 59 64.50 -18.37 -32.85
N GLU BA 60 64.92 -19.29 -31.98
CA GLU BA 60 66.28 -19.26 -31.48
C GLU BA 60 67.27 -19.63 -32.59
N ASN BA 61 66.86 -20.57 -33.44
CA ASN BA 61 67.67 -21.00 -34.57
C ASN BA 61 66.79 -21.77 -35.53
N PRO BA 62 66.46 -21.17 -36.70
CA PRO BA 62 65.50 -21.85 -37.58
C PRO BA 62 66.09 -23.03 -38.36
N ASP BA 63 67.39 -23.27 -38.26
CA ASP BA 63 68.03 -24.32 -39.08
C ASP BA 63 68.49 -25.57 -38.34
N LYS BA 64 68.69 -25.50 -37.03
CA LYS BA 64 69.08 -26.69 -36.28
C LYS BA 64 67.87 -27.61 -36.02
N ASP BA 65 68.13 -28.92 -36.10
CA ASP BA 65 67.16 -29.95 -35.76
C ASP BA 65 66.57 -29.73 -34.36
N ILE BA 66 65.33 -30.19 -34.18
CA ILE BA 66 64.71 -30.22 -32.86
C ILE BA 66 64.46 -31.66 -32.50
N PHE BA 67 64.63 -31.99 -31.23
CA PHE BA 67 64.49 -33.38 -30.82
C PHE BA 67 63.28 -33.57 -29.88
N PHE BA 68 62.25 -34.19 -30.44
CA PHE BA 68 60.93 -34.37 -29.84
C PHE BA 68 60.86 -35.77 -29.23
N TYR BA 69 60.96 -35.85 -27.90
CA TYR BA 69 60.91 -37.14 -27.20
C TYR BA 69 59.50 -37.50 -26.77
N ILE BA 70 59.04 -38.67 -27.20
CA ILE BA 70 57.66 -39.07 -26.95
C ILE BA 70 57.53 -40.32 -26.04
N ASN BA 71 56.84 -40.13 -24.92
CA ASN BA 71 56.38 -41.23 -24.08
C ASN BA 71 54.92 -40.98 -23.69
N SER BA 72 53.99 -41.47 -24.51
CA SER BA 72 52.58 -41.11 -24.39
C SER BA 72 51.63 -42.22 -24.80
N PRO BA 73 50.52 -42.37 -24.08
CA PRO BA 73 49.48 -43.34 -24.49
C PRO BA 73 48.54 -42.73 -25.51
N GLY BA 74 48.76 -41.46 -25.86
CA GLY BA 74 47.88 -40.78 -26.79
C GLY BA 74 46.94 -39.81 -26.10
N GLY BA 75 45.80 -39.55 -26.72
CA GLY BA 75 44.88 -38.56 -26.16
C GLY BA 75 44.02 -37.83 -27.19
N SER BA 76 43.84 -36.52 -27.00
CA SER BA 76 42.94 -35.74 -27.84
C SER BA 76 43.45 -35.63 -29.29
N VAL BA 77 42.58 -35.96 -30.25
CA VAL BA 77 42.97 -35.90 -31.65
C VAL BA 77 43.29 -34.47 -32.09
N THR BA 78 42.43 -33.50 -31.73
CA THR BA 78 42.66 -32.10 -32.16
C THR BA 78 43.90 -31.54 -31.48
N ALA BA 79 44.11 -31.89 -30.22
CA ALA BA 79 45.31 -31.43 -29.51
C ALA BA 79 46.52 -31.99 -30.25
N GLY BA 80 46.43 -33.27 -30.61
CA GLY BA 80 47.49 -33.90 -31.39
C GLY BA 80 47.72 -33.24 -32.74
N MET BA 81 46.64 -32.84 -33.43
CA MET BA 81 46.84 -32.22 -34.74
C MET BA 81 47.59 -30.88 -34.66
N SER BA 82 47.42 -30.15 -33.56
CA SER BA 82 48.11 -28.86 -33.44
C SER BA 82 49.63 -29.05 -33.33
N ILE BA 83 50.08 -30.14 -32.70
CA ILE BA 83 51.51 -30.47 -32.68
C ILE BA 83 51.94 -30.91 -34.08
N TYR BA 84 51.16 -31.81 -34.68
CA TYR BA 84 51.43 -32.29 -36.02
C TYR BA 84 51.68 -31.16 -37.01
N ASP BA 85 50.74 -30.23 -37.07
CA ASP BA 85 50.80 -29.13 -38.04
C ASP BA 85 51.95 -28.17 -37.75
N THR BA 86 52.27 -27.98 -36.47
CA THR BA 86 53.41 -27.15 -36.09
C THR BA 86 54.73 -27.82 -36.49
N MET BA 87 54.82 -29.13 -36.28
CA MET BA 87 55.99 -29.90 -36.77
C MET BA 87 56.25 -29.74 -38.28
N ASN BA 88 55.18 -29.79 -39.07
CA ASN BA 88 55.26 -29.66 -40.52
C ASN BA 88 55.50 -28.23 -40.98
N PHE BA 89 55.01 -27.27 -40.21
CA PHE BA 89 55.09 -25.87 -40.62
C PHE BA 89 56.46 -25.26 -40.41
N ILE BA 90 57.00 -25.44 -39.21
CA ILE BA 90 58.23 -24.75 -38.86
C ILE BA 90 59.37 -25.25 -39.74
N LYS BA 91 60.38 -24.41 -39.90
CA LYS BA 91 61.51 -24.72 -40.74
C LYS BA 91 62.45 -25.82 -40.18
N PRO BA 92 62.81 -25.78 -38.87
CA PRO BA 92 63.68 -26.86 -38.36
C PRO BA 92 63.10 -28.28 -38.57
N ASP BA 93 63.95 -29.24 -38.90
CA ASP BA 93 63.56 -30.64 -38.88
C ASP BA 93 63.20 -31.08 -37.45
N VAL BA 94 62.05 -31.70 -37.30
CA VAL BA 94 61.69 -32.25 -36.00
C VAL BA 94 61.91 -33.74 -36.01
N SER BA 95 63.02 -34.13 -35.40
CA SER BA 95 63.34 -35.51 -35.15
C SER BA 95 62.41 -36.04 -34.06
N THR BA 96 61.93 -37.27 -34.19
CA THR BA 96 61.15 -37.84 -33.10
C THR BA 96 61.81 -39.09 -32.56
N LEU BA 97 61.65 -39.30 -31.26
CA LEU BA 97 62.22 -40.46 -30.59
C LEU BA 97 61.20 -41.06 -29.63
N CYS BA 98 60.97 -42.36 -29.76
CA CYS BA 98 60.05 -43.01 -28.86
C CYS BA 98 60.80 -43.55 -27.66
N LEU BA 99 60.42 -43.05 -26.51
CA LEU BA 99 60.92 -43.56 -25.25
C LEU BA 99 59.74 -44.14 -24.47
N GLY BA 100 59.89 -45.35 -23.93
CA GLY BA 100 58.77 -45.95 -23.21
C GLY BA 100 57.70 -46.52 -24.14
N GLN BA 101 56.76 -45.65 -24.54
CA GLN BA 101 55.72 -46.04 -25.48
C GLN BA 101 55.27 -44.87 -26.35
N ALA BA 102 54.77 -45.21 -27.53
CA ALA BA 102 54.12 -44.24 -28.38
C ALA BA 102 52.87 -44.90 -28.91
N ALA BA 103 51.74 -44.56 -28.29
CA ALA BA 103 50.47 -45.18 -28.64
C ALA BA 103 49.45 -44.18 -29.17
N SER BA 104 48.65 -44.63 -30.15
CA SER BA 104 47.58 -43.81 -30.77
C SER BA 104 48.10 -42.49 -31.29
N MET BA 105 47.57 -41.37 -30.77
CA MET BA 105 48.06 -40.09 -31.22
C MET BA 105 49.57 -39.95 -30.91
N GLY BA 106 50.05 -40.67 -29.89
CA GLY BA 106 51.47 -40.71 -29.63
C GLY BA 106 52.26 -41.35 -30.78
N ALA BA 107 51.72 -42.45 -31.30
CA ALA BA 107 52.37 -43.14 -32.40
C ALA BA 107 52.29 -42.27 -33.64
N PHE BA 108 51.17 -41.59 -33.79
CA PHE BA 108 50.96 -40.71 -34.91
C PHE BA 108 52.01 -39.60 -34.96
N LEU BA 109 52.27 -38.95 -33.82
CA LEU BA 109 53.23 -37.85 -33.78
C LEU BA 109 54.63 -38.37 -34.02
N LEU BA 110 54.91 -39.53 -33.47
CA LEU BA 110 56.18 -40.20 -33.71
C LEU BA 110 56.43 -40.45 -35.20
N SER BA 111 55.40 -40.95 -35.90
CA SER BA 111 55.56 -41.29 -37.31
C SER BA 111 55.72 -40.03 -38.16
N ALA BA 112 55.39 -38.89 -37.56
CA ALA BA 112 55.38 -37.60 -38.22
C ALA BA 112 56.74 -36.89 -38.23
N GLY BA 113 57.72 -37.46 -37.56
CA GLY BA 113 59.03 -36.84 -37.51
C GLY BA 113 59.63 -36.76 -38.90
N GLU BA 114 60.59 -35.85 -39.07
CA GLU BA 114 61.30 -35.74 -40.33
C GLU BA 114 61.84 -37.09 -40.75
N LYS BA 115 61.45 -37.55 -41.94
CA LYS BA 115 61.83 -38.90 -42.42
C LYS BA 115 63.33 -39.07 -42.49
N GLY BA 116 63.79 -40.19 -41.94
CA GLY BA 116 65.20 -40.43 -41.77
C GLY BA 116 65.62 -40.18 -40.33
N LYS BA 117 64.83 -39.39 -39.59
CA LYS BA 117 65.18 -38.99 -38.21
C LYS BA 117 64.10 -39.35 -37.17
N ARG BA 118 63.37 -40.44 -37.44
CA ARG BA 118 62.41 -40.99 -36.49
C ARG BA 118 63.06 -42.19 -35.79
N PHE BA 119 63.20 -42.12 -34.46
CA PHE BA 119 63.94 -43.13 -33.71
C PHE BA 119 63.08 -43.76 -32.62
N ALA BA 120 63.45 -44.96 -32.20
CA ALA BA 120 62.87 -45.57 -31.02
C ALA BA 120 63.98 -46.24 -30.25
N LEU BA 121 63.84 -46.27 -28.94
CA LEU BA 121 64.75 -47.03 -28.10
C LEU BA 121 64.36 -48.50 -28.24
N PRO BA 122 65.30 -49.44 -27.96
CA PRO BA 122 65.09 -50.84 -28.33
C PRO BA 122 63.86 -51.51 -27.71
N ASN BA 123 63.46 -51.07 -26.52
CA ASN BA 123 62.34 -51.70 -25.83
C ASN BA 123 61.07 -50.87 -25.79
N SER BA 124 61.01 -49.88 -26.66
CA SER BA 124 59.80 -49.09 -26.83
C SER BA 124 58.64 -49.90 -27.39
N ARG BA 125 57.43 -49.48 -27.06
CA ARG BA 125 56.21 -50.08 -27.56
C ARG BA 125 55.45 -49.07 -28.41
N ILE BA 126 55.03 -49.46 -29.60
CA ILE BA 126 54.25 -48.61 -30.46
C ILE BA 126 52.86 -49.24 -30.60
N MET BA 127 51.81 -48.41 -30.59
CA MET BA 127 50.46 -48.96 -30.83
C MET BA 127 49.61 -48.03 -31.70
N ILE BA 128 48.95 -48.62 -32.68
CA ILE BA 128 48.07 -47.89 -33.56
C ILE BA 128 46.74 -48.58 -33.62
N HIS BA 129 45.69 -47.77 -33.75
CA HIS BA 129 44.32 -48.24 -33.93
C HIS BA 129 43.46 -47.16 -34.59
N GLN BA 130 42.19 -47.50 -34.84
CA GLN BA 130 41.22 -46.54 -35.35
C GLN BA 130 40.71 -45.65 -34.22
N PRO BA 131 40.08 -44.52 -34.56
CA PRO BA 131 39.55 -43.65 -33.51
C PRO BA 131 38.54 -44.31 -32.58
N LEU BA 132 38.64 -43.95 -31.31
CA LEU BA 132 37.76 -44.42 -30.24
C LEU BA 132 37.07 -43.22 -29.61
N ILE BA 133 35.84 -43.36 -29.15
CA ILE BA 133 35.31 -42.31 -28.29
C ILE BA 133 34.83 -42.85 -26.96
N SER BA 134 35.16 -42.06 -25.95
CA SER BA 134 34.74 -42.26 -24.59
C SER BA 134 33.76 -41.15 -24.20
N GLY BA 135 32.85 -41.46 -23.28
CA GLY BA 135 31.81 -40.53 -22.88
C GLY BA 135 30.48 -40.87 -23.53
N GLY BA 136 30.54 -41.20 -24.81
CA GLY BA 136 29.35 -41.60 -25.52
C GLY BA 136 28.69 -40.54 -26.39
N LEU BA 137 27.87 -41.03 -27.30
CA LEU BA 137 27.00 -40.22 -28.12
C LEU BA 137 25.57 -40.30 -27.62
N GLY BA 138 25.02 -39.17 -27.18
CA GLY BA 138 23.63 -39.17 -26.81
C GLY BA 138 22.97 -38.00 -27.48
N GLY BA 139 21.74 -38.20 -27.91
CA GLY BA 139 21.02 -37.15 -28.59
C GLY BA 139 20.06 -37.74 -29.58
N GLN BA 140 19.63 -36.88 -30.49
CA GLN BA 140 18.72 -37.21 -31.56
C GLN BA 140 19.49 -37.99 -32.64
N ALA BA 141 18.79 -38.85 -33.36
CA ALA BA 141 19.42 -39.60 -34.44
C ALA BA 141 20.19 -38.67 -35.39
N SER BA 142 19.60 -37.53 -35.72
CA SER BA 142 20.25 -36.53 -36.60
C SER BA 142 21.60 -36.10 -36.04
N ASP BA 143 21.64 -35.89 -34.73
CA ASP BA 143 22.86 -35.43 -34.08
C ASP BA 143 23.90 -36.55 -34.03
N ILE BA 144 23.45 -37.76 -33.77
CA ILE BA 144 24.35 -38.91 -33.72
C ILE BA 144 24.94 -39.20 -35.10
N GLU BA 145 24.13 -39.03 -36.14
CA GLU BA 145 24.61 -39.18 -37.52
C GLU BA 145 25.74 -38.22 -37.84
N ILE BA 146 25.54 -36.96 -37.46
CA ILE BA 146 26.55 -35.94 -37.67
C ILE BA 146 27.88 -36.31 -37.01
N HIS BA 147 27.85 -36.80 -35.77
CA HIS BA 147 29.09 -37.13 -35.04
C HIS BA 147 29.73 -38.43 -35.47
N ALA BA 148 28.91 -39.41 -35.82
CA ALA BA 148 29.43 -40.66 -36.37
C ALA BA 148 30.15 -40.38 -37.68
N ARG BA 149 29.51 -39.61 -38.56
CA ARG BA 149 30.07 -39.24 -39.86
C ARG BA 149 31.37 -38.43 -39.69
N GLU BA 150 31.39 -37.55 -38.69
CA GLU BA 150 32.60 -36.79 -38.40
C GLU BA 150 33.71 -37.73 -37.86
N LEU BA 151 33.32 -38.69 -37.04
CA LEU BA 151 34.26 -39.65 -36.49
C LEU BA 151 34.86 -40.47 -37.64
N LEU BA 152 34.02 -40.78 -38.63
CA LEU BA 152 34.51 -41.51 -39.78
C LEU BA 152 35.47 -40.69 -40.65
N LYS BA 153 35.25 -39.38 -40.78
CA LYS BA 153 36.20 -38.56 -41.54
C LYS BA 153 37.57 -38.59 -40.90
N ILE BA 154 37.59 -38.51 -39.57
CA ILE BA 154 38.83 -38.54 -38.81
C ILE BA 154 39.55 -39.87 -39.03
N LYS BA 155 38.79 -40.97 -38.98
CA LYS BA 155 39.34 -42.29 -39.22
C LYS BA 155 39.99 -42.37 -40.60
N GLU BA 156 39.27 -41.89 -41.61
CA GLU BA 156 39.77 -41.88 -42.98
C GLU BA 156 41.02 -41.01 -43.06
N LYS BA 157 40.97 -39.80 -42.48
CA LYS BA 157 42.11 -38.90 -42.54
C LYS BA 157 43.34 -39.48 -41.87
N LEU BA 158 43.15 -40.06 -40.70
CA LEU BA 158 44.29 -40.62 -39.96
C LEU BA 158 44.91 -41.80 -40.73
N ASN BA 159 44.07 -42.65 -41.33
CA ASN BA 159 44.57 -43.74 -42.19
C ASN BA 159 45.38 -43.22 -43.41
N ARG BA 160 44.88 -42.18 -44.06
CA ARG BA 160 45.57 -41.60 -45.21
C ARG BA 160 46.90 -40.97 -44.81
N LEU BA 161 46.91 -40.16 -43.75
CA LEU BA 161 48.12 -39.48 -43.32
C LEU BA 161 49.14 -40.48 -42.81
N MET BA 162 48.65 -41.48 -42.08
CA MET BA 162 49.55 -42.48 -41.55
C MET BA 162 50.16 -43.29 -42.71
N ALA BA 163 49.35 -43.54 -43.75
CA ALA BA 163 49.86 -44.26 -44.92
C ALA BA 163 51.01 -43.48 -45.57
N LYS BA 164 50.85 -42.17 -45.67
CA LYS BA 164 51.92 -41.36 -46.23
C LYS BA 164 53.15 -41.40 -45.30
N HIS BA 165 52.94 -41.30 -43.97
CA HIS BA 165 54.07 -41.37 -43.04
C HIS BA 165 54.84 -42.67 -43.17
N CYS BA 166 54.12 -43.77 -43.31
CA CYS BA 166 54.73 -45.09 -43.28
C CYS BA 166 55.14 -45.56 -44.68
N ASP BA 167 54.83 -44.74 -45.69
CA ASP BA 167 55.07 -45.09 -47.09
C ASP BA 167 54.43 -46.43 -47.42
N ARG BA 168 53.13 -46.54 -47.16
CA ARG BA 168 52.38 -47.79 -47.39
C ARG BA 168 51.07 -47.60 -48.14
N ASP BA 169 50.45 -48.72 -48.49
CA ASP BA 169 49.15 -48.64 -49.15
C ASP BA 169 48.10 -48.39 -48.09
N LEU BA 170 47.18 -47.47 -48.42
CA LEU BA 170 46.06 -47.14 -47.55
C LEU BA 170 45.35 -48.38 -47.02
N ALA BA 171 45.18 -49.37 -47.89
CA ALA BA 171 44.48 -50.60 -47.54
C ALA BA 171 45.21 -51.38 -46.43
N ASP BA 172 46.53 -51.28 -46.39
CA ASP BA 172 47.28 -51.93 -45.32
C ASP BA 172 46.96 -51.31 -43.96
N LEU BA 173 47.00 -49.98 -43.89
CA LEU BA 173 46.73 -49.28 -42.64
C LEU BA 173 45.29 -49.46 -42.19
N GLU BA 174 44.36 -49.48 -43.13
CA GLU BA 174 42.97 -49.74 -42.82
C GLU BA 174 42.85 -51.12 -42.15
N ARG BA 175 43.52 -52.11 -42.74
CA ARG BA 175 43.56 -53.46 -42.17
C ARG BA 175 44.27 -53.51 -40.82
N ASP BA 176 45.40 -52.80 -40.72
CA ASP BA 176 46.27 -52.94 -39.56
C ASP BA 176 45.88 -52.02 -38.38
N THR BA 177 44.86 -51.18 -38.57
CA THR BA 177 44.39 -50.33 -37.47
C THR BA 177 42.97 -50.64 -37.04
N ASP BA 178 42.37 -51.69 -37.60
CA ASP BA 178 41.00 -52.02 -37.27
C ASP BA 178 40.86 -52.30 -35.77
N ARG BA 179 41.85 -52.97 -35.21
CA ARG BA 179 41.93 -53.23 -33.76
C ARG BA 179 43.34 -52.88 -33.23
N ASP BA 180 43.52 -52.87 -31.91
CA ASP BA 180 44.81 -52.49 -31.31
C ASP BA 180 45.96 -53.29 -31.91
N ASN BA 181 46.95 -52.58 -32.43
CA ASN BA 181 48.08 -53.19 -33.10
C ASN BA 181 49.36 -52.77 -32.42
N PHE BA 182 49.87 -53.65 -31.54
CA PHE BA 182 51.09 -53.38 -30.79
C PHE BA 182 52.27 -53.78 -31.63
N MET BA 183 53.27 -52.91 -31.67
CA MET BA 183 54.47 -53.23 -32.41
C MET BA 183 55.64 -53.03 -31.49
N SER BA 184 56.59 -53.96 -31.54
CA SER BA 184 57.91 -53.78 -30.96
C SER BA 184 58.65 -52.73 -31.78
N ALA BA 185 59.80 -52.28 -31.29
CA ALA BA 185 60.61 -51.34 -32.06
C ALA BA 185 60.98 -51.88 -33.46
N GLU BA 186 61.37 -53.15 -33.54
CA GLU BA 186 61.74 -53.73 -34.84
C GLU BA 186 60.56 -53.78 -35.80
N GLU BA 187 59.39 -54.18 -35.30
CA GLU BA 187 58.18 -54.23 -36.13
C GLU BA 187 57.74 -52.84 -36.62
N ALA BA 188 57.88 -51.84 -35.76
CA ALA BA 188 57.54 -50.46 -36.14
C ALA BA 188 58.48 -49.93 -37.22
N LYS BA 189 59.76 -50.30 -37.12
CA LYS BA 189 60.76 -49.93 -38.13
C LYS BA 189 60.47 -50.65 -39.46
N GLU BA 190 60.14 -51.94 -39.37
CA GLU BA 190 59.80 -52.69 -40.56
C GLU BA 190 58.52 -52.12 -41.23
N TYR BA 191 57.59 -51.64 -40.41
CA TYR BA 191 56.34 -51.10 -40.93
C TYR BA 191 56.55 -49.75 -41.65
N GLY BA 192 57.58 -49.01 -41.26
CA GLY BA 192 57.86 -47.71 -41.87
C GLY BA 192 57.50 -46.57 -40.96
N LEU BA 193 57.13 -46.92 -39.74
CA LEU BA 193 56.69 -45.95 -38.76
C LEU BA 193 57.89 -45.20 -38.16
N ILE BA 194 59.02 -45.88 -37.98
CA ILE BA 194 60.23 -45.21 -37.54
C ILE BA 194 61.37 -45.58 -38.50
N ASP BA 195 62.50 -44.89 -38.39
CA ASP BA 195 63.62 -45.13 -39.31
C ASP BA 195 64.74 -45.99 -38.70
N GLN BA 196 65.10 -45.71 -37.46
CA GLN BA 196 66.22 -46.37 -36.80
C GLN BA 196 65.91 -46.71 -35.36
N ILE BA 197 66.54 -47.78 -34.89
CA ILE BA 197 66.48 -48.16 -33.49
C ILE BA 197 67.83 -47.85 -32.85
N LEU BA 198 67.83 -47.07 -31.77
CA LEU BA 198 69.09 -46.68 -31.14
C LEU BA 198 69.57 -47.72 -30.13
N GLU BA 199 70.84 -48.10 -30.18
CA GLU BA 199 71.36 -49.04 -29.19
C GLU BA 199 72.55 -48.49 -28.37
N ASN BA 200 73.39 -47.68 -29.01
CA ASN BA 200 74.59 -47.17 -28.34
C ASN BA 200 74.80 -45.67 -28.54
N PHE CA 2 -68.63 38.19 29.29
CA PHE CA 2 -68.57 39.17 30.39
C PHE CA 2 -69.95 39.75 30.73
N SER CA 3 -70.74 38.96 31.46
CA SER CA 3 -72.07 39.40 31.86
C SER CA 3 -72.22 39.38 33.25
N PRO CA 4 -72.97 40.31 33.84
CA PRO CA 4 -73.66 41.42 33.11
C PRO CA 4 -72.70 42.38 32.72
N ALA CA 6 -72.42 42.09 29.04
CA ALA CA 6 -72.12 41.90 27.60
C ALA CA 6 -71.52 40.67 27.31
N PHE DA 2 -76.85 44.72 3.92
CA PHE DA 2 -77.31 46.11 3.92
C PHE DA 2 -78.62 46.23 3.13
N SER DA 3 -79.70 45.86 3.82
CA SER DA 3 -81.05 45.84 3.24
C SER DA 3 -81.94 46.62 3.97
N PRO DA 4 -82.86 47.30 3.31
CA PRO DA 4 -82.96 47.31 1.82
C PRO DA 4 -82.03 48.23 1.28
N ALA DA 6 -79.60 46.01 -0.40
CA ALA DA 6 -78.53 45.17 -0.97
C ALA DA 6 -78.05 44.14 -0.15
N PHE EA 2 -70.93 31.74 -19.65
CA PHE EA 2 -71.23 32.71 -20.72
C PHE EA 2 -72.08 32.07 -21.83
N SER EA 3 -73.39 31.93 -21.56
CA SER EA 3 -74.30 31.32 -22.55
C SER EA 3 -75.39 32.15 -22.92
N PRO EA 4 -75.77 32.18 -24.20
CA PRO EA 4 -75.16 31.42 -25.36
C PRO EA 4 -73.91 31.95 -25.70
N ALA EA 6 -71.30 29.51 -24.56
CA ALA EA 6 -70.13 28.82 -23.99
C ALA EA 6 -70.19 28.65 -22.58
N PHE FA 2 -55.66 9.27 -23.56
CA PHE FA 2 -55.33 9.37 -24.99
C PHE FA 2 -55.51 8.01 -25.64
N SER FA 3 -56.75 7.71 -26.04
CA SER FA 3 -57.02 6.38 -26.61
C SER FA 3 -57.71 6.48 -27.81
N PRO FA 4 -57.43 5.63 -28.78
CA PRO FA 4 -56.44 4.51 -28.70
C PRO FA 4 -55.13 5.03 -28.84
N ALA FA 6 -53.63 4.80 -25.37
CA ALA FA 6 -53.00 4.86 -24.03
C ALA FA 6 -53.73 5.59 -23.05
N PHE GA 2 -42.12 -5.62 -4.97
CA PHE GA 2 -41.06 -6.36 -5.67
C PHE GA 2 -41.04 -7.85 -5.24
N SER GA 3 -42.05 -8.58 -5.72
CA SER GA 3 -42.14 -10.01 -5.39
C SER GA 3 -42.07 -10.80 -6.57
N PRO GA 4 -41.35 -11.91 -6.52
CA PRO GA 4 -40.62 -12.44 -5.34
C PRO GA 4 -39.40 -11.78 -5.15
N ALA GA 6 -39.93 -9.64 -2.21
CA ALA GA 6 -40.04 -8.61 -1.14
C ALA GA 6 -41.04 -7.64 -1.32
N PHE HA 2 -40.74 -1.99 22.10
CA PHE HA 2 -39.54 -2.70 22.58
C PHE HA 2 -39.79 -3.55 23.83
N SER HA 3 -40.57 -4.63 23.68
CA SER HA 3 -40.80 -5.49 24.82
C SER HA 3 -40.24 -6.75 24.59
N PRO HA 4 -39.68 -7.40 25.60
CA PRO HA 4 -39.59 -6.94 27.00
C PRO HA 4 -38.49 -6.08 27.18
N ALA HA 6 -40.25 -2.86 27.42
CA ALA HA 6 -40.87 -1.52 27.46
C ALA HA 6 -41.64 -1.13 26.35
N PHE IA 2 -52.50 17.69 37.46
CA PHE IA 2 -51.68 17.72 38.68
C PHE IA 2 -52.57 17.81 39.94
N SER IA 3 -53.15 16.65 40.29
CA SER IA 3 -54.02 16.58 41.47
C SER IA 3 -53.54 15.65 42.40
N PRO IA 4 -53.67 15.90 43.71
CA PRO IA 4 -54.28 17.12 44.30
C PRO IA 4 -53.37 18.18 44.19
N ALA IA 6 -54.79 20.35 41.62
CA ALA IA 6 -55.07 21.27 40.50
C ALA IA 6 -55.11 20.69 39.22
N PHE JA 2 8.39 54.71 27.80
CA PHE JA 2 8.27 54.36 29.22
C PHE JA 2 9.64 54.08 29.87
N SER JA 3 10.37 55.16 30.17
CA SER JA 3 11.70 54.96 30.78
C SER JA 3 11.84 55.59 32.03
N PRO JA 4 12.56 55.01 32.98
CA PRO JA 4 13.29 53.71 32.86
C PRO JA 4 12.39 52.64 33.00
N ALA JA 6 12.11 51.32 29.57
CA ALA JA 6 11.78 50.76 28.23
C ALA JA 6 11.20 51.66 27.33
N PHE KA 2 18.12 37.49 8.96
CA PHE KA 2 18.46 36.31 9.75
C PHE KA 2 19.83 35.75 9.30
N SER KA 3 20.91 36.40 9.74
CA SER KA 3 22.23 35.96 9.32
C SER KA 3 23.12 35.78 10.39
N PRO KA 4 24.00 34.78 10.32
CA PRO KA 4 24.14 33.82 9.15
C PRO KA 4 23.09 32.87 9.12
N ALA KA 6 21.06 33.92 6.02
CA ALA KA 6 20.18 34.33 4.92
C ALA KA 6 19.52 35.55 5.16
N PHE LA 2 13.90 37.83 -18.31
CA PHE LA 2 14.25 36.48 -18.77
C PHE LA 2 15.12 36.51 -20.02
N SER LA 3 16.38 36.91 -19.82
CA SER LA 3 17.30 36.94 -20.94
C SER LA 3 18.34 36.02 -20.77
N PRO LA 4 18.83 35.36 -21.81
CA PRO LA 4 18.36 35.47 -23.25
C PRO LA 4 17.15 34.77 -23.42
N ALA LA 6 14.59 37.33 -23.59
CA ALA LA 6 13.44 38.25 -23.52
C ALA LA 6 13.34 39.04 -22.37
N PHE MA 2 -0.89 55.27 -33.30
CA PHE MA 2 -1.27 54.62 -34.58
C PHE MA 2 -1.00 55.58 -35.76
N SER MA 3 0.28 55.65 -36.14
CA SER MA 3 0.62 56.58 -37.22
C SER MA 3 1.43 55.99 -38.18
N PRO MA 4 1.22 56.33 -39.45
CA PRO MA 4 0.13 57.30 -39.92
C PRO MA 4 -1.19 56.76 -39.90
N ALA MA 6 -2.74 58.55 -37.14
CA ALA MA 6 -3.42 59.16 -35.99
C ALA MA 6 -2.87 58.92 -34.75
N PHE NA 2 -15.24 77.10 -24.48
CA PHE NA 2 -16.21 77.27 -25.59
C PHE NA 2 -16.27 78.75 -25.95
N SER NA 3 -15.22 79.22 -26.65
CA SER NA 3 -15.16 80.63 -27.02
C SER NA 3 -15.01 80.83 -28.39
N PRO NA 4 -15.60 81.90 -28.93
CA PRO NA 4 -16.44 82.88 -28.16
C PRO NA 4 -17.73 82.37 -27.92
N ALA NA 6 -17.68 81.71 -24.33
CA ALA NA 6 -17.74 81.38 -22.89
C ALA NA 6 -16.67 80.57 -22.46
N PHE OA 2 -18.36 86.60 0.95
CA PHE OA 2 -19.61 87.36 0.97
C PHE OA 2 -19.33 88.64 1.77
N SER OA 3 -18.72 89.60 1.07
CA SER OA 3 -18.33 90.87 1.70
C SER OA 3 -18.79 92.01 1.01
N PRO OA 4 -19.14 93.08 1.72
CA PRO OA 4 -19.16 93.18 3.22
C PRO OA 4 -20.25 92.41 3.68
N ALA OA 6 -18.72 89.66 5.30
CA ALA OA 6 -18.17 88.43 5.90
C ALA OA 6 -17.50 87.58 5.02
N PHE PA 2 -7.69 76.44 24.29
CA PHE PA 2 -8.56 76.99 25.32
C PHE PA 2 -7.74 77.57 26.50
N SER PA 3 -7.08 78.71 26.23
CA SER PA 3 -6.26 79.39 27.24
C SER PA 3 -6.78 80.66 27.60
N PRO PA 4 -6.75 81.08 28.87
CA PRO PA 4 -6.22 80.31 30.05
C PRO PA 4 -7.13 79.34 30.42
N ALA PA 6 -5.63 76.20 29.11
CA ALA PA 6 -5.24 74.88 28.52
C ALA PA 6 -5.15 74.80 27.13
N PHE QA 2 15.36 -84.68 -16.46
CA PHE QA 2 16.29 -85.19 -17.47
C PHE QA 2 16.44 -86.71 -17.34
N SER QA 3 15.44 -87.41 -17.91
CA SER QA 3 15.37 -88.88 -17.84
C SER QA 3 15.26 -89.45 -19.11
N PRO QA 4 15.98 -90.51 -19.43
CA PRO QA 4 16.90 -91.22 -18.49
C PRO QA 4 18.11 -90.51 -18.34
N ALA QA 6 17.94 -89.05 -14.86
CA ALA QA 6 17.96 -88.32 -13.57
C ALA QA 6 17.00 -87.31 -13.43
N PHE RA 2 19.36 -85.95 10.80
CA PHE RA 2 20.61 -86.69 10.96
C PHE RA 2 20.44 -87.76 12.05
N SER RA 3 19.63 -88.78 11.71
CA SER RA 3 19.35 -89.88 12.63
C SER RA 3 19.76 -91.09 12.12
N PRO RA 4 20.30 -91.96 12.97
CA PRO RA 4 20.48 -91.71 14.41
C PRO RA 4 21.65 -90.93 14.60
N ALA RA 6 20.10 -87.89 15.69
CA ALA RA 6 19.54 -86.56 16.03
C ALA RA 6 18.71 -85.97 15.07
N PHE SA 2 8.95 -69.77 30.43
CA PHE SA 2 9.88 -69.94 31.54
C PHE SA 2 9.08 -70.10 32.83
N SER SA 3 8.51 -71.30 33.01
CA SER SA 3 7.71 -71.59 34.22
C SER SA 3 8.18 -72.72 34.87
N PRO SA 4 8.21 -72.69 36.20
CA PRO SA 4 7.78 -71.55 37.06
C PRO SA 4 8.79 -70.58 37.11
N ALA SA 6 7.29 -67.88 35.29
CA ALA SA 6 6.89 -66.78 34.39
C ALA SA 6 6.53 -67.16 33.07
N PHE TA 2 -7.73 -47.88 28.06
CA PHE TA 2 -7.59 -47.14 29.33
C PHE TA 2 -8.96 -46.69 29.82
N SER TA 3 -9.66 -47.62 30.48
CA SER TA 3 -10.99 -47.31 30.98
C SER TA 3 -11.14 -47.65 32.33
N PRO TA 4 -11.91 -46.86 33.08
CA PRO TA 4 -12.60 -45.64 32.55
C PRO TA 4 -11.72 -44.54 32.49
N ALA TA 6 -11.52 -44.14 28.90
CA ALA TA 6 -11.35 -44.08 27.43
C ALA TA 6 -10.83 -45.20 26.78
N PHE UA 2 -18.17 -37.08 4.91
CA PHE UA 2 -18.58 -35.74 5.34
C PHE UA 2 -19.98 -35.40 4.85
N SER UA 3 -20.99 -35.95 5.55
CA SER UA 3 -22.39 -35.68 5.14
C SER UA 3 -23.14 -35.08 6.14
N PRO UA 4 -24.00 -34.11 5.83
CA PRO UA 4 -24.24 -33.55 4.46
C PRO UA 4 -23.16 -32.75 4.06
N ALA UA 6 -21.40 -34.73 1.50
CA ALA UA 6 -20.48 -35.42 0.57
C ALA UA 6 -19.89 -36.57 1.10
N PHE VA 2 -14.53 -45.49 -20.99
CA PHE VA 2 -14.93 -44.28 -21.74
C PHE VA 2 -15.81 -44.62 -22.96
N SER VA 3 -17.09 -44.84 -22.67
CA SER VA 3 -18.06 -45.15 -23.74
C SER VA 3 -19.11 -44.24 -23.74
N PRO VA 4 -19.60 -43.81 -24.89
CA PRO VA 4 -19.14 -44.24 -26.26
C PRO VA 4 -17.94 -43.57 -26.58
N ALA VA 6 -15.35 -46.29 -26.30
CA ALA VA 6 -14.17 -47.15 -26.04
C ALA VA 6 -14.10 -47.69 -24.73
N PHE WA 2 0.22 -66.41 -30.63
CA PHE WA 2 0.40 -66.11 -32.05
C PHE WA 2 0.17 -67.38 -32.87
N SER WA 3 -1.11 -67.67 -33.15
CA SER WA 3 -1.43 -68.86 -33.96
C SER WA 3 -2.17 -68.51 -35.09
N PRO WA 4 -1.89 -69.08 -36.27
CA PRO WA 4 -0.84 -70.11 -36.52
C PRO WA 4 0.42 -69.50 -36.63
N ALA WA 6 2.29 -70.57 -33.49
CA ALA WA 6 2.94 -70.90 -32.20
C ALA WA 6 2.37 -70.23 -31.10
N PHE XA 2 53.77 -18.70 -36.38
CA PHE XA 2 53.42 -19.16 -37.74
C PHE XA 2 53.58 -18.05 -38.80
N SER XA 3 54.84 -17.79 -39.16
CA SER XA 3 55.14 -16.72 -40.14
C SER XA 3 55.85 -17.19 -41.27
N PRO XA 4 55.60 -16.69 -42.48
CA PRO XA 4 54.57 -15.65 -42.70
C PRO XA 4 53.32 -16.28 -42.75
N ALA XA 6 51.82 -14.64 -39.46
CA ALA XA 6 50.97 -14.59 -38.24
C ALA XA 6 51.72 -14.84 -37.05
N PHE YA 2 40.47 0.82 -22.29
CA PHE YA 2 39.43 1.20 -23.26
C PHE YA 2 39.33 2.74 -23.28
N SER YA 3 40.25 3.34 -24.05
CA SER YA 3 40.32 4.81 -24.17
C SER YA 3 40.23 5.25 -25.49
N PRO YA 4 39.51 6.31 -25.77
CA PRO YA 4 38.72 7.14 -24.80
C PRO YA 4 37.54 6.49 -24.43
N ALA YA 6 38.01 5.27 -20.93
CA ALA YA 6 38.13 4.50 -19.66
C ALA YA 6 39.29 3.74 -19.49
N PHE ZA 2 39.89 5.21 4.56
CA PHE ZA 2 38.67 5.98 4.80
C PHE ZA 2 38.92 7.15 5.76
N SER ZA 3 39.63 8.16 5.23
CA SER ZA 3 40.00 9.35 6.01
C SER ZA 3 39.45 10.50 5.44
N PRO ZA 4 38.98 11.46 6.25
CA PRO ZA 4 38.94 11.43 7.74
C PRO ZA 4 37.95 10.53 8.16
N ALA ZA 6 39.72 7.56 9.35
CA ALA ZA 6 40.26 6.24 9.71
C ALA ZA 6 41.01 5.57 8.70
N PHE AB 2 52.32 -8.59 24.55
CA PHE AB 2 51.68 -8.30 25.83
C PHE AB 2 52.75 -8.06 26.93
N SER AB 3 53.30 -6.84 26.93
CA SER AB 3 54.32 -6.46 27.92
C SER AB 3 53.97 -5.28 28.57
N PRO AB 4 54.26 -5.13 29.86
CA PRO AB 4 54.93 -6.14 30.76
C PRO AB 4 54.01 -7.16 31.08
N ALA AB 6 55.16 -10.04 28.95
CA ALA AB 6 55.48 -11.22 28.08
C ALA AB 6 55.37 -11.00 26.69
N PHE BB 2 68.83 -30.65 22.17
CA PHE BB 2 68.90 -31.30 23.51
C PHE BB 2 70.34 -31.66 23.89
N SER BB 3 71.05 -30.64 24.37
CA SER BB 3 72.44 -30.77 24.78
C SER BB 3 72.65 -30.32 26.09
N PRO BB 4 73.50 -31.00 26.87
CA PRO BB 4 74.26 -32.21 26.45
C PRO BB 4 73.42 -33.33 26.48
N ALA BB 6 72.89 -34.02 22.88
CA ALA BB 6 72.50 -34.32 21.49
C ALA BB 6 71.93 -33.28 20.72
N PHE CB 2 76.51 -43.89 -0.57
CA PHE CB 2 77.06 -45.18 -0.13
C PHE CB 2 78.40 -45.59 -0.78
N SER CB 3 79.50 -45.00 -0.28
CA SER CB 3 80.83 -45.27 -0.84
C SER CB 3 81.72 -45.72 0.13
N PRO CB 4 82.55 -46.71 -0.15
CA PRO CB 4 82.67 -47.42 -1.45
C PRO CB 4 81.60 -48.31 -1.64
N ALA CB 6 79.46 -46.52 -4.11
CA ALA CB 6 78.47 -45.87 -4.99
C ALA CB 6 77.87 -44.67 -4.53
N PHE DB 2 69.94 -38.43 -26.60
CA PHE DB 2 70.22 -39.72 -27.26
C PHE DB 2 71.00 -39.51 -28.58
N SER DB 3 72.28 -39.13 -28.42
CA SER DB 3 73.14 -38.83 -29.59
C SER DB 3 74.24 -39.70 -29.71
N PRO DB 4 74.58 -40.12 -30.92
CA PRO DB 4 73.91 -39.76 -32.21
C PRO DB 4 72.74 -40.51 -32.39
N ALA DB 6 70.11 -37.98 -31.87
CA ALA DB 6 68.94 -37.14 -31.51
C ALA DB 6 68.94 -36.59 -30.19
#